data_1J5I
#
_entry.id   1J5I
#
loop_
_entity.id
_entity.type
_entity.pdbx_description
1 polymer 'PROTEIN (Apo-Neocarzinostatin)'
2 non-polymer '2-HYDROXY-7-METHOXY-5-METHYL-NAPHTHALENE-1-CARBOXYLIC ACID MESO-2,5-DIHYDROXY-CYCLOPENT-3-ENYL ESTER'
#
_entity_poly.entity_id   1
_entity_poly.type   'polypeptide(L)'
_entity_poly.pdbx_seq_one_letter_code
;HHHHHHLQGAAPTATVTPSSGLSDGTVVKVAGAGLQAGTAYDVGQCAWVDTGVLACNPADFSSVTADANGSASTSLTVRR
SFEGFLFDGTRWGTVDCTTAACQVGLSDAAGNGPEGVAISFN
;
_entity_poly.pdbx_strand_id   A
#
loop_
_chem_comp.id
_chem_comp.type
_chem_comp.name
_chem_comp.formula
NCZ non-polymer '2-HYDROXY-7-METHOXY-5-METHYL-NAPHTHALENE-1-CARBOXYLIC ACID MESO-2,5-DIHYDROXY-CYCLOPENT-3-ENYL ESTER' 'C18 H18 O6'
#
# COMPACT_ATOMS: atom_id res chain seq x y z
N ALA A 10 -13.55 -5.08 -11.23
CA ALA A 10 -13.49 -6.31 -12.02
C ALA A 10 -12.03 -6.61 -12.36
N ALA A 11 -11.23 -6.78 -11.31
CA ALA A 11 -9.82 -7.08 -11.48
C ALA A 11 -9.15 -7.12 -10.11
N PRO A 12 -7.85 -7.55 -10.12
CA PRO A 12 -7.09 -7.64 -8.89
C PRO A 12 -6.65 -6.25 -8.42
N THR A 13 -6.93 -5.27 -9.26
CA THR A 13 -6.57 -3.89 -8.93
C THR A 13 -5.05 -3.76 -8.75
N ALA A 14 -4.67 -2.85 -7.87
CA ALA A 14 -3.27 -2.62 -7.59
C ALA A 14 -2.72 -3.76 -6.73
N THR A 15 -1.74 -4.46 -7.30
CA THR A 15 -1.14 -5.57 -6.59
C THR A 15 0.36 -5.67 -6.93
N VAL A 16 1.13 -6.08 -5.93
CA VAL A 16 2.57 -6.22 -6.11
C VAL A 16 2.86 -7.46 -6.94
N THR A 17 3.87 -7.35 -7.80
CA THR A 17 4.26 -8.46 -8.65
C THR A 17 4.41 -9.74 -7.83
N PRO A 18 5.32 -9.65 -6.81
CA PRO A 18 5.57 -10.79 -5.94
C PRO A 18 4.42 -10.99 -4.95
N SER A 19 4.73 -11.72 -3.89
CA SER A 19 3.73 -11.99 -2.86
C SER A 19 4.36 -11.84 -1.47
N SER A 20 5.53 -12.42 -1.33
CA SER A 20 6.25 -12.35 -0.06
C SER A 20 6.75 -10.93 0.18
N GLY A 21 5.81 -9.99 0.23
CA GLY A 21 6.14 -8.59 0.45
C GLY A 21 7.05 -8.44 1.66
N LEU A 22 7.06 -9.46 2.50
CA LEU A 22 7.88 -9.45 3.70
C LEU A 22 9.36 -9.55 3.30
N SER A 23 9.80 -8.58 2.53
CA SER A 23 11.18 -8.55 2.07
C SER A 23 11.79 -7.17 2.34
N ASP A 24 12.93 -7.19 3.02
CA ASP A 24 13.62 -5.95 3.35
C ASP A 24 13.46 -4.96 2.20
N GLY A 25 12.46 -4.11 2.33
CA GLY A 25 12.18 -3.12 1.31
C GLY A 25 12.33 -3.70 -0.09
N THR A 26 11.43 -4.62 -0.41
CA THR A 26 11.44 -5.25 -1.71
C THR A 26 10.91 -4.31 -2.79
N VAL A 27 11.69 -4.15 -3.85
CA VAL A 27 11.31 -3.28 -4.94
C VAL A 27 10.71 -4.12 -6.07
N VAL A 28 9.48 -3.77 -6.43
CA VAL A 28 8.78 -4.49 -7.49
C VAL A 28 7.81 -3.53 -8.18
N LYS A 29 7.00 -4.10 -9.07
CA LYS A 29 6.03 -3.31 -9.81
C LYS A 29 4.62 -3.70 -9.34
N VAL A 30 3.79 -2.68 -9.18
CA VAL A 30 2.42 -2.89 -8.73
C VAL A 30 1.46 -2.51 -9.86
N ALA A 31 0.85 -3.52 -10.46
CA ALA A 31 -0.09 -3.31 -11.54
C ALA A 31 -1.49 -3.10 -10.98
N GLY A 32 -2.14 -2.06 -11.44
CA GLY A 32 -3.49 -1.75 -10.98
C GLY A 32 -4.51 -1.89 -12.13
N ALA A 33 -5.08 -3.09 -12.21
CA ALA A 33 -6.07 -3.36 -13.25
C ALA A 33 -7.46 -3.02 -12.73
N GLY A 34 -8.15 -2.17 -13.46
CA GLY A 34 -9.49 -1.75 -13.09
C GLY A 34 -9.46 -0.79 -11.90
N LEU A 35 -8.30 -0.17 -11.72
CA LEU A 35 -8.12 0.77 -10.63
C LEU A 35 -8.61 2.16 -11.07
N GLN A 36 -7.90 3.18 -10.62
CA GLN A 36 -8.25 4.55 -10.96
C GLN A 36 -8.35 4.70 -12.48
N ALA A 37 -9.55 4.47 -12.99
CA ALA A 37 -9.78 4.59 -14.43
C ALA A 37 -9.44 6.00 -14.88
N GLY A 38 -8.15 6.20 -15.15
CA GLY A 38 -7.68 7.50 -15.59
C GLY A 38 -7.52 8.46 -14.41
N THR A 39 -7.82 7.95 -13.23
CA THR A 39 -7.72 8.74 -12.02
C THR A 39 -6.31 8.64 -11.43
N ALA A 40 -6.15 9.25 -10.26
CA ALA A 40 -4.87 9.23 -9.58
C ALA A 40 -5.10 9.21 -8.06
N TYR A 41 -4.16 8.58 -7.36
CA TYR A 41 -4.25 8.49 -5.91
C TYR A 41 -2.86 8.42 -5.29
N ASP A 42 -2.84 8.07 -4.00
CA ASP A 42 -1.59 7.95 -3.28
C ASP A 42 -1.30 6.48 -2.98
N VAL A 43 -0.30 5.95 -3.66
CA VAL A 43 0.08 4.57 -3.49
C VAL A 43 0.90 4.42 -2.20
N GLY A 44 0.64 3.33 -1.49
CA GLY A 44 1.33 3.07 -0.25
C GLY A 44 0.75 1.85 0.46
N GLN A 45 1.54 1.30 1.37
CA GLN A 45 1.11 0.13 2.14
C GLN A 45 0.49 0.56 3.46
N CYS A 46 -0.84 0.56 3.48
CA CYS A 46 -1.57 0.95 4.68
C CYS A 46 -2.16 -0.32 5.31
N ALA A 47 -2.30 -0.27 6.63
CA ALA A 47 -2.85 -1.40 7.36
C ALA A 47 -2.83 -1.09 8.86
N TRP A 48 -3.53 -1.93 9.61
CA TRP A 48 -3.60 -1.76 11.05
C TRP A 48 -2.21 -2.05 11.63
N VAL A 49 -1.58 -0.98 12.13
CA VAL A 49 -0.25 -1.11 12.70
C VAL A 49 -0.38 -1.29 14.22
N ASP A 50 -1.22 -0.45 14.82
CA ASP A 50 -1.43 -0.51 16.25
C ASP A 50 -2.55 -1.51 16.55
N THR A 51 -3.09 -1.41 17.76
CA THR A 51 -4.15 -2.30 18.19
C THR A 51 -5.40 -2.09 17.34
N GLY A 52 -5.34 -2.62 16.12
CA GLY A 52 -6.46 -2.50 15.20
C GLY A 52 -6.58 -1.06 14.66
N VAL A 53 -5.52 -0.30 14.88
CA VAL A 53 -5.49 1.09 14.43
C VAL A 53 -4.92 1.15 13.01
N LEU A 54 -5.76 1.58 12.09
CA LEU A 54 -5.35 1.69 10.70
C LEU A 54 -4.23 2.73 10.58
N ALA A 55 -3.02 2.24 10.39
CA ALA A 55 -1.86 3.10 10.26
C ALA A 55 -1.16 2.82 8.93
N CYS A 56 -0.79 3.90 8.25
CA CYS A 56 -0.11 3.78 6.97
C CYS A 56 1.39 3.91 7.20
N ASN A 57 2.16 3.36 6.27
CA ASN A 57 3.60 3.41 6.37
C ASN A 57 4.09 4.79 5.91
N PRO A 58 5.36 5.11 6.27
CA PRO A 58 5.96 6.37 5.90
C PRO A 58 6.36 6.39 4.43
N ALA A 59 6.34 5.19 3.84
CA ALA A 59 6.70 5.05 2.44
C ALA A 59 5.45 4.74 1.63
N ASP A 60 4.31 4.95 2.26
CA ASP A 60 3.02 4.70 1.61
C ASP A 60 2.60 5.95 0.84
N PHE A 61 3.53 6.89 0.73
CA PHE A 61 3.26 8.12 0.02
C PHE A 61 3.96 8.15 -1.33
N SER A 62 3.25 7.69 -2.35
CA SER A 62 3.80 7.66 -3.69
C SER A 62 2.67 7.81 -4.72
N SER A 63 2.42 9.05 -5.10
CA SER A 63 1.38 9.35 -6.06
C SER A 63 1.28 8.21 -7.08
N VAL A 64 0.07 8.01 -7.57
CA VAL A 64 -0.18 6.96 -8.56
C VAL A 64 -1.30 7.41 -9.50
N THR A 65 -1.28 6.83 -10.69
CA THR A 65 -2.28 7.16 -11.70
C THR A 65 -2.50 5.98 -12.63
N ALA A 66 -3.78 5.62 -12.80
CA ALA A 66 -4.14 4.51 -13.66
C ALA A 66 -4.64 5.05 -15.00
N ASP A 67 -4.25 4.37 -16.06
CA ASP A 67 -4.65 4.76 -17.40
C ASP A 67 -6.18 4.67 -17.52
N ALA A 68 -6.70 5.39 -18.50
CA ALA A 68 -8.14 5.40 -18.73
C ALA A 68 -8.68 3.98 -18.56
N ASN A 69 -7.84 3.01 -18.86
CA ASN A 69 -8.22 1.62 -18.75
C ASN A 69 -7.92 1.12 -17.33
N GLY A 70 -8.09 2.02 -16.37
CA GLY A 70 -7.85 1.69 -14.98
C GLY A 70 -6.57 0.86 -14.83
N SER A 71 -5.53 1.31 -15.53
CA SER A 71 -4.24 0.62 -15.47
C SER A 71 -3.23 1.45 -14.70
N ALA A 72 -3.07 1.11 -13.43
CA ALA A 72 -2.14 1.81 -12.57
C ALA A 72 -0.91 0.94 -12.33
N SER A 73 0.01 1.01 -13.28
CA SER A 73 1.23 0.23 -13.18
C SER A 73 2.34 1.07 -12.52
N THR A 74 2.28 1.12 -11.19
CA THR A 74 3.26 1.88 -10.44
C THR A 74 4.22 0.93 -9.72
N SER A 75 5.49 1.30 -9.73
CA SER A 75 6.52 0.50 -9.09
C SER A 75 7.03 1.21 -7.84
N LEU A 76 7.20 0.42 -6.79
CA LEU A 76 7.68 0.96 -5.52
C LEU A 76 8.32 -0.15 -4.70
N THR A 77 8.84 0.22 -3.54
CA THR A 77 9.49 -0.74 -2.66
C THR A 77 8.59 -1.03 -1.45
N VAL A 78 8.49 -2.31 -1.12
CA VAL A 78 7.68 -2.73 0.00
C VAL A 78 8.53 -2.69 1.28
N ARG A 79 8.53 -1.52 1.90
CA ARG A 79 9.29 -1.34 3.13
C ARG A 79 8.44 -1.72 4.34
N ARG A 80 8.34 -3.02 4.56
CA ARG A 80 7.56 -3.54 5.68
C ARG A 80 8.01 -2.87 6.98
N SER A 81 9.30 -2.55 7.05
CA SER A 81 9.86 -1.91 8.22
C SER A 81 9.85 -0.39 8.04
N PHE A 82 9.41 0.29 9.08
CA PHE A 82 9.35 1.75 9.06
C PHE A 82 8.43 2.28 10.15
N GLU A 83 8.34 3.60 10.22
CA GLU A 83 7.50 4.24 11.22
C GLU A 83 6.09 4.44 10.66
N GLY A 84 5.15 3.70 11.24
CA GLY A 84 3.76 3.80 10.83
C GLY A 84 3.05 4.94 11.53
N PHE A 85 1.93 5.35 10.95
CA PHE A 85 1.15 6.44 11.50
C PHE A 85 -0.35 6.13 11.43
N LEU A 86 -1.00 6.26 12.58
CA LEU A 86 -2.44 6.00 12.65
C LEU A 86 -3.18 6.99 11.76
N PHE A 87 -4.27 6.51 11.16
CA PHE A 87 -5.07 7.35 10.29
C PHE A 87 -5.92 8.33 11.10
N ASP A 88 -6.08 8.02 12.38
CA ASP A 88 -6.86 8.86 13.26
C ASP A 88 -6.23 10.25 13.33
N GLY A 89 -4.92 10.26 13.55
CA GLY A 89 -4.19 11.50 13.63
C GLY A 89 -2.86 11.31 14.36
N THR A 90 -2.82 10.28 15.20
CA THR A 90 -1.63 9.97 15.96
C THR A 90 -0.71 9.04 15.16
N ARG A 91 0.57 9.05 15.53
CA ARG A 91 1.54 8.21 14.86
C ARG A 91 1.97 7.06 15.77
N TRP A 92 2.23 5.92 15.14
CA TRP A 92 2.65 4.74 15.88
C TRP A 92 4.15 4.55 15.66
N GLY A 93 4.47 3.77 14.62
CA GLY A 93 5.86 3.50 14.30
C GLY A 93 6.05 2.04 13.90
N THR A 94 5.90 1.16 14.89
CA THR A 94 6.07 -0.26 14.67
C THR A 94 7.51 -0.59 14.32
N VAL A 95 7.97 -0.01 13.21
CA VAL A 95 9.33 -0.24 12.76
C VAL A 95 9.37 -1.50 11.89
N ASP A 96 8.55 -2.46 12.27
CA ASP A 96 8.49 -3.72 11.52
C ASP A 96 7.02 -4.16 11.40
N CYS A 97 6.50 -4.02 10.19
CA CYS A 97 5.12 -4.40 9.93
C CYS A 97 5.11 -5.87 9.50
N THR A 98 5.61 -6.71 10.38
CA THR A 98 5.65 -8.14 10.12
C THR A 98 4.51 -8.85 10.86
N THR A 99 3.90 -8.13 11.78
CA THR A 99 2.80 -8.67 12.56
C THR A 99 1.48 -8.43 11.83
N ALA A 100 1.20 -7.17 11.58
CA ALA A 100 -0.04 -6.79 10.90
C ALA A 100 0.20 -6.78 9.39
N ALA A 101 -0.61 -7.54 8.69
CA ALA A 101 -0.51 -7.63 7.24
C ALA A 101 -0.64 -6.23 6.64
N CYS A 102 0.40 -5.82 5.94
CA CYS A 102 0.43 -4.52 5.31
C CYS A 102 -0.18 -4.65 3.91
N GLN A 103 -1.17 -3.81 3.64
CA GLN A 103 -1.84 -3.83 2.35
C GLN A 103 -1.25 -2.74 1.44
N VAL A 104 -0.65 -3.19 0.35
CA VAL A 104 -0.05 -2.27 -0.60
C VAL A 104 -1.11 -1.84 -1.62
N GLY A 105 -1.51 -0.58 -1.52
CA GLY A 105 -2.51 -0.04 -2.44
C GLY A 105 -2.51 1.49 -2.39
N LEU A 106 -3.44 2.07 -3.15
CA LEU A 106 -3.56 3.51 -3.21
C LEU A 106 -4.81 3.93 -2.44
N SER A 107 -4.79 5.19 -1.98
CA SER A 107 -5.92 5.72 -1.22
C SER A 107 -6.72 6.68 -2.12
N ASP A 108 -8.01 6.71 -1.86
CA ASP A 108 -8.91 7.57 -2.62
C ASP A 108 -9.09 8.91 -1.87
N ALA A 109 -9.50 9.91 -2.63
CA ALA A 109 -9.71 11.23 -2.06
C ALA A 109 -11.15 11.33 -1.56
N ALA A 110 -11.79 10.18 -1.45
CA ALA A 110 -13.18 10.14 -0.99
C ALA A 110 -13.20 9.78 0.50
N GLY A 111 -12.20 9.01 0.91
CA GLY A 111 -12.08 8.60 2.30
C GLY A 111 -12.42 7.11 2.45
N ASN A 112 -11.92 6.33 1.50
CA ASN A 112 -12.16 4.89 1.52
C ASN A 112 -10.85 4.17 1.17
N GLY A 113 -10.81 2.89 1.54
CA GLY A 113 -9.64 2.08 1.27
C GLY A 113 -10.03 0.77 0.59
N PRO A 114 -10.54 0.89 -0.66
CA PRO A 114 -10.95 -0.27 -1.42
C PRO A 114 -9.73 -1.04 -1.95
N GLU A 115 -8.73 -0.28 -2.36
CA GLU A 115 -7.51 -0.87 -2.88
C GLU A 115 -6.52 -1.14 -1.75
N GLY A 116 -5.74 -2.20 -1.93
CA GLY A 116 -4.75 -2.58 -0.93
C GLY A 116 -4.64 -4.10 -0.83
N VAL A 117 -3.51 -4.61 -1.28
CA VAL A 117 -3.26 -6.04 -1.25
C VAL A 117 -2.36 -6.38 -0.06
N ALA A 118 -2.88 -7.18 0.85
CA ALA A 118 -2.14 -7.58 2.03
C ALA A 118 -0.90 -8.38 1.60
N ILE A 119 0.16 -7.65 1.33
CA ILE A 119 1.41 -8.27 0.91
C ILE A 119 2.22 -8.66 2.15
N SER A 120 3.05 -9.68 1.97
CA SER A 120 3.89 -10.16 3.06
C SER A 120 4.30 -11.61 2.80
N PHE A 121 3.30 -12.46 2.61
CA PHE A 121 3.56 -13.87 2.35
C PHE A 121 2.43 -14.48 1.52
N ASN A 122 2.82 -15.07 0.40
CA ASN A 122 1.87 -15.70 -0.48
C ASN A 122 0.99 -16.67 0.31
C1 NCZ B . -5.66 2.35 3.88
C6 NCZ B . -4.83 3.32 3.33
C5 NCZ B . -4.09 3.00 2.17
C7 NCZ B . -3.23 3.91 1.57
C8 NCZ B . -3.06 5.15 2.16
C9 NCZ B . -3.77 5.49 3.33
C10 NCZ B . -4.71 4.60 3.91
C11 NCZ B . -5.73 5.11 4.79
O3 NCZ B . -5.53 6.16 5.43
O4 NCZ B . -7.02 4.46 5.03
C12 NCZ B . -8.15 5.28 5.47
C13 NCZ B . -9.48 4.54 5.33
C14 NCZ B . -10.06 4.89 4.17
C15 NCZ B . -9.40 6.04 3.52
C16 NCZ B . -8.33 6.48 4.53
O6 NCZ B . -8.81 7.66 5.23
O5 NCZ B . -10.35 4.88 6.41
O2 NCZ B . -3.54 6.78 3.85
C4 NCZ B . -4.26 1.75 1.60
C3 NCZ B . -5.12 0.83 2.18
C2 NCZ B . -5.82 1.11 3.33
O1 NCZ B . -6.65 0.15 3.88
C17 NCZ B . -7.74 0.40 4.79
C18 NCZ B . -3.56 1.34 0.35
H1 NCZ B . -6.21 2.59 4.79
H7 NCZ B . -2.70 3.66 0.66
H8 NCZ B . -2.36 5.87 1.73
H12 NCZ B . -7.74 5.85 6.43
H13 NCZ B . -9.31 3.46 5.33
H14 NCZ B . -10.93 4.38 3.76
H15 NCZ B . -9.61 6.48 2.54
H16 NCZ B . -7.42 6.71 3.98
H6 NCZ B . -9.84 7.60 5.33
H5 NCZ B . -9.94 4.62 7.24
H2 NCZ B . -4.38 7.36 3.73
H3 NCZ B . -5.23 -0.15 1.72
H171 NCZ B . -8.22 -0.55 5.05
H172 NCZ B . -7.35 0.88 5.68
H173 NCZ B . -8.47 1.05 4.30
H181 NCZ B . -4.18 1.57 -0.51
H182 NCZ B . -2.61 1.87 0.27
H183 NCZ B . -3.37 0.27 0.38
N ALA A 10 -9.88 -10.39 -15.11
CA ALA A 10 -8.67 -9.71 -14.67
C ALA A 10 -9.06 -8.39 -13.98
N ALA A 11 -9.04 -8.43 -12.66
CA ALA A 11 -9.39 -7.26 -11.87
C ALA A 11 -8.74 -7.36 -10.49
N PRO A 12 -7.40 -7.62 -10.50
CA PRO A 12 -6.66 -7.74 -9.26
C PRO A 12 -6.44 -6.38 -8.61
N THR A 13 -6.71 -5.34 -9.39
CA THR A 13 -6.54 -3.97 -8.90
C THR A 13 -5.08 -3.69 -8.57
N ALA A 14 -4.87 -2.87 -7.56
CA ALA A 14 -3.53 -2.52 -7.13
C ALA A 14 -2.94 -3.67 -6.32
N THR A 15 -1.96 -4.34 -6.92
CA THR A 15 -1.30 -5.45 -6.26
C THR A 15 0.17 -5.51 -6.64
N VAL A 16 0.98 -6.00 -5.71
CA VAL A 16 2.42 -6.10 -5.94
C VAL A 16 2.70 -7.37 -6.74
N THR A 17 3.63 -7.25 -7.67
CA THR A 17 4.00 -8.37 -8.51
C THR A 17 4.04 -9.66 -7.68
N PRO A 18 4.85 -9.63 -6.59
CA PRO A 18 4.99 -10.78 -5.72
C PRO A 18 3.74 -10.94 -4.83
N SER A 19 3.92 -11.66 -3.74
CA SER A 19 2.84 -11.90 -2.81
C SER A 19 3.39 -12.12 -1.40
N SER A 20 4.24 -13.13 -1.28
CA SER A 20 4.85 -13.44 -0.01
C SER A 20 6.36 -13.63 -0.18
N GLY A 21 7.04 -13.70 0.96
CA GLY A 21 8.48 -13.88 0.95
C GLY A 21 9.19 -12.58 0.56
N LEU A 22 8.57 -11.47 0.91
CA LEU A 22 9.13 -10.17 0.60
C LEU A 22 10.05 -9.73 1.74
N SER A 23 10.85 -8.70 1.46
CA SER A 23 11.78 -8.18 2.43
C SER A 23 11.60 -6.67 2.58
N ASP A 24 11.94 -6.18 3.75
CA ASP A 24 11.82 -4.76 4.04
C ASP A 24 12.66 -3.97 3.03
N GLY A 25 12.06 -3.75 1.86
CA GLY A 25 12.73 -3.01 0.80
C GLY A 25 12.73 -3.80 -0.51
N THR A 26 11.65 -4.54 -0.70
CA THR A 26 11.51 -5.35 -1.91
C THR A 26 10.90 -4.52 -3.03
N VAL A 27 11.76 -4.10 -3.95
CA VAL A 27 11.32 -3.31 -5.08
C VAL A 27 10.63 -4.22 -6.11
N VAL A 28 9.39 -3.87 -6.43
CA VAL A 28 8.63 -4.64 -7.39
C VAL A 28 7.66 -3.71 -8.12
N LYS A 29 6.87 -4.31 -9.00
CA LYS A 29 5.90 -3.55 -9.77
C LYS A 29 4.50 -3.77 -9.19
N VAL A 30 3.77 -2.67 -9.05
CA VAL A 30 2.43 -2.73 -8.51
C VAL A 30 1.42 -2.32 -9.59
N ALA A 31 0.77 -3.33 -10.16
CA ALA A 31 -0.21 -3.08 -11.20
C ALA A 31 -1.58 -2.82 -10.56
N GLY A 32 -2.25 -1.80 -11.05
CA GLY A 32 -3.56 -1.44 -10.53
C GLY A 32 -4.62 -1.49 -11.64
N ALA A 33 -4.86 -2.70 -12.12
CA ALA A 33 -5.83 -2.90 -13.17
C ALA A 33 -7.25 -2.79 -12.59
N GLY A 34 -7.97 -1.80 -13.09
CA GLY A 34 -9.33 -1.58 -12.62
C GLY A 34 -9.34 -0.96 -11.22
N LEU A 35 -8.42 -0.02 -11.02
CA LEU A 35 -8.32 0.64 -9.73
C LEU A 35 -8.90 2.05 -9.83
N GLN A 36 -8.02 3.00 -10.08
CA GLN A 36 -8.44 4.39 -10.20
C GLN A 36 -9.40 4.55 -11.37
N ALA A 37 -9.47 3.52 -12.20
CA ALA A 37 -10.35 3.52 -13.35
C ALA A 37 -9.84 4.54 -14.36
N GLY A 38 -8.65 5.06 -14.09
CA GLY A 38 -8.04 6.05 -14.98
C GLY A 38 -7.82 7.37 -14.25
N THR A 39 -8.21 7.38 -12.97
CA THR A 39 -8.06 8.58 -12.17
C THR A 39 -6.62 8.70 -11.64
N ALA A 40 -6.48 9.43 -10.56
CA ALA A 40 -5.17 9.64 -9.95
C ALA A 40 -5.31 9.61 -8.43
N TYR A 41 -4.70 8.60 -7.83
CA TYR A 41 -4.75 8.45 -6.38
C TYR A 41 -3.34 8.40 -5.79
N ASP A 42 -3.28 8.16 -4.49
CA ASP A 42 -2.01 8.08 -3.80
C ASP A 42 -1.65 6.62 -3.53
N VAL A 43 -0.45 6.25 -3.95
CA VAL A 43 0.02 4.89 -3.77
C VAL A 43 0.75 4.79 -2.43
N GLY A 44 0.38 3.76 -1.68
CA GLY A 44 0.99 3.52 -0.39
C GLY A 44 0.41 2.27 0.28
N GLN A 45 1.24 1.63 1.09
CA GLN A 45 0.83 0.43 1.78
C GLN A 45 0.30 0.77 3.18
N CYS A 46 -1.01 0.62 3.33
CA CYS A 46 -1.64 0.91 4.60
C CYS A 46 -2.06 -0.42 5.25
N ALA A 47 -2.10 -0.40 6.57
CA ALA A 47 -2.47 -1.60 7.32
C ALA A 47 -2.66 -1.23 8.80
N TRP A 48 -3.33 -2.11 9.52
CA TRP A 48 -3.57 -1.90 10.93
C TRP A 48 -2.26 -2.14 11.68
N VAL A 49 -1.70 -1.07 12.20
CA VAL A 49 -0.45 -1.16 12.94
C VAL A 49 -0.75 -1.19 14.44
N ASP A 50 -1.59 -0.26 14.86
CA ASP A 50 -1.98 -0.17 16.26
C ASP A 50 -2.92 -1.32 16.60
N THR A 51 -3.74 -1.09 17.61
CA THR A 51 -4.70 -2.09 18.05
C THR A 51 -5.91 -2.12 17.11
N GLY A 52 -5.62 -2.29 15.83
CA GLY A 52 -6.67 -2.34 14.83
C GLY A 52 -6.78 -1.00 14.10
N VAL A 53 -5.89 -0.09 14.45
CA VAL A 53 -5.89 1.22 13.83
C VAL A 53 -5.13 1.16 12.50
N LEU A 54 -5.85 1.47 11.43
CA LEU A 54 -5.26 1.44 10.11
C LEU A 54 -4.25 2.57 9.98
N ALA A 55 -2.98 2.20 10.12
CA ALA A 55 -1.89 3.16 10.03
C ALA A 55 -1.12 2.93 8.74
N CYS A 56 -0.65 4.02 8.15
CA CYS A 56 0.11 3.94 6.92
C CYS A 56 1.57 4.28 7.23
N ASN A 57 2.46 3.74 6.41
CA ASN A 57 3.89 3.97 6.58
C ASN A 57 4.28 5.26 5.86
N PRO A 58 5.59 5.60 5.97
CA PRO A 58 6.12 6.79 5.33
C PRO A 58 6.26 6.59 3.82
N ALA A 59 6.22 5.33 3.42
CA ALA A 59 6.35 4.98 2.01
C ALA A 59 4.95 4.79 1.41
N ASP A 60 3.96 5.21 2.18
CA ASP A 60 2.58 5.09 1.73
C ASP A 60 2.19 6.34 0.92
N PHE A 61 3.15 7.25 0.81
CA PHE A 61 2.92 8.47 0.08
C PHE A 61 3.70 8.47 -1.25
N SER A 62 3.02 7.98 -2.28
CA SER A 62 3.62 7.93 -3.60
C SER A 62 2.54 8.11 -4.67
N SER A 63 2.22 9.37 -4.91
CA SER A 63 1.21 9.71 -5.92
C SER A 63 1.32 8.76 -7.10
N VAL A 64 0.18 8.19 -7.47
CA VAL A 64 0.13 7.27 -8.60
C VAL A 64 -1.17 7.47 -9.37
N THR A 65 -1.11 7.17 -10.65
CA THR A 65 -2.27 7.31 -11.51
C THR A 65 -2.48 6.05 -12.35
N ALA A 66 -3.74 5.75 -12.61
CA ALA A 66 -4.08 4.58 -13.40
C ALA A 66 -4.37 5.01 -14.84
N ASP A 67 -3.86 4.22 -15.77
CA ASP A 67 -4.06 4.51 -17.19
C ASP A 67 -5.55 4.53 -17.50
N ALA A 68 -5.89 5.18 -18.60
CA ALA A 68 -7.28 5.28 -19.02
C ALA A 68 -8.00 3.98 -18.71
N ASN A 69 -7.24 2.89 -18.80
CA ASN A 69 -7.79 1.56 -18.55
C ASN A 69 -7.66 1.25 -17.06
N GLY A 70 -7.81 2.29 -16.25
CA GLY A 70 -7.72 2.13 -14.80
C GLY A 70 -6.60 1.16 -14.43
N SER A 71 -5.47 1.32 -15.11
CA SER A 71 -4.31 0.47 -14.86
C SER A 71 -3.15 1.31 -14.32
N ALA A 72 -2.93 1.20 -13.02
CA ALA A 72 -1.87 1.93 -12.38
C ALA A 72 -0.69 0.99 -12.10
N SER A 73 0.26 0.99 -13.02
CA SER A 73 1.43 0.15 -12.90
C SER A 73 2.61 0.95 -12.33
N THR A 74 2.61 1.09 -11.01
CA THR A 74 3.66 1.84 -10.34
C THR A 74 4.58 0.89 -9.56
N SER A 75 5.88 1.12 -9.69
CA SER A 75 6.85 0.30 -9.00
C SER A 75 7.16 0.89 -7.63
N LEU A 76 7.01 0.04 -6.61
CA LEU A 76 7.26 0.47 -5.25
C LEU A 76 8.01 -0.64 -4.50
N THR A 77 8.60 -0.26 -3.38
CA THR A 77 9.36 -1.21 -2.58
C THR A 77 8.58 -1.58 -1.32
N VAL A 78 8.61 -2.87 -1.01
CA VAL A 78 7.90 -3.37 0.16
C VAL A 78 8.83 -3.31 1.37
N ARG A 79 8.83 -2.17 2.02
CA ARG A 79 9.67 -1.97 3.19
C ARG A 79 8.87 -2.24 4.47
N ARG A 80 8.58 -3.53 4.68
CA ARG A 80 7.82 -3.93 5.85
C ARG A 80 8.21 -3.09 7.06
N SER A 81 9.48 -2.69 7.08
CA SER A 81 10.00 -1.88 8.17
C SER A 81 9.78 -0.40 7.87
N PHE A 82 9.34 0.32 8.89
CA PHE A 82 9.08 1.75 8.74
C PHE A 82 8.31 2.30 9.95
N GLU A 83 8.01 3.58 9.88
CA GLU A 83 7.28 4.23 10.96
C GLU A 83 5.79 4.31 10.62
N GLY A 84 5.01 3.53 11.35
CA GLY A 84 3.57 3.50 11.13
C GLY A 84 2.91 4.76 11.70
N PHE A 85 1.86 5.20 11.02
CA PHE A 85 1.13 6.39 11.44
C PHE A 85 -0.38 6.13 11.41
N LEU A 86 -1.00 6.36 12.55
CA LEU A 86 -2.44 6.17 12.68
C LEU A 86 -3.16 7.20 11.82
N PHE A 87 -4.37 6.85 11.42
CA PHE A 87 -5.18 7.73 10.59
C PHE A 87 -5.92 8.76 11.46
N ASP A 88 -6.19 8.36 12.68
CA ASP A 88 -6.89 9.23 13.62
C ASP A 88 -6.12 10.54 13.77
N GLY A 89 -4.81 10.40 13.92
CA GLY A 89 -3.95 11.57 14.06
C GLY A 89 -2.68 11.22 14.83
N THR A 90 -2.77 10.13 15.60
CA THR A 90 -1.64 9.68 16.39
C THR A 90 -0.69 8.86 15.53
N ARG A 91 0.55 8.77 16.00
CA ARG A 91 1.57 8.02 15.28
C ARG A 91 1.96 6.76 16.07
N TRP A 92 2.19 5.68 15.32
CA TRP A 92 2.57 4.43 15.94
C TRP A 92 4.08 4.26 15.79
N GLY A 93 4.47 3.73 14.64
CA GLY A 93 5.88 3.51 14.35
C GLY A 93 6.14 2.05 13.99
N THR A 94 6.12 1.21 15.00
CA THR A 94 6.34 -0.21 14.79
C THR A 94 7.79 -0.46 14.38
N VAL A 95 8.14 0.09 13.22
CA VAL A 95 9.48 -0.06 12.70
C VAL A 95 9.56 -1.34 11.85
N ASP A 96 8.78 -2.33 12.26
CA ASP A 96 8.75 -3.60 11.55
C ASP A 96 7.29 -4.08 11.46
N CYS A 97 6.81 -4.15 10.23
CA CYS A 97 5.45 -4.60 9.98
C CYS A 97 5.46 -6.13 9.83
N THR A 98 5.99 -6.79 10.85
CA THR A 98 6.07 -8.23 10.84
C THR A 98 4.87 -8.84 11.58
N THR A 99 4.21 -8.00 12.36
CA THR A 99 3.06 -8.42 13.13
C THR A 99 1.78 -8.28 12.31
N ALA A 100 1.55 -7.05 11.85
CA ALA A 100 0.37 -6.76 11.06
C ALA A 100 0.71 -6.92 9.58
N ALA A 101 -0.33 -7.16 8.78
CA ALA A 101 -0.15 -7.35 7.35
C ALA A 101 -0.24 -5.99 6.66
N CYS A 102 0.82 -5.65 5.94
CA CYS A 102 0.88 -4.38 5.23
C CYS A 102 0.23 -4.58 3.85
N GLN A 103 -0.81 -3.80 3.60
CA GLN A 103 -1.52 -3.88 2.34
C GLN A 103 -1.06 -2.76 1.41
N VAL A 104 -0.46 -3.16 0.30
CA VAL A 104 0.03 -2.20 -0.67
C VAL A 104 -1.07 -1.90 -1.68
N GLY A 105 -1.40 -0.61 -1.79
CA GLY A 105 -2.43 -0.18 -2.71
C GLY A 105 -2.48 1.36 -2.80
N LEU A 106 -3.31 1.83 -3.71
CA LEU A 106 -3.45 3.26 -3.90
C LEU A 106 -4.80 3.72 -3.32
N SER A 107 -4.73 4.71 -2.46
CA SER A 107 -5.92 5.25 -1.83
C SER A 107 -6.29 6.60 -2.45
N ASP A 108 -7.47 7.08 -2.09
CA ASP A 108 -7.94 8.35 -2.61
C ASP A 108 -7.02 9.48 -2.11
N ALA A 109 -7.09 10.61 -2.80
CA ALA A 109 -6.28 11.75 -2.44
C ALA A 109 -6.48 12.07 -0.96
N ALA A 110 -7.61 11.63 -0.44
CA ALA A 110 -7.94 11.86 0.96
C ALA A 110 -7.29 10.77 1.82
N GLY A 111 -7.11 9.61 1.20
CA GLY A 111 -6.50 8.49 1.89
C GLY A 111 -7.57 7.49 2.36
N ASN A 112 -8.75 7.62 1.76
CA ASN A 112 -9.86 6.75 2.10
C ASN A 112 -9.92 5.60 1.09
N GLY A 113 -10.54 4.52 1.52
CA GLY A 113 -10.68 3.35 0.67
C GLY A 113 -9.63 2.29 1.02
N PRO A 114 -10.13 1.13 1.53
CA PRO A 114 -9.26 0.03 1.91
C PRO A 114 -8.72 -0.70 0.67
N GLU A 115 -8.15 0.09 -0.23
CA GLU A 115 -7.59 -0.46 -1.45
C GLU A 115 -6.12 -0.83 -1.25
N GLY A 116 -5.88 -2.12 -1.07
CA GLY A 116 -4.53 -2.60 -0.87
C GLY A 116 -4.53 -4.11 -0.56
N VAL A 117 -3.50 -4.79 -1.06
CA VAL A 117 -3.37 -6.22 -0.86
C VAL A 117 -2.26 -6.48 0.17
N ALA A 118 -2.60 -7.29 1.16
CA ALA A 118 -1.65 -7.63 2.21
C ALA A 118 -0.47 -8.38 1.59
N ILE A 119 0.54 -7.62 1.21
CA ILE A 119 1.73 -8.19 0.61
C ILE A 119 2.88 -8.17 1.62
N SER A 120 3.62 -9.25 1.66
CA SER A 120 4.75 -9.37 2.57
C SER A 120 5.08 -10.84 2.83
N PHE A 121 4.04 -11.61 3.12
CA PHE A 121 4.20 -13.02 3.38
C PHE A 121 2.85 -13.71 3.54
N ASN A 122 2.89 -15.04 3.53
CA ASN A 122 1.68 -15.83 3.66
C ASN A 122 0.95 -15.42 4.94
C1 NCZ B . -5.51 2.69 3.75
C6 NCZ B . -4.67 3.68 3.21
C5 NCZ B . -4.06 3.44 1.96
C7 NCZ B . -3.21 4.38 1.39
C8 NCZ B . -2.94 5.55 2.07
C9 NCZ B . -3.53 5.80 3.32
C10 NCZ B . -4.46 4.89 3.90
C11 NCZ B . -5.38 5.36 4.92
O3 NCZ B . -5.09 6.32 5.62
O4 NCZ B . -6.67 4.73 5.20
C12 NCZ B . -7.45 5.19 6.36
C13 NCZ B . -7.95 4.04 7.21
C14 NCZ B . -9.20 3.74 6.87
C15 NCZ B . -9.81 4.75 5.97
C16 NCZ B . -8.74 5.86 5.88
O6 NCZ B . -9.15 6.96 6.75
O5 NCZ B . -7.91 4.40 8.59
O2 NCZ B . -3.21 7.03 3.94
C4 NCZ B . -4.34 2.27 1.31
C3 NCZ B . -5.18 1.32 1.87
C2 NCZ B . -5.76 1.52 3.09
O1 NCZ B . -6.59 0.52 3.62
C17 NCZ B . -7.58 0.73 4.63
C18 NCZ B . -3.75 1.95 -0.04
H1 NCZ B . -5.97 2.86 4.72
H7 NCZ B . -2.76 4.20 0.41
H8 NCZ B . -2.25 6.28 1.65
H12 NCZ B . -7.20 5.99 6.78
H13 NCZ B . -7.31 3.16 7.06
H14 NCZ B . -9.73 2.84 7.21
H15 NCZ B . -10.79 4.72 5.49
H16 NCZ B . -8.68 6.19 4.84
H6 NCZ B . -9.65 6.58 7.56
H5 NCZ B . -7.01 4.62 8.85
H2 NCZ B . -4.02 7.64 3.95
H3 NCZ B . -5.37 0.40 1.32
H171 NCZ B . -8.07 -0.22 4.85
H172 NCZ B . -7.11 1.11 5.54
H173 NCZ B . -8.32 1.46 4.29
H181 NCZ B . -4.43 2.29 -0.82
H182 NCZ B . -2.80 2.46 -0.15
H183 NCZ B . -3.61 0.88 -0.13
N ALA A 10 -2.66 -11.28 -11.21
CA ALA A 10 -2.06 -11.17 -9.89
C ALA A 10 -2.96 -10.29 -9.01
N ALA A 11 -4.11 -10.86 -8.64
CA ALA A 11 -5.05 -10.14 -7.81
C ALA A 11 -5.55 -8.90 -8.54
N PRO A 12 -6.82 -8.52 -8.24
CA PRO A 12 -7.42 -7.36 -8.87
C PRO A 12 -6.86 -6.07 -8.28
N THR A 13 -7.06 -4.98 -9.01
CA THR A 13 -6.57 -3.68 -8.58
C THR A 13 -5.04 -3.69 -8.46
N ALA A 14 -4.55 -2.82 -7.60
CA ALA A 14 -3.11 -2.71 -7.39
C ALA A 14 -2.63 -3.92 -6.59
N THR A 15 -1.64 -4.60 -7.15
CA THR A 15 -1.08 -5.78 -6.51
C THR A 15 0.44 -5.80 -6.65
N VAL A 16 1.10 -6.37 -5.65
CA VAL A 16 2.55 -6.45 -5.66
C VAL A 16 2.98 -7.71 -6.42
N THR A 17 3.84 -7.49 -7.41
CA THR A 17 4.34 -8.59 -8.21
C THR A 17 4.38 -9.88 -7.39
N PRO A 18 5.31 -9.89 -6.40
CA PRO A 18 5.47 -11.05 -5.54
C PRO A 18 4.34 -11.14 -4.52
N SER A 19 4.60 -11.87 -3.45
CA SER A 19 3.61 -12.04 -2.39
C SER A 19 4.31 -12.18 -1.03
N SER A 20 4.85 -13.37 -0.82
CA SER A 20 5.55 -13.67 0.42
C SER A 20 7.06 -13.74 0.17
N GLY A 21 7.82 -13.37 1.19
CA GLY A 21 9.26 -13.40 1.09
C GLY A 21 9.82 -12.01 0.75
N LEU A 22 9.08 -10.99 1.16
CA LEU A 22 9.48 -9.63 0.89
C LEU A 22 10.42 -9.16 2.01
N SER A 23 11.11 -8.06 1.73
CA SER A 23 12.04 -7.49 2.70
C SER A 23 11.72 -6.02 2.93
N ASP A 24 12.21 -5.51 4.05
CA ASP A 24 11.98 -4.13 4.41
C ASP A 24 12.67 -3.23 3.38
N GLY A 25 12.17 -3.30 2.15
CA GLY A 25 12.73 -2.50 1.07
C GLY A 25 12.83 -3.33 -0.22
N THR A 26 11.82 -4.14 -0.44
CA THR A 26 11.78 -4.98 -1.63
C THR A 26 11.05 -4.27 -2.77
N VAL A 27 11.79 -3.99 -3.83
CA VAL A 27 11.24 -3.32 -4.98
C VAL A 27 10.34 -4.30 -5.76
N VAL A 28 9.12 -3.86 -6.03
CA VAL A 28 8.18 -4.67 -6.76
C VAL A 28 7.31 -3.78 -7.66
N LYS A 29 6.62 -4.42 -8.59
CA LYS A 29 5.76 -3.70 -9.51
C LYS A 29 4.32 -3.76 -9.02
N VAL A 30 3.72 -2.58 -8.85
CA VAL A 30 2.35 -2.50 -8.38
C VAL A 30 1.43 -2.29 -9.58
N ALA A 31 0.89 -3.39 -10.08
CA ALA A 31 -0.01 -3.33 -11.22
C ALA A 31 -1.44 -3.16 -10.71
N GLY A 32 -2.06 -2.07 -11.14
CA GLY A 32 -3.43 -1.77 -10.74
C GLY A 32 -4.38 -1.88 -11.93
N ALA A 33 -5.01 -3.05 -12.05
CA ALA A 33 -5.94 -3.30 -13.13
C ALA A 33 -7.37 -3.09 -12.62
N GLY A 34 -7.94 -1.95 -12.99
CA GLY A 34 -9.30 -1.63 -12.58
C GLY A 34 -9.29 -0.61 -11.44
N LEU A 35 -8.14 0.01 -11.25
CA LEU A 35 -7.99 1.01 -10.20
C LEU A 35 -8.47 2.37 -10.72
N GLN A 36 -7.78 3.41 -10.28
CA GLN A 36 -8.13 4.76 -10.70
C GLN A 36 -8.30 4.82 -12.22
N ALA A 37 -9.52 4.59 -12.67
CA ALA A 37 -9.82 4.61 -14.09
C ALA A 37 -9.46 5.99 -14.66
N GLY A 38 -8.18 6.14 -14.99
CA GLY A 38 -7.69 7.38 -15.54
C GLY A 38 -7.56 8.45 -14.44
N THR A 39 -7.77 8.02 -13.21
CA THR A 39 -7.68 8.92 -12.08
C THR A 39 -6.25 8.90 -11.51
N ALA A 40 -6.08 9.64 -10.42
CA ALA A 40 -4.78 9.73 -9.77
C ALA A 40 -4.96 9.63 -8.26
N TYR A 41 -4.48 8.53 -7.70
CA TYR A 41 -4.58 8.31 -6.26
C TYR A 41 -3.19 8.24 -5.62
N ASP A 42 -3.19 8.22 -4.29
CA ASP A 42 -1.95 8.15 -3.55
C ASP A 42 -1.57 6.69 -3.33
N VAL A 43 -0.38 6.34 -3.79
CA VAL A 43 0.11 4.97 -3.65
C VAL A 43 0.76 4.81 -2.27
N GLY A 44 0.50 3.67 -1.66
CA GLY A 44 1.06 3.37 -0.35
C GLY A 44 0.32 2.21 0.32
N GLN A 45 1.08 1.40 1.04
CA GLN A 45 0.51 0.26 1.73
C GLN A 45 0.11 0.64 3.16
N CYS A 46 -1.18 0.50 3.43
CA CYS A 46 -1.71 0.83 4.75
C CYS A 46 -2.11 -0.47 5.44
N ALA A 47 -2.08 -0.43 6.77
CA ALA A 47 -2.45 -1.61 7.56
C ALA A 47 -2.63 -1.19 9.02
N TRP A 48 -3.46 -1.95 9.72
CA TRP A 48 -3.74 -1.68 11.10
C TRP A 48 -2.47 -1.99 11.91
N VAL A 49 -1.82 -0.93 12.35
CA VAL A 49 -0.59 -1.07 13.13
C VAL A 49 -0.95 -1.13 14.61
N ASP A 50 -1.83 -0.23 15.03
CA ASP A 50 -2.25 -0.17 16.42
C ASP A 50 -3.43 -1.13 16.62
N THR A 51 -4.08 -0.97 17.76
CA THR A 51 -5.23 -1.81 18.08
C THR A 51 -6.34 -1.61 17.06
N GLY A 52 -6.18 -2.25 15.91
CA GLY A 52 -7.16 -2.16 14.84
C GLY A 52 -7.19 -0.75 14.25
N VAL A 53 -6.08 -0.06 14.40
CA VAL A 53 -5.95 1.29 13.89
C VAL A 53 -5.19 1.27 12.56
N LEU A 54 -5.94 1.46 11.48
CA LEU A 54 -5.34 1.46 10.16
C LEU A 54 -4.26 2.53 10.10
N ALA A 55 -3.02 2.09 10.33
CA ALA A 55 -1.89 3.00 10.29
C ALA A 55 -1.13 2.82 8.98
N CYS A 56 -0.83 3.95 8.34
CA CYS A 56 -0.11 3.93 7.08
C CYS A 56 1.36 4.16 7.37
N ASN A 57 2.20 3.68 6.46
CA ASN A 57 3.63 3.83 6.59
C ASN A 57 4.07 5.15 5.96
N PRO A 58 5.35 5.53 6.24
CA PRO A 58 5.90 6.76 5.70
C PRO A 58 6.23 6.62 4.21
N ALA A 59 6.14 5.38 3.73
CA ALA A 59 6.42 5.10 2.34
C ALA A 59 5.10 4.84 1.60
N ASP A 60 4.01 5.15 2.28
CA ASP A 60 2.69 4.97 1.70
C ASP A 60 2.28 6.25 0.96
N PHE A 61 3.21 7.19 0.91
CA PHE A 61 2.96 8.45 0.24
C PHE A 61 3.72 8.53 -1.09
N SER A 62 3.06 8.06 -2.13
CA SER A 62 3.66 8.07 -3.46
C SER A 62 2.58 8.18 -4.52
N SER A 63 2.19 9.42 -4.81
CA SER A 63 1.17 9.68 -5.80
C SER A 63 1.29 8.68 -6.94
N VAL A 64 0.15 8.36 -7.55
CA VAL A 64 0.11 7.42 -8.66
C VAL A 64 -1.15 7.67 -9.48
N THR A 65 -1.08 7.26 -10.74
CA THR A 65 -2.21 7.43 -11.65
C THR A 65 -2.37 6.19 -12.52
N ALA A 66 -3.63 5.84 -12.76
CA ALA A 66 -3.94 4.68 -13.58
C ALA A 66 -4.47 5.15 -14.94
N ASP A 67 -4.12 4.40 -15.97
CA ASP A 67 -4.56 4.73 -17.32
C ASP A 67 -6.08 4.71 -17.37
N ALA A 68 -6.62 5.37 -18.39
CA ALA A 68 -8.06 5.44 -18.56
C ALA A 68 -8.68 4.08 -18.24
N ASN A 69 -7.91 3.03 -18.54
CA ASN A 69 -8.36 1.68 -18.30
C ASN A 69 -7.98 1.26 -16.88
N GLY A 70 -8.05 2.24 -15.97
CA GLY A 70 -7.72 1.99 -14.58
C GLY A 70 -6.45 1.13 -14.47
N SER A 71 -5.47 1.45 -15.29
CA SER A 71 -4.23 0.71 -15.29
C SER A 71 -3.15 1.51 -14.55
N ALA A 72 -2.97 1.19 -13.29
CA ALA A 72 -1.99 1.87 -12.46
C ALA A 72 -0.81 0.93 -12.23
N SER A 73 0.07 0.86 -13.22
CA SER A 73 1.23 0.00 -13.13
C SER A 73 2.43 0.82 -12.63
N THR A 74 2.44 1.05 -11.32
CA THR A 74 3.51 1.80 -10.69
C THR A 74 4.39 0.89 -9.84
N SER A 75 5.69 1.12 -9.92
CA SER A 75 6.64 0.32 -9.17
C SER A 75 7.03 1.06 -7.89
N LEU A 76 7.04 0.31 -6.79
CA LEU A 76 7.41 0.88 -5.50
C LEU A 76 8.15 -0.17 -4.68
N THR A 77 8.68 0.28 -3.55
CA THR A 77 9.42 -0.61 -2.67
C THR A 77 8.59 -0.94 -1.42
N VAL A 78 8.51 -2.23 -1.12
CA VAL A 78 7.75 -2.68 0.03
C VAL A 78 8.65 -2.63 1.27
N ARG A 79 8.59 -1.50 1.96
CA ARG A 79 9.39 -1.31 3.16
C ARG A 79 8.63 -1.83 4.38
N ARG A 80 8.55 -3.16 4.46
CA ARG A 80 7.86 -3.80 5.58
C ARG A 80 8.14 -3.05 6.88
N SER A 81 9.36 -2.55 6.98
CA SER A 81 9.77 -1.81 8.16
C SER A 81 9.67 -0.31 7.90
N PHE A 82 9.38 0.44 8.96
CA PHE A 82 9.26 1.88 8.86
C PHE A 82 8.49 2.45 10.05
N GLU A 83 8.21 3.74 9.96
CA GLU A 83 7.47 4.42 11.02
C GLU A 83 6.00 4.58 10.63
N GLY A 84 5.18 3.66 11.12
CA GLY A 84 3.76 3.69 10.83
C GLY A 84 3.10 4.91 11.46
N PHE A 85 1.91 5.23 10.96
CA PHE A 85 1.17 6.38 11.47
C PHE A 85 -0.33 6.07 11.52
N LEU A 86 -0.90 6.24 12.70
CA LEU A 86 -2.32 5.98 12.89
C LEU A 86 -3.12 6.80 11.87
N PHE A 87 -4.35 6.37 11.65
CA PHE A 87 -5.22 7.05 10.71
C PHE A 87 -5.72 8.38 11.29
N ASP A 88 -5.88 8.40 12.60
CA ASP A 88 -6.35 9.59 13.29
C ASP A 88 -5.43 10.76 12.94
N GLY A 89 -4.14 10.53 13.11
CA GLY A 89 -3.15 11.57 12.82
C GLY A 89 -1.86 11.34 13.62
N THR A 90 -2.02 10.64 14.73
CA THR A 90 -0.88 10.34 15.59
C THR A 90 -0.01 9.25 14.96
N ARG A 91 1.28 9.34 15.24
CA ARG A 91 2.23 8.37 14.71
C ARG A 91 2.39 7.20 15.68
N TRP A 92 2.53 6.01 15.10
CA TRP A 92 2.70 4.81 15.90
C TRP A 92 4.17 4.41 15.88
N GLY A 93 4.53 3.62 14.90
CA GLY A 93 5.90 3.17 14.75
C GLY A 93 6.00 1.97 13.80
N THR A 94 5.43 0.86 14.24
CA THR A 94 5.45 -0.34 13.44
C THR A 94 6.82 -1.04 13.53
N VAL A 95 7.83 -0.33 13.07
CA VAL A 95 9.19 -0.85 13.10
C VAL A 95 9.35 -1.89 11.98
N ASP A 96 8.81 -3.07 12.24
CA ASP A 96 8.88 -4.16 11.28
C ASP A 96 7.48 -4.73 11.06
N CYS A 97 6.95 -4.48 9.88
CA CYS A 97 5.63 -4.97 9.52
C CYS A 97 5.72 -6.47 9.25
N THR A 98 6.19 -7.19 10.25
CA THR A 98 6.33 -8.63 10.13
C THR A 98 5.17 -9.34 10.81
N THR A 99 4.56 -8.65 11.78
CA THR A 99 3.44 -9.21 12.50
C THR A 99 2.13 -8.87 11.79
N ALA A 100 1.96 -7.58 11.51
CA ALA A 100 0.76 -7.10 10.83
C ALA A 100 0.98 -7.15 9.32
N ALA A 101 -0.11 -7.43 8.61
CA ALA A 101 -0.05 -7.52 7.16
C ALA A 101 -0.22 -6.12 6.57
N CYS A 102 0.76 -5.71 5.78
CA CYS A 102 0.74 -4.40 5.15
C CYS A 102 0.07 -4.55 3.78
N GLN A 103 -1.04 -3.84 3.61
CA GLN A 103 -1.77 -3.89 2.36
C GLN A 103 -1.29 -2.77 1.43
N VAL A 104 -0.70 -3.18 0.31
CA VAL A 104 -0.20 -2.24 -0.67
C VAL A 104 -1.31 -1.89 -1.65
N GLY A 105 -1.59 -0.59 -1.74
CA GLY A 105 -2.64 -0.12 -2.64
C GLY A 105 -2.62 1.41 -2.74
N LEU A 106 -3.38 1.91 -3.69
CA LEU A 106 -3.47 3.35 -3.90
C LEU A 106 -4.80 3.87 -3.38
N SER A 107 -4.73 4.75 -2.39
CA SER A 107 -5.92 5.32 -1.79
C SER A 107 -6.30 6.61 -2.54
N ASP A 108 -7.56 6.99 -2.37
CA ASP A 108 -8.07 8.19 -3.03
C ASP A 108 -7.22 9.39 -2.58
N ALA A 109 -7.35 10.47 -3.35
CA ALA A 109 -6.61 11.68 -3.05
C ALA A 109 -7.06 12.24 -1.70
N ALA A 110 -8.21 11.75 -1.25
CA ALA A 110 -8.76 12.18 0.03
C ALA A 110 -7.99 11.50 1.17
N GLY A 111 -7.39 10.38 0.84
CA GLY A 111 -6.62 9.63 1.82
C GLY A 111 -7.44 8.46 2.37
N ASN A 112 -8.19 7.83 1.49
CA ASN A 112 -9.02 6.70 1.87
C ASN A 112 -9.09 5.70 0.71
N GLY A 113 -9.40 4.47 1.06
CA GLY A 113 -9.50 3.41 0.06
C GLY A 113 -9.20 2.05 0.68
N PRO A 114 -10.20 1.12 0.56
CA PRO A 114 -10.06 -0.22 1.10
C PRO A 114 -9.12 -1.06 0.23
N GLU A 115 -8.71 -0.48 -0.89
CA GLU A 115 -7.82 -1.16 -1.81
C GLU A 115 -6.43 -1.34 -1.17
N GLY A 116 -5.94 -2.57 -1.24
CA GLY A 116 -4.64 -2.88 -0.69
C GLY A 116 -4.48 -4.40 -0.49
N VAL A 117 -3.35 -4.90 -0.97
CA VAL A 117 -3.07 -6.32 -0.86
C VAL A 117 -1.98 -6.54 0.20
N ALA A 118 -2.30 -7.40 1.15
CA ALA A 118 -1.37 -7.70 2.23
C ALA A 118 -0.16 -8.42 1.65
N ILE A 119 0.84 -7.63 1.29
CA ILE A 119 2.07 -8.18 0.72
C ILE A 119 3.21 -8.02 1.72
N SER A 120 4.06 -9.03 1.77
CA SER A 120 5.19 -9.01 2.69
C SER A 120 5.58 -10.45 3.06
N PHE A 121 4.57 -11.25 3.34
CA PHE A 121 4.79 -12.64 3.71
C PHE A 121 3.50 -13.44 3.61
N ASN A 122 3.63 -14.74 3.82
CA ASN A 122 2.49 -15.64 3.76
C ASN A 122 1.78 -15.65 5.11
C1 NCZ B . -5.68 2.40 3.87
C6 NCZ B . -4.84 3.35 3.28
C5 NCZ B . -4.23 3.04 2.04
C7 NCZ B . -3.37 3.93 1.41
C8 NCZ B . -3.08 5.13 2.04
C9 NCZ B . -3.66 5.47 3.27
C10 NCZ B . -4.59 4.60 3.90
C11 NCZ B . -5.50 5.13 4.89
O3 NCZ B . -5.19 6.12 5.55
O4 NCZ B . -6.80 4.53 5.22
C12 NCZ B . -7.57 5.09 6.34
C13 NCZ B . -8.19 4.00 7.22
C14 NCZ B . -9.46 3.80 6.83
C15 NCZ B . -9.95 4.84 5.89
C16 NCZ B . -8.79 5.84 5.80
O6 NCZ B . -9.13 6.99 6.63
O5 NCZ B . -8.17 4.40 8.59
O2 NCZ B . -3.31 6.71 3.82
C4 NCZ B . -4.53 1.83 1.45
C3 NCZ B . -5.38 0.92 2.07
C2 NCZ B . -5.96 1.20 3.28
O1 NCZ B . -6.78 0.26 3.87
C17 NCZ B . -7.77 0.53 4.89
C18 NCZ B . -3.96 1.44 0.12
H1 NCZ B . -6.12 2.63 4.84
H7 NCZ B . -2.94 3.69 0.44
H8 NCZ B . -2.39 5.83 1.56
H12 NCZ B . -7.31 5.89 6.73
H13 NCZ B . -7.64 3.07 7.10
H14 NCZ B . -10.07 2.96 7.18
H15 NCZ B . -10.91 4.87 5.37
H16 NCZ B . -8.67 6.14 4.76
H6 NCZ B . -9.69 6.69 7.45
H5 NCZ B . -7.27 4.55 8.87
H2 NCZ B . -4.13 7.34 3.80
H3 NCZ B . -5.59 -0.02 1.58
H171 NCZ B . -8.28 -0.39 5.16
H172 NCZ B . -7.29 0.96 5.77
H173 NCZ B . -8.50 1.25 4.50
H181 NCZ B . -4.65 1.74 -0.67
H182 NCZ B . -3.00 1.92 -0.03
H183 NCZ B . -3.83 0.36 0.09
N ALA A 10 -7.30 -12.09 -14.06
CA ALA A 10 -6.01 -11.72 -13.48
C ALA A 10 -5.89 -10.20 -13.46
N ALA A 11 -6.93 -9.57 -12.92
CA ALA A 11 -6.96 -8.11 -12.83
C ALA A 11 -7.40 -7.71 -11.42
N PRO A 12 -6.59 -8.12 -10.42
CA PRO A 12 -6.89 -7.80 -9.03
C PRO A 12 -6.60 -6.32 -8.73
N THR A 13 -7.08 -5.47 -9.62
CA THR A 13 -6.88 -4.04 -9.45
C THR A 13 -5.41 -3.73 -9.17
N ALA A 14 -5.19 -3.02 -8.07
CA ALA A 14 -3.83 -2.66 -7.68
C ALA A 14 -3.19 -3.83 -6.93
N THR A 15 -2.10 -4.31 -7.51
CA THR A 15 -1.38 -5.43 -6.91
C THR A 15 0.12 -5.31 -7.20
N VAL A 16 0.91 -5.80 -6.25
CA VAL A 16 2.36 -5.76 -6.38
C VAL A 16 2.86 -7.10 -6.90
N THR A 17 3.93 -7.05 -7.68
CA THR A 17 4.51 -8.26 -8.23
C THR A 17 4.43 -9.40 -7.22
N PRO A 18 5.01 -9.15 -6.02
CA PRO A 18 5.01 -10.14 -4.96
C PRO A 18 3.63 -10.26 -4.31
N SER A 19 3.55 -11.12 -3.30
CA SER A 19 2.30 -11.33 -2.60
C SER A 19 2.58 -11.72 -1.14
N SER A 20 3.54 -12.63 -0.98
CA SER A 20 3.91 -13.10 0.34
C SER A 20 5.43 -13.11 0.48
N GLY A 21 5.88 -13.63 1.61
CA GLY A 21 7.31 -13.72 1.87
C GLY A 21 8.05 -12.49 1.35
N LEU A 22 7.46 -11.33 1.62
CA LEU A 22 8.04 -10.08 1.18
C LEU A 22 9.26 -9.76 2.04
N SER A 23 10.04 -8.78 1.58
CA SER A 23 11.23 -8.37 2.29
C SER A 23 11.10 -6.92 2.76
N ASP A 24 11.66 -6.66 3.93
CA ASP A 24 11.60 -5.33 4.51
C ASP A 24 12.27 -4.34 3.55
N GLY A 25 11.57 -4.05 2.46
CA GLY A 25 12.08 -3.12 1.47
C GLY A 25 12.19 -3.79 0.10
N THR A 26 11.19 -4.60 -0.21
CA THR A 26 11.16 -5.31 -1.47
C THR A 26 10.61 -4.40 -2.57
N VAL A 27 11.51 -3.99 -3.45
CA VAL A 27 11.14 -3.13 -4.56
C VAL A 27 10.49 -3.95 -5.66
N VAL A 28 9.31 -3.53 -6.06
CA VAL A 28 8.56 -4.22 -7.11
C VAL A 28 7.64 -3.23 -7.82
N LYS A 29 6.92 -3.75 -8.79
CA LYS A 29 6.00 -2.93 -9.56
C LYS A 29 4.56 -3.28 -9.18
N VAL A 30 3.76 -2.23 -8.99
CA VAL A 30 2.37 -2.42 -8.61
C VAL A 30 1.47 -2.10 -9.82
N ALA A 31 0.95 -3.15 -10.43
CA ALA A 31 0.08 -3.00 -11.58
C ALA A 31 -1.36 -2.87 -11.11
N GLY A 32 -2.05 -1.88 -11.67
CA GLY A 32 -3.43 -1.64 -11.32
C GLY A 32 -4.37 -2.01 -12.48
N ALA A 33 -4.74 -3.29 -12.50
CA ALA A 33 -5.62 -3.78 -13.54
C ALA A 33 -7.08 -3.54 -13.13
N GLY A 34 -7.64 -2.48 -13.69
CA GLY A 34 -9.02 -2.13 -13.40
C GLY A 34 -9.10 -1.14 -12.23
N LEU A 35 -8.07 -0.30 -12.14
CA LEU A 35 -8.00 0.69 -11.08
C LEU A 35 -8.87 1.90 -11.46
N GLN A 36 -8.44 3.06 -11.00
CA GLN A 36 -9.17 4.29 -11.28
C GLN A 36 -8.73 4.86 -12.63
N ALA A 37 -9.32 4.33 -13.68
CA ALA A 37 -8.99 4.77 -15.03
C ALA A 37 -9.30 6.27 -15.16
N GLY A 38 -8.25 7.03 -15.43
CA GLY A 38 -8.39 8.46 -15.57
C GLY A 38 -8.08 9.19 -14.25
N THR A 39 -8.36 8.50 -13.16
CA THR A 39 -8.12 9.05 -11.84
C THR A 39 -6.71 8.69 -11.37
N ALA A 40 -6.40 9.14 -10.16
CA ALA A 40 -5.09 8.87 -9.57
C ALA A 40 -5.17 9.05 -8.06
N TYR A 41 -4.48 8.16 -7.36
CA TYR A 41 -4.46 8.21 -5.90
C TYR A 41 -3.04 7.97 -5.37
N ASP A 42 -2.94 7.99 -4.05
CA ASP A 42 -1.65 7.79 -3.40
C ASP A 42 -1.46 6.29 -3.11
N VAL A 43 -0.39 5.76 -3.66
CA VAL A 43 -0.08 4.34 -3.47
C VAL A 43 0.77 4.18 -2.21
N GLY A 44 0.48 3.10 -1.48
CA GLY A 44 1.21 2.81 -0.26
C GLY A 44 0.56 1.64 0.50
N GLN A 45 1.38 1.01 1.34
CA GLN A 45 0.90 -0.11 2.13
C GLN A 45 0.37 0.38 3.48
N CYS A 46 -0.96 0.33 3.60
CA CYS A 46 -1.60 0.76 4.83
C CYS A 46 -2.11 -0.49 5.57
N ALA A 47 -2.14 -0.38 6.88
CA ALA A 47 -2.61 -1.47 7.71
C ALA A 47 -2.66 -1.02 9.18
N TRP A 48 -3.41 -1.78 9.97
CA TRP A 48 -3.56 -1.46 11.38
C TRP A 48 -2.20 -1.67 12.05
N VAL A 49 -1.59 -0.56 12.44
CA VAL A 49 -0.30 -0.59 13.10
C VAL A 49 -0.48 -0.37 14.59
N ASP A 50 -1.26 0.66 14.91
CA ASP A 50 -1.51 1.00 16.30
C ASP A 50 -2.79 0.28 16.77
N THR A 51 -3.02 0.35 18.06
CA THR A 51 -4.19 -0.27 18.65
C THR A 51 -5.35 -0.26 17.65
N GLY A 52 -5.49 -1.37 16.94
CA GLY A 52 -6.56 -1.50 15.96
C GLY A 52 -6.74 -0.18 15.18
N VAL A 53 -5.66 0.57 15.09
CA VAL A 53 -5.69 1.84 14.38
C VAL A 53 -5.01 1.68 13.03
N LEU A 54 -5.73 2.08 11.99
CA LEU A 54 -5.22 1.98 10.63
C LEU A 54 -4.06 2.97 10.46
N ALA A 55 -2.86 2.42 10.40
CA ALA A 55 -1.66 3.24 10.24
C ALA A 55 -0.99 2.88 8.91
N CYS A 56 -0.57 3.91 8.20
CA CYS A 56 0.09 3.73 6.92
C CYS A 56 1.60 3.77 7.15
N ASN A 57 2.33 3.22 6.19
CA ASN A 57 3.78 3.19 6.28
C ASN A 57 4.34 4.50 5.74
N PRO A 58 5.65 4.74 6.06
CA PRO A 58 6.32 5.95 5.62
C PRO A 58 6.66 5.87 4.13
N ALA A 59 6.57 4.66 3.60
CA ALA A 59 6.87 4.44 2.19
C ALA A 59 5.56 4.19 1.43
N ASP A 60 4.46 4.50 2.10
CA ASP A 60 3.14 4.32 1.50
C ASP A 60 2.76 5.60 0.76
N PHE A 61 3.73 6.49 0.62
CA PHE A 61 3.49 7.75 -0.06
C PHE A 61 4.13 7.74 -1.46
N SER A 62 3.36 7.27 -2.43
CA SER A 62 3.83 7.21 -3.80
C SER A 62 2.66 7.38 -4.76
N SER A 63 2.41 8.63 -5.12
CA SER A 63 1.32 8.96 -6.03
C SER A 63 1.19 7.85 -7.09
N VAL A 64 -0.03 7.69 -7.58
CA VAL A 64 -0.31 6.68 -8.59
C VAL A 64 -1.48 7.14 -9.45
N THR A 65 -1.42 6.74 -10.72
CA THR A 65 -2.46 7.10 -11.67
C THR A 65 -2.79 5.92 -12.58
N ALA A 66 -4.08 5.74 -12.84
CA ALA A 66 -4.53 4.66 -13.69
C ALA A 66 -4.77 5.19 -15.10
N ASP A 67 -4.11 4.55 -16.06
CA ASP A 67 -4.24 4.95 -17.45
C ASP A 67 -5.70 4.79 -17.89
N ALA A 68 -6.05 5.51 -18.95
CA ALA A 68 -7.41 5.44 -19.48
C ALA A 68 -7.91 4.00 -19.38
N ASN A 69 -7.00 3.07 -19.55
CA ASN A 69 -7.35 1.66 -19.47
C ASN A 69 -7.23 1.18 -18.03
N GLY A 70 -7.58 2.07 -17.11
CA GLY A 70 -7.53 1.76 -15.69
C GLY A 70 -6.28 0.93 -15.37
N SER A 71 -5.17 1.35 -15.96
CA SER A 71 -3.91 0.66 -15.74
C SER A 71 -2.97 1.53 -14.89
N ALA A 72 -2.87 1.17 -13.63
CA ALA A 72 -2.02 1.91 -12.70
C ALA A 72 -0.76 1.09 -12.41
N SER A 73 0.23 1.25 -13.27
CA SER A 73 1.49 0.53 -13.10
C SER A 73 2.51 1.42 -12.37
N THR A 74 2.38 1.44 -11.06
CA THR A 74 3.28 2.24 -10.24
C THR A 74 4.22 1.34 -9.45
N SER A 75 5.51 1.62 -9.58
CA SER A 75 6.52 0.84 -8.88
C SER A 75 7.00 1.58 -7.64
N LEU A 76 7.21 0.82 -6.57
CA LEU A 76 7.66 1.39 -5.32
C LEU A 76 8.43 0.34 -4.52
N THR A 77 8.80 0.71 -3.31
CA THR A 77 9.53 -0.19 -2.44
C THR A 77 8.61 -0.77 -1.37
N VAL A 78 8.66 -2.09 -1.25
CA VAL A 78 7.84 -2.78 -0.25
C VAL A 78 8.61 -2.89 1.06
N ARG A 79 8.50 -1.84 1.85
CA ARG A 79 9.17 -1.79 3.14
C ARG A 79 8.19 -2.08 4.28
N ARG A 80 8.26 -3.30 4.79
CA ARG A 80 7.39 -3.71 5.87
C ARG A 80 7.85 -3.10 7.19
N SER A 81 9.16 -2.93 7.30
CA SER A 81 9.74 -2.35 8.50
C SER A 81 9.93 -0.84 8.33
N PHE A 82 9.44 -0.11 9.32
CA PHE A 82 9.54 1.34 9.29
C PHE A 82 8.56 1.97 10.29
N GLU A 83 8.62 3.30 10.36
CA GLU A 83 7.76 4.04 11.27
C GLU A 83 6.37 4.21 10.66
N GLY A 84 5.38 3.69 11.36
CA GLY A 84 4.01 3.78 10.90
C GLY A 84 3.33 5.05 11.44
N PHE A 85 2.25 5.44 10.77
CA PHE A 85 1.51 6.62 11.16
C PHE A 85 0.01 6.34 11.20
N LEU A 86 -0.60 6.67 12.33
CA LEU A 86 -2.03 6.46 12.50
C LEU A 86 -2.80 7.40 11.57
N PHE A 87 -3.97 6.95 11.17
CA PHE A 87 -4.82 7.74 10.28
C PHE A 87 -5.56 8.82 11.06
N ASP A 88 -5.63 8.63 12.36
CA ASP A 88 -6.31 9.58 13.24
C ASP A 88 -5.63 10.95 13.13
N GLY A 89 -4.30 10.92 13.24
CA GLY A 89 -3.52 12.14 13.16
C GLY A 89 -2.14 11.95 13.81
N THR A 90 -2.09 11.02 14.75
CA THR A 90 -0.85 10.74 15.45
C THR A 90 -0.06 9.65 14.71
N ARG A 91 1.18 9.47 15.13
CA ARG A 91 2.04 8.47 14.53
C ARG A 91 2.34 7.36 15.53
N TRP A 92 2.53 6.15 15.00
CA TRP A 92 2.82 5.00 15.83
C TRP A 92 4.31 4.70 15.70
N GLY A 93 4.63 3.85 14.73
CA GLY A 93 6.02 3.48 14.50
C GLY A 93 6.12 2.01 14.09
N THR A 94 5.97 1.15 15.08
CA THR A 94 6.06 -0.29 14.84
C THR A 94 7.46 -0.69 14.42
N VAL A 95 7.89 -0.13 13.29
CA VAL A 95 9.22 -0.41 12.77
C VAL A 95 9.19 -1.76 12.03
N ASP A 96 8.21 -2.57 12.40
CA ASP A 96 8.07 -3.89 11.78
C ASP A 96 6.58 -4.19 11.57
N CYS A 97 6.15 -4.05 10.33
CA CYS A 97 4.75 -4.30 9.99
C CYS A 97 4.62 -5.76 9.59
N THR A 98 5.27 -6.62 10.36
CA THR A 98 5.23 -8.05 10.09
C THR A 98 4.06 -8.70 10.84
N THR A 99 3.50 -7.94 11.77
CA THR A 99 2.37 -8.42 12.55
C THR A 99 1.05 -8.09 11.85
N ALA A 100 0.91 -6.82 11.50
CA ALA A 100 -0.29 -6.36 10.82
C ALA A 100 -0.09 -6.45 9.30
N ALA A 101 -0.91 -7.30 8.68
CA ALA A 101 -0.82 -7.49 7.24
C ALA A 101 -0.91 -6.14 6.54
N CYS A 102 0.21 -5.73 5.96
CA CYS A 102 0.27 -4.46 5.25
C CYS A 102 -0.27 -4.68 3.84
N GLN A 103 -1.28 -3.88 3.50
CA GLN A 103 -1.89 -3.97 2.19
C GLN A 103 -1.39 -2.84 1.29
N VAL A 104 -0.72 -3.23 0.21
CA VAL A 104 -0.18 -2.26 -0.72
C VAL A 104 -1.27 -1.89 -1.75
N GLY A 105 -1.77 -0.67 -1.62
CA GLY A 105 -2.81 -0.19 -2.52
C GLY A 105 -2.80 1.35 -2.59
N LEU A 106 -3.68 1.87 -3.42
CA LEU A 106 -3.80 3.31 -3.58
C LEU A 106 -5.07 3.80 -2.89
N SER A 107 -4.88 4.64 -1.89
CA SER A 107 -6.00 5.19 -1.14
C SER A 107 -6.58 6.40 -1.88
N ASP A 108 -7.90 6.36 -2.05
CA ASP A 108 -8.59 7.43 -2.75
C ASP A 108 -8.46 8.72 -1.93
N ALA A 109 -8.71 9.84 -2.60
CA ALA A 109 -8.62 11.14 -1.95
C ALA A 109 -9.96 11.47 -1.30
N ALA A 110 -10.83 10.46 -1.25
CA ALA A 110 -12.14 10.63 -0.66
C ALA A 110 -12.08 10.23 0.82
N GLY A 111 -11.03 9.52 1.17
CA GLY A 111 -10.84 9.07 2.54
C GLY A 111 -11.22 7.60 2.70
N ASN A 112 -10.80 6.81 1.72
CA ASN A 112 -11.08 5.39 1.74
C ASN A 112 -9.86 4.61 1.22
N GLY A 113 -9.74 3.39 1.69
CA GLY A 113 -8.63 2.54 1.30
C GLY A 113 -9.10 1.12 0.97
N PRO A 114 -9.96 1.04 -0.08
CA PRO A 114 -10.50 -0.24 -0.51
C PRO A 114 -9.45 -1.04 -1.28
N GLU A 115 -8.60 -0.32 -1.98
CA GLU A 115 -7.54 -0.95 -2.75
C GLU A 115 -6.33 -1.22 -1.87
N GLY A 116 -5.71 -2.37 -2.11
CA GLY A 116 -4.54 -2.76 -1.34
C GLY A 116 -4.52 -4.27 -1.10
N VAL A 117 -3.40 -4.89 -1.47
CA VAL A 117 -3.25 -6.32 -1.30
C VAL A 117 -2.31 -6.59 -0.12
N ALA A 118 -2.81 -7.34 0.85
CA ALA A 118 -2.03 -7.68 2.03
C ALA A 118 -0.78 -8.44 1.60
N ILE A 119 0.26 -7.67 1.30
CA ILE A 119 1.52 -8.25 0.88
C ILE A 119 2.43 -8.44 2.10
N SER A 120 3.10 -9.58 2.13
CA SER A 120 4.00 -9.89 3.22
C SER A 120 3.95 -11.39 3.53
N PHE A 121 2.80 -11.84 4.01
CA PHE A 121 2.60 -13.24 4.33
C PHE A 121 3.96 -13.95 4.48
N ASN A 122 4.70 -13.54 5.50
CA ASN A 122 5.99 -14.12 5.78
C ASN A 122 5.83 -15.62 6.01
C1 NCZ B . -5.56 2.43 3.82
C6 NCZ B . -4.65 3.27 3.16
C5 NCZ B . -4.02 2.81 2.00
C7 NCZ B . -3.10 3.60 1.32
C8 NCZ B . -2.77 4.84 1.83
C9 NCZ B . -3.38 5.32 3.01
C10 NCZ B . -4.37 4.55 3.68
C11 NCZ B . -5.30 5.22 4.57
O3 NCZ B . -4.96 6.26 5.13
O4 NCZ B . -6.64 4.72 4.90
C12 NCZ B . -7.45 5.47 5.84
C13 NCZ B . -8.16 4.55 6.85
C14 NCZ B . -9.41 4.32 6.42
C15 NCZ B . -9.81 5.19 5.28
C16 NCZ B . -8.62 6.15 5.10
O6 NCZ B . -8.98 7.43 5.71
O5 NCZ B . -8.22 5.18 8.13
O2 NCZ B . -2.99 6.60 3.44
C4 NCZ B . -4.34 1.56 1.51
C3 NCZ B . -5.25 0.76 2.18
C2 NCZ B . -5.87 1.18 3.34
O1 NCZ B . -6.77 0.33 3.97
C17 NCZ B . -7.78 0.75 4.90
C18 NCZ B . -3.75 1.01 0.25
H1 NCZ B . -6.04 2.76 4.73
H7 NCZ B . -2.62 3.24 0.40
H8 NCZ B . -2.02 5.45 1.31
H12 NCZ B . -7.13 6.25 6.24
H13 NCZ B . -7.63 3.61 6.93
H14 NCZ B . -10.06 3.56 6.85
H15 NCZ B . -10.73 5.15 4.70
H16 NCZ B . -8.42 6.26 4.04
H6 NCZ B . -9.60 7.27 6.51
H5 NCZ B . -7.33 5.36 8.44
H2 NCZ B . -3.77 7.26 3.33
H3 NCZ B . -5.50 -0.22 1.77
H171 NCZ B . -8.34 -0.12 5.25
H172 NCZ B . -7.31 1.23 5.76
H173 NCZ B . -8.45 1.45 4.42
H181 NCZ B . -4.39 1.27 -0.60
H182 NCZ B . -2.76 1.45 0.10
H183 NCZ B . -3.66 -0.06 0.33
N ALA A 10 -1.96 -12.04 -13.70
CA ALA A 10 -2.01 -10.77 -12.99
C ALA A 10 -3.11 -10.81 -11.94
N ALA A 11 -3.13 -9.79 -11.10
CA ALA A 11 -4.13 -9.70 -10.05
C ALA A 11 -5.06 -8.53 -10.33
N PRO A 12 -6.17 -8.47 -9.54
CA PRO A 12 -7.14 -7.39 -9.70
C PRO A 12 -6.62 -6.08 -9.13
N THR A 13 -7.27 -5.00 -9.53
CA THR A 13 -6.88 -3.68 -9.06
C THR A 13 -5.36 -3.58 -8.93
N ALA A 14 -4.93 -2.76 -7.98
CA ALA A 14 -3.50 -2.58 -7.75
C ALA A 14 -2.99 -3.71 -6.86
N THR A 15 -2.00 -4.43 -7.37
CA THR A 15 -1.41 -5.53 -6.63
C THR A 15 0.09 -5.60 -6.90
N VAL A 16 0.83 -5.96 -5.86
CA VAL A 16 2.27 -6.08 -5.96
C VAL A 16 2.63 -7.35 -6.74
N THR A 17 3.50 -7.18 -7.72
CA THR A 17 3.92 -8.30 -8.55
C THR A 17 3.97 -9.58 -7.72
N PRO A 18 4.87 -9.56 -6.70
CA PRO A 18 5.02 -10.72 -5.83
C PRO A 18 3.86 -10.82 -4.84
N SER A 19 4.10 -11.57 -3.77
CA SER A 19 3.07 -11.77 -2.76
C SER A 19 3.73 -12.01 -1.40
N SER A 20 4.34 -13.19 -1.27
CA SER A 20 5.00 -13.57 -0.04
C SER A 20 6.51 -13.62 -0.25
N GLY A 21 7.24 -13.50 0.85
CA GLY A 21 8.69 -13.53 0.79
C GLY A 21 9.26 -12.14 0.53
N LEU A 22 8.50 -11.13 0.94
CA LEU A 22 8.91 -9.75 0.76
C LEU A 22 9.69 -9.29 1.99
N SER A 23 10.61 -8.37 1.77
CA SER A 23 11.42 -7.84 2.85
C SER A 23 11.28 -6.32 2.91
N ASP A 24 11.56 -5.78 4.09
CA ASP A 24 11.46 -4.35 4.31
C ASP A 24 12.38 -3.63 3.32
N GLY A 25 11.90 -3.50 2.09
CA GLY A 25 12.68 -2.85 1.05
C GLY A 25 12.64 -3.64 -0.25
N THR A 26 11.51 -4.31 -0.47
CA THR A 26 11.34 -5.12 -1.68
C THR A 26 10.77 -4.27 -2.81
N VAL A 27 11.63 -3.93 -3.75
CA VAL A 27 11.23 -3.13 -4.89
C VAL A 27 10.38 -3.99 -5.84
N VAL A 28 9.13 -3.59 -6.00
CA VAL A 28 8.22 -4.31 -6.87
C VAL A 28 7.33 -3.31 -7.61
N LYS A 29 6.57 -3.82 -8.56
CA LYS A 29 5.66 -3.00 -9.34
C LYS A 29 4.22 -3.41 -9.06
N VAL A 30 3.41 -2.43 -8.69
CA VAL A 30 2.01 -2.69 -8.40
C VAL A 30 1.17 -2.43 -9.66
N ALA A 31 0.66 -3.52 -10.21
CA ALA A 31 -0.16 -3.43 -11.41
C ALA A 31 -1.62 -3.21 -11.02
N GLY A 32 -2.20 -2.16 -11.58
CA GLY A 32 -3.59 -1.83 -11.29
C GLY A 32 -4.49 -2.21 -12.46
N ALA A 33 -5.54 -2.97 -12.14
CA ALA A 33 -6.49 -3.41 -13.16
C ALA A 33 -7.88 -2.92 -12.78
N GLY A 34 -8.31 -1.86 -13.46
CA GLY A 34 -9.62 -1.30 -13.21
C GLY A 34 -9.62 -0.47 -11.93
N LEU A 35 -8.46 0.10 -11.62
CA LEU A 35 -8.32 0.92 -10.43
C LEU A 35 -8.92 2.30 -10.69
N GLN A 36 -8.27 3.31 -10.13
CA GLN A 36 -8.73 4.68 -10.29
C GLN A 36 -9.26 4.89 -11.71
N ALA A 37 -8.68 4.15 -12.65
CA ALA A 37 -9.09 4.25 -14.04
C ALA A 37 -9.61 5.66 -14.31
N GLY A 38 -8.68 6.55 -14.66
CA GLY A 38 -9.03 7.93 -14.95
C GLY A 38 -8.59 8.85 -13.82
N THR A 39 -8.73 8.37 -12.59
CA THR A 39 -8.35 9.14 -11.43
C THR A 39 -6.89 8.84 -11.05
N ALA A 40 -6.56 9.16 -9.81
CA ALA A 40 -5.22 8.93 -9.31
C ALA A 40 -5.25 8.88 -7.78
N TYR A 41 -4.32 8.11 -7.23
CA TYR A 41 -4.23 7.96 -5.78
C TYR A 41 -2.77 7.83 -5.34
N ASP A 42 -2.58 7.90 -4.03
CA ASP A 42 -1.25 7.80 -3.46
C ASP A 42 -0.94 6.34 -3.16
N VAL A 43 0.10 5.84 -3.81
CA VAL A 43 0.51 4.46 -3.64
C VAL A 43 1.25 4.32 -2.30
N GLY A 44 0.99 3.22 -1.63
CA GLY A 44 1.63 2.96 -0.34
C GLY A 44 1.01 1.74 0.34
N GLN A 45 1.78 1.15 1.24
CA GLN A 45 1.31 -0.02 1.97
C GLN A 45 0.68 0.41 3.30
N CYS A 46 -0.65 0.38 3.30
CA CYS A 46 -1.39 0.77 4.50
C CYS A 46 -1.97 -0.50 5.13
N ALA A 47 -2.10 -0.46 6.44
CA ALA A 47 -2.63 -1.59 7.18
C ALA A 47 -2.76 -1.23 8.66
N TRP A 48 -3.49 -2.06 9.38
CA TRP A 48 -3.70 -1.83 10.80
C TRP A 48 -2.37 -2.04 11.52
N VAL A 49 -1.78 -0.93 11.95
CA VAL A 49 -0.50 -0.99 12.64
C VAL A 49 -0.77 -1.11 14.16
N ASP A 50 -1.68 -0.28 14.63
CA ASP A 50 -2.03 -0.28 16.04
C ASP A 50 -3.18 -1.26 16.28
N THR A 51 -3.81 -1.11 17.43
CA THR A 51 -4.93 -1.97 17.80
C THR A 51 -6.09 -1.75 16.82
N GLY A 52 -6.00 -2.39 15.68
CA GLY A 52 -7.04 -2.29 14.66
C GLY A 52 -7.07 -0.87 14.07
N VAL A 53 -5.98 -0.15 14.29
CA VAL A 53 -5.88 1.21 13.78
C VAL A 53 -5.19 1.19 12.41
N LEU A 54 -5.97 1.51 11.39
CA LEU A 54 -5.44 1.53 10.04
C LEU A 54 -4.35 2.60 9.93
N ALA A 55 -3.11 2.13 9.96
CA ALA A 55 -1.97 3.04 9.88
C ALA A 55 -1.22 2.77 8.58
N CYS A 56 -0.75 3.85 7.96
CA CYS A 56 -0.01 3.74 6.72
C CYS A 56 1.48 3.89 7.03
N ASN A 57 2.29 3.33 6.15
CA ASN A 57 3.74 3.39 6.32
C ASN A 57 4.25 4.74 5.83
N PRO A 58 5.51 5.05 6.23
CA PRO A 58 6.13 6.32 5.85
C PRO A 58 6.55 6.30 4.38
N ALA A 59 6.60 5.10 3.83
CA ALA A 59 6.98 4.93 2.43
C ALA A 59 5.74 4.60 1.60
N ASP A 60 4.59 4.82 2.21
CA ASP A 60 3.33 4.55 1.54
C ASP A 60 2.89 5.80 0.77
N PHE A 61 3.82 6.73 0.65
CA PHE A 61 3.54 7.97 -0.06
C PHE A 61 4.22 7.98 -1.44
N SER A 62 3.46 7.51 -2.43
CA SER A 62 3.97 7.46 -3.79
C SER A 62 2.84 7.76 -4.78
N SER A 63 2.57 9.06 -4.95
CA SER A 63 1.53 9.49 -5.86
C SER A 63 1.56 8.64 -7.13
N VAL A 64 0.37 8.35 -7.63
CA VAL A 64 0.24 7.55 -8.84
C VAL A 64 -1.13 7.79 -9.47
N THR A 65 -1.24 7.44 -10.73
CA THR A 65 -2.49 7.61 -11.45
C THR A 65 -2.82 6.35 -12.26
N ALA A 66 -4.11 6.14 -12.46
CA ALA A 66 -4.56 4.97 -13.21
C ALA A 66 -5.03 5.42 -14.60
N ASP A 67 -4.64 4.64 -15.59
CA ASP A 67 -5.01 4.94 -16.97
C ASP A 67 -6.50 4.65 -17.16
N ALA A 68 -7.09 5.37 -18.11
CA ALA A 68 -8.50 5.19 -18.41
C ALA A 68 -8.86 3.70 -18.32
N ASN A 69 -7.89 2.87 -18.64
CA ASN A 69 -8.09 1.43 -18.61
C ASN A 69 -7.74 0.91 -17.20
N GLY A 70 -8.10 1.71 -16.21
CA GLY A 70 -7.84 1.35 -14.83
C GLY A 70 -6.47 0.70 -14.68
N SER A 71 -5.54 1.16 -15.51
CA SER A 71 -4.18 0.63 -15.49
C SER A 71 -3.32 1.45 -14.53
N ALA A 72 -3.14 0.89 -13.34
CA ALA A 72 -2.34 1.56 -12.32
C ALA A 72 -0.99 0.85 -12.19
N SER A 73 -0.11 1.16 -13.13
CA SER A 73 1.22 0.56 -13.14
C SER A 73 2.18 1.42 -12.32
N THR A 74 2.16 1.17 -11.01
CA THR A 74 3.02 1.91 -10.10
C THR A 74 4.19 1.03 -9.63
N SER A 75 5.23 1.68 -9.17
CA SER A 75 6.41 0.98 -8.68
C SER A 75 6.86 1.56 -7.35
N LEU A 76 7.02 0.68 -6.37
CA LEU A 76 7.44 1.10 -5.04
C LEU A 76 8.12 -0.08 -4.34
N THR A 77 8.68 0.21 -3.18
CA THR A 77 9.36 -0.82 -2.39
C THR A 77 8.51 -1.20 -1.18
N VAL A 78 8.57 -2.48 -0.84
CA VAL A 78 7.83 -2.99 0.29
C VAL A 78 8.71 -2.94 1.54
N ARG A 79 8.76 -1.76 2.14
CA ARG A 79 9.56 -1.56 3.34
C ARG A 79 8.72 -1.83 4.59
N ARG A 80 8.31 -3.09 4.72
CA ARG A 80 7.50 -3.50 5.86
C ARG A 80 7.99 -2.81 7.14
N SER A 81 9.31 -2.60 7.19
CA SER A 81 9.92 -1.96 8.34
C SER A 81 9.93 -0.44 8.15
N PHE A 82 9.45 0.25 9.16
CA PHE A 82 9.40 1.71 9.12
C PHE A 82 8.43 2.26 10.17
N GLU A 83 8.42 3.58 10.29
CA GLU A 83 7.54 4.23 11.24
C GLU A 83 6.13 4.38 10.66
N GLY A 84 5.20 3.66 11.26
CA GLY A 84 3.82 3.69 10.81
C GLY A 84 3.10 4.91 11.39
N PHE A 85 1.97 5.23 10.77
CA PHE A 85 1.18 6.37 11.21
C PHE A 85 -0.32 6.04 11.17
N LEU A 86 -0.99 6.39 12.26
CA LEU A 86 -2.42 6.13 12.37
C LEU A 86 -3.17 7.08 11.44
N PHE A 87 -4.38 6.66 11.08
CA PHE A 87 -5.21 7.46 10.19
C PHE A 87 -6.04 8.48 10.98
N ASP A 88 -6.15 8.23 12.28
CA ASP A 88 -6.91 9.10 13.15
C ASP A 88 -6.27 10.48 13.15
N GLY A 89 -4.96 10.50 13.31
CA GLY A 89 -4.22 11.75 13.33
C GLY A 89 -2.85 11.57 13.99
N THR A 90 -2.77 10.58 14.85
CA THR A 90 -1.54 10.29 15.56
C THR A 90 -0.69 9.29 14.77
N ARG A 91 0.55 9.13 15.21
CA ARG A 91 1.47 8.21 14.55
C ARG A 91 1.81 7.04 15.48
N TRP A 92 2.12 5.91 14.85
CA TRP A 92 2.46 4.72 15.61
C TRP A 92 3.98 4.53 15.53
N GLY A 93 4.39 3.86 14.47
CA GLY A 93 5.81 3.60 14.26
C GLY A 93 6.07 2.11 14.01
N THR A 94 6.17 1.37 15.10
CA THR A 94 6.41 -0.07 15.01
C THR A 94 7.81 -0.34 14.48
N VAL A 95 8.05 0.14 13.26
CA VAL A 95 9.34 -0.04 12.62
C VAL A 95 9.37 -1.40 11.92
N ASP A 96 8.46 -2.27 12.34
CA ASP A 96 8.38 -3.60 11.77
C ASP A 96 6.90 -3.98 11.58
N CYS A 97 6.45 -3.86 10.34
CA CYS A 97 5.08 -4.17 10.01
C CYS A 97 5.01 -5.64 9.58
N THR A 98 5.69 -6.48 10.36
CA THR A 98 5.73 -7.90 10.06
C THR A 98 4.58 -8.62 10.79
N THR A 99 3.96 -7.90 11.71
CA THR A 99 2.86 -8.45 12.48
C THR A 99 1.54 -8.22 11.75
N ALA A 100 1.30 -6.96 11.41
CA ALA A 100 0.08 -6.60 10.71
C ALA A 100 0.34 -6.60 9.20
N ALA A 101 -0.29 -7.56 8.53
CA ALA A 101 -0.13 -7.68 7.10
C ALA A 101 -0.31 -6.31 6.45
N CYS A 102 0.77 -5.80 5.89
CA CYS A 102 0.75 -4.50 5.24
C CYS A 102 0.17 -4.68 3.84
N GLN A 103 -0.85 -3.89 3.55
CA GLN A 103 -1.50 -3.96 2.24
C GLN A 103 -0.94 -2.88 1.32
N VAL A 104 -0.31 -3.33 0.24
CA VAL A 104 0.26 -2.40 -0.72
C VAL A 104 -0.80 -2.01 -1.75
N GLY A 105 -1.06 -0.70 -1.81
CA GLY A 105 -2.04 -0.19 -2.73
C GLY A 105 -2.10 1.35 -2.68
N LEU A 106 -2.95 1.91 -3.52
CA LEU A 106 -3.10 3.36 -3.57
C LEU A 106 -4.42 3.75 -2.90
N SER A 107 -4.33 4.71 -2.00
CA SER A 107 -5.50 5.18 -1.29
C SER A 107 -5.97 6.51 -1.87
N ASP A 108 -7.17 6.91 -1.48
CA ASP A 108 -7.75 8.16 -1.96
C ASP A 108 -7.35 9.30 -1.03
N ALA A 109 -7.38 10.50 -1.56
CA ALA A 109 -7.03 11.68 -0.79
C ALA A 109 -8.27 12.24 -0.11
N ALA A 110 -9.37 11.52 -0.27
CA ALA A 110 -10.64 11.93 0.32
C ALA A 110 -10.89 11.10 1.59
N GLY A 111 -10.42 9.87 1.56
CA GLY A 111 -10.59 8.98 2.70
C GLY A 111 -11.69 7.95 2.43
N ASN A 112 -11.57 7.29 1.29
CA ASN A 112 -12.54 6.28 0.90
C ASN A 112 -11.87 4.91 0.87
N GLY A 113 -12.68 3.87 1.07
CA GLY A 113 -12.17 2.52 1.06
C GLY A 113 -11.02 2.36 0.07
N PRO A 114 -9.78 2.51 0.59
CA PRO A 114 -8.59 2.38 -0.24
C PRO A 114 -8.31 0.92 -0.59
N GLU A 115 -7.83 0.71 -1.80
CA GLU A 115 -7.52 -0.62 -2.27
C GLU A 115 -6.06 -0.98 -1.96
N GLY A 116 -5.89 -2.14 -1.34
CA GLY A 116 -4.55 -2.60 -0.98
C GLY A 116 -4.53 -4.12 -0.82
N VAL A 117 -3.42 -4.71 -1.22
CA VAL A 117 -3.25 -6.15 -1.13
C VAL A 117 -2.31 -6.48 0.03
N ALA A 118 -2.85 -7.21 1.00
CA ALA A 118 -2.06 -7.60 2.16
C ALA A 118 -0.87 -8.45 1.71
N ILE A 119 0.21 -7.76 1.36
CA ILE A 119 1.41 -8.44 0.90
C ILE A 119 2.47 -8.37 2.02
N SER A 120 3.43 -9.28 1.92
CA SER A 120 4.49 -9.35 2.90
C SER A 120 5.00 -10.78 3.04
N PHE A 121 4.05 -11.69 3.22
CA PHE A 121 4.39 -13.10 3.37
C PHE A 121 3.13 -13.97 3.35
N ASN A 122 3.35 -15.27 3.47
CA ASN A 122 2.25 -16.21 3.46
C ASN A 122 1.64 -16.30 4.87
C1 NCZ B . -5.40 2.17 3.42
C6 NCZ B . -4.50 3.04 2.82
C5 NCZ B . -3.76 2.60 1.70
C7 NCZ B . -2.83 3.42 1.08
C8 NCZ B . -2.60 4.68 1.59
C9 NCZ B . -3.31 5.15 2.70
C10 NCZ B . -4.32 4.35 3.32
C11 NCZ B . -5.33 4.98 4.13
O3 NCZ B . -5.09 6.04 4.70
O4 NCZ B . -6.66 4.41 4.38
C12 NCZ B . -7.63 5.21 5.14
C13 NCZ B . -8.78 4.36 5.66
C14 NCZ B . -9.82 4.45 4.81
C15 NCZ B . -9.64 5.50 3.79
C16 NCZ B . -8.33 6.21 4.19
O6 NCZ B . -8.67 7.46 4.87
O5 NCZ B . -9.20 4.83 6.95
O2 NCZ B . -3.01 6.45 3.14
C4 NCZ B . -3.98 1.32 1.22
C3 NCZ B . -4.91 0.49 1.84
C2 NCZ B . -5.61 0.89 2.94
O1 NCZ B . -6.51 0.02 3.53
C17 NCZ B . -7.61 0.39 4.39
C18 NCZ B . -3.28 0.78 0.02
H1 NCZ B . -5.96 2.50 4.29
H7 NCZ B . -2.29 3.07 0.20
H8 NCZ B . -1.85 5.32 1.11
H12 NCZ B . -7.32 5.94 5.66
H13 NCZ B . -8.47 3.32 5.74
H14 NCZ B . -10.70 3.81 4.86
H15 NCZ B . -10.29 5.74 2.94
H16 NCZ B . -7.76 6.40 3.29
H6 NCZ B . -9.55 7.33 5.39
H5 NCZ B . -8.46 4.77 7.55
H2 NCZ B . -3.82 7.06 2.95
H3 NCZ B . -5.07 -0.52 1.44
H171 NCZ B . -8.15 -0.50 4.71
H172 NCZ B . -7.22 0.92 5.27
H173 NCZ B . -8.28 1.06 3.84
H181 NCZ B . -3.87 1.00 -0.87
H182 NCZ B . -2.30 1.27 -0.08
H183 NCZ B . -3.15 -0.29 0.13
N ALA A 10 -3.90 -13.47 -13.47
CA ALA A 10 -4.70 -12.65 -12.59
C ALA A 10 -4.09 -11.24 -12.53
N ALA A 11 -4.82 -10.34 -11.88
CA ALA A 11 -4.36 -8.96 -11.75
C ALA A 11 -5.49 -8.12 -11.15
N PRO A 12 -5.82 -8.42 -9.86
CA PRO A 12 -6.86 -7.70 -9.17
C PRO A 12 -6.38 -6.31 -8.74
N THR A 13 -6.90 -5.30 -9.43
CA THR A 13 -6.53 -3.93 -9.14
C THR A 13 -5.01 -3.80 -9.00
N ALA A 14 -4.61 -2.89 -8.13
CA ALA A 14 -3.20 -2.66 -7.89
C ALA A 14 -2.65 -3.76 -6.97
N THR A 15 -1.64 -4.45 -7.47
CA THR A 15 -1.02 -5.52 -6.72
C THR A 15 0.50 -5.52 -6.92
N VAL A 16 1.21 -5.83 -5.85
CA VAL A 16 2.66 -5.87 -5.91
C VAL A 16 3.11 -7.23 -6.46
N THR A 17 4.11 -7.16 -7.33
CA THR A 17 4.64 -8.37 -7.94
C THR A 17 4.68 -9.51 -6.93
N PRO A 18 5.29 -9.22 -5.74
CA PRO A 18 5.39 -10.21 -4.69
C PRO A 18 4.05 -10.40 -3.99
N SER A 19 4.09 -11.20 -2.93
CA SER A 19 2.88 -11.47 -2.17
C SER A 19 3.25 -11.81 -0.71
N SER A 20 4.32 -12.58 -0.57
CA SER A 20 4.78 -12.98 0.74
C SER A 20 6.30 -13.07 0.76
N GLY A 21 6.85 -13.26 1.95
CA GLY A 21 8.29 -13.37 2.11
C GLY A 21 8.98 -12.09 1.63
N LEU A 22 8.27 -11.00 1.71
CA LEU A 22 8.81 -9.71 1.29
C LEU A 22 10.22 -9.55 1.85
N SER A 23 10.88 -8.49 1.41
CA SER A 23 12.22 -8.21 1.86
C SER A 23 12.35 -6.73 2.26
N ASP A 24 13.24 -6.49 3.21
CA ASP A 24 13.46 -5.14 3.70
C ASP A 24 13.39 -4.16 2.52
N GLY A 25 12.21 -3.62 2.30
CA GLY A 25 11.99 -2.68 1.21
C GLY A 25 12.20 -3.36 -0.14
N THR A 26 11.33 -4.32 -0.42
CA THR A 26 11.39 -5.04 -1.68
C THR A 26 10.83 -4.20 -2.82
N VAL A 27 11.72 -3.74 -3.68
CA VAL A 27 11.32 -2.93 -4.81
C VAL A 27 10.68 -3.82 -5.88
N VAL A 28 9.42 -3.52 -6.18
CA VAL A 28 8.70 -4.28 -7.17
C VAL A 28 7.76 -3.35 -7.94
N LYS A 29 7.01 -3.94 -8.86
CA LYS A 29 6.07 -3.18 -9.67
C LYS A 29 4.64 -3.49 -9.21
N VAL A 30 3.83 -2.45 -9.14
CA VAL A 30 2.44 -2.60 -8.72
C VAL A 30 1.52 -2.29 -9.91
N ALA A 31 1.05 -3.37 -10.54
CA ALA A 31 0.16 -3.22 -11.67
C ALA A 31 -1.29 -3.15 -11.19
N GLY A 32 -2.00 -2.16 -11.72
CA GLY A 32 -3.39 -1.98 -11.34
C GLY A 32 -4.32 -2.28 -12.51
N ALA A 33 -5.03 -3.39 -12.38
CA ALA A 33 -5.96 -3.81 -13.43
C ALA A 33 -7.39 -3.42 -13.02
N GLY A 34 -7.92 -2.43 -13.73
CA GLY A 34 -9.26 -1.94 -13.45
C GLY A 34 -9.30 -1.13 -12.15
N LEU A 35 -8.23 -0.38 -11.93
CA LEU A 35 -8.13 0.44 -10.74
C LEU A 35 -8.86 1.76 -10.96
N GLN A 36 -8.14 2.85 -10.77
CA GLN A 36 -8.71 4.17 -10.96
C GLN A 36 -9.61 4.19 -12.19
N ALA A 37 -9.34 3.27 -13.10
CA ALA A 37 -10.11 3.17 -14.33
C ALA A 37 -9.84 4.40 -15.20
N GLY A 38 -8.86 5.18 -14.77
CA GLY A 38 -8.49 6.39 -15.50
C GLY A 38 -8.23 7.55 -14.54
N THR A 39 -8.61 7.33 -13.28
CA THR A 39 -8.44 8.35 -12.26
C THR A 39 -6.99 8.35 -11.76
N ALA A 40 -6.79 9.06 -10.66
CA ALA A 40 -5.46 9.14 -10.06
C ALA A 40 -5.59 9.19 -8.54
N TYR A 41 -4.63 8.57 -7.88
CA TYR A 41 -4.63 8.52 -6.42
C TYR A 41 -3.21 8.44 -5.88
N ASP A 42 -3.11 8.12 -4.60
CA ASP A 42 -1.82 8.00 -3.95
C ASP A 42 -1.59 6.55 -3.52
N VAL A 43 -0.44 6.02 -3.93
CA VAL A 43 -0.10 4.65 -3.61
C VAL A 43 0.65 4.62 -2.28
N GLY A 44 0.50 3.51 -1.57
CA GLY A 44 1.14 3.33 -0.28
C GLY A 44 0.61 2.10 0.44
N GLN A 45 1.46 1.53 1.28
CA GLN A 45 1.09 0.35 2.03
C GLN A 45 0.54 0.75 3.41
N CYS A 46 -0.78 0.67 3.54
CA CYS A 46 -1.43 1.02 4.78
C CYS A 46 -1.90 -0.27 5.46
N ALA A 47 -1.98 -0.21 6.78
CA ALA A 47 -2.41 -1.37 7.56
C ALA A 47 -2.45 -1.00 9.04
N TRP A 48 -3.17 -1.80 9.80
CA TRP A 48 -3.30 -1.57 11.23
C TRP A 48 -1.91 -1.68 11.86
N VAL A 49 -1.45 -0.55 12.40
CA VAL A 49 -0.14 -0.50 13.03
C VAL A 49 -0.31 -0.55 14.55
N ASP A 50 -1.30 0.17 15.03
CA ASP A 50 -1.59 0.22 16.45
C ASP A 50 -2.44 -0.99 16.84
N THR A 51 -3.19 -0.82 17.91
CA THR A 51 -4.06 -1.87 18.41
C THR A 51 -5.40 -1.84 17.67
N GLY A 52 -5.32 -1.89 16.35
CA GLY A 52 -6.52 -1.86 15.53
C GLY A 52 -6.68 -0.51 14.83
N VAL A 53 -5.68 0.34 15.03
CA VAL A 53 -5.69 1.66 14.41
C VAL A 53 -4.99 1.60 13.06
N LEU A 54 -5.77 1.84 12.01
CA LEU A 54 -5.23 1.80 10.66
C LEU A 54 -4.17 2.90 10.51
N ALA A 55 -2.92 2.46 10.43
CA ALA A 55 -1.81 3.39 10.30
C ALA A 55 -1.08 3.10 8.97
N CYS A 56 -0.67 4.19 8.32
CA CYS A 56 0.03 4.07 7.06
C CYS A 56 1.53 4.23 7.32
N ASN A 57 2.32 3.72 6.39
CA ASN A 57 3.77 3.79 6.51
C ASN A 57 4.26 5.11 5.90
N PRO A 58 5.58 5.39 6.12
CA PRO A 58 6.17 6.60 5.60
C PRO A 58 6.42 6.49 4.09
N ALA A 59 6.31 5.27 3.60
CA ALA A 59 6.50 5.01 2.18
C ALA A 59 5.15 4.75 1.51
N ASP A 60 4.10 5.15 2.21
CA ASP A 60 2.75 4.96 1.71
C ASP A 60 2.36 6.18 0.86
N PHE A 61 3.33 7.07 0.68
CA PHE A 61 3.10 8.27 -0.10
C PHE A 61 3.83 8.21 -1.44
N SER A 62 3.11 7.74 -2.45
CA SER A 62 3.68 7.62 -3.78
C SER A 62 2.58 7.78 -4.83
N SER A 63 2.32 9.03 -5.19
CA SER A 63 1.31 9.34 -6.17
C SER A 63 1.24 8.22 -7.22
N VAL A 64 0.04 8.02 -7.74
CA VAL A 64 -0.17 6.98 -8.75
C VAL A 64 -1.36 7.37 -9.62
N THR A 65 -1.41 6.77 -10.80
CA THR A 65 -2.49 7.05 -11.74
C THR A 65 -2.72 5.84 -12.65
N ALA A 66 -3.99 5.54 -12.87
CA ALA A 66 -4.36 4.42 -13.73
C ALA A 66 -4.86 4.95 -15.07
N ASP A 67 -4.30 4.38 -16.13
CA ASP A 67 -4.67 4.79 -17.48
C ASP A 67 -6.17 4.56 -17.67
N ALA A 68 -6.71 5.26 -18.66
CA ALA A 68 -8.13 5.14 -18.96
C ALA A 68 -8.57 3.69 -18.78
N ASN A 69 -7.65 2.79 -19.09
CA ASN A 69 -7.93 1.36 -18.96
C ASN A 69 -7.60 0.90 -17.55
N GLY A 70 -7.88 1.78 -16.59
CA GLY A 70 -7.62 1.48 -15.20
C GLY A 70 -6.28 0.74 -15.03
N SER A 71 -5.31 1.14 -15.84
CA SER A 71 -4.00 0.55 -15.79
C SER A 71 -3.04 1.41 -14.97
N ALA A 72 -2.94 1.06 -13.69
CA ALA A 72 -2.08 1.79 -12.78
C ALA A 72 -0.84 0.94 -12.48
N SER A 73 0.18 1.11 -13.32
CA SER A 73 1.41 0.38 -13.15
C SER A 73 2.45 1.24 -12.40
N THR A 74 2.28 1.28 -11.09
CA THR A 74 3.19 2.06 -10.25
C THR A 74 4.12 1.14 -9.46
N SER A 75 5.40 1.47 -9.49
CA SER A 75 6.39 0.68 -8.78
C SER A 75 6.68 1.31 -7.41
N LEU A 76 6.87 0.44 -6.44
CA LEU A 76 7.15 0.88 -5.08
C LEU A 76 7.96 -0.18 -4.34
N THR A 77 8.48 0.21 -3.20
CA THR A 77 9.28 -0.71 -2.39
C THR A 77 8.48 -1.19 -1.17
N VAL A 78 8.56 -2.49 -0.94
CA VAL A 78 7.84 -3.09 0.18
C VAL A 78 8.72 -3.01 1.43
N ARG A 79 8.59 -1.90 2.13
CA ARG A 79 9.37 -1.70 3.35
C ARG A 79 8.63 -2.29 4.56
N ARG A 80 8.87 -3.57 4.79
CA ARG A 80 8.24 -4.26 5.89
C ARG A 80 8.48 -3.51 7.20
N SER A 81 9.66 -2.90 7.29
CA SER A 81 10.03 -2.13 8.47
C SER A 81 9.93 -0.64 8.19
N PHE A 82 9.22 0.05 9.07
CA PHE A 82 9.04 1.49 8.91
C PHE A 82 8.24 2.07 10.09
N GLU A 83 8.10 3.38 10.08
CA GLU A 83 7.36 4.06 11.13
C GLU A 83 5.90 4.26 10.72
N GLY A 84 5.03 3.52 11.37
CA GLY A 84 3.60 3.61 11.07
C GLY A 84 3.02 4.92 11.60
N PHE A 85 1.95 5.35 10.95
CA PHE A 85 1.28 6.59 11.33
C PHE A 85 -0.23 6.37 11.54
N LEU A 86 -0.65 6.52 12.78
CA LEU A 86 -2.05 6.34 13.11
C LEU A 86 -2.91 7.23 12.20
N PHE A 87 -4.16 6.81 12.03
CA PHE A 87 -5.07 7.56 11.19
C PHE A 87 -5.55 8.83 11.89
N ASP A 88 -5.63 8.75 13.20
CA ASP A 88 -6.05 9.89 14.00
C ASP A 88 -5.19 11.10 13.65
N GLY A 89 -3.88 10.89 13.69
CA GLY A 89 -2.95 11.95 13.39
C GLY A 89 -1.59 11.69 14.05
N THR A 90 -1.63 10.89 15.11
CA THR A 90 -0.42 10.55 15.84
C THR A 90 0.35 9.44 15.12
N ARG A 91 1.65 9.44 15.34
CA ARG A 91 2.51 8.44 14.72
C ARG A 91 2.82 7.32 15.71
N TRP A 92 2.72 6.09 15.21
CA TRP A 92 2.98 4.92 16.04
C TRP A 92 4.42 4.47 15.78
N GLY A 93 4.57 3.61 14.79
CA GLY A 93 5.89 3.09 14.43
C GLY A 93 5.79 1.65 13.96
N THR A 94 5.61 0.76 14.91
CA THR A 94 5.50 -0.67 14.60
C THR A 94 6.86 -1.20 14.11
N VAL A 95 7.38 -0.55 13.08
CA VAL A 95 8.65 -0.96 12.51
C VAL A 95 8.47 -2.24 11.71
N ASP A 96 8.90 -3.35 12.30
CA ASP A 96 8.80 -4.64 11.65
C ASP A 96 7.32 -4.98 11.44
N CYS A 97 6.91 -4.96 10.18
CA CYS A 97 5.54 -5.26 9.83
C CYS A 97 5.40 -6.78 9.65
N THR A 98 5.93 -7.50 10.62
CA THR A 98 5.88 -8.96 10.58
C THR A 98 4.66 -9.47 11.32
N THR A 99 4.10 -8.60 12.16
CA THR A 99 2.93 -8.95 12.94
C THR A 99 1.65 -8.62 12.16
N ALA A 100 1.54 -7.37 11.78
CA ALA A 100 0.38 -6.91 11.03
C ALA A 100 0.66 -7.03 9.53
N ALA A 101 -0.40 -7.32 8.78
CA ALA A 101 -0.28 -7.47 7.35
C ALA A 101 -0.34 -6.10 6.68
N CYS A 102 0.73 -5.76 5.99
CA CYS A 102 0.80 -4.47 5.31
C CYS A 102 0.10 -4.60 3.96
N GLN A 103 -0.92 -3.77 3.78
CA GLN A 103 -1.69 -3.79 2.55
C GLN A 103 -1.19 -2.70 1.60
N VAL A 104 -0.63 -3.15 0.48
CA VAL A 104 -0.10 -2.23 -0.51
C VAL A 104 -1.22 -1.85 -1.49
N GLY A 105 -1.59 -0.57 -1.44
CA GLY A 105 -2.64 -0.07 -2.31
C GLY A 105 -2.65 1.46 -2.32
N LEU A 106 -3.57 2.01 -3.11
CA LEU A 106 -3.70 3.45 -3.21
C LEU A 106 -4.96 3.90 -2.49
N SER A 107 -4.86 5.07 -1.86
CA SER A 107 -5.98 5.62 -1.12
C SER A 107 -6.84 6.50 -2.05
N ASP A 108 -8.11 6.64 -1.68
CA ASP A 108 -9.03 7.43 -2.46
C ASP A 108 -9.10 8.85 -1.88
N ALA A 109 -9.53 9.78 -2.72
CA ALA A 109 -9.65 11.17 -2.30
C ALA A 109 -10.93 11.34 -1.49
N ALA A 110 -11.66 10.24 -1.35
CA ALA A 110 -12.91 10.26 -0.60
C ALA A 110 -12.65 9.75 0.82
N GLY A 111 -11.45 9.25 1.03
CA GLY A 111 -11.06 8.73 2.34
C GLY A 111 -11.95 7.55 2.73
N ASN A 112 -12.04 6.59 1.82
CA ASN A 112 -12.84 5.40 2.06
C ASN A 112 -11.97 4.15 1.86
N GLY A 113 -12.32 3.11 2.60
CA GLY A 113 -11.58 1.86 2.51
C GLY A 113 -11.09 1.60 1.08
N PRO A 114 -9.81 1.98 0.84
CA PRO A 114 -9.21 1.80 -0.47
C PRO A 114 -8.86 0.34 -0.71
N GLU A 115 -8.37 0.07 -1.91
CA GLU A 115 -7.99 -1.29 -2.28
C GLU A 115 -6.52 -1.54 -1.93
N GLY A 116 -6.33 -2.33 -0.88
CA GLY A 116 -4.99 -2.66 -0.43
C GLY A 116 -4.78 -4.18 -0.37
N VAL A 117 -3.68 -4.61 -0.94
CA VAL A 117 -3.35 -6.03 -0.97
C VAL A 117 -2.32 -6.33 0.12
N ALA A 118 -2.71 -7.19 1.04
CA ALA A 118 -1.83 -7.57 2.14
C ALA A 118 -0.57 -8.24 1.58
N ILE A 119 0.37 -7.40 1.18
CA ILE A 119 1.62 -7.88 0.63
C ILE A 119 2.72 -7.83 1.71
N SER A 120 3.34 -8.98 1.93
CA SER A 120 4.40 -9.07 2.91
C SER A 120 4.55 -10.52 3.39
N PHE A 121 3.43 -11.09 3.83
CA PHE A 121 3.42 -12.46 4.30
C PHE A 121 1.99 -13.00 4.40
N ASN A 122 1.60 -13.72 3.36
CA ASN A 122 0.26 -14.29 3.32
C ASN A 122 -0.01 -15.05 4.62
C1 NCZ B . -5.53 2.40 3.86
C6 NCZ B . -4.64 3.23 3.16
C5 NCZ B . -3.98 2.71 2.03
C7 NCZ B . -3.07 3.49 1.31
C8 NCZ B . -2.79 4.78 1.75
C9 NCZ B . -3.44 5.31 2.87
C10 NCZ B . -4.42 4.55 3.58
C11 NCZ B . -5.37 5.25 4.43
O3 NCZ B . -5.07 6.33 4.93
O4 NCZ B . -6.69 4.72 4.78
C12 NCZ B . -7.51 5.46 5.75
C13 NCZ B . -7.40 4.85 7.15
C14 NCZ B . -8.43 4.02 7.36
C15 NCZ B . -9.48 4.13 6.31
C16 NCZ B . -9.00 5.28 5.42
O6 NCZ B . -9.78 6.47 5.77
O5 NCZ B . -7.43 5.88 8.14
O2 NCZ B . -3.09 6.61 3.24
C4 NCZ B . -4.26 1.43 1.63
C3 NCZ B . -5.16 0.65 2.33
C2 NCZ B . -5.80 1.11 3.45
O1 NCZ B . -6.68 0.28 4.13
C17 NCZ B . -7.72 0.73 5.02
C18 NCZ B . -3.63 0.82 0.41
H1 NCZ B . -6.03 2.78 4.74
H7 NCZ B . -2.59 3.09 0.42
H8 NCZ B . -2.06 5.38 1.20
H12 NCZ B . -7.27 6.31 6.01
H13 NCZ B . -6.47 4.27 7.24
H14 NCZ B . -8.49 3.33 8.20
H15 NCZ B . -10.38 3.53 6.19
H16 NCZ B . -9.16 5.00 4.38
H6 NCZ B . -10.00 6.45 6.77
H5 NCZ B . -6.69 6.47 8.00
H2 NCZ B . -3.89 7.24 3.07
H3 NCZ B . -5.36 -0.37 1.98
H171 NCZ B . -8.25 -0.14 5.42
H172 NCZ B . -7.27 1.28 5.85
H173 NCZ B . -8.41 1.37 4.49
H181 NCZ B . -4.27 0.99 -0.46
H182 NCZ B . -2.65 1.27 0.24
H183 NCZ B . -3.51 -0.25 0.56
N ALA A 10 -4.69 -12.21 -11.25
CA ALA A 10 -5.30 -12.02 -12.57
C ALA A 10 -5.44 -10.52 -12.85
N ALA A 11 -6.45 -9.92 -12.21
CA ALA A 11 -6.70 -8.51 -12.38
C ALA A 11 -7.20 -7.92 -11.06
N PRO A 12 -6.47 -8.27 -9.97
CA PRO A 12 -6.83 -7.78 -8.64
C PRO A 12 -6.45 -6.31 -8.48
N THR A 13 -6.91 -5.50 -9.41
CA THR A 13 -6.63 -4.07 -9.38
C THR A 13 -5.13 -3.83 -9.15
N ALA A 14 -4.85 -3.13 -8.07
CA ALA A 14 -3.47 -2.83 -7.71
C ALA A 14 -2.91 -3.95 -6.84
N THR A 15 -1.81 -4.53 -7.32
CA THR A 15 -1.17 -5.62 -6.60
C THR A 15 0.34 -5.60 -6.85
N VAL A 16 1.07 -6.11 -5.85
CA VAL A 16 2.52 -6.15 -5.95
C VAL A 16 2.93 -7.41 -6.72
N THR A 17 3.84 -7.21 -7.67
CA THR A 17 4.33 -8.31 -8.48
C THR A 17 4.36 -9.60 -7.65
N PRO A 18 5.17 -9.57 -6.57
CA PRO A 18 5.31 -10.72 -5.70
C PRO A 18 4.07 -10.88 -4.82
N SER A 19 4.24 -11.63 -3.73
CA SER A 19 3.16 -11.88 -2.80
C SER A 19 3.72 -12.14 -1.41
N SER A 20 4.49 -13.21 -1.30
CA SER A 20 5.08 -13.57 -0.02
C SER A 20 6.60 -13.70 -0.17
N GLY A 21 7.29 -13.67 0.96
CA GLY A 21 8.73 -13.78 0.97
C GLY A 21 9.40 -12.43 0.67
N LEU A 22 8.62 -11.38 0.87
CA LEU A 22 9.12 -10.03 0.62
C LEU A 22 10.10 -9.64 1.73
N SER A 23 10.91 -8.64 1.42
CA SER A 23 11.90 -8.17 2.38
C SER A 23 11.71 -6.67 2.62
N ASP A 24 12.09 -6.25 3.81
CA ASP A 24 11.98 -4.85 4.18
C ASP A 24 12.76 -3.99 3.20
N GLY A 25 12.14 -3.74 2.06
CA GLY A 25 12.77 -2.94 1.02
C GLY A 25 12.82 -3.69 -0.31
N THR A 26 11.75 -4.44 -0.56
CA THR A 26 11.66 -5.20 -1.79
C THR A 26 11.04 -4.36 -2.91
N VAL A 27 11.91 -3.93 -3.82
CA VAL A 27 11.46 -3.12 -4.94
C VAL A 27 10.73 -4.00 -5.96
N VAL A 28 9.47 -3.68 -6.18
CA VAL A 28 8.66 -4.44 -7.12
C VAL A 28 7.75 -3.48 -7.90
N LYS A 29 7.01 -4.05 -8.83
CA LYS A 29 6.10 -3.26 -9.64
C LYS A 29 4.65 -3.59 -9.27
N VAL A 30 3.89 -2.54 -9.00
CA VAL A 30 2.49 -2.71 -8.63
C VAL A 30 1.60 -2.41 -9.83
N ALA A 31 1.02 -3.46 -10.37
CA ALA A 31 0.14 -3.32 -11.53
C ALA A 31 -1.29 -3.09 -11.04
N GLY A 32 -1.93 -2.10 -11.64
CA GLY A 32 -3.30 -1.77 -11.29
C GLY A 32 -4.27 -2.17 -12.40
N ALA A 33 -4.71 -3.42 -12.34
CA ALA A 33 -5.63 -3.94 -13.33
C ALA A 33 -7.06 -3.54 -12.96
N GLY A 34 -7.47 -2.38 -13.44
CA GLY A 34 -8.80 -1.88 -13.16
C GLY A 34 -8.80 -0.95 -11.94
N LEU A 35 -7.67 -0.28 -11.75
CA LEU A 35 -7.52 0.63 -10.63
C LEU A 35 -8.22 1.95 -10.96
N GLN A 36 -7.50 3.03 -10.77
CA GLN A 36 -8.04 4.36 -11.04
C GLN A 36 -8.19 4.58 -12.55
N ALA A 37 -9.40 4.36 -13.02
CA ALA A 37 -9.68 4.53 -14.44
C ALA A 37 -9.32 5.95 -14.86
N GLY A 38 -8.08 6.10 -15.32
CA GLY A 38 -7.60 7.40 -15.76
C GLY A 38 -7.49 8.36 -14.58
N THR A 39 -7.71 7.83 -13.39
CA THR A 39 -7.64 8.64 -12.18
C THR A 39 -6.21 8.64 -11.62
N ALA A 40 -6.04 9.39 -10.55
CA ALA A 40 -4.73 9.49 -9.91
C ALA A 40 -4.92 9.66 -8.41
N TYR A 41 -4.44 8.67 -7.67
CA TYR A 41 -4.54 8.70 -6.21
C TYR A 41 -3.16 8.60 -5.56
N ASP A 42 -3.18 8.35 -4.26
CA ASP A 42 -1.94 8.22 -3.51
C ASP A 42 -1.66 6.74 -3.24
N VAL A 43 -0.50 6.29 -3.71
CA VAL A 43 -0.12 4.91 -3.51
C VAL A 43 0.69 4.78 -2.22
N GLY A 44 0.41 3.70 -1.49
CA GLY A 44 1.09 3.45 -0.24
C GLY A 44 0.49 2.24 0.47
N GLN A 45 1.33 1.60 1.29
CA GLN A 45 0.89 0.42 2.03
C GLN A 45 0.37 0.84 3.41
N CYS A 46 -0.93 0.67 3.58
CA CYS A 46 -1.56 1.02 4.85
C CYS A 46 -1.97 -0.27 5.55
N ALA A 47 -2.03 -0.20 6.88
CA ALA A 47 -2.41 -1.35 7.68
C ALA A 47 -2.46 -0.95 9.15
N TRP A 48 -3.19 -1.75 9.92
CA TRP A 48 -3.33 -1.49 11.34
C TRP A 48 -1.94 -1.63 11.99
N VAL A 49 -1.46 -0.52 12.52
CA VAL A 49 -0.15 -0.52 13.16
C VAL A 49 -0.34 -0.66 14.67
N ASP A 50 -1.33 0.06 15.19
CA ASP A 50 -1.61 0.03 16.61
C ASP A 50 -2.50 -1.18 16.91
N THR A 51 -3.27 -1.06 17.98
CA THR A 51 -4.16 -2.13 18.40
C THR A 51 -5.45 -2.09 17.57
N GLY A 52 -5.27 -2.08 16.26
CA GLY A 52 -6.41 -2.04 15.35
C GLY A 52 -6.54 -0.66 14.70
N VAL A 53 -5.63 0.21 15.06
CA VAL A 53 -5.64 1.57 14.52
C VAL A 53 -4.97 1.57 13.14
N LEU A 54 -5.77 1.82 12.13
CA LEU A 54 -5.27 1.85 10.76
C LEU A 54 -4.20 2.92 10.65
N ALA A 55 -2.96 2.47 10.52
CA ALA A 55 -1.84 3.39 10.39
C ALA A 55 -1.13 3.14 9.06
N CYS A 56 -0.75 4.23 8.41
CA CYS A 56 -0.07 4.14 7.13
C CYS A 56 1.42 4.38 7.38
N ASN A 57 2.22 3.88 6.44
CA ASN A 57 3.67 4.03 6.54
C ASN A 57 4.08 5.37 5.91
N PRO A 58 5.35 5.77 6.22
CA PRO A 58 5.88 7.01 5.69
C PRO A 58 6.23 6.87 4.22
N ALA A 59 6.19 5.64 3.73
CA ALA A 59 6.51 5.37 2.34
C ALA A 59 5.21 5.07 1.58
N ASP A 60 4.10 5.36 2.23
CA ASP A 60 2.80 5.13 1.63
C ASP A 60 2.39 6.36 0.83
N PHE A 61 3.33 7.28 0.69
CA PHE A 61 3.08 8.51 -0.05
C PHE A 61 3.78 8.48 -1.40
N SER A 62 3.08 7.93 -2.39
CA SER A 62 3.62 7.83 -3.73
C SER A 62 2.49 7.92 -4.75
N SER A 63 2.15 9.14 -5.12
CA SER A 63 1.09 9.37 -6.09
C SER A 63 1.12 8.30 -7.16
N VAL A 64 -0.06 8.00 -7.69
CA VAL A 64 -0.17 6.99 -8.73
C VAL A 64 -1.37 7.33 -9.63
N THR A 65 -1.32 6.80 -10.84
CA THR A 65 -2.38 7.04 -11.80
C THR A 65 -2.56 5.83 -12.72
N ALA A 66 -3.81 5.48 -12.97
CA ALA A 66 -4.12 4.35 -13.83
C ALA A 66 -4.64 4.87 -15.17
N ASP A 67 -4.08 4.32 -16.24
CA ASP A 67 -4.48 4.70 -17.58
C ASP A 67 -6.00 4.62 -17.70
N ALA A 68 -6.52 5.32 -18.69
CA ALA A 68 -7.96 5.34 -18.92
C ALA A 68 -8.50 3.92 -18.77
N ASN A 69 -7.65 2.95 -19.07
CA ASN A 69 -8.03 1.56 -18.96
C ASN A 69 -7.75 1.06 -17.55
N GLY A 70 -7.92 1.95 -16.59
CA GLY A 70 -7.69 1.62 -15.19
C GLY A 70 -6.39 0.81 -15.04
N SER A 71 -5.36 1.25 -15.74
CA SER A 71 -4.07 0.59 -15.68
C SER A 71 -3.08 1.43 -14.88
N ALA A 72 -2.95 1.09 -13.61
CA ALA A 72 -2.04 1.80 -12.73
C ALA A 72 -0.82 0.93 -12.46
N SER A 73 0.15 1.04 -13.34
CA SER A 73 1.38 0.26 -13.21
C SER A 73 2.45 1.09 -12.50
N THR A 74 2.30 1.18 -11.18
CA THR A 74 3.23 1.93 -10.37
C THR A 74 4.11 0.99 -9.54
N SER A 75 5.41 1.25 -9.57
CA SER A 75 6.36 0.43 -8.83
C SER A 75 6.72 1.12 -7.52
N LEU A 76 6.90 0.31 -6.49
CA LEU A 76 7.26 0.83 -5.18
C LEU A 76 8.11 -0.21 -4.44
N THR A 77 8.61 0.19 -3.29
CA THR A 77 9.44 -0.68 -2.47
C THR A 77 8.64 -1.19 -1.26
N VAL A 78 8.70 -2.50 -1.08
CA VAL A 78 7.99 -3.13 0.04
C VAL A 78 8.90 -3.13 1.26
N ARG A 79 8.84 -2.05 2.01
CA ARG A 79 9.64 -1.92 3.21
C ARG A 79 8.83 -2.33 4.44
N ARG A 80 8.67 -3.64 4.59
CA ARG A 80 7.92 -4.18 5.71
C ARG A 80 8.19 -3.35 6.98
N SER A 81 9.40 -2.81 7.04
CA SER A 81 9.79 -2.00 8.18
C SER A 81 9.55 -0.52 7.88
N PHE A 82 8.66 0.06 8.66
CA PHE A 82 8.32 1.47 8.50
C PHE A 82 7.67 2.03 9.76
N GLU A 83 7.68 3.36 9.86
CA GLU A 83 7.10 4.03 11.00
C GLU A 83 5.61 4.27 10.78
N GLY A 84 4.81 3.33 11.27
CA GLY A 84 3.37 3.42 11.13
C GLY A 84 2.85 4.77 11.63
N PHE A 85 1.76 5.20 11.04
CA PHE A 85 1.15 6.48 11.40
C PHE A 85 -0.36 6.34 11.56
N LEU A 86 -0.80 6.36 12.80
CA LEU A 86 -2.23 6.24 13.10
C LEU A 86 -3.01 7.23 12.23
N PHE A 87 -4.20 6.81 11.84
CA PHE A 87 -5.05 7.64 11.01
C PHE A 87 -5.60 8.83 11.81
N ASP A 88 -5.67 8.64 13.11
CA ASP A 88 -6.17 9.69 13.99
C ASP A 88 -5.31 10.94 13.84
N GLY A 89 -4.04 10.70 13.51
CA GLY A 89 -3.10 11.80 13.33
C GLY A 89 -1.83 11.57 14.14
N THR A 90 -1.90 10.58 15.02
CA THR A 90 -0.76 10.26 15.86
C THR A 90 0.14 9.22 15.17
N ARG A 91 1.44 9.36 15.42
CA ARG A 91 2.40 8.45 14.83
C ARG A 91 2.71 7.32 15.80
N TRP A 92 2.76 6.11 15.26
CA TRP A 92 3.05 4.93 16.05
C TRP A 92 4.48 4.51 15.78
N GLY A 93 4.64 3.65 14.78
CA GLY A 93 5.95 3.16 14.40
C GLY A 93 5.89 1.70 13.94
N THR A 94 5.88 0.81 14.91
CA THR A 94 5.82 -0.62 14.61
C THR A 94 7.10 -1.07 13.92
N VAL A 95 7.39 -0.43 12.80
CA VAL A 95 8.58 -0.75 12.04
C VAL A 95 8.39 -2.11 11.36
N ASP A 96 9.06 -3.12 11.92
CA ASP A 96 8.97 -4.46 11.39
C ASP A 96 7.50 -4.84 11.22
N CYS A 97 7.09 -4.95 9.97
CA CYS A 97 5.71 -5.30 9.66
C CYS A 97 5.63 -6.82 9.55
N THR A 98 6.27 -7.50 10.49
CA THR A 98 6.28 -8.94 10.50
C THR A 98 5.08 -9.47 11.29
N THR A 99 4.55 -8.61 12.15
CA THR A 99 3.40 -8.98 12.97
C THR A 99 2.10 -8.67 12.23
N ALA A 100 1.96 -7.40 11.85
CA ALA A 100 0.78 -6.95 11.13
C ALA A 100 1.02 -7.09 9.63
N ALA A 101 -0.08 -7.22 8.90
CA ALA A 101 -0.01 -7.36 7.46
C ALA A 101 -0.10 -5.98 6.81
N CYS A 102 0.89 -5.69 5.97
CA CYS A 102 0.95 -4.41 5.28
C CYS A 102 0.22 -4.56 3.94
N GLN A 103 -0.80 -3.73 3.76
CA GLN A 103 -1.58 -3.75 2.54
C GLN A 103 -1.13 -2.64 1.60
N VAL A 104 -0.55 -3.05 0.48
CA VAL A 104 -0.07 -2.09 -0.50
C VAL A 104 -1.21 -1.75 -1.46
N GLY A 105 -1.63 -0.49 -1.40
CA GLY A 105 -2.71 -0.02 -2.25
C GLY A 105 -2.72 1.50 -2.33
N LEU A 106 -3.62 2.02 -3.15
CA LEU A 106 -3.74 3.46 -3.32
C LEU A 106 -5.00 3.94 -2.60
N SER A 107 -4.84 5.04 -1.87
CA SER A 107 -5.95 5.62 -1.13
C SER A 107 -6.75 6.57 -2.03
N ASP A 108 -8.06 6.46 -1.95
CA ASP A 108 -8.93 7.31 -2.74
C ASP A 108 -8.86 8.75 -2.23
N ALA A 109 -9.27 9.67 -3.09
CA ALA A 109 -9.25 11.07 -2.72
C ALA A 109 -10.52 11.41 -1.93
N ALA A 110 -11.34 10.39 -1.73
CA ALA A 110 -12.57 10.57 -0.99
C ALA A 110 -12.38 10.08 0.45
N GLY A 111 -11.26 9.39 0.66
CA GLY A 111 -10.94 8.87 1.97
C GLY A 111 -11.86 7.68 2.32
N ASN A 112 -11.89 6.72 1.42
CA ASN A 112 -12.73 5.54 1.62
C ASN A 112 -11.85 4.29 1.59
N GLY A 113 -12.20 3.32 2.42
CA GLY A 113 -11.45 2.08 2.49
C GLY A 113 -10.96 1.66 1.10
N PRO A 114 -9.67 2.00 0.83
CA PRO A 114 -9.07 1.66 -0.45
C PRO A 114 -8.74 0.17 -0.53
N GLU A 115 -8.41 -0.28 -1.73
CA GLU A 115 -8.07 -1.67 -1.95
C GLU A 115 -6.58 -1.88 -1.77
N GLY A 116 -6.23 -2.54 -0.67
CA GLY A 116 -4.83 -2.81 -0.38
C GLY A 116 -4.55 -4.32 -0.35
N VAL A 117 -3.41 -4.68 -0.91
CA VAL A 117 -3.02 -6.08 -0.97
C VAL A 117 -2.01 -6.37 0.14
N ALA A 118 -2.35 -7.33 0.99
CA ALA A 118 -1.48 -7.70 2.08
C ALA A 118 -0.23 -8.39 1.53
N ILE A 119 0.77 -7.57 1.23
CA ILE A 119 2.01 -8.08 0.69
C ILE A 119 3.05 -8.19 1.82
N SER A 120 3.80 -9.28 1.79
CA SER A 120 4.81 -9.51 2.80
C SER A 120 5.11 -11.02 2.91
N PHE A 121 4.05 -11.76 3.18
CA PHE A 121 4.18 -13.21 3.31
C PHE A 121 2.80 -13.88 3.35
N ASN A 122 2.79 -15.15 2.99
CA ASN A 122 1.54 -15.92 2.98
C ASN A 122 1.34 -16.55 4.36
C1 NCZ B . -5.66 2.56 4.02
C6 NCZ B . -4.80 3.45 3.37
C5 NCZ B . -4.15 3.02 2.19
C7 NCZ B . -3.26 3.85 1.51
C8 NCZ B . -2.98 5.10 2.03
C9 NCZ B . -3.60 5.55 3.20
C10 NCZ B . -4.56 4.74 3.88
C11 NCZ B . -5.51 5.37 4.78
O3 NCZ B . -5.20 6.41 5.35
O4 NCZ B . -6.82 4.81 5.12
C12 NCZ B . -7.74 5.61 5.94
C13 NCZ B . -8.38 4.79 7.05
C14 NCZ B . -9.59 4.37 6.64
C15 NCZ B . -10.04 5.01 5.38
C16 NCZ B . -8.95 6.05 5.08
O6 NCZ B . -9.44 7.36 5.47
O5 NCZ B . -8.54 5.59 8.22
O2 NCZ B . -3.27 6.84 3.65
C4 NCZ B . -4.43 1.76 1.71
C3 NCZ B . -5.31 0.92 2.38
C2 NCZ B . -5.93 1.31 3.53
O1 NCZ B . -6.79 0.43 4.17
C17 NCZ B . -7.80 0.80 5.12
C18 NCZ B . -3.83 1.25 0.44
H1 NCZ B . -6.15 2.88 4.94
H7 NCZ B . -2.80 3.51 0.59
H8 NCZ B . -2.28 5.74 1.51
H12 NCZ B . -7.37 6.30 6.48
H13 NCZ B . -7.76 3.92 7.28
H14 NCZ B . -10.18 3.63 7.18
H15 NCZ B . -10.93 4.80 4.80
H16 NCZ B . -8.73 6.02 4.02
H6 NCZ B . -10.06 7.26 6.28
H5 NCZ B . -7.69 5.90 8.52
H2 NCZ B . -4.08 7.46 3.54
H3 NCZ B . -5.51 -0.07 1.96
H171 NCZ B . -8.33 -0.10 5.46
H172 NCZ B . -7.34 1.30 5.98
H173 NCZ B . -8.52 1.47 4.65
H181 NCZ B . -4.48 1.48 -0.40
H182 NCZ B . -2.86 1.71 0.28
H183 NCZ B . -3.70 0.17 0.51
N ALA A 10 -6.10 -12.86 -9.88
CA ALA A 10 -5.17 -12.85 -10.98
C ALA A 10 -4.47 -11.50 -11.05
N ALA A 11 -5.28 -10.45 -11.12
CA ALA A 11 -4.76 -9.10 -11.19
C ALA A 11 -5.82 -8.12 -10.69
N PRO A 12 -6.14 -8.23 -9.37
CA PRO A 12 -7.13 -7.37 -8.75
C PRO A 12 -6.57 -5.97 -8.53
N THR A 13 -7.01 -5.05 -9.39
CA THR A 13 -6.57 -3.66 -9.30
C THR A 13 -5.06 -3.61 -9.08
N ALA A 14 -4.65 -2.67 -8.25
CA ALA A 14 -3.23 -2.49 -7.94
C ALA A 14 -2.78 -3.61 -7.01
N THR A 15 -1.85 -4.41 -7.51
CA THR A 15 -1.33 -5.52 -6.74
C THR A 15 0.19 -5.63 -6.94
N VAL A 16 0.87 -6.05 -5.88
CA VAL A 16 2.31 -6.21 -5.93
C VAL A 16 2.66 -7.61 -6.45
N THR A 17 3.33 -7.64 -7.59
CA THR A 17 3.72 -8.90 -8.20
C THR A 17 4.47 -9.76 -7.20
N PRO A 18 5.72 -9.32 -6.88
CA PRO A 18 6.56 -10.05 -5.94
C PRO A 18 6.07 -9.84 -4.50
N SER A 19 4.80 -10.14 -4.28
CA SER A 19 4.21 -10.00 -2.97
C SER A 19 4.42 -11.28 -2.15
N SER A 20 5.47 -12.01 -2.51
CA SER A 20 5.80 -13.24 -1.82
C SER A 20 7.15 -13.12 -1.14
N GLY A 21 7.16 -13.41 0.15
CA GLY A 21 8.38 -13.34 0.94
C GLY A 21 9.14 -12.04 0.65
N LEU A 22 8.41 -10.94 0.70
CA LEU A 22 8.99 -9.64 0.45
C LEU A 22 10.07 -9.34 1.50
N SER A 23 10.78 -8.25 1.29
CA SER A 23 11.83 -7.86 2.21
C SER A 23 11.81 -6.34 2.41
N ASP A 24 12.31 -5.91 3.56
CA ASP A 24 12.36 -4.50 3.88
C ASP A 24 13.14 -3.76 2.79
N GLY A 25 12.42 -3.36 1.75
CA GLY A 25 13.03 -2.66 0.65
C GLY A 25 13.01 -3.50 -0.63
N THR A 26 11.92 -4.22 -0.80
CA THR A 26 11.76 -5.08 -1.97
C THR A 26 11.01 -4.34 -3.07
N VAL A 27 11.68 -4.23 -4.21
CA VAL A 27 11.09 -3.55 -5.36
C VAL A 27 10.00 -4.43 -5.97
N VAL A 28 8.77 -3.96 -5.89
CA VAL A 28 7.65 -4.70 -6.44
C VAL A 28 6.94 -3.83 -7.48
N LYS A 29 6.19 -4.50 -8.35
CA LYS A 29 5.46 -3.81 -9.40
C LYS A 29 3.97 -3.81 -9.06
N VAL A 30 3.45 -2.61 -8.81
CA VAL A 30 2.05 -2.45 -8.48
C VAL A 30 1.24 -2.27 -9.76
N ALA A 31 0.72 -3.38 -10.26
CA ALA A 31 -0.06 -3.35 -11.48
C ALA A 31 -1.54 -3.14 -11.12
N GLY A 32 -2.07 -2.02 -11.59
CA GLY A 32 -3.46 -1.68 -11.33
C GLY A 32 -4.35 -2.05 -12.52
N ALA A 33 -4.98 -3.21 -12.39
CA ALA A 33 -5.86 -3.69 -13.44
C ALA A 33 -7.29 -3.29 -13.12
N GLY A 34 -7.73 -2.20 -13.74
CA GLY A 34 -9.09 -1.71 -13.52
C GLY A 34 -9.13 -0.73 -12.35
N LEU A 35 -8.04 0.00 -12.19
CA LEU A 35 -7.94 0.97 -11.12
C LEU A 35 -8.33 2.36 -11.65
N GLN A 36 -7.63 3.37 -11.15
CA GLN A 36 -7.90 4.74 -11.56
C GLN A 36 -7.95 4.83 -13.09
N ALA A 37 -9.16 4.65 -13.62
CA ALA A 37 -9.35 4.71 -15.05
C ALA A 37 -8.89 6.07 -15.57
N GLY A 38 -7.58 6.23 -15.64
CA GLY A 38 -7.00 7.48 -16.11
C GLY A 38 -6.88 8.49 -14.98
N THR A 39 -7.25 8.05 -13.78
CA THR A 39 -7.19 8.91 -12.62
C THR A 39 -5.86 8.71 -11.87
N ALA A 40 -5.76 9.36 -10.73
CA ALA A 40 -4.55 9.27 -9.93
C ALA A 40 -4.92 9.37 -8.44
N TYR A 41 -4.17 8.62 -7.64
CA TYR A 41 -4.41 8.61 -6.20
C TYR A 41 -3.09 8.54 -5.43
N ASP A 42 -3.22 8.27 -4.13
CA ASP A 42 -2.06 8.16 -3.27
C ASP A 42 -1.77 6.68 -3.00
N VAL A 43 -0.63 6.23 -3.50
CA VAL A 43 -0.23 4.85 -3.30
C VAL A 43 0.56 4.72 -2.00
N GLY A 44 0.21 3.71 -1.23
CA GLY A 44 0.86 3.47 0.05
C GLY A 44 0.32 2.22 0.73
N GLN A 45 1.15 1.61 1.56
CA GLN A 45 0.75 0.40 2.27
C GLN A 45 0.18 0.77 3.64
N CYS A 46 -1.13 0.69 3.73
CA CYS A 46 -1.81 1.01 4.98
C CYS A 46 -2.30 -0.30 5.61
N ALA A 47 -2.39 -0.29 6.92
CA ALA A 47 -2.83 -1.46 7.66
C ALA A 47 -2.76 -1.19 9.16
N TRP A 48 -3.44 -2.03 9.92
CA TRP A 48 -3.46 -1.88 11.37
C TRP A 48 -2.02 -1.99 11.87
N VAL A 49 -1.50 -0.87 12.35
CA VAL A 49 -0.14 -0.83 12.87
C VAL A 49 -0.18 -0.90 14.39
N ASP A 50 -1.15 -0.20 14.96
CA ASP A 50 -1.31 -0.18 16.40
C ASP A 50 -2.12 -1.40 16.85
N THR A 51 -2.74 -1.26 18.01
CA THR A 51 -3.56 -2.34 18.55
C THR A 51 -4.94 -2.33 17.92
N GLY A 52 -4.97 -2.37 16.60
CA GLY A 52 -6.22 -2.38 15.87
C GLY A 52 -6.46 -1.02 15.18
N VAL A 53 -5.49 -0.13 15.35
CA VAL A 53 -5.58 1.19 14.76
C VAL A 53 -4.97 1.16 13.35
N LEU A 54 -5.79 1.54 12.38
CA LEU A 54 -5.34 1.55 11.00
C LEU A 54 -4.29 2.66 10.82
N ALA A 55 -3.05 2.23 10.70
CA ALA A 55 -1.94 3.15 10.53
C ALA A 55 -1.27 2.90 9.17
N CYS A 56 -0.91 4.00 8.52
CA CYS A 56 -0.27 3.91 7.22
C CYS A 56 1.25 4.03 7.42
N ASN A 57 1.99 3.53 6.45
CA ASN A 57 3.44 3.57 6.50
C ASN A 57 3.92 4.94 6.03
N PRO A 58 5.20 5.25 6.37
CA PRO A 58 5.79 6.52 5.98
C PRO A 58 6.14 6.54 4.49
N ALA A 59 6.16 5.35 3.91
CA ALA A 59 6.48 5.22 2.49
C ALA A 59 5.18 4.94 1.71
N ASP A 60 4.07 5.20 2.37
CA ASP A 60 2.77 4.99 1.75
C ASP A 60 2.36 6.24 0.99
N PHE A 61 3.31 7.16 0.87
CA PHE A 61 3.06 8.42 0.17
C PHE A 61 3.74 8.41 -1.21
N SER A 62 3.02 7.88 -2.19
CA SER A 62 3.55 7.82 -3.54
C SER A 62 2.40 7.86 -4.55
N SER A 63 2.01 9.09 -4.92
CA SER A 63 0.94 9.28 -5.87
C SER A 63 1.08 8.30 -7.04
N VAL A 64 -0.05 7.76 -7.46
CA VAL A 64 -0.06 6.81 -8.56
C VAL A 64 -1.05 7.29 -9.63
N THR A 65 -0.88 6.75 -10.83
CA THR A 65 -1.75 7.11 -11.94
C THR A 65 -1.94 5.92 -12.87
N ALA A 66 -3.21 5.60 -13.12
CA ALA A 66 -3.54 4.49 -14.00
C ALA A 66 -4.00 5.03 -15.35
N ASP A 67 -3.43 4.45 -16.41
CA ASP A 67 -3.77 4.87 -17.75
C ASP A 67 -5.29 4.89 -17.91
N ALA A 68 -5.74 5.64 -18.90
CA ALA A 68 -7.16 5.75 -19.17
C ALA A 68 -7.82 4.38 -19.03
N ASN A 69 -7.02 3.36 -19.31
CA ASN A 69 -7.51 1.99 -19.22
C ASN A 69 -7.31 1.47 -17.80
N GLY A 70 -7.44 2.39 -16.85
CA GLY A 70 -7.28 2.05 -15.44
C GLY A 70 -6.07 1.12 -15.24
N SER A 71 -4.99 1.45 -15.94
CA SER A 71 -3.77 0.67 -15.84
C SER A 71 -2.72 1.44 -15.02
N ALA A 72 -2.63 1.06 -13.75
CA ALA A 72 -1.67 1.69 -12.85
C ALA A 72 -0.52 0.73 -12.59
N SER A 73 0.39 0.68 -13.56
CA SER A 73 1.55 -0.19 -13.44
C SER A 73 2.74 0.58 -12.88
N THR A 74 2.64 0.89 -11.59
CA THR A 74 3.69 1.63 -10.91
C THR A 74 4.41 0.73 -9.90
N SER A 75 5.73 0.85 -9.89
CA SER A 75 6.54 0.06 -8.98
C SER A 75 6.92 0.90 -7.76
N LEU A 76 6.93 0.24 -6.61
CA LEU A 76 7.28 0.91 -5.36
C LEU A 76 8.19 0.01 -4.54
N THR A 77 8.75 0.58 -3.48
CA THR A 77 9.64 -0.16 -2.61
C THR A 77 8.87 -0.74 -1.42
N VAL A 78 9.07 -2.03 -1.21
CA VAL A 78 8.41 -2.73 -0.11
C VAL A 78 9.27 -2.64 1.15
N ARG A 79 9.08 -1.56 1.88
CA ARG A 79 9.82 -1.33 3.11
C ARG A 79 8.94 -1.56 4.32
N ARG A 80 8.76 -2.83 4.66
CA ARG A 80 7.93 -3.21 5.79
C ARG A 80 8.44 -2.52 7.07
N SER A 81 9.74 -2.28 7.08
CA SER A 81 10.37 -1.64 8.23
C SER A 81 10.27 -0.11 8.09
N PHE A 82 9.48 0.47 8.97
CA PHE A 82 9.28 1.92 8.96
C PHE A 82 8.31 2.35 10.06
N GLU A 83 8.33 3.65 10.35
CA GLU A 83 7.46 4.19 11.37
C GLU A 83 6.05 4.42 10.81
N GLY A 84 5.10 3.74 11.41
CA GLY A 84 3.71 3.86 10.97
C GLY A 84 3.04 5.06 11.64
N PHE A 85 1.86 5.38 11.13
CA PHE A 85 1.10 6.50 11.66
C PHE A 85 -0.39 6.18 11.72
N LEU A 86 -0.94 6.28 12.92
CA LEU A 86 -2.36 6.00 13.14
C LEU A 86 -3.19 7.01 12.34
N PHE A 87 -4.24 6.49 11.72
CA PHE A 87 -5.13 7.33 10.93
C PHE A 87 -5.72 8.45 11.78
N ASP A 88 -5.81 8.18 13.07
CA ASP A 88 -6.36 9.16 13.99
C ASP A 88 -5.64 10.49 13.82
N GLY A 89 -4.32 10.43 13.89
CA GLY A 89 -3.50 11.62 13.72
C GLY A 89 -2.14 11.46 14.43
N THR A 90 -2.13 10.54 15.38
CA THR A 90 -0.91 10.28 16.13
C THR A 90 -0.05 9.23 15.42
N ARG A 91 1.25 9.37 15.57
CA ARG A 91 2.19 8.46 14.95
C ARG A 91 2.50 7.28 15.88
N TRP A 92 2.62 6.10 15.29
CA TRP A 92 2.92 4.91 16.06
C TRP A 92 4.38 4.54 15.82
N GLY A 93 4.58 3.70 14.82
CA GLY A 93 5.92 3.26 14.46
C GLY A 93 5.91 1.82 13.94
N THR A 94 5.86 0.89 14.88
CA THR A 94 5.84 -0.52 14.53
C THR A 94 7.19 -0.94 13.94
N VAL A 95 7.58 -0.24 12.89
CA VAL A 95 8.84 -0.52 12.21
C VAL A 95 8.68 -1.79 11.36
N ASP A 96 9.23 -2.88 11.86
CA ASP A 96 9.14 -4.14 11.15
C ASP A 96 7.69 -4.59 11.06
N CYS A 97 7.03 -4.16 9.99
CA CYS A 97 5.64 -4.51 9.79
C CYS A 97 5.56 -5.97 9.36
N THR A 98 6.04 -6.83 10.24
CA THR A 98 6.04 -8.26 9.97
C THR A 98 4.92 -8.95 10.75
N THR A 99 4.35 -8.21 11.69
CA THR A 99 3.27 -8.73 12.50
C THR A 99 1.91 -8.45 11.85
N ALA A 100 1.66 -7.17 11.62
CA ALA A 100 0.41 -6.75 11.00
C ALA A 100 0.59 -6.73 9.48
N ALA A 101 -0.29 -7.46 8.80
CA ALA A 101 -0.24 -7.53 7.36
C ALA A 101 -0.41 -6.12 6.78
N CYS A 102 0.60 -5.69 6.03
CA CYS A 102 0.57 -4.38 5.41
C CYS A 102 -0.08 -4.50 4.03
N GLN A 103 -1.10 -3.68 3.82
CA GLN A 103 -1.81 -3.70 2.55
C GLN A 103 -1.30 -2.57 1.65
N VAL A 104 -0.61 -2.97 0.59
CA VAL A 104 -0.06 -2.01 -0.35
C VAL A 104 -1.13 -1.67 -1.41
N GLY A 105 -1.69 -0.48 -1.27
CA GLY A 105 -2.72 -0.03 -2.20
C GLY A 105 -2.76 1.50 -2.26
N LEU A 106 -3.61 1.99 -3.16
CA LEU A 106 -3.74 3.43 -3.34
C LEU A 106 -5.10 3.87 -2.79
N SER A 107 -5.07 4.98 -2.05
CA SER A 107 -6.30 5.51 -1.46
C SER A 107 -6.90 6.56 -2.40
N ASP A 108 -8.21 6.44 -2.59
CA ASP A 108 -8.92 7.38 -3.45
C ASP A 108 -8.99 8.75 -2.77
N ALA A 109 -9.25 9.76 -3.57
CA ALA A 109 -9.34 11.12 -3.07
C ALA A 109 -10.77 11.39 -2.62
N ALA A 110 -11.55 10.33 -2.55
CA ALA A 110 -12.94 10.45 -2.14
C ALA A 110 -13.04 10.22 -0.63
N GLY A 111 -12.05 9.50 -0.10
CA GLY A 111 -12.02 9.21 1.32
C GLY A 111 -12.28 7.73 1.59
N ASN A 112 -11.74 6.90 0.72
CA ASN A 112 -11.91 5.46 0.85
C ASN A 112 -10.58 4.76 0.54
N GLY A 113 -10.42 3.59 1.13
CA GLY A 113 -9.20 2.82 0.93
C GLY A 113 -9.53 1.34 0.68
N PRO A 114 -10.25 1.10 -0.44
CA PRO A 114 -10.63 -0.26 -0.81
C PRO A 114 -9.45 -1.02 -1.37
N GLU A 115 -8.50 -0.27 -1.93
CA GLU A 115 -7.31 -0.88 -2.51
C GLU A 115 -6.31 -1.22 -1.41
N GLY A 116 -5.64 -2.35 -1.59
CA GLY A 116 -4.65 -2.80 -0.62
C GLY A 116 -4.32 -4.27 -0.83
N VAL A 117 -3.10 -4.52 -1.31
CA VAL A 117 -2.65 -5.87 -1.55
C VAL A 117 -1.91 -6.39 -0.32
N ALA A 118 -2.25 -7.62 0.06
CA ALA A 118 -1.63 -8.24 1.22
C ALA A 118 -0.18 -8.59 0.88
N ILE A 119 0.71 -7.68 1.25
CA ILE A 119 2.13 -7.87 1.00
C ILE A 119 2.66 -8.97 1.93
N SER A 120 3.15 -10.03 1.32
CA SER A 120 3.69 -11.16 2.08
C SER A 120 5.05 -10.77 2.69
N PHE A 121 5.03 -9.71 3.48
CA PHE A 121 6.24 -9.23 4.12
C PHE A 121 7.15 -10.40 4.49
N ASN A 122 8.44 -10.11 4.56
CA ASN A 122 9.42 -11.12 4.90
C ASN A 122 8.90 -11.94 6.08
C1 NCZ B . -5.87 2.57 4.14
C6 NCZ B . -5.02 3.50 3.52
C5 NCZ B . -4.35 3.14 2.33
C7 NCZ B . -3.48 4.01 1.70
C8 NCZ B . -3.23 5.24 2.27
C9 NCZ B . -3.86 5.63 3.46
C10 NCZ B . -4.81 4.78 4.10
C11 NCZ B . -5.77 5.34 5.02
O3 NCZ B . -5.49 6.36 5.64
O4 NCZ B . -7.07 4.74 5.33
C12 NCZ B . -8.10 5.59 5.95
C13 NCZ B . -9.21 4.75 6.58
C14 NCZ B . -10.24 4.66 5.72
C15 NCZ B . -10.09 5.58 4.56
C16 NCZ B . -8.83 6.39 4.88
O6 NCZ B . -9.25 7.70 5.37
O5 NCZ B . -9.67 5.36 7.78
O2 NCZ B . -3.55 6.90 3.97
C4 NCZ B . -4.61 1.90 1.79
C3 NCZ B . -5.48 1.01 2.41
C2 NCZ B . -6.11 1.34 3.59
O1 NCZ B . -6.95 0.41 4.19
C17 NCZ B . -7.98 0.71 5.14
C18 NCZ B . -3.99 1.45 0.50
H1 NCZ B . -6.36 2.84 5.06
H7 NCZ B . -3.00 3.73 0.76
H8 NCZ B . -2.53 5.93 1.78
H12 NCZ B . -7.66 6.17 6.75
H13 NCZ B . -8.84 3.74 6.80
H14 NCZ B . -11.08 3.98 5.85
H15 NCZ B . -10.75 5.65 3.68
H16 NCZ B . -8.25 6.49 3.96
H6 NCZ B . -10.13 7.61 5.89
H5 NCZ B . -8.94 5.43 8.41
H2 NCZ B . -4.37 7.51 3.88
H3 NCZ B . -5.66 0.04 1.96
H171 NCZ B . -8.49 -0.20 5.43
H172 NCZ B . -7.53 1.18 6.01
H173 NCZ B . -8.71 1.40 4.69
H181 NCZ B . -4.64 1.70 -0.33
H182 NCZ B . -3.02 1.94 0.37
H183 NCZ B . -3.84 0.37 0.53
N ALA A 10 -2.55 -10.50 -16.12
CA ALA A 10 -3.02 -11.31 -15.01
C ALA A 10 -2.64 -10.62 -13.69
N ALA A 11 -3.51 -9.72 -13.26
CA ALA A 11 -3.28 -8.98 -12.03
C ALA A 11 -4.52 -8.16 -11.68
N PRO A 12 -5.25 -8.63 -10.63
CA PRO A 12 -6.46 -7.95 -10.20
C PRO A 12 -6.12 -6.66 -9.45
N THR A 13 -6.77 -5.58 -9.87
CA THR A 13 -6.55 -4.29 -9.24
C THR A 13 -5.06 -4.10 -8.93
N ALA A 14 -4.82 -3.34 -7.86
CA ALA A 14 -3.44 -3.07 -7.46
C ALA A 14 -2.90 -4.29 -6.70
N THR A 15 -1.85 -4.87 -7.28
CA THR A 15 -1.22 -6.03 -6.68
C THR A 15 0.30 -5.93 -6.79
N VAL A 16 0.97 -6.46 -5.78
CA VAL A 16 2.43 -6.45 -5.76
C VAL A 16 2.96 -7.68 -6.48
N THR A 17 3.85 -7.43 -7.44
CA THR A 17 4.43 -8.52 -8.21
C THR A 17 4.48 -9.80 -7.38
N PRO A 18 5.36 -9.78 -6.35
CA PRO A 18 5.52 -10.93 -5.47
C PRO A 18 4.34 -11.05 -4.51
N SER A 19 4.57 -11.77 -3.43
CA SER A 19 3.54 -11.97 -2.42
C SER A 19 4.18 -12.10 -1.03
N SER A 20 4.68 -13.29 -0.76
CA SER A 20 5.32 -13.56 0.52
C SER A 20 6.83 -13.66 0.34
N GLY A 21 7.54 -13.52 1.45
CA GLY A 21 8.99 -13.58 1.43
C GLY A 21 9.60 -12.24 1.02
N LEU A 22 8.89 -11.18 1.35
CA LEU A 22 9.35 -9.84 1.01
C LEU A 22 10.43 -9.42 2.01
N SER A 23 11.15 -8.36 1.64
CA SER A 23 12.21 -7.84 2.48
C SER A 23 11.99 -6.36 2.75
N ASP A 24 12.44 -5.92 3.92
CA ASP A 24 12.30 -4.53 4.30
C ASP A 24 12.96 -3.64 3.24
N GLY A 25 12.25 -3.47 2.14
CA GLY A 25 12.73 -2.65 1.04
C GLY A 25 12.78 -3.45 -0.26
N THR A 26 11.76 -4.26 -0.46
CA THR A 26 11.66 -5.08 -1.64
C THR A 26 10.95 -4.32 -2.77
N VAL A 27 11.71 -3.97 -3.79
CA VAL A 27 11.17 -3.24 -4.91
C VAL A 27 10.32 -4.19 -5.76
N VAL A 28 9.06 -3.79 -5.96
CA VAL A 28 8.14 -4.60 -6.75
C VAL A 28 7.24 -3.67 -7.57
N LYS A 29 6.64 -4.24 -8.61
CA LYS A 29 5.76 -3.48 -9.48
C LYS A 29 4.31 -3.68 -9.02
N VAL A 30 3.65 -2.57 -8.76
CA VAL A 30 2.26 -2.61 -8.33
C VAL A 30 1.35 -2.27 -9.51
N ALA A 31 0.80 -3.30 -10.12
CA ALA A 31 -0.08 -3.12 -11.26
C ALA A 31 -1.52 -3.01 -10.76
N GLY A 32 -2.16 -1.92 -11.13
CA GLY A 32 -3.54 -1.68 -10.73
C GLY A 32 -4.48 -1.78 -11.92
N ALA A 33 -4.85 -3.01 -12.25
CA ALA A 33 -5.74 -3.26 -13.37
C ALA A 33 -7.18 -3.06 -12.91
N GLY A 34 -7.83 -2.07 -13.53
CA GLY A 34 -9.21 -1.76 -13.20
C GLY A 34 -9.34 -1.29 -11.74
N LEU A 35 -8.37 -0.47 -11.34
CA LEU A 35 -8.36 0.06 -9.99
C LEU A 35 -8.82 1.53 -10.01
N GLN A 36 -7.85 2.42 -10.08
CA GLN A 36 -8.15 3.84 -10.11
C GLN A 36 -9.22 4.14 -11.17
N ALA A 37 -9.33 3.22 -12.11
CA ALA A 37 -10.31 3.37 -13.18
C ALA A 37 -9.86 4.48 -14.13
N GLY A 38 -8.66 4.98 -13.88
CA GLY A 38 -8.10 6.04 -14.70
C GLY A 38 -7.91 7.32 -13.89
N THR A 39 -8.27 7.23 -12.61
CA THR A 39 -8.15 8.37 -11.72
C THR A 39 -6.71 8.51 -11.22
N ALA A 40 -6.57 9.21 -10.11
CA ALA A 40 -5.25 9.42 -9.52
C ALA A 40 -5.33 9.21 -8.01
N TYR A 41 -4.63 8.20 -7.55
CA TYR A 41 -4.61 7.88 -6.13
C TYR A 41 -3.18 7.89 -5.58
N ASP A 42 -3.09 7.94 -4.25
CA ASP A 42 -1.79 7.96 -3.60
C ASP A 42 -1.34 6.53 -3.34
N VAL A 43 -0.21 6.18 -3.93
CA VAL A 43 0.35 4.84 -3.77
C VAL A 43 1.03 4.73 -2.41
N GLY A 44 0.70 3.67 -1.70
CA GLY A 44 1.28 3.43 -0.39
C GLY A 44 0.63 2.22 0.29
N GLN A 45 1.42 1.57 1.14
CA GLN A 45 0.93 0.40 1.86
C GLN A 45 0.39 0.80 3.23
N CYS A 46 -0.90 0.64 3.39
CA CYS A 46 -1.56 0.98 4.65
C CYS A 46 -1.96 -0.32 5.35
N ALA A 47 -1.94 -0.27 6.67
CA ALA A 47 -2.30 -1.43 7.48
C ALA A 47 -2.44 -1.01 8.94
N TRP A 48 -3.14 -1.84 9.70
CA TRP A 48 -3.35 -1.56 11.11
C TRP A 48 -2.01 -1.75 11.83
N VAL A 49 -1.46 -0.65 12.30
CA VAL A 49 -0.19 -0.69 13.01
C VAL A 49 -0.45 -0.77 14.52
N ASP A 50 -1.39 0.07 14.97
CA ASP A 50 -1.75 0.09 16.38
C ASP A 50 -2.88 -0.89 16.64
N THR A 51 -3.52 -0.71 17.78
CA THR A 51 -4.63 -1.58 18.16
C THR A 51 -5.81 -1.38 17.21
N GLY A 52 -5.74 -2.07 16.08
CA GLY A 52 -6.80 -1.97 15.08
C GLY A 52 -6.87 -0.57 14.49
N VAL A 53 -5.73 0.11 14.54
CA VAL A 53 -5.64 1.46 14.01
C VAL A 53 -4.94 1.43 12.65
N LEU A 54 -5.72 1.67 11.61
CA LEU A 54 -5.18 1.67 10.25
C LEU A 54 -4.13 2.77 10.13
N ALA A 55 -2.87 2.37 10.22
CA ALA A 55 -1.77 3.31 10.12
C ALA A 55 -1.02 3.06 8.81
N CYS A 56 -0.62 4.16 8.18
CA CYS A 56 0.11 4.08 6.92
C CYS A 56 1.59 4.37 7.21
N ASN A 57 2.44 3.86 6.33
CA ASN A 57 3.87 4.06 6.48
C ASN A 57 4.25 5.39 5.84
N PRO A 58 5.53 5.81 6.10
CA PRO A 58 6.02 7.07 5.56
C PRO A 58 6.34 6.93 4.07
N ALA A 59 6.31 5.71 3.59
CA ALA A 59 6.59 5.42 2.19
C ALA A 59 5.28 5.09 1.47
N ASP A 60 4.18 5.39 2.14
CA ASP A 60 2.86 5.13 1.59
C ASP A 60 2.39 6.36 0.80
N PHE A 61 3.30 7.31 0.66
CA PHE A 61 3.00 8.54 -0.06
C PHE A 61 3.71 8.56 -1.42
N SER A 62 3.00 8.06 -2.42
CA SER A 62 3.54 8.02 -3.77
C SER A 62 2.42 8.25 -4.79
N SER A 63 2.05 9.50 -4.94
CA SER A 63 1.00 9.87 -5.88
C SER A 63 1.22 9.16 -7.21
N VAL A 64 0.12 8.69 -7.79
CA VAL A 64 0.17 8.00 -9.06
C VAL A 64 -1.23 7.93 -9.66
N THR A 65 -1.27 7.68 -10.96
CA THR A 65 -2.53 7.59 -11.67
C THR A 65 -2.57 6.34 -12.56
N ALA A 66 -3.77 5.92 -12.88
CA ALA A 66 -3.96 4.75 -13.72
C ALA A 66 -4.41 5.19 -15.12
N ASP A 67 -4.08 4.37 -16.10
CA ASP A 67 -4.45 4.65 -17.47
C ASP A 67 -5.98 4.61 -17.61
N ALA A 68 -6.47 5.27 -18.65
CA ALA A 68 -7.89 5.31 -18.91
C ALA A 68 -8.50 3.92 -18.63
N ASN A 69 -7.68 2.91 -18.82
CA ASN A 69 -8.12 1.53 -18.60
C ASN A 69 -7.88 1.16 -17.14
N GLY A 70 -8.03 2.15 -16.27
CA GLY A 70 -7.83 1.94 -14.84
C GLY A 70 -6.60 1.06 -14.59
N SER A 71 -5.55 1.34 -15.35
CA SER A 71 -4.32 0.59 -15.21
C SER A 71 -3.24 1.47 -14.57
N ALA A 72 -3.03 1.25 -13.28
CA ALA A 72 -2.05 2.00 -12.53
C ALA A 72 -0.83 1.12 -12.27
N SER A 73 0.08 1.11 -13.24
CA SER A 73 1.29 0.32 -13.13
C SER A 73 2.38 1.13 -12.42
N THR A 74 2.26 1.24 -11.12
CA THR A 74 3.22 1.98 -10.32
C THR A 74 4.11 1.02 -9.53
N SER A 75 5.39 1.36 -9.47
CA SER A 75 6.34 0.54 -8.74
C SER A 75 6.68 1.20 -7.40
N LEU A 76 6.79 0.36 -6.38
CA LEU A 76 7.11 0.85 -5.05
C LEU A 76 7.97 -0.19 -4.33
N THR A 77 8.53 0.22 -3.20
CA THR A 77 9.37 -0.66 -2.41
C THR A 77 8.61 -1.15 -1.17
N VAL A 78 8.71 -2.45 -0.94
CA VAL A 78 8.04 -3.06 0.19
C VAL A 78 8.97 -3.00 1.42
N ARG A 79 8.90 -1.88 2.11
CA ARG A 79 9.71 -1.68 3.30
C ARG A 79 8.98 -2.20 4.54
N ARG A 80 8.88 -3.51 4.64
CA ARG A 80 8.20 -4.13 5.76
C ARG A 80 8.44 -3.32 7.03
N SER A 81 9.64 -2.73 7.11
CA SER A 81 10.00 -1.93 8.27
C SER A 81 9.77 -0.45 7.97
N PHE A 82 8.92 0.16 8.79
CA PHE A 82 8.59 1.56 8.63
C PHE A 82 7.86 2.10 9.86
N GLU A 83 7.71 3.42 9.89
CA GLU A 83 7.02 4.07 11.00
C GLU A 83 5.53 4.20 10.70
N GLY A 84 4.74 3.43 11.44
CA GLY A 84 3.30 3.46 11.26
C GLY A 84 2.71 4.78 11.72
N PHE A 85 1.76 5.27 10.94
CA PHE A 85 1.11 6.53 11.24
C PHE A 85 -0.41 6.35 11.37
N LEU A 86 -0.89 6.47 12.61
CA LEU A 86 -2.30 6.33 12.88
C LEU A 86 -3.08 7.36 12.05
N PHE A 87 -4.13 6.87 11.41
CA PHE A 87 -4.97 7.74 10.59
C PHE A 87 -5.57 8.87 11.43
N ASP A 88 -5.63 8.64 12.73
CA ASP A 88 -6.18 9.62 13.64
C ASP A 88 -5.38 10.91 13.53
N GLY A 89 -4.07 10.77 13.68
CA GLY A 89 -3.18 11.92 13.60
C GLY A 89 -1.85 11.63 14.31
N THR A 90 -1.92 10.75 15.29
CA THR A 90 -0.74 10.38 16.05
C THR A 90 0.07 9.31 15.30
N ARG A 91 1.37 9.35 15.53
CA ARG A 91 2.27 8.40 14.88
C ARG A 91 2.60 7.25 15.83
N TRP A 92 2.61 6.04 15.27
CA TRP A 92 2.90 4.86 16.06
C TRP A 92 4.36 4.47 15.79
N GLY A 93 4.53 3.63 14.78
CA GLY A 93 5.86 3.18 14.41
C GLY A 93 5.84 1.71 13.97
N THR A 94 5.86 0.83 14.98
CA THR A 94 5.84 -0.59 14.72
C THR A 94 7.16 -1.04 14.09
N VAL A 95 7.48 -0.42 12.95
CA VAL A 95 8.69 -0.75 12.24
C VAL A 95 8.52 -2.08 11.52
N ASP A 96 9.11 -3.12 12.11
CA ASP A 96 9.03 -4.45 11.53
C ASP A 96 7.56 -4.82 11.31
N CYS A 97 7.16 -4.80 10.04
CA CYS A 97 5.79 -5.13 9.69
C CYS A 97 5.68 -6.65 9.53
N THR A 98 6.23 -7.36 10.52
CA THR A 98 6.20 -8.81 10.49
C THR A 98 4.98 -9.33 11.25
N THR A 99 4.44 -8.47 12.11
CA THR A 99 3.28 -8.84 12.89
C THR A 99 1.99 -8.50 12.13
N ALA A 100 1.87 -7.23 11.76
CA ALA A 100 0.70 -6.77 11.03
C ALA A 100 0.97 -6.90 9.53
N ALA A 101 -0.10 -7.16 8.80
CA ALA A 101 0.00 -7.31 7.35
C ALA A 101 -0.11 -5.93 6.69
N CYS A 102 0.91 -5.60 5.91
CA CYS A 102 0.95 -4.32 5.22
C CYS A 102 0.28 -4.49 3.85
N GLN A 103 -0.77 -3.70 3.65
CA GLN A 103 -1.50 -3.75 2.39
C GLN A 103 -1.00 -2.67 1.44
N VAL A 104 -0.37 -3.12 0.37
CA VAL A 104 0.15 -2.20 -0.64
C VAL A 104 -0.93 -1.89 -1.66
N GLY A 105 -1.17 -0.60 -1.85
CA GLY A 105 -2.17 -0.15 -2.80
C GLY A 105 -2.22 1.37 -2.89
N LEU A 106 -2.95 1.86 -3.87
CA LEU A 106 -3.07 3.29 -4.07
C LEU A 106 -4.47 3.74 -3.66
N SER A 107 -4.52 4.53 -2.60
CA SER A 107 -5.78 5.03 -2.09
C SER A 107 -6.02 6.45 -2.60
N ASP A 108 -7.28 6.88 -2.47
CA ASP A 108 -7.65 8.21 -2.92
C ASP A 108 -6.72 9.24 -2.29
N ALA A 109 -6.72 10.44 -2.87
CA ALA A 109 -5.88 11.51 -2.37
C ALA A 109 -6.07 11.64 -0.85
N ALA A 110 -7.31 11.47 -0.43
CA ALA A 110 -7.63 11.57 0.99
C ALA A 110 -7.08 10.34 1.72
N GLY A 111 -6.99 9.25 0.97
CA GLY A 111 -6.48 8.00 1.54
C GLY A 111 -7.63 7.11 2.01
N ASN A 112 -8.81 7.39 1.48
CA ASN A 112 -9.99 6.63 1.84
C ASN A 112 -10.13 5.43 0.90
N GLY A 113 -10.60 4.32 1.46
CA GLY A 113 -10.78 3.11 0.69
C GLY A 113 -9.68 2.08 1.01
N PRO A 114 -10.14 0.88 1.44
CA PRO A 114 -9.22 -0.19 1.78
C PRO A 114 -8.62 -0.82 0.53
N GLU A 115 -8.02 0.02 -0.30
CA GLU A 115 -7.42 -0.44 -1.54
C GLU A 115 -5.95 -0.80 -1.31
N GLY A 116 -5.71 -2.09 -1.15
CA GLY A 116 -4.36 -2.58 -0.92
C GLY A 116 -4.35 -4.08 -0.59
N VAL A 117 -3.32 -4.75 -1.05
CA VAL A 117 -3.18 -6.18 -0.81
C VAL A 117 -2.12 -6.41 0.26
N ALA A 118 -2.49 -7.22 1.25
CA ALA A 118 -1.57 -7.54 2.33
C ALA A 118 -0.40 -8.35 1.80
N ILE A 119 0.63 -7.64 1.39
CA ILE A 119 1.82 -8.29 0.85
C ILE A 119 2.99 -8.09 1.82
N SER A 120 3.82 -9.11 1.90
CA SER A 120 4.98 -9.07 2.78
C SER A 120 5.39 -10.48 3.19
N PHE A 121 4.38 -11.30 3.47
CA PHE A 121 4.62 -12.67 3.87
C PHE A 121 3.30 -13.43 4.06
N ASN A 122 3.43 -14.74 4.22
CA ASN A 122 2.25 -15.58 4.40
C ASN A 122 1.62 -15.27 5.76
C1 NCZ B . -5.43 2.66 3.62
C6 NCZ B . -4.60 3.65 3.10
C5 NCZ B . -3.94 3.42 1.88
C7 NCZ B . -3.08 4.36 1.33
C8 NCZ B . -2.84 5.54 2.02
C9 NCZ B . -3.48 5.79 3.24
C10 NCZ B . -4.41 4.87 3.79
C11 NCZ B . -5.37 5.33 4.78
O3 NCZ B . -5.11 6.29 5.49
O4 NCZ B . -6.67 4.69 5.03
C12 NCZ B . -7.48 5.16 6.15
C13 NCZ B . -7.95 4.00 7.04
C14 NCZ B . -9.20 3.65 6.67
C15 NCZ B . -9.82 4.62 5.72
C16 NCZ B . -8.79 5.76 5.63
O6 NCZ B . -9.26 6.86 6.45
O5 NCZ B . -7.97 4.41 8.40
O2 NCZ B . -3.18 7.02 3.87
C4 NCZ B . -4.18 2.23 1.22
C3 NCZ B . -5.02 1.27 1.76
C2 NCZ B . -5.65 1.48 2.97
O1 NCZ B . -6.48 0.48 3.47
C17 NCZ B . -7.51 0.68 4.46
C18 NCZ B . -3.55 1.91 -0.10
H1 NCZ B . -5.92 2.83 4.58
H7 NCZ B . -2.60 4.18 0.37
H8 NCZ B . -2.15 6.27 1.61
H12 NCZ B . -7.27 5.96 6.58
H13 NCZ B . -7.29 3.14 6.91
H14 NCZ B . -9.71 2.75 7.02
H15 NCZ B . -10.79 4.53 5.23
H16 NCZ B . -8.73 6.05 4.58
H6 NCZ B . -9.77 6.49 7.27
H5 NCZ B . -7.09 4.66 8.68
H2 NCZ B . -4.02 7.63 3.85
H3 NCZ B . -5.19 0.35 1.23
H171 NCZ B . -8.00 -0.27 4.67
H172 NCZ B . -7.07 1.07 5.38
H173 NCZ B . -8.25 1.39 4.08
H181 NCZ B . -4.21 2.25 -0.90
H182 NCZ B . -2.59 2.44 -0.18
H183 NCZ B . -3.38 0.84 -0.18
N ALA A 10 -6.84 -7.31 -3.26
CA ALA A 10 -5.67 -8.13 -3.00
C ALA A 10 -5.01 -8.50 -4.32
N ALA A 11 -5.48 -9.62 -4.88
CA ALA A 11 -4.94 -10.11 -6.14
C ALA A 11 -5.28 -9.11 -7.25
N PRO A 12 -6.58 -8.73 -7.31
CA PRO A 12 -7.04 -7.79 -8.31
C PRO A 12 -6.62 -6.36 -7.95
N THR A 13 -7.22 -5.41 -8.66
CA THR A 13 -6.91 -4.00 -8.43
C THR A 13 -5.40 -3.81 -8.31
N ALA A 14 -5.02 -2.98 -7.36
CA ALA A 14 -3.61 -2.69 -7.13
C ALA A 14 -2.98 -3.84 -6.33
N THR A 15 -1.83 -4.28 -6.81
CA THR A 15 -1.11 -5.36 -6.16
C THR A 15 0.39 -5.22 -6.40
N VAL A 16 1.13 -6.16 -5.83
CA VAL A 16 2.58 -6.16 -5.97
C VAL A 16 3.03 -7.42 -6.73
N THR A 17 3.91 -7.21 -7.68
CA THR A 17 4.42 -8.31 -8.49
C THR A 17 4.73 -9.52 -7.60
N PRO A 18 5.62 -9.28 -6.59
CA PRO A 18 6.01 -10.34 -5.67
C PRO A 18 4.89 -10.62 -4.66
N SER A 19 5.28 -11.22 -3.56
CA SER A 19 4.34 -11.56 -2.51
C SER A 19 5.01 -11.50 -1.14
N SER A 20 6.20 -12.08 -1.08
CA SER A 20 6.96 -12.10 0.16
C SER A 20 7.45 -10.69 0.50
N GLY A 21 6.49 -9.81 0.72
CA GLY A 21 6.81 -8.43 1.05
C GLY A 21 8.02 -8.35 1.98
N LEU A 22 8.20 -9.41 2.75
CA LEU A 22 9.32 -9.48 3.68
C LEU A 22 10.59 -9.90 2.93
N SER A 23 10.96 -9.08 1.96
CA SER A 23 12.14 -9.35 1.17
C SER A 23 13.07 -8.13 1.17
N ASP A 24 13.85 -8.01 2.23
CA ASP A 24 14.77 -6.90 2.36
C ASP A 24 14.38 -5.80 1.38
N GLY A 25 13.36 -5.04 1.77
CA GLY A 25 12.88 -3.95 0.94
C GLY A 25 12.95 -4.32 -0.54
N THR A 26 12.13 -5.29 -0.92
CA THR A 26 12.09 -5.74 -2.30
C THR A 26 11.38 -4.71 -3.19
N VAL A 27 12.09 -4.28 -4.22
CA VAL A 27 11.54 -3.30 -5.14
C VAL A 27 10.89 -4.02 -6.32
N VAL A 28 9.63 -3.67 -6.57
CA VAL A 28 8.89 -4.28 -7.66
C VAL A 28 7.89 -3.26 -8.22
N LYS A 29 6.99 -3.76 -9.05
CA LYS A 29 5.98 -2.91 -9.65
C LYS A 29 4.60 -3.39 -9.21
N VAL A 30 3.74 -2.43 -8.90
CA VAL A 30 2.39 -2.73 -8.46
C VAL A 30 1.41 -2.45 -9.60
N ALA A 31 0.78 -3.52 -10.07
CA ALA A 31 -0.17 -3.40 -11.17
C ALA A 31 -1.57 -3.17 -10.58
N GLY A 32 -2.31 -2.29 -11.25
CA GLY A 32 -3.65 -1.95 -10.82
C GLY A 32 -4.68 -2.32 -11.89
N ALA A 33 -5.34 -3.44 -11.66
CA ALA A 33 -6.35 -3.91 -12.60
C ALA A 33 -7.74 -3.51 -12.10
N GLY A 34 -8.29 -2.49 -12.73
CA GLY A 34 -9.60 -2.00 -12.37
C GLY A 34 -9.51 -0.99 -11.22
N LEU A 35 -8.39 -0.28 -11.18
CA LEU A 35 -8.16 0.71 -10.15
C LEU A 35 -8.67 2.07 -10.63
N GLN A 36 -7.95 3.11 -10.24
CA GLN A 36 -8.32 4.46 -10.62
C GLN A 36 -8.52 4.55 -12.14
N ALA A 37 -9.75 4.30 -12.56
CA ALA A 37 -10.08 4.35 -13.97
C ALA A 37 -9.77 5.74 -14.52
N GLY A 38 -8.52 5.92 -14.91
CA GLY A 38 -8.07 7.19 -15.45
C GLY A 38 -7.91 8.23 -14.34
N THR A 39 -8.05 7.76 -13.11
CA THR A 39 -7.92 8.64 -11.96
C THR A 39 -6.47 8.70 -11.49
N ALA A 40 -6.25 9.44 -10.41
CA ALA A 40 -4.92 9.59 -9.86
C ALA A 40 -5.00 9.50 -8.33
N TYR A 41 -4.36 8.46 -7.80
CA TYR A 41 -4.34 8.25 -6.37
C TYR A 41 -2.91 8.31 -5.82
N ASP A 42 -2.78 7.88 -4.57
CA ASP A 42 -1.49 7.88 -3.91
C ASP A 42 -1.14 6.47 -3.45
N VAL A 43 -0.08 5.93 -4.01
CA VAL A 43 0.36 4.58 -3.68
C VAL A 43 1.02 4.61 -2.29
N GLY A 44 0.77 3.55 -1.54
CA GLY A 44 1.34 3.43 -0.20
C GLY A 44 0.80 2.18 0.51
N GLN A 45 1.60 1.68 1.43
CA GLN A 45 1.23 0.49 2.19
C GLN A 45 0.58 0.90 3.51
N CYS A 46 -0.74 0.82 3.53
CA CYS A 46 -1.49 1.17 4.72
C CYS A 46 -2.01 -0.12 5.37
N ALA A 47 -2.14 -0.08 6.69
CA ALA A 47 -2.62 -1.23 7.43
C ALA A 47 -2.73 -0.86 8.92
N TRP A 48 -3.53 -1.65 9.62
CA TRP A 48 -3.73 -1.42 11.04
C TRP A 48 -2.39 -1.64 11.76
N VAL A 49 -1.87 -0.56 12.31
CA VAL A 49 -0.60 -0.62 13.01
C VAL A 49 -0.87 -0.75 14.52
N ASP A 50 -1.83 0.04 14.98
CA ASP A 50 -2.19 0.04 16.39
C ASP A 50 -3.31 -1.00 16.63
N THR A 51 -3.97 -0.84 17.75
CA THR A 51 -5.06 -1.74 18.10
C THR A 51 -6.25 -1.56 17.15
N GLY A 52 -6.12 -2.14 15.98
CA GLY A 52 -7.17 -2.04 14.98
C GLY A 52 -7.26 -0.61 14.42
N VAL A 53 -6.15 0.11 14.51
CA VAL A 53 -6.08 1.47 14.02
C VAL A 53 -5.35 1.50 12.68
N LEU A 54 -6.11 1.77 11.63
CA LEU A 54 -5.55 1.83 10.29
C LEU A 54 -4.44 2.89 10.26
N ALA A 55 -3.21 2.41 10.29
CA ALA A 55 -2.06 3.30 10.26
C ALA A 55 -1.29 3.09 8.96
N CYS A 56 -1.00 4.21 8.28
CA CYS A 56 -0.28 4.15 7.03
C CYS A 56 1.20 4.44 7.33
N ASN A 57 2.05 3.96 6.42
CA ASN A 57 3.48 4.15 6.57
C ASN A 57 3.87 5.50 5.99
N PRO A 58 5.10 5.96 6.36
CA PRO A 58 5.60 7.24 5.90
C PRO A 58 6.05 7.14 4.44
N ALA A 59 6.08 5.91 3.94
CA ALA A 59 6.49 5.68 2.56
C ALA A 59 5.27 5.27 1.73
N ASP A 60 4.10 5.54 2.30
CA ASP A 60 2.86 5.21 1.63
C ASP A 60 2.44 6.38 0.74
N PHE A 61 3.38 7.30 0.55
CA PHE A 61 3.12 8.46 -0.28
C PHE A 61 3.82 8.35 -1.63
N SER A 62 3.07 7.87 -2.61
CA SER A 62 3.61 7.69 -3.95
C SER A 62 2.52 7.97 -4.99
N SER A 63 2.31 9.25 -5.26
CA SER A 63 1.31 9.67 -6.23
C SER A 63 1.41 8.81 -7.49
N VAL A 64 0.26 8.33 -7.94
CA VAL A 64 0.21 7.51 -9.13
C VAL A 64 -1.14 7.70 -9.82
N THR A 65 -1.23 7.17 -11.03
CA THR A 65 -2.46 7.26 -11.81
C THR A 65 -2.66 6.01 -12.65
N ALA A 66 -3.92 5.65 -12.84
CA ALA A 66 -4.26 4.48 -13.63
C ALA A 66 -4.85 4.93 -14.97
N ASP A 67 -4.58 4.13 -16.00
CA ASP A 67 -5.07 4.43 -17.33
C ASP A 67 -6.60 4.32 -17.34
N ALA A 68 -7.20 4.98 -18.32
CA ALA A 68 -8.65 4.95 -18.45
C ALA A 68 -9.16 3.53 -18.21
N ASN A 69 -8.30 2.57 -18.51
CA ASN A 69 -8.64 1.17 -18.33
C ASN A 69 -8.28 0.73 -16.92
N GLY A 70 -8.41 1.67 -15.99
CA GLY A 70 -8.09 1.39 -14.59
C GLY A 70 -6.77 0.63 -14.47
N SER A 71 -5.81 1.03 -15.29
CA SER A 71 -4.51 0.39 -15.27
C SER A 71 -3.51 1.25 -14.49
N ALA A 72 -3.34 0.89 -13.23
CA ALA A 72 -2.42 1.62 -12.37
C ALA A 72 -1.06 0.91 -12.37
N SER A 73 -0.14 1.47 -13.13
CA SER A 73 1.19 0.90 -13.22
C SER A 73 2.15 1.68 -12.33
N THR A 74 2.17 1.32 -11.05
CA THR A 74 3.03 1.97 -10.09
C THR A 74 4.19 1.06 -9.72
N SER A 75 5.18 1.65 -9.05
CA SER A 75 6.36 0.91 -8.63
C SER A 75 6.88 1.47 -7.31
N LEU A 76 7.28 0.56 -6.43
CA LEU A 76 7.81 0.94 -5.14
C LEU A 76 8.48 -0.26 -4.48
N THR A 77 9.05 -0.01 -3.31
CA THR A 77 9.74 -1.07 -2.58
C THR A 77 8.92 -1.48 -1.35
N VAL A 78 8.99 -2.76 -1.04
CA VAL A 78 8.26 -3.29 0.11
C VAL A 78 9.13 -3.17 1.37
N ARG A 79 9.07 -2.00 1.98
CA ARG A 79 9.84 -1.75 3.18
C ARG A 79 9.05 -2.18 4.42
N ARG A 80 9.04 -3.48 4.65
CA ARG A 80 8.33 -4.02 5.79
C ARG A 80 8.52 -3.14 7.02
N SER A 81 9.75 -2.64 7.16
CA SER A 81 10.08 -1.78 8.29
C SER A 81 9.69 -0.34 7.97
N PHE A 82 8.74 0.17 8.74
CA PHE A 82 8.26 1.53 8.55
C PHE A 82 7.57 2.05 9.81
N GLU A 83 7.57 3.38 9.94
CA GLU A 83 6.95 4.00 11.10
C GLU A 83 5.46 4.23 10.83
N GLY A 84 4.66 3.27 11.26
CA GLY A 84 3.22 3.34 11.08
C GLY A 84 2.69 4.70 11.57
N PHE A 85 1.55 5.09 11.01
CA PHE A 85 0.92 6.34 11.38
C PHE A 85 -0.60 6.22 11.39
N LEU A 86 -1.15 6.22 12.60
CA LEU A 86 -2.59 6.09 12.76
C LEU A 86 -3.28 7.10 11.84
N PHE A 87 -4.24 6.58 11.09
CA PHE A 87 -5.00 7.41 10.16
C PHE A 87 -5.60 8.62 10.88
N ASP A 88 -5.89 8.43 12.15
CA ASP A 88 -6.47 9.49 12.95
C ASP A 88 -5.57 10.72 12.90
N GLY A 89 -4.29 10.50 13.16
CA GLY A 89 -3.32 11.58 13.13
C GLY A 89 -2.10 11.24 14.00
N THR A 90 -2.33 10.38 14.97
CA THR A 90 -1.26 9.97 15.88
C THR A 90 -0.34 8.97 15.18
N ARG A 91 0.95 9.12 15.45
CA ARG A 91 1.95 8.24 14.87
C ARG A 91 2.24 7.07 15.80
N TRP A 92 2.37 5.89 15.20
CA TRP A 92 2.66 4.69 15.97
C TRP A 92 4.12 4.32 15.75
N GLY A 93 4.36 3.56 14.71
CA GLY A 93 5.71 3.12 14.37
C GLY A 93 5.72 1.67 13.91
N THR A 94 5.75 0.77 14.89
CA THR A 94 5.77 -0.66 14.59
C THR A 94 7.09 -1.05 13.94
N VAL A 95 7.38 -0.40 12.82
CA VAL A 95 8.61 -0.67 12.10
C VAL A 95 8.50 -2.04 11.40
N ASP A 96 9.17 -3.01 11.98
CA ASP A 96 9.16 -4.36 11.45
C ASP A 96 7.71 -4.82 11.28
N CYS A 97 7.15 -4.53 10.11
CA CYS A 97 5.79 -4.91 9.82
C CYS A 97 5.75 -6.41 9.55
N THR A 98 6.17 -7.18 10.55
CA THR A 98 6.19 -8.63 10.44
C THR A 98 4.98 -9.23 11.16
N THR A 99 4.47 -8.48 12.13
CA THR A 99 3.32 -8.93 12.89
C THR A 99 2.02 -8.49 12.20
N ALA A 100 1.99 -7.22 11.84
CA ALA A 100 0.82 -6.65 11.18
C ALA A 100 0.97 -6.80 9.67
N ALA A 101 -0.16 -6.99 9.01
CA ALA A 101 -0.17 -7.15 7.56
C ALA A 101 -0.26 -5.77 6.91
N CYS A 102 0.77 -5.44 6.14
CA CYS A 102 0.81 -4.16 5.45
C CYS A 102 0.21 -4.35 4.06
N GLN A 103 -0.81 -3.55 3.78
CA GLN A 103 -1.49 -3.62 2.50
C GLN A 103 -0.95 -2.53 1.57
N VAL A 104 -0.32 -2.97 0.49
CA VAL A 104 0.24 -2.05 -0.49
C VAL A 104 -0.83 -1.70 -1.52
N GLY A 105 -1.35 -0.49 -1.41
CA GLY A 105 -2.37 -0.02 -2.33
C GLY A 105 -2.35 1.50 -2.45
N LEU A 106 -3.19 2.01 -3.35
CA LEU A 106 -3.27 3.44 -3.57
C LEU A 106 -4.57 3.97 -2.96
N SER A 107 -4.43 5.00 -2.15
CA SER A 107 -5.59 5.62 -1.50
C SER A 107 -6.16 6.71 -2.39
N ASP A 108 -7.40 7.09 -2.09
CA ASP A 108 -8.07 8.13 -2.85
C ASP A 108 -7.76 9.49 -2.23
N ALA A 109 -7.93 10.53 -3.04
CA ALA A 109 -7.67 11.88 -2.58
C ALA A 109 -8.87 12.38 -1.75
N ALA A 110 -9.85 11.49 -1.61
CA ALA A 110 -11.04 11.83 -0.85
C ALA A 110 -10.77 11.58 0.64
N GLY A 111 -11.05 10.37 1.06
CA GLY A 111 -10.84 9.99 2.45
C GLY A 111 -11.06 8.48 2.66
N ASN A 112 -10.69 7.72 1.64
CA ASN A 112 -10.83 6.28 1.69
C ASN A 112 -9.69 5.63 0.89
N GLY A 113 -9.43 4.37 1.21
CA GLY A 113 -8.39 3.62 0.54
C GLY A 113 -8.42 2.15 0.93
N PRO A 114 -9.54 1.47 0.54
CA PRO A 114 -9.70 0.07 0.85
C PRO A 114 -8.82 -0.80 -0.05
N GLU A 115 -8.06 -0.13 -0.91
CA GLU A 115 -7.17 -0.82 -1.83
C GLU A 115 -5.83 -1.11 -1.15
N GLY A 116 -5.26 -2.25 -1.49
CA GLY A 116 -3.98 -2.66 -0.92
C GLY A 116 -3.89 -4.18 -0.81
N VAL A 117 -2.79 -4.71 -1.30
CA VAL A 117 -2.55 -6.14 -1.25
C VAL A 117 -1.75 -6.49 -0.01
N ALA A 118 -2.29 -7.44 0.76
CA ALA A 118 -1.63 -7.88 1.98
C ALA A 118 -0.25 -8.44 1.64
N ILE A 119 0.73 -7.57 1.62
CA ILE A 119 2.10 -7.97 1.31
C ILE A 119 2.79 -8.45 2.58
N SER A 120 3.69 -9.40 2.40
CA SER A 120 4.43 -9.95 3.53
C SER A 120 4.91 -11.36 3.20
N PHE A 121 3.94 -12.24 2.96
CA PHE A 121 4.26 -13.63 2.64
C PHE A 121 3.14 -14.25 1.81
N ASN A 122 3.50 -14.72 0.63
CA ASN A 122 2.55 -15.34 -0.27
C ASN A 122 1.69 -16.33 0.53
C1 NCZ B . -5.61 2.47 3.86
C6 NCZ B . -4.79 3.42 3.26
C5 NCZ B . -4.04 3.06 2.12
C7 NCZ B . -3.18 3.96 1.51
C8 NCZ B . -3.04 5.23 2.03
C9 NCZ B . -3.77 5.62 3.17
C10 NCZ B . -4.70 4.73 3.78
C11 NCZ B . -5.74 5.27 4.62
O3 NCZ B . -5.58 6.34 5.20
O4 NCZ B . -7.03 4.60 4.88
C12 NCZ B . -8.04 5.31 5.67
C13 NCZ B . -8.80 4.36 6.61
C14 NCZ B . -9.94 3.98 6.02
C15 NCZ B . -10.25 4.75 4.80
C16 NCZ B . -9.16 5.83 4.74
O6 NCZ B . -9.72 7.09 5.21
O5 NCZ B . -9.09 5.03 7.84
O2 NCZ B . -3.58 6.93 3.63
C4 NCZ B . -4.17 1.78 1.63
C3 NCZ B . -5.01 0.87 2.24
C2 NCZ B . -5.74 1.20 3.37
O1 NCZ B . -6.55 0.24 3.95
C17 NCZ B . -7.66 0.52 4.83
C18 NCZ B . -3.44 1.32 0.41
H1 NCZ B . -6.18 2.75 4.75
H7 NCZ B . -2.62 3.67 0.62
H8 NCZ B . -2.35 5.94 1.56
H12 NCZ B . -7.79 6.05 6.19
H13 NCZ B . -8.19 3.48 6.81
H14 NCZ B . -10.57 3.17 6.41
H15 NCZ B . -11.08 4.60 4.11
H16 NCZ B . -8.83 5.92 3.71
H6 NCZ B . -10.42 6.89 5.93
H5 NCZ B . -8.28 5.31 8.26
H2 NCZ B . -4.43 7.48 3.46
H3 NCZ B . -5.10 -0.14 1.83
H171 NCZ B . -8.13 -0.42 5.14
H172 NCZ B . -7.30 1.06 5.70
H173 NCZ B . -8.40 1.14 4.31
H181 NCZ B . -4.05 1.50 -0.47
H182 NCZ B . -2.51 1.87 0.31
H183 NCZ B . -3.22 0.25 0.49
N ALA A 10 -6.85 -11.70 -14.18
CA ALA A 10 -5.64 -11.21 -14.84
C ALA A 10 -4.80 -10.42 -13.84
N ALA A 11 -5.37 -9.32 -13.38
CA ALA A 11 -4.69 -8.46 -12.43
C ALA A 11 -5.72 -7.86 -11.46
N PRO A 12 -5.69 -8.38 -10.20
CA PRO A 12 -6.61 -7.91 -9.18
C PRO A 12 -6.18 -6.53 -8.66
N THR A 13 -6.71 -5.50 -9.30
CA THR A 13 -6.39 -4.14 -8.92
C THR A 13 -4.89 -3.99 -8.64
N ALA A 14 -4.56 -2.96 -7.88
CA ALA A 14 -3.17 -2.70 -7.54
C ALA A 14 -2.65 -3.84 -6.65
N THR A 15 -1.62 -4.50 -7.17
CA THR A 15 -1.01 -5.61 -6.45
C THR A 15 0.48 -5.68 -6.73
N VAL A 16 1.23 -6.15 -5.74
CA VAL A 16 2.66 -6.27 -5.87
C VAL A 16 2.99 -7.55 -6.64
N THR A 17 3.86 -7.39 -7.63
CA THR A 17 4.27 -8.52 -8.46
C THR A 17 4.45 -9.76 -7.61
N PRO A 18 5.43 -9.69 -6.67
CA PRO A 18 5.71 -10.81 -5.78
C PRO A 18 4.64 -10.93 -4.69
N SER A 19 5.01 -11.60 -3.61
CA SER A 19 4.09 -11.79 -2.50
C SER A 19 4.85 -11.70 -1.18
N SER A 20 6.02 -12.32 -1.16
CA SER A 20 6.85 -12.31 0.04
C SER A 20 7.28 -10.88 0.37
N GLY A 21 6.35 -10.14 0.97
CA GLY A 21 6.61 -8.76 1.34
C GLY A 21 7.53 -8.69 2.57
N LEU A 22 8.07 -9.84 2.94
CA LEU A 22 8.95 -9.93 4.08
C LEU A 22 10.33 -9.39 3.69
N SER A 23 10.32 -8.41 2.80
CA SER A 23 11.55 -7.80 2.33
C SER A 23 11.51 -6.29 2.55
N ASP A 24 11.68 -5.90 3.80
CA ASP A 24 11.66 -4.49 4.16
C ASP A 24 12.59 -3.71 3.21
N GLY A 25 12.02 -3.25 2.11
CA GLY A 25 12.77 -2.50 1.13
C GLY A 25 12.85 -3.25 -0.21
N THR A 26 11.76 -3.96 -0.50
CA THR A 26 11.68 -4.73 -1.73
C THR A 26 11.07 -3.88 -2.84
N VAL A 27 11.86 -3.66 -3.88
CA VAL A 27 11.40 -2.87 -5.01
C VAL A 27 10.71 -3.79 -6.03
N VAL A 28 9.44 -3.51 -6.26
CA VAL A 28 8.66 -4.30 -7.20
C VAL A 28 7.71 -3.38 -7.96
N LYS A 29 6.92 -3.99 -8.83
CA LYS A 29 5.96 -3.24 -9.63
C LYS A 29 4.55 -3.54 -9.14
N VAL A 30 3.77 -2.49 -8.96
CA VAL A 30 2.40 -2.62 -8.50
C VAL A 30 1.45 -2.33 -9.66
N ALA A 31 0.89 -3.39 -10.21
CA ALA A 31 -0.04 -3.26 -11.32
C ALA A 31 -1.46 -3.14 -10.79
N GLY A 32 -2.13 -2.06 -11.19
CA GLY A 32 -3.49 -1.82 -10.75
C GLY A 32 -4.47 -1.92 -11.92
N ALA A 33 -5.07 -3.10 -12.06
CA ALA A 33 -6.02 -3.34 -13.12
C ALA A 33 -7.44 -3.13 -12.59
N GLY A 34 -8.13 -2.16 -13.19
CA GLY A 34 -9.49 -1.86 -12.79
C GLY A 34 -9.51 -1.14 -11.44
N LEU A 35 -8.54 -0.25 -11.27
CA LEU A 35 -8.44 0.51 -10.04
C LEU A 35 -9.05 1.90 -10.25
N GLN A 36 -8.18 2.91 -10.25
CA GLN A 36 -8.61 4.28 -10.44
C GLN A 36 -9.63 4.35 -11.59
N ALA A 37 -9.56 3.37 -12.46
CA ALA A 37 -10.46 3.32 -13.60
C ALA A 37 -10.17 4.50 -14.53
N GLY A 38 -8.99 5.05 -14.38
CA GLY A 38 -8.57 6.18 -15.19
C GLY A 38 -8.27 7.40 -14.33
N THR A 39 -8.53 7.25 -13.03
CA THR A 39 -8.29 8.33 -12.09
C THR A 39 -6.85 8.29 -11.58
N ALA A 40 -6.63 8.96 -10.47
CA ALA A 40 -5.31 9.01 -9.86
C ALA A 40 -5.45 9.16 -8.35
N TYR A 41 -4.52 8.53 -7.64
CA TYR A 41 -4.53 8.58 -6.19
C TYR A 41 -3.11 8.44 -5.63
N ASP A 42 -3.04 8.28 -4.31
CA ASP A 42 -1.76 8.13 -3.64
C ASP A 42 -1.52 6.67 -3.31
N VAL A 43 -0.36 6.18 -3.74
CA VAL A 43 0.00 4.79 -3.50
C VAL A 43 0.77 4.69 -2.18
N GLY A 44 0.64 3.54 -1.54
CA GLY A 44 1.31 3.30 -0.28
C GLY A 44 0.74 2.06 0.43
N GLN A 45 1.55 1.50 1.31
CA GLN A 45 1.14 0.32 2.05
C GLN A 45 0.56 0.73 3.41
N CYS A 46 -0.77 0.67 3.48
CA CYS A 46 -1.46 1.03 4.71
C CYS A 46 -2.00 -0.25 5.35
N ALA A 47 -2.25 -0.17 6.65
CA ALA A 47 -2.76 -1.30 7.38
C ALA A 47 -2.86 -0.95 8.87
N TRP A 48 -3.67 -1.72 9.58
CA TRP A 48 -3.86 -1.49 11.00
C TRP A 48 -2.53 -1.74 11.71
N VAL A 49 -1.92 -0.66 12.15
CA VAL A 49 -0.64 -0.74 12.83
C VAL A 49 -0.86 -0.65 14.34
N ASP A 50 -1.64 0.34 14.73
CA ASP A 50 -1.95 0.55 16.14
C ASP A 50 -3.26 -0.16 16.48
N THR A 51 -3.54 -0.23 17.77
CA THR A 51 -4.76 -0.87 18.24
C THR A 51 -5.90 -0.68 17.24
N GLY A 52 -6.07 -1.69 16.39
CA GLY A 52 -7.10 -1.64 15.37
C GLY A 52 -7.18 -0.26 14.72
N VAL A 53 -6.05 0.44 14.76
CA VAL A 53 -5.97 1.77 14.18
C VAL A 53 -5.27 1.69 12.83
N LEU A 54 -6.01 2.02 11.78
CA LEU A 54 -5.47 2.00 10.44
C LEU A 54 -4.34 3.01 10.33
N ALA A 55 -3.12 2.50 10.30
CA ALA A 55 -1.95 3.36 10.20
C ALA A 55 -1.20 3.04 8.91
N CYS A 56 -0.75 4.10 8.26
CA CYS A 56 -0.02 3.95 7.00
C CYS A 56 1.47 4.13 7.29
N ASN A 57 2.29 3.55 6.42
CA ASN A 57 3.73 3.63 6.57
C ASN A 57 4.21 4.97 6.01
N PRO A 58 5.49 5.28 6.31
CA PRO A 58 6.10 6.53 5.84
C PRO A 58 6.43 6.45 4.35
N ALA A 59 6.34 5.23 3.82
CA ALA A 59 6.63 5.01 2.41
C ALA A 59 5.31 4.76 1.67
N ASP A 60 4.22 5.09 2.33
CA ASP A 60 2.90 4.90 1.74
C ASP A 60 2.53 6.14 0.93
N PHE A 61 3.52 7.01 0.74
CA PHE A 61 3.32 8.23 -0.01
C PHE A 61 4.01 8.16 -1.37
N SER A 62 3.26 7.68 -2.36
CA SER A 62 3.79 7.55 -3.70
C SER A 62 2.66 7.69 -4.73
N SER A 63 2.39 8.93 -5.10
CA SER A 63 1.34 9.21 -6.07
C SER A 63 1.30 8.10 -7.12
N VAL A 64 0.11 7.92 -7.67
CA VAL A 64 -0.09 6.90 -8.70
C VAL A 64 -1.28 7.29 -9.57
N THR A 65 -1.33 6.69 -10.76
CA THR A 65 -2.41 6.95 -11.69
C THR A 65 -2.66 5.74 -12.57
N ALA A 66 -3.94 5.42 -12.73
CA ALA A 66 -4.34 4.28 -13.54
C ALA A 66 -4.90 4.78 -14.87
N ASP A 67 -4.36 4.24 -15.95
CA ASP A 67 -4.81 4.62 -17.28
C ASP A 67 -6.33 4.55 -17.35
N ALA A 68 -6.88 5.24 -18.34
CA ALA A 68 -8.32 5.26 -18.52
C ALA A 68 -8.89 3.87 -18.24
N ASN A 69 -8.08 2.87 -18.53
CA ASN A 69 -8.49 1.49 -18.31
C ASN A 69 -8.12 1.07 -16.90
N GLY A 70 -8.23 2.02 -15.98
CA GLY A 70 -7.91 1.76 -14.59
C GLY A 70 -6.63 0.92 -14.47
N SER A 71 -5.65 1.26 -15.30
CA SER A 71 -4.39 0.55 -15.30
C SER A 71 -3.31 1.40 -14.63
N ALA A 72 -3.13 1.18 -13.34
CA ALA A 72 -2.14 1.92 -12.58
C ALA A 72 -0.95 1.01 -12.27
N SER A 73 0.01 1.00 -13.19
CA SER A 73 1.20 0.18 -13.02
C SER A 73 2.35 1.02 -12.49
N THR A 74 2.35 1.20 -11.17
CA THR A 74 3.38 1.99 -10.53
C THR A 74 4.30 1.08 -9.71
N SER A 75 5.60 1.37 -9.79
CA SER A 75 6.58 0.59 -9.05
C SER A 75 6.96 1.31 -7.76
N LEU A 76 7.08 0.53 -6.69
CA LEU A 76 7.44 1.08 -5.40
C LEU A 76 8.21 0.04 -4.60
N THR A 77 8.66 0.44 -3.42
CA THR A 77 9.41 -0.44 -2.56
C THR A 77 8.55 -0.92 -1.38
N VAL A 78 8.66 -2.19 -1.08
CA VAL A 78 7.89 -2.79 0.00
C VAL A 78 8.73 -2.74 1.29
N ARG A 79 8.62 -1.62 1.99
CA ARG A 79 9.36 -1.45 3.23
C ARG A 79 8.55 -2.00 4.40
N ARG A 80 8.38 -3.31 4.40
CA ARG A 80 7.63 -3.97 5.45
C ARG A 80 7.98 -3.35 6.81
N SER A 81 9.23 -2.90 6.92
CA SER A 81 9.69 -2.29 8.15
C SER A 81 9.73 -0.78 8.01
N PHE A 82 9.09 -0.11 8.96
CA PHE A 82 9.04 1.35 8.94
C PHE A 82 8.13 1.88 10.06
N GLU A 83 8.24 3.17 10.30
CA GLU A 83 7.44 3.81 11.33
C GLU A 83 6.04 4.14 10.80
N GLY A 84 5.07 3.38 11.25
CA GLY A 84 3.70 3.59 10.83
C GLY A 84 3.12 4.87 11.41
N PHE A 85 1.96 5.26 10.90
CA PHE A 85 1.30 6.46 11.36
C PHE A 85 -0.21 6.28 11.43
N LEU A 86 -0.76 6.51 12.61
CA LEU A 86 -2.19 6.37 12.82
C LEU A 86 -2.94 7.30 11.87
N PHE A 87 -4.12 6.87 11.48
CA PHE A 87 -4.94 7.65 10.57
C PHE A 87 -5.38 8.96 11.23
N ASP A 88 -5.58 8.89 12.55
CA ASP A 88 -6.00 10.06 13.30
C ASP A 88 -5.16 11.26 12.89
N GLY A 89 -3.85 11.04 12.81
CA GLY A 89 -2.92 12.09 12.43
C GLY A 89 -1.60 11.95 13.19
N THR A 90 -1.63 11.14 14.23
CA THR A 90 -0.44 10.92 15.04
C THR A 90 0.35 9.72 14.51
N ARG A 91 1.65 9.74 14.77
CA ARG A 91 2.51 8.66 14.33
C ARG A 91 2.61 7.57 15.39
N TRP A 92 2.62 6.33 14.93
CA TRP A 92 2.70 5.19 15.83
C TRP A 92 4.11 4.61 15.72
N GLY A 93 4.25 3.64 14.83
CA GLY A 93 5.54 2.99 14.63
C GLY A 93 5.36 1.57 14.08
N THR A 94 5.66 0.60 14.92
CA THR A 94 5.53 -0.79 14.53
C THR A 94 6.85 -1.30 13.94
N VAL A 95 7.33 -0.57 12.93
CA VAL A 95 8.57 -0.93 12.27
C VAL A 95 8.37 -2.24 11.50
N ASP A 96 8.92 -3.31 12.05
CA ASP A 96 8.80 -4.62 11.41
C ASP A 96 7.33 -5.03 11.37
N CYS A 97 6.69 -4.72 10.26
CA CYS A 97 5.29 -5.05 10.08
C CYS A 97 5.17 -6.56 9.91
N THR A 98 5.62 -7.28 10.93
CA THR A 98 5.57 -8.73 10.90
C THR A 98 4.35 -9.25 11.65
N THR A 99 3.81 -8.38 12.50
CA THR A 99 2.64 -8.73 13.28
C THR A 99 1.36 -8.40 12.50
N ALA A 100 1.28 -7.16 12.06
CA ALA A 100 0.12 -6.71 11.30
C ALA A 100 0.37 -6.93 9.82
N ALA A 101 -0.72 -7.05 9.07
CA ALA A 101 -0.62 -7.27 7.64
C ALA A 101 -0.61 -5.92 6.93
N CYS A 102 0.47 -5.69 6.20
CA CYS A 102 0.63 -4.44 5.45
C CYS A 102 0.04 -4.64 4.06
N GLN A 103 -0.94 -3.80 3.75
CA GLN A 103 -1.60 -3.86 2.45
C GLN A 103 -1.08 -2.75 1.54
N VAL A 104 -0.54 -3.16 0.41
CA VAL A 104 -0.01 -2.22 -0.56
C VAL A 104 -1.11 -1.81 -1.53
N GLY A 105 -1.48 -0.54 -1.46
CA GLY A 105 -2.52 0.00 -2.32
C GLY A 105 -2.53 1.53 -2.28
N LEU A 106 -3.38 2.10 -3.12
CA LEU A 106 -3.50 3.55 -3.19
C LEU A 106 -4.83 3.98 -2.55
N SER A 107 -4.74 5.03 -1.75
CA SER A 107 -5.92 5.55 -1.07
C SER A 107 -6.56 6.67 -1.91
N ASP A 108 -7.87 6.79 -1.77
CA ASP A 108 -8.60 7.81 -2.50
C ASP A 108 -8.59 9.12 -1.70
N ALA A 109 -8.81 10.20 -2.42
CA ALA A 109 -8.82 11.51 -1.79
C ALA A 109 -10.25 11.85 -1.35
N ALA A 110 -11.08 10.81 -1.30
CA ALA A 110 -12.47 10.98 -0.91
C ALA A 110 -12.67 10.44 0.50
N GLY A 111 -11.67 9.68 0.94
CA GLY A 111 -11.73 9.09 2.27
C GLY A 111 -12.41 7.71 2.24
N ASN A 112 -12.02 6.92 1.26
CA ASN A 112 -12.59 5.58 1.11
C ASN A 112 -11.47 4.55 1.27
N GLY A 113 -11.90 3.31 1.45
CA GLY A 113 -10.96 2.22 1.61
C GLY A 113 -10.91 1.34 0.37
N PRO A 114 -9.84 1.55 -0.45
CA PRO A 114 -9.66 0.79 -1.67
C PRO A 114 -9.20 -0.64 -1.36
N GLU A 115 -8.95 -1.39 -2.44
CA GLU A 115 -8.50 -2.77 -2.29
C GLU A 115 -6.97 -2.82 -2.23
N GLY A 116 -6.47 -3.20 -1.07
CA GLY A 116 -5.04 -3.31 -0.85
C GLY A 116 -4.58 -4.76 -0.90
N VAL A 117 -3.32 -4.94 -1.27
CA VAL A 117 -2.75 -6.27 -1.37
C VAL A 117 -1.90 -6.54 -0.12
N ALA A 118 -2.48 -7.32 0.79
CA ALA A 118 -1.78 -7.67 2.02
C ALA A 118 -0.48 -8.38 1.69
N ILE A 119 0.56 -7.58 1.46
CA ILE A 119 1.86 -8.11 1.13
C ILE A 119 2.56 -8.55 2.41
N SER A 120 3.49 -9.50 2.25
CA SER A 120 4.23 -10.01 3.39
C SER A 120 4.75 -11.42 3.08
N PHE A 121 3.81 -12.33 2.87
CA PHE A 121 4.15 -13.70 2.56
C PHE A 121 3.21 -14.28 1.49
N ASN A 122 3.77 -15.19 0.70
CA ASN A 122 3.00 -15.82 -0.36
C ASN A 122 1.91 -16.72 0.27
C1 NCZ B . -5.52 2.54 3.77
C6 NCZ B . -4.59 3.32 3.10
C5 NCZ B . -3.89 2.78 2.01
C7 NCZ B . -2.93 3.51 1.32
C8 NCZ B . -2.64 4.80 1.75
C9 NCZ B . -3.31 5.37 2.85
C10 NCZ B . -4.34 4.65 3.52
C11 NCZ B . -5.31 5.38 4.32
O3 NCZ B . -5.00 6.47 4.81
O4 NCZ B . -6.66 4.90 4.60
C12 NCZ B . -7.66 5.86 5.10
C13 NCZ B . -9.05 5.23 5.20
C14 NCZ B . -9.75 5.50 4.09
C15 NCZ B . -9.09 6.52 3.23
C16 NCZ B . -7.86 6.96 4.05
O6 NCZ B . -8.16 8.25 4.66
O5 NCZ B . -9.74 5.77 6.33
O2 NCZ B . -2.95 6.68 3.21
C4 NCZ B . -4.18 1.50 1.61
C3 NCZ B . -5.13 0.75 2.29
C2 NCZ B . -5.80 1.25 3.38
O1 NCZ B . -6.73 0.46 4.03
C17 NCZ B . -7.79 0.94 4.87
C18 NCZ B . -3.52 0.85 0.44
H1 NCZ B . -6.05 2.95 4.64
H7 NCZ B . -2.42 3.09 0.46
H8 NCZ B . -1.87 5.37 1.23
H12 NCZ B . -7.23 6.52 5.80
H13 NCZ B . -8.96 4.15 5.30
H14 NCZ B . -10.70 5.04 3.84
H15 NCZ B . -9.40 6.87 2.24
H16 NCZ B . -7.01 7.05 3.37
H6 NCZ B . -9.17 8.29 4.88
H5 NCZ B . -9.25 5.56 7.13
H2 NCZ B . -3.72 7.32 3.00
H3 NCZ B . -5.35 -0.27 1.96
H171 NCZ B . -8.37 0.09 5.25
H172 NCZ B . -7.37 1.49 5.71
H173 NCZ B . -8.45 1.59 4.30
H181 NCZ B . -4.11 1.04 -0.46
H182 NCZ B . -2.52 1.28 0.31
H183 NCZ B . -3.44 -0.22 0.61
N ALA A 10 -2.96 -9.58 -11.75
CA ALA A 10 -2.89 -8.13 -11.80
C ALA A 10 -4.26 -7.57 -12.18
N ALA A 11 -5.25 -8.45 -12.15
CA ALA A 11 -6.61 -8.07 -12.48
C ALA A 11 -7.23 -7.32 -11.29
N PRO A 12 -6.94 -7.85 -10.07
CA PRO A 12 -7.46 -7.25 -8.85
C PRO A 12 -6.70 -5.97 -8.51
N THR A 13 -7.17 -4.87 -9.07
CA THR A 13 -6.56 -3.58 -8.83
C THR A 13 -5.03 -3.72 -8.79
N ALA A 14 -4.41 -2.85 -8.02
CA ALA A 14 -2.96 -2.86 -7.89
C ALA A 14 -2.54 -4.09 -7.09
N THR A 15 -1.58 -4.83 -7.66
CA THR A 15 -1.08 -6.03 -7.01
C THR A 15 0.44 -6.10 -7.13
N VAL A 16 1.06 -6.56 -6.05
CA VAL A 16 2.51 -6.69 -6.02
C VAL A 16 2.93 -7.92 -6.82
N THR A 17 3.74 -7.68 -7.84
CA THR A 17 4.22 -8.76 -8.69
C THR A 17 4.40 -10.04 -7.87
N PRO A 18 5.39 -10.00 -6.94
CA PRO A 18 5.67 -11.15 -6.09
C PRO A 18 4.61 -11.29 -5.00
N SER A 19 4.99 -11.99 -3.94
CA SER A 19 4.09 -12.21 -2.82
C SER A 19 4.85 -12.08 -1.50
N SER A 20 6.01 -12.71 -1.46
CA SER A 20 6.85 -12.66 -0.26
C SER A 20 7.56 -11.32 -0.18
N GLY A 21 6.83 -10.33 0.33
CA GLY A 21 7.39 -8.99 0.47
C GLY A 21 8.39 -8.94 1.62
N LEU A 22 8.60 -10.09 2.25
CA LEU A 22 9.52 -10.19 3.36
C LEU A 22 10.95 -9.95 2.86
N SER A 23 11.16 -8.76 2.33
CA SER A 23 12.47 -8.39 1.80
C SER A 23 12.75 -6.92 2.09
N ASP A 24 13.80 -6.68 2.87
CA ASP A 24 14.18 -5.34 3.21
C ASP A 24 13.92 -4.41 2.03
N GLY A 25 12.76 -3.78 2.04
CA GLY A 25 12.37 -2.87 0.98
C GLY A 25 12.35 -3.59 -0.38
N THR A 26 11.40 -4.51 -0.50
CA THR A 26 11.26 -5.28 -1.73
C THR A 26 10.75 -4.38 -2.86
N VAL A 27 11.63 -4.11 -3.81
CA VAL A 27 11.27 -3.27 -4.95
C VAL A 27 10.60 -4.14 -6.01
N VAL A 28 9.32 -3.86 -6.22
CA VAL A 28 8.55 -4.61 -7.21
C VAL A 28 7.64 -3.63 -7.96
N LYS A 29 6.84 -4.20 -8.85
CA LYS A 29 5.91 -3.40 -9.63
C LYS A 29 4.48 -3.76 -9.26
N VAL A 30 3.67 -2.73 -9.06
CA VAL A 30 2.28 -2.92 -8.69
C VAL A 30 1.38 -2.58 -9.88
N ALA A 31 0.87 -3.62 -10.52
CA ALA A 31 0.01 -3.44 -11.67
C ALA A 31 -1.44 -3.30 -11.19
N GLY A 32 -2.05 -2.18 -11.55
CA GLY A 32 -3.42 -1.92 -11.17
C GLY A 32 -4.38 -2.16 -12.34
N ALA A 33 -5.39 -2.98 -12.08
CA ALA A 33 -6.37 -3.30 -13.11
C ALA A 33 -7.75 -2.84 -12.64
N GLY A 34 -8.19 -1.73 -13.22
CA GLY A 34 -9.49 -1.17 -12.87
C GLY A 34 -9.37 -0.17 -11.72
N LEU A 35 -8.15 0.29 -11.51
CA LEU A 35 -7.89 1.26 -10.45
C LEU A 35 -8.37 2.64 -10.89
N GLN A 36 -7.59 3.65 -10.51
CA GLN A 36 -7.92 5.02 -10.86
C GLN A 36 -8.11 5.15 -12.37
N ALA A 37 -9.34 4.90 -12.80
CA ALA A 37 -9.66 4.99 -14.22
C ALA A 37 -9.29 6.37 -14.74
N GLY A 38 -8.03 6.49 -15.17
CA GLY A 38 -7.53 7.75 -15.69
C GLY A 38 -7.33 8.78 -14.56
N THR A 39 -7.61 8.32 -13.34
CA THR A 39 -7.47 9.18 -12.19
C THR A 39 -6.06 9.04 -11.59
N ALA A 40 -5.86 9.73 -10.48
CA ALA A 40 -4.57 9.70 -9.80
C ALA A 40 -4.80 9.62 -8.29
N TYR A 41 -4.25 8.58 -7.69
CA TYR A 41 -4.39 8.39 -6.25
C TYR A 41 -3.01 8.42 -5.56
N ASP A 42 -3.03 8.07 -4.28
CA ASP A 42 -1.80 8.05 -3.50
C ASP A 42 -1.44 6.61 -3.16
N VAL A 43 -0.36 6.14 -3.77
CA VAL A 43 0.10 4.78 -3.53
C VAL A 43 0.88 4.74 -2.22
N GLY A 44 0.65 3.67 -1.46
CA GLY A 44 1.32 3.49 -0.19
C GLY A 44 0.85 2.22 0.52
N GLN A 45 1.69 1.74 1.42
CA GLN A 45 1.37 0.53 2.17
C GLN A 45 0.72 0.88 3.50
N CYS A 46 -0.61 0.82 3.50
CA CYS A 46 -1.37 1.13 4.70
C CYS A 46 -1.93 -0.18 5.27
N ALA A 47 -2.19 -0.16 6.56
CA ALA A 47 -2.72 -1.33 7.24
C ALA A 47 -2.77 -1.07 8.75
N TRP A 48 -3.57 -1.87 9.43
CA TRP A 48 -3.72 -1.73 10.87
C TRP A 48 -2.35 -1.96 11.51
N VAL A 49 -1.87 -0.93 12.20
CA VAL A 49 -0.58 -1.01 12.86
C VAL A 49 -0.79 -1.31 14.34
N ASP A 50 -1.75 -0.59 14.92
CA ASP A 50 -2.06 -0.78 16.34
C ASP A 50 -3.00 -1.96 16.50
N THR A 51 -3.80 -1.90 17.56
CA THR A 51 -4.74 -2.96 17.84
C THR A 51 -5.97 -2.84 16.94
N GLY A 52 -5.71 -2.79 15.64
CA GLY A 52 -6.78 -2.67 14.67
C GLY A 52 -6.86 -1.24 14.11
N VAL A 53 -6.10 -0.35 14.74
CA VAL A 53 -6.08 1.04 14.33
C VAL A 53 -5.37 1.15 12.98
N LEU A 54 -6.16 1.51 11.97
CA LEU A 54 -5.63 1.65 10.62
C LEU A 54 -4.53 2.73 10.63
N ALA A 55 -3.30 2.29 10.38
CA ALA A 55 -2.17 3.19 10.35
C ALA A 55 -1.42 3.01 9.04
N CYS A 56 -1.03 4.15 8.46
CA CYS A 56 -0.30 4.13 7.20
C CYS A 56 1.17 4.45 7.49
N ASN A 57 2.03 3.95 6.63
CA ASN A 57 3.46 4.17 6.78
C ASN A 57 3.82 5.53 6.18
N PRO A 58 5.04 6.01 6.52
CA PRO A 58 5.53 7.28 6.03
C PRO A 58 5.94 7.17 4.56
N ALA A 59 5.99 5.94 4.08
CA ALA A 59 6.38 5.69 2.71
C ALA A 59 5.13 5.30 1.89
N ASP A 60 3.98 5.56 2.49
CA ASP A 60 2.72 5.25 1.83
C ASP A 60 2.29 6.43 0.95
N PHE A 61 3.21 7.38 0.80
CA PHE A 61 2.95 8.55 0.00
C PHE A 61 3.71 8.48 -1.33
N SER A 62 3.03 7.96 -2.34
CA SER A 62 3.63 7.83 -3.67
C SER A 62 2.56 8.03 -4.74
N SER A 63 2.30 9.29 -5.06
CA SER A 63 1.31 9.62 -6.07
C SER A 63 1.34 8.57 -7.19
N VAL A 64 0.15 8.25 -7.69
CA VAL A 64 0.04 7.27 -8.76
C VAL A 64 -1.16 7.63 -9.64
N THR A 65 -1.14 7.10 -10.85
CA THR A 65 -2.21 7.37 -11.80
C THR A 65 -2.43 6.14 -12.71
N ALA A 66 -3.70 5.83 -12.92
CA ALA A 66 -4.06 4.70 -13.76
C ALA A 66 -4.60 5.21 -15.10
N ASP A 67 -4.22 4.51 -16.15
CA ASP A 67 -4.66 4.88 -17.49
C ASP A 67 -6.18 4.78 -17.57
N ALA A 68 -6.73 5.49 -18.55
CA ALA A 68 -8.17 5.49 -18.75
C ALA A 68 -8.72 4.08 -18.54
N ASN A 69 -7.87 3.10 -18.84
CA ASN A 69 -8.25 1.71 -18.70
C ASN A 69 -7.94 1.24 -17.27
N GLY A 70 -8.12 2.16 -16.34
CA GLY A 70 -7.86 1.86 -14.94
C GLY A 70 -6.58 1.04 -14.77
N SER A 71 -5.59 1.38 -15.59
CA SER A 71 -4.31 0.70 -15.55
C SER A 71 -3.30 1.50 -14.73
N ALA A 72 -3.17 1.12 -13.47
CA ALA A 72 -2.24 1.81 -12.58
C ALA A 72 -1.02 0.92 -12.35
N SER A 73 -0.11 0.97 -13.31
CA SER A 73 1.11 0.18 -13.22
C SER A 73 2.21 0.98 -12.53
N THR A 74 2.09 1.08 -11.21
CA THR A 74 3.07 1.80 -10.43
C THR A 74 3.92 0.85 -9.59
N SER A 75 5.20 1.17 -9.49
CA SER A 75 6.13 0.35 -8.74
C SER A 75 6.41 1.00 -7.38
N LEU A 76 6.76 0.15 -6.42
CA LEU A 76 7.06 0.63 -5.08
C LEU A 76 7.93 -0.40 -4.35
N THR A 77 8.50 0.01 -3.24
CA THR A 77 9.35 -0.85 -2.45
C THR A 77 8.63 -1.31 -1.18
N VAL A 78 8.79 -2.58 -0.87
CA VAL A 78 8.17 -3.14 0.32
C VAL A 78 9.09 -2.96 1.52
N ARG A 79 9.02 -1.77 2.11
CA ARG A 79 9.84 -1.46 3.27
C ARG A 79 9.12 -1.86 4.56
N ARG A 80 8.95 -3.17 4.72
CA ARG A 80 8.30 -3.70 5.90
C ARG A 80 8.64 -2.86 7.12
N SER A 81 9.85 -2.33 7.11
CA SER A 81 10.32 -1.51 8.22
C SER A 81 9.96 -0.05 7.97
N PHE A 82 8.98 0.43 8.72
CA PHE A 82 8.53 1.81 8.60
C PHE A 82 7.84 2.28 9.88
N GLU A 83 7.68 3.59 9.97
CA GLU A 83 7.04 4.18 11.14
C GLU A 83 5.55 4.43 10.86
N GLY A 84 4.75 3.41 11.12
CA GLY A 84 3.32 3.49 10.90
C GLY A 84 2.74 4.76 11.56
N PHE A 85 1.57 5.13 11.10
CA PHE A 85 0.90 6.31 11.63
C PHE A 85 -0.61 6.07 11.77
N LEU A 86 -1.08 6.09 13.00
CA LEU A 86 -2.48 5.89 13.27
C LEU A 86 -3.31 6.94 12.52
N PHE A 87 -4.38 6.46 11.90
CA PHE A 87 -5.25 7.34 11.14
C PHE A 87 -5.78 8.49 12.02
N ASP A 88 -5.90 8.19 13.30
CA ASP A 88 -6.39 9.19 14.26
C ASP A 88 -5.58 10.47 14.09
N GLY A 89 -4.39 10.32 13.54
CA GLY A 89 -3.50 11.45 13.34
C GLY A 89 -2.21 11.29 14.14
N THR A 90 -2.25 10.39 15.10
CA THR A 90 -1.09 10.13 15.94
C THR A 90 -0.20 9.06 15.31
N ARG A 91 1.10 9.35 15.29
CA ARG A 91 2.06 8.42 14.72
C ARG A 91 2.34 7.28 15.70
N TRP A 92 2.44 6.09 15.15
CA TRP A 92 2.70 4.90 15.96
C TRP A 92 4.15 4.48 15.72
N GLY A 93 4.34 3.68 14.68
CA GLY A 93 5.66 3.20 14.34
C GLY A 93 5.62 1.73 13.90
N THR A 94 6.06 0.86 14.80
CA THR A 94 6.08 -0.56 14.52
C THR A 94 7.41 -0.96 13.87
N VAL A 95 7.75 -0.26 12.80
CA VAL A 95 8.99 -0.53 12.09
C VAL A 95 8.87 -1.87 11.37
N ASP A 96 9.53 -2.87 11.94
CA ASP A 96 9.51 -4.20 11.36
C ASP A 96 8.06 -4.70 11.28
N CYS A 97 7.43 -4.41 10.16
CA CYS A 97 6.05 -4.83 9.95
C CYS A 97 6.02 -6.34 9.76
N THR A 98 6.49 -7.04 10.78
CA THR A 98 6.52 -8.49 10.74
C THR A 98 5.34 -9.08 11.50
N THR A 99 4.76 -8.25 12.36
CA THR A 99 3.62 -8.67 13.15
C THR A 99 2.31 -8.39 12.41
N ALA A 100 2.15 -7.13 12.02
CA ALA A 100 0.96 -6.73 11.29
C ALA A 100 1.20 -6.87 9.79
N ALA A 101 0.10 -7.05 9.07
CA ALA A 101 0.18 -7.21 7.62
C ALA A 101 0.07 -5.84 6.96
N CYS A 102 1.08 -5.51 6.17
CA CYS A 102 1.11 -4.23 5.47
C CYS A 102 0.47 -4.42 4.10
N GLN A 103 -0.56 -3.62 3.84
CA GLN A 103 -1.27 -3.69 2.58
C GLN A 103 -0.79 -2.57 1.64
N VAL A 104 -0.21 -3.00 0.53
CA VAL A 104 0.29 -2.06 -0.47
C VAL A 104 -0.83 -1.72 -1.45
N GLY A 105 -1.30 -0.48 -1.36
CA GLY A 105 -2.35 -0.01 -2.24
C GLY A 105 -2.40 1.52 -2.29
N LEU A 106 -3.22 2.02 -3.20
CA LEU A 106 -3.36 3.46 -3.36
C LEU A 106 -4.71 3.90 -2.79
N SER A 107 -4.67 4.97 -2.00
CA SER A 107 -5.88 5.50 -1.40
C SER A 107 -6.48 6.59 -2.28
N ASP A 108 -7.77 6.82 -2.09
CA ASP A 108 -8.47 7.84 -2.85
C ASP A 108 -8.16 9.22 -2.28
N ALA A 109 -8.39 10.23 -3.11
CA ALA A 109 -8.14 11.60 -2.69
C ALA A 109 -9.37 12.15 -1.98
N ALA A 110 -10.29 11.24 -1.67
CA ALA A 110 -11.52 11.62 -0.99
C ALA A 110 -11.33 11.45 0.52
N GLY A 111 -11.03 10.22 0.91
CA GLY A 111 -10.82 9.92 2.31
C GLY A 111 -11.12 8.45 2.61
N ASN A 112 -10.55 7.58 1.78
CA ASN A 112 -10.75 6.15 1.93
C ASN A 112 -9.51 5.42 1.44
N GLY A 113 -9.35 4.19 1.93
CA GLY A 113 -8.21 3.37 1.55
C GLY A 113 -8.63 1.91 1.38
N PRO A 114 -9.54 1.68 0.39
CA PRO A 114 -10.01 0.34 0.11
C PRO A 114 -8.97 -0.48 -0.63
N GLU A 115 -7.99 0.24 -1.19
CA GLU A 115 -6.91 -0.42 -1.92
C GLU A 115 -5.77 -0.78 -0.98
N GLY A 116 -5.19 -1.95 -1.22
CA GLY A 116 -4.10 -2.43 -0.39
C GLY A 116 -4.06 -3.96 -0.37
N VAL A 117 -2.95 -4.50 -0.88
CA VAL A 117 -2.77 -5.94 -0.91
C VAL A 117 -1.78 -6.36 0.17
N ALA A 118 -2.26 -7.19 1.09
CA ALA A 118 -1.43 -7.67 2.17
C ALA A 118 -0.21 -8.39 1.60
N ILE A 119 0.86 -7.63 1.45
CA ILE A 119 2.09 -8.18 0.91
C ILE A 119 3.04 -8.53 2.08
N SER A 120 3.85 -9.56 1.84
CA SER A 120 4.80 -10.00 2.85
C SER A 120 5.13 -11.48 2.63
N PHE A 121 4.08 -12.29 2.59
CA PHE A 121 4.25 -13.72 2.39
C PHE A 121 3.10 -14.29 1.55
N ASN A 122 3.49 -15.13 0.59
CA ASN A 122 2.51 -15.75 -0.29
C ASN A 122 1.50 -16.53 0.55
C1 NCZ B . -5.62 2.72 3.94
C6 NCZ B . -4.74 3.62 3.35
C5 NCZ B . -3.93 3.17 2.27
C7 NCZ B . -3.02 4.01 1.65
C8 NCZ B . -2.87 5.30 2.13
C9 NCZ B . -3.64 5.78 3.21
C10 NCZ B . -4.63 4.95 3.81
C11 NCZ B . -5.71 5.56 4.56
O3 NCZ B . -5.52 6.65 5.10
O4 NCZ B . -7.02 4.95 4.78
C12 NCZ B . -7.98 5.62 5.65
C13 NCZ B . -8.07 4.95 7.03
C14 NCZ B . -9.11 4.11 7.04
C15 NCZ B . -9.99 4.25 5.86
C16 NCZ B . -9.40 5.46 5.10
O6 NCZ B . -10.23 6.62 5.36
O5 NCZ B . -8.26 5.95 8.04
O2 NCZ B . -3.43 7.11 3.62
C4 NCZ B . -4.09 1.88 1.82
C3 NCZ B . -5.00 1.02 2.44
C2 NCZ B . -5.77 1.43 3.50
O1 NCZ B . -6.64 0.53 4.08
C17 NCZ B . -7.78 0.88 4.88
C18 NCZ B . -3.31 1.34 0.67
H1 NCZ B . -6.23 3.06 4.79
H7 NCZ B . -2.43 3.67 0.81
H8 NCZ B . -2.13 5.96 1.67
H12 NCZ B . -7.80 6.47 5.98
H13 NCZ B . -7.15 4.40 7.23
H14 NCZ B . -9.29 3.39 7.84
H15 NCZ B . -10.85 3.64 5.58
H16 NCZ B . -9.41 5.22 4.03
H6 NCZ B . -10.62 6.56 6.32
H5 NCZ B . -7.53 6.56 8.04
H2 NCZ B . -4.25 7.67 3.38
H3 NCZ B . -5.09 0.00 2.06
H171 NCZ B . -8.30 -0.02 5.21
H172 NCZ B . -7.46 1.45 5.76
H173 NCZ B . -8.47 1.50 4.29
H181 NCZ B . -3.88 1.49 -0.25
H182 NCZ B . -2.35 1.85 0.60
H183 NCZ B . -3.13 0.27 0.82
N ALA A 10 -5.95 -10.26 -16.45
CA ALA A 10 -4.89 -11.02 -15.81
C ALA A 10 -4.14 -10.11 -14.83
N ALA A 11 -4.90 -9.38 -14.03
CA ALA A 11 -4.33 -8.48 -13.06
C ALA A 11 -5.44 -7.91 -12.17
N PRO A 12 -5.52 -8.48 -10.94
CA PRO A 12 -6.53 -8.04 -9.98
C PRO A 12 -6.17 -6.68 -9.38
N THR A 13 -6.73 -5.64 -9.97
CA THR A 13 -6.47 -4.28 -9.50
C THR A 13 -4.98 -4.10 -9.18
N ALA A 14 -4.71 -3.20 -8.25
CA ALA A 14 -3.34 -2.93 -7.85
C ALA A 14 -2.82 -4.09 -7.01
N THR A 15 -1.81 -4.76 -7.54
CA THR A 15 -1.21 -5.89 -6.85
C THR A 15 0.31 -5.86 -7.00
N VAL A 16 0.98 -6.35 -5.97
CA VAL A 16 2.43 -6.40 -5.98
C VAL A 16 2.90 -7.65 -6.73
N THR A 17 3.80 -7.43 -7.67
CA THR A 17 4.34 -8.53 -8.47
C THR A 17 4.51 -9.78 -7.59
N PRO A 18 5.49 -9.70 -6.66
CA PRO A 18 5.76 -10.80 -5.76
C PRO A 18 4.69 -10.91 -4.68
N SER A 19 5.05 -11.62 -3.61
CA SER A 19 4.12 -11.81 -2.50
C SER A 19 4.86 -11.63 -1.18
N SER A 20 6.00 -12.31 -1.07
CA SER A 20 6.80 -12.23 0.14
C SER A 20 7.32 -10.80 0.33
N GLY A 21 6.42 -9.94 0.79
CA GLY A 21 6.77 -8.55 1.01
C GLY A 21 7.83 -8.42 2.11
N LEU A 22 8.10 -9.55 2.77
CA LEU A 22 9.06 -9.58 3.84
C LEU A 22 10.47 -9.40 3.26
N SER A 23 10.64 -8.30 2.54
CA SER A 23 11.93 -8.00 1.93
C SER A 23 12.32 -6.55 2.21
N ASP A 24 13.41 -6.41 2.95
CA ASP A 24 13.91 -5.08 3.31
C ASP A 24 13.67 -4.13 2.14
N GLY A 25 12.56 -3.40 2.23
CA GLY A 25 12.20 -2.45 1.18
C GLY A 25 12.35 -3.07 -0.20
N THR A 26 11.46 -4.02 -0.48
CA THR A 26 11.47 -4.70 -1.76
C THR A 26 10.85 -3.81 -2.84
N VAL A 27 11.62 -3.60 -3.90
CA VAL A 27 11.16 -2.78 -5.01
C VAL A 27 10.58 -3.67 -6.10
N VAL A 28 9.29 -3.51 -6.33
CA VAL A 28 8.60 -4.30 -7.34
C VAL A 28 7.65 -3.40 -8.13
N LYS A 29 6.86 -4.03 -8.99
CA LYS A 29 5.90 -3.29 -9.79
C LYS A 29 4.48 -3.62 -9.32
N VAL A 30 3.68 -2.57 -9.20
CA VAL A 30 2.30 -2.72 -8.76
C VAL A 30 1.36 -2.40 -9.91
N ALA A 31 0.84 -3.45 -10.53
CA ALA A 31 -0.07 -3.28 -11.65
C ALA A 31 -1.50 -3.17 -11.12
N GLY A 32 -2.16 -2.09 -11.52
CA GLY A 32 -3.53 -1.84 -11.10
C GLY A 32 -4.50 -1.95 -12.27
N ALA A 33 -4.84 -3.18 -12.60
CA ALA A 33 -5.76 -3.44 -13.70
C ALA A 33 -7.21 -3.34 -13.19
N GLY A 34 -7.97 -2.48 -13.85
CA GLY A 34 -9.36 -2.29 -13.48
C GLY A 34 -9.48 -1.31 -12.30
N LEU A 35 -8.42 -0.55 -12.09
CA LEU A 35 -8.40 0.42 -11.02
C LEU A 35 -8.97 1.75 -11.52
N GLN A 36 -8.43 2.84 -10.99
CA GLN A 36 -8.88 4.16 -11.37
C GLN A 36 -8.48 4.46 -12.82
N ALA A 37 -9.32 4.01 -13.73
CA ALA A 37 -9.08 4.21 -15.15
C ALA A 37 -9.19 5.70 -15.47
N GLY A 38 -8.05 6.35 -15.55
CA GLY A 38 -8.01 7.78 -15.85
C GLY A 38 -7.85 8.59 -14.57
N THR A 39 -8.11 7.95 -13.44
CA THR A 39 -8.00 8.61 -12.15
C THR A 39 -6.60 8.40 -11.56
N ALA A 40 -6.41 8.94 -10.38
CA ALA A 40 -5.12 8.82 -9.70
C ALA A 40 -5.33 9.01 -8.19
N TYR A 41 -4.39 8.46 -7.43
CA TYR A 41 -4.45 8.56 -5.98
C TYR A 41 -3.06 8.51 -5.36
N ASP A 42 -3.03 8.28 -4.06
CA ASP A 42 -1.78 8.20 -3.34
C ASP A 42 -1.47 6.73 -3.02
N VAL A 43 -0.44 6.22 -3.65
CA VAL A 43 -0.04 4.84 -3.44
C VAL A 43 0.74 4.73 -2.13
N GLY A 44 0.43 3.69 -1.36
CA GLY A 44 1.09 3.47 -0.08
C GLY A 44 0.53 2.23 0.60
N GLN A 45 1.36 1.64 1.46
CA GLN A 45 0.97 0.45 2.19
C GLN A 45 0.40 0.82 3.56
N CYS A 46 -0.92 0.81 3.64
CA CYS A 46 -1.59 1.15 4.89
C CYS A 46 -2.16 -0.14 5.49
N ALA A 47 -2.33 -0.11 6.81
CA ALA A 47 -2.86 -1.26 7.51
C ALA A 47 -2.88 -0.96 9.02
N TRP A 48 -3.64 -1.78 9.73
CA TRP A 48 -3.75 -1.61 11.18
C TRP A 48 -2.37 -1.84 11.79
N VAL A 49 -1.79 -0.75 12.28
CA VAL A 49 -0.47 -0.82 12.89
C VAL A 49 -0.62 -0.84 14.41
N ASP A 50 -1.63 -0.14 14.88
CA ASP A 50 -1.90 -0.06 16.30
C ASP A 50 -2.85 -1.20 16.71
N THR A 51 -3.56 -0.98 17.80
CA THR A 51 -4.50 -1.97 18.29
C THR A 51 -5.81 -1.89 17.51
N GLY A 52 -5.68 -1.98 16.19
CA GLY A 52 -6.84 -1.93 15.32
C GLY A 52 -6.95 -0.57 14.62
N VAL A 53 -5.94 0.26 14.86
CA VAL A 53 -5.91 1.59 14.27
C VAL A 53 -5.20 1.52 12.92
N LEU A 54 -5.95 1.83 11.88
CA LEU A 54 -5.41 1.81 10.53
C LEU A 54 -4.30 2.86 10.41
N ALA A 55 -3.07 2.39 10.50
CA ALA A 55 -1.92 3.28 10.41
C ALA A 55 -1.19 3.01 9.09
N CYS A 56 -0.78 4.10 8.46
CA CYS A 56 -0.07 4.01 7.19
C CYS A 56 1.42 4.22 7.46
N ASN A 57 2.24 3.64 6.59
CA ASN A 57 3.68 3.75 6.72
C ASN A 57 4.13 5.10 6.15
N PRO A 58 5.42 5.43 6.40
CA PRO A 58 6.00 6.67 5.92
C PRO A 58 6.27 6.61 4.41
N ALA A 59 6.18 5.40 3.88
CA ALA A 59 6.41 5.18 2.47
C ALA A 59 5.08 4.92 1.77
N ASP A 60 4.01 5.29 2.44
CA ASP A 60 2.68 5.10 1.90
C ASP A 60 2.30 6.32 1.06
N PHE A 61 3.27 7.21 0.89
CA PHE A 61 3.06 8.41 0.11
C PHE A 61 3.80 8.35 -1.22
N SER A 62 3.08 7.87 -2.24
CA SER A 62 3.66 7.75 -3.56
C SER A 62 2.58 7.91 -4.62
N SER A 63 2.31 9.16 -4.96
CA SER A 63 1.31 9.48 -5.96
C SER A 63 1.36 8.46 -7.09
N VAL A 64 0.18 7.97 -7.46
CA VAL A 64 0.08 6.99 -8.53
C VAL A 64 -1.15 7.30 -9.39
N THR A 65 -1.13 6.78 -10.60
CA THR A 65 -2.22 6.99 -11.53
C THR A 65 -2.44 5.75 -12.40
N ALA A 66 -3.70 5.54 -12.77
CA ALA A 66 -4.05 4.40 -13.59
C ALA A 66 -4.39 4.88 -15.01
N ASP A 67 -3.91 4.12 -15.98
CA ASP A 67 -4.14 4.46 -17.37
C ASP A 67 -5.64 4.35 -17.67
N ALA A 68 -6.06 5.09 -18.69
CA ALA A 68 -7.46 5.08 -19.08
C ALA A 68 -7.99 3.65 -19.07
N ASN A 69 -7.08 2.72 -19.27
CA ASN A 69 -7.43 1.30 -19.27
C ASN A 69 -7.35 0.76 -17.84
N GLY A 70 -7.66 1.63 -16.90
CA GLY A 70 -7.62 1.24 -15.49
C GLY A 70 -6.39 0.38 -15.19
N SER A 71 -5.26 0.80 -15.74
CA SER A 71 -4.02 0.08 -15.54
C SER A 71 -3.00 0.98 -14.84
N ALA A 72 -2.80 0.70 -13.56
CA ALA A 72 -1.85 1.47 -12.76
C ALA A 72 -0.61 0.63 -12.50
N SER A 73 0.32 0.69 -13.46
CA SER A 73 1.55 -0.06 -13.36
C SER A 73 2.64 0.83 -12.74
N THR A 74 2.53 1.03 -11.44
CA THR A 74 3.50 1.85 -10.72
C THR A 74 4.36 0.98 -9.80
N SER A 75 5.65 1.26 -9.81
CA SER A 75 6.59 0.52 -8.98
C SER A 75 6.74 1.20 -7.62
N LEU A 76 6.81 0.38 -6.58
CA LEU A 76 6.95 0.90 -5.23
C LEU A 76 7.88 -0.04 -4.44
N THR A 77 8.30 0.45 -3.28
CA THR A 77 9.18 -0.32 -2.42
C THR A 77 8.42 -0.84 -1.20
N VAL A 78 8.59 -2.12 -0.94
CA VAL A 78 7.93 -2.74 0.19
C VAL A 78 8.81 -2.62 1.44
N ARG A 79 8.67 -1.48 2.11
CA ARG A 79 9.45 -1.21 3.31
C ARG A 79 8.73 -1.79 4.54
N ARG A 80 8.54 -3.11 4.51
CA ARG A 80 7.88 -3.78 5.61
C ARG A 80 8.26 -3.13 6.94
N SER A 81 9.49 -2.64 7.00
CA SER A 81 9.99 -2.00 8.20
C SER A 81 9.96 -0.48 8.03
N PHE A 82 9.29 0.17 8.97
CA PHE A 82 9.18 1.62 8.94
C PHE A 82 8.35 2.13 10.12
N GLU A 83 8.24 3.45 10.20
CA GLU A 83 7.47 4.07 11.27
C GLU A 83 6.03 4.32 10.82
N GLY A 84 5.14 3.50 11.34
CA GLY A 84 3.73 3.62 11.00
C GLY A 84 3.14 4.93 11.54
N PHE A 85 1.95 5.25 11.06
CA PHE A 85 1.27 6.47 11.48
C PHE A 85 -0.23 6.23 11.62
N LEU A 86 -0.72 6.39 12.84
CA LEU A 86 -2.13 6.20 13.12
C LEU A 86 -2.94 7.17 12.26
N PHE A 87 -3.96 6.62 11.61
CA PHE A 87 -4.82 7.41 10.75
C PHE A 87 -5.33 8.65 11.49
N ASP A 88 -5.43 8.53 12.80
CA ASP A 88 -5.89 9.63 13.62
C ASP A 88 -5.10 10.89 13.28
N GLY A 89 -3.80 10.76 13.32
CA GLY A 89 -2.91 11.88 13.02
C GLY A 89 -1.57 11.74 13.73
N THR A 90 -1.57 10.94 14.78
CA THR A 90 -0.36 10.70 15.55
C THR A 90 0.42 9.52 14.97
N ARG A 91 1.74 9.63 15.05
CA ARG A 91 2.61 8.58 14.55
C ARG A 91 2.77 7.47 15.59
N TRP A 92 2.78 6.25 15.09
CA TRP A 92 2.92 5.09 15.97
C TRP A 92 4.35 4.55 15.79
N GLY A 93 4.47 3.61 14.87
CA GLY A 93 5.76 2.99 14.60
C GLY A 93 5.59 1.60 14.01
N THR A 94 5.77 0.60 14.86
CA THR A 94 5.64 -0.79 14.43
C THR A 94 6.98 -1.31 13.91
N VAL A 95 7.56 -0.56 12.98
CA VAL A 95 8.84 -0.93 12.41
C VAL A 95 8.66 -2.19 11.56
N ASP A 96 9.16 -3.30 12.09
CA ASP A 96 9.06 -4.57 11.38
C ASP A 96 7.59 -4.95 11.23
N CYS A 97 7.09 -4.74 10.03
CA CYS A 97 5.69 -5.05 9.73
C CYS A 97 5.59 -6.55 9.43
N THR A 98 6.10 -7.35 10.35
CA THR A 98 6.08 -8.79 10.19
C THR A 98 4.87 -9.39 10.93
N THR A 99 4.38 -8.64 11.90
CA THR A 99 3.24 -9.07 12.68
C THR A 99 1.94 -8.62 12.03
N ALA A 100 1.86 -7.31 11.79
CA ALA A 100 0.69 -6.73 11.17
C ALA A 100 0.81 -6.84 9.65
N ALA A 101 -0.31 -7.15 9.01
CA ALA A 101 -0.34 -7.29 7.58
C ALA A 101 -0.44 -5.90 6.93
N CYS A 102 0.57 -5.58 6.14
CA CYS A 102 0.63 -4.29 5.47
C CYS A 102 -0.05 -4.43 4.11
N GLN A 103 -1.05 -3.59 3.89
CA GLN A 103 -1.78 -3.61 2.63
C GLN A 103 -1.25 -2.52 1.68
N VAL A 104 -0.64 -2.97 0.60
CA VAL A 104 -0.10 -2.05 -0.39
C VAL A 104 -1.19 -1.68 -1.39
N GLY A 105 -1.68 -0.46 -1.27
CA GLY A 105 -2.71 0.03 -2.17
C GLY A 105 -2.69 1.56 -2.26
N LEU A 106 -3.60 2.09 -3.05
CA LEU A 106 -3.68 3.53 -3.24
C LEU A 106 -4.91 4.06 -2.49
N SER A 107 -4.74 5.25 -1.93
CA SER A 107 -5.82 5.89 -1.18
C SER A 107 -6.71 6.69 -2.13
N ASP A 108 -8.01 6.58 -1.91
CA ASP A 108 -8.98 7.28 -2.72
C ASP A 108 -9.00 8.76 -2.32
N ALA A 109 -9.50 9.59 -3.24
CA ALA A 109 -9.58 11.01 -2.99
C ALA A 109 -10.88 11.32 -2.25
N ALA A 110 -11.58 10.27 -1.87
CA ALA A 110 -12.83 10.41 -1.15
C ALA A 110 -12.56 10.42 0.36
N GLY A 111 -11.53 9.67 0.74
CA GLY A 111 -11.15 9.58 2.14
C GLY A 111 -11.27 8.14 2.64
N ASN A 112 -10.87 7.22 1.78
CA ASN A 112 -10.92 5.80 2.14
C ASN A 112 -9.80 5.06 1.40
N GLY A 113 -9.40 3.94 1.98
CA GLY A 113 -8.34 3.14 1.40
C GLY A 113 -8.73 1.66 1.37
N PRO A 114 -9.81 1.37 0.60
CA PRO A 114 -10.30 0.00 0.48
C PRO A 114 -9.38 -0.82 -0.43
N GLU A 115 -8.65 -0.12 -1.28
CA GLU A 115 -7.74 -0.78 -2.20
C GLU A 115 -6.39 -1.05 -1.51
N GLY A 116 -5.81 -2.20 -1.84
CA GLY A 116 -4.54 -2.58 -1.27
C GLY A 116 -4.47 -4.09 -1.07
N VAL A 117 -3.32 -4.66 -1.43
CA VAL A 117 -3.11 -6.09 -1.30
C VAL A 117 -2.18 -6.35 -0.12
N ALA A 118 -2.68 -7.15 0.82
CA ALA A 118 -1.91 -7.48 2.01
C ALA A 118 -0.63 -8.21 1.58
N ILE A 119 0.43 -7.44 1.44
CA ILE A 119 1.71 -8.01 1.04
C ILE A 119 2.50 -8.38 2.29
N SER A 120 3.43 -9.32 2.11
CA SER A 120 4.26 -9.78 3.21
C SER A 120 4.71 -11.22 2.96
N PHE A 121 3.73 -12.11 2.86
CA PHE A 121 4.01 -13.51 2.61
C PHE A 121 3.05 -14.10 1.58
N ASN A 122 3.59 -14.97 0.75
CA ASN A 122 2.79 -15.60 -0.29
C ASN A 122 1.86 -16.63 0.36
C1 NCZ B . -5.66 2.68 4.12
C6 NCZ B . -4.77 3.59 3.53
C5 NCZ B . -4.11 3.20 2.35
C7 NCZ B . -3.20 4.05 1.72
C8 NCZ B . -2.91 5.27 2.29
C9 NCZ B . -3.55 5.68 3.47
C10 NCZ B . -4.53 4.86 4.09
C11 NCZ B . -5.49 5.46 5.01
O3 NCZ B . -5.19 6.48 5.62
O4 NCZ B . -6.82 4.90 5.30
C12 NCZ B . -7.65 5.54 6.31
C13 NCZ B . -8.32 4.53 7.24
C14 NCZ B . -9.56 4.30 6.80
C15 NCZ B . -10.00 5.24 5.74
C16 NCZ B . -8.84 6.25 5.64
O6 NCZ B . -9.23 7.46 6.35
O5 NCZ B . -8.38 5.05 8.57
O2 NCZ B . -3.21 6.94 3.97
C4 NCZ B . -4.38 1.97 1.81
C3 NCZ B . -5.28 1.11 2.42
C2 NCZ B . -5.93 1.46 3.59
O1 NCZ B . -6.80 0.56 4.17
C17 NCZ B . -7.84 0.91 5.11
C18 NCZ B . -3.76 1.49 0.54
H1 NCZ B . -6.16 2.97 5.05
H7 NCZ B . -2.71 3.74 0.79
H8 NCZ B . -2.18 5.93 1.82
H12 NCZ B . -7.38 6.35 6.69
H13 NCZ B . -7.75 3.60 7.23
H14 NCZ B . -10.18 3.49 7.18
H15 NCZ B . -10.93 5.22 5.17
H16 NCZ B . -8.65 6.46 4.59
H6 NCZ B . -9.83 7.22 7.14
H5 NCZ B . -7.49 5.22 8.89
H2 NCZ B . -4.01 7.59 3.87
H3 NCZ B . -5.48 0.14 1.97
H171 NCZ B . -8.38 0.00 5.40
H172 NCZ B . -7.40 1.36 6.00
H173 NCZ B . -8.53 1.60 4.65
H181 NCZ B . -4.38 1.77 -0.31
H182 NCZ B . -2.77 1.96 0.41
H183 NCZ B . -3.64 0.40 0.57
N ALA A 10 -7.20 -10.65 -14.75
CA ALA A 10 -6.11 -11.42 -14.16
C ALA A 10 -5.28 -10.50 -13.26
N ALA A 11 -5.95 -9.52 -12.68
CA ALA A 11 -5.30 -8.58 -11.79
C ALA A 11 -6.36 -7.83 -10.97
N PRO A 12 -6.54 -8.30 -9.71
CA PRO A 12 -7.51 -7.68 -8.82
C PRO A 12 -7.00 -6.35 -8.29
N THR A 13 -7.32 -5.29 -9.02
CA THR A 13 -6.90 -3.95 -8.64
C THR A 13 -5.38 -3.91 -8.45
N ALA A 14 -4.94 -2.90 -7.71
CA ALA A 14 -3.52 -2.73 -7.44
C ALA A 14 -3.00 -3.96 -6.69
N THR A 15 -1.92 -4.51 -7.22
CA THR A 15 -1.31 -5.69 -6.61
C THR A 15 0.20 -5.70 -6.87
N VAL A 16 0.92 -6.22 -5.90
CA VAL A 16 2.38 -6.30 -6.01
C VAL A 16 2.75 -7.42 -6.98
N THR A 17 3.50 -7.05 -8.01
CA THR A 17 3.92 -8.00 -9.02
C THR A 17 4.13 -9.38 -8.38
N PRO A 18 5.20 -9.46 -7.54
CA PRO A 18 5.52 -10.71 -6.86
C PRO A 18 4.54 -10.98 -5.72
N SER A 19 4.97 -11.83 -4.80
CA SER A 19 4.15 -12.18 -3.66
C SER A 19 4.99 -12.19 -2.39
N SER A 20 6.12 -12.88 -2.47
CA SER A 20 7.03 -12.98 -1.34
C SER A 20 7.71 -11.63 -1.10
N GLY A 21 6.87 -10.62 -0.87
CA GLY A 21 7.37 -9.27 -0.61
C GLY A 21 8.31 -9.26 0.59
N LEU A 22 8.29 -10.36 1.34
CA LEU A 22 9.15 -10.48 2.51
C LEU A 22 10.60 -10.24 2.11
N SER A 23 10.92 -8.97 1.88
CA SER A 23 12.26 -8.59 1.48
C SER A 23 12.56 -7.17 1.96
N ASP A 24 13.63 -7.05 2.73
CA ASP A 24 14.04 -5.76 3.26
C ASP A 24 13.76 -4.68 2.20
N GLY A 25 12.59 -4.07 2.32
CA GLY A 25 12.20 -3.03 1.39
C GLY A 25 12.34 -3.51 -0.07
N THR A 26 11.50 -4.46 -0.42
CA THR A 26 11.52 -5.00 -1.77
C THR A 26 10.89 -4.02 -2.75
N VAL A 27 11.63 -3.76 -3.83
CA VAL A 27 11.16 -2.83 -4.85
C VAL A 27 10.43 -3.61 -5.94
N VAL A 28 9.15 -3.29 -6.09
CA VAL A 28 8.33 -3.96 -7.09
C VAL A 28 7.37 -2.94 -7.71
N LYS A 29 6.51 -3.44 -8.58
CA LYS A 29 5.54 -2.59 -9.25
C LYS A 29 4.13 -3.05 -8.89
N VAL A 30 3.33 -2.10 -8.43
CA VAL A 30 1.96 -2.40 -8.05
C VAL A 30 1.01 -2.00 -9.19
N ALA A 31 0.66 -3.00 -10.00
CA ALA A 31 -0.22 -2.78 -11.12
C ALA A 31 -1.67 -2.95 -10.66
N GLY A 32 -2.51 -2.02 -11.09
CA GLY A 32 -3.92 -2.07 -10.73
C GLY A 32 -4.80 -2.22 -11.98
N ALA A 33 -5.56 -3.31 -12.00
CA ALA A 33 -6.44 -3.58 -13.12
C ALA A 33 -7.87 -3.23 -12.73
N GLY A 34 -8.27 -2.02 -13.12
CA GLY A 34 -9.61 -1.54 -12.82
C GLY A 34 -9.61 -0.58 -11.63
N LEU A 35 -8.44 -0.02 -11.38
CA LEU A 35 -8.28 0.91 -10.28
C LEU A 35 -8.74 2.30 -10.72
N GLN A 36 -8.01 3.31 -10.27
CA GLN A 36 -8.33 4.68 -10.61
C GLN A 36 -8.48 4.84 -12.13
N ALA A 37 -9.70 4.62 -12.60
CA ALA A 37 -9.99 4.71 -14.02
C ALA A 37 -9.65 6.13 -14.50
N GLY A 38 -8.37 6.32 -14.83
CA GLY A 38 -7.90 7.60 -15.30
C GLY A 38 -7.72 8.58 -14.14
N THR A 39 -7.91 8.06 -12.94
CA THR A 39 -7.77 8.87 -11.75
C THR A 39 -6.34 8.80 -11.22
N ALA A 40 -6.13 9.43 -10.07
CA ALA A 40 -4.82 9.44 -9.45
C ALA A 40 -4.97 9.26 -7.94
N TYR A 41 -4.47 8.13 -7.46
CA TYR A 41 -4.54 7.82 -6.04
C TYR A 41 -3.14 7.70 -5.43
N ASP A 42 -3.11 7.72 -4.10
CA ASP A 42 -1.84 7.62 -3.40
C ASP A 42 -1.55 6.15 -3.09
N VAL A 43 -0.35 5.72 -3.48
CA VAL A 43 0.05 4.34 -3.26
C VAL A 43 0.97 4.28 -2.04
N GLY A 44 0.74 3.27 -1.21
CA GLY A 44 1.53 3.09 0.00
C GLY A 44 0.96 1.96 0.86
N GLN A 45 1.83 1.00 1.17
CA GLN A 45 1.43 -0.13 1.98
C GLN A 45 0.84 0.35 3.31
N CYS A 46 -0.48 0.38 3.37
CA CYS A 46 -1.17 0.82 4.57
C CYS A 46 -1.78 -0.40 5.25
N ALA A 47 -2.03 -0.26 6.54
CA ALA A 47 -2.61 -1.35 7.32
C ALA A 47 -2.76 -0.91 8.77
N TRP A 48 -3.53 -1.69 9.52
CA TRP A 48 -3.76 -1.38 10.92
C TRP A 48 -2.47 -1.69 11.69
N VAL A 49 -1.84 -0.63 12.18
CA VAL A 49 -0.62 -0.77 12.94
C VAL A 49 -0.93 -0.74 14.43
N ASP A 50 -1.74 0.23 14.81
CA ASP A 50 -2.13 0.38 16.20
C ASP A 50 -3.33 -0.52 16.50
N THR A 51 -4.02 -0.20 17.58
CA THR A 51 -5.18 -0.98 17.98
C THR A 51 -6.31 -0.82 16.97
N GLY A 52 -6.19 -1.57 15.88
CA GLY A 52 -7.18 -1.52 14.82
C GLY A 52 -7.19 -0.16 14.13
N VAL A 53 -6.07 0.54 14.26
CA VAL A 53 -5.93 1.85 13.66
C VAL A 53 -5.19 1.72 12.33
N LEU A 54 -5.92 1.96 11.26
CA LEU A 54 -5.33 1.87 9.92
C LEU A 54 -4.25 2.93 9.78
N ALA A 55 -3.01 2.50 9.99
CA ALA A 55 -1.87 3.39 9.89
C ALA A 55 -1.07 3.05 8.63
N CYS A 56 -0.62 4.10 7.96
CA CYS A 56 0.16 3.93 6.74
C CYS A 56 1.64 4.02 7.09
N ASN A 57 2.46 3.40 6.25
CA ASN A 57 3.90 3.41 6.46
C ASN A 57 4.47 4.74 5.98
N PRO A 58 5.76 4.98 6.34
CA PRO A 58 6.44 6.20 5.96
C PRO A 58 6.82 6.17 4.48
N ALA A 59 6.81 4.96 3.92
CA ALA A 59 7.16 4.79 2.52
C ALA A 59 5.89 4.52 1.72
N ASP A 60 4.75 4.79 2.35
CA ASP A 60 3.47 4.58 1.71
C ASP A 60 3.08 5.84 0.93
N PHE A 61 4.07 6.69 0.68
CA PHE A 61 3.85 7.92 -0.04
C PHE A 61 4.39 7.82 -1.47
N SER A 62 3.55 7.31 -2.36
CA SER A 62 3.93 7.16 -3.75
C SER A 62 2.71 7.33 -4.65
N SER A 63 2.41 8.58 -4.96
CA SER A 63 1.27 8.89 -5.80
C SER A 63 1.41 8.19 -7.15
N VAL A 64 0.27 7.80 -7.71
CA VAL A 64 0.26 7.13 -8.99
C VAL A 64 -1.13 7.26 -9.62
N THR A 65 -1.15 7.23 -10.94
CA THR A 65 -2.39 7.35 -11.68
C THR A 65 -2.62 6.11 -12.56
N ALA A 66 -3.89 5.79 -12.76
CA ALA A 66 -4.25 4.64 -13.58
C ALA A 66 -4.79 5.13 -14.92
N ASP A 67 -4.49 4.35 -15.96
CA ASP A 67 -4.94 4.69 -17.30
C ASP A 67 -6.45 4.52 -17.39
N ALA A 68 -7.04 5.18 -18.37
CA ALA A 68 -8.47 5.12 -18.58
C ALA A 68 -8.94 3.68 -18.35
N ASN A 69 -8.05 2.74 -18.62
CA ASN A 69 -8.36 1.34 -18.46
C ASN A 69 -8.04 0.90 -17.03
N GLY A 70 -8.25 1.84 -16.10
CA GLY A 70 -7.99 1.57 -14.70
C GLY A 70 -6.66 0.82 -14.53
N SER A 71 -5.68 1.22 -15.31
CA SER A 71 -4.37 0.61 -15.25
C SER A 71 -3.41 1.48 -14.46
N ALA A 72 -3.26 1.15 -13.18
CA ALA A 72 -2.38 1.91 -12.31
C ALA A 72 -1.10 1.10 -12.07
N SER A 73 -0.07 1.44 -12.84
CA SER A 73 1.21 0.76 -12.72
C SER A 73 2.18 1.63 -11.93
N THR A 74 2.24 1.37 -10.63
CA THR A 74 3.12 2.12 -9.75
C THR A 74 4.32 1.25 -9.35
N SER A 75 5.36 1.92 -8.86
CA SER A 75 6.56 1.22 -8.43
C SER A 75 7.07 1.83 -7.12
N LEU A 76 7.17 0.97 -6.11
CA LEU A 76 7.65 1.40 -4.81
C LEU A 76 8.32 0.23 -4.10
N THR A 77 8.87 0.52 -2.93
CA THR A 77 9.54 -0.50 -2.15
C THR A 77 8.67 -0.93 -0.97
N VAL A 78 8.65 -2.24 -0.74
CA VAL A 78 7.86 -2.80 0.35
C VAL A 78 8.71 -2.84 1.61
N ARG A 79 8.74 -1.72 2.32
CA ARG A 79 9.52 -1.62 3.54
C ARG A 79 8.67 -2.02 4.74
N ARG A 80 8.39 -3.32 4.83
CA ARG A 80 7.58 -3.84 5.92
C ARG A 80 8.01 -3.21 7.24
N SER A 81 9.31 -2.97 7.35
CA SER A 81 9.86 -2.38 8.56
C SER A 81 9.97 -0.86 8.39
N PHE A 82 9.32 -0.14 9.29
CA PHE A 82 9.35 1.32 9.26
C PHE A 82 8.34 1.90 10.24
N GLU A 83 8.47 3.20 10.47
CA GLU A 83 7.57 3.90 11.38
C GLU A 83 6.25 4.23 10.68
N GLY A 84 5.20 3.58 11.16
CA GLY A 84 3.87 3.81 10.59
C GLY A 84 3.24 5.08 11.14
N PHE A 85 2.10 5.43 10.58
CA PHE A 85 1.38 6.62 11.00
C PHE A 85 -0.11 6.34 11.17
N LEU A 86 -0.60 6.53 12.39
CA LEU A 86 -2.00 6.30 12.68
C LEU A 86 -2.85 6.89 11.55
N PHE A 87 -4.11 6.48 11.53
CA PHE A 87 -5.03 6.95 10.52
C PHE A 87 -5.48 8.39 10.81
N ASP A 88 -5.56 8.70 12.09
CA ASP A 88 -5.96 10.03 12.52
C ASP A 88 -4.96 11.06 11.98
N GLY A 89 -3.71 10.85 12.33
CA GLY A 89 -2.66 11.76 11.88
C GLY A 89 -1.39 11.58 12.71
N THR A 90 -1.59 11.12 13.95
CA THR A 90 -0.47 10.90 14.84
C THR A 90 0.38 9.72 14.37
N ARG A 91 1.68 9.90 14.43
CA ARG A 91 2.61 8.86 14.01
C ARG A 91 2.68 7.76 15.07
N TRP A 92 2.68 6.52 14.60
CA TRP A 92 2.75 5.38 15.49
C TRP A 92 4.18 4.84 15.46
N GLY A 93 4.43 3.95 14.52
CA GLY A 93 5.76 3.37 14.38
C GLY A 93 5.66 1.88 14.04
N THR A 94 5.61 1.06 15.08
CA THR A 94 5.52 -0.38 14.89
C THR A 94 6.84 -0.94 14.35
N VAL A 95 7.24 -0.39 13.22
CA VAL A 95 8.48 -0.82 12.58
C VAL A 95 8.23 -2.11 11.80
N ASP A 96 8.62 -3.22 12.40
CA ASP A 96 8.44 -4.52 11.78
C ASP A 96 6.94 -4.81 11.64
N CYS A 97 6.43 -4.58 10.44
CA CYS A 97 5.02 -4.81 10.16
C CYS A 97 4.84 -6.30 9.85
N THR A 98 5.16 -7.12 10.83
CA THR A 98 5.04 -8.56 10.67
C THR A 98 3.77 -9.06 11.38
N THR A 99 3.20 -8.20 12.20
CA THR A 99 2.00 -8.54 12.93
C THR A 99 0.76 -8.21 12.11
N ALA A 100 0.66 -6.94 11.73
CA ALA A 100 -0.47 -6.50 10.93
C ALA A 100 -0.14 -6.64 9.45
N ALA A 101 -1.06 -7.26 8.72
CA ALA A 101 -0.87 -7.46 7.29
C ALA A 101 -0.87 -6.10 6.59
N CYS A 102 0.26 -5.80 5.96
CA CYS A 102 0.40 -4.54 5.24
C CYS A 102 -0.02 -4.77 3.79
N GLN A 103 -0.99 -3.98 3.36
CA GLN A 103 -1.49 -4.08 2.00
C GLN A 103 -1.00 -2.89 1.16
N VAL A 104 -0.38 -3.23 0.04
CA VAL A 104 0.14 -2.21 -0.86
C VAL A 104 -0.88 -1.96 -1.97
N GLY A 105 -1.26 -0.69 -2.09
CA GLY A 105 -2.22 -0.29 -3.11
C GLY A 105 -2.37 1.23 -3.16
N LEU A 106 -3.21 1.68 -4.08
CA LEU A 106 -3.45 3.10 -4.24
C LEU A 106 -4.83 3.45 -3.69
N SER A 107 -4.84 4.35 -2.72
CA SER A 107 -6.09 4.77 -2.11
C SER A 107 -6.49 6.15 -2.62
N ASP A 108 -7.74 6.51 -2.38
CA ASP A 108 -8.26 7.79 -2.82
C ASP A 108 -7.48 8.91 -2.12
N ALA A 109 -7.59 10.10 -2.70
CA ALA A 109 -6.90 11.26 -2.14
C ALA A 109 -7.80 11.93 -1.09
N ALA A 110 -8.98 11.35 -0.92
CA ALA A 110 -9.94 11.89 0.03
C ALA A 110 -9.67 11.26 1.40
N GLY A 111 -9.07 10.09 1.38
CA GLY A 111 -8.76 9.38 2.60
C GLY A 111 -9.70 8.18 2.81
N ASN A 112 -9.95 7.48 1.71
CA ASN A 112 -10.83 6.32 1.75
C ASN A 112 -10.39 5.32 0.67
N GLY A 113 -10.91 4.11 0.78
CA GLY A 113 -10.59 3.06 -0.17
C GLY A 113 -9.64 2.04 0.45
N PRO A 114 -10.25 0.98 1.05
CA PRO A 114 -9.48 -0.08 1.67
C PRO A 114 -8.85 -0.99 0.62
N GLU A 115 -8.28 -0.37 -0.40
CA GLU A 115 -7.64 -1.12 -1.47
C GLU A 115 -6.16 -1.32 -1.17
N GLY A 116 -5.72 -2.57 -1.30
CA GLY A 116 -4.33 -2.90 -1.05
C GLY A 116 -4.09 -4.40 -1.22
N VAL A 117 -2.85 -4.74 -1.53
CA VAL A 117 -2.48 -6.13 -1.71
C VAL A 117 -1.66 -6.61 -0.51
N ALA A 118 -2.19 -7.61 0.17
CA ALA A 118 -1.53 -8.17 1.33
C ALA A 118 -0.18 -8.73 0.91
N ILE A 119 0.85 -7.92 1.04
CA ILE A 119 2.20 -8.32 0.68
C ILE A 119 2.69 -9.37 1.68
N SER A 120 3.32 -10.41 1.16
CA SER A 120 3.83 -11.47 1.99
C SER A 120 5.05 -10.96 2.78
N PHE A 121 4.81 -9.95 3.60
CA PHE A 121 5.87 -9.38 4.42
C PHE A 121 6.64 -10.46 5.17
N ASN A 122 7.87 -10.13 5.53
CA ASN A 122 8.71 -11.07 6.25
C ASN A 122 8.12 -11.31 7.64
C1 NCZ B . -5.19 2.95 3.18
C6 NCZ B . -4.22 3.81 2.65
C5 NCZ B . -3.43 3.34 1.57
C7 NCZ B . -2.44 4.14 1.02
C8 NCZ B . -2.19 5.38 1.56
C9 NCZ B . -2.96 5.86 2.64
C10 NCZ B . -4.03 5.10 3.18
C11 NCZ B . -5.06 5.76 3.94
O3 NCZ B . -4.82 6.80 4.54
O4 NCZ B . -6.43 5.24 4.10
C12 NCZ B . -7.17 5.58 5.31
C13 NCZ B . -7.36 4.36 6.23
C14 NCZ B . -8.57 3.83 5.99
C15 NCZ B . -9.44 4.68 5.15
C16 NCZ B . -8.61 5.97 4.95
O6 NCZ B . -9.15 6.99 5.84
O5 NCZ B . -7.28 4.77 7.59
O2 NCZ B . -2.64 7.15 3.11
C4 NCZ B . -3.68 2.08 1.07
C3 NCZ B . -4.67 1.28 1.61
C2 NCZ B . -5.42 1.70 2.68
O1 NCZ B . -6.39 0.85 3.20
C17 NCZ B . -7.52 1.26 4.00
C18 NCZ B . -2.91 1.53 -0.10
H1 NCZ B . -5.79 3.29 4.03
H7 NCZ B . -1.86 3.78 0.17
H8 NCZ B . -1.40 6.01 1.14
H12 NCZ B . -7.11 6.77 5.35
H13 NCZ B . -6.60 3.62 6.01
H14 NCZ B . -8.88 2.86 6.39
H15 NCZ B . -10.43 4.45 4.74
H16 NCZ B . -8.71 6.28 3.91
H6 NCZ B . -9.50 6.54 6.70
H5 NCZ B . -6.42 5.15 7.77
H2 NCZ B . -3.42 7.80 2.89
H3 NCZ B . -4.84 0.29 1.19
H171 NCZ B . -8.11 0.38 4.27
H172 NCZ B . -7.16 1.75 4.90
H173 NCZ B . -8.13 1.94 3.42
H181 NCZ B . -3.44 1.77 -1.02
H182 NCZ B . -1.92 1.97 -0.12
H183 NCZ B . -2.83 0.45 0.00
N ALA A 10 0.93 -9.75 -9.43
CA ALA A 10 0.49 -8.46 -9.91
C ALA A 10 -0.44 -8.66 -11.11
N ALA A 11 -1.63 -8.09 -11.00
CA ALA A 11 -2.62 -8.20 -12.06
C ALA A 11 -3.98 -7.76 -11.53
N PRO A 12 -4.42 -8.44 -10.44
CA PRO A 12 -5.70 -8.14 -9.83
C PRO A 12 -5.63 -6.83 -9.03
N THR A 13 -6.24 -5.80 -9.59
CA THR A 13 -6.25 -4.50 -8.93
C THR A 13 -4.84 -4.14 -8.44
N ALA A 14 -4.77 -3.01 -7.74
CA ALA A 14 -3.50 -2.55 -7.21
C ALA A 14 -2.83 -3.67 -6.42
N THR A 15 -1.70 -4.13 -6.94
CA THR A 15 -0.96 -5.21 -6.30
C THR A 15 0.55 -5.02 -6.51
N VAL A 16 1.30 -5.26 -5.45
CA VAL A 16 2.74 -5.13 -5.51
C VAL A 16 3.38 -6.51 -5.43
N THR A 17 3.95 -6.93 -6.55
CA THR A 17 4.61 -8.22 -6.63
C THR A 17 3.68 -9.31 -6.08
N PRO A 18 4.08 -10.59 -6.33
CA PRO A 18 3.31 -11.72 -5.86
C PRO A 18 3.50 -11.93 -4.36
N SER A 19 4.75 -11.85 -3.94
CA SER A 19 5.08 -12.03 -2.53
C SER A 19 5.13 -10.67 -1.84
N SER A 20 6.21 -9.94 -2.09
CA SER A 20 6.40 -8.63 -1.50
C SER A 20 6.36 -8.74 0.02
N GLY A 21 7.05 -7.81 0.67
CA GLY A 21 7.11 -7.79 2.12
C GLY A 21 8.15 -8.77 2.64
N LEU A 22 8.20 -9.93 2.01
CA LEU A 22 9.15 -10.95 2.41
C LEU A 22 10.45 -10.30 2.87
N SER A 23 10.79 -9.21 2.20
CA SER A 23 12.00 -8.48 2.53
C SER A 23 11.67 -7.00 2.79
N ASP A 24 12.04 -6.54 3.97
CA ASP A 24 11.78 -5.16 4.35
C ASP A 24 12.58 -4.23 3.42
N GLY A 25 12.13 -4.16 2.17
CA GLY A 25 12.78 -3.32 1.18
C GLY A 25 12.87 -4.03 -0.17
N THR A 26 11.83 -4.80 -0.46
CA THR A 26 11.77 -5.53 -1.72
C THR A 26 11.21 -4.64 -2.83
N VAL A 27 12.09 -4.29 -3.77
CA VAL A 27 11.69 -3.45 -4.88
C VAL A 27 10.89 -4.29 -5.88
N VAL A 28 9.66 -3.84 -6.12
CA VAL A 28 8.79 -4.53 -7.05
C VAL A 28 7.90 -3.51 -7.76
N LYS A 29 6.93 -4.03 -8.49
CA LYS A 29 6.01 -3.18 -9.23
C LYS A 29 4.60 -3.32 -8.64
N VAL A 30 3.93 -2.18 -8.49
CA VAL A 30 2.60 -2.18 -7.94
C VAL A 30 1.59 -1.85 -9.05
N ALA A 31 1.28 -2.86 -9.84
CA ALA A 31 0.35 -2.69 -10.95
C ALA A 31 -1.08 -2.96 -10.45
N GLY A 32 -1.98 -2.08 -10.86
CA GLY A 32 -3.37 -2.20 -10.46
C GLY A 32 -4.30 -2.02 -11.66
N ALA A 33 -4.73 -3.13 -12.23
CA ALA A 33 -5.62 -3.10 -13.37
C ALA A 33 -7.06 -3.37 -12.91
N GLY A 34 -7.94 -2.45 -13.26
CA GLY A 34 -9.34 -2.58 -12.89
C GLY A 34 -9.64 -1.77 -11.62
N LEU A 35 -8.75 -0.85 -11.32
CA LEU A 35 -8.91 -0.01 -10.15
C LEU A 35 -9.70 1.26 -10.54
N GLN A 36 -9.30 2.37 -9.93
CA GLN A 36 -9.95 3.64 -10.21
C GLN A 36 -9.57 4.14 -11.60
N ALA A 37 -10.27 3.63 -12.60
CA ALA A 37 -10.01 4.01 -13.97
C ALA A 37 -10.39 5.49 -14.15
N GLY A 38 -9.38 6.27 -14.49
CA GLY A 38 -9.58 7.71 -14.70
C GLY A 38 -9.31 8.49 -13.42
N THR A 39 -9.36 7.78 -12.30
CA THR A 39 -9.12 8.39 -11.01
C THR A 39 -7.63 8.31 -10.64
N ALA A 40 -7.32 8.85 -9.48
CA ALA A 40 -5.94 8.84 -9.00
C ALA A 40 -5.94 8.69 -7.48
N TYR A 41 -4.85 8.13 -6.97
CA TYR A 41 -4.71 7.93 -5.53
C TYR A 41 -3.24 7.97 -5.12
N ASP A 42 -3.00 7.58 -3.88
CA ASP A 42 -1.65 7.57 -3.34
C ASP A 42 -1.31 6.17 -2.83
N VAL A 43 -0.28 5.60 -3.43
CA VAL A 43 0.16 4.26 -3.04
C VAL A 43 0.86 4.33 -1.69
N GLY A 44 0.33 3.58 -0.74
CA GLY A 44 0.88 3.55 0.60
C GLY A 44 0.37 2.33 1.38
N GLN A 45 1.30 1.48 1.78
CA GLN A 45 0.95 0.28 2.53
C GLN A 45 0.14 0.66 3.76
N CYS A 46 -1.17 0.73 3.56
CA CYS A 46 -2.08 1.08 4.65
C CYS A 46 -2.60 -0.22 5.26
N ALA A 47 -2.79 -0.18 6.58
CA ALA A 47 -3.28 -1.34 7.30
C ALA A 47 -3.10 -1.11 8.81
N TRP A 48 -3.77 -1.95 9.58
CA TRP A 48 -3.68 -1.85 11.03
C TRP A 48 -2.25 -2.16 11.44
N VAL A 49 -1.44 -1.11 11.48
CA VAL A 49 -0.04 -1.26 11.87
C VAL A 49 0.07 -1.20 13.39
N ASP A 50 -0.71 -0.30 13.97
CA ASP A 50 -0.70 -0.14 15.43
C ASP A 50 -1.72 -1.10 16.05
N THR A 51 -2.20 -0.71 17.22
CA THR A 51 -3.17 -1.52 17.93
C THR A 51 -4.56 -1.36 17.29
N GLY A 52 -4.71 -1.98 16.13
CA GLY A 52 -5.98 -1.91 15.42
C GLY A 52 -6.16 -0.54 14.74
N VAL A 53 -5.04 0.13 14.53
CA VAL A 53 -5.06 1.44 13.91
C VAL A 53 -4.56 1.31 12.46
N LEU A 54 -5.48 1.50 11.53
CA LEU A 54 -5.16 1.41 10.12
C LEU A 54 -4.20 2.54 9.76
N ALA A 55 -2.92 2.31 10.00
CA ALA A 55 -1.90 3.30 9.71
C ALA A 55 -1.34 3.04 8.31
N CYS A 56 -1.01 4.12 7.63
CA CYS A 56 -0.45 4.02 6.28
C CYS A 56 1.07 4.09 6.38
N ASN A 57 1.73 3.54 5.38
CA ASN A 57 3.18 3.53 5.34
C ASN A 57 3.67 4.75 4.56
N PRO A 58 4.32 5.69 5.31
CA PRO A 58 4.85 6.90 4.69
C PRO A 58 6.12 6.60 3.89
N ALA A 59 6.40 5.32 3.76
CA ALA A 59 7.58 4.90 3.00
C ALA A 59 7.14 4.33 1.66
N ASP A 60 5.84 4.18 1.51
CA ASP A 60 5.28 3.65 0.28
C ASP A 60 4.53 4.76 -0.46
N PHE A 61 4.32 5.86 0.24
CA PHE A 61 3.62 7.01 -0.32
C PHE A 61 4.15 7.31 -1.73
N SER A 62 3.29 7.09 -2.70
CA SER A 62 3.65 7.34 -4.09
C SER A 62 2.40 7.66 -4.91
N SER A 63 2.12 8.95 -5.02
CA SER A 63 0.95 9.41 -5.77
C SER A 63 1.02 8.87 -7.20
N VAL A 64 -0.08 8.26 -7.63
CA VAL A 64 -0.16 7.70 -8.96
C VAL A 64 -1.63 7.62 -9.39
N THR A 65 -1.83 7.49 -10.69
CA THR A 65 -3.17 7.39 -11.24
C THR A 65 -3.36 6.07 -11.97
N ALA A 66 -4.62 5.77 -12.27
CA ALA A 66 -4.96 4.54 -12.98
C ALA A 66 -5.32 4.87 -14.43
N ASP A 67 -4.63 4.19 -15.35
CA ASP A 67 -4.87 4.40 -16.76
C ASP A 67 -6.37 4.22 -17.05
N ALA A 68 -6.78 4.74 -18.20
CA ALA A 68 -8.17 4.65 -18.60
C ALA A 68 -8.73 3.28 -18.19
N ASN A 69 -7.91 2.26 -18.38
CA ASN A 69 -8.31 0.91 -18.04
C ASN A 69 -7.94 0.63 -16.58
N GLY A 70 -8.11 1.66 -15.75
CA GLY A 70 -7.80 1.54 -14.35
C GLY A 70 -6.51 0.74 -14.12
N SER A 71 -5.48 1.13 -14.87
CA SER A 71 -4.20 0.45 -14.76
C SER A 71 -3.17 1.39 -14.11
N ALA A 72 -2.90 1.13 -12.85
CA ALA A 72 -1.94 1.93 -12.10
C ALA A 72 -0.66 1.13 -11.90
N SER A 73 0.35 1.45 -12.71
CA SER A 73 1.63 0.77 -12.62
C SER A 73 2.62 1.63 -11.84
N THR A 74 2.56 1.51 -10.53
CA THR A 74 3.46 2.26 -9.66
C THR A 74 4.49 1.33 -9.02
N SER A 75 5.75 1.57 -9.36
CA SER A 75 6.83 0.76 -8.83
C SER A 75 7.34 1.37 -7.52
N LEU A 76 7.58 0.49 -6.55
CA LEU A 76 8.05 0.91 -5.25
C LEU A 76 8.65 -0.28 -4.51
N THR A 77 9.21 0.01 -3.34
CA THR A 77 9.81 -1.04 -2.53
C THR A 77 8.91 -1.38 -1.34
N VAL A 78 8.75 -2.67 -1.11
CA VAL A 78 7.92 -3.14 -0.01
C VAL A 78 8.78 -3.26 1.25
N ARG A 79 8.90 -2.15 1.96
CA ARG A 79 9.69 -2.12 3.19
C ARG A 79 8.80 -2.46 4.39
N ARG A 80 8.39 -3.72 4.45
CA ARG A 80 7.55 -4.18 5.54
C ARG A 80 7.98 -3.54 6.86
N SER A 81 9.27 -3.24 6.94
CA SER A 81 9.83 -2.63 8.13
C SER A 81 9.95 -1.12 7.93
N PHE A 82 9.12 -0.39 8.66
CA PHE A 82 9.13 1.06 8.58
C PHE A 82 8.11 1.67 9.56
N GLU A 83 8.29 2.96 9.80
CA GLU A 83 7.41 3.67 10.71
C GLU A 83 6.06 3.95 10.04
N GLY A 84 5.01 3.51 10.72
CA GLY A 84 3.66 3.70 10.21
C GLY A 84 3.04 5.00 10.74
N PHE A 85 1.88 5.33 10.17
CA PHE A 85 1.19 6.54 10.58
C PHE A 85 -0.30 6.27 10.76
N LEU A 86 -0.77 6.46 11.98
CA LEU A 86 -2.17 6.24 12.30
C LEU A 86 -3.04 7.15 11.42
N PHE A 87 -4.07 6.55 10.84
CA PHE A 87 -4.98 7.29 9.97
C PHE A 87 -5.45 8.58 10.64
N ASP A 88 -5.53 8.53 11.96
CA ASP A 88 -5.96 9.68 12.73
C ASP A 88 -5.17 10.92 12.28
N GLY A 89 -3.86 10.77 12.25
CA GLY A 89 -3.00 11.87 11.84
C GLY A 89 -1.65 11.80 12.56
N THR A 90 -1.64 11.05 13.66
CA THR A 90 -0.43 10.90 14.44
C THR A 90 0.39 9.70 13.94
N ARG A 91 1.71 9.86 14.01
CA ARG A 91 2.61 8.81 13.57
C ARG A 91 2.80 7.77 14.67
N TRP A 92 2.81 6.51 14.27
CA TRP A 92 2.98 5.42 15.21
C TRP A 92 4.39 4.87 15.04
N GLY A 93 4.51 3.90 14.15
CA GLY A 93 5.80 3.28 13.88
C GLY A 93 5.63 1.81 13.50
N THR A 94 5.82 0.95 14.50
CA THR A 94 5.70 -0.48 14.28
C THR A 94 6.97 -1.04 13.64
N VAL A 95 7.36 -0.42 12.54
CA VAL A 95 8.55 -0.85 11.82
C VAL A 95 8.28 -2.19 11.15
N ASP A 96 8.84 -3.24 11.75
CA ASP A 96 8.68 -4.58 11.21
C ASP A 96 7.19 -4.93 11.17
N CYS A 97 6.58 -4.68 10.02
CA CYS A 97 5.17 -4.97 9.84
C CYS A 97 5.02 -6.44 9.45
N THR A 98 5.66 -7.29 10.23
CA THR A 98 5.60 -8.73 9.97
C THR A 98 4.43 -9.36 10.72
N THR A 99 3.94 -8.62 11.71
CA THR A 99 2.83 -9.10 12.51
C THR A 99 1.50 -8.70 11.87
N ALA A 100 1.40 -7.42 11.55
CA ALA A 100 0.19 -6.90 10.93
C ALA A 100 0.32 -6.99 9.41
N ALA A 101 -0.80 -7.26 8.77
CA ALA A 101 -0.82 -7.38 7.32
C ALA A 101 -0.86 -5.98 6.69
N CYS A 102 0.21 -5.63 6.00
CA CYS A 102 0.30 -4.33 5.36
C CYS A 102 -0.29 -4.44 3.96
N GLN A 103 -1.29 -3.61 3.70
CA GLN A 103 -1.95 -3.61 2.41
C GLN A 103 -1.39 -2.50 1.53
N VAL A 104 -0.71 -2.91 0.47
CA VAL A 104 -0.12 -1.96 -0.46
C VAL A 104 -1.12 -1.64 -1.57
N GLY A 105 -1.46 -0.35 -1.66
CA GLY A 105 -2.40 0.10 -2.66
C GLY A 105 -2.49 1.62 -2.69
N LEU A 106 -3.23 2.13 -3.67
CA LEU A 106 -3.40 3.56 -3.81
C LEU A 106 -4.80 3.96 -3.34
N SER A 107 -4.83 4.90 -2.42
CA SER A 107 -6.10 5.38 -1.87
C SER A 107 -6.43 6.76 -2.44
N ASP A 108 -7.71 7.07 -2.46
CA ASP A 108 -8.17 8.34 -2.97
C ASP A 108 -7.52 9.48 -2.18
N ALA A 109 -7.56 10.67 -2.77
CA ALA A 109 -6.97 11.83 -2.14
C ALA A 109 -7.97 12.42 -1.13
N ALA A 110 -9.11 11.74 -1.02
CA ALA A 110 -10.14 12.18 -0.10
C ALA A 110 -9.96 11.48 1.25
N GLY A 111 -9.08 10.50 1.25
CA GLY A 111 -8.80 9.74 2.46
C GLY A 111 -9.84 8.63 2.66
N ASN A 112 -10.19 7.99 1.57
CA ASN A 112 -11.17 6.91 1.60
C ASN A 112 -10.85 5.90 0.50
N GLY A 113 -11.33 4.68 0.71
CA GLY A 113 -11.11 3.62 -0.25
C GLY A 113 -10.14 2.57 0.31
N PRO A 114 -10.72 1.38 0.66
CA PRO A 114 -9.93 0.30 1.21
C PRO A 114 -9.11 -0.39 0.10
N GLU A 115 -8.34 0.41 -0.60
CA GLU A 115 -7.51 -0.11 -1.68
C GLU A 115 -6.13 -0.49 -1.14
N GLY A 116 -5.84 -1.78 -1.22
CA GLY A 116 -4.57 -2.30 -0.74
C GLY A 116 -4.59 -3.83 -0.65
N VAL A 117 -3.50 -4.43 -1.09
CA VAL A 117 -3.38 -5.88 -1.06
C VAL A 117 -2.45 -6.29 0.07
N ALA A 118 -2.94 -7.22 0.89
CA ALA A 118 -2.15 -7.70 2.02
C ALA A 118 -0.91 -8.44 1.50
N ILE A 119 0.17 -7.69 1.36
CA ILE A 119 1.41 -8.25 0.88
C ILE A 119 2.19 -8.84 2.06
N SER A 120 3.24 -9.58 1.72
CA SER A 120 4.08 -10.20 2.74
C SER A 120 4.82 -11.41 2.14
N PHE A 121 4.04 -12.37 1.70
CA PHE A 121 4.59 -13.58 1.10
C PHE A 121 3.61 -14.21 0.12
N ASN A 122 4.18 -14.84 -0.90
CA ASN A 122 3.37 -15.48 -1.92
C ASN A 122 2.48 -16.54 -1.26
C1 NCZ B . -6.02 3.15 3.34
C6 NCZ B . -5.13 4.09 2.82
C5 NCZ B . -4.24 3.70 1.80
C7 NCZ B . -3.31 4.59 1.26
C8 NCZ B . -3.25 5.87 1.77
C9 NCZ B . -4.11 6.29 2.80
C10 NCZ B . -5.10 5.42 3.32
C11 NCZ B . -6.24 5.96 4.01
O3 NCZ B . -6.16 7.05 4.58
O4 NCZ B . -7.55 5.30 4.12
C12 NCZ B . -8.54 5.83 5.07
C13 NCZ B . -8.34 5.29 6.48
C14 NCZ B . -9.16 4.25 6.67
C15 NCZ B . -10.17 4.10 5.59
C16 NCZ B . -9.94 5.33 4.69
O6 NCZ B . -10.98 6.31 4.99
O5 NCZ B . -8.64 6.30 7.44
O2 NCZ B . -3.98 7.61 3.25
C4 NCZ B . -4.31 2.41 1.32
C3 NCZ B . -5.23 1.50 1.85
C2 NCZ B . -6.08 1.87 2.87
O1 NCZ B . -6.96 0.92 3.37
C17 NCZ B . -8.16 1.21 4.10
C18 NCZ B . -3.43 1.92 0.21
H1 NCZ B . -6.68 3.44 4.14
H7 NCZ B . -2.66 4.28 0.45
H8 NCZ B . -2.51 6.57 1.37
H12 NCZ B . -8.47 6.76 5.30
H13 NCZ B . -7.31 4.95 6.60
H14 NCZ B . -9.11 3.58 7.53
H15 NCZ B . -10.91 3.31 5.46
H16 NCZ B . -10.00 5.00 3.65
H6 NCZ B . -11.23 6.25 5.98
H5 NCZ B . -8.05 7.05 7.31
H2 NCZ B . -4.80 8.16 2.96
H3 NCZ B . -5.26 0.50 1.45
H171 NCZ B . -8.66 0.29 4.37
H172 NCZ B . -7.91 1.77 5.00
H173 NCZ B . -8.82 1.81 3.48
H181 NCZ B . -3.95 2.07 -0.74
H182 NCZ B . -2.50 2.48 0.21
H183 NCZ B . -3.23 0.86 0.35
N ALA A 10 -2.96 -12.58 -11.23
CA ALA A 10 -2.15 -11.38 -10.99
C ALA A 10 -2.80 -10.55 -9.89
N ALA A 11 -4.08 -10.83 -9.65
CA ALA A 11 -4.83 -10.12 -8.63
C ALA A 11 -5.35 -8.81 -9.20
N PRO A 12 -6.63 -8.50 -8.87
CA PRO A 12 -7.26 -7.28 -9.34
C PRO A 12 -6.75 -6.06 -8.58
N THR A 13 -6.95 -4.89 -9.19
CA THR A 13 -6.50 -3.66 -8.58
C THR A 13 -4.99 -3.69 -8.33
N ALA A 14 -4.46 -2.54 -7.92
CA ALA A 14 -3.05 -2.43 -7.65
C ALA A 14 -2.61 -3.57 -6.73
N THR A 15 -1.67 -4.36 -7.21
CA THR A 15 -1.16 -5.48 -6.43
C THR A 15 0.33 -5.67 -6.68
N VAL A 16 1.02 -6.13 -5.66
CA VAL A 16 2.46 -6.37 -5.76
C VAL A 16 2.71 -7.65 -6.55
N THR A 17 3.17 -7.45 -7.78
CA THR A 17 3.47 -8.58 -8.65
C THR A 17 4.01 -9.76 -7.85
N PRO A 18 5.19 -9.52 -7.22
CA PRO A 18 5.83 -10.55 -6.42
C PRO A 18 5.13 -10.72 -5.07
N SER A 19 5.84 -11.31 -4.14
CA SER A 19 5.29 -11.54 -2.81
C SER A 19 5.60 -10.35 -1.90
N SER A 20 6.88 -10.00 -1.84
CA SER A 20 7.31 -8.89 -1.02
C SER A 20 6.77 -9.04 0.40
N GLY A 21 7.21 -8.15 1.27
CA GLY A 21 6.77 -8.17 2.65
C GLY A 21 7.83 -8.80 3.55
N LEU A 22 8.26 -10.00 3.17
CA LEU A 22 9.26 -10.71 3.93
C LEU A 22 10.63 -10.06 3.69
N SER A 23 10.66 -9.14 2.75
CA SER A 23 11.89 -8.45 2.41
C SER A 23 11.64 -6.93 2.41
N ASP A 24 11.83 -6.34 3.58
CA ASP A 24 11.64 -4.91 3.73
C ASP A 24 12.66 -4.16 2.85
N GLY A 25 12.15 -3.59 1.77
CA GLY A 25 13.00 -2.85 0.86
C GLY A 25 13.04 -3.53 -0.51
N THR A 26 12.05 -4.38 -0.75
CA THR A 26 11.96 -5.09 -2.02
C THR A 26 11.15 -4.28 -3.03
N VAL A 27 11.80 -3.93 -4.12
CA VAL A 27 11.15 -3.16 -5.17
C VAL A 27 10.23 -4.07 -5.98
N VAL A 28 8.96 -3.74 -5.98
CA VAL A 28 7.97 -4.52 -6.71
C VAL A 28 7.17 -3.59 -7.63
N LYS A 29 6.32 -4.22 -8.43
CA LYS A 29 5.49 -3.46 -9.35
C LYS A 29 4.02 -3.59 -8.94
N VAL A 30 3.45 -2.45 -8.55
CA VAL A 30 2.07 -2.43 -8.13
C VAL A 30 1.17 -2.19 -9.35
N ALA A 31 0.75 -3.30 -9.96
CA ALA A 31 -0.10 -3.22 -11.14
C ALA A 31 -1.56 -3.45 -10.72
N GLY A 32 -2.41 -2.52 -11.11
CA GLY A 32 -3.82 -2.61 -10.79
C GLY A 32 -4.69 -2.37 -12.03
N ALA A 33 -5.26 -3.45 -12.53
CA ALA A 33 -6.11 -3.37 -13.71
C ALA A 33 -7.56 -3.13 -13.27
N GLY A 34 -8.02 -1.91 -13.54
CA GLY A 34 -9.38 -1.53 -13.18
C GLY A 34 -9.46 -1.11 -11.71
N LEU A 35 -8.41 -0.41 -11.27
CA LEU A 35 -8.36 0.07 -9.91
C LEU A 35 -9.29 1.27 -9.74
N GLN A 36 -8.73 2.44 -9.93
CA GLN A 36 -9.50 3.67 -9.81
C GLN A 36 -10.06 4.09 -11.17
N ALA A 37 -10.10 3.11 -12.07
CA ALA A 37 -10.61 3.36 -13.41
C ALA A 37 -9.56 4.12 -14.22
N GLY A 38 -8.54 4.60 -13.52
CA GLY A 38 -7.47 5.33 -14.16
C GLY A 38 -7.26 6.69 -13.49
N THR A 39 -8.04 6.93 -12.45
CA THR A 39 -7.96 8.18 -11.72
C THR A 39 -6.55 8.38 -11.18
N ALA A 40 -6.45 9.17 -10.11
CA ALA A 40 -5.17 9.45 -9.50
C ALA A 40 -5.30 9.32 -7.98
N TYR A 41 -4.64 8.30 -7.45
CA TYR A 41 -4.67 8.05 -6.02
C TYR A 41 -3.26 8.02 -5.44
N ASP A 42 -3.20 8.04 -4.11
CA ASP A 42 -1.92 8.02 -3.42
C ASP A 42 -1.52 6.57 -3.14
N VAL A 43 -0.42 6.16 -3.74
CA VAL A 43 0.07 4.80 -3.57
C VAL A 43 0.83 4.71 -2.24
N GLY A 44 0.64 3.58 -1.57
CA GLY A 44 1.30 3.35 -0.29
C GLY A 44 0.73 2.12 0.40
N GLN A 45 1.54 1.54 1.28
CA GLN A 45 1.14 0.36 2.02
C GLN A 45 0.55 0.76 3.37
N CYS A 46 -0.77 0.80 3.41
CA CYS A 46 -1.47 1.16 4.64
C CYS A 46 -2.10 -0.11 5.23
N ALA A 47 -2.30 -0.08 6.53
CA ALA A 47 -2.89 -1.22 7.23
C ALA A 47 -3.04 -0.88 8.71
N TRP A 48 -3.79 -1.73 9.40
CA TRP A 48 -4.01 -1.54 10.83
C TRP A 48 -2.74 -1.94 11.56
N VAL A 49 -2.01 -0.93 12.01
CA VAL A 49 -0.78 -1.15 12.74
C VAL A 49 -1.05 -1.18 14.24
N ASP A 50 -1.78 -0.16 14.69
CA ASP A 50 -2.12 -0.04 16.10
C ASP A 50 -3.41 -0.83 16.36
N THR A 51 -3.91 -0.70 17.58
CA THR A 51 -5.12 -1.39 17.98
C THR A 51 -6.24 -1.10 16.98
N GLY A 52 -6.29 -1.93 15.95
CA GLY A 52 -7.32 -1.78 14.93
C GLY A 52 -7.28 -0.37 14.32
N VAL A 53 -6.13 0.27 14.46
CA VAL A 53 -5.95 1.61 13.95
C VAL A 53 -5.25 1.54 12.58
N LEU A 54 -5.96 2.01 11.57
CA LEU A 54 -5.43 2.01 10.22
C LEU A 54 -4.28 3.02 10.12
N ALA A 55 -3.07 2.49 10.21
CA ALA A 55 -1.88 3.32 10.13
C ALA A 55 -1.13 3.03 8.83
N CYS A 56 -0.67 4.09 8.19
CA CYS A 56 0.07 3.96 6.94
C CYS A 56 1.55 4.19 7.23
N ASN A 57 2.38 3.57 6.40
CA ASN A 57 3.82 3.69 6.55
C ASN A 57 4.28 5.04 6.00
N PRO A 58 5.57 5.36 6.25
CA PRO A 58 6.13 6.62 5.78
C PRO A 58 6.41 6.57 4.28
N ALA A 59 6.33 5.35 3.74
CA ALA A 59 6.56 5.16 2.31
C ALA A 59 5.24 4.88 1.62
N ASP A 60 4.16 5.20 2.31
CA ASP A 60 2.83 4.99 1.77
C ASP A 60 2.39 6.22 0.98
N PHE A 61 3.33 7.14 0.83
CA PHE A 61 3.06 8.37 0.10
C PHE A 61 3.77 8.37 -1.25
N SER A 62 3.04 7.94 -2.26
CA SER A 62 3.59 7.89 -3.61
C SER A 62 2.46 8.07 -4.64
N SER A 63 2.07 9.33 -4.81
CA SER A 63 1.01 9.65 -5.75
C SER A 63 1.22 8.89 -7.06
N VAL A 64 0.11 8.41 -7.61
CA VAL A 64 0.17 7.67 -8.86
C VAL A 64 -1.22 7.66 -9.50
N THR A 65 -1.24 7.30 -10.78
CA THR A 65 -2.50 7.24 -11.51
C THR A 65 -2.57 5.97 -12.36
N ALA A 66 -3.80 5.55 -12.63
CA ALA A 66 -4.02 4.35 -13.42
C ALA A 66 -4.34 4.75 -14.86
N ASP A 67 -3.87 3.92 -15.79
CA ASP A 67 -4.12 4.18 -17.20
C ASP A 67 -5.62 4.24 -17.45
N ALA A 68 -5.97 4.85 -18.58
CA ALA A 68 -7.37 4.98 -18.96
C ALA A 68 -8.11 3.70 -18.59
N ASN A 69 -7.42 2.58 -18.78
CA ASN A 69 -8.00 1.28 -18.47
C ASN A 69 -7.75 0.94 -17.01
N GLY A 70 -7.83 1.97 -16.17
CA GLY A 70 -7.61 1.79 -14.74
C GLY A 70 -6.43 0.87 -14.48
N SER A 71 -5.38 1.06 -15.27
CA SER A 71 -4.18 0.25 -15.12
C SER A 71 -3.08 1.06 -14.44
N ALA A 72 -2.99 0.86 -13.13
CA ALA A 72 -1.99 1.57 -12.35
C ALA A 72 -0.80 0.63 -12.09
N SER A 73 0.21 0.77 -12.94
CA SER A 73 1.41 -0.04 -12.82
C SER A 73 2.57 0.80 -12.29
N THR A 74 2.53 1.05 -10.99
CA THR A 74 3.57 1.84 -10.35
C THR A 74 4.46 0.95 -9.49
N SER A 75 5.76 1.13 -9.65
CA SER A 75 6.72 0.35 -8.89
C SER A 75 7.14 1.11 -7.63
N LEU A 76 7.15 0.39 -6.52
CA LEU A 76 7.52 0.98 -5.25
C LEU A 76 8.31 -0.04 -4.43
N THR A 77 8.98 0.46 -3.40
CA THR A 77 9.77 -0.39 -2.54
C THR A 77 8.93 -0.91 -1.38
N VAL A 78 8.92 -2.23 -1.24
CA VAL A 78 8.14 -2.87 -0.19
C VAL A 78 9.01 -2.99 1.07
N ARG A 79 8.91 -1.97 1.91
CA ARG A 79 9.67 -1.95 3.15
C ARG A 79 8.76 -2.20 4.34
N ARG A 80 8.47 -3.47 4.56
CA ARG A 80 7.61 -3.87 5.68
C ARG A 80 7.96 -3.06 6.93
N SER A 81 9.26 -2.89 7.13
CA SER A 81 9.74 -2.14 8.29
C SER A 81 9.66 -0.64 8.01
N PHE A 82 9.31 0.11 9.05
CA PHE A 82 9.21 1.55 8.93
C PHE A 82 8.41 2.14 10.10
N GLU A 83 8.24 3.45 10.06
CA GLU A 83 7.51 4.15 11.11
C GLU A 83 6.05 4.31 10.71
N GLY A 84 5.21 3.49 11.30
CA GLY A 84 3.78 3.54 11.02
C GLY A 84 3.15 4.84 11.55
N PHE A 85 2.07 5.25 10.91
CA PHE A 85 1.38 6.46 11.31
C PHE A 85 -0.14 6.27 11.25
N LEU A 86 -0.78 6.51 12.37
CA LEU A 86 -2.22 6.38 12.46
C LEU A 86 -2.89 7.37 11.50
N PHE A 87 -4.08 7.01 11.07
CA PHE A 87 -4.84 7.85 10.16
C PHE A 87 -5.57 8.97 10.91
N ASP A 88 -5.87 8.68 12.18
CA ASP A 88 -6.56 9.64 13.01
C ASP A 88 -5.74 10.93 13.10
N GLY A 89 -4.46 10.75 13.40
CA GLY A 89 -3.55 11.88 13.52
C GLY A 89 -2.29 11.49 14.27
N THR A 90 -2.42 10.49 15.13
CA THR A 90 -1.30 10.02 15.92
C THR A 90 -0.42 9.09 15.08
N ARG A 91 0.78 8.85 15.58
CA ARG A 91 1.72 7.98 14.89
C ARG A 91 2.04 6.76 15.75
N TRP A 92 2.30 5.65 15.08
CA TRP A 92 2.62 4.41 15.76
C TRP A 92 4.12 4.17 15.63
N GLY A 93 4.49 3.54 14.52
CA GLY A 93 5.89 3.24 14.26
C GLY A 93 6.08 1.76 13.93
N THR A 94 6.10 0.95 14.99
CA THR A 94 6.28 -0.48 14.84
C THR A 94 7.70 -0.79 14.36
N VAL A 95 8.04 -0.22 13.21
CA VAL A 95 9.36 -0.42 12.63
C VAL A 95 9.35 -1.71 11.82
N ASP A 96 8.43 -2.59 12.17
CA ASP A 96 8.31 -3.88 11.49
C ASP A 96 6.83 -4.26 11.39
N CYS A 97 6.29 -4.10 10.20
CA CYS A 97 4.90 -4.43 9.96
C CYS A 97 4.81 -5.89 9.52
N THR A 98 5.18 -6.77 10.43
CA THR A 98 5.14 -8.20 10.15
C THR A 98 3.96 -8.86 10.86
N THR A 99 3.36 -8.10 11.77
CA THR A 99 2.22 -8.60 12.52
C THR A 99 0.92 -8.29 11.78
N ALA A 100 0.69 -7.01 11.56
CA ALA A 100 -0.50 -6.56 10.87
C ALA A 100 -0.22 -6.46 9.37
N ALA A 101 -0.73 -7.45 8.64
CA ALA A 101 -0.52 -7.48 7.20
C ALA A 101 -0.65 -6.07 6.63
N CYS A 102 0.38 -5.66 5.90
CA CYS A 102 0.40 -4.34 5.30
C CYS A 102 -0.24 -4.44 3.92
N GLN A 103 -1.22 -3.58 3.69
CA GLN A 103 -1.92 -3.55 2.42
C GLN A 103 -1.26 -2.54 1.47
N VAL A 104 -0.62 -3.07 0.44
CA VAL A 104 0.05 -2.24 -0.53
C VAL A 104 -0.94 -1.86 -1.64
N GLY A 105 -1.34 -0.60 -1.63
CA GLY A 105 -2.27 -0.09 -2.61
C GLY A 105 -2.34 1.44 -2.58
N LEU A 106 -3.14 1.98 -3.48
CA LEU A 106 -3.32 3.42 -3.57
C LEU A 106 -4.69 3.81 -3.02
N SER A 107 -4.68 4.76 -2.10
CA SER A 107 -5.92 5.22 -1.49
C SER A 107 -6.45 6.44 -2.25
N ASP A 108 -7.68 6.81 -1.94
CA ASP A 108 -8.31 7.95 -2.58
C ASP A 108 -7.91 9.23 -1.83
N ALA A 109 -8.02 10.35 -2.54
CA ALA A 109 -7.68 11.64 -1.97
C ALA A 109 -8.91 12.22 -1.27
N ALA A 110 -9.93 11.40 -1.17
CA ALA A 110 -11.17 11.82 -0.53
C ALA A 110 -11.27 11.19 0.86
N GLY A 111 -11.06 9.88 0.88
CA GLY A 111 -11.13 9.14 2.14
C GLY A 111 -12.16 8.01 2.05
N ASN A 112 -12.04 7.22 1.00
CA ASN A 112 -12.95 6.11 0.79
C ASN A 112 -12.19 4.79 0.97
N GLY A 113 -12.90 3.81 1.48
CA GLY A 113 -12.30 2.49 1.71
C GLY A 113 -11.22 2.19 0.66
N PRO A 114 -9.96 2.53 1.03
CA PRO A 114 -8.83 2.30 0.13
C PRO A 114 -8.47 0.81 0.09
N GLU A 115 -8.40 0.29 -1.13
CA GLU A 115 -8.06 -1.10 -1.32
C GLU A 115 -6.55 -1.27 -1.48
N GLY A 116 -6.05 -2.38 -0.95
CA GLY A 116 -4.62 -2.66 -1.03
C GLY A 116 -4.38 -4.16 -1.22
N VAL A 117 -3.13 -4.49 -1.51
CA VAL A 117 -2.74 -5.88 -1.72
C VAL A 117 -2.10 -6.42 -0.44
N ALA A 118 -2.37 -7.68 -0.17
CA ALA A 118 -1.83 -8.34 1.01
C ALA A 118 -0.35 -8.62 0.80
N ILE A 119 0.47 -7.74 1.35
CA ILE A 119 1.92 -7.88 1.24
C ILE A 119 2.37 -9.14 1.99
N SER A 120 3.24 -9.89 1.35
CA SER A 120 3.77 -11.11 1.95
C SER A 120 4.75 -10.77 3.06
N PHE A 121 4.26 -10.01 4.04
CA PHE A 121 5.08 -9.61 5.16
C PHE A 121 5.80 -10.81 5.78
N ASN A 122 6.83 -10.52 6.54
CA ASN A 122 7.61 -11.56 7.19
C ASN A 122 6.75 -12.23 8.28
C1 NCZ B . -5.49 2.71 3.87
C6 NCZ B . -4.64 3.68 3.33
C5 NCZ B . -3.93 3.38 2.16
C7 NCZ B . -3.05 4.29 1.59
C8 NCZ B . -2.84 5.51 2.22
C9 NCZ B . -3.55 5.84 3.39
C10 NCZ B . -4.50 4.94 3.96
C11 NCZ B . -5.51 5.45 4.85
O3 NCZ B . -5.28 6.47 5.51
O4 NCZ B . -6.81 4.81 5.08
C12 NCZ B . -7.87 5.58 5.74
C13 NCZ B . -9.09 4.72 6.06
C14 NCZ B . -10.00 4.87 5.08
C15 NCZ B . -9.67 5.98 4.15
C16 NCZ B . -8.42 6.64 4.77
O6 NCZ B . -8.84 7.85 5.45
O5 NCZ B . -9.67 5.13 7.30
O2 NCZ B . -3.29 7.10 3.94
C4 NCZ B . -4.12 2.15 1.56
C3 NCZ B . -4.98 1.23 2.13
C2 NCZ B . -5.67 1.49 3.28
O1 NCZ B . -6.52 0.52 3.81
C17 NCZ B . -7.60 0.77 4.72
C18 NCZ B . -3.43 1.76 0.30
H1 NCZ B . -6.03 2.94 4.79
H7 NCZ B . -2.52 4.06 0.67
H8 NCZ B . -2.15 6.23 1.78
H12 NCZ B . -7.49 6.17 6.52
H13 NCZ B . -8.80 3.68 6.11
H14 NCZ B . -10.88 4.25 4.97
H15 NCZ B . -10.20 6.27 3.24
H16 NCZ B . -7.72 6.87 3.96
H6 NCZ B . -9.78 7.73 5.84
H5 NCZ B . -9.03 5.03 8.00
H2 NCZ B . -4.12 7.70 3.85
H3 NCZ B . -5.13 0.26 1.63
H171 NCZ B . -8.09 -0.17 4.97
H172 NCZ B . -7.20 1.22 5.63
H173 NCZ B . -8.32 1.45 4.26
H181 NCZ B . -4.05 2.03 -0.55
H182 NCZ B . -2.48 2.28 0.22
H183 NCZ B . -3.25 0.69 0.29
N ALA A 10 -2.08 -6.29 -12.35
CA ALA A 10 -2.19 -7.39 -13.29
C ALA A 10 -3.65 -7.51 -13.76
N ALA A 11 -4.55 -7.19 -12.85
CA ALA A 11 -5.97 -7.27 -13.15
C ALA A 11 -6.77 -6.92 -11.89
N PRO A 12 -6.50 -7.70 -10.80
CA PRO A 12 -7.18 -7.50 -9.54
C PRO A 12 -6.65 -6.25 -8.84
N THR A 13 -6.93 -5.10 -9.44
CA THR A 13 -6.49 -3.83 -8.87
C THR A 13 -4.97 -3.85 -8.65
N ALA A 14 -4.48 -2.75 -8.11
CA ALA A 14 -3.05 -2.62 -7.83
C ALA A 14 -2.62 -3.74 -6.88
N THR A 15 -1.70 -4.55 -7.37
CA THR A 15 -1.19 -5.66 -6.58
C THR A 15 0.33 -5.81 -6.79
N VAL A 16 1.00 -6.25 -5.73
CA VAL A 16 2.44 -6.44 -5.78
C VAL A 16 2.75 -7.70 -6.59
N THR A 17 3.28 -7.48 -7.78
CA THR A 17 3.63 -8.58 -8.66
C THR A 17 4.23 -9.74 -7.85
N PRO A 18 5.39 -9.45 -7.20
CA PRO A 18 6.07 -10.45 -6.40
C PRO A 18 5.34 -10.67 -5.07
N SER A 19 6.09 -11.16 -4.10
CA SER A 19 5.53 -11.41 -2.77
C SER A 19 5.74 -10.19 -1.88
N SER A 20 6.95 -9.66 -1.91
CA SER A 20 7.28 -8.50 -1.11
C SER A 20 7.01 -8.79 0.37
N GLY A 21 7.27 -7.78 1.19
CA GLY A 21 7.06 -7.91 2.62
C GLY A 21 8.19 -8.72 3.28
N LEU A 22 8.49 -9.85 2.67
CA LEU A 22 9.54 -10.71 3.18
C LEU A 22 10.88 -9.97 3.11
N SER A 23 10.91 -8.94 2.29
CA SER A 23 12.11 -8.14 2.13
C SER A 23 11.81 -6.67 2.43
N ASP A 24 12.16 -6.27 3.65
CA ASP A 24 11.92 -4.90 4.07
C ASP A 24 12.72 -3.95 3.17
N GLY A 25 12.17 -3.70 1.99
CA GLY A 25 12.82 -2.81 1.04
C GLY A 25 12.97 -3.50 -0.32
N THR A 26 11.96 -4.29 -0.67
CA THR A 26 11.97 -5.01 -1.93
C THR A 26 11.26 -4.18 -3.01
N VAL A 27 11.93 -4.07 -4.15
CA VAL A 27 11.38 -3.32 -5.27
C VAL A 27 10.40 -4.21 -6.05
N VAL A 28 9.15 -3.76 -6.06
CA VAL A 28 8.11 -4.50 -6.77
C VAL A 28 7.30 -3.53 -7.63
N LYS A 29 6.40 -4.11 -8.41
CA LYS A 29 5.55 -3.32 -9.28
C LYS A 29 4.08 -3.47 -8.86
N VAL A 30 3.45 -2.34 -8.61
CA VAL A 30 2.05 -2.34 -8.20
C VAL A 30 1.17 -2.09 -9.42
N ALA A 31 0.87 -3.17 -10.13
CA ALA A 31 0.04 -3.08 -11.32
C ALA A 31 -1.42 -3.39 -10.94
N GLY A 32 -2.29 -2.48 -11.31
CA GLY A 32 -3.71 -2.64 -11.02
C GLY A 32 -4.57 -2.30 -12.23
N ALA A 33 -5.35 -3.29 -12.66
CA ALA A 33 -6.22 -3.11 -13.81
C ALA A 33 -7.67 -2.96 -13.33
N GLY A 34 -8.27 -1.84 -13.68
CA GLY A 34 -9.65 -1.57 -13.30
C GLY A 34 -9.70 -0.60 -12.10
N LEU A 35 -8.53 -0.18 -11.67
CA LEU A 35 -8.43 0.73 -10.54
C LEU A 35 -8.79 2.14 -11.01
N GLN A 36 -8.00 3.10 -10.56
CA GLN A 36 -8.22 4.48 -10.92
C GLN A 36 -8.26 4.64 -12.44
N ALA A 37 -9.45 4.44 -12.99
CA ALA A 37 -9.64 4.55 -14.42
C ALA A 37 -9.23 5.96 -14.87
N GLY A 38 -7.97 6.07 -15.29
CA GLY A 38 -7.44 7.34 -15.74
C GLY A 38 -7.35 8.35 -14.59
N THR A 39 -7.62 7.85 -13.39
CA THR A 39 -7.58 8.68 -12.21
C THR A 39 -6.17 8.65 -11.58
N ALA A 40 -6.05 9.33 -10.45
CA ALA A 40 -4.77 9.38 -9.75
C ALA A 40 -5.02 9.25 -8.25
N TYR A 41 -4.44 8.21 -7.68
CA TYR A 41 -4.59 7.96 -6.25
C TYR A 41 -3.24 8.00 -5.55
N ASP A 42 -3.29 7.87 -4.23
CA ASP A 42 -2.08 7.88 -3.42
C ASP A 42 -1.66 6.44 -3.11
N VAL A 43 -0.53 6.06 -3.67
CA VAL A 43 -0.01 4.71 -3.46
C VAL A 43 0.73 4.67 -2.13
N GLY A 44 0.51 3.59 -1.40
CA GLY A 44 1.15 3.41 -0.11
C GLY A 44 0.60 2.19 0.62
N GLN A 45 1.40 1.66 1.53
CA GLN A 45 1.00 0.49 2.29
C GLN A 45 0.38 0.91 3.63
N CYS A 46 -0.95 0.86 3.67
CA CYS A 46 -1.68 1.23 4.87
C CYS A 46 -2.21 -0.04 5.52
N ALA A 47 -2.31 0.01 6.84
CA ALA A 47 -2.79 -1.12 7.60
C ALA A 47 -2.82 -0.77 9.09
N TRP A 48 -3.48 -1.62 9.86
CA TRP A 48 -3.59 -1.41 11.30
C TRP A 48 -2.20 -1.61 11.91
N VAL A 49 -1.64 -0.50 12.38
CA VAL A 49 -0.32 -0.55 12.99
C VAL A 49 -0.47 -0.66 14.51
N ASP A 50 -1.36 0.15 15.05
CA ASP A 50 -1.61 0.15 16.48
C ASP A 50 -2.76 -0.82 16.80
N THR A 51 -3.41 -0.56 17.91
CA THR A 51 -4.53 -1.39 18.33
C THR A 51 -5.78 -1.05 17.53
N GLY A 52 -6.04 -1.87 16.51
CA GLY A 52 -7.20 -1.67 15.67
C GLY A 52 -7.19 -0.26 15.06
N VAL A 53 -6.01 0.33 15.02
CA VAL A 53 -5.85 1.67 14.47
C VAL A 53 -5.18 1.57 13.11
N LEU A 54 -5.92 1.97 12.09
CA LEU A 54 -5.41 1.94 10.73
C LEU A 54 -4.33 3.02 10.57
N ALA A 55 -3.09 2.56 10.56
CA ALA A 55 -1.96 3.47 10.42
C ALA A 55 -1.28 3.21 9.06
N CYS A 56 -0.96 4.31 8.39
CA CYS A 56 -0.30 4.23 7.09
C CYS A 56 1.20 4.39 7.30
N ASN A 57 1.96 3.86 6.35
CA ASN A 57 3.41 3.93 6.42
C ASN A 57 3.86 5.31 5.93
N PRO A 58 5.11 5.67 6.32
CA PRO A 58 5.67 6.96 5.92
C PRO A 58 6.09 6.94 4.45
N ALA A 59 6.14 5.74 3.89
CA ALA A 59 6.52 5.59 2.50
C ALA A 59 5.28 5.22 1.67
N ASP A 60 4.12 5.42 2.29
CA ASP A 60 2.86 5.12 1.62
C ASP A 60 2.41 6.35 0.84
N PHE A 61 3.33 7.30 0.69
CA PHE A 61 3.02 8.53 -0.03
C PHE A 61 3.69 8.52 -1.41
N SER A 62 2.96 7.98 -2.38
CA SER A 62 3.46 7.90 -3.74
C SER A 62 2.29 8.00 -4.74
N SER A 63 1.89 9.23 -5.02
CA SER A 63 0.80 9.47 -5.94
C SER A 63 1.04 8.71 -7.24
N VAL A 64 -0.03 8.09 -7.73
CA VAL A 64 0.05 7.32 -8.96
C VAL A 64 -1.23 7.51 -9.76
N THR A 65 -1.19 7.06 -11.00
CA THR A 65 -2.35 7.18 -11.89
C THR A 65 -2.51 5.90 -12.73
N ALA A 66 -3.77 5.53 -12.91
CA ALA A 66 -4.08 4.33 -13.68
C ALA A 66 -4.64 4.74 -15.05
N ASP A 67 -4.09 4.14 -16.09
CA ASP A 67 -4.51 4.43 -17.44
C ASP A 67 -6.04 4.38 -17.50
N ALA A 68 -6.58 5.04 -18.52
CA ALA A 68 -8.02 5.07 -18.71
C ALA A 68 -8.60 3.67 -18.44
N ASN A 69 -7.78 2.67 -18.71
CA ASN A 69 -8.19 1.30 -18.51
C ASN A 69 -7.87 0.88 -17.06
N GLY A 70 -8.00 1.84 -16.17
CA GLY A 70 -7.73 1.59 -14.76
C GLY A 70 -6.45 0.77 -14.58
N SER A 71 -5.44 1.14 -15.35
CA SER A 71 -4.17 0.44 -15.30
C SER A 71 -3.14 1.29 -14.55
N ALA A 72 -2.99 0.99 -13.26
CA ALA A 72 -2.05 1.71 -12.43
C ALA A 72 -0.83 0.84 -12.17
N SER A 73 0.22 1.12 -12.93
CA SER A 73 1.46 0.36 -12.79
C SER A 73 2.52 1.23 -12.11
N THR A 74 2.43 1.28 -10.79
CA THR A 74 3.38 2.06 -10.00
C THR A 74 4.34 1.14 -9.25
N SER A 75 5.62 1.31 -9.53
CA SER A 75 6.65 0.51 -8.90
C SER A 75 7.19 1.24 -7.66
N LEU A 76 7.32 0.50 -6.58
CA LEU A 76 7.83 1.05 -5.34
C LEU A 76 8.57 -0.04 -4.56
N THR A 77 9.10 0.36 -3.41
CA THR A 77 9.83 -0.57 -2.57
C THR A 77 8.98 -0.99 -1.37
N VAL A 78 8.89 -2.30 -1.18
CA VAL A 78 8.11 -2.84 -0.08
C VAL A 78 8.99 -2.95 1.16
N ARG A 79 8.99 -1.88 1.94
CA ARG A 79 9.79 -1.85 3.16
C ARG A 79 8.94 -2.26 4.36
N ARG A 80 8.67 -3.56 4.43
CA ARG A 80 7.87 -4.10 5.53
C ARG A 80 8.15 -3.32 6.82
N SER A 81 9.40 -2.93 6.98
CA SER A 81 9.80 -2.19 8.17
C SER A 81 9.68 -0.69 7.90
N PHE A 82 8.92 -0.03 8.77
CA PHE A 82 8.71 1.40 8.65
C PHE A 82 7.96 1.95 9.86
N GLU A 83 7.95 3.27 9.96
CA GLU A 83 7.29 3.94 11.06
C GLU A 83 5.84 4.28 10.69
N GLY A 84 4.94 3.38 11.06
CA GLY A 84 3.53 3.58 10.78
C GLY A 84 3.00 4.84 11.46
N PHE A 85 1.90 5.34 10.92
CA PHE A 85 1.28 6.54 11.48
C PHE A 85 -0.24 6.36 11.61
N LEU A 86 -0.70 6.53 12.84
CA LEU A 86 -2.12 6.38 13.13
C LEU A 86 -2.92 7.26 12.16
N PHE A 87 -4.10 6.78 11.82
CA PHE A 87 -4.96 7.50 10.90
C PHE A 87 -5.48 8.80 11.54
N ASP A 88 -5.62 8.75 12.86
CA ASP A 88 -6.09 9.91 13.60
C ASP A 88 -5.18 11.11 13.30
N GLY A 89 -3.90 10.92 13.54
CA GLY A 89 -2.93 11.96 13.30
C GLY A 89 -1.61 11.67 14.01
N THR A 90 -1.71 10.92 15.09
CA THR A 90 -0.54 10.55 15.87
C THR A 90 0.24 9.43 15.17
N ARG A 91 1.56 9.51 15.29
CA ARG A 91 2.43 8.52 14.67
C ARG A 91 2.73 7.40 15.66
N TRP A 92 2.76 6.18 15.13
CA TRP A 92 3.03 5.01 15.94
C TRP A 92 4.47 4.57 15.67
N GLY A 93 4.60 3.68 14.69
CA GLY A 93 5.90 3.17 14.31
C GLY A 93 5.81 1.70 13.87
N THR A 94 5.71 0.83 14.85
CA THR A 94 5.62 -0.60 14.57
C THR A 94 6.93 -1.13 14.00
N VAL A 95 7.38 -0.49 12.93
CA VAL A 95 8.62 -0.89 12.29
C VAL A 95 8.41 -2.21 11.55
N ASP A 96 8.94 -3.28 12.16
CA ASP A 96 8.82 -4.60 11.57
C ASP A 96 7.34 -4.93 11.36
N CYS A 97 6.87 -4.62 10.16
CA CYS A 97 5.48 -4.88 9.81
C CYS A 97 5.33 -6.38 9.51
N THR A 98 5.67 -7.18 10.51
CA THR A 98 5.57 -8.62 10.37
C THR A 98 4.36 -9.15 11.13
N THR A 99 3.90 -8.34 12.07
CA THR A 99 2.75 -8.72 12.88
C THR A 99 1.45 -8.27 12.21
N ALA A 100 1.39 -6.98 11.92
CA ALA A 100 0.22 -6.41 11.28
C ALA A 100 0.41 -6.43 9.77
N ALA A 101 -0.50 -7.14 9.10
CA ALA A 101 -0.44 -7.26 7.66
C ALA A 101 -0.57 -5.87 7.03
N CYS A 102 0.46 -5.50 6.28
CA CYS A 102 0.47 -4.20 5.62
C CYS A 102 -0.15 -4.36 4.24
N GLN A 103 -1.11 -3.49 3.94
CA GLN A 103 -1.79 -3.53 2.66
C GLN A 103 -1.18 -2.49 1.71
N VAL A 104 -0.49 -3.00 0.70
CA VAL A 104 0.15 -2.13 -0.28
C VAL A 104 -0.84 -1.85 -1.42
N GLY A 105 -1.35 -0.63 -1.40
CA GLY A 105 -2.30 -0.21 -2.42
C GLY A 105 -2.41 1.32 -2.48
N LEU A 106 -3.16 1.79 -3.47
CA LEU A 106 -3.35 3.22 -3.63
C LEU A 106 -4.77 3.59 -3.18
N SER A 107 -4.82 4.42 -2.15
CA SER A 107 -6.09 4.87 -1.60
C SER A 107 -6.65 6.00 -2.46
N ASP A 108 -7.93 6.30 -2.24
CA ASP A 108 -8.59 7.35 -2.98
C ASP A 108 -8.22 8.71 -2.36
N ALA A 109 -8.41 9.75 -3.15
CA ALA A 109 -8.10 11.10 -2.69
C ALA A 109 -9.27 11.64 -1.88
N ALA A 110 -10.25 10.76 -1.65
CA ALA A 110 -11.43 11.14 -0.90
C ALA A 110 -11.17 10.85 0.59
N GLY A 111 -11.46 9.62 0.98
CA GLY A 111 -11.26 9.22 2.37
C GLY A 111 -11.61 7.75 2.56
N ASN A 112 -11.19 6.94 1.59
CA ASN A 112 -11.45 5.51 1.64
C ASN A 112 -10.33 4.77 0.92
N GLY A 113 -9.97 3.61 1.46
CA GLY A 113 -8.92 2.80 0.88
C GLY A 113 -9.29 1.33 0.91
N PRO A 114 -10.23 0.94 0.00
CA PRO A 114 -10.68 -0.44 -0.09
C PRO A 114 -9.62 -1.31 -0.76
N GLU A 115 -8.82 -0.67 -1.61
CA GLU A 115 -7.78 -1.39 -2.32
C GLU A 115 -6.51 -1.49 -1.45
N GLY A 116 -5.85 -2.63 -1.57
CA GLY A 116 -4.64 -2.86 -0.80
C GLY A 116 -4.18 -4.32 -0.92
N VAL A 117 -3.06 -4.50 -1.58
CA VAL A 117 -2.51 -5.84 -1.78
C VAL A 117 -1.99 -6.37 -0.44
N ALA A 118 -1.94 -7.68 -0.35
CA ALA A 118 -1.47 -8.33 0.87
C ALA A 118 0.06 -8.47 0.80
N ILE A 119 0.75 -7.63 1.55
CA ILE A 119 2.19 -7.65 1.58
C ILE A 119 2.66 -8.96 2.21
N SER A 120 3.42 -9.73 1.44
CA SER A 120 3.93 -11.00 1.90
C SER A 120 5.05 -10.78 2.91
N PHE A 121 4.69 -10.09 4.00
CA PHE A 121 5.65 -9.80 5.05
C PHE A 121 6.43 -11.06 5.44
N ASN A 122 7.67 -10.83 5.88
CA ASN A 122 8.53 -11.93 6.28
C ASN A 122 8.00 -12.54 7.58
C1 NCZ B . -5.77 2.76 3.83
C6 NCZ B . -4.95 3.77 3.32
C5 NCZ B . -4.16 3.47 2.18
C7 NCZ B . -3.31 4.43 1.64
C8 NCZ B . -3.19 5.66 2.25
C9 NCZ B . -3.96 5.96 3.39
C10 NCZ B . -4.89 5.04 3.93
C11 NCZ B . -5.97 5.51 4.77
O3 NCZ B . -5.82 6.53 5.43
O4 NCZ B . -7.24 4.80 4.95
C12 NCZ B . -8.16 5.28 5.99
C13 NCZ B . -7.83 4.68 7.36
C14 NCZ B . -8.60 3.61 7.57
C15 NCZ B . -9.70 3.47 6.58
C16 NCZ B . -9.57 4.75 5.71
O6 NCZ B . -10.61 5.69 6.14
O5 NCZ B . -8.07 5.64 8.39
O2 NCZ B . -3.79 7.24 3.94
C4 NCZ B . -4.27 2.23 1.60
C3 NCZ B . -5.12 1.28 2.13
C2 NCZ B . -5.87 1.53 3.25
O1 NCZ B . -6.69 0.52 3.75
C17 NCZ B . -7.82 0.73 4.62
C18 NCZ B . -3.51 1.86 0.36
H1 NCZ B . -6.37 2.97 4.72
H7 NCZ B . -2.72 4.20 0.74
H8 NCZ B . -2.50 6.40 1.84
H12 NCZ B . -8.06 6.16 6.34
H13 NCZ B . -6.78 4.36 7.38
H14 NCZ B . -8.46 2.90 8.39
H15 NCZ B . -10.43 2.66 6.48
H16 NCZ B . -9.72 4.47 4.67
H6 NCZ B . -10.78 5.58 7.15
H5 NCZ B . -7.52 6.41 8.24
H2 NCZ B . -4.64 7.80 3.80
H3 NCZ B . -5.18 0.30 1.65
H171 NCZ B . -8.29 -0.23 4.85
H172 NCZ B . -7.49 1.21 5.54
H173 NCZ B . -8.55 1.37 4.12
H181 NCZ B . -4.10 2.09 -0.51
H182 NCZ B . -2.58 2.42 0.34
H183 NCZ B . -3.28 0.80 0.39
N ALA A 10 -0.88 -10.59 -8.86
CA ALA A 10 -0.80 -9.33 -9.58
C ALA A 10 -1.72 -9.38 -10.81
N ALA A 11 -2.80 -8.62 -10.73
CA ALA A 11 -3.75 -8.57 -11.83
C ALA A 11 -5.00 -7.81 -11.39
N PRO A 12 -5.58 -8.27 -10.24
CA PRO A 12 -6.77 -7.64 -9.70
C PRO A 12 -6.43 -6.32 -9.02
N THR A 13 -6.77 -5.23 -9.70
CA THR A 13 -6.50 -3.91 -9.17
C THR A 13 -5.01 -3.72 -8.91
N ALA A 14 -4.70 -2.91 -7.92
CA ALA A 14 -3.32 -2.64 -7.55
C ALA A 14 -2.80 -3.80 -6.69
N THR A 15 -1.82 -4.50 -7.24
CA THR A 15 -1.23 -5.63 -6.54
C THR A 15 0.29 -5.65 -6.75
N VAL A 16 0.98 -6.17 -5.76
CA VAL A 16 2.44 -6.26 -5.83
C VAL A 16 2.83 -7.52 -6.59
N THR A 17 3.75 -7.35 -7.53
CA THR A 17 4.22 -8.46 -8.34
C THR A 17 4.16 -9.76 -7.54
N PRO A 18 5.10 -9.89 -6.57
CA PRO A 18 5.15 -11.08 -5.73
C PRO A 18 4.04 -11.07 -4.69
N SER A 19 4.24 -11.84 -3.64
CA SER A 19 3.27 -11.93 -2.57
C SER A 19 3.97 -12.14 -1.23
N SER A 20 4.56 -13.32 -1.08
CA SER A 20 5.28 -13.64 0.14
C SER A 20 6.79 -13.58 -0.09
N GLY A 21 7.53 -13.47 1.00
CA GLY A 21 8.98 -13.39 0.92
C GLY A 21 9.44 -11.95 0.72
N LEU A 22 8.54 -11.02 1.04
CA LEU A 22 8.85 -9.61 0.89
C LEU A 22 9.50 -9.09 2.18
N SER A 23 10.42 -8.16 2.01
CA SER A 23 11.11 -7.58 3.16
C SER A 23 11.18 -6.06 3.01
N ASP A 24 11.51 -5.40 4.12
CA ASP A 24 11.60 -3.95 4.13
C ASP A 24 12.67 -3.52 3.12
N GLY A 25 12.23 -3.32 1.88
CA GLY A 25 13.13 -2.89 0.83
C GLY A 25 12.97 -3.78 -0.41
N THR A 26 11.79 -4.38 -0.52
CA THR A 26 11.49 -5.25 -1.64
C THR A 26 10.93 -4.43 -2.81
N VAL A 27 11.78 -4.22 -3.82
CA VAL A 27 11.38 -3.45 -4.99
C VAL A 27 10.55 -4.35 -5.91
N VAL A 28 9.36 -3.88 -6.22
CA VAL A 28 8.47 -4.62 -7.10
C VAL A 28 7.55 -3.63 -7.84
N LYS A 29 6.84 -4.17 -8.83
CA LYS A 29 5.93 -3.36 -9.61
C LYS A 29 4.49 -3.60 -9.15
N VAL A 30 3.76 -2.52 -9.01
CA VAL A 30 2.37 -2.60 -8.57
C VAL A 30 1.45 -2.26 -9.74
N ALA A 31 0.86 -3.30 -10.30
CA ALA A 31 -0.05 -3.12 -11.42
C ALA A 31 -1.47 -2.91 -10.90
N GLY A 32 -2.08 -1.83 -11.36
CA GLY A 32 -3.44 -1.50 -10.95
C GLY A 32 -4.40 -1.58 -12.13
N ALA A 33 -4.85 -2.79 -12.42
CA ALA A 33 -5.76 -3.01 -13.52
C ALA A 33 -7.20 -2.76 -13.03
N GLY A 34 -7.94 -2.01 -13.83
CA GLY A 34 -9.32 -1.69 -13.49
C GLY A 34 -9.39 -0.82 -12.23
N LEU A 35 -8.24 -0.27 -11.87
CA LEU A 35 -8.16 0.58 -10.69
C LEU A 35 -8.60 2.00 -11.07
N GLN A 36 -7.92 2.97 -10.47
CA GLN A 36 -8.23 4.36 -10.73
C GLN A 36 -8.35 4.61 -12.24
N ALA A 37 -9.57 4.47 -12.73
CA ALA A 37 -9.83 4.66 -14.15
C ALA A 37 -9.45 6.09 -14.53
N GLY A 38 -8.21 6.25 -14.93
CA GLY A 38 -7.70 7.55 -15.33
C GLY A 38 -7.58 8.49 -14.12
N THR A 39 -7.77 7.91 -12.94
CA THR A 39 -7.69 8.68 -11.71
C THR A 39 -6.26 8.66 -11.17
N ALA A 40 -6.06 9.37 -10.08
CA ALA A 40 -4.75 9.45 -9.45
C ALA A 40 -4.92 9.44 -7.92
N TYR A 41 -4.43 8.37 -7.32
CA TYR A 41 -4.52 8.23 -5.87
C TYR A 41 -3.12 8.20 -5.24
N ASP A 42 -3.10 7.86 -3.96
CA ASP A 42 -1.84 7.80 -3.22
C ASP A 42 -1.49 6.33 -2.96
N VAL A 43 -0.44 5.87 -3.64
CA VAL A 43 0.01 4.50 -3.49
C VAL A 43 0.78 4.37 -2.18
N GLY A 44 0.54 3.26 -1.49
CA GLY A 44 1.21 2.98 -0.23
C GLY A 44 0.59 1.78 0.46
N GLN A 45 1.37 1.20 1.37
CA GLN A 45 0.93 0.03 2.12
C GLN A 45 0.31 0.45 3.45
N CYS A 46 -1.01 0.45 3.48
CA CYS A 46 -1.73 0.83 4.69
C CYS A 46 -2.30 -0.45 5.33
N ALA A 47 -2.38 -0.41 6.66
CA ALA A 47 -2.91 -1.54 7.40
C ALA A 47 -2.88 -1.22 8.89
N TRP A 48 -3.57 -2.06 9.66
CA TRP A 48 -3.65 -1.88 11.10
C TRP A 48 -2.32 -2.35 11.71
N VAL A 49 -1.61 -1.42 12.30
CA VAL A 49 -0.33 -1.72 12.92
C VAL A 49 -0.49 -1.73 14.44
N ASP A 50 -1.22 -0.73 14.93
CA ASP A 50 -1.45 -0.62 16.36
C ASP A 50 -2.63 -1.51 16.75
N THR A 51 -3.18 -1.24 17.93
CA THR A 51 -4.31 -2.01 18.43
C THR A 51 -5.53 -1.77 17.54
N GLY A 52 -5.56 -2.49 16.42
CA GLY A 52 -6.66 -2.38 15.49
C GLY A 52 -6.73 -0.97 14.89
N VAL A 53 -5.60 -0.29 14.93
CA VAL A 53 -5.52 1.07 14.40
C VAL A 53 -4.90 1.03 13.00
N LEU A 54 -5.70 1.40 12.02
CA LEU A 54 -5.24 1.40 10.64
C LEU A 54 -4.17 2.49 10.48
N ALA A 55 -2.92 2.04 10.46
CA ALA A 55 -1.80 2.95 10.30
C ALA A 55 -1.13 2.71 8.95
N CYS A 56 -0.75 3.81 8.31
CA CYS A 56 -0.10 3.73 7.01
C CYS A 56 1.41 3.85 7.22
N ASN A 57 2.16 3.34 6.26
CA ASN A 57 3.61 3.39 6.32
C ASN A 57 4.09 4.75 5.83
N PRO A 58 5.39 5.04 6.12
CA PRO A 58 5.98 6.30 5.71
C PRO A 58 6.29 6.30 4.21
N ALA A 59 6.38 5.10 3.66
CA ALA A 59 6.66 4.95 2.24
C ALA A 59 5.37 4.63 1.50
N ASP A 60 4.26 4.84 2.19
CA ASP A 60 2.95 4.58 1.61
C ASP A 60 2.45 5.85 0.90
N PHE A 61 3.33 6.84 0.84
CA PHE A 61 3.00 8.10 0.21
C PHE A 61 3.70 8.24 -1.14
N SER A 62 3.08 7.67 -2.16
CA SER A 62 3.64 7.73 -3.49
C SER A 62 2.52 7.85 -4.53
N SER A 63 2.13 9.09 -4.79
CA SER A 63 1.07 9.35 -5.76
C SER A 63 1.13 8.34 -6.90
N VAL A 64 -0.04 8.05 -7.44
CA VAL A 64 -0.13 7.09 -8.54
C VAL A 64 -1.36 7.43 -9.39
N THR A 65 -1.32 6.98 -10.64
CA THR A 65 -2.42 7.22 -11.56
C THR A 65 -2.56 6.05 -12.53
N ALA A 66 -3.80 5.63 -12.72
CA ALA A 66 -4.09 4.52 -13.61
C ALA A 66 -4.58 5.07 -14.95
N ASP A 67 -4.02 4.52 -16.03
CA ASP A 67 -4.40 4.95 -17.37
C ASP A 67 -5.92 4.90 -17.50
N ALA A 68 -6.42 5.63 -18.48
CA ALA A 68 -7.84 5.69 -18.73
C ALA A 68 -8.43 4.27 -18.61
N ASN A 69 -7.59 3.29 -18.91
CA ASN A 69 -8.00 1.90 -18.83
C ASN A 69 -7.76 1.38 -17.42
N GLY A 70 -7.90 2.28 -16.45
CA GLY A 70 -7.71 1.91 -15.06
C GLY A 70 -6.46 1.04 -14.89
N SER A 71 -5.38 1.48 -15.53
CA SER A 71 -4.13 0.75 -15.46
C SER A 71 -3.07 1.59 -14.74
N ALA A 72 -2.91 1.30 -13.45
CA ALA A 72 -1.93 2.02 -12.65
C ALA A 72 -0.75 1.11 -12.35
N SER A 73 0.18 1.09 -13.31
CA SER A 73 1.37 0.26 -13.18
C SER A 73 2.51 1.09 -12.57
N THR A 74 2.48 1.22 -11.25
CA THR A 74 3.49 1.98 -10.54
C THR A 74 4.40 1.04 -9.76
N SER A 75 5.70 1.30 -9.85
CA SER A 75 6.68 0.50 -9.15
C SER A 75 7.09 1.18 -7.84
N LEU A 76 7.19 0.38 -6.80
CA LEU A 76 7.57 0.90 -5.49
C LEU A 76 8.20 -0.23 -4.66
N THR A 77 8.81 0.16 -3.56
CA THR A 77 9.44 -0.81 -2.67
C THR A 77 8.53 -1.11 -1.48
N VAL A 78 8.52 -2.39 -1.11
CA VAL A 78 7.70 -2.83 0.00
C VAL A 78 8.50 -2.71 1.30
N ARG A 79 8.46 -1.51 1.88
CA ARG A 79 9.17 -1.26 3.12
C ARG A 79 8.29 -1.60 4.32
N ARG A 80 8.21 -2.89 4.61
CA ARG A 80 7.41 -3.35 5.72
C ARG A 80 7.94 -2.77 7.04
N SER A 81 9.21 -2.40 7.01
CA SER A 81 9.85 -1.82 8.20
C SER A 81 9.98 -0.31 8.03
N PHE A 82 9.46 0.41 9.02
CA PHE A 82 9.52 1.86 9.00
C PHE A 82 8.57 2.46 10.04
N GLU A 83 8.50 3.78 10.03
CA GLU A 83 7.64 4.49 10.97
C GLU A 83 6.23 4.62 10.39
N GLY A 84 5.28 3.97 11.06
CA GLY A 84 3.90 4.01 10.63
C GLY A 84 3.15 5.15 11.31
N PHE A 85 1.96 5.44 10.78
CA PHE A 85 1.14 6.50 11.32
C PHE A 85 -0.31 6.03 11.50
N LEU A 86 -0.77 6.12 12.74
CA LEU A 86 -2.13 5.71 13.07
C LEU A 86 -3.09 6.25 12.00
N PHE A 87 -4.29 5.71 12.01
CA PHE A 87 -5.31 6.12 11.05
C PHE A 87 -5.81 7.53 11.35
N ASP A 88 -5.66 7.92 12.60
CA ASP A 88 -6.09 9.24 13.03
C ASP A 88 -5.22 10.31 12.36
N GLY A 89 -3.91 10.20 12.61
CA GLY A 89 -2.97 11.14 12.04
C GLY A 89 -1.65 11.12 12.81
N THR A 90 -1.74 10.74 14.08
CA THR A 90 -0.56 10.67 14.93
C THR A 90 0.35 9.53 14.48
N ARG A 91 1.65 9.77 14.59
CA ARG A 91 2.64 8.78 14.21
C ARG A 91 2.77 7.70 15.29
N TRP A 92 2.67 6.46 14.86
CA TRP A 92 2.78 5.33 15.77
C TRP A 92 4.24 4.89 15.82
N GLY A 93 4.59 4.00 14.89
CA GLY A 93 5.94 3.49 14.82
C GLY A 93 6.03 2.31 13.85
N THR A 94 5.16 1.33 14.07
CA THR A 94 5.13 0.15 13.22
C THR A 94 6.42 -0.65 13.39
N VAL A 95 7.53 -0.01 13.06
CA VAL A 95 8.83 -0.65 13.17
C VAL A 95 8.91 -1.81 12.16
N ASP A 96 8.42 -2.96 12.59
CA ASP A 96 8.44 -4.14 11.74
C ASP A 96 6.99 -4.61 11.51
N CYS A 97 6.48 -4.26 10.33
CA CYS A 97 5.12 -4.63 9.98
C CYS A 97 5.15 -6.04 9.39
N THR A 98 5.82 -6.94 10.11
CA THR A 98 5.94 -8.31 9.67
C THR A 98 4.79 -9.14 10.23
N THR A 99 4.23 -8.66 11.33
CA THR A 99 3.12 -9.35 11.98
C THR A 99 1.79 -8.89 11.38
N ALA A 100 1.71 -7.59 11.10
CA ALA A 100 0.50 -7.02 10.54
C ALA A 100 0.60 -7.05 9.01
N ALA A 101 -0.42 -7.62 8.39
CA ALA A 101 -0.47 -7.72 6.95
C ALA A 101 -0.66 -6.32 6.35
N CYS A 102 0.43 -5.78 5.83
CA CYS A 102 0.39 -4.46 5.23
C CYS A 102 -0.19 -4.59 3.82
N GLN A 103 -1.27 -3.85 3.59
CA GLN A 103 -1.93 -3.88 2.30
C GLN A 103 -1.33 -2.80 1.38
N VAL A 104 -0.70 -3.27 0.31
CA VAL A 104 -0.09 -2.37 -0.64
C VAL A 104 -1.12 -1.96 -1.69
N GLY A 105 -1.55 -0.70 -1.60
CA GLY A 105 -2.53 -0.17 -2.52
C GLY A 105 -2.57 1.36 -2.46
N LEU A 106 -3.44 1.92 -3.29
CA LEU A 106 -3.58 3.36 -3.36
C LEU A 106 -4.90 3.77 -2.68
N SER A 107 -4.85 4.91 -2.01
CA SER A 107 -6.04 5.41 -1.33
C SER A 107 -6.63 6.59 -2.11
N ASP A 108 -7.95 6.65 -2.08
CA ASP A 108 -8.67 7.72 -2.78
C ASP A 108 -8.34 9.06 -2.13
N ALA A 109 -8.59 10.13 -2.87
CA ALA A 109 -8.33 11.46 -2.37
C ALA A 109 -9.58 11.99 -1.65
N ALA A 110 -10.48 11.06 -1.35
CA ALA A 110 -11.71 11.41 -0.66
C ALA A 110 -11.58 11.04 0.82
N GLY A 111 -10.92 9.92 1.07
CA GLY A 111 -10.72 9.46 2.43
C GLY A 111 -11.13 7.99 2.56
N ASN A 112 -10.60 7.17 1.66
CA ASN A 112 -10.90 5.76 1.68
C ASN A 112 -9.69 4.97 1.14
N GLY A 113 -9.59 3.73 1.59
CA GLY A 113 -8.48 2.88 1.16
C GLY A 113 -8.97 1.45 0.88
N PRO A 114 -9.77 1.33 -0.22
CA PRO A 114 -10.30 0.03 -0.61
C PRO A 114 -9.21 -0.84 -1.25
N GLU A 115 -8.34 -0.19 -2.00
CA GLU A 115 -7.26 -0.89 -2.67
C GLU A 115 -6.10 -1.13 -1.69
N GLY A 116 -5.50 -2.31 -1.82
CA GLY A 116 -4.39 -2.67 -0.96
C GLY A 116 -4.35 -4.19 -0.73
N VAL A 117 -3.24 -4.78 -1.14
CA VAL A 117 -3.05 -6.22 -0.99
C VAL A 117 -2.10 -6.49 0.16
N ALA A 118 -2.57 -7.28 1.12
CA ALA A 118 -1.78 -7.61 2.28
C ALA A 118 -0.59 -8.49 1.84
N ILE A 119 0.48 -7.82 1.45
CA ILE A 119 1.68 -8.51 1.01
C ILE A 119 2.70 -8.53 2.14
N SER A 120 3.64 -9.46 2.04
CA SER A 120 4.68 -9.59 3.05
C SER A 120 5.13 -11.06 3.14
N PHE A 121 4.16 -11.93 3.33
CA PHE A 121 4.44 -13.35 3.44
C PHE A 121 3.18 -14.18 3.20
N ASN A 122 3.37 -15.49 3.17
CA ASN A 122 2.26 -16.41 2.95
C ASN A 122 1.29 -16.33 4.14
C1 NCZ B . -5.60 3.39 3.74
C6 NCZ B . -4.61 4.25 3.24
C5 NCZ B . -3.84 3.81 2.15
C7 NCZ B . -2.82 4.60 1.63
C8 NCZ B . -2.53 5.82 2.22
C9 NCZ B . -3.29 6.27 3.32
C10 NCZ B . -4.38 5.50 3.83
C11 NCZ B . -5.40 6.16 4.62
O3 NCZ B . -5.12 7.17 5.26
O4 NCZ B . -6.78 5.67 4.76
C12 NCZ B . -7.62 6.26 5.80
C13 NCZ B . -7.28 5.70 7.18
C14 NCZ B . -8.13 4.70 7.48
C15 NCZ B . -9.26 4.60 6.52
C16 NCZ B . -9.08 5.81 5.60
O6 NCZ B . -10.03 6.83 6.01
O5 NCZ B . -7.43 6.73 8.17
O2 NCZ B . -2.93 7.52 3.85
C4 NCZ B . -4.12 2.59 1.59
C3 NCZ B . -5.12 1.78 2.10
C2 NCZ B . -5.87 2.17 3.18
O1 NCZ B . -6.85 1.33 3.67
C17 NCZ B . -7.98 1.73 4.48
C18 NCZ B . -3.37 2.06 0.40
H1 NCZ B . -6.19 3.71 4.60
H7 NCZ B . -2.25 4.27 0.76
H8 NCZ B . -1.73 6.43 1.83
H12 NCZ B . -7.42 7.16 6.08
H13 NCZ B . -6.26 5.32 7.19
H14 NCZ B . -7.99 4.03 8.33
H15 NCZ B . -10.03 3.83 6.49
H16 NCZ B . -9.28 5.49 4.58
H6 NCZ B . -10.16 6.78 7.03
H5 NCZ B . -6.82 7.45 7.98
H2 NCZ B . -3.69 8.20 3.66
H3 NCZ B . -5.32 0.82 1.63
H171 NCZ B . -8.59 0.86 4.71
H172 NCZ B . -7.61 2.18 5.41
H173 NCZ B . -8.58 2.47 3.94
H181 NCZ B . -3.89 2.36 -0.51
H182 NCZ B . -2.36 2.48 0.39
H183 NCZ B . -3.32 0.98 0.44
N ALA A 10 -6.29 -13.29 -11.76
CA ALA A 10 -6.23 -12.38 -10.63
C ALA A 10 -5.64 -11.04 -11.09
N ALA A 11 -6.28 -9.97 -10.63
CA ALA A 11 -5.83 -8.64 -10.98
C ALA A 11 -6.69 -7.60 -10.25
N PRO A 12 -6.65 -7.68 -8.90
CA PRO A 12 -7.43 -6.76 -8.07
C PRO A 12 -6.79 -5.38 -8.04
N THR A 13 -7.22 -4.54 -8.97
CA THR A 13 -6.71 -3.19 -9.06
C THR A 13 -5.19 -3.20 -8.98
N ALA A 14 -4.67 -2.50 -7.97
CA ALA A 14 -3.24 -2.42 -7.77
C ALA A 14 -2.77 -3.61 -6.92
N THR A 15 -1.91 -4.42 -7.52
CA THR A 15 -1.39 -5.59 -6.83
C THR A 15 0.13 -5.65 -6.97
N VAL A 16 0.77 -6.13 -5.90
CA VAL A 16 2.22 -6.24 -5.89
C VAL A 16 2.61 -7.66 -6.30
N THR A 17 3.43 -7.74 -7.35
CA THR A 17 3.89 -9.02 -7.85
C THR A 17 4.66 -9.77 -6.77
N PRO A 18 5.87 -9.24 -6.44
CA PRO A 18 6.70 -9.85 -5.42
C PRO A 18 6.16 -9.57 -4.02
N SER A 19 4.90 -9.95 -3.82
CA SER A 19 4.26 -9.75 -2.53
C SER A 19 4.52 -10.95 -1.62
N SER A 20 5.31 -11.88 -2.13
CA SER A 20 5.64 -13.08 -1.37
C SER A 20 7.03 -12.94 -0.74
N GLY A 21 7.11 -13.34 0.52
CA GLY A 21 8.37 -13.26 1.25
C GLY A 21 9.18 -12.05 0.80
N LEU A 22 8.53 -10.90 0.78
CA LEU A 22 9.19 -9.67 0.38
C LEU A 22 10.10 -9.18 1.50
N SER A 23 10.72 -8.05 1.27
CA SER A 23 11.63 -7.47 2.24
C SER A 23 11.36 -5.98 2.39
N ASP A 24 11.63 -5.47 3.59
CA ASP A 24 11.42 -4.06 3.86
C ASP A 24 12.31 -3.22 2.94
N GLY A 25 11.79 -2.94 1.77
CA GLY A 25 12.51 -2.15 0.78
C GLY A 25 12.74 -2.95 -0.50
N THR A 26 11.78 -3.80 -0.81
CA THR A 26 11.85 -4.62 -2.00
C THR A 26 11.09 -3.96 -3.14
N VAL A 27 11.74 -3.92 -4.31
CA VAL A 27 11.14 -3.31 -5.48
C VAL A 27 10.06 -4.25 -6.02
N VAL A 28 8.81 -3.83 -5.84
CA VAL A 28 7.68 -4.62 -6.31
C VAL A 28 6.96 -3.85 -7.42
N LYS A 29 6.24 -4.60 -8.24
CA LYS A 29 5.50 -4.01 -9.34
C LYS A 29 4.02 -3.97 -8.98
N VAL A 30 3.51 -2.74 -8.85
CA VAL A 30 2.12 -2.54 -8.51
C VAL A 30 1.30 -2.39 -9.80
N ALA A 31 0.68 -3.50 -10.19
CA ALA A 31 -0.13 -3.51 -11.40
C ALA A 31 -1.57 -3.11 -11.05
N GLY A 32 -1.97 -1.95 -11.53
CA GLY A 32 -3.31 -1.45 -11.26
C GLY A 32 -4.28 -1.90 -12.37
N ALA A 33 -4.96 -3.00 -12.10
CA ALA A 33 -5.92 -3.53 -13.06
C ALA A 33 -7.32 -3.09 -12.67
N GLY A 34 -7.71 -1.94 -13.21
CA GLY A 34 -9.02 -1.39 -12.93
C GLY A 34 -8.96 -0.34 -11.82
N LEU A 35 -7.89 0.44 -11.86
CA LEU A 35 -7.68 1.48 -10.86
C LEU A 35 -8.89 2.42 -10.88
N GLN A 36 -8.59 3.71 -10.72
CA GLN A 36 -9.63 4.72 -10.71
C GLN A 36 -9.97 5.15 -12.15
N ALA A 37 -10.03 4.15 -13.02
CA ALA A 37 -10.35 4.40 -14.41
C ALA A 37 -9.13 5.02 -15.11
N GLY A 38 -8.15 5.37 -14.29
CA GLY A 38 -6.93 5.97 -14.80
C GLY A 38 -6.60 7.29 -14.10
N THR A 39 -7.45 7.61 -13.13
CA THR A 39 -7.28 8.84 -12.37
C THR A 39 -5.91 8.85 -11.68
N ALA A 40 -5.84 9.56 -10.57
CA ALA A 40 -4.61 9.66 -9.81
C ALA A 40 -4.91 9.43 -8.33
N TYR A 41 -4.10 8.57 -7.72
CA TYR A 41 -4.26 8.26 -6.32
C TYR A 41 -2.94 8.40 -5.56
N ASP A 42 -2.93 7.87 -4.34
CA ASP A 42 -1.73 7.93 -3.52
C ASP A 42 -1.40 6.53 -3.01
N VAL A 43 -0.21 6.07 -3.37
CA VAL A 43 0.24 4.75 -2.96
C VAL A 43 0.70 4.81 -1.49
N GLY A 44 0.06 3.98 -0.68
CA GLY A 44 0.39 3.92 0.73
C GLY A 44 -0.14 2.63 1.36
N GLN A 45 0.80 1.80 1.83
CA GLN A 45 0.45 0.54 2.44
C GLN A 45 -0.13 0.78 3.85
N CYS A 46 -1.45 0.72 3.93
CA CYS A 46 -2.13 0.94 5.19
C CYS A 46 -2.48 -0.43 5.78
N ALA A 47 -2.56 -0.47 7.10
CA ALA A 47 -2.89 -1.71 7.79
C ALA A 47 -2.72 -1.49 9.30
N TRP A 48 -3.30 -2.41 10.06
CA TRP A 48 -3.24 -2.34 11.51
C TRP A 48 -1.77 -2.45 11.92
N VAL A 49 -1.07 -1.33 11.85
CA VAL A 49 0.34 -1.30 12.21
C VAL A 49 0.47 -1.35 13.74
N ASP A 50 -0.41 -0.62 14.40
CA ASP A 50 -0.41 -0.57 15.85
C ASP A 50 -1.32 -1.67 16.40
N THR A 51 -1.84 -1.43 17.59
CA THR A 51 -2.73 -2.39 18.23
C THR A 51 -4.12 -2.32 17.60
N GLY A 52 -4.21 -2.79 16.37
CA GLY A 52 -5.47 -2.79 15.65
C GLY A 52 -5.77 -1.43 15.06
N VAL A 53 -4.71 -0.65 14.87
CA VAL A 53 -4.84 0.69 14.31
C VAL A 53 -4.34 0.67 12.87
N LEU A 54 -5.28 0.80 11.94
CA LEU A 54 -4.96 0.81 10.53
C LEU A 54 -4.08 2.03 10.22
N ALA A 55 -2.80 1.88 10.53
CA ALA A 55 -1.85 2.96 10.28
C ALA A 55 -1.21 2.77 8.91
N CYS A 56 -0.92 3.90 8.27
CA CYS A 56 -0.32 3.88 6.95
C CYS A 56 1.19 4.09 7.11
N ASN A 57 1.94 3.58 6.15
CA ASN A 57 3.38 3.71 6.17
C ASN A 57 3.81 4.86 5.27
N PRO A 58 4.57 5.82 5.87
CA PRO A 58 5.03 6.98 5.13
C PRO A 58 6.20 6.60 4.19
N ALA A 59 6.45 5.30 4.13
CA ALA A 59 7.53 4.80 3.28
C ALA A 59 6.93 4.26 1.97
N ASP A 60 5.61 4.34 1.89
CA ASP A 60 4.92 3.87 0.70
C ASP A 60 4.24 5.06 0.01
N PHE A 61 4.12 6.15 0.76
CA PHE A 61 3.51 7.35 0.22
C PHE A 61 4.16 7.76 -1.10
N SER A 62 3.48 7.44 -2.19
CA SER A 62 3.98 7.77 -3.51
C SER A 62 2.81 7.87 -4.50
N SER A 63 2.47 9.11 -4.81
CA SER A 63 1.38 9.36 -5.74
C SER A 63 1.56 8.53 -7.00
N VAL A 64 0.45 8.16 -7.60
CA VAL A 64 0.47 7.36 -8.82
C VAL A 64 -0.83 7.57 -9.59
N THR A 65 -0.82 7.12 -10.83
CA THR A 65 -1.98 7.25 -11.69
C THR A 65 -2.12 6.04 -12.60
N ALA A 66 -3.35 5.79 -13.03
CA ALA A 66 -3.63 4.66 -13.91
C ALA A 66 -3.88 5.18 -15.33
N ASP A 67 -3.46 4.36 -16.30
CA ASP A 67 -3.63 4.72 -17.69
C ASP A 67 -5.12 4.86 -18.00
N ALA A 68 -5.40 5.56 -19.10
CA ALA A 68 -6.77 5.77 -19.52
C ALA A 68 -7.58 4.50 -19.26
N ASN A 69 -6.93 3.37 -19.47
CA ASN A 69 -7.58 2.09 -19.27
C ASN A 69 -7.40 1.65 -17.80
N GLY A 70 -7.45 2.64 -16.92
CA GLY A 70 -7.31 2.37 -15.50
C GLY A 70 -6.16 1.38 -15.25
N SER A 71 -5.07 1.59 -15.96
CA SER A 71 -3.91 0.73 -15.82
C SER A 71 -2.81 1.45 -15.05
N ALA A 72 -2.76 1.19 -13.76
CA ALA A 72 -1.76 1.82 -12.91
C ALA A 72 -0.65 0.80 -12.61
N SER A 73 0.18 0.58 -13.62
CA SER A 73 1.29 -0.35 -13.49
C SER A 73 2.55 0.38 -13.02
N THR A 74 2.55 0.72 -11.75
CA THR A 74 3.68 1.43 -11.17
C THR A 74 4.45 0.51 -10.21
N SER A 75 5.76 0.68 -10.21
CA SER A 75 6.62 -0.12 -9.35
C SER A 75 7.20 0.76 -8.24
N LEU A 76 7.16 0.23 -7.03
CA LEU A 76 7.69 0.95 -5.88
C LEU A 76 8.37 -0.04 -4.94
N THR A 77 8.88 0.49 -3.83
CA THR A 77 9.57 -0.33 -2.85
C THR A 77 8.68 -0.53 -1.62
N VAL A 78 8.43 -1.79 -1.31
CA VAL A 78 7.59 -2.12 -0.16
C VAL A 78 8.48 -2.24 1.09
N ARG A 79 8.59 -1.12 1.79
CA ARG A 79 9.40 -1.08 2.99
C ARG A 79 8.56 -1.49 4.21
N ARG A 80 8.23 -2.76 4.26
CA ARG A 80 7.44 -3.29 5.36
C ARG A 80 7.89 -2.67 6.68
N SER A 81 9.18 -2.39 6.77
CA SER A 81 9.75 -1.81 7.96
C SER A 81 9.80 -0.28 7.83
N PHE A 82 9.18 0.38 8.79
CA PHE A 82 9.13 1.83 8.79
C PHE A 82 8.24 2.36 9.92
N GLU A 83 8.16 3.68 10.00
CA GLU A 83 7.34 4.32 11.03
C GLU A 83 5.89 4.43 10.56
N GLY A 84 5.03 3.66 11.22
CA GLY A 84 3.62 3.66 10.88
C GLY A 84 2.91 4.85 11.53
N PHE A 85 1.82 5.27 10.89
CA PHE A 85 1.05 6.40 11.39
C PHE A 85 -0.43 6.04 11.48
N LEU A 86 -0.98 6.25 12.67
CA LEU A 86 -2.39 5.96 12.91
C LEU A 86 -3.25 6.87 12.04
N PHE A 87 -4.32 6.29 11.52
CA PHE A 87 -5.24 7.04 10.67
C PHE A 87 -6.03 8.06 11.49
N ASP A 88 -6.20 7.74 12.76
CA ASP A 88 -6.93 8.62 13.65
C ASP A 88 -6.32 10.02 13.61
N GLY A 89 -5.01 10.06 13.79
CA GLY A 89 -4.28 11.32 13.78
C GLY A 89 -2.91 11.17 14.42
N THR A 90 -2.81 10.22 15.34
CA THR A 90 -1.56 9.96 16.03
C THR A 90 -0.68 9.02 15.21
N ARG A 91 0.59 8.99 15.58
CA ARG A 91 1.55 8.13 14.89
C ARG A 91 2.06 7.03 15.83
N TRP A 92 2.31 5.87 15.24
CA TRP A 92 2.80 4.73 16.00
C TRP A 92 4.28 4.57 15.71
N GLY A 93 4.57 3.76 14.69
CA GLY A 93 5.94 3.51 14.30
C GLY A 93 6.13 2.06 13.84
N THR A 94 6.01 1.16 14.80
CA THR A 94 6.15 -0.27 14.51
C THR A 94 7.60 -0.58 14.13
N VAL A 95 8.05 0.07 13.06
CA VAL A 95 9.41 -0.13 12.58
C VAL A 95 9.45 -1.36 11.67
N ASP A 96 8.81 -2.42 12.14
CA ASP A 96 8.76 -3.66 11.37
C ASP A 96 7.31 -4.15 11.30
N CYS A 97 6.73 -3.98 10.12
CA CYS A 97 5.36 -4.42 9.90
C CYS A 97 5.37 -5.85 9.40
N THR A 98 6.22 -6.65 10.02
CA THR A 98 6.34 -8.05 9.64
C THR A 98 5.33 -8.90 10.41
N THR A 99 4.82 -8.33 11.48
CA THR A 99 3.84 -9.01 12.31
C THR A 99 2.43 -8.76 11.79
N ALA A 100 2.12 -7.49 11.61
CA ALA A 100 0.81 -7.10 11.12
C ALA A 100 0.83 -7.05 9.59
N ALA A 101 -0.15 -7.71 9.00
CA ALA A 101 -0.25 -7.75 7.54
C ALA A 101 -0.45 -6.34 7.02
N CYS A 102 0.54 -5.87 6.27
CA CYS A 102 0.49 -4.54 5.69
C CYS A 102 -0.18 -4.63 4.32
N GLN A 103 -1.21 -3.82 4.14
CA GLN A 103 -1.94 -3.80 2.88
C GLN A 103 -1.42 -2.67 1.99
N VAL A 104 -0.76 -3.07 0.91
CA VAL A 104 -0.22 -2.10 -0.04
C VAL A 104 -1.27 -1.79 -1.10
N GLY A 105 -1.61 -0.51 -1.19
CA GLY A 105 -2.60 -0.07 -2.16
C GLY A 105 -2.57 1.45 -2.32
N LEU A 106 -3.27 1.93 -3.34
CA LEU A 106 -3.33 3.35 -3.61
C LEU A 106 -4.70 3.89 -3.19
N SER A 107 -4.68 4.91 -2.34
CA SER A 107 -5.90 5.52 -1.87
C SER A 107 -6.18 6.81 -2.65
N ASP A 108 -7.40 7.29 -2.49
CA ASP A 108 -7.81 8.51 -3.17
C ASP A 108 -7.27 9.72 -2.42
N ALA A 109 -7.21 10.85 -3.13
CA ALA A 109 -6.71 12.08 -2.54
C ALA A 109 -7.86 12.82 -1.86
N ALA A 110 -8.97 12.11 -1.70
CA ALA A 110 -10.14 12.69 -1.08
C ALA A 110 -10.14 12.35 0.42
N GLY A 111 -10.20 11.06 0.69
CA GLY A 111 -10.21 10.60 2.07
C GLY A 111 -10.89 9.23 2.19
N ASN A 112 -10.46 8.32 1.33
CA ASN A 112 -11.03 6.98 1.32
C ASN A 112 -9.91 5.96 1.09
N GLY A 113 -10.10 4.79 1.67
CA GLY A 113 -9.12 3.72 1.56
C GLY A 113 -9.72 2.50 0.86
N PRO A 114 -9.24 2.25 -0.39
CA PRO A 114 -9.73 1.12 -1.16
C PRO A 114 -9.14 -0.19 -0.65
N GLU A 115 -9.21 -1.20 -1.49
CA GLU A 115 -8.68 -2.52 -1.14
C GLU A 115 -7.18 -2.56 -1.35
N GLY A 116 -6.49 -3.20 -0.41
CA GLY A 116 -5.05 -3.32 -0.49
C GLY A 116 -4.63 -4.78 -0.66
N VAL A 117 -3.35 -4.96 -0.99
CA VAL A 117 -2.81 -6.30 -1.19
C VAL A 117 -1.96 -6.69 0.03
N ALA A 118 -2.35 -7.79 0.65
CA ALA A 118 -1.63 -8.27 1.83
C ALA A 118 -0.18 -8.58 1.44
N ILE A 119 0.67 -7.58 1.65
CA ILE A 119 2.08 -7.74 1.33
C ILE A 119 2.78 -8.49 2.46
N SER A 120 3.65 -9.41 2.08
CA SER A 120 4.38 -10.20 3.05
C SER A 120 4.69 -11.59 2.49
N PHE A 121 3.68 -12.44 2.53
CA PHE A 121 3.82 -13.79 2.02
C PHE A 121 2.46 -14.35 1.57
N ASN A 122 2.41 -14.74 0.30
CA ASN A 122 1.19 -15.29 -0.25
C ASN A 122 0.92 -16.67 0.37
C1 NCZ B . -5.97 2.58 4.04
C6 NCZ B . -5.13 3.53 3.44
C5 NCZ B . -4.48 3.18 2.24
C7 NCZ B . -3.61 4.07 1.60
C8 NCZ B . -3.37 5.30 2.19
C9 NCZ B . -4.00 5.67 3.39
C10 NCZ B . -4.94 4.80 4.02
C11 NCZ B . -5.89 5.35 4.96
O3 NCZ B . -5.62 6.37 5.59
O4 NCZ B . -7.18 4.74 5.27
C12 NCZ B . -8.17 5.51 6.03
C13 NCZ B . -8.94 4.64 7.02
C14 NCZ B . -10.10 4.28 6.47
C15 NCZ B . -10.41 5.01 5.22
C16 NCZ B . -9.27 6.03 5.10
O6 NCZ B . -9.78 7.33 5.51
O5 NCZ B . -9.21 5.38 8.22
O2 NCZ B . -3.70 6.94 3.91
C4 NCZ B . -4.73 1.95 1.69
C3 NCZ B . -5.58 1.05 2.31
C2 NCZ B . -6.21 1.36 3.50
O1 NCZ B . -7.03 0.41 4.08
C17 NCZ B . -8.07 0.71 5.05
C18 NCZ B . -4.11 1.52 0.39
H1 NCZ B . -6.47 2.85 4.98
H7 NCZ B . -3.14 3.80 0.67
H8 NCZ B . -2.67 6.00 1.71
H12 NCZ B . -7.77 6.14 6.71
H13 NCZ B . -8.36 3.75 7.26
H14 NCZ B . -10.76 3.52 6.91
H15 NCZ B . -11.24 4.85 4.54
H16 NCZ B . -8.95 6.07 4.06
H6 NCZ B . -10.47 7.20 6.26
H5 NCZ B . -8.37 5.64 8.63
H2 NCZ B . -4.52 7.55 3.83
H3 NCZ B . -5.75 0.08 1.85
H171 NCZ B . -8.56 -0.21 5.34
H172 NCZ B . -7.62 1.17 5.93
H173 NCZ B . -8.79 1.39 4.61
H181 NCZ B . -4.77 1.77 -0.43
H182 NCZ B . -3.15 2.02 0.27
H183 NCZ B . -3.95 0.44 0.41
N ALA A 10 -3.82 -12.78 -15.07
CA ALA A 10 -4.47 -12.36 -13.84
C ALA A 10 -3.79 -11.10 -13.31
N ALA A 11 -4.62 -10.21 -12.77
CA ALA A 11 -4.11 -8.96 -12.23
C ALA A 11 -5.29 -8.05 -11.88
N PRO A 12 -5.94 -8.37 -10.72
CA PRO A 12 -7.08 -7.59 -10.27
C PRO A 12 -6.62 -6.25 -9.68
N THR A 13 -7.09 -5.17 -10.30
CA THR A 13 -6.75 -3.84 -9.84
C THR A 13 -5.24 -3.73 -9.59
N ALA A 14 -4.89 -3.00 -8.56
CA ALA A 14 -3.50 -2.81 -8.20
C ALA A 14 -3.03 -3.99 -7.34
N THR A 15 -1.97 -4.63 -7.81
CA THR A 15 -1.41 -5.77 -7.10
C THR A 15 0.11 -5.78 -7.22
N VAL A 16 0.76 -6.23 -6.15
CA VAL A 16 2.21 -6.30 -6.13
C VAL A 16 2.66 -7.65 -6.68
N THR A 17 3.44 -7.59 -7.76
CA THR A 17 3.94 -8.79 -8.40
C THR A 17 4.67 -9.67 -7.38
N PRO A 18 5.86 -9.18 -6.93
CA PRO A 18 6.65 -9.92 -5.96
C PRO A 18 6.05 -9.80 -4.56
N SER A 19 4.79 -10.19 -4.46
CA SER A 19 4.09 -10.14 -3.19
C SER A 19 4.29 -11.45 -2.43
N SER A 20 5.37 -12.13 -2.77
CA SER A 20 5.69 -13.40 -2.12
C SER A 20 6.96 -13.24 -1.28
N GLY A 21 6.85 -13.65 -0.02
CA GLY A 21 7.97 -13.58 0.90
C GLY A 21 8.80 -12.31 0.64
N LEU A 22 8.09 -11.19 0.60
CA LEU A 22 8.74 -9.90 0.36
C LEU A 22 9.86 -9.72 1.38
N SER A 23 10.47 -8.54 1.33
CA SER A 23 11.56 -8.22 2.24
C SER A 23 11.47 -6.75 2.66
N ASP A 24 11.99 -6.48 3.85
CA ASP A 24 11.97 -5.12 4.38
C ASP A 24 12.60 -4.18 3.35
N GLY A 25 11.75 -3.70 2.44
CA GLY A 25 12.20 -2.78 1.41
C GLY A 25 12.38 -3.52 0.08
N THR A 26 11.38 -4.32 -0.26
CA THR A 26 11.41 -5.07 -1.51
C THR A 26 10.73 -4.28 -2.63
N VAL A 27 11.46 -4.13 -3.72
CA VAL A 27 10.94 -3.40 -4.86
C VAL A 27 9.90 -4.27 -5.59
N VAL A 28 8.66 -3.82 -5.51
CA VAL A 28 7.57 -4.54 -6.15
C VAL A 28 6.89 -3.63 -7.17
N LYS A 29 6.14 -4.25 -8.07
CA LYS A 29 5.44 -3.51 -9.11
C LYS A 29 3.93 -3.63 -8.88
N VAL A 30 3.32 -2.50 -8.58
CA VAL A 30 1.88 -2.46 -8.34
C VAL A 30 1.16 -2.19 -9.66
N ALA A 31 0.75 -3.27 -10.32
CA ALA A 31 0.06 -3.16 -11.58
C ALA A 31 -1.45 -3.03 -11.32
N GLY A 32 -2.01 -1.93 -11.79
CA GLY A 32 -3.44 -1.68 -11.61
C GLY A 32 -4.20 -1.92 -12.92
N ALA A 33 -5.16 -2.83 -12.84
CA ALA A 33 -5.98 -3.16 -13.99
C ALA A 33 -7.44 -2.85 -13.69
N GLY A 34 -7.89 -1.71 -14.21
CA GLY A 34 -9.26 -1.29 -14.01
C GLY A 34 -9.38 -0.41 -12.75
N LEU A 35 -8.27 0.22 -12.39
CA LEU A 35 -8.24 1.08 -11.23
C LEU A 35 -8.60 2.51 -11.64
N GLN A 36 -7.99 3.45 -10.95
CA GLN A 36 -8.23 4.86 -11.23
C GLN A 36 -8.20 5.11 -12.75
N ALA A 37 -9.38 5.02 -13.35
CA ALA A 37 -9.50 5.23 -14.79
C ALA A 37 -9.06 6.66 -15.11
N GLY A 38 -7.76 6.82 -15.30
CA GLY A 38 -7.19 8.12 -15.62
C GLY A 38 -7.10 9.00 -14.37
N THR A 39 -7.43 8.40 -13.24
CA THR A 39 -7.39 9.13 -11.98
C THR A 39 -6.01 8.97 -11.32
N ALA A 40 -5.90 9.54 -10.13
CA ALA A 40 -4.66 9.47 -9.38
C ALA A 40 -4.96 9.33 -7.89
N TYR A 41 -4.44 8.25 -7.32
CA TYR A 41 -4.64 7.97 -5.91
C TYR A 41 -3.32 7.97 -5.14
N ASP A 42 -3.42 7.69 -3.85
CA ASP A 42 -2.24 7.65 -3.00
C ASP A 42 -1.77 6.21 -2.84
N VAL A 43 -0.61 5.93 -3.40
CA VAL A 43 -0.04 4.58 -3.31
C VAL A 43 0.73 4.44 -2.01
N GLY A 44 0.62 3.26 -1.41
CA GLY A 44 1.30 2.98 -0.17
C GLY A 44 0.70 1.76 0.53
N GLN A 45 1.52 1.13 1.37
CA GLN A 45 1.09 -0.05 2.10
C GLN A 45 0.52 0.35 3.46
N CYS A 46 -0.81 0.39 3.53
CA CYS A 46 -1.48 0.74 4.76
C CYS A 46 -2.07 -0.52 5.38
N ALA A 47 -2.22 -0.49 6.70
CA ALA A 47 -2.77 -1.63 7.41
C ALA A 47 -2.74 -1.34 8.91
N TRP A 48 -3.46 -2.16 9.66
CA TRP A 48 -3.55 -2.01 11.10
C TRP A 48 -2.24 -2.54 11.69
N VAL A 49 -1.43 -1.62 12.18
CA VAL A 49 -0.15 -1.97 12.77
C VAL A 49 -0.30 -2.02 14.30
N ASP A 50 -0.95 -0.99 14.82
CA ASP A 50 -1.17 -0.90 16.26
C ASP A 50 -2.45 -1.67 16.63
N THR A 51 -2.95 -1.38 17.82
CA THR A 51 -4.16 -2.02 18.30
C THR A 51 -5.33 -1.72 17.37
N GLY A 52 -5.39 -2.44 16.26
CA GLY A 52 -6.45 -2.25 15.29
C GLY A 52 -6.42 -0.84 14.72
N VAL A 53 -5.24 -0.24 14.76
CA VAL A 53 -5.06 1.11 14.25
C VAL A 53 -4.50 1.04 12.83
N LEU A 54 -5.35 1.37 11.87
CA LEU A 54 -4.95 1.34 10.48
C LEU A 54 -3.88 2.42 10.23
N ALA A 55 -2.64 2.01 10.40
CA ALA A 55 -1.52 2.92 10.20
C ALA A 55 -0.86 2.63 8.85
N CYS A 56 -0.36 3.69 8.23
CA CYS A 56 0.30 3.56 6.94
C CYS A 56 1.81 3.70 7.16
N ASN A 57 2.56 3.10 6.25
CA ASN A 57 4.01 3.15 6.33
C ASN A 57 4.50 4.52 5.85
N PRO A 58 5.81 4.80 6.12
CA PRO A 58 6.40 6.06 5.72
C PRO A 58 6.65 6.09 4.21
N ALA A 59 6.64 4.91 3.62
CA ALA A 59 6.88 4.79 2.19
C ALA A 59 5.54 4.52 1.48
N ASP A 60 4.46 4.71 2.23
CA ASP A 60 3.13 4.50 1.68
C ASP A 60 2.61 5.80 1.08
N PHE A 61 3.51 6.76 0.96
CA PHE A 61 3.16 8.06 0.40
C PHE A 61 3.76 8.23 -1.00
N SER A 62 3.03 7.70 -1.98
CA SER A 62 3.47 7.79 -3.36
C SER A 62 2.26 7.82 -4.29
N SER A 63 1.76 9.03 -4.52
CA SER A 63 0.61 9.21 -5.39
C SER A 63 0.90 8.62 -6.76
N VAL A 64 -0.07 7.87 -7.27
CA VAL A 64 0.07 7.26 -8.58
C VAL A 64 -1.17 7.58 -9.43
N THR A 65 -1.06 7.27 -10.71
CA THR A 65 -2.16 7.53 -11.63
C THR A 65 -2.31 6.36 -12.61
N ALA A 66 -3.56 5.99 -12.86
CA ALA A 66 -3.85 4.90 -13.78
C ALA A 66 -4.29 5.48 -15.12
N ASP A 67 -3.72 4.92 -16.18
CA ASP A 67 -4.03 5.36 -17.53
C ASP A 67 -5.55 5.30 -17.73
N ALA A 68 -6.01 6.07 -18.71
CA ALA A 68 -7.43 6.11 -19.01
C ALA A 68 -8.01 4.69 -18.94
N ASN A 69 -7.16 3.72 -19.23
CA ASN A 69 -7.57 2.33 -19.19
C ASN A 69 -7.35 1.78 -17.79
N GLY A 70 -7.56 2.64 -16.81
CA GLY A 70 -7.40 2.25 -15.41
C GLY A 70 -6.13 1.42 -15.22
N SER A 71 -5.08 1.85 -15.90
CA SER A 71 -3.80 1.16 -15.81
C SER A 71 -2.88 1.89 -14.83
N ALA A 72 -2.91 1.42 -13.59
CA ALA A 72 -2.09 2.02 -12.55
C ALA A 72 -0.85 1.15 -12.32
N SER A 73 0.16 1.39 -13.15
CA SER A 73 1.40 0.64 -13.06
C SER A 73 2.43 1.44 -12.25
N THR A 74 2.27 1.38 -10.93
CA THR A 74 3.18 2.09 -10.04
C THR A 74 4.07 1.09 -9.30
N SER A 75 5.37 1.38 -9.32
CA SER A 75 6.34 0.52 -8.65
C SER A 75 6.89 1.23 -7.41
N LEU A 76 6.99 0.47 -6.34
CA LEU A 76 7.50 1.00 -5.08
C LEU A 76 8.19 -0.11 -4.30
N THR A 77 8.79 0.27 -3.17
CA THR A 77 9.48 -0.69 -2.33
C THR A 77 8.62 -1.04 -1.11
N VAL A 78 8.58 -2.32 -0.81
CA VAL A 78 7.81 -2.80 0.32
C VAL A 78 8.68 -2.79 1.58
N ARG A 79 8.69 -1.65 2.24
CA ARG A 79 9.48 -1.49 3.46
C ARG A 79 8.62 -1.80 4.69
N ARG A 80 8.82 -2.99 5.23
CA ARG A 80 8.08 -3.42 6.40
C ARG A 80 8.67 -2.79 7.66
N SER A 81 9.96 -2.48 7.58
CA SER A 81 10.65 -1.87 8.70
C SER A 81 10.77 -0.36 8.49
N PHE A 82 10.08 0.38 9.35
CA PHE A 82 10.09 1.82 9.27
C PHE A 82 9.08 2.44 10.24
N GLU A 83 8.96 3.76 10.16
CA GLU A 83 8.03 4.48 11.03
C GLU A 83 6.67 4.61 10.35
N GLY A 84 5.65 4.12 11.03
CA GLY A 84 4.30 4.18 10.50
C GLY A 84 3.49 5.27 11.20
N PHE A 85 2.36 5.61 10.57
CA PHE A 85 1.49 6.64 11.12
C PHE A 85 0.09 6.09 11.38
N LEU A 86 -0.44 6.45 12.55
CA LEU A 86 -1.77 6.00 12.93
C LEU A 86 -2.74 6.22 11.77
N PHE A 87 -3.95 5.74 11.95
CA PHE A 87 -4.97 5.88 10.92
C PHE A 87 -5.60 7.27 10.97
N ASP A 88 -5.54 7.88 12.14
CA ASP A 88 -6.10 9.21 12.32
C ASP A 88 -5.17 10.24 11.65
N GLY A 89 -3.92 10.22 12.07
CA GLY A 89 -2.93 11.13 11.53
C GLY A 89 -1.67 11.16 12.39
N THR A 90 -1.87 10.89 13.68
CA THR A 90 -0.76 10.89 14.61
C THR A 90 0.20 9.73 14.29
N ARG A 91 1.48 10.06 14.28
CA ARG A 91 2.51 9.08 13.98
C ARG A 91 2.59 8.05 15.12
N TRP A 92 2.67 6.79 14.72
CA TRP A 92 2.77 5.70 15.69
C TRP A 92 4.23 5.24 15.76
N GLY A 93 4.53 4.26 14.93
CA GLY A 93 5.88 3.72 14.89
C GLY A 93 5.98 2.56 13.90
N THR A 94 5.02 1.64 14.03
CA THR A 94 4.99 0.48 13.16
C THR A 94 6.20 -0.42 13.41
N VAL A 95 7.37 0.12 13.08
CA VAL A 95 8.61 -0.62 13.27
C VAL A 95 8.60 -1.85 12.36
N ASP A 96 8.33 -2.99 12.98
CA ASP A 96 8.29 -4.25 12.24
C ASP A 96 6.84 -4.57 11.86
N CYS A 97 6.54 -4.37 10.58
CA CYS A 97 5.20 -4.63 10.08
C CYS A 97 5.13 -6.08 9.62
N THR A 98 5.78 -6.95 10.39
CA THR A 98 5.81 -8.37 10.07
C THR A 98 4.61 -9.07 10.70
N THR A 99 4.06 -8.45 11.73
CA THR A 99 2.91 -9.00 12.42
C THR A 99 1.61 -8.55 11.76
N ALA A 100 1.53 -7.26 11.51
CA ALA A 100 0.35 -6.67 10.88
C ALA A 100 0.54 -6.69 9.36
N ALA A 101 -0.19 -7.59 8.72
CA ALA A 101 -0.12 -7.71 7.28
C ALA A 101 -0.28 -6.33 6.63
N CYS A 102 0.78 -5.91 5.95
CA CYS A 102 0.77 -4.61 5.29
C CYS A 102 0.10 -4.77 3.93
N GLN A 103 -0.90 -3.94 3.70
CA GLN A 103 -1.63 -3.97 2.44
C GLN A 103 -1.11 -2.88 1.49
N VAL A 104 -0.45 -3.32 0.44
CA VAL A 104 0.10 -2.40 -0.54
C VAL A 104 -0.97 -2.09 -1.60
N GLY A 105 -1.39 -0.84 -1.62
CA GLY A 105 -2.39 -0.41 -2.58
C GLY A 105 -2.48 1.12 -2.64
N LEU A 106 -3.29 1.61 -3.56
CA LEU A 106 -3.47 3.04 -3.74
C LEU A 106 -4.86 3.43 -3.24
N SER A 107 -4.88 4.20 -2.16
CA SER A 107 -6.13 4.65 -1.59
C SER A 107 -6.62 5.90 -2.31
N ASP A 108 -7.93 6.11 -2.24
CA ASP A 108 -8.53 7.26 -2.89
C ASP A 108 -7.66 8.49 -2.65
N ALA A 109 -7.90 9.52 -3.45
CA ALA A 109 -7.16 10.76 -3.33
C ALA A 109 -7.40 11.38 -1.95
N ALA A 110 -8.51 10.97 -1.36
CA ALA A 110 -8.88 11.48 -0.04
C ALA A 110 -7.92 10.90 1.01
N GLY A 111 -7.10 9.96 0.55
CA GLY A 111 -6.13 9.33 1.44
C GLY A 111 -6.79 8.25 2.30
N ASN A 112 -7.85 7.67 1.74
CA ASN A 112 -8.58 6.63 2.45
C ASN A 112 -9.12 5.62 1.43
N GLY A 113 -9.35 4.41 1.92
CA GLY A 113 -9.87 3.35 1.07
C GLY A 113 -9.28 2.00 1.48
N PRO A 114 -10.10 0.93 1.27
CA PRO A 114 -9.68 -0.42 1.62
C PRO A 114 -8.67 -0.96 0.59
N GLU A 115 -8.56 -0.24 -0.51
CA GLU A 115 -7.64 -0.62 -1.57
C GLU A 115 -6.28 -0.97 -0.99
N GLY A 116 -5.96 -2.25 -1.03
CA GLY A 116 -4.68 -2.73 -0.50
C GLY A 116 -4.52 -4.23 -0.72
N VAL A 117 -3.33 -4.62 -1.13
CA VAL A 117 -3.03 -6.01 -1.38
C VAL A 117 -2.19 -6.56 -0.23
N ALA A 118 -2.67 -7.67 0.33
CA ALA A 118 -1.98 -8.30 1.44
C ALA A 118 -0.61 -8.82 0.95
N ILE A 119 0.39 -7.98 1.13
CA ILE A 119 1.74 -8.34 0.73
C ILE A 119 2.28 -9.44 1.65
N SER A 120 2.72 -10.52 1.03
CA SER A 120 3.26 -11.65 1.78
C SER A 120 4.56 -11.23 2.47
N PHE A 121 4.43 -10.27 3.38
CA PHE A 121 5.58 -9.77 4.12
C PHE A 121 6.53 -10.92 4.46
N ASN A 122 7.78 -10.55 4.72
CA ASN A 122 8.80 -11.53 5.08
C ASN A 122 8.41 -12.22 6.38
C1 NCZ B . -5.33 3.03 3.82
C6 NCZ B . -4.37 3.91 3.31
C5 NCZ B . -3.69 3.55 2.12
C7 NCZ B . -2.70 4.37 1.59
C8 NCZ B . -2.37 5.55 2.23
C9 NCZ B . -3.03 5.92 3.42
C10 NCZ B . -4.08 5.13 3.96
C11 NCZ B . -5.03 5.73 4.86
O3 NCZ B . -4.70 6.70 5.55
O4 NCZ B . -6.40 5.24 5.07
C12 NCZ B . -7.18 5.80 6.18
C13 NCZ B . -7.03 4.98 7.46
C14 NCZ B . -8.06 4.12 7.55
C15 NCZ B . -9.14 4.40 6.56
C16 NCZ B . -8.69 5.69 5.86
O6 NCZ B . -9.45 6.79 6.41
O5 NCZ B . -7.04 5.84 8.60
O2 NCZ B . -2.63 7.13 4.00
C4 NCZ B . -4.02 2.37 1.50
C3 NCZ B . -4.99 1.54 2.04
C2 NCZ B . -5.64 1.85 3.20
O1 NCZ B . -6.61 0.98 3.70
C17 NCZ B . -7.65 1.33 4.62
C18 NCZ B . -3.37 1.93 0.23
H1 NCZ B . -5.84 3.30 4.74
H7 NCZ B . -2.21 4.09 0.66
H8 NCZ B . -1.58 6.18 1.82
H12 NCZ B . -6.93 6.64 6.54
H13 NCZ B . -6.10 4.42 7.43
H14 NCZ B . -8.11 3.32 8.28
H15 NCZ B . -10.04 3.82 6.38
H16 NCZ B . -8.87 5.57 4.79
H6 NCZ B . -9.65 6.62 7.40
H5 NCZ B . -6.31 6.46 8.53
H2 NCZ B . -3.39 7.83 3.91
H3 NCZ B . -5.23 0.60 1.53
H171 NCZ B . -8.26 0.45 4.84
H172 NCZ B . -7.21 1.71 5.55
H173 NCZ B . -8.28 2.10 4.18
H181 NCZ B . -3.95 2.28 -0.62
H182 NCZ B . -2.36 2.34 0.17
H183 NCZ B . -3.32 0.84 0.20
N ALA A 10 -6.58 -12.61 -12.51
CA ALA A 10 -5.36 -12.37 -11.76
C ALA A 10 -4.95 -10.90 -11.93
N ALA A 11 -5.58 -10.04 -11.16
CA ALA A 11 -5.29 -8.62 -11.22
C ALA A 11 -6.19 -7.88 -10.22
N PRO A 12 -5.96 -8.16 -8.91
CA PRO A 12 -6.74 -7.54 -7.86
C PRO A 12 -6.30 -6.08 -7.66
N THR A 13 -6.76 -5.22 -8.56
CA THR A 13 -6.42 -3.81 -8.49
C THR A 13 -4.91 -3.63 -8.37
N ALA A 14 -4.53 -2.67 -7.53
CA ALA A 14 -3.13 -2.39 -7.31
C ALA A 14 -2.52 -3.47 -6.43
N THR A 15 -1.58 -4.21 -7.01
CA THR A 15 -0.92 -5.28 -6.29
C THR A 15 0.57 -5.34 -6.66
N VAL A 16 1.39 -5.65 -5.67
CA VAL A 16 2.82 -5.74 -5.88
C VAL A 16 3.15 -7.08 -6.53
N THR A 17 4.13 -7.04 -7.43
CA THR A 17 4.55 -8.24 -8.12
C THR A 17 4.49 -9.45 -7.19
N PRO A 18 5.20 -9.33 -6.04
CA PRO A 18 5.23 -10.40 -5.05
C PRO A 18 3.92 -10.47 -4.27
N SER A 19 3.92 -11.29 -3.24
CA SER A 19 2.73 -11.46 -2.41
C SER A 19 3.15 -11.85 -0.99
N SER A 20 3.83 -12.99 -0.90
CA SER A 20 4.28 -13.49 0.39
C SER A 20 5.78 -13.80 0.33
N GLY A 21 6.38 -13.84 1.51
CA GLY A 21 7.81 -14.12 1.61
C GLY A 21 8.63 -12.92 1.12
N LEU A 22 8.05 -11.75 1.28
CA LEU A 22 8.72 -10.52 0.86
C LEU A 22 9.76 -10.13 1.92
N SER A 23 10.51 -9.09 1.61
CA SER A 23 11.53 -8.61 2.51
C SER A 23 11.38 -7.10 2.74
N ASP A 24 11.84 -6.66 3.90
CA ASP A 24 11.74 -5.25 4.26
C ASP A 24 12.65 -4.43 3.34
N GLY A 25 12.42 -4.59 2.04
CA GLY A 25 13.21 -3.87 1.06
C GLY A 25 13.04 -4.50 -0.33
N THR A 26 11.85 -5.04 -0.56
CA THR A 26 11.55 -5.68 -1.83
C THR A 26 10.92 -4.66 -2.80
N VAL A 27 11.75 -4.20 -3.74
CA VAL A 27 11.29 -3.23 -4.72
C VAL A 27 10.83 -3.97 -5.98
N VAL A 28 9.62 -3.65 -6.40
CA VAL A 28 9.04 -4.26 -7.58
C VAL A 28 8.05 -3.30 -8.23
N LYS A 29 7.18 -3.86 -9.06
CA LYS A 29 6.18 -3.07 -9.74
C LYS A 29 4.79 -3.48 -9.24
N VAL A 30 3.94 -2.47 -9.09
CA VAL A 30 2.58 -2.70 -8.61
C VAL A 30 1.60 -2.41 -9.75
N ALA A 31 1.04 -3.48 -10.29
CA ALA A 31 0.09 -3.35 -11.39
C ALA A 31 -1.32 -3.18 -10.80
N GLY A 32 -2.01 -2.16 -11.28
CA GLY A 32 -3.35 -1.87 -10.83
C GLY A 32 -4.38 -2.21 -11.91
N ALA A 33 -5.00 -3.37 -11.76
CA ALA A 33 -6.00 -3.82 -12.70
C ALA A 33 -7.39 -3.42 -12.20
N GLY A 34 -7.93 -2.39 -12.84
CA GLY A 34 -9.25 -1.89 -12.47
C GLY A 34 -9.15 -0.86 -11.35
N LEU A 35 -8.05 -0.12 -11.35
CA LEU A 35 -7.83 0.90 -10.33
C LEU A 35 -8.62 2.15 -10.70
N GLN A 36 -7.99 3.29 -10.44
CA GLN A 36 -8.62 4.57 -10.73
C GLN A 36 -8.54 4.87 -12.23
N ALA A 37 -9.35 4.15 -12.98
CA ALA A 37 -9.39 4.33 -14.43
C ALA A 37 -9.75 5.78 -14.76
N GLY A 38 -8.72 6.61 -14.80
CA GLY A 38 -8.92 8.02 -15.10
C GLY A 38 -8.52 8.89 -13.91
N THR A 39 -8.70 8.33 -12.72
CA THR A 39 -8.37 9.04 -11.51
C THR A 39 -6.93 8.73 -11.07
N ALA A 40 -6.60 9.18 -9.88
CA ALA A 40 -5.26 8.95 -9.34
C ALA A 40 -5.34 8.88 -7.81
N TYR A 41 -4.56 7.97 -7.25
CA TYR A 41 -4.53 7.80 -5.81
C TYR A 41 -3.11 7.95 -5.27
N ASP A 42 -2.95 7.60 -4.00
CA ASP A 42 -1.65 7.69 -3.35
C ASP A 42 -1.26 6.32 -2.79
N VAL A 43 -0.16 5.80 -3.30
CA VAL A 43 0.33 4.50 -2.85
C VAL A 43 0.87 4.63 -1.43
N GLY A 44 0.41 3.72 -0.58
CA GLY A 44 0.84 3.72 0.80
C GLY A 44 0.32 2.49 1.54
N GLN A 45 1.24 1.63 1.94
CA GLN A 45 0.89 0.41 2.65
C GLN A 45 0.05 0.74 3.89
N CYS A 46 -1.25 0.80 3.68
CA CYS A 46 -2.18 1.11 4.75
C CYS A 46 -2.76 -0.21 5.27
N ALA A 47 -3.04 -0.23 6.57
CA ALA A 47 -3.60 -1.41 7.19
C ALA A 47 -3.50 -1.27 8.72
N TRP A 48 -4.13 -2.21 9.41
CA TRP A 48 -4.13 -2.20 10.86
C TRP A 48 -2.71 -2.52 11.33
N VAL A 49 -1.90 -1.49 11.43
CA VAL A 49 -0.52 -1.65 11.86
C VAL A 49 -0.46 -1.59 13.39
N ASP A 50 -1.09 -0.57 13.94
CA ASP A 50 -1.13 -0.39 15.38
C ASP A 50 -2.37 -1.08 15.95
N THR A 51 -2.41 -1.16 17.27
CA THR A 51 -3.53 -1.78 17.95
C THR A 51 -4.83 -1.53 17.16
N GLY A 52 -5.16 -2.50 16.33
CA GLY A 52 -6.37 -2.41 15.52
C GLY A 52 -6.51 -1.01 14.90
N VAL A 53 -5.37 -0.36 14.74
CA VAL A 53 -5.36 0.98 14.17
C VAL A 53 -4.87 0.90 12.72
N LEU A 54 -5.72 1.38 11.82
CA LEU A 54 -5.39 1.37 10.41
C LEU A 54 -4.37 2.48 10.12
N ALA A 55 -3.11 2.11 10.27
CA ALA A 55 -2.03 3.06 10.02
C ALA A 55 -1.50 2.86 8.60
N CYS A 56 -1.06 3.96 8.01
CA CYS A 56 -0.53 3.93 6.66
C CYS A 56 1.00 4.01 6.75
N ASN A 57 1.65 3.49 5.71
CA ASN A 57 3.10 3.49 5.66
C ASN A 57 3.57 4.74 4.91
N PRO A 58 4.20 5.66 5.69
CA PRO A 58 4.70 6.91 5.11
C PRO A 58 5.97 6.67 4.31
N ALA A 59 6.30 5.39 4.15
CA ALA A 59 7.49 5.01 3.41
C ALA A 59 7.08 4.45 2.05
N ASP A 60 5.78 4.35 1.86
CA ASP A 60 5.24 3.83 0.60
C ASP A 60 4.49 4.96 -0.11
N PHE A 61 4.52 6.13 0.48
CA PHE A 61 3.85 7.29 -0.10
C PHE A 61 4.38 7.58 -1.50
N SER A 62 3.55 7.29 -2.49
CA SER A 62 3.92 7.52 -3.87
C SER A 62 2.66 7.74 -4.72
N SER A 63 2.34 9.01 -4.93
CA SER A 63 1.18 9.36 -5.72
C SER A 63 1.31 8.80 -7.13
N VAL A 64 0.23 8.17 -7.58
CA VAL A 64 0.21 7.58 -8.91
C VAL A 64 -1.20 7.66 -9.49
N THR A 65 -1.28 7.52 -10.80
CA THR A 65 -2.57 7.59 -11.48
C THR A 65 -2.81 6.30 -12.26
N ALA A 66 -4.09 6.05 -12.55
CA ALA A 66 -4.47 4.86 -13.29
C ALA A 66 -4.84 5.25 -14.72
N ASP A 67 -4.39 4.44 -15.67
CA ASP A 67 -4.67 4.69 -17.06
C ASP A 67 -6.16 4.49 -17.33
N ALA A 68 -6.64 5.13 -18.39
CA ALA A 68 -8.03 5.03 -18.76
C ALA A 68 -8.50 3.59 -18.58
N ASN A 69 -7.59 2.67 -18.84
CA ASN A 69 -7.90 1.26 -18.72
C ASN A 69 -7.64 0.80 -17.28
N GLY A 70 -7.96 1.70 -16.35
CA GLY A 70 -7.77 1.41 -14.94
C GLY A 70 -6.47 0.64 -14.71
N SER A 71 -5.44 1.06 -15.41
CA SER A 71 -4.13 0.43 -15.29
C SER A 71 -3.20 1.29 -14.44
N ALA A 72 -3.05 0.87 -13.19
CA ALA A 72 -2.21 1.59 -12.26
C ALA A 72 -0.92 0.81 -12.04
N SER A 73 -0.02 0.91 -13.02
CA SER A 73 1.26 0.21 -12.94
C SER A 73 2.30 1.10 -12.26
N THR A 74 2.21 1.16 -10.95
CA THR A 74 3.13 1.96 -10.16
C THR A 74 4.11 1.07 -9.39
N SER A 75 5.38 1.37 -9.54
CA SER A 75 6.41 0.60 -8.86
C SER A 75 6.85 1.32 -7.58
N LEU A 76 7.23 0.53 -6.59
CA LEU A 76 7.67 1.08 -5.32
C LEU A 76 8.52 0.03 -4.59
N THR A 77 8.95 0.41 -3.40
CA THR A 77 9.77 -0.48 -2.59
C THR A 77 8.96 -1.05 -1.42
N VAL A 78 9.00 -2.36 -1.30
CA VAL A 78 8.28 -3.04 -0.23
C VAL A 78 9.16 -3.12 1.01
N ARG A 79 9.07 -2.08 1.82
CA ARG A 79 9.85 -2.02 3.05
C ARG A 79 8.95 -2.21 4.27
N ARG A 80 8.62 -3.47 4.52
CA ARG A 80 7.77 -3.80 5.66
C ARG A 80 8.24 -3.09 6.91
N SER A 81 9.53 -2.77 6.92
CA SER A 81 10.13 -2.08 8.05
C SER A 81 10.08 -0.57 7.84
N PHE A 82 9.28 0.09 8.66
CA PHE A 82 9.13 1.53 8.56
C PHE A 82 8.15 2.06 9.62
N GLU A 83 8.24 3.35 9.87
CA GLU A 83 7.37 3.98 10.85
C GLU A 83 6.01 4.31 10.23
N GLY A 84 5.00 3.61 10.72
CA GLY A 84 3.65 3.82 10.24
C GLY A 84 2.97 4.98 10.95
N PHE A 85 1.88 5.45 10.35
CA PHE A 85 1.13 6.57 10.92
C PHE A 85 -0.31 6.15 11.23
N LEU A 86 -0.67 6.29 12.50
CA LEU A 86 -2.01 5.95 12.94
C LEU A 86 -3.02 6.43 11.91
N PHE A 87 -4.22 5.86 11.99
CA PHE A 87 -5.28 6.22 11.07
C PHE A 87 -5.89 7.58 11.43
N ASP A 88 -5.80 7.90 12.72
CA ASP A 88 -6.34 9.16 13.21
C ASP A 88 -5.53 10.31 12.62
N GLY A 89 -4.22 10.24 12.84
CA GLY A 89 -3.32 11.27 12.33
C GLY A 89 -1.96 11.19 13.02
N THR A 90 -1.97 10.70 14.25
CA THR A 90 -0.75 10.56 15.03
C THR A 90 0.16 9.49 14.40
N ARG A 91 1.44 9.61 14.72
CA ARG A 91 2.41 8.66 14.20
C ARG A 91 2.57 7.48 15.16
N TRP A 92 2.60 6.29 14.57
CA TRP A 92 2.74 5.07 15.36
C TRP A 92 4.20 4.61 15.24
N GLY A 93 4.44 3.78 14.24
CA GLY A 93 5.78 3.26 14.01
C GLY A 93 5.72 1.81 13.50
N THR A 94 5.55 0.90 14.43
CA THR A 94 5.48 -0.52 14.09
C THR A 94 6.83 -1.01 13.58
N VAL A 95 7.31 -0.35 12.52
CA VAL A 95 8.58 -0.71 11.93
C VAL A 95 8.43 -2.04 11.19
N ASP A 96 8.94 -3.09 11.81
CA ASP A 96 8.88 -4.42 11.22
C ASP A 96 7.42 -4.85 11.13
N CYS A 97 6.85 -4.65 9.95
CA CYS A 97 5.46 -5.02 9.70
C CYS A 97 5.43 -6.48 9.24
N THR A 98 6.15 -7.31 9.97
CA THR A 98 6.21 -8.72 9.64
C THR A 98 5.05 -9.47 10.30
N THR A 99 4.52 -8.86 11.35
CA THR A 99 3.40 -9.45 12.07
C THR A 99 2.08 -9.00 11.47
N ALA A 100 2.00 -7.70 11.18
CA ALA A 100 0.80 -7.13 10.61
C ALA A 100 0.87 -7.23 9.09
N ALA A 101 -0.28 -7.50 8.49
CA ALA A 101 -0.37 -7.64 7.05
C ALA A 101 -0.69 -6.28 6.42
N CYS A 102 0.37 -5.51 6.16
CA CYS A 102 0.21 -4.20 5.58
C CYS A 102 -0.31 -4.36 4.15
N GLN A 103 -1.31 -3.56 3.83
CA GLN A 103 -1.92 -3.61 2.50
C GLN A 103 -1.33 -2.51 1.62
N VAL A 104 -0.65 -2.93 0.57
CA VAL A 104 -0.03 -2.00 -0.36
C VAL A 104 -1.03 -1.64 -1.46
N GLY A 105 -1.25 -0.34 -1.61
CA GLY A 105 -2.19 0.14 -2.62
C GLY A 105 -2.24 1.67 -2.63
N LEU A 106 -2.97 2.20 -3.60
CA LEU A 106 -3.11 3.64 -3.74
C LEU A 106 -4.50 4.06 -3.25
N SER A 107 -4.52 5.05 -2.38
CA SER A 107 -5.77 5.55 -1.85
C SER A 107 -6.12 6.89 -2.49
N ASP A 108 -7.37 7.29 -2.32
CA ASP A 108 -7.83 8.56 -2.88
C ASP A 108 -7.52 9.69 -1.90
N ALA A 109 -7.49 10.90 -2.44
CA ALA A 109 -7.20 12.07 -1.63
C ALA A 109 -8.51 12.64 -1.08
N ALA A 110 -9.55 11.84 -1.20
CA ALA A 110 -10.86 12.24 -0.72
C ALA A 110 -11.19 11.49 0.57
N GLY A 111 -10.97 10.18 0.53
CA GLY A 111 -11.22 9.33 1.68
C GLY A 111 -12.27 8.27 1.34
N ASN A 112 -12.02 7.57 0.25
CA ASN A 112 -12.93 6.51 -0.19
C ASN A 112 -12.22 5.16 -0.07
N GLY A 113 -13.02 4.15 0.26
CA GLY A 113 -12.49 2.80 0.40
C GLY A 113 -11.32 2.56 -0.54
N PRO A 114 -10.09 2.82 -0.01
CA PRO A 114 -8.88 2.64 -0.80
C PRO A 114 -8.55 1.15 -0.96
N GLU A 115 -7.89 0.85 -2.08
CA GLU A 115 -7.50 -0.52 -2.35
C GLU A 115 -6.10 -0.81 -1.81
N GLY A 116 -5.88 -2.06 -1.45
CA GLY A 116 -4.60 -2.48 -0.92
C GLY A 116 -4.57 -3.99 -0.66
N VAL A 117 -3.45 -4.59 -1.00
CA VAL A 117 -3.28 -6.02 -0.81
C VAL A 117 -2.35 -6.27 0.38
N ALA A 118 -2.88 -6.97 1.37
CA ALA A 118 -2.11 -7.28 2.57
C ALA A 118 -0.89 -8.12 2.19
N ILE A 119 0.14 -7.43 1.72
CA ILE A 119 1.37 -8.11 1.32
C ILE A 119 2.25 -8.34 2.55
N SER A 120 3.14 -9.30 2.42
CA SER A 120 4.05 -9.64 3.51
C SER A 120 4.42 -11.12 3.45
N PHE A 121 3.43 -11.96 3.76
CA PHE A 121 3.64 -13.39 3.75
C PHE A 121 2.31 -14.14 3.90
N ASN A 122 2.35 -15.42 3.57
CA ASN A 122 1.16 -16.25 3.67
C ASN A 122 0.61 -16.20 5.09
C1 NCZ B . -6.02 2.80 3.42
C6 NCZ B . -5.20 3.86 3.02
C5 NCZ B . -4.35 3.68 1.91
C7 NCZ B . -3.50 4.68 1.48
C8 NCZ B . -3.45 5.88 2.19
C9 NCZ B . -4.28 6.08 3.31
C10 NCZ B . -5.21 5.08 3.73
C11 NCZ B . -6.33 5.46 4.55
O3 NCZ B . -6.26 6.44 5.29
O4 NCZ B . -7.60 4.71 4.61
C12 NCZ B . -8.60 5.11 5.61
C13 NCZ B . -8.96 3.95 6.54
C14 NCZ B . -10.07 3.35 6.09
C15 NCZ B . -10.75 4.12 5.02
C16 NCZ B . -9.93 5.43 4.91
O6 NCZ B . -10.67 6.48 5.59
O5 NCZ B . -9.19 4.45 7.86
O2 NCZ B . -4.18 7.32 3.96
C4 NCZ B . -4.40 2.48 1.23
C3 NCZ B . -5.24 1.46 1.66
C2 NCZ B . -6.05 1.61 2.75
O1 NCZ B . -6.85 0.55 3.13
C17 NCZ B . -8.04 0.65 3.96
C18 NCZ B . -3.56 2.22 0.02
H1 NCZ B . -6.66 2.92 4.30
H7 NCZ B . -2.87 4.55 0.60
H8 NCZ B . -2.77 6.66 1.87
H12 NCZ B . -8.51 5.93 6.05
H13 NCZ B . -8.16 3.22 6.56
H14 NCZ B . -10.45 2.41 6.48
H15 NCZ B . -11.62 3.83 4.44
H16 NCZ B . -9.80 5.66 3.86
H6 NCZ B . -11.18 6.08 6.38
H5 NCZ B . -8.40 4.87 8.19
H2 NCZ B . -5.04 7.86 3.81
H3 NCZ B . -5.25 0.52 1.10
H171 NCZ B . -8.48 -0.33 4.09
H172 NCZ B . -7.77 1.08 4.92
H173 NCZ B . -8.76 1.31 3.47
H181 NCZ B . -4.13 2.50 -0.87
H182 NCZ B . -2.65 2.82 0.07
H183 NCZ B . -3.30 1.16 -0.03
N ALA A 10 -12.56 -9.44 -11.69
CA ALA A 10 -11.61 -9.79 -12.74
C ALA A 10 -10.34 -8.96 -12.56
N ALA A 11 -10.54 -7.69 -12.26
CA ALA A 11 -9.43 -6.77 -12.07
C ALA A 11 -8.98 -6.83 -10.60
N PRO A 12 -7.74 -7.34 -10.40
CA PRO A 12 -7.18 -7.44 -9.06
C PRO A 12 -6.75 -6.08 -8.53
N THR A 13 -6.89 -5.08 -9.38
CA THR A 13 -6.52 -3.72 -9.02
C THR A 13 -5.02 -3.64 -8.71
N ALA A 14 -4.64 -2.56 -8.06
CA ALA A 14 -3.25 -2.35 -7.69
C ALA A 14 -2.81 -3.46 -6.74
N THR A 15 -1.90 -4.29 -7.24
CA THR A 15 -1.38 -5.40 -6.45
C THR A 15 0.12 -5.58 -6.69
N VAL A 16 0.81 -5.98 -5.64
CA VAL A 16 2.24 -6.19 -5.72
C VAL A 16 2.52 -7.62 -6.19
N THR A 17 3.24 -7.72 -7.30
CA THR A 17 3.57 -9.02 -7.86
C THR A 17 4.31 -9.87 -6.82
N PRO A 18 5.55 -9.43 -6.50
CA PRO A 18 6.37 -10.15 -5.54
C PRO A 18 5.87 -9.89 -4.11
N SER A 19 4.63 -10.26 -3.86
CA SER A 19 4.03 -10.06 -2.56
C SER A 19 4.31 -11.28 -1.67
N SER A 20 5.35 -12.02 -2.05
CA SER A 20 5.73 -13.21 -1.30
C SER A 20 7.02 -12.94 -0.52
N GLY A 21 7.04 -13.41 0.71
CA GLY A 21 8.20 -13.23 1.57
C GLY A 21 8.83 -11.87 1.35
N LEU A 22 7.98 -10.84 1.36
CA LEU A 22 8.45 -9.48 1.17
C LEU A 22 9.73 -9.26 1.97
N SER A 23 10.44 -8.20 1.62
CA SER A 23 11.67 -7.86 2.31
C SER A 23 11.77 -6.35 2.52
N ASP A 24 12.31 -5.98 3.67
CA ASP A 24 12.46 -4.57 4.01
C ASP A 24 13.21 -3.86 2.88
N GLY A 25 12.43 -3.36 1.93
CA GLY A 25 13.00 -2.64 0.80
C GLY A 25 12.96 -3.52 -0.46
N THR A 26 11.88 -4.25 -0.60
CA THR A 26 11.70 -5.12 -1.75
C THR A 26 10.94 -4.40 -2.86
N VAL A 27 11.57 -4.36 -4.04
CA VAL A 27 10.96 -3.70 -5.18
C VAL A 27 9.84 -4.58 -5.73
N VAL A 28 8.61 -4.07 -5.61
CA VAL A 28 7.45 -4.80 -6.09
C VAL A 28 6.75 -3.98 -7.17
N LYS A 29 6.03 -4.68 -8.03
CA LYS A 29 5.32 -4.03 -9.11
C LYS A 29 3.83 -3.96 -8.75
N VAL A 30 3.37 -2.73 -8.52
CA VAL A 30 1.97 -2.51 -8.18
C VAL A 30 1.16 -2.31 -9.46
N ALA A 31 0.62 -3.42 -9.95
CA ALA A 31 -0.18 -3.37 -11.17
C ALA A 31 -1.64 -3.10 -10.80
N GLY A 32 -2.13 -1.96 -11.27
CA GLY A 32 -3.51 -1.57 -11.00
C GLY A 32 -4.40 -1.85 -12.21
N ALA A 33 -4.72 -3.12 -12.40
CA ALA A 33 -5.55 -3.51 -13.52
C ALA A 33 -7.02 -3.21 -13.18
N GLY A 34 -7.53 -2.15 -13.79
CA GLY A 34 -8.90 -1.75 -13.57
C GLY A 34 -9.04 -0.98 -12.25
N LEU A 35 -8.02 -0.20 -11.95
CA LEU A 35 -8.01 0.58 -10.72
C LEU A 35 -9.18 1.57 -10.75
N GLN A 36 -8.82 2.84 -10.65
CA GLN A 36 -9.82 3.89 -10.66
C GLN A 36 -10.16 4.28 -12.10
N ALA A 37 -10.12 3.29 -12.97
CA ALA A 37 -10.41 3.51 -14.38
C ALA A 37 -9.23 4.22 -15.05
N GLY A 38 -8.34 4.72 -14.21
CA GLY A 38 -7.16 5.41 -14.71
C GLY A 38 -6.95 6.74 -13.97
N THR A 39 -7.81 6.97 -13.00
CA THR A 39 -7.73 8.20 -12.21
C THR A 39 -6.36 8.32 -11.54
N ALA A 40 -6.34 9.05 -10.43
CA ALA A 40 -5.10 9.26 -9.70
C ALA A 40 -5.37 9.08 -8.21
N TYR A 41 -4.41 8.48 -7.53
CA TYR A 41 -4.53 8.25 -6.10
C TYR A 41 -3.15 8.23 -5.44
N ASP A 42 -3.17 8.23 -4.10
CA ASP A 42 -1.94 8.21 -3.34
C ASP A 42 -1.55 6.76 -3.05
N VAL A 43 -0.46 6.33 -3.67
CA VAL A 43 0.02 4.97 -3.50
C VAL A 43 0.79 4.89 -2.17
N GLY A 44 0.53 3.81 -1.44
CA GLY A 44 1.19 3.60 -0.16
C GLY A 44 0.67 2.31 0.50
N GLN A 45 1.48 1.82 1.44
CA GLN A 45 1.13 0.60 2.15
C GLN A 45 0.45 0.94 3.48
N CYS A 46 -0.87 0.82 3.48
CA CYS A 46 -1.64 1.11 4.68
C CYS A 46 -2.15 -0.21 5.25
N ALA A 47 -2.34 -0.21 6.57
CA ALA A 47 -2.83 -1.41 7.25
C ALA A 47 -2.85 -1.15 8.75
N TRP A 48 -3.49 -2.06 9.47
CA TRP A 48 -3.59 -1.95 10.92
C TRP A 48 -2.20 -2.18 11.50
N VAL A 49 -1.61 -1.09 11.99
CA VAL A 49 -0.28 -1.16 12.57
C VAL A 49 -0.41 -1.37 14.09
N ASP A 50 -1.29 -0.59 14.69
CA ASP A 50 -1.51 -0.67 16.12
C ASP A 50 -2.61 -1.69 16.40
N THR A 51 -3.19 -1.59 17.58
CA THR A 51 -4.25 -2.50 17.99
C THR A 51 -5.52 -2.21 17.19
N GLY A 52 -5.59 -2.80 16.01
CA GLY A 52 -6.74 -2.62 15.14
C GLY A 52 -6.84 -1.18 14.65
N VAL A 53 -5.71 -0.49 14.72
CA VAL A 53 -5.65 0.90 14.29
C VAL A 53 -5.03 0.98 12.89
N LEU A 54 -5.86 1.31 11.92
CA LEU A 54 -5.41 1.41 10.54
C LEU A 54 -4.34 2.51 10.43
N ALA A 55 -3.10 2.07 10.43
CA ALA A 55 -1.98 2.99 10.34
C ALA A 55 -1.29 2.83 8.99
N CYS A 56 -0.99 3.97 8.36
CA CYS A 56 -0.34 3.95 7.07
C CYS A 56 1.16 4.14 7.28
N ASN A 57 1.93 3.67 6.31
CA ASN A 57 3.38 3.78 6.38
C ASN A 57 3.80 5.20 5.99
N PRO A 58 5.05 5.56 6.39
CA PRO A 58 5.59 6.88 6.10
C PRO A 58 5.98 6.98 4.62
N ALA A 59 6.05 5.84 3.97
CA ALA A 59 6.41 5.79 2.56
C ALA A 59 5.17 5.44 1.73
N ASP A 60 4.01 5.62 2.34
CA ASP A 60 2.76 5.32 1.68
C ASP A 60 2.31 6.54 0.88
N PHE A 61 3.20 7.52 0.79
CA PHE A 61 2.91 8.74 0.06
C PHE A 61 3.63 8.76 -1.30
N SER A 62 2.96 8.20 -2.29
CA SER A 62 3.53 8.14 -3.63
C SER A 62 2.41 8.21 -4.67
N SER A 63 2.00 9.44 -4.96
CA SER A 63 0.94 9.67 -5.94
C SER A 63 1.16 8.77 -7.16
N VAL A 64 0.05 8.30 -7.71
CA VAL A 64 0.10 7.44 -8.88
C VAL A 64 -1.23 7.52 -9.63
N THR A 65 -1.21 7.05 -10.87
CA THR A 65 -2.39 7.07 -11.71
C THR A 65 -2.42 5.85 -12.62
N ALA A 66 -3.63 5.46 -13.00
CA ALA A 66 -3.81 4.32 -13.87
C ALA A 66 -4.08 4.80 -15.30
N ASP A 67 -3.57 4.03 -16.25
CA ASP A 67 -3.73 4.36 -17.66
C ASP A 67 -5.22 4.43 -17.98
N ALA A 68 -5.52 5.09 -19.08
CA ALA A 68 -6.90 5.24 -19.53
C ALA A 68 -7.64 3.91 -19.31
N ASN A 69 -6.90 2.82 -19.46
CA ASN A 69 -7.47 1.51 -19.28
C ASN A 69 -7.35 1.10 -17.82
N GLY A 70 -7.48 2.09 -16.94
CA GLY A 70 -7.38 1.84 -15.51
C GLY A 70 -6.23 0.90 -15.19
N SER A 71 -5.09 1.17 -15.82
CA SER A 71 -3.90 0.35 -15.60
C SER A 71 -2.82 1.18 -14.90
N ALA A 72 -2.76 1.03 -13.60
CA ALA A 72 -1.77 1.75 -12.81
C ALA A 72 -0.62 0.80 -12.45
N SER A 73 0.30 0.66 -13.38
CA SER A 73 1.44 -0.22 -13.17
C SER A 73 2.62 0.60 -12.61
N THR A 74 2.54 0.84 -11.30
CA THR A 74 3.58 1.61 -10.62
C THR A 74 4.43 0.68 -9.75
N SER A 75 5.72 0.96 -9.71
CA SER A 75 6.64 0.16 -8.92
C SER A 75 6.94 0.89 -7.60
N LEU A 76 6.87 0.12 -6.52
CA LEU A 76 7.14 0.67 -5.20
C LEU A 76 8.05 -0.29 -4.43
N THR A 77 8.59 0.22 -3.33
CA THR A 77 9.48 -0.58 -2.50
C THR A 77 8.77 -1.02 -1.22
N VAL A 78 8.91 -2.29 -0.91
CA VAL A 78 8.29 -2.84 0.29
C VAL A 78 9.24 -2.69 1.47
N ARG A 79 9.19 -1.52 2.09
CA ARG A 79 10.04 -1.24 3.23
C ARG A 79 9.35 -1.69 4.53
N ARG A 80 9.23 -3.00 4.66
CA ARG A 80 8.60 -3.57 5.84
C ARG A 80 8.98 -2.76 7.09
N SER A 81 10.17 -2.19 7.05
CA SER A 81 10.65 -1.39 8.16
C SER A 81 10.33 0.08 7.92
N PHE A 82 9.60 0.65 8.87
CA PHE A 82 9.21 2.05 8.78
C PHE A 82 8.34 2.46 9.96
N GLU A 83 8.14 3.76 10.10
CA GLU A 83 7.32 4.30 11.18
C GLU A 83 5.87 4.46 10.72
N GLY A 84 5.01 3.62 11.26
CA GLY A 84 3.60 3.68 10.92
C GLY A 84 2.92 4.90 11.55
N PHE A 85 1.75 5.22 11.02
CA PHE A 85 1.00 6.36 11.52
C PHE A 85 -0.50 6.02 11.63
N LEU A 86 -0.99 6.06 12.86
CA LEU A 86 -2.40 5.77 13.11
C LEU A 86 -3.26 6.63 12.20
N PHE A 87 -4.53 6.24 12.07
CA PHE A 87 -5.46 6.98 11.24
C PHE A 87 -5.95 8.24 11.94
N ASP A 88 -6.08 8.13 13.26
CA ASP A 88 -6.53 9.26 14.06
C ASP A 88 -5.66 10.48 13.77
N GLY A 89 -4.36 10.26 13.84
CA GLY A 89 -3.41 11.33 13.58
C GLY A 89 -2.09 11.09 14.32
N THR A 90 -2.18 10.29 15.38
CA THR A 90 -1.02 9.97 16.18
C THR A 90 -0.15 8.92 15.47
N ARG A 91 1.16 9.13 15.53
CA ARG A 91 2.10 8.22 14.91
C ARG A 91 2.38 7.04 15.84
N TRP A 92 2.54 5.87 15.23
CA TRP A 92 2.81 4.67 15.98
C TRP A 92 4.29 4.31 15.78
N GLY A 93 4.55 3.52 14.75
CA GLY A 93 5.90 3.10 14.45
C GLY A 93 5.91 1.72 13.79
N THR A 94 5.70 0.71 14.61
CA THR A 94 5.69 -0.66 14.13
C THR A 94 7.09 -1.09 13.69
N VAL A 95 7.63 -0.33 12.75
CA VAL A 95 8.97 -0.60 12.24
C VAL A 95 8.90 -1.85 11.35
N ASP A 96 9.36 -2.97 11.91
CA ASP A 96 9.37 -4.22 11.17
C ASP A 96 7.93 -4.74 11.05
N CYS A 97 7.35 -4.53 9.88
CA CYS A 97 5.99 -4.98 9.63
C CYS A 97 6.03 -6.45 9.23
N THR A 98 6.32 -7.30 10.22
CA THR A 98 6.39 -8.73 9.98
C THR A 98 5.15 -9.43 10.54
N THR A 99 4.58 -8.80 11.57
CA THR A 99 3.40 -9.36 12.21
C THR A 99 2.13 -8.85 11.51
N ALA A 100 2.13 -7.56 11.21
CA ALA A 100 0.99 -6.95 10.54
C ALA A 100 1.15 -7.10 9.03
N ALA A 101 0.04 -7.37 8.38
CA ALA A 101 0.03 -7.55 6.93
C ALA A 101 -0.22 -6.19 6.26
N CYS A 102 0.87 -5.50 5.99
CA CYS A 102 0.78 -4.20 5.35
C CYS A 102 0.24 -4.39 3.93
N GLN A 103 -0.75 -3.58 3.59
CA GLN A 103 -1.37 -3.65 2.28
C GLN A 103 -0.88 -2.49 1.41
N VAL A 104 -0.21 -2.86 0.33
CA VAL A 104 0.32 -1.86 -0.60
C VAL A 104 -0.75 -1.54 -1.65
N GLY A 105 -1.19 -0.29 -1.64
CA GLY A 105 -2.19 0.15 -2.57
C GLY A 105 -2.35 1.68 -2.53
N LEU A 106 -3.15 2.18 -3.47
CA LEU A 106 -3.39 3.62 -3.55
C LEU A 106 -4.81 3.92 -3.05
N SER A 107 -4.91 4.95 -2.23
CA SER A 107 -6.19 5.34 -1.68
C SER A 107 -6.69 6.61 -2.38
N ASP A 108 -7.95 6.92 -2.15
CA ASP A 108 -8.55 8.10 -2.75
C ASP A 108 -7.86 9.35 -2.21
N ALA A 109 -8.03 10.45 -2.95
CA ALA A 109 -7.43 11.72 -2.56
C ALA A 109 -8.28 12.35 -1.46
N ALA A 110 -9.39 11.70 -1.15
CA ALA A 110 -10.28 12.20 -0.12
C ALA A 110 -9.73 11.82 1.26
N GLY A 111 -8.77 10.90 1.25
CA GLY A 111 -8.16 10.45 2.48
C GLY A 111 -8.79 9.14 2.96
N ASN A 112 -9.27 8.37 1.99
CA ASN A 112 -9.91 7.09 2.29
C ASN A 112 -9.70 6.14 1.12
N GLY A 113 -9.85 4.85 1.40
CA GLY A 113 -9.68 3.83 0.38
C GLY A 113 -9.11 2.55 0.98
N PRO A 114 -9.97 1.50 1.00
CA PRO A 114 -9.56 0.20 1.55
C PRO A 114 -8.62 -0.52 0.57
N GLU A 115 -8.45 0.07 -0.59
CA GLU A 115 -7.59 -0.51 -1.61
C GLU A 115 -6.20 -0.78 -1.03
N GLY A 116 -5.81 -2.05 -1.08
CA GLY A 116 -4.52 -2.45 -0.57
C GLY A 116 -4.29 -3.94 -0.75
N VAL A 117 -3.09 -4.29 -1.19
CA VAL A 117 -2.74 -5.69 -1.40
C VAL A 117 -1.85 -6.17 -0.25
N ALA A 118 -2.35 -7.16 0.46
CA ALA A 118 -1.61 -7.72 1.58
C ALA A 118 -0.27 -8.26 1.08
N ILE A 119 0.73 -7.40 1.14
CA ILE A 119 2.07 -7.77 0.71
C ILE A 119 2.83 -8.38 1.87
N SER A 120 3.53 -9.47 1.58
CA SER A 120 4.30 -10.15 2.60
C SER A 120 4.29 -11.67 2.35
N PHE A 121 3.10 -12.24 2.49
CA PHE A 121 2.94 -13.67 2.28
C PHE A 121 4.24 -14.42 2.51
N ASN A 122 4.45 -14.81 3.77
CA ASN A 122 5.65 -15.52 4.15
C ASN A 122 5.40 -17.03 4.00
C1 NCZ B . -5.73 3.02 3.72
C6 NCZ B . -4.85 4.01 3.27
C5 NCZ B . -4.02 3.72 2.17
C7 NCZ B . -3.10 4.65 1.68
C8 NCZ B . -2.99 5.87 2.32
C9 NCZ B . -3.81 6.19 3.42
C10 NCZ B . -4.79 5.27 3.90
C11 NCZ B . -5.89 5.76 4.69
O3 NCZ B . -5.75 6.77 5.37
O4 NCZ B . -7.20 5.10 4.79
C12 NCZ B . -8.17 5.60 5.78
C13 NCZ B . -8.02 4.88 7.12
C14 NCZ B . -8.92 3.88 7.18
C15 NCZ B . -9.91 3.93 6.09
C16 NCZ B . -9.59 5.23 5.34
O6 NCZ B . -10.57 6.24 5.73
O5 NCZ B . -8.26 5.79 8.19
O2 NCZ B . -3.63 7.46 4.00
C4 NCZ B . -4.12 2.48 1.56
C3 NCZ B . -5.03 1.54 2.04
C2 NCZ B . -5.83 1.80 3.12
O1 NCZ B . -6.70 0.81 3.56
C17 NCZ B . -7.88 1.05 4.37
C18 NCZ B . -3.32 2.11 0.37
H1 NCZ B . -6.36 3.24 4.58
H7 NCZ B . -2.48 4.42 0.82
H8 NCZ B . -2.26 6.60 1.97
H12 NCZ B . -8.04 6.45 6.15
H13 NCZ B . -7.02 4.46 7.21
H14 NCZ B . -8.91 3.12 7.96
H15 NCZ B . -10.70 3.20 5.87
H16 NCZ B . -9.65 5.03 4.27
H6 NCZ B . -10.83 6.08 6.71
H5 NCZ B . -7.63 6.52 8.15
H2 NCZ B . -4.45 8.04 3.82
H3 NCZ B . -5.10 0.58 1.54
H171 NCZ B . -8.38 0.10 4.57
H172 NCZ B . -7.58 1.51 5.31
H173 NCZ B . -8.56 1.71 3.84
H181 NCZ B . -3.85 2.36 -0.54
H182 NCZ B . -2.36 2.65 0.39
H183 NCZ B . -3.11 1.04 0.38
N ALA A 10 -8.81 -11.89 -14.39
CA ALA A 10 -7.68 -11.23 -15.00
C ALA A 10 -7.71 -9.74 -14.66
N ALA A 11 -7.89 -9.47 -13.37
CA ALA A 11 -7.94 -8.09 -12.90
C ALA A 11 -7.81 -8.08 -11.37
N PRO A 12 -6.56 -8.36 -10.89
CA PRO A 12 -6.30 -8.39 -9.47
C PRO A 12 -6.23 -6.98 -8.90
N THR A 13 -6.48 -6.01 -9.77
CA THR A 13 -6.46 -4.61 -9.37
C THR A 13 -5.03 -4.19 -8.99
N ALA A 14 -4.95 -3.30 -8.02
CA ALA A 14 -3.66 -2.81 -7.57
C ALA A 14 -3.00 -3.87 -6.68
N THR A 15 -1.92 -4.45 -7.20
CA THR A 15 -1.20 -5.48 -6.46
C THR A 15 0.28 -5.44 -6.83
N VAL A 16 1.11 -5.85 -5.87
CA VAL A 16 2.54 -5.87 -6.08
C VAL A 16 2.90 -7.05 -6.99
N THR A 17 3.70 -6.74 -8.00
CA THR A 17 4.12 -7.76 -8.96
C THR A 17 4.34 -9.09 -8.24
N PRO A 18 5.22 -9.05 -7.20
CA PRO A 18 5.52 -10.24 -6.43
C PRO A 18 4.35 -10.61 -5.49
N SER A 19 4.68 -11.39 -4.47
CA SER A 19 3.69 -11.81 -3.51
C SER A 19 4.30 -11.88 -2.11
N SER A 20 5.50 -12.46 -2.05
CA SER A 20 6.20 -12.58 -0.78
C SER A 20 6.87 -11.26 -0.42
N GLY A 21 6.05 -10.35 0.10
CA GLY A 21 6.55 -9.05 0.50
C GLY A 21 7.66 -9.17 1.54
N LEU A 22 7.80 -10.38 2.07
CA LEU A 22 8.81 -10.65 3.07
C LEU A 22 10.19 -10.56 2.43
N SER A 23 10.50 -9.39 1.88
CA SER A 23 11.78 -9.18 1.23
C SER A 23 12.35 -7.82 1.64
N ASP A 24 13.51 -7.86 2.26
CA ASP A 24 14.17 -6.63 2.69
C ASP A 24 13.89 -5.52 1.69
N GLY A 25 12.85 -4.75 1.99
CA GLY A 25 12.47 -3.65 1.12
C GLY A 25 12.52 -4.06 -0.35
N THR A 26 11.61 -4.94 -0.72
CA THR A 26 11.55 -5.42 -2.10
C THR A 26 10.97 -4.34 -3.01
N VAL A 27 11.76 -4.00 -4.04
CA VAL A 27 11.34 -2.99 -4.99
C VAL A 27 10.68 -3.67 -6.19
N VAL A 28 9.42 -3.30 -6.42
CA VAL A 28 8.66 -3.87 -7.52
C VAL A 28 7.67 -2.82 -8.03
N LYS A 29 6.79 -3.28 -8.91
CA LYS A 29 5.78 -2.40 -9.48
C LYS A 29 4.39 -2.95 -9.17
N VAL A 30 3.53 -2.06 -8.68
CA VAL A 30 2.17 -2.44 -8.34
C VAL A 30 1.24 -2.08 -9.49
N ALA A 31 0.81 -3.10 -10.20
CA ALA A 31 -0.09 -2.90 -11.34
C ALA A 31 -1.54 -2.90 -10.84
N GLY A 32 -2.30 -1.94 -11.33
CA GLY A 32 -3.69 -1.81 -10.94
C GLY A 32 -4.62 -2.06 -12.14
N ALA A 33 -4.70 -3.33 -12.53
CA ALA A 33 -5.54 -3.70 -13.66
C ALA A 33 -7.01 -3.74 -13.21
N GLY A 34 -7.82 -2.96 -13.89
CA GLY A 34 -9.24 -2.90 -13.57
C GLY A 34 -9.49 -1.98 -12.36
N LEU A 35 -8.55 -1.07 -12.15
CA LEU A 35 -8.66 -0.15 -11.03
C LEU A 35 -9.50 1.06 -11.46
N GLN A 36 -9.15 2.21 -10.92
CA GLN A 36 -9.86 3.44 -11.24
C GLN A 36 -9.33 4.05 -12.54
N ALA A 37 -9.81 3.50 -13.64
CA ALA A 37 -9.39 3.98 -14.95
C ALA A 37 -9.78 5.45 -15.11
N GLY A 38 -8.81 6.25 -15.53
CA GLY A 38 -9.04 7.67 -15.72
C GLY A 38 -8.78 8.43 -14.41
N THR A 39 -8.88 7.72 -13.31
CA THR A 39 -8.67 8.33 -12.01
C THR A 39 -7.21 8.22 -11.60
N ALA A 40 -6.93 8.62 -10.37
CA ALA A 40 -5.57 8.58 -9.85
C ALA A 40 -5.62 8.62 -8.31
N TYR A 41 -4.62 8.00 -7.71
CA TYR A 41 -4.53 7.97 -6.26
C TYR A 41 -3.07 7.90 -5.80
N ASP A 42 -2.89 7.98 -4.49
CA ASP A 42 -1.56 7.94 -3.91
C ASP A 42 -1.25 6.49 -3.49
N VAL A 43 -0.19 5.96 -4.09
CA VAL A 43 0.22 4.60 -3.80
C VAL A 43 0.89 4.56 -2.42
N GLY A 44 0.50 3.57 -1.64
CA GLY A 44 1.05 3.41 -0.30
C GLY A 44 0.44 2.19 0.40
N GLN A 45 1.25 1.58 1.25
CA GLN A 45 0.81 0.40 1.99
C GLN A 45 0.26 0.81 3.35
N CYS A 46 -1.05 0.69 3.48
CA CYS A 46 -1.71 1.04 4.73
C CYS A 46 -2.14 -0.25 5.42
N ALA A 47 -2.26 -0.16 6.74
CA ALA A 47 -2.66 -1.31 7.53
C ALA A 47 -2.67 -0.93 9.01
N TRP A 48 -3.34 -1.75 9.81
CA TRP A 48 -3.42 -1.51 11.23
C TRP A 48 -2.03 -1.69 11.83
N VAL A 49 -1.43 -0.57 12.19
CA VAL A 49 -0.10 -0.58 12.77
C VAL A 49 -0.21 -0.72 14.29
N ASP A 50 -1.15 0.03 14.85
CA ASP A 50 -1.37 0.00 16.28
C ASP A 50 -2.25 -1.20 16.64
N THR A 51 -2.96 -1.07 17.74
CA THR A 51 -3.83 -2.13 18.21
C THR A 51 -5.16 -2.10 17.44
N GLY A 52 -5.05 -2.14 16.12
CA GLY A 52 -6.22 -2.12 15.26
C GLY A 52 -6.39 -0.75 14.60
N VAL A 53 -5.47 0.15 14.92
CA VAL A 53 -5.50 1.49 14.37
C VAL A 53 -4.92 1.47 12.96
N LEU A 54 -5.78 1.77 11.99
CA LEU A 54 -5.37 1.78 10.60
C LEU A 54 -4.30 2.87 10.40
N ALA A 55 -3.05 2.42 10.38
CA ALA A 55 -1.94 3.34 10.19
C ALA A 55 -1.33 3.12 8.81
N CYS A 56 -0.87 4.21 8.23
CA CYS A 56 -0.26 4.16 6.91
C CYS A 56 1.27 4.26 7.08
N ASN A 57 1.97 3.80 6.06
CA ASN A 57 3.43 3.84 6.08
C ASN A 57 3.91 5.22 5.60
N PRO A 58 5.18 5.54 5.95
CA PRO A 58 5.76 6.81 5.57
C PRO A 58 6.14 6.81 4.09
N ALA A 59 6.21 5.61 3.52
CA ALA A 59 6.56 5.46 2.12
C ALA A 59 5.30 5.11 1.33
N ASP A 60 4.16 5.37 1.93
CA ASP A 60 2.88 5.08 1.30
C ASP A 60 2.47 6.29 0.45
N PHE A 61 3.42 7.20 0.24
CA PHE A 61 3.17 8.39 -0.54
C PHE A 61 3.83 8.29 -1.91
N SER A 62 3.06 7.79 -2.87
CA SER A 62 3.56 7.64 -4.23
C SER A 62 2.44 7.91 -5.23
N SER A 63 2.20 9.20 -5.47
CA SER A 63 1.16 9.60 -6.39
C SER A 63 1.26 8.79 -7.68
N VAL A 64 0.10 8.35 -8.16
CA VAL A 64 0.05 7.56 -9.38
C VAL A 64 -1.37 7.63 -9.96
N THR A 65 -1.49 7.15 -11.19
CA THR A 65 -2.77 7.14 -11.87
C THR A 65 -2.98 5.84 -12.64
N ALA A 66 -4.20 5.64 -13.10
CA ALA A 66 -4.53 4.45 -13.85
C ALA A 66 -4.68 4.79 -15.33
N ASP A 67 -4.15 3.92 -16.17
CA ASP A 67 -4.22 4.12 -17.61
C ASP A 67 -5.65 3.84 -18.09
N ALA A 68 -5.99 4.46 -19.21
CA ALA A 68 -7.30 4.29 -19.78
C ALA A 68 -7.72 2.81 -19.69
N ASN A 69 -6.71 1.96 -19.68
CA ASN A 69 -6.94 0.53 -19.60
C ASN A 69 -7.05 0.12 -18.12
N GLY A 70 -7.55 1.04 -17.32
CA GLY A 70 -7.70 0.79 -15.89
C GLY A 70 -6.48 0.04 -15.34
N SER A 71 -5.31 0.46 -15.80
CA SER A 71 -4.07 -0.16 -15.35
C SER A 71 -3.20 0.88 -14.63
N ALA A 72 -3.02 0.65 -13.34
CA ALA A 72 -2.22 1.55 -12.53
C ALA A 72 -0.82 0.97 -12.37
N SER A 73 0.08 1.43 -13.22
CA SER A 73 1.45 0.96 -13.19
C SER A 73 2.28 1.82 -12.23
N THR A 74 2.26 1.42 -10.97
CA THR A 74 2.99 2.14 -9.95
C THR A 74 4.22 1.34 -9.51
N SER A 75 5.11 2.03 -8.80
CA SER A 75 6.33 1.40 -8.32
C SER A 75 6.60 1.81 -6.87
N LEU A 76 6.93 0.82 -6.05
CA LEU A 76 7.20 1.07 -4.65
C LEU A 76 8.00 -0.10 -4.07
N THR A 77 8.54 0.11 -2.89
CA THR A 77 9.32 -0.91 -2.21
C THR A 77 8.52 -1.54 -1.08
N VAL A 78 8.70 -2.84 -0.93
CA VAL A 78 7.99 -3.57 0.12
C VAL A 78 8.84 -3.54 1.40
N ARG A 79 8.62 -2.49 2.19
CA ARG A 79 9.34 -2.33 3.44
C ARG A 79 8.58 -3.00 4.58
N ARG A 80 9.29 -3.87 5.30
CA ARG A 80 8.70 -4.58 6.40
C ARG A 80 8.94 -3.83 7.71
N SER A 81 10.13 -3.23 7.80
CA SER A 81 10.49 -2.48 8.99
C SER A 81 10.44 -0.97 8.70
N PHE A 82 9.68 -0.27 9.51
CA PHE A 82 9.54 1.17 9.34
C PHE A 82 8.51 1.73 10.33
N GLU A 83 8.58 3.04 10.52
CA GLU A 83 7.67 3.72 11.43
C GLU A 83 6.34 4.02 10.73
N GLY A 84 5.26 3.55 11.35
CA GLY A 84 3.94 3.76 10.79
C GLY A 84 3.29 5.00 11.38
N PHE A 85 2.15 5.38 10.81
CA PHE A 85 1.43 6.54 11.27
C PHE A 85 -0.06 6.21 11.49
N LEU A 86 -0.52 6.52 12.68
CA LEU A 86 -1.91 6.26 13.03
C LEU A 86 -2.82 7.08 12.11
N PHE A 87 -4.06 6.61 11.98
CA PHE A 87 -5.03 7.29 11.14
C PHE A 87 -5.55 8.57 11.82
N ASP A 88 -5.56 8.53 13.14
CA ASP A 88 -6.03 9.66 13.92
C ASP A 88 -5.25 10.92 13.50
N GLY A 89 -3.93 10.82 13.60
CA GLY A 89 -3.07 11.93 13.24
C GLY A 89 -1.67 11.76 13.84
N THR A 90 -1.62 11.04 14.94
CA THR A 90 -0.36 10.79 15.62
C THR A 90 0.36 9.60 14.98
N ARG A 91 1.68 9.65 15.04
CA ARG A 91 2.50 8.59 14.48
C ARG A 91 2.70 7.47 15.50
N TRP A 92 2.73 6.25 14.99
CA TRP A 92 2.91 5.09 15.85
C TRP A 92 4.36 4.59 15.68
N GLY A 93 4.53 3.69 14.72
CA GLY A 93 5.84 3.13 14.46
C GLY A 93 5.75 1.68 14.00
N THR A 94 5.50 0.81 14.96
CA THR A 94 5.37 -0.61 14.67
C THR A 94 6.72 -1.19 14.28
N VAL A 95 7.33 -0.59 13.27
CA VAL A 95 8.62 -1.03 12.78
C VAL A 95 8.44 -2.35 12.02
N ASP A 96 8.77 -3.44 12.70
CA ASP A 96 8.64 -4.76 12.11
C ASP A 96 7.19 -5.01 11.73
N CYS A 97 6.98 -5.19 10.43
CA CYS A 97 5.64 -5.45 9.91
C CYS A 97 5.42 -6.96 9.89
N THR A 98 5.89 -7.62 10.93
CA THR A 98 5.75 -9.05 11.04
C THR A 98 4.45 -9.41 11.75
N THR A 99 3.97 -8.47 12.55
CA THR A 99 2.74 -8.66 13.31
C THR A 99 1.54 -8.20 12.48
N ALA A 100 1.58 -6.93 12.09
CA ALA A 100 0.50 -6.35 11.31
C ALA A 100 0.81 -6.52 9.82
N ALA A 101 -0.22 -6.90 9.08
CA ALA A 101 -0.08 -7.11 7.65
C ALA A 101 -0.16 -5.77 6.94
N CYS A 102 0.85 -5.51 6.10
CA CYS A 102 0.91 -4.27 5.35
C CYS A 102 0.22 -4.49 4.00
N GLN A 103 -0.80 -3.68 3.75
CA GLN A 103 -1.54 -3.78 2.51
C GLN A 103 -1.12 -2.66 1.55
N VAL A 104 -0.57 -3.06 0.42
CA VAL A 104 -0.13 -2.11 -0.58
C VAL A 104 -1.30 -1.75 -1.50
N GLY A 105 -1.68 -0.48 -1.46
CA GLY A 105 -2.79 0.00 -2.28
C GLY A 105 -2.67 1.50 -2.52
N LEU A 106 -3.49 1.98 -3.44
CA LEU A 106 -3.49 3.39 -3.78
C LEU A 106 -4.75 4.05 -3.20
N SER A 107 -4.52 5.13 -2.45
CA SER A 107 -5.62 5.85 -1.83
C SER A 107 -6.03 7.03 -2.72
N ASP A 108 -7.31 7.32 -2.70
CA ASP A 108 -7.84 8.42 -3.49
C ASP A 108 -7.98 9.66 -2.61
N ALA A 109 -8.03 10.81 -3.26
CA ALA A 109 -8.15 12.08 -2.55
C ALA A 109 -9.59 12.24 -2.06
N ALA A 110 -10.43 11.28 -2.44
CA ALA A 110 -11.82 11.31 -2.05
C ALA A 110 -12.00 10.60 -0.70
N GLY A 111 -11.00 9.79 -0.37
CA GLY A 111 -11.03 9.05 0.88
C GLY A 111 -11.99 7.86 0.80
N ASN A 112 -11.93 7.17 -0.34
CA ASN A 112 -12.79 6.02 -0.56
C ASN A 112 -12.04 4.75 -0.18
N GLY A 113 -12.74 3.86 0.50
CA GLY A 113 -12.14 2.61 0.94
C GLY A 113 -11.18 2.06 -0.12
N PRO A 114 -9.87 2.34 0.10
CA PRO A 114 -8.84 1.90 -0.82
C PRO A 114 -8.58 0.39 -0.66
N GLU A 115 -8.41 -0.27 -1.79
CA GLU A 115 -8.15 -1.70 -1.80
C GLU A 115 -6.65 -1.97 -1.74
N GLY A 116 -6.20 -2.44 -0.59
CA GLY A 116 -4.79 -2.74 -0.40
C GLY A 116 -4.53 -4.24 -0.55
N VAL A 117 -3.30 -4.56 -0.93
CA VAL A 117 -2.91 -5.95 -1.11
C VAL A 117 -2.02 -6.37 0.07
N ALA A 118 -2.55 -7.31 0.86
CA ALA A 118 -1.82 -7.81 2.00
C ALA A 118 -0.58 -8.57 1.52
N ILE A 119 0.53 -7.84 1.47
CA ILE A 119 1.78 -8.44 1.03
C ILE A 119 2.29 -9.40 2.10
N SER A 120 2.92 -10.47 1.63
CA SER A 120 3.45 -11.47 2.54
C SER A 120 4.66 -10.91 3.29
N PHE A 121 4.42 -9.80 3.99
CA PHE A 121 5.48 -9.16 4.75
C PHE A 121 6.34 -10.19 5.48
N ASN A 122 7.50 -9.74 5.92
CA ASN A 122 8.42 -10.61 6.63
C ASN A 122 8.12 -10.56 8.13
C1 NCZ B . -5.88 3.20 3.93
C6 NCZ B . -4.99 4.08 3.30
C5 NCZ B . -4.26 3.61 2.18
C7 NCZ B . -3.34 4.42 1.53
C8 NCZ B . -3.11 5.69 2.01
C9 NCZ B . -3.81 6.18 3.14
C10 NCZ B . -4.80 5.39 3.77
C11 NCZ B . -5.80 6.04 4.59
O3 NCZ B . -5.55 7.11 5.14
O4 NCZ B . -7.13 5.48 4.86
C12 NCZ B . -7.95 6.09 5.91
C13 NCZ B . -7.61 5.54 7.30
C14 NCZ B . -8.48 4.56 7.61
C15 NCZ B . -9.63 4.48 6.67
C16 NCZ B . -9.42 5.69 5.73
O6 NCZ B . -10.34 6.74 6.15
O5 NCZ B . -7.71 6.58 8.28
O2 NCZ B . -3.50 7.49 3.54
C4 NCZ B . -4.50 2.33 1.73
C3 NCZ B . -5.42 1.51 2.37
C2 NCZ B . -6.10 1.93 3.47
O1 NCZ B . -6.99 1.07 4.09
C17 NCZ B . -8.08 1.46 4.96
C18 NCZ B . -3.81 1.77 0.53
H1 NCZ B . -6.43 3.56 4.80
H7 NCZ B . -2.81 4.06 0.65
H8 NCZ B . -2.37 6.33 1.53
H12 NCZ B . -7.79 7.02 6.12
H13 NCZ B . -6.60 5.13 7.30
H14 NCZ B . -8.35 3.89 8.46
H15 NCZ B . -10.42 3.74 6.65
H16 NCZ B . -9.64 5.36 4.71
H6 NCZ B . -10.46 6.71 7.16
H5 NCZ B . -7.09 7.28 8.06
H2 NCZ B . -4.31 8.10 3.36
H3 NCZ B . -5.58 0.50 2.00
H171 NCZ B . -8.62 0.57 5.29
H172 NCZ B . -7.68 2.00 5.82
H173 NCZ B . -8.76 2.10 4.41
H181 NCZ B . -4.41 1.96 -0.36
H182 NCZ B . -2.83 2.24 0.41
H183 NCZ B . -3.68 0.70 0.65
N ALA A 10 -6.73 -11.57 -15.09
CA ALA A 10 -7.82 -10.98 -14.32
C ALA A 10 -7.58 -9.47 -14.19
N ALA A 11 -7.92 -8.95 -13.02
CA ALA A 11 -7.76 -7.54 -12.75
C ALA A 11 -7.82 -7.30 -11.24
N PRO A 12 -6.79 -7.82 -10.54
CA PRO A 12 -6.71 -7.67 -9.10
C PRO A 12 -6.29 -6.25 -8.72
N THR A 13 -6.98 -5.28 -9.31
CA THR A 13 -6.69 -3.89 -9.05
C THR A 13 -5.19 -3.68 -8.85
N ALA A 14 -4.86 -2.91 -7.82
CA ALA A 14 -3.47 -2.62 -7.51
C ALA A 14 -2.91 -3.73 -6.62
N THR A 15 -1.97 -4.48 -7.18
CA THR A 15 -1.36 -5.58 -6.43
C THR A 15 0.13 -5.66 -6.76
N VAL A 16 0.90 -6.08 -5.77
CA VAL A 16 2.33 -6.21 -5.93
C VAL A 16 2.65 -7.52 -6.66
N THR A 17 3.52 -7.41 -7.65
CA THR A 17 3.90 -8.59 -8.43
C THR A 17 3.93 -9.83 -7.54
N PRO A 18 4.79 -9.79 -6.50
CA PRO A 18 4.92 -10.90 -5.58
C PRO A 18 3.73 -10.95 -4.61
N SER A 19 3.94 -11.64 -3.50
CA SER A 19 2.89 -11.77 -2.50
C SER A 19 3.51 -11.95 -1.12
N SER A 20 4.21 -13.07 -0.96
CA SER A 20 4.86 -13.37 0.31
C SER A 20 6.38 -13.41 0.13
N GLY A 21 7.09 -13.34 1.25
CA GLY A 21 8.53 -13.36 1.23
C GLY A 21 9.10 -11.97 0.92
N LEU A 22 8.31 -10.96 1.24
CA LEU A 22 8.71 -9.59 1.01
C LEU A 22 9.68 -9.15 2.12
N SER A 23 10.54 -8.21 1.78
CA SER A 23 11.50 -7.70 2.73
C SER A 23 11.40 -6.17 2.82
N ASP A 24 11.74 -5.65 4.00
CA ASP A 24 11.67 -4.22 4.23
C ASP A 24 12.53 -3.50 3.18
N GLY A 25 11.93 -3.32 2.01
CA GLY A 25 12.62 -2.66 0.91
C GLY A 25 12.62 -3.53 -0.34
N THR A 26 11.53 -4.25 -0.53
CA THR A 26 11.38 -5.12 -1.68
C THR A 26 10.84 -4.33 -2.88
N VAL A 27 11.74 -4.05 -3.81
CA VAL A 27 11.36 -3.31 -5.01
C VAL A 27 10.54 -4.21 -5.93
N VAL A 28 9.32 -3.80 -6.17
CA VAL A 28 8.41 -4.56 -7.03
C VAL A 28 7.54 -3.60 -7.82
N LYS A 29 6.72 -4.16 -8.69
CA LYS A 29 5.82 -3.37 -9.52
C LYS A 29 4.37 -3.68 -9.13
N VAL A 30 3.63 -2.62 -8.84
CA VAL A 30 2.24 -2.76 -8.46
C VAL A 30 1.35 -2.43 -9.66
N ALA A 31 0.75 -3.47 -10.22
CA ALA A 31 -0.12 -3.31 -11.37
C ALA A 31 -1.56 -3.06 -10.88
N GLY A 32 -2.15 -1.99 -11.40
CA GLY A 32 -3.50 -1.64 -11.02
C GLY A 32 -4.48 -1.96 -12.16
N ALA A 33 -5.05 -3.15 -12.09
CA ALA A 33 -6.01 -3.58 -13.10
C ALA A 33 -7.43 -3.20 -12.65
N GLY A 34 -7.94 -2.15 -13.29
CA GLY A 34 -9.27 -1.68 -12.98
C GLY A 34 -9.25 -0.72 -11.78
N LEU A 35 -8.13 -0.02 -11.65
CA LEU A 35 -7.97 0.92 -10.55
C LEU A 35 -8.45 2.29 -11.00
N GLN A 36 -7.72 3.31 -10.56
CA GLN A 36 -8.06 4.68 -10.91
C GLN A 36 -8.23 4.82 -12.42
N ALA A 37 -9.46 4.62 -12.88
CA ALA A 37 -9.77 4.72 -14.29
C ALA A 37 -9.40 6.12 -14.79
N GLY A 38 -8.13 6.29 -15.12
CA GLY A 38 -7.65 7.57 -15.62
C GLY A 38 -7.47 8.56 -14.46
N THR A 39 -7.67 8.06 -13.25
CA THR A 39 -7.54 8.89 -12.07
C THR A 39 -6.10 8.84 -11.54
N ALA A 40 -5.89 9.50 -10.41
CA ALA A 40 -4.57 9.53 -9.79
C ALA A 40 -4.73 9.51 -8.28
N TYR A 41 -4.23 8.43 -7.68
CA TYR A 41 -4.30 8.28 -6.24
C TYR A 41 -2.91 8.27 -5.61
N ASP A 42 -2.86 7.90 -4.34
CA ASP A 42 -1.60 7.85 -3.62
C ASP A 42 -1.30 6.40 -3.22
N VAL A 43 -0.28 5.85 -3.85
CA VAL A 43 0.12 4.48 -3.57
C VAL A 43 0.86 4.43 -2.24
N GLY A 44 0.55 3.39 -1.46
CA GLY A 44 1.18 3.22 -0.16
C GLY A 44 0.66 1.97 0.54
N GLN A 45 1.49 1.42 1.41
CA GLN A 45 1.12 0.22 2.15
C GLN A 45 0.53 0.60 3.50
N CYS A 46 -0.80 0.65 3.53
CA CYS A 46 -1.50 0.99 4.76
C CYS A 46 -2.16 -0.28 5.31
N ALA A 47 -2.55 -0.20 6.58
CA ALA A 47 -3.19 -1.33 7.23
C ALA A 47 -3.26 -1.07 8.74
N TRP A 48 -4.16 -1.77 9.39
CA TRP A 48 -4.32 -1.63 10.82
C TRP A 48 -3.15 -2.33 11.51
N VAL A 49 -2.39 -1.54 12.26
CA VAL A 49 -1.24 -2.07 12.97
C VAL A 49 -1.54 -2.09 14.47
N ASP A 50 -2.27 -1.08 14.91
CA ASP A 50 -2.63 -0.97 16.32
C ASP A 50 -3.96 -1.69 16.55
N THR A 51 -4.44 -1.59 17.78
CA THR A 51 -5.70 -2.21 18.14
C THR A 51 -6.82 -1.77 17.20
N GLY A 52 -6.90 -2.46 16.07
CA GLY A 52 -7.92 -2.15 15.08
C GLY A 52 -7.76 -0.72 14.56
N VAL A 53 -6.58 -0.16 14.80
CA VAL A 53 -6.29 1.20 14.37
C VAL A 53 -5.62 1.16 13.00
N LEU A 54 -6.23 1.84 12.04
CA LEU A 54 -5.70 1.89 10.70
C LEU A 54 -4.53 2.87 10.65
N ALA A 55 -3.34 2.32 10.43
CA ALA A 55 -2.14 3.14 10.37
C ALA A 55 -1.42 2.87 9.05
N CYS A 56 -0.89 3.94 8.47
CA CYS A 56 -0.17 3.83 7.21
C CYS A 56 1.31 4.09 7.47
N ASN A 57 2.15 3.46 6.66
CA ASN A 57 3.58 3.62 6.79
C ASN A 57 4.01 4.96 6.20
N PRO A 58 5.29 5.34 6.47
CA PRO A 58 5.82 6.60 5.97
C PRO A 58 6.14 6.49 4.48
N ALA A 59 6.07 5.27 3.98
CA ALA A 59 6.36 5.01 2.57
C ALA A 59 5.05 4.72 1.84
N ASP A 60 3.95 5.07 2.49
CA ASP A 60 2.64 4.85 1.91
C ASP A 60 2.26 6.05 1.03
N PHE A 61 3.22 6.94 0.88
CA PHE A 61 3.00 8.14 0.07
C PHE A 61 3.77 8.05 -1.25
N SER A 62 3.08 7.62 -2.28
CA SER A 62 3.68 7.49 -3.60
C SER A 62 2.62 7.72 -4.69
N SER A 63 2.40 8.98 -5.01
CA SER A 63 1.43 9.33 -6.02
C SER A 63 1.47 8.32 -7.17
N VAL A 64 0.29 8.05 -7.71
CA VAL A 64 0.19 7.11 -8.82
C VAL A 64 -1.07 7.41 -9.62
N THR A 65 -1.03 7.05 -10.90
CA THR A 65 -2.16 7.27 -11.79
C THR A 65 -2.37 6.07 -12.70
N ALA A 66 -3.64 5.75 -12.94
CA ALA A 66 -3.99 4.64 -13.79
C ALA A 66 -4.50 5.16 -15.12
N ASP A 67 -4.14 4.44 -16.18
CA ASP A 67 -4.55 4.82 -17.52
C ASP A 67 -6.07 4.72 -17.63
N ALA A 68 -6.62 5.44 -18.60
CA ALA A 68 -8.05 5.43 -18.82
C ALA A 68 -8.58 4.01 -18.68
N ASN A 69 -7.72 3.06 -18.98
CA ASN A 69 -8.08 1.65 -18.89
C ASN A 69 -7.82 1.15 -17.47
N GLY A 70 -8.02 2.05 -16.51
CA GLY A 70 -7.81 1.71 -15.12
C GLY A 70 -6.54 0.89 -14.94
N SER A 71 -5.50 1.29 -15.65
CA SER A 71 -4.21 0.61 -15.58
C SER A 71 -3.21 1.45 -14.79
N ALA A 72 -3.04 1.07 -13.53
CA ALA A 72 -2.12 1.79 -12.66
C ALA A 72 -0.84 0.96 -12.51
N SER A 73 0.04 1.11 -13.49
CA SER A 73 1.30 0.39 -13.47
C SER A 73 2.37 1.21 -12.74
N THR A 74 2.35 1.08 -11.42
CA THR A 74 3.30 1.80 -10.59
C THR A 74 4.34 0.85 -10.02
N SER A 75 5.45 1.43 -9.56
CA SER A 75 6.53 0.64 -9.01
C SER A 75 7.02 1.28 -7.70
N LEU A 76 7.20 0.44 -6.70
CA LEU A 76 7.67 0.91 -5.40
C LEU A 76 8.28 -0.27 -4.64
N THR A 77 8.89 0.06 -3.50
CA THR A 77 9.52 -0.96 -2.67
C THR A 77 8.68 -1.22 -1.42
N VAL A 78 8.61 -2.48 -1.04
CA VAL A 78 7.85 -2.89 0.12
C VAL A 78 8.74 -2.80 1.36
N ARG A 79 8.76 -1.61 1.95
CA ARG A 79 9.57 -1.39 3.14
C ARG A 79 8.77 -1.72 4.40
N ARG A 80 8.45 -3.01 4.53
CA ARG A 80 7.69 -3.47 5.67
C ARG A 80 8.15 -2.75 6.94
N SER A 81 9.41 -2.37 6.94
CA SER A 81 9.98 -1.67 8.08
C SER A 81 9.88 -0.15 7.88
N PHE A 82 9.51 0.54 8.95
CA PHE A 82 9.37 1.98 8.90
C PHE A 82 8.50 2.48 10.06
N GLU A 83 8.40 3.81 10.14
CA GLU A 83 7.62 4.43 11.19
C GLU A 83 6.19 4.69 10.70
N GLY A 84 5.28 3.84 11.16
CA GLY A 84 3.88 3.97 10.78
C GLY A 84 3.19 5.05 11.61
N PHE A 85 2.00 5.43 11.14
CA PHE A 85 1.23 6.46 11.83
C PHE A 85 -0.27 6.18 11.71
N LEU A 86 -0.99 6.54 12.76
CA LEU A 86 -2.43 6.33 12.79
C LEU A 86 -3.12 7.58 12.26
N PHE A 87 -4.24 7.36 11.58
CA PHE A 87 -5.01 8.45 11.01
C PHE A 87 -5.95 9.05 12.05
N ASP A 88 -6.09 8.34 13.17
CA ASP A 88 -6.95 8.80 14.24
C ASP A 88 -6.28 9.95 14.99
N GLY A 89 -4.98 9.78 15.23
CA GLY A 89 -4.21 10.80 15.92
C GLY A 89 -3.00 10.19 16.62
N THR A 90 -3.12 8.90 16.92
CA THR A 90 -2.04 8.18 17.59
C THR A 90 -0.91 7.88 16.60
N ARG A 91 0.20 7.44 17.16
CA ARG A 91 1.36 7.10 16.34
C ARG A 91 1.59 5.60 16.33
N TRP A 92 1.98 5.09 15.17
CA TRP A 92 2.23 3.67 15.02
C TRP A 92 3.74 3.44 15.18
N GLY A 93 4.44 3.58 14.07
CA GLY A 93 5.89 3.39 14.07
C GLY A 93 6.24 1.90 13.94
N THR A 94 6.85 1.38 14.99
CA THR A 94 7.24 -0.02 15.01
C THR A 94 8.58 -0.20 14.30
N VAL A 95 8.65 0.29 13.07
CA VAL A 95 9.86 0.19 12.28
C VAL A 95 9.89 -1.16 11.56
N ASP A 96 9.03 -2.06 12.02
CA ASP A 96 8.95 -3.38 11.43
C ASP A 96 7.49 -3.85 11.45
N CYS A 97 6.91 -3.94 10.26
CA CYS A 97 5.54 -4.38 10.13
C CYS A 97 5.53 -5.90 9.92
N THR A 98 5.94 -6.60 10.97
CA THR A 98 5.99 -8.05 10.92
C THR A 98 4.82 -8.64 11.71
N THR A 99 4.21 -7.80 12.53
CA THR A 99 3.09 -8.23 13.35
C THR A 99 1.78 -8.04 12.59
N ALA A 100 1.56 -6.81 12.13
CA ALA A 100 0.36 -6.48 11.39
C ALA A 100 0.60 -6.70 9.90
N ALA A 101 -0.48 -6.94 9.18
CA ALA A 101 -0.40 -7.17 7.75
C ALA A 101 -0.48 -5.83 7.02
N CYS A 102 0.58 -5.52 6.30
CA CYS A 102 0.64 -4.27 5.55
C CYS A 102 0.10 -4.53 4.14
N GLN A 103 -0.90 -3.74 3.78
CA GLN A 103 -1.52 -3.88 2.46
C GLN A 103 -1.09 -2.73 1.55
N VAL A 104 -0.51 -3.10 0.42
CA VAL A 104 -0.04 -2.12 -0.54
C VAL A 104 -1.18 -1.79 -1.51
N GLY A 105 -1.39 -0.50 -1.71
CA GLY A 105 -2.43 -0.03 -2.61
C GLY A 105 -2.49 1.50 -2.65
N LEU A 106 -3.30 2.01 -3.56
CA LEU A 106 -3.45 3.44 -3.72
C LEU A 106 -4.82 3.87 -3.17
N SER A 107 -4.80 4.96 -2.43
CA SER A 107 -6.03 5.49 -1.84
C SER A 107 -6.47 6.75 -2.60
N ASP A 108 -7.75 7.06 -2.46
CA ASP A 108 -8.31 8.22 -3.12
C ASP A 108 -7.74 9.49 -2.48
N ALA A 109 -7.87 10.59 -3.21
CA ALA A 109 -7.37 11.86 -2.72
C ALA A 109 -8.42 12.49 -1.78
N ALA A 110 -9.56 11.81 -1.69
CA ALA A 110 -10.63 12.29 -0.84
C ALA A 110 -10.37 11.87 0.60
N GLY A 111 -10.76 10.65 0.91
CA GLY A 111 -10.56 10.11 2.24
C GLY A 111 -11.06 8.66 2.34
N ASN A 112 -10.86 7.94 1.25
CA ASN A 112 -11.27 6.54 1.19
C ASN A 112 -10.32 5.77 0.28
N GLY A 113 -10.38 4.45 0.40
CA GLY A 113 -9.53 3.58 -0.41
C GLY A 113 -9.50 2.16 0.16
N PRO A 114 -10.57 1.38 -0.18
CA PRO A 114 -10.66 0.01 0.30
C PRO A 114 -9.71 -0.90 -0.47
N GLU A 115 -9.08 -0.32 -1.49
CA GLU A 115 -8.14 -1.07 -2.31
C GLU A 115 -6.82 -1.27 -1.56
N GLY A 116 -6.20 -2.42 -1.80
CA GLY A 116 -4.94 -2.74 -1.17
C GLY A 116 -4.87 -4.23 -0.83
N VAL A 117 -3.75 -4.84 -1.22
CA VAL A 117 -3.55 -6.25 -0.95
C VAL A 117 -2.52 -6.42 0.17
N ALA A 118 -2.85 -7.31 1.09
CA ALA A 118 -1.98 -7.57 2.23
C ALA A 118 -0.72 -8.29 1.74
N ILE A 119 0.31 -7.50 1.47
CA ILE A 119 1.57 -8.05 0.99
C ILE A 119 2.57 -8.07 2.14
N SER A 120 3.41 -9.11 2.14
CA SER A 120 4.42 -9.25 3.18
C SER A 120 4.83 -10.72 3.30
N PHE A 121 3.83 -11.56 3.52
CA PHE A 121 4.07 -12.98 3.66
C PHE A 121 2.75 -13.76 3.69
N ASN A 122 2.88 -15.08 3.66
CA ASN A 122 1.71 -15.95 3.68
C ASN A 122 1.06 -15.89 5.06
C1 NCZ B . -5.54 2.48 3.83
C6 NCZ B . -4.68 3.48 3.34
C5 NCZ B . -3.96 3.23 2.15
C7 NCZ B . -3.08 4.17 1.63
C8 NCZ B . -2.89 5.35 2.30
C9 NCZ B . -3.59 5.62 3.49
C10 NCZ B . -4.54 4.70 4.01
C11 NCZ B . -5.56 5.16 4.94
O3 NCZ B . -5.34 6.15 5.65
O4 NCZ B . -6.85 4.51 5.14
C12 NCZ B . -8.00 4.96 4.34
C13 NCZ B . -8.11 4.20 3.02
C14 NCZ B . -7.52 4.90 2.04
C15 NCZ B . -7.17 6.28 2.45
C16 NCZ B . -7.76 6.41 3.87
O6 NCZ B . -8.99 7.17 3.78
O5 NCZ B . -9.49 4.00 2.69
O2 NCZ B . -3.34 6.87 4.11
C4 NCZ B . -4.16 2.03 1.50
C3 NCZ B . -5.02 1.07 2.01
C2 NCZ B . -5.71 1.29 3.18
O1 NCZ B . -6.55 0.29 3.66
C17 NCZ B . -7.64 0.49 4.59
C18 NCZ B . -3.47 1.70 0.21
H1 NCZ B . -6.07 2.66 4.75
H7 NCZ B . -2.56 3.98 0.70
H8 NCZ B . -2.19 6.10 1.91
H12 NCZ B . -7.54 5.80 6.64
H13 NCZ B . -7.62 3.23 3.11
H14 NCZ B . -7.32 4.49 1.05
H15 NCZ B . -6.63 7.03 1.87
H16 NCZ B . -7.03 6.93 4.48
H6 NCZ B . -9.46 6.97 2.88
H5 NCZ B . -9.92 3.50 3.38
H2 NCZ B . -4.17 7.46 4.05
H3 NCZ B . -5.16 0.13 1.48
H171 NCZ B . -8.13 -0.46 4.78
H172 NCZ B . -7.24 0.91 5.52
H173 NCZ B . -8.36 1.19 4.17
H181 NCZ B . -2.51 2.23 0.17
H182 NCZ B . -3.29 0.62 0.16
H183 NCZ B . -4.09 2.01 -0.63
N ALA A 10 -4.82 -11.42 -11.56
CA ALA A 10 -5.59 -11.19 -12.77
C ALA A 10 -5.79 -9.68 -12.95
N ALA A 11 -6.98 -9.22 -12.57
CA ALA A 11 -7.32 -7.82 -12.69
C ALA A 11 -7.70 -7.28 -11.31
N PRO A 12 -6.96 -7.75 -10.28
CA PRO A 12 -7.22 -7.32 -8.91
C PRO A 12 -6.70 -5.90 -8.68
N THR A 13 -7.12 -5.00 -9.55
CA THR A 13 -6.71 -3.61 -9.45
C THR A 13 -5.19 -3.52 -9.22
N ALA A 14 -4.83 -2.83 -8.15
CA ALA A 14 -3.42 -2.67 -7.81
C ALA A 14 -2.94 -3.90 -7.04
N THR A 15 -1.92 -4.54 -7.58
CA THR A 15 -1.35 -5.72 -6.96
C THR A 15 0.17 -5.75 -7.15
N VAL A 16 0.84 -6.29 -6.15
CA VAL A 16 2.29 -6.40 -6.19
C VAL A 16 2.70 -7.69 -6.90
N THR A 17 3.34 -7.53 -8.05
CA THR A 17 3.79 -8.67 -8.83
C THR A 17 4.28 -9.79 -7.90
N PRO A 18 5.39 -9.48 -7.16
CA PRO A 18 5.96 -10.45 -6.25
C PRO A 18 5.11 -10.58 -4.98
N SER A 19 5.77 -10.99 -3.91
CA SER A 19 5.09 -11.17 -2.64
C SER A 19 5.45 -10.02 -1.69
N SER A 20 6.62 -9.44 -1.94
CA SER A 20 7.10 -8.33 -1.12
C SER A 20 6.99 -8.70 0.36
N GLY A 21 7.38 -7.76 1.20
CA GLY A 21 7.33 -7.95 2.64
C GLY A 21 8.52 -8.78 3.11
N LEU A 22 8.79 -9.86 2.39
CA LEU A 22 9.90 -10.74 2.73
C LEU A 22 11.12 -9.90 3.09
N SER A 23 11.24 -8.76 2.41
CA SER A 23 12.35 -7.86 2.65
C SER A 23 11.83 -6.44 2.88
N ASP A 24 12.09 -5.95 4.08
CA ASP A 24 11.65 -4.60 4.44
C ASP A 24 12.28 -3.59 3.48
N GLY A 25 11.69 -3.51 2.30
CA GLY A 25 12.18 -2.59 1.28
C GLY A 25 12.41 -3.31 -0.04
N THR A 26 11.49 -4.20 -0.37
CA THR A 26 11.58 -4.97 -1.60
C THR A 26 10.91 -4.20 -2.75
N VAL A 27 11.70 -3.94 -3.78
CA VAL A 27 11.21 -3.22 -4.93
C VAL A 27 10.31 -4.15 -5.76
N VAL A 28 9.07 -3.70 -5.95
CA VAL A 28 8.10 -4.48 -6.71
C VAL A 28 7.35 -3.55 -7.66
N LYS A 29 6.49 -4.15 -8.47
CA LYS A 29 5.70 -3.39 -9.43
C LYS A 29 4.22 -3.58 -9.11
N VAL A 30 3.57 -2.48 -8.74
CA VAL A 30 2.16 -2.51 -8.42
C VAL A 30 1.34 -2.22 -9.68
N ALA A 31 0.84 -3.30 -10.26
CA ALA A 31 0.04 -3.19 -11.47
C ALA A 31 -1.44 -2.98 -11.09
N GLY A 32 -1.99 -1.89 -11.60
CA GLY A 32 -3.37 -1.56 -11.33
C GLY A 32 -4.27 -1.89 -12.52
N ALA A 33 -5.05 -2.96 -12.36
CA ALA A 33 -5.95 -3.38 -13.42
C ALA A 33 -7.38 -3.00 -13.05
N GLY A 34 -7.82 -1.89 -13.63
CA GLY A 34 -9.17 -1.39 -13.38
C GLY A 34 -9.24 -0.67 -12.03
N LEU A 35 -8.19 0.09 -11.74
CA LEU A 35 -8.12 0.84 -10.50
C LEU A 35 -8.76 2.21 -10.70
N GLN A 36 -7.98 3.24 -10.44
CA GLN A 36 -8.46 4.60 -10.58
C GLN A 36 -9.36 4.73 -11.82
N ALA A 37 -9.10 3.85 -12.78
CA ALA A 37 -9.88 3.85 -14.01
C ALA A 37 -9.69 5.19 -14.72
N GLY A 38 -8.56 5.83 -14.46
CA GLY A 38 -8.25 7.11 -15.07
C GLY A 38 -7.93 8.16 -13.99
N THR A 39 -8.31 7.83 -12.77
CA THR A 39 -8.07 8.74 -11.65
C THR A 39 -6.64 8.57 -11.12
N ALA A 40 -6.41 9.14 -9.95
CA ALA A 40 -5.10 9.06 -9.32
C ALA A 40 -5.26 9.10 -7.80
N TYR A 41 -4.34 8.42 -7.12
CA TYR A 41 -4.37 8.38 -5.68
C TYR A 41 -2.96 8.23 -5.10
N ASP A 42 -2.90 8.02 -3.80
CA ASP A 42 -1.63 7.85 -3.12
C ASP A 42 -1.36 6.37 -2.88
N VAL A 43 -0.34 5.86 -3.56
CA VAL A 43 0.03 4.47 -3.43
C VAL A 43 0.88 4.28 -2.18
N GLY A 44 0.62 3.18 -1.48
CA GLY A 44 1.36 2.88 -0.26
C GLY A 44 0.75 1.68 0.46
N GLN A 45 1.55 1.07 1.33
CA GLN A 45 1.10 -0.07 2.09
C GLN A 45 0.51 0.37 3.43
N CYS A 46 -0.81 0.39 3.48
CA CYS A 46 -1.52 0.79 4.68
C CYS A 46 -2.10 -0.47 5.33
N ALA A 47 -2.28 -0.38 6.64
CA ALA A 47 -2.84 -1.49 7.39
C ALA A 47 -2.93 -1.12 8.87
N TRP A 48 -3.79 -1.84 9.58
CA TRP A 48 -3.98 -1.59 11.00
C TRP A 48 -2.69 -1.97 11.73
N VAL A 49 -2.03 -0.96 12.26
CA VAL A 49 -0.79 -1.18 12.99
C VAL A 49 -1.06 -1.12 14.50
N ASP A 50 -1.75 -0.05 14.90
CA ASP A 50 -2.08 0.14 16.29
C ASP A 50 -3.45 -0.49 16.58
N THR A 51 -3.76 -0.58 17.87
CA THR A 51 -5.03 -1.16 18.28
C THR A 51 -6.13 -0.81 17.28
N GLY A 52 -6.46 -1.79 16.45
CA GLY A 52 -7.49 -1.61 15.45
C GLY A 52 -7.40 -0.21 14.82
N VAL A 53 -6.19 0.34 14.85
CA VAL A 53 -5.97 1.66 14.29
C VAL A 53 -5.31 1.53 12.92
N LEU A 54 -5.96 2.09 11.92
CA LEU A 54 -5.46 2.04 10.56
C LEU A 54 -4.27 3.01 10.42
N ALA A 55 -3.09 2.43 10.29
CA ALA A 55 -1.88 3.23 10.15
C ALA A 55 -1.20 2.88 8.83
N CYS A 56 -0.65 3.90 8.19
CA CYS A 56 0.04 3.72 6.92
C CYS A 56 1.54 3.81 7.19
N ASN A 57 2.31 3.23 6.26
CA ASN A 57 3.75 3.24 6.36
C ASN A 57 4.29 4.57 5.84
N PRO A 58 5.58 4.85 6.18
CA PRO A 58 6.22 6.08 5.75
C PRO A 58 6.59 6.02 4.26
N ALA A 59 6.56 4.80 3.73
CA ALA A 59 6.88 4.59 2.33
C ALA A 59 5.59 4.32 1.55
N ASP A 60 4.48 4.59 2.20
CA ASP A 60 3.18 4.38 1.59
C ASP A 60 2.75 5.66 0.85
N PHE A 61 3.72 6.57 0.71
CA PHE A 61 3.47 7.82 0.03
C PHE A 61 4.10 7.83 -1.35
N SER A 62 3.35 7.34 -2.32
CA SER A 62 3.84 7.29 -3.70
C SER A 62 2.67 7.47 -4.67
N SER A 63 2.37 8.72 -4.96
CA SER A 63 1.28 9.04 -5.87
C SER A 63 1.23 8.02 -7.00
N VAL A 64 0.03 7.82 -7.52
CA VAL A 64 -0.18 6.86 -8.60
C VAL A 64 -1.42 7.26 -9.40
N THR A 65 -1.45 6.82 -10.65
CA THR A 65 -2.57 7.12 -11.52
C THR A 65 -2.83 5.95 -12.47
N ALA A 66 -4.09 5.55 -12.54
CA ALA A 66 -4.49 4.45 -13.41
C ALA A 66 -4.94 5.01 -14.76
N ASP A 67 -4.28 4.54 -15.80
CA ASP A 67 -4.60 4.98 -17.15
C ASP A 67 -6.11 4.86 -17.38
N ALA A 68 -6.57 5.49 -18.45
CA ALA A 68 -7.98 5.46 -18.78
C ALA A 68 -8.54 4.07 -18.49
N ASN A 69 -7.75 3.06 -18.85
CA ASN A 69 -8.16 1.69 -18.63
C ASN A 69 -7.74 1.25 -17.22
N GLY A 70 -7.88 2.18 -16.29
CA GLY A 70 -7.52 1.92 -14.90
C GLY A 70 -6.19 1.15 -14.82
N SER A 71 -5.27 1.55 -15.68
CA SER A 71 -3.95 0.93 -15.71
C SER A 71 -2.97 1.72 -14.86
N ALA A 72 -2.90 1.35 -13.59
CA ALA A 72 -2.01 2.02 -12.66
C ALA A 72 -0.82 1.11 -12.36
N SER A 73 0.14 1.11 -13.29
CA SER A 73 1.33 0.30 -13.13
C SER A 73 2.45 1.13 -12.49
N THR A 74 2.37 1.24 -11.18
CA THR A 74 3.36 2.00 -10.43
C THR A 74 4.26 1.05 -9.64
N SER A 75 5.56 1.28 -9.76
CA SER A 75 6.53 0.47 -9.05
C SER A 75 7.07 1.21 -7.83
N LEU A 76 7.18 0.47 -6.74
CA LEU A 76 7.68 1.05 -5.50
C LEU A 76 8.31 -0.05 -4.64
N THR A 77 8.83 0.36 -3.49
CA THR A 77 9.46 -0.58 -2.58
C THR A 77 8.53 -0.86 -1.39
N VAL A 78 8.31 -2.15 -1.16
CA VAL A 78 7.46 -2.57 -0.06
C VAL A 78 8.29 -2.72 1.21
N ARG A 79 8.40 -1.62 1.94
CA ARG A 79 9.17 -1.61 3.18
C ARG A 79 8.26 -1.92 4.37
N ARG A 80 8.23 -3.18 4.74
CA ARG A 80 7.40 -3.62 5.86
C ARG A 80 7.88 -2.94 7.16
N SER A 81 9.18 -2.82 7.28
CA SER A 81 9.77 -2.20 8.46
C SER A 81 9.88 -0.69 8.25
N PHE A 82 9.40 0.04 9.25
CA PHE A 82 9.43 1.50 9.18
C PHE A 82 8.48 2.11 10.21
N GLU A 83 8.55 3.44 10.31
CA GLU A 83 7.70 4.15 11.25
C GLU A 83 6.30 4.34 10.66
N GLY A 84 5.32 3.77 11.34
CA GLY A 84 3.94 3.87 10.88
C GLY A 84 3.25 5.08 11.51
N PHE A 85 2.14 5.47 10.90
CA PHE A 85 1.38 6.62 11.37
C PHE A 85 -0.12 6.31 11.37
N LEU A 86 -0.78 6.74 12.44
CA LEU A 86 -2.21 6.53 12.57
C LEU A 86 -2.95 7.44 11.58
N PHE A 87 -4.13 6.99 11.19
CA PHE A 87 -4.95 7.75 10.26
C PHE A 87 -5.67 8.90 10.96
N ASP A 88 -5.82 8.74 12.28
CA ASP A 88 -6.48 9.75 13.08
C ASP A 88 -5.77 11.09 12.91
N GLY A 89 -4.46 11.05 13.13
CA GLY A 89 -3.64 12.25 13.01
C GLY A 89 -2.28 12.05 13.66
N THR A 90 -2.25 11.17 14.66
CA THR A 90 -1.02 10.89 15.37
C THR A 90 -0.22 9.80 14.65
N ARG A 91 0.97 9.56 15.16
CA ARG A 91 1.85 8.55 14.56
C ARG A 91 2.11 7.42 15.56
N TRP A 92 2.33 6.23 15.01
CA TRP A 92 2.60 5.07 15.84
C TRP A 92 4.09 4.75 15.74
N GLY A 93 4.43 3.95 14.73
CA GLY A 93 5.80 3.55 14.52
C GLY A 93 5.90 2.08 14.15
N THR A 94 6.28 1.28 15.14
CA THR A 94 6.42 -0.15 14.94
C THR A 94 7.81 -0.49 14.42
N VAL A 95 8.12 0.06 13.25
CA VAL A 95 9.42 -0.17 12.63
C VAL A 95 9.41 -1.53 11.94
N ASP A 96 8.47 -2.36 12.35
CA ASP A 96 8.35 -3.70 11.79
C ASP A 96 6.87 -4.06 11.65
N CYS A 97 6.40 -4.00 10.41
CA CYS A 97 5.01 -4.31 10.13
C CYS A 97 4.90 -5.81 9.86
N THR A 98 5.50 -6.59 10.74
CA THR A 98 5.47 -8.03 10.60
C THR A 98 4.28 -8.63 11.35
N THR A 99 3.71 -7.81 12.23
CA THR A 99 2.56 -8.23 13.01
C THR A 99 1.26 -7.97 12.25
N ALA A 100 1.11 -6.72 11.82
CA ALA A 100 -0.08 -6.32 11.08
C ALA A 100 0.18 -6.52 9.59
N ALA A 101 -0.81 -7.10 8.92
CA ALA A 101 -0.72 -7.35 7.49
C ALA A 101 -0.75 -6.01 6.74
N CYS A 102 0.37 -5.69 6.12
CA CYS A 102 0.48 -4.44 5.37
C CYS A 102 -0.02 -4.70 3.95
N GLN A 103 -1.02 -3.92 3.56
CA GLN A 103 -1.60 -4.03 2.24
C GLN A 103 -1.13 -2.90 1.35
N VAL A 104 -0.52 -3.27 0.23
CA VAL A 104 -0.01 -2.29 -0.72
C VAL A 104 -1.14 -1.90 -1.68
N GLY A 105 -1.57 -0.65 -1.55
CA GLY A 105 -2.63 -0.13 -2.40
C GLY A 105 -2.64 1.40 -2.40
N LEU A 106 -3.55 1.96 -3.19
CA LEU A 106 -3.68 3.39 -3.28
C LEU A 106 -4.94 3.84 -2.55
N SER A 107 -4.74 4.78 -1.62
CA SER A 107 -5.86 5.30 -0.85
C SER A 107 -6.53 6.46 -1.60
N ASP A 108 -7.79 6.68 -1.29
CA ASP A 108 -8.55 7.74 -1.92
C ASP A 108 -8.19 9.07 -1.26
N ALA A 109 -8.48 10.14 -2.00
CA ALA A 109 -8.19 11.48 -1.50
C ALA A 109 -9.37 11.99 -0.68
N ALA A 110 -10.29 11.06 -0.39
CA ALA A 110 -11.46 11.40 0.39
C ALA A 110 -11.30 10.85 1.82
N GLY A 111 -11.44 9.54 1.93
CA GLY A 111 -11.31 8.90 3.23
C GLY A 111 -11.99 7.52 3.22
N ASN A 112 -11.68 6.76 2.19
CA ASN A 112 -12.25 5.43 2.04
C ASN A 112 -11.12 4.39 1.98
N GLY A 113 -11.48 3.14 2.23
CA GLY A 113 -10.52 2.06 2.20
C GLY A 113 -10.76 1.14 1.01
N PRO A 114 -9.96 1.37 -0.07
CA PRO A 114 -10.09 0.57 -1.28
C PRO A 114 -9.47 -0.82 -1.08
N GLU A 115 -9.22 -1.49 -2.19
CA GLU A 115 -8.63 -2.82 -2.15
C GLU A 115 -7.11 -2.73 -2.20
N GLY A 116 -6.47 -3.54 -1.36
CA GLY A 116 -5.02 -3.56 -1.29
C GLY A 116 -4.50 -4.99 -1.37
N VAL A 117 -3.22 -5.10 -1.72
CA VAL A 117 -2.58 -6.40 -1.84
C VAL A 117 -1.86 -6.73 -0.53
N ALA A 118 -2.32 -7.80 0.10
CA ALA A 118 -1.74 -8.23 1.36
C ALA A 118 -0.28 -8.67 1.11
N ILE A 119 0.62 -7.72 1.29
CA ILE A 119 2.04 -8.00 1.10
C ILE A 119 2.57 -8.80 2.29
N SER A 120 3.71 -9.44 2.08
CA SER A 120 4.33 -10.23 3.12
C SER A 120 5.29 -11.25 2.49
N PHE A 121 4.72 -12.25 1.86
CA PHE A 121 5.51 -13.29 1.22
C PHE A 121 4.62 -14.34 0.56
N ASN A 122 5.19 -15.05 -0.39
CA ASN A 122 4.45 -16.09 -1.10
C ASN A 122 3.92 -17.10 -0.09
C1 NCZ B . -5.54 2.41 3.81
C6 NCZ B . -4.61 3.23 3.16
C5 NCZ B . -3.94 2.73 2.01
C7 NCZ B . -2.99 3.49 1.34
C8 NCZ B . -2.67 4.75 1.83
C9 NCZ B . -3.31 5.26 2.96
C10 NCZ B . -4.33 4.53 3.63
C11 NCZ B . -5.27 5.22 4.48
O3 NCZ B . -4.95 6.28 5.02
O4 NCZ B . -6.63 4.74 4.78
C12 NCZ B . -7.50 5.56 5.63
C13 NCZ B . -8.47 4.71 6.44
C14 NCZ B . -9.66 4.67 5.79
C15 NCZ B . -9.74 5.61 4.65
C16 NCZ B . -8.42 6.41 4.74
O6 NCZ B . -8.72 7.71 5.33
O5 NCZ B . -8.68 5.31 7.72
O2 NCZ B . -2.93 6.55 3.38
C4 NCZ B . -4.26 1.46 1.56
C3 NCZ B . -5.20 0.69 2.22
C2 NCZ B . -5.84 1.15 3.35
O1 NCZ B . -6.76 0.33 3.98
C17 NCZ B . -7.80 0.78 4.88
C18 NCZ B . -3.63 0.88 0.33
H1 NCZ B . -6.05 2.78 4.69
H7 NCZ B . -2.50 3.10 0.45
H8 NCZ B . -1.92 5.34 1.32
H12 NCZ B . -7.15 6.31 6.07
H13 NCZ B . -8.08 3.70 6.55
H14 NCZ B . -10.46 3.99 6.08
H15 NCZ B . -10.54 5.72 3.93
H16 NCZ B . -8.03 6.53 3.73
H6 NCZ B . -9.48 7.61 6.01
H5 NCZ B . -7.84 5.35 8.19
H2 NCZ B . -3.70 7.21 3.22
H3 NCZ B . -5.44 -0.30 1.84
H171 NCZ B . -8.38 -0.08 5.22
H172 NCZ B . -7.36 1.28 5.73
H173 NCZ B . -8.46 1.47 4.35
H181 NCZ B . -4.24 1.11 -0.53
H182 NCZ B . -2.64 1.29 0.20
H183 NCZ B . -3.56 -0.20 0.45
N ALA A 10 -4.49 -11.27 -14.46
CA ALA A 10 -3.64 -10.59 -13.50
C ALA A 10 -4.32 -10.59 -12.13
N ALA A 11 -3.79 -9.75 -11.24
CA ALA A 11 -4.34 -9.63 -9.90
C ALA A 11 -5.32 -8.47 -9.85
N PRO A 12 -6.28 -8.56 -8.89
CA PRO A 12 -7.28 -7.53 -8.72
C PRO A 12 -6.68 -6.28 -8.07
N THR A 13 -6.99 -5.13 -8.66
CA THR A 13 -6.49 -3.87 -8.15
C THR A 13 -4.97 -3.93 -7.97
N ALA A 14 -4.41 -2.80 -7.56
CA ALA A 14 -2.98 -2.70 -7.36
C ALA A 14 -2.49 -3.95 -6.60
N THR A 15 -1.41 -4.52 -7.11
CA THR A 15 -0.84 -5.71 -6.49
C THR A 15 0.66 -5.76 -6.75
N VAL A 16 1.38 -6.27 -5.75
CA VAL A 16 2.83 -6.39 -5.85
C VAL A 16 3.18 -7.66 -6.61
N THR A 17 4.01 -7.48 -7.64
CA THR A 17 4.43 -8.61 -8.46
C THR A 17 4.66 -9.84 -7.59
N PRO A 18 5.58 -9.68 -6.59
CA PRO A 18 5.90 -10.78 -5.69
C PRO A 18 4.79 -11.00 -4.67
N SER A 19 5.13 -11.68 -3.60
CA SER A 19 4.17 -11.96 -2.55
C SER A 19 4.85 -11.87 -1.17
N SER A 20 6.01 -12.50 -1.08
CA SER A 20 6.76 -12.49 0.16
C SER A 20 7.31 -11.09 0.43
N GLY A 21 6.38 -10.17 0.65
CA GLY A 21 6.75 -8.79 0.92
C GLY A 21 7.84 -8.71 1.99
N LEU A 22 7.96 -9.79 2.76
CA LEU A 22 8.95 -9.86 3.82
C LEU A 22 10.34 -9.86 3.20
N SER A 23 10.69 -8.74 2.58
CA SER A 23 11.99 -8.59 1.95
C SER A 23 12.53 -7.18 2.19
N ASP A 24 13.72 -7.14 2.77
CA ASP A 24 14.36 -5.87 3.06
C ASP A 24 14.04 -4.88 1.95
N GLY A 25 13.00 -4.10 2.18
CA GLY A 25 12.57 -3.10 1.20
C GLY A 25 12.63 -3.67 -0.22
N THR A 26 11.73 -4.62 -0.48
CA THR A 26 11.67 -5.25 -1.79
C THR A 26 11.05 -4.29 -2.82
N VAL A 27 11.80 -4.03 -3.87
CA VAL A 27 11.33 -3.14 -4.92
C VAL A 27 10.75 -3.98 -6.07
N VAL A 28 9.49 -3.67 -6.39
CA VAL A 28 8.81 -4.38 -7.46
C VAL A 28 7.79 -3.44 -8.12
N LYS A 29 6.96 -4.02 -8.96
CA LYS A 29 5.94 -3.25 -9.66
C LYS A 29 4.57 -3.51 -9.01
N VAL A 30 3.79 -2.45 -8.93
CA VAL A 30 2.46 -2.54 -8.34
C VAL A 30 1.41 -2.20 -9.39
N ALA A 31 0.95 -3.23 -10.08
CA ALA A 31 -0.06 -3.05 -11.12
C ALA A 31 -1.45 -3.23 -10.51
N GLY A 32 -2.32 -2.27 -10.81
CA GLY A 32 -3.68 -2.31 -10.30
C GLY A 32 -4.70 -2.15 -11.44
N ALA A 33 -5.28 -3.26 -11.82
CA ALA A 33 -6.27 -3.26 -12.89
C ALA A 33 -7.66 -2.96 -12.30
N GLY A 34 -8.21 -1.82 -12.69
CA GLY A 34 -9.52 -1.43 -12.22
C GLY A 34 -9.42 -0.82 -10.81
N LEU A 35 -8.33 -0.13 -10.57
CA LEU A 35 -8.11 0.50 -9.27
C LEU A 35 -9.00 1.73 -9.16
N GLN A 36 -8.39 2.89 -9.39
CA GLN A 36 -9.13 4.14 -9.31
C GLN A 36 -9.86 4.42 -10.62
N ALA A 37 -9.89 3.40 -11.47
CA ALA A 37 -10.55 3.52 -12.75
C ALA A 37 -9.69 4.36 -13.70
N GLY A 38 -8.58 4.86 -13.14
CA GLY A 38 -7.67 5.68 -13.91
C GLY A 38 -7.44 7.03 -13.23
N THR A 39 -8.13 7.22 -12.12
CA THR A 39 -8.00 8.45 -11.36
C THR A 39 -6.55 8.65 -10.89
N ALA A 40 -6.42 9.39 -9.80
CA ALA A 40 -5.10 9.66 -9.24
C ALA A 40 -5.18 9.57 -7.71
N TYR A 41 -4.56 8.53 -7.18
CA TYR A 41 -4.55 8.31 -5.75
C TYR A 41 -3.11 8.31 -5.21
N ASP A 42 -3.00 7.97 -3.92
CA ASP A 42 -1.70 7.93 -3.28
C ASP A 42 -1.34 6.47 -2.96
N VAL A 43 -0.30 5.99 -3.62
CA VAL A 43 0.16 4.63 -3.42
C VAL A 43 0.91 4.54 -2.09
N GLY A 44 0.64 3.47 -1.36
CA GLY A 44 1.29 3.25 -0.08
C GLY A 44 0.77 1.98 0.59
N GLN A 45 1.62 1.39 1.43
CA GLN A 45 1.26 0.17 2.13
C GLN A 45 0.68 0.51 3.50
N CYS A 46 -0.65 0.56 3.55
CA CYS A 46 -1.34 0.87 4.79
C CYS A 46 -1.95 -0.42 5.33
N ALA A 47 -2.18 -0.43 6.64
CA ALA A 47 -2.75 -1.59 7.30
C ALA A 47 -2.81 -1.33 8.81
N TRP A 48 -3.61 -2.16 9.47
CA TRP A 48 -3.77 -2.03 10.91
C TRP A 48 -2.48 -2.49 11.57
N VAL A 49 -1.85 -1.54 12.27
CA VAL A 49 -0.60 -1.83 12.96
C VAL A 49 -0.87 -2.01 14.45
N ASP A 50 -1.62 -1.06 15.01
CA ASP A 50 -1.95 -1.10 16.42
C ASP A 50 -3.20 -1.96 16.61
N THR A 51 -3.85 -1.75 17.76
CA THR A 51 -5.05 -2.50 18.07
C THR A 51 -6.18 -2.13 17.11
N GLY A 52 -6.13 -2.74 15.93
CA GLY A 52 -7.14 -2.48 14.92
C GLY A 52 -7.05 -1.05 14.40
N VAL A 53 -5.97 -0.39 14.79
CA VAL A 53 -5.76 0.99 14.37
C VAL A 53 -5.09 1.00 12.99
N LEU A 54 -5.84 1.47 12.01
CA LEU A 54 -5.34 1.54 10.65
C LEU A 54 -4.23 2.58 10.57
N ALA A 55 -3.00 2.08 10.43
CA ALA A 55 -1.84 2.95 10.34
C ALA A 55 -1.11 2.69 9.02
N CYS A 56 -0.59 3.77 8.45
CA CYS A 56 0.13 3.67 7.20
C CYS A 56 1.61 3.92 7.47
N ASN A 57 2.44 3.32 6.64
CA ASN A 57 3.88 3.46 6.78
C ASN A 57 4.32 4.82 6.24
N PRO A 58 5.61 5.15 6.47
CA PRO A 58 6.16 6.42 6.02
C PRO A 58 6.40 6.40 4.51
N ALA A 59 6.33 5.21 3.95
CA ALA A 59 6.53 5.04 2.52
C ALA A 59 5.19 4.75 1.84
N ASP A 60 4.12 5.08 2.56
CA ASP A 60 2.78 4.86 2.04
C ASP A 60 2.34 6.09 1.25
N PHE A 61 3.27 7.02 1.09
CA PHE A 61 2.99 8.24 0.35
C PHE A 61 3.70 8.24 -1.00
N SER A 62 2.98 7.82 -2.02
CA SER A 62 3.53 7.76 -3.36
C SER A 62 2.44 8.06 -4.39
N SER A 63 2.16 9.34 -4.55
CA SER A 63 1.14 9.77 -5.50
C SER A 63 1.32 9.04 -6.83
N VAL A 64 0.21 8.54 -7.36
CA VAL A 64 0.23 7.82 -8.62
C VAL A 64 -1.18 7.83 -9.22
N THR A 65 -1.23 7.48 -10.50
CA THR A 65 -2.51 7.44 -11.21
C THR A 65 -2.63 6.14 -12.00
N ALA A 66 -3.87 5.79 -12.30
CA ALA A 66 -4.15 4.57 -13.05
C ALA A 66 -4.45 4.93 -14.51
N ASP A 67 -4.15 3.99 -15.39
CA ASP A 67 -4.38 4.20 -16.81
C ASP A 67 -5.88 4.23 -17.07
N ALA A 68 -6.24 4.76 -18.23
CA ALA A 68 -7.64 4.85 -18.63
C ALA A 68 -8.38 3.60 -18.15
N ASN A 69 -7.72 2.47 -18.30
CA ASN A 69 -8.31 1.20 -17.90
C ASN A 69 -7.99 0.94 -16.43
N GLY A 70 -8.03 2.02 -15.65
CA GLY A 70 -7.76 1.93 -14.23
C GLY A 70 -6.58 1.00 -13.95
N SER A 71 -5.54 1.16 -14.76
CA SER A 71 -4.35 0.34 -14.63
C SER A 71 -3.22 1.16 -14.00
N ALA A 72 -3.03 0.96 -12.71
CA ALA A 72 -1.99 1.68 -11.98
C ALA A 72 -0.77 0.78 -11.83
N SER A 73 0.19 0.97 -12.72
CA SER A 73 1.41 0.18 -12.70
C SER A 73 2.57 1.03 -12.17
N THR A 74 2.57 1.21 -10.85
CA THR A 74 3.62 1.99 -10.21
C THR A 74 4.55 1.08 -9.41
N SER A 75 5.83 1.39 -9.48
CA SER A 75 6.83 0.62 -8.77
C SER A 75 7.05 1.20 -7.37
N LEU A 76 7.07 0.31 -6.38
CA LEU A 76 7.27 0.72 -5.01
C LEU A 76 8.10 -0.33 -4.28
N THR A 77 8.60 0.05 -3.11
CA THR A 77 9.42 -0.85 -2.31
C THR A 77 8.61 -1.37 -1.11
N VAL A 78 8.87 -2.61 -0.76
CA VAL A 78 8.18 -3.23 0.36
C VAL A 78 8.98 -2.98 1.64
N ARG A 79 8.73 -1.83 2.24
CA ARG A 79 9.42 -1.46 3.46
C ARG A 79 8.66 -2.00 4.67
N ARG A 80 8.79 -3.30 4.90
CA ARG A 80 8.13 -3.94 6.02
C ARG A 80 8.47 -3.22 7.32
N SER A 81 9.67 -2.66 7.36
CA SER A 81 10.13 -1.95 8.54
C SER A 81 10.13 -0.44 8.26
N PHE A 82 9.51 0.29 9.19
CA PHE A 82 9.44 1.74 9.05
C PHE A 82 8.29 2.30 9.90
N GLU A 83 8.64 3.26 10.75
CA GLU A 83 7.65 3.89 11.60
C GLU A 83 6.77 4.85 10.80
N GLY A 84 5.51 4.49 10.68
CA GLY A 84 4.56 5.30 9.94
C GLY A 84 3.64 6.08 10.90
N PHE A 85 2.42 6.30 10.45
CA PHE A 85 1.45 7.02 11.24
C PHE A 85 0.15 6.23 11.38
N LEU A 86 -0.54 6.46 12.49
CA LEU A 86 -1.79 5.76 12.76
C LEU A 86 -2.94 6.59 12.19
N PHE A 87 -4.12 5.99 12.22
CA PHE A 87 -5.32 6.65 11.72
C PHE A 87 -5.56 7.97 12.45
N ASP A 88 -5.11 8.01 13.69
CA ASP A 88 -5.29 9.20 14.51
C ASP A 88 -4.31 10.27 14.04
N GLY A 89 -3.02 9.96 14.15
CA GLY A 89 -1.99 10.89 13.74
C GLY A 89 -0.62 10.46 14.27
N THR A 90 -0.65 9.78 15.40
CA THR A 90 0.57 9.30 16.03
C THR A 90 1.55 8.79 14.96
N ARG A 91 2.82 8.83 15.30
CA ARG A 91 3.87 8.39 14.40
C ARG A 91 4.24 6.93 14.68
N TRP A 92 3.33 6.04 14.33
CA TRP A 92 3.54 4.61 14.55
C TRP A 92 3.70 3.94 13.18
N GLY A 93 2.56 3.63 12.58
CA GLY A 93 2.55 2.98 11.27
C GLY A 93 3.44 1.73 11.27
N THR A 94 2.94 0.70 10.61
CA THR A 94 3.67 -0.55 10.53
C THR A 94 4.80 -0.59 11.55
N VAL A 95 5.91 0.05 11.18
CA VAL A 95 7.07 0.10 12.06
C VAL A 95 7.82 -1.23 11.99
N ASP A 96 7.08 -2.30 12.22
CA ASP A 96 7.66 -3.63 12.19
C ASP A 96 6.58 -4.64 11.78
N CYS A 97 6.45 -4.81 10.47
CA CYS A 97 5.47 -5.74 9.94
C CYS A 97 5.95 -7.16 10.21
N THR A 98 6.16 -7.44 11.49
CA THR A 98 6.62 -8.76 11.90
C THR A 98 5.42 -9.65 12.27
N THR A 99 4.24 -9.05 12.23
CA THR A 99 3.03 -9.78 12.55
C THR A 99 1.85 -9.20 11.76
N ALA A 100 1.78 -7.88 11.75
CA ALA A 100 0.71 -7.19 11.05
C ALA A 100 0.99 -7.22 9.54
N ALA A 101 -0.04 -7.57 8.79
CA ALA A 101 0.08 -7.63 7.34
C ALA A 101 -0.07 -6.23 6.75
N CYS A 102 0.90 -5.84 5.95
CA CYS A 102 0.88 -4.54 5.32
C CYS A 102 0.20 -4.66 3.96
N GLN A 103 -0.82 -3.84 3.76
CA GLN A 103 -1.57 -3.85 2.52
C GLN A 103 -1.07 -2.75 1.59
N VAL A 104 -0.53 -3.16 0.46
CA VAL A 104 0.00 -2.21 -0.52
C VAL A 104 -1.13 -1.82 -1.48
N GLY A 105 -1.49 -0.55 -1.43
CA GLY A 105 -2.54 -0.04 -2.28
C GLY A 105 -2.52 1.49 -2.33
N LEU A 106 -3.32 2.05 -3.23
CA LEU A 106 -3.39 3.49 -3.39
C LEU A 106 -4.71 3.99 -2.78
N SER A 107 -4.57 4.90 -1.82
CA SER A 107 -5.73 5.47 -1.16
C SER A 107 -6.14 6.77 -1.85
N ASP A 108 -7.36 7.19 -1.57
CA ASP A 108 -7.89 8.41 -2.14
C ASP A 108 -7.25 9.62 -1.46
N ALA A 109 -7.31 10.75 -2.15
CA ALA A 109 -6.74 11.97 -1.61
C ALA A 109 -7.77 12.66 -0.72
N ALA A 110 -8.84 11.94 -0.44
CA ALA A 110 -9.90 12.46 0.40
C ALA A 110 -9.69 11.99 1.84
N GLY A 111 -10.07 10.75 2.09
CA GLY A 111 -9.93 10.17 3.40
C GLY A 111 -10.56 8.77 3.47
N ASN A 112 -10.25 7.98 2.46
CA ASN A 112 -10.79 6.63 2.38
C ASN A 112 -9.66 5.67 2.00
N GLY A 113 -9.85 4.40 2.35
CA GLY A 113 -8.86 3.38 2.05
C GLY A 113 -9.50 2.21 1.29
N PRO A 114 -9.10 2.09 0.00
CA PRO A 114 -9.63 1.02 -0.84
C PRO A 114 -9.00 -0.32 -0.48
N GLU A 115 -9.17 -1.28 -1.38
CA GLU A 115 -8.62 -2.61 -1.17
C GLU A 115 -7.12 -2.61 -1.45
N GLY A 116 -6.38 -3.30 -0.58
CA GLY A 116 -4.94 -3.39 -0.73
C GLY A 116 -4.50 -4.85 -0.90
N VAL A 117 -3.22 -5.01 -1.25
CA VAL A 117 -2.67 -6.33 -1.45
C VAL A 117 -1.80 -6.70 -0.24
N ALA A 118 -2.24 -7.71 0.48
CA ALA A 118 -1.50 -8.17 1.65
C ALA A 118 -0.12 -8.65 1.23
N ILE A 119 0.83 -7.72 1.25
CA ILE A 119 2.19 -8.04 0.87
C ILE A 119 3.01 -8.34 2.13
N SER A 120 3.66 -9.48 2.12
CA SER A 120 4.48 -9.90 3.25
C SER A 120 4.78 -11.39 3.16
N PHE A 121 3.74 -12.16 2.87
CA PHE A 121 3.88 -13.60 2.75
C PHE A 121 2.84 -14.17 1.78
N ASN A 122 3.32 -15.06 0.91
CA ASN A 122 2.45 -15.68 -0.07
C ASN A 122 1.29 -16.36 0.65
C1 NCZ B . -5.41 2.50 4.10
C6 NCZ B . -4.50 3.35 3.48
C5 NCZ B . -3.85 2.92 2.31
C7 NCZ B . -2.91 3.73 1.67
C8 NCZ B . -2.59 4.95 2.20
C9 NCZ B . -3.22 5.40 3.39
C10 NCZ B . -4.23 4.63 4.03
C11 NCZ B . -5.16 5.28 4.92
O3 NCZ B . -4.83 6.31 5.52
O4 NCZ B . -6.51 4.76 5.21
C12 NCZ B . -7.35 5.53 6.14
C13 NCZ B . -7.72 4.70 7.38
C14 NCZ B . -8.93 4.15 7.19
C15 NCZ B . -9.63 4.68 6.00
C16 NCZ B . -8.71 5.80 5.49
O6 NCZ B . -9.28 7.08 5.91
O5 NCZ B . -7.78 5.54 8.53
O2 NCZ B . -2.84 6.68 3.86
C4 NCZ B . -4.16 1.68 1.80
C3 NCZ B . -5.09 0.87 2.44
C2 NCZ B . -5.72 1.26 3.60
O1 NCZ B . -6.62 0.40 4.20
C17 NCZ B . -7.65 0.79 5.13
C18 NCZ B . -3.55 1.17 0.54
H1 NCZ B . -5.90 2.82 5.02
H7 NCZ B . -2.44 3.39 0.75
H8 NCZ B . -1.84 5.58 1.73
H12 NCZ B . -7.03 6.26 6.58
H13 NCZ B . -6.99 3.91 7.53
H14 NCZ B . -9.35 3.38 7.84
H15 NCZ B . -10.59 4.36 5.58
H16 NCZ B . -8.67 5.74 4.41
H6 NCZ B . -9.74 6.97 6.82
H5 NCZ B . -6.91 5.94 8.67
H2 NCZ B . -3.62 7.33 3.74
H3 NCZ B . -5.32 -0.11 2.01
H171 NCZ B . -8.21 -0.08 5.44
H172 NCZ B . -7.19 1.26 6.00
H173 NCZ B . -8.32 1.51 4.65
H181 NCZ B . -4.17 1.44 -0.31
H182 NCZ B . -2.55 1.59 0.41
H183 NCZ B . -3.46 0.07 0.59
N ALA A 10 -5.50 -13.77 -9.74
CA ALA A 10 -5.85 -13.51 -8.36
C ALA A 10 -5.17 -12.22 -7.90
N ALA A 11 -5.73 -11.64 -6.85
CA ALA A 11 -5.19 -10.40 -6.30
C ALA A 11 -5.34 -9.29 -7.34
N PRO A 12 -6.60 -8.83 -7.51
CA PRO A 12 -6.88 -7.76 -8.46
C PRO A 12 -6.41 -6.40 -7.93
N THR A 13 -6.70 -5.37 -8.70
CA THR A 13 -6.32 -4.02 -8.32
C THR A 13 -4.81 -3.91 -8.19
N ALA A 14 -4.37 -2.91 -7.43
CA ALA A 14 -2.95 -2.69 -7.22
C ALA A 14 -2.37 -3.86 -6.41
N THR A 15 -1.41 -4.54 -7.03
CA THR A 15 -0.78 -5.67 -6.38
C THR A 15 0.71 -5.70 -6.71
N VAL A 16 1.50 -6.13 -5.72
CA VAL A 16 2.93 -6.20 -5.88
C VAL A 16 3.30 -7.52 -6.58
N THR A 17 4.23 -7.41 -7.52
CA THR A 17 4.68 -8.57 -8.26
C THR A 17 4.69 -9.82 -7.37
N PRO A 18 5.41 -9.69 -6.22
CA PRO A 18 5.50 -10.78 -5.27
C PRO A 18 4.20 -10.93 -4.49
N SER A 19 4.33 -11.55 -3.31
CA SER A 19 3.17 -11.77 -2.46
C SER A 19 3.58 -11.67 -0.99
N SER A 20 4.38 -12.64 -0.56
CA SER A 20 4.85 -12.66 0.81
C SER A 20 6.37 -12.85 0.84
N GLY A 21 6.90 -12.90 2.05
CA GLY A 21 8.34 -13.07 2.23
C GLY A 21 9.12 -11.97 1.52
N LEU A 22 8.75 -10.73 1.83
CA LEU A 22 9.40 -9.59 1.22
C LEU A 22 10.58 -9.16 2.10
N SER A 23 11.24 -8.10 1.66
CA SER A 23 12.40 -7.59 2.39
C SER A 23 12.21 -6.09 2.67
N ASP A 24 12.76 -5.67 3.80
CA ASP A 24 12.66 -4.27 4.19
C ASP A 24 13.22 -3.38 3.08
N GLY A 25 12.39 -3.16 2.07
CA GLY A 25 12.79 -2.34 0.94
C GLY A 25 12.79 -3.15 -0.35
N THR A 26 11.78 -3.99 -0.50
CA THR A 26 11.65 -4.83 -1.68
C THR A 26 11.06 -4.03 -2.84
N VAL A 27 11.92 -3.71 -3.80
CA VAL A 27 11.49 -2.96 -4.96
C VAL A 27 10.82 -3.89 -5.97
N VAL A 28 9.59 -3.58 -6.31
CA VAL A 28 8.84 -4.38 -7.26
C VAL A 28 7.84 -3.49 -8.01
N LYS A 29 7.11 -4.11 -8.92
CA LYS A 29 6.12 -3.39 -9.70
C LYS A 29 4.74 -3.63 -9.11
N VAL A 30 3.96 -2.56 -9.04
CA VAL A 30 2.61 -2.64 -8.51
C VAL A 30 1.61 -2.31 -9.61
N ALA A 31 1.02 -3.36 -10.17
CA ALA A 31 0.04 -3.20 -11.23
C ALA A 31 -1.36 -3.11 -10.61
N GLY A 32 -2.08 -2.07 -11.02
CA GLY A 32 -3.42 -1.86 -10.52
C GLY A 32 -4.45 -1.98 -11.65
N ALA A 33 -5.05 -3.16 -11.74
CA ALA A 33 -6.05 -3.42 -12.76
C ALA A 33 -7.44 -3.16 -12.19
N GLY A 34 -8.11 -2.17 -12.76
CA GLY A 34 -9.44 -1.81 -12.32
C GLY A 34 -9.38 -0.84 -11.13
N LEU A 35 -8.22 -0.23 -10.95
CA LEU A 35 -8.02 0.71 -9.87
C LEU A 35 -8.51 2.10 -10.31
N GLN A 36 -7.84 3.11 -9.80
CA GLN A 36 -8.18 4.48 -10.12
C GLN A 36 -8.40 4.63 -11.63
N ALA A 37 -9.64 4.41 -12.05
CA ALA A 37 -9.99 4.51 -13.45
C ALA A 37 -9.67 5.92 -13.96
N GLY A 38 -8.41 6.11 -14.33
CA GLY A 38 -7.96 7.40 -14.82
C GLY A 38 -7.81 8.40 -13.68
N THR A 39 -7.96 7.90 -12.46
CA THR A 39 -7.85 8.74 -11.29
C THR A 39 -6.40 8.75 -10.78
N ALA A 40 -6.19 9.46 -9.68
CA ALA A 40 -4.88 9.57 -9.09
C ALA A 40 -5.00 9.49 -7.56
N TYR A 41 -4.46 8.42 -7.02
CA TYR A 41 -4.50 8.22 -5.57
C TYR A 41 -3.09 8.21 -4.98
N ASP A 42 -3.03 7.86 -3.71
CA ASP A 42 -1.75 7.82 -3.00
C ASP A 42 -1.36 6.36 -2.75
N VAL A 43 -0.35 5.92 -3.47
CA VAL A 43 0.13 4.54 -3.33
C VAL A 43 0.90 4.41 -2.01
N GLY A 44 0.63 3.31 -1.32
CA GLY A 44 1.29 3.06 -0.05
C GLY A 44 0.74 1.79 0.61
N GLN A 45 1.53 1.23 1.52
CA GLN A 45 1.13 0.03 2.22
C GLN A 45 0.49 0.38 3.56
N CYS A 46 -0.83 0.50 3.56
CA CYS A 46 -1.56 0.83 4.76
C CYS A 46 -2.28 -0.44 5.24
N ALA A 47 -2.72 -0.38 6.49
CA ALA A 47 -3.43 -1.50 7.08
C ALA A 47 -3.41 -1.37 8.61
N TRP A 48 -4.15 -2.25 9.26
CA TRP A 48 -4.23 -2.23 10.71
C TRP A 48 -2.85 -2.61 11.26
N VAL A 49 -2.14 -1.60 11.72
CA VAL A 49 -0.81 -1.81 12.27
C VAL A 49 -0.93 -2.17 13.76
N ASP A 50 -1.64 -1.32 14.48
CA ASP A 50 -1.84 -1.53 15.90
C ASP A 50 -3.11 -2.36 16.12
N THR A 51 -3.57 -2.37 17.36
CA THR A 51 -4.77 -3.10 17.71
C THR A 51 -6.02 -2.35 17.24
N GLY A 52 -6.48 -2.73 16.05
CA GLY A 52 -7.66 -2.10 15.47
C GLY A 52 -7.36 -0.66 15.04
N VAL A 53 -6.07 -0.35 14.98
CA VAL A 53 -5.64 0.98 14.59
C VAL A 53 -5.11 0.93 13.16
N LEU A 54 -5.89 1.51 12.25
CA LEU A 54 -5.50 1.53 10.84
C LEU A 54 -4.47 2.65 10.62
N ALA A 55 -3.24 2.22 10.36
CA ALA A 55 -2.16 3.17 10.13
C ALA A 55 -1.48 2.85 8.81
N CYS A 56 -0.67 3.79 8.34
CA CYS A 56 0.04 3.62 7.09
C CYS A 56 1.52 3.87 7.35
N ASN A 57 2.35 3.13 6.63
CA ASN A 57 3.79 3.25 6.77
C ASN A 57 4.22 4.63 6.26
N PRO A 58 5.51 4.97 6.53
CA PRO A 58 6.06 6.24 6.10
C PRO A 58 6.34 6.24 4.60
N ALA A 59 6.31 5.05 4.02
CA ALA A 59 6.55 4.90 2.60
C ALA A 59 5.24 4.60 1.88
N ASP A 60 4.15 4.87 2.59
CA ASP A 60 2.82 4.63 2.04
C ASP A 60 2.37 5.88 1.27
N PHE A 61 3.28 6.84 1.17
CA PHE A 61 2.98 8.07 0.48
C PHE A 61 3.72 8.14 -0.86
N SER A 62 3.02 7.72 -1.91
CA SER A 62 3.60 7.74 -3.24
C SER A 62 2.50 7.99 -4.28
N SER A 63 2.20 9.26 -4.49
CA SER A 63 1.18 9.64 -5.45
C SER A 63 1.28 8.76 -6.70
N VAL A 64 0.16 8.13 -7.03
CA VAL A 64 0.11 7.25 -8.18
C VAL A 64 -1.20 7.49 -8.94
N THR A 65 -1.19 7.17 -10.22
CA THR A 65 -2.37 7.32 -11.04
C THR A 65 -2.53 6.14 -11.99
N ALA A 66 -3.78 5.77 -12.22
CA ALA A 66 -4.08 4.65 -13.10
C ALA A 66 -4.66 5.18 -14.41
N ASP A 67 -4.28 4.52 -15.50
CA ASP A 67 -4.76 4.92 -16.81
C ASP A 67 -6.29 4.87 -16.83
N ALA A 68 -6.86 5.59 -17.77
CA ALA A 68 -8.31 5.64 -17.91
C ALA A 68 -8.88 4.24 -17.69
N ASN A 69 -8.08 3.24 -18.04
CA ASN A 69 -8.49 1.85 -17.89
C ASN A 69 -8.10 1.37 -16.49
N GLY A 70 -8.19 2.28 -15.53
CA GLY A 70 -7.85 1.96 -14.16
C GLY A 70 -6.60 1.08 -14.09
N SER A 71 -5.62 1.44 -14.91
CA SER A 71 -4.37 0.70 -14.95
C SER A 71 -3.26 1.51 -14.28
N ALA A 72 -3.01 1.18 -13.02
CA ALA A 72 -1.98 1.87 -12.26
C ALA A 72 -0.77 0.95 -12.10
N SER A 73 0.11 1.02 -13.07
CA SER A 73 1.32 0.20 -13.05
C SER A 73 2.49 1.00 -12.51
N THR A 74 2.49 1.19 -11.19
CA THR A 74 3.54 1.95 -10.53
C THR A 74 4.43 1.01 -9.71
N SER A 75 5.72 1.28 -9.77
CA SER A 75 6.69 0.47 -9.04
C SER A 75 7.11 1.18 -7.75
N LEU A 76 7.20 0.41 -6.69
CA LEU A 76 7.58 0.94 -5.40
C LEU A 76 8.31 -0.14 -4.59
N THR A 77 8.81 0.27 -3.44
CA THR A 77 9.53 -0.66 -2.58
C THR A 77 8.67 -1.02 -1.36
N VAL A 78 8.64 -2.31 -1.06
CA VAL A 78 7.87 -2.80 0.06
C VAL A 78 8.73 -2.76 1.33
N ARG A 79 8.61 -1.65 2.04
CA ARG A 79 9.38 -1.48 3.27
C ARG A 79 8.60 -2.05 4.46
N ARG A 80 8.93 -3.29 4.79
CA ARG A 80 8.28 -3.96 5.91
C ARG A 80 8.61 -3.25 7.22
N SER A 81 9.83 -2.77 7.30
CA SER A 81 10.29 -2.07 8.49
C SER A 81 10.26 -0.56 8.26
N PHE A 82 9.52 0.13 9.10
CA PHE A 82 9.40 1.58 9.00
C PHE A 82 8.28 2.11 9.89
N GLU A 83 8.59 3.20 10.59
CA GLU A 83 7.62 3.81 11.48
C GLU A 83 6.81 4.87 10.74
N GLY A 84 5.55 4.55 10.50
CA GLY A 84 4.67 5.46 9.79
C GLY A 84 3.80 6.25 10.78
N PHE A 85 2.57 6.50 10.36
CA PHE A 85 1.64 7.24 11.19
C PHE A 85 0.25 6.59 11.18
N LEU A 86 -0.41 6.64 12.33
CA LEU A 86 -1.74 6.06 12.45
C LEU A 86 -2.79 7.15 12.18
N PHE A 87 -4.04 6.75 12.33
CA PHE A 87 -5.15 7.67 12.10
C PHE A 87 -5.29 8.65 13.27
N ASP A 88 -4.79 8.24 14.42
CA ASP A 88 -4.87 9.06 15.61
C ASP A 88 -3.98 10.29 15.42
N GLY A 89 -2.88 10.08 14.71
CA GLY A 89 -1.94 11.17 14.46
C GLY A 89 -0.58 10.87 15.06
N THR A 90 -0.41 9.62 15.48
CA THR A 90 0.84 9.19 16.07
C THR A 90 1.81 8.69 14.99
N ARG A 91 3.08 8.72 15.32
CA ARG A 91 4.11 8.26 14.40
C ARG A 91 4.46 6.80 14.65
N TRP A 92 3.55 5.93 14.23
CA TRP A 92 3.74 4.50 14.40
C TRP A 92 3.94 3.87 13.02
N GLY A 93 2.82 3.57 12.38
CA GLY A 93 2.85 2.98 11.06
C GLY A 93 3.67 1.68 11.06
N THR A 94 2.98 0.59 11.41
CA THR A 94 3.61 -0.71 11.45
C THR A 94 4.89 -0.64 12.28
N VAL A 95 5.92 -0.05 11.70
CA VAL A 95 7.20 0.08 12.37
C VAL A 95 8.04 -1.18 12.12
N ASP A 96 7.38 -2.32 12.22
CA ASP A 96 8.06 -3.58 12.01
C ASP A 96 7.02 -4.64 11.59
N CYS A 97 6.72 -4.64 10.30
CA CYS A 97 5.75 -5.57 9.76
C CYS A 97 6.36 -6.97 9.82
N THR A 98 6.62 -7.42 11.05
CA THR A 98 7.20 -8.73 11.26
C THR A 98 6.09 -9.77 11.48
N THR A 99 4.88 -9.28 11.60
CA THR A 99 3.73 -10.15 11.82
C THR A 99 2.47 -9.53 11.20
N ALA A 100 2.30 -8.24 11.47
CA ALA A 100 1.14 -7.53 10.96
C ALA A 100 1.14 -7.60 9.43
N ALA A 101 -0.07 -7.71 8.88
CA ALA A 101 -0.22 -7.79 7.44
C ALA A 101 -0.40 -6.38 6.87
N CYS A 102 0.58 -5.96 6.09
CA CYS A 102 0.54 -4.64 5.48
C CYS A 102 -0.10 -4.77 4.10
N GLN A 103 -1.10 -3.93 3.87
CA GLN A 103 -1.82 -3.95 2.60
C GLN A 103 -1.27 -2.86 1.68
N VAL A 104 -0.71 -3.30 0.56
CA VAL A 104 -0.14 -2.37 -0.40
C VAL A 104 -1.23 -1.96 -1.40
N GLY A 105 -1.60 -0.68 -1.33
CA GLY A 105 -2.61 -0.15 -2.21
C GLY A 105 -2.59 1.38 -2.23
N LEU A 106 -3.44 1.94 -3.08
CA LEU A 106 -3.52 3.39 -3.20
C LEU A 106 -4.81 3.88 -2.53
N SER A 107 -4.66 4.94 -1.75
CA SER A 107 -5.80 5.51 -1.06
C SER A 107 -6.21 6.83 -1.72
N ASP A 108 -7.51 7.07 -1.71
CA ASP A 108 -8.05 8.29 -2.30
C ASP A 108 -7.28 9.50 -1.76
N ALA A 109 -7.42 10.62 -2.47
CA ALA A 109 -6.75 11.83 -2.06
C ALA A 109 -7.45 12.42 -0.83
N ALA A 110 -8.55 11.77 -0.46
CA ALA A 110 -9.31 12.22 0.69
C ALA A 110 -8.86 11.45 1.93
N GLY A 111 -8.24 10.30 1.69
CA GLY A 111 -7.74 9.47 2.77
C GLY A 111 -8.78 8.41 3.15
N ASN A 112 -9.31 7.74 2.13
CA ASN A 112 -10.31 6.71 2.36
C ASN A 112 -10.16 5.62 1.29
N GLY A 113 -10.71 4.46 1.59
CA GLY A 113 -10.65 3.34 0.67
C GLY A 113 -9.69 2.26 1.18
N PRO A 114 -10.28 1.15 1.69
CA PRO A 114 -9.49 0.05 2.21
C PRO A 114 -8.87 -0.76 1.07
N GLU A 115 -8.18 -0.05 0.18
CA GLU A 115 -7.53 -0.68 -0.95
C GLU A 115 -6.10 -1.07 -0.59
N GLY A 116 -5.74 -2.30 -0.93
CA GLY A 116 -4.41 -2.79 -0.65
C GLY A 116 -4.42 -4.31 -0.46
N VAL A 117 -3.37 -4.95 -0.95
CA VAL A 117 -3.25 -6.40 -0.84
C VAL A 117 -2.21 -6.73 0.23
N ALA A 118 -2.62 -7.59 1.16
CA ALA A 118 -1.74 -7.99 2.24
C ALA A 118 -0.46 -8.60 1.65
N ILE A 119 0.51 -7.72 1.41
CA ILE A 119 1.79 -8.15 0.85
C ILE A 119 2.89 -7.92 1.88
N SER A 120 4.01 -8.58 1.65
CA SER A 120 5.15 -8.46 2.54
C SER A 120 5.18 -9.65 3.51
N PHE A 121 4.05 -9.86 4.17
CA PHE A 121 3.93 -10.94 5.13
C PHE A 121 4.87 -12.10 4.76
N ASN A 122 5.44 -12.70 5.79
CA ASN A 122 6.36 -13.82 5.59
C ASN A 122 5.57 -15.13 5.63
C1 NCZ B . -5.48 2.85 4.07
C6 NCZ B . -4.52 3.66 3.46
C5 NCZ B . -3.82 3.17 2.35
C7 NCZ B . -2.84 3.94 1.71
C8 NCZ B . -2.53 5.19 2.22
C9 NCZ B . -3.21 5.69 3.34
C10 NCZ B . -4.26 4.97 3.96
C11 NCZ B . -5.22 5.65 4.78
O3 NCZ B . -4.91 6.70 5.35
O4 NCZ B . -6.59 5.18 5.04
C12 NCZ B . -7.31 5.73 6.19
C13 NCZ B . -7.14 4.87 7.44
C14 NCZ B . -8.19 4.04 7.55
C15 NCZ B . -9.28 4.35 6.60
C16 NCZ B . -8.83 5.65 5.92
O6 NCZ B . -9.55 6.77 6.53
O5 NCZ B . -7.09 5.71 8.60
O2 NCZ B . -2.83 6.98 3.78
C4 NCZ B . -4.13 1.92 1.88
C3 NCZ B . -5.10 1.14 2.49
C2 NCZ B . -5.77 1.60 3.61
O1 NCZ B . -6.72 0.78 4.20
C17 NCZ B . -7.79 1.23 5.07
C18 NCZ B . -3.47 1.33 0.66
H1 NCZ B . -6.01 3.22 4.95
H7 NCZ B . -2.33 3.55 0.84
H8 NCZ B . -1.75 5.77 1.74
H12 NCZ B . -7.14 6.74 6.32
H13 NCZ B . -6.22 4.29 7.36
H14 NCZ B . -8.22 3.20 8.26
H15 NCZ B . -10.20 3.80 6.45
H16 NCZ B . -9.06 5.58 4.86
H6 NCZ B . -9.72 6.57 7.52
H5 NCZ B . -6.34 6.30 8.53
H2 NCZ B . -3.59 7.64 3.59
H3 NCZ B . -5.33 0.15 2.10
H171 NCZ B . -8.38 0.37 5.39
H172 NCZ B . -7.36 1.73 5.94
H173 NCZ B . -8.42 1.93 4.53
H181 NCZ B . -4.05 1.58 -0.22
H182 NCZ B . -2.47 1.74 0.57
H183 NCZ B . -3.41 0.25 0.77
N ALA A 10 -2.77 -12.00 -13.75
CA ALA A 10 -2.10 -12.41 -12.52
C ALA A 10 -2.95 -12.00 -11.32
N ALA A 11 -3.09 -10.70 -11.15
CA ALA A 11 -3.88 -10.17 -10.05
C ALA A 11 -4.54 -8.86 -10.48
N PRO A 12 -5.85 -8.73 -10.13
CA PRO A 12 -6.61 -7.54 -10.47
C PRO A 12 -6.22 -6.36 -9.58
N THR A 13 -6.77 -5.20 -9.90
CA THR A 13 -6.48 -4.00 -9.14
C THR A 13 -4.99 -3.90 -8.83
N ALA A 14 -4.66 -2.97 -7.95
CA ALA A 14 -3.28 -2.78 -7.55
C ALA A 14 -2.78 -4.02 -6.81
N THR A 15 -1.80 -4.67 -7.41
CA THR A 15 -1.21 -5.87 -6.83
C THR A 15 0.29 -5.89 -7.05
N VAL A 16 1.00 -6.44 -6.06
CA VAL A 16 2.44 -6.53 -6.14
C VAL A 16 2.83 -7.83 -6.83
N THR A 17 3.59 -7.68 -7.91
CA THR A 17 4.03 -8.84 -8.68
C THR A 17 4.36 -10.00 -7.74
N PRO A 18 5.48 -9.84 -6.99
CA PRO A 18 5.92 -10.85 -6.05
C PRO A 18 5.04 -10.87 -4.80
N SER A 19 5.63 -11.32 -3.71
CA SER A 19 4.91 -11.39 -2.44
C SER A 19 5.33 -10.23 -1.53
N SER A 20 6.58 -9.83 -1.67
CA SER A 20 7.12 -8.74 -0.88
C SER A 20 6.72 -8.92 0.58
N GLY A 21 7.15 -7.96 1.40
CA GLY A 21 6.84 -8.01 2.82
C GLY A 21 7.86 -8.86 3.57
N LEU A 22 8.21 -9.98 2.96
CA LEU A 22 9.17 -10.90 3.56
C LEU A 22 10.52 -10.19 3.69
N SER A 23 10.68 -9.14 2.90
CA SER A 23 11.92 -8.37 2.92
C SER A 23 11.62 -6.88 2.83
N ASP A 24 11.61 -6.24 3.99
CA ASP A 24 11.33 -4.81 4.05
C ASP A 24 12.30 -4.06 3.12
N GLY A 25 11.77 -3.68 1.97
CA GLY A 25 12.56 -2.96 0.99
C GLY A 25 12.60 -3.70 -0.34
N THR A 26 11.60 -4.57 -0.53
CA THR A 26 11.50 -5.34 -1.75
C THR A 26 10.88 -4.51 -2.87
N VAL A 27 11.72 -4.13 -3.83
CA VAL A 27 11.26 -3.33 -4.95
C VAL A 27 10.49 -4.22 -5.92
N VAL A 28 9.22 -3.88 -6.11
CA VAL A 28 8.36 -4.63 -7.00
C VAL A 28 7.49 -3.65 -7.81
N LYS A 29 6.64 -4.23 -8.63
CA LYS A 29 5.75 -3.43 -9.47
C LYS A 29 4.30 -3.65 -9.02
N VAL A 30 3.61 -2.54 -8.79
CA VAL A 30 2.22 -2.61 -8.36
C VAL A 30 1.31 -2.26 -9.54
N ALA A 31 0.76 -3.30 -10.15
CA ALA A 31 -0.12 -3.12 -11.29
C ALA A 31 -1.56 -2.97 -10.80
N GLY A 32 -2.14 -1.82 -11.11
CA GLY A 32 -3.51 -1.54 -10.70
C GLY A 32 -4.45 -1.53 -11.91
N ALA A 33 -4.85 -2.73 -12.31
CA ALA A 33 -5.75 -2.87 -13.44
C ALA A 33 -7.19 -2.62 -12.99
N GLY A 34 -7.83 -1.67 -13.66
CA GLY A 34 -9.20 -1.32 -13.33
C GLY A 34 -9.36 -1.07 -11.83
N LEU A 35 -8.42 -0.31 -11.28
CA LEU A 35 -8.45 0.00 -9.86
C LEU A 35 -9.28 1.26 -9.64
N GLN A 36 -8.60 2.41 -9.74
CA GLN A 36 -9.26 3.69 -9.56
C GLN A 36 -9.95 4.11 -10.85
N ALA A 37 -9.97 3.20 -11.81
CA ALA A 37 -10.58 3.48 -13.10
C ALA A 37 -9.67 4.38 -13.92
N GLY A 38 -8.64 4.90 -13.26
CA GLY A 38 -7.69 5.77 -13.90
C GLY A 38 -7.49 7.06 -13.10
N THR A 39 -8.23 7.16 -12.02
CA THR A 39 -8.15 8.33 -11.16
C THR A 39 -6.72 8.51 -10.65
N ALA A 40 -6.61 9.19 -9.52
CA ALA A 40 -5.30 9.44 -8.92
C ALA A 40 -5.38 9.17 -7.41
N TYR A 41 -4.74 8.09 -7.00
CA TYR A 41 -4.73 7.72 -5.60
C TYR A 41 -3.30 7.67 -5.06
N ASP A 42 -3.21 7.66 -3.74
CA ASP A 42 -1.91 7.61 -3.09
C ASP A 42 -1.50 6.15 -2.88
N VAL A 43 -0.45 5.75 -3.59
CA VAL A 43 0.05 4.40 -3.51
C VAL A 43 0.89 4.25 -2.24
N GLY A 44 0.74 3.10 -1.59
CA GLY A 44 1.48 2.83 -0.38
C GLY A 44 0.87 1.64 0.38
N GLN A 45 1.66 1.08 1.28
CA GLN A 45 1.22 -0.06 2.07
C GLN A 45 0.63 0.42 3.40
N CYS A 46 -0.69 0.43 3.46
CA CYS A 46 -1.38 0.86 4.66
C CYS A 46 -1.99 -0.37 5.33
N ALA A 47 -2.19 -0.26 6.64
CA ALA A 47 -2.76 -1.36 7.40
C ALA A 47 -2.89 -0.93 8.87
N TRP A 48 -3.61 -1.75 9.62
CA TRP A 48 -3.82 -1.47 11.03
C TRP A 48 -2.54 -1.85 11.79
N VAL A 49 -1.86 -0.83 12.28
CA VAL A 49 -0.64 -1.04 13.03
C VAL A 49 -0.94 -1.04 14.52
N ASP A 50 -1.69 -0.03 14.93
CA ASP A 50 -2.06 0.09 16.34
C ASP A 50 -3.33 -0.71 16.60
N THR A 51 -3.86 -0.54 17.81
CA THR A 51 -5.07 -1.24 18.20
C THR A 51 -6.19 -0.97 17.20
N GLY A 52 -6.25 -1.81 16.17
CA GLY A 52 -7.27 -1.67 15.14
C GLY A 52 -7.23 -0.28 14.52
N VAL A 53 -6.08 0.37 14.67
CA VAL A 53 -5.90 1.71 14.12
C VAL A 53 -5.20 1.61 12.77
N LEU A 54 -5.92 2.02 11.74
CA LEU A 54 -5.37 1.98 10.39
C LEU A 54 -4.23 2.99 10.27
N ALA A 55 -3.01 2.45 10.21
CA ALA A 55 -1.83 3.29 10.10
C ALA A 55 -1.08 2.93 8.82
N CYS A 56 -0.67 3.97 8.10
CA CYS A 56 0.05 3.78 6.86
C CYS A 56 1.54 3.89 7.16
N ASN A 57 2.33 3.30 6.27
CA ASN A 57 3.78 3.31 6.43
C ASN A 57 4.33 4.62 5.87
N PRO A 58 5.64 4.87 6.18
CA PRO A 58 6.29 6.09 5.71
C PRO A 58 6.65 5.98 4.22
N ALA A 59 6.60 4.75 3.72
CA ALA A 59 6.90 4.50 2.33
C ALA A 59 5.61 4.21 1.57
N ASP A 60 4.50 4.48 2.24
CA ASP A 60 3.18 4.26 1.64
C ASP A 60 2.71 5.55 0.98
N PHE A 61 3.63 6.47 0.80
CA PHE A 61 3.32 7.75 0.18
C PHE A 61 3.91 7.84 -1.22
N SER A 62 3.10 7.48 -2.21
CA SER A 62 3.52 7.52 -3.59
C SER A 62 2.32 7.81 -4.50
N SER A 63 2.00 9.09 -4.60
CA SER A 63 0.88 9.51 -5.42
C SER A 63 1.07 9.01 -6.86
N VAL A 64 0.07 8.28 -7.33
CA VAL A 64 0.11 7.74 -8.67
C VAL A 64 -1.32 7.67 -9.24
N THR A 65 -1.40 7.61 -10.56
CA THR A 65 -2.68 7.54 -11.24
C THR A 65 -2.74 6.31 -12.14
N ALA A 66 -3.97 5.94 -12.50
CA ALA A 66 -4.17 4.78 -13.35
C ALA A 66 -4.52 5.26 -14.76
N ASP A 67 -4.11 4.46 -15.74
CA ASP A 67 -4.38 4.79 -17.13
C ASP A 67 -5.88 4.81 -17.37
N ALA A 68 -6.27 5.44 -18.48
CA ALA A 68 -7.67 5.53 -18.83
C ALA A 68 -8.36 4.21 -18.52
N ASN A 69 -7.62 3.13 -18.72
CA ASN A 69 -8.15 1.80 -18.45
C ASN A 69 -7.88 1.42 -17.00
N GLY A 70 -7.99 2.42 -16.14
CA GLY A 70 -7.76 2.21 -14.72
C GLY A 70 -6.56 1.30 -14.49
N SER A 71 -5.52 1.53 -15.27
CA SER A 71 -4.30 0.74 -15.16
C SER A 71 -3.20 1.58 -14.53
N ALA A 72 -3.04 1.42 -13.23
CA ALA A 72 -2.02 2.15 -12.49
C ALA A 72 -0.86 1.22 -12.17
N SER A 73 0.10 1.18 -13.07
CA SER A 73 1.26 0.33 -12.90
C SER A 73 2.41 1.14 -12.28
N THR A 74 2.37 1.24 -10.96
CA THR A 74 3.39 1.98 -10.23
C THR A 74 4.30 1.01 -9.46
N SER A 75 5.60 1.25 -9.58
CA SER A 75 6.57 0.42 -8.90
C SER A 75 7.07 1.11 -7.63
N LEU A 76 7.23 0.33 -6.59
CA LEU A 76 7.69 0.86 -5.31
C LEU A 76 8.34 -0.28 -4.50
N THR A 77 8.86 0.10 -3.34
CA THR A 77 9.50 -0.86 -2.46
C THR A 77 8.60 -1.18 -1.27
N VAL A 78 8.47 -2.47 -0.99
CA VAL A 78 7.64 -2.93 0.11
C VAL A 78 8.50 -3.00 1.38
N ARG A 79 8.59 -1.87 2.05
CA ARG A 79 9.37 -1.80 3.28
C ARG A 79 8.46 -2.02 4.50
N ARG A 80 8.15 -3.28 4.73
CA ARG A 80 7.30 -3.65 5.86
C ARG A 80 7.79 -2.96 7.13
N SER A 81 9.11 -2.87 7.26
CA SER A 81 9.71 -2.25 8.42
C SER A 81 9.82 -0.73 8.21
N PHE A 82 9.35 0.00 9.19
CA PHE A 82 9.39 1.46 9.12
C PHE A 82 8.43 2.09 10.13
N GLU A 83 8.53 3.40 10.26
CA GLU A 83 7.67 4.13 11.18
C GLU A 83 6.30 4.37 10.54
N GLY A 84 5.29 3.75 11.14
CA GLY A 84 3.93 3.89 10.64
C GLY A 84 3.25 5.12 11.25
N PHE A 85 2.10 5.47 10.69
CA PHE A 85 1.35 6.61 11.17
C PHE A 85 -0.15 6.32 11.14
N LEU A 86 -0.80 6.60 12.27
CA LEU A 86 -2.23 6.38 12.39
C LEU A 86 -2.96 7.25 11.36
N PHE A 87 -4.16 6.81 11.02
CA PHE A 87 -4.97 7.54 10.06
C PHE A 87 -5.71 8.70 10.74
N ASP A 88 -5.84 8.60 12.05
CA ASP A 88 -6.52 9.63 12.82
C ASP A 88 -5.77 10.95 12.66
N GLY A 89 -4.47 10.90 12.91
CA GLY A 89 -3.64 12.08 12.79
C GLY A 89 -2.29 11.88 13.50
N THR A 90 -2.32 11.01 14.50
CA THR A 90 -1.12 10.72 15.27
C THR A 90 -0.29 9.64 14.56
N ARG A 91 0.98 9.58 14.94
CA ARG A 91 1.88 8.60 14.36
C ARG A 91 2.13 7.45 15.33
N TRP A 92 2.39 6.28 14.76
CA TRP A 92 2.63 5.10 15.58
C TRP A 92 4.13 4.79 15.51
N GLY A 93 4.52 4.04 14.50
CA GLY A 93 5.91 3.67 14.32
C GLY A 93 6.04 2.18 13.99
N THR A 94 6.04 1.38 15.04
CA THR A 94 6.16 -0.07 14.87
C THR A 94 7.56 -0.43 14.37
N VAL A 95 7.88 0.09 13.20
CA VAL A 95 9.18 -0.17 12.58
C VAL A 95 9.17 -1.56 11.96
N ASP A 96 8.20 -2.37 12.38
CA ASP A 96 8.08 -3.72 11.87
C ASP A 96 6.60 -4.04 11.67
N CYS A 97 6.17 -3.93 10.42
CA CYS A 97 4.79 -4.21 10.08
C CYS A 97 4.68 -5.69 9.70
N THR A 98 5.38 -6.52 10.46
CA THR A 98 5.37 -7.95 10.22
C THR A 98 4.22 -8.62 10.98
N THR A 99 3.64 -7.85 11.90
CA THR A 99 2.55 -8.35 12.71
C THR A 99 1.21 -8.07 12.02
N ALA A 100 1.04 -6.83 11.60
CA ALA A 100 -0.18 -6.42 10.93
C ALA A 100 -0.01 -6.60 9.42
N ALA A 101 -1.03 -7.15 8.79
CA ALA A 101 -1.00 -7.37 7.36
C ALA A 101 -1.01 -6.02 6.64
N CYS A 102 0.12 -5.71 6.03
CA CYS A 102 0.25 -4.45 5.30
C CYS A 102 -0.20 -4.68 3.86
N GLN A 103 -1.16 -3.88 3.43
CA GLN A 103 -1.68 -3.99 2.09
C GLN A 103 -1.15 -2.84 1.22
N VAL A 104 -0.49 -3.22 0.14
CA VAL A 104 0.07 -2.23 -0.77
C VAL A 104 -0.97 -1.88 -1.84
N GLY A 105 -1.43 -0.64 -1.78
CA GLY A 105 -2.42 -0.17 -2.73
C GLY A 105 -2.47 1.36 -2.76
N LEU A 106 -3.28 1.89 -3.66
CA LEU A 106 -3.43 3.32 -3.80
C LEU A 106 -4.79 3.74 -3.26
N SER A 107 -4.74 4.70 -2.33
CA SER A 107 -5.96 5.21 -1.71
C SER A 107 -6.31 6.57 -2.28
N ASP A 108 -7.52 7.02 -1.98
CA ASP A 108 -7.98 8.31 -2.45
C ASP A 108 -7.84 9.34 -1.34
N ALA A 109 -7.86 10.61 -1.74
CA ALA A 109 -7.74 11.69 -0.78
C ALA A 109 -9.13 12.10 -0.30
N ALA A 110 -10.08 11.19 -0.47
CA ALA A 110 -11.44 11.44 -0.06
C ALA A 110 -11.74 10.64 1.21
N GLY A 111 -11.18 9.44 1.27
CA GLY A 111 -11.38 8.57 2.42
C GLY A 111 -12.35 7.44 2.09
N ASN A 112 -12.05 6.73 1.01
CA ASN A 112 -12.89 5.62 0.58
C ASN A 112 -12.10 4.32 0.69
N GLY A 113 -12.77 3.30 1.20
CA GLY A 113 -12.16 2.00 1.37
C GLY A 113 -11.12 1.73 0.28
N PRO A 114 -9.84 2.08 0.60
CA PRO A 114 -8.75 1.88 -0.34
C PRO A 114 -8.37 0.41 -0.44
N GLU A 115 -8.24 -0.05 -1.68
CA GLU A 115 -7.87 -1.44 -1.93
C GLU A 115 -6.35 -1.58 -2.00
N GLY A 116 -5.88 -2.74 -1.56
CA GLY A 116 -4.46 -3.02 -1.57
C GLY A 116 -4.19 -4.53 -1.56
N VAL A 117 -2.95 -4.88 -1.88
CA VAL A 117 -2.56 -6.28 -1.91
C VAL A 117 -1.90 -6.64 -0.57
N ALA A 118 -2.41 -7.71 0.03
CA ALA A 118 -1.89 -8.17 1.30
C ALA A 118 -0.45 -8.66 1.11
N ILE A 119 0.49 -7.74 1.30
CA ILE A 119 1.89 -8.06 1.15
C ILE A 119 2.36 -8.87 2.36
N SER A 120 3.40 -9.66 2.13
CA SER A 120 3.95 -10.49 3.19
C SER A 120 4.87 -11.56 2.60
N PHE A 121 4.26 -12.59 2.06
CA PHE A 121 5.00 -13.68 1.45
C PHE A 121 4.11 -14.54 0.56
N ASN A 122 4.75 -15.31 -0.30
CA ASN A 122 4.03 -16.18 -1.21
C ASN A 122 3.00 -16.99 -0.43
C1 NCZ B . -5.46 2.28 3.67
C6 NCZ B . -4.59 3.21 3.08
C5 NCZ B . -3.86 2.82 1.93
C7 NCZ B . -2.97 3.69 1.32
C8 NCZ B . -2.76 4.94 1.86
C9 NCZ B . -3.47 5.34 3.01
C10 NCZ B . -4.43 4.50 3.61
C11 NCZ B . -5.45 5.08 4.48
O3 NCZ B . -5.22 6.13 5.07
O4 NCZ B . -6.76 4.47 4.73
C12 NCZ B . -7.83 5.31 5.29
C13 NCZ B . -9.06 4.49 5.67
C14 NCZ B . -9.94 4.54 4.66
C15 NCZ B . -9.60 5.55 3.62
C16 NCZ B . -8.36 6.26 4.20
O6 NCZ B . -8.78 7.53 4.75
O5 NCZ B . -9.65 5.02 6.85
O2 NCZ B . -3.20 6.65 3.48
C4 NCZ B . -4.07 1.56 1.42
C3 NCZ B . -4.96 0.68 2.02
C2 NCZ B . -5.65 1.03 3.16
O1 NCZ B . -6.51 0.11 3.74
C17 NCZ B . -7.59 0.43 4.62
C18 NCZ B . -3.38 1.08 0.18
H1 NCZ B . -6.01 2.58 4.56
H7 NCZ B . -2.44 3.39 0.41
H8 NCZ B . -2.04 5.61 1.39
H12 NCZ B . -7.44 5.93 6.08
H13 NCZ B . -8.78 3.45 5.84
H14 NCZ B . -10.83 3.91 4.60
H15 NCZ B . -10.10 5.74 2.69
H16 NCZ B . -7.65 6.40 3.39
H6 NCZ B . -9.73 7.45 5.14
H5 NCZ B . -9.03 4.99 7.57
H2 NCZ B . -4.02 7.24 3.34
H3 NCZ B . -5.10 -0.31 1.60
H171 NCZ B . -8.11 -0.49 4.92
H172 NCZ B . -7.21 0.93 5.51
H173 NCZ B . -8.30 1.08 4.12
H181 NCZ B . -3.98 1.30 -0.69
H182 NCZ B . -2.41 1.58 0.09
H183 NCZ B . -3.21 0.01 0.24
N ALA A 10 -2.47 -10.72 -13.77
CA ALA A 10 -2.17 -11.62 -12.67
C ALA A 10 -3.17 -11.37 -11.54
N ALA A 11 -3.18 -10.13 -11.07
CA ALA A 11 -4.07 -9.74 -9.99
C ALA A 11 -4.84 -8.48 -10.38
N PRO A 12 -6.08 -8.37 -9.86
CA PRO A 12 -6.92 -7.22 -10.15
C PRO A 12 -6.45 -5.98 -9.37
N THR A 13 -6.95 -4.84 -9.79
CA THR A 13 -6.59 -3.58 -9.14
C THR A 13 -5.08 -3.53 -8.89
N ALA A 14 -4.69 -2.56 -8.06
CA ALA A 14 -3.28 -2.40 -7.73
C ALA A 14 -2.84 -3.55 -6.83
N THR A 15 -1.86 -4.30 -7.32
CA THR A 15 -1.34 -5.44 -6.58
C THR A 15 0.18 -5.51 -6.73
N VAL A 16 0.83 -5.96 -5.65
CA VAL A 16 2.27 -6.09 -5.65
C VAL A 16 2.66 -7.47 -6.17
N THR A 17 3.27 -7.48 -7.34
CA THR A 17 3.70 -8.73 -7.96
C THR A 17 4.48 -9.58 -6.95
N PRO A 18 5.67 -9.06 -6.56
CA PRO A 18 6.52 -9.76 -5.60
C PRO A 18 5.96 -9.64 -4.19
N SER A 19 4.73 -10.13 -4.02
CA SER A 19 4.08 -10.08 -2.72
C SER A 19 4.41 -11.34 -1.92
N SER A 20 5.58 -11.90 -2.22
CA SER A 20 6.03 -13.10 -1.53
C SER A 20 7.27 -12.79 -0.69
N GLY A 21 7.24 -13.28 0.55
CA GLY A 21 8.34 -13.07 1.46
C GLY A 21 9.02 -11.72 1.20
N LEU A 22 8.20 -10.67 1.23
CA LEU A 22 8.70 -9.33 0.99
C LEU A 22 9.98 -9.12 1.81
N SER A 23 10.73 -8.10 1.41
CA SER A 23 11.97 -7.79 2.08
C SER A 23 12.00 -6.30 2.46
N ASP A 24 12.67 -6.02 3.58
CA ASP A 24 12.79 -4.66 4.05
C ASP A 24 13.27 -3.76 2.92
N GLY A 25 12.31 -3.23 2.17
CA GLY A 25 12.62 -2.35 1.05
C GLY A 25 12.74 -3.15 -0.25
N THR A 26 11.73 -3.96 -0.51
CA THR A 26 11.72 -4.78 -1.71
C THR A 26 11.03 -4.03 -2.85
N VAL A 27 11.74 -3.93 -3.96
CA VAL A 27 11.21 -3.24 -5.13
C VAL A 27 10.13 -4.11 -5.79
N VAL A 28 8.89 -3.73 -5.57
CA VAL A 28 7.77 -4.47 -6.13
C VAL A 28 7.08 -3.60 -7.20
N LYS A 29 6.19 -4.24 -7.94
CA LYS A 29 5.46 -3.55 -8.98
C LYS A 29 3.96 -3.59 -8.68
N VAL A 30 3.41 -2.40 -8.45
CA VAL A 30 2.00 -2.29 -8.15
C VAL A 30 1.20 -2.14 -9.44
N ALA A 31 0.72 -3.25 -9.95
CA ALA A 31 -0.05 -3.26 -11.18
C ALA A 31 -1.53 -3.05 -10.85
N GLY A 32 -2.07 -1.95 -11.35
CA GLY A 32 -3.46 -1.62 -11.12
C GLY A 32 -4.33 -2.00 -12.33
N ALA A 33 -5.19 -2.97 -12.11
CA ALA A 33 -6.09 -3.44 -13.16
C ALA A 33 -7.48 -2.86 -12.94
N GLY A 34 -7.80 -1.86 -13.73
CA GLY A 34 -9.10 -1.21 -13.64
C GLY A 34 -9.27 -0.52 -12.29
N LEU A 35 -8.16 0.00 -11.77
CA LEU A 35 -8.17 0.68 -10.49
C LEU A 35 -8.76 2.09 -10.67
N GLN A 36 -7.90 3.07 -10.52
CA GLN A 36 -8.31 4.46 -10.66
C GLN A 36 -9.20 4.62 -11.90
N ALA A 37 -9.02 3.70 -12.84
CA ALA A 37 -9.79 3.74 -14.07
C ALA A 37 -9.46 5.02 -14.85
N GLY A 38 -8.28 5.54 -14.58
CA GLY A 38 -7.83 6.76 -15.24
C GLY A 38 -7.57 7.87 -14.22
N THR A 39 -7.99 7.62 -13.00
CA THR A 39 -7.82 8.59 -11.93
C THR A 39 -6.41 8.45 -11.32
N ALA A 40 -6.27 9.01 -10.12
CA ALA A 40 -5.00 8.95 -9.42
C ALA A 40 -5.25 8.91 -7.92
N TYR A 41 -4.29 8.32 -7.20
CA TYR A 41 -4.40 8.21 -5.76
C TYR A 41 -3.02 8.21 -5.11
N ASP A 42 -3.01 7.89 -3.82
CA ASP A 42 -1.76 7.85 -3.07
C ASP A 42 -1.42 6.39 -2.75
N VAL A 43 -0.42 5.89 -3.45
CA VAL A 43 0.03 4.52 -3.26
C VAL A 43 0.83 4.42 -1.96
N GLY A 44 0.62 3.32 -1.25
CA GLY A 44 1.31 3.11 0.00
C GLY A 44 0.83 1.83 0.69
N GLN A 45 1.68 1.27 1.53
CA GLN A 45 1.35 0.05 2.24
C GLN A 45 0.74 0.39 3.62
N CYS A 46 -0.57 0.42 3.66
CA CYS A 46 -1.27 0.73 4.89
C CYS A 46 -1.87 -0.56 5.44
N ALA A 47 -2.13 -0.56 6.74
CA ALA A 47 -2.69 -1.72 7.40
C ALA A 47 -2.75 -1.48 8.91
N TRP A 48 -3.54 -2.30 9.58
CA TRP A 48 -3.69 -2.18 11.01
C TRP A 48 -2.39 -2.66 11.67
N VAL A 49 -1.72 -1.74 12.35
CA VAL A 49 -0.48 -2.05 13.02
C VAL A 49 -0.74 -2.26 14.51
N ASP A 50 -1.46 -1.32 15.10
CA ASP A 50 -1.79 -1.39 16.50
C ASP A 50 -3.01 -2.30 16.70
N THR A 51 -3.68 -2.13 17.83
CA THR A 51 -4.84 -2.92 18.14
C THR A 51 -6.07 -2.38 17.40
N GLY A 52 -6.25 -2.87 16.19
CA GLY A 52 -7.37 -2.45 15.37
C GLY A 52 -7.22 -0.99 14.93
N VAL A 53 -5.96 -0.54 14.93
CA VAL A 53 -5.67 0.82 14.54
C VAL A 53 -5.02 0.82 13.15
N LEU A 54 -5.76 1.34 12.18
CA LEU A 54 -5.27 1.40 10.81
C LEU A 54 -4.17 2.46 10.72
N ALA A 55 -2.95 1.99 10.53
CA ALA A 55 -1.81 2.89 10.42
C ALA A 55 -1.07 2.61 9.10
N CYS A 56 -0.55 3.68 8.52
CA CYS A 56 0.18 3.56 7.27
C CYS A 56 1.65 3.83 7.54
N ASN A 57 2.50 3.23 6.73
CA ASN A 57 3.93 3.39 6.87
C ASN A 57 4.35 4.76 6.30
N PRO A 58 5.63 5.12 6.53
CA PRO A 58 6.15 6.38 6.06
C PRO A 58 6.42 6.33 4.55
N ALA A 59 6.38 5.12 4.01
CA ALA A 59 6.60 4.92 2.59
C ALA A 59 5.27 4.62 1.90
N ASP A 60 4.19 4.92 2.61
CA ASP A 60 2.86 4.69 2.08
C ASP A 60 2.41 5.91 1.27
N PHE A 61 3.35 6.83 1.09
CA PHE A 61 3.08 8.05 0.34
C PHE A 61 3.79 8.02 -1.02
N SER A 62 3.07 7.58 -2.03
CA SER A 62 3.62 7.51 -3.37
C SER A 62 2.51 7.68 -4.41
N SER A 63 2.19 8.93 -4.68
CA SER A 63 1.16 9.25 -5.65
C SER A 63 1.25 8.30 -6.85
N VAL A 64 0.11 7.74 -7.21
CA VAL A 64 0.05 6.81 -8.33
C VAL A 64 -1.05 7.27 -9.30
N THR A 65 -0.96 6.76 -10.52
CA THR A 65 -1.93 7.10 -11.54
C THR A 65 -2.19 5.90 -12.45
N ALA A 66 -3.47 5.66 -12.72
CA ALA A 66 -3.87 4.55 -13.58
C ALA A 66 -4.31 5.09 -14.93
N ASP A 67 -3.85 4.44 -15.98
CA ASP A 67 -4.19 4.84 -17.34
C ASP A 67 -5.71 4.76 -17.52
N ALA A 68 -6.18 5.45 -18.55
CA ALA A 68 -7.60 5.47 -18.84
C ALA A 68 -8.19 4.08 -18.58
N ASN A 69 -7.39 3.06 -18.87
CA ASN A 69 -7.81 1.69 -18.68
C ASN A 69 -7.48 1.26 -17.25
N GLY A 70 -7.64 2.20 -16.33
CA GLY A 70 -7.36 1.93 -14.93
C GLY A 70 -6.07 1.10 -14.77
N SER A 71 -5.11 1.41 -15.62
CA SER A 71 -3.83 0.72 -15.60
C SER A 71 -2.82 1.51 -14.77
N ALA A 72 -2.76 1.17 -13.48
CA ALA A 72 -1.85 1.83 -12.57
C ALA A 72 -0.68 0.89 -12.26
N SER A 73 0.25 0.83 -13.20
CA SER A 73 1.42 -0.02 -13.04
C SER A 73 2.59 0.80 -12.49
N THR A 74 2.51 1.08 -11.19
CA THR A 74 3.55 1.85 -10.54
C THR A 74 4.36 0.96 -9.60
N SER A 75 5.67 1.06 -9.73
CA SER A 75 6.57 0.28 -8.90
C SER A 75 7.02 1.09 -7.68
N LEU A 76 7.14 0.40 -6.56
CA LEU A 76 7.55 1.04 -5.33
C LEU A 76 8.39 0.07 -4.50
N THR A 77 8.83 0.53 -3.34
CA THR A 77 9.63 -0.28 -2.46
C THR A 77 8.80 -0.76 -1.27
N VAL A 78 8.85 -2.06 -1.04
CA VAL A 78 8.10 -2.65 0.06
C VAL A 78 8.95 -2.62 1.33
N ARG A 79 8.80 -1.53 2.07
CA ARG A 79 9.54 -1.36 3.31
C ARG A 79 8.77 -1.96 4.48
N ARG A 80 9.39 -2.95 5.11
CA ARG A 80 8.77 -3.61 6.24
C ARG A 80 9.11 -2.87 7.54
N SER A 81 10.31 -2.30 7.56
CA SER A 81 10.76 -1.57 8.73
C SER A 81 10.66 -0.06 8.47
N PHE A 82 9.88 0.59 9.32
CA PHE A 82 9.68 2.04 9.20
C PHE A 82 8.50 2.50 10.05
N GLU A 83 8.76 3.51 10.87
CA GLU A 83 7.73 4.06 11.72
C GLU A 83 6.75 4.91 10.91
N GLY A 84 5.51 4.44 10.86
CA GLY A 84 4.48 5.15 10.11
C GLY A 84 3.59 5.96 11.06
N PHE A 85 2.36 6.18 10.62
CA PHE A 85 1.41 6.94 11.41
C PHE A 85 0.10 6.16 11.59
N LEU A 86 -0.51 6.36 12.74
CA LEU A 86 -1.76 5.69 13.05
C LEU A 86 -2.94 6.54 12.55
N PHE A 87 -4.14 6.03 12.77
CA PHE A 87 -5.33 6.74 12.35
C PHE A 87 -5.58 7.96 13.23
N ASP A 88 -5.02 7.91 14.43
CA ASP A 88 -5.16 9.01 15.37
C ASP A 88 -4.31 10.20 14.92
N GLY A 89 -3.01 9.96 14.87
CA GLY A 89 -2.07 10.99 14.46
C GLY A 89 -0.64 10.64 14.87
N THR A 90 -0.55 9.82 15.91
CA THR A 90 0.75 9.40 16.41
C THR A 90 1.60 8.84 15.27
N ARG A 91 2.91 8.89 15.48
CA ARG A 91 3.84 8.39 14.48
C ARG A 91 4.25 6.95 14.81
N TRP A 92 3.35 6.03 14.47
CA TRP A 92 3.61 4.62 14.72
C TRP A 92 3.72 3.91 13.37
N GLY A 93 2.58 3.55 12.84
CA GLY A 93 2.54 2.86 11.55
C GLY A 93 3.49 1.66 11.53
N THR A 94 3.06 0.61 10.85
CA THR A 94 3.87 -0.60 10.75
C THR A 94 5.02 -0.55 11.76
N VAL A 95 6.09 0.11 11.36
CA VAL A 95 7.26 0.23 12.20
C VAL A 95 8.10 -1.03 12.08
N ASP A 96 7.44 -2.17 12.25
CA ASP A 96 8.13 -3.45 12.15
C ASP A 96 7.13 -4.52 11.68
N CYS A 97 6.92 -4.54 10.37
CA CYS A 97 6.00 -5.49 9.78
C CYS A 97 6.63 -6.89 9.89
N THR A 98 6.86 -7.30 11.13
CA THR A 98 7.45 -8.60 11.39
C THR A 98 6.36 -9.64 11.65
N THR A 99 5.13 -9.15 11.71
CA THR A 99 3.99 -10.02 11.96
C THR A 99 2.72 -9.45 11.31
N ALA A 100 2.54 -8.15 11.50
CA ALA A 100 1.39 -7.46 10.94
C ALA A 100 1.47 -7.51 9.40
N ALA A 101 0.32 -7.76 8.79
CA ALA A 101 0.24 -7.83 7.34
C ALA A 101 0.06 -6.42 6.78
N CYS A 102 1.04 -6.00 5.98
CA CYS A 102 0.99 -4.69 5.37
C CYS A 102 0.31 -4.81 4.02
N GLN A 103 -0.68 -3.96 3.81
CA GLN A 103 -1.43 -3.96 2.55
C GLN A 103 -0.94 -2.83 1.65
N VAL A 104 -0.37 -3.22 0.52
CA VAL A 104 0.15 -2.26 -0.44
C VAL A 104 -0.99 -1.85 -1.40
N GLY A 105 -1.48 -0.64 -1.19
CA GLY A 105 -2.56 -0.12 -2.02
C GLY A 105 -2.54 1.41 -2.04
N LEU A 106 -3.44 1.96 -2.85
CA LEU A 106 -3.54 3.40 -2.98
C LEU A 106 -4.79 3.89 -2.25
N SER A 107 -4.68 5.09 -1.69
CA SER A 107 -5.80 5.68 -0.97
C SER A 107 -6.53 6.69 -1.86
N ASP A 108 -7.84 6.72 -1.70
CA ASP A 108 -8.68 7.62 -2.48
C ASP A 108 -8.65 9.01 -1.84
N ALA A 109 -9.00 10.01 -2.63
CA ALA A 109 -9.02 11.38 -2.15
C ALA A 109 -10.29 11.60 -1.33
N ALA A 110 -11.21 10.64 -1.42
CA ALA A 110 -12.46 10.72 -0.69
C ALA A 110 -12.30 10.02 0.66
N GLY A 111 -11.21 9.28 0.78
CA GLY A 111 -10.93 8.56 2.01
C GLY A 111 -11.90 7.38 2.20
N ASN A 112 -12.06 6.63 1.12
CA ASN A 112 -12.95 5.47 1.14
C ASN A 112 -12.11 4.19 1.22
N GLY A 113 -12.66 3.20 1.90
CA GLY A 113 -11.99 1.93 2.04
C GLY A 113 -11.20 1.58 0.78
N PRO A 114 -9.88 1.89 0.83
CA PRO A 114 -9.01 1.62 -0.31
C PRO A 114 -8.68 0.13 -0.39
N GLU A 115 -8.45 -0.33 -1.61
CA GLU A 115 -8.12 -1.72 -1.84
C GLU A 115 -6.62 -1.93 -1.73
N GLY A 116 -6.22 -2.58 -0.63
CA GLY A 116 -4.83 -2.86 -0.38
C GLY A 116 -4.49 -4.32 -0.67
N VAL A 117 -3.25 -4.56 -1.05
CA VAL A 117 -2.79 -5.90 -1.36
C VAL A 117 -1.99 -6.44 -0.18
N ALA A 118 -2.51 -7.51 0.41
CA ALA A 118 -1.86 -8.13 1.55
C ALA A 118 -0.53 -8.74 1.09
N ILE A 119 0.52 -7.93 1.23
CA ILE A 119 1.85 -8.38 0.83
C ILE A 119 2.35 -9.41 1.83
N SER A 120 3.15 -10.34 1.33
CA SER A 120 3.71 -11.39 2.16
C SER A 120 4.65 -10.79 3.20
N PHE A 121 4.04 -10.06 4.15
CA PHE A 121 4.81 -9.44 5.21
C PHE A 121 5.92 -10.36 5.71
N ASN A 122 7.14 -9.83 5.68
CA ASN A 122 8.29 -10.61 6.13
C ASN A 122 8.09 -11.02 7.59
C1 NCZ B . -5.37 2.34 4.25
C6 NCZ B . -4.46 3.19 3.61
C5 NCZ B . -3.80 2.72 2.46
C7 NCZ B . -2.88 3.51 1.79
C8 NCZ B . -2.57 4.76 2.29
C9 NCZ B . -3.20 5.25 3.45
C10 NCZ B . -4.21 4.49 4.11
C11 NCZ B . -5.15 5.15 4.98
O3 NCZ B . -4.84 6.20 5.54
O4 NCZ B . -6.49 4.64 5.29
C12 NCZ B . -7.42 5.50 6.03
C13 NCZ B . -8.67 4.73 6.49
C14 NCZ B . -9.65 4.94 5.61
C15 NCZ B . -9.35 6.01 4.62
C16 NCZ B . -7.99 6.58 5.10
O6 NCZ B . -8.24 7.82 5.80
O5 NCZ B . -9.08 5.21 7.77
O2 NCZ B . -2.84 6.54 3.88
C4 NCZ B . -4.10 1.46 1.99
C3 NCZ B . -5.02 0.66 2.65
C2 NCZ B . -5.66 1.09 3.78
O1 NCZ B . -6.56 0.24 4.42
C17 NCZ B . -7.59 0.66 5.32
C18 NCZ B . -3.48 0.90 0.75
H1 NCZ B . -5.87 2.69 5.16
H7 NCZ B . -2.39 3.15 0.88
H8 NCZ B . -1.82 5.38 1.79
H12 NCZ B . -7.04 6.17 6.60
H13 NCZ B . -8.45 3.67 6.54
H14 NCZ B . -10.58 4.38 5.60
H15 NCZ B . -9.94 6.32 3.77
H16 NCZ B . -7.36 6.74 4.22
H6 NCZ B . -9.15 7.78 6.28
H5 NCZ B . -8.37 5.06 8.41
H2 NCZ B . -3.63 7.18 3.74
H3 NCZ B . -5.25 -0.32 2.25
H171 NCZ B . -8.15 -0.22 5.67
H172 NCZ B . -7.15 1.16 6.18
H173 NCZ B . -8.27 1.34 4.82
H181 NCZ B . -4.11 1.14 -0.11
H182 NCZ B . -2.49 1.34 0.61
H183 NCZ B . -3.39 -0.18 0.85
N ALA A 10 -5.87 -13.20 -10.60
CA ALA A 10 -5.39 -13.50 -9.27
C ALA A 10 -4.75 -12.25 -8.67
N ALA A 11 -5.43 -11.70 -7.67
CA ALA A 11 -4.93 -10.51 -6.99
C ALA A 11 -5.23 -9.28 -7.86
N PRO A 12 -6.55 -8.93 -7.93
CA PRO A 12 -6.98 -7.80 -8.73
C PRO A 12 -6.63 -6.48 -8.03
N THR A 13 -7.00 -5.39 -8.67
CA THR A 13 -6.74 -4.07 -8.13
C THR A 13 -5.23 -3.88 -7.88
N ALA A 14 -4.91 -2.83 -7.13
CA ALA A 14 -3.53 -2.54 -6.81
C ALA A 14 -2.86 -3.79 -6.22
N THR A 15 -1.82 -4.24 -6.91
CA THR A 15 -1.09 -5.41 -6.47
C THR A 15 0.40 -5.25 -6.76
N VAL A 16 1.21 -5.78 -5.85
CA VAL A 16 2.65 -5.71 -5.99
C VAL A 16 3.20 -7.09 -6.36
N THR A 17 4.13 -7.09 -7.31
CA THR A 17 4.74 -8.33 -7.75
C THR A 17 4.81 -9.33 -6.60
N PRO A 18 5.54 -8.92 -5.53
CA PRO A 18 5.70 -9.77 -4.36
C PRO A 18 4.41 -9.80 -3.53
N SER A 19 4.18 -10.94 -2.88
CA SER A 19 3.01 -11.10 -2.05
C SER A 19 3.41 -11.61 -0.66
N SER A 20 4.15 -12.71 -0.68
CA SER A 20 4.61 -13.32 0.57
C SER A 20 6.12 -13.48 0.54
N GLY A 21 6.68 -13.70 1.72
CA GLY A 21 8.12 -13.87 1.85
C GLY A 21 8.87 -12.65 1.30
N LEU A 22 8.27 -11.49 1.49
CA LEU A 22 8.87 -10.26 1.01
C LEU A 22 10.15 -9.98 1.81
N SER A 23 10.86 -8.95 1.37
CA SER A 23 12.10 -8.58 2.02
C SER A 23 12.05 -7.11 2.45
N ASP A 24 12.57 -6.85 3.64
CA ASP A 24 12.58 -5.50 4.18
C ASP A 24 13.29 -4.57 3.20
N GLY A 25 12.57 -4.20 2.15
CA GLY A 25 13.12 -3.32 1.14
C GLY A 25 13.02 -3.95 -0.26
N THR A 26 11.90 -4.63 -0.48
CA THR A 26 11.66 -5.28 -1.75
C THR A 26 10.99 -4.31 -2.74
N VAL A 27 11.79 -3.81 -3.66
CA VAL A 27 11.30 -2.88 -4.65
C VAL A 27 10.80 -3.66 -5.88
N VAL A 28 9.59 -3.35 -6.29
CA VAL A 28 8.99 -4.01 -7.44
C VAL A 28 7.97 -3.07 -8.09
N LYS A 29 7.07 -3.66 -8.85
CA LYS A 29 6.04 -2.89 -9.54
C LYS A 29 4.68 -3.21 -8.92
N VAL A 30 3.86 -2.17 -8.78
CA VAL A 30 2.55 -2.32 -8.22
C VAL A 30 1.49 -2.07 -9.31
N ALA A 31 1.03 -3.16 -9.90
CA ALA A 31 0.03 -3.07 -10.95
C ALA A 31 -1.37 -3.15 -10.33
N GLY A 32 -2.17 -2.14 -10.61
CA GLY A 32 -3.53 -2.08 -10.09
C GLY A 32 -4.55 -2.03 -11.22
N ALA A 33 -5.01 -3.22 -11.61
CA ALA A 33 -5.99 -3.32 -12.68
C ALA A 33 -7.39 -3.39 -12.08
N GLY A 34 -8.16 -2.33 -12.31
CA GLY A 34 -9.51 -2.26 -11.79
C GLY A 34 -9.62 -1.22 -10.67
N LEU A 35 -8.57 -0.43 -10.53
CA LEU A 35 -8.53 0.59 -9.50
C LEU A 35 -8.93 1.94 -10.11
N GLN A 36 -8.28 2.99 -9.64
CA GLN A 36 -8.55 4.32 -10.12
C GLN A 36 -8.74 4.31 -11.64
N ALA A 37 -9.99 4.11 -12.04
CA ALA A 37 -10.33 4.08 -13.46
C ALA A 37 -9.97 5.42 -14.10
N GLY A 38 -8.71 5.57 -14.43
CA GLY A 38 -8.23 6.80 -15.05
C GLY A 38 -8.06 7.91 -14.01
N THR A 39 -8.15 7.51 -12.75
CA THR A 39 -8.01 8.45 -11.65
C THR A 39 -6.55 8.57 -11.21
N ALA A 40 -6.34 9.35 -10.16
CA ALA A 40 -5.00 9.54 -9.64
C ALA A 40 -5.02 9.44 -8.11
N TYR A 41 -4.48 8.34 -7.62
CA TYR A 41 -4.44 8.11 -6.19
C TYR A 41 -3.00 8.03 -5.68
N ASP A 42 -2.85 7.60 -4.44
CA ASP A 42 -1.53 7.48 -3.83
C ASP A 42 -1.32 6.03 -3.40
N VAL A 43 -0.30 5.41 -3.98
CA VAL A 43 0.03 4.03 -3.67
C VAL A 43 0.78 3.99 -2.33
N GLY A 44 0.46 2.99 -1.54
CA GLY A 44 1.11 2.82 -0.25
C GLY A 44 0.49 1.65 0.53
N GLN A 45 1.28 1.11 1.45
CA GLN A 45 0.82 -0.01 2.25
C GLN A 45 0.22 0.49 3.57
N CYS A 46 -1.11 0.44 3.62
CA CYS A 46 -1.82 0.89 4.81
C CYS A 46 -2.34 -0.35 5.55
N ALA A 47 -2.40 -0.24 6.86
CA ALA A 47 -2.88 -1.34 7.69
C ALA A 47 -3.11 -0.83 9.11
N TRP A 48 -3.96 -1.54 9.83
CA TRP A 48 -4.28 -1.18 11.20
C TRP A 48 -3.04 -1.43 12.06
N VAL A 49 -2.38 -0.34 12.42
CA VAL A 49 -1.17 -0.44 13.23
C VAL A 49 -1.57 -0.42 14.71
N ASP A 50 -2.47 0.50 15.04
CA ASP A 50 -2.93 0.64 16.41
C ASP A 50 -4.15 -0.26 16.62
N THR A 51 -4.89 0.04 17.68
CA THR A 51 -6.08 -0.73 18.00
C THR A 51 -7.15 -0.51 16.94
N GLY A 52 -6.99 -1.24 15.83
CA GLY A 52 -7.93 -1.12 14.73
C GLY A 52 -7.84 0.24 14.05
N VAL A 53 -6.69 0.86 14.20
CA VAL A 53 -6.46 2.18 13.61
C VAL A 53 -5.63 2.02 12.33
N LEU A 54 -6.31 2.20 11.20
CA LEU A 54 -5.66 2.09 9.91
C LEU A 54 -4.51 3.09 9.84
N ALA A 55 -3.32 2.60 10.12
CA ALA A 55 -2.13 3.44 10.09
C ALA A 55 -1.33 3.13 8.82
N CYS A 56 -0.88 4.19 8.18
CA CYS A 56 -0.10 4.05 6.95
C CYS A 56 1.35 4.42 7.26
N ASN A 57 2.26 3.78 6.54
CA ASN A 57 3.68 4.04 6.72
C ASN A 57 4.08 5.24 5.88
N PRO A 58 5.37 5.66 6.06
CA PRO A 58 5.90 6.80 5.33
C PRO A 58 6.20 6.42 3.88
N ALA A 59 6.20 5.12 3.62
CA ALA A 59 6.47 4.62 2.29
C ALA A 59 5.14 4.32 1.58
N ASP A 60 4.06 4.73 2.24
CA ASP A 60 2.74 4.52 1.69
C ASP A 60 2.35 5.70 0.80
N PHE A 61 3.34 6.53 0.52
CA PHE A 61 3.13 7.70 -0.31
C PHE A 61 3.73 7.50 -1.70
N SER A 62 2.88 7.09 -2.63
CA SER A 62 3.31 6.86 -4.00
C SER A 62 2.27 7.38 -4.98
N SER A 63 2.17 8.71 -5.04
CA SER A 63 1.21 9.35 -5.93
C SER A 63 1.37 8.81 -7.35
N VAL A 64 0.31 8.18 -7.83
CA VAL A 64 0.33 7.61 -9.17
C VAL A 64 -1.10 7.59 -9.73
N THR A 65 -1.20 7.39 -11.03
CA THR A 65 -2.49 7.35 -11.70
C THR A 65 -2.66 6.03 -12.46
N ALA A 66 -3.91 5.64 -12.64
CA ALA A 66 -4.22 4.41 -13.34
C ALA A 66 -4.77 4.74 -14.73
N ASP A 67 -4.49 3.86 -15.66
CA ASP A 67 -4.95 4.04 -17.04
C ASP A 67 -6.48 4.00 -17.06
N ALA A 68 -7.04 4.57 -18.13
CA ALA A 68 -8.48 4.61 -18.28
C ALA A 68 -9.08 3.27 -17.85
N ASN A 69 -8.28 2.22 -18.02
CA ASN A 69 -8.71 0.88 -17.66
C ASN A 69 -8.33 0.61 -16.20
N GLY A 70 -8.40 1.67 -15.40
CA GLY A 70 -8.07 1.56 -13.99
C GLY A 70 -6.81 0.70 -13.79
N SER A 71 -5.84 0.93 -14.64
CA SER A 71 -4.58 0.20 -14.56
C SER A 71 -3.46 1.11 -14.08
N ALA A 72 -3.19 1.02 -12.78
CA ALA A 72 -2.15 1.83 -12.18
C ALA A 72 -0.92 0.96 -11.89
N SER A 73 0.07 1.08 -12.75
CA SER A 73 1.29 0.32 -12.61
C SER A 73 2.41 1.21 -12.07
N THR A 74 2.40 1.40 -10.76
CA THR A 74 3.41 2.23 -10.11
C THR A 74 4.38 1.36 -9.32
N SER A 75 5.65 1.66 -9.46
CA SER A 75 6.69 0.91 -8.77
C SER A 75 7.00 1.59 -7.42
N LEU A 76 7.26 0.76 -6.43
CA LEU A 76 7.57 1.25 -5.10
C LEU A 76 8.47 0.24 -4.38
N THR A 77 8.87 0.61 -3.17
CA THR A 77 9.73 -0.25 -2.38
C THR A 77 8.93 -0.86 -1.22
N VAL A 78 8.98 -2.19 -1.16
CA VAL A 78 8.26 -2.91 -0.12
C VAL A 78 9.16 -3.04 1.11
N ARG A 79 9.13 -2.01 1.94
CA ARG A 79 9.94 -1.99 3.15
C ARG A 79 9.08 -2.36 4.36
N ARG A 80 8.79 -3.66 4.47
CA ARG A 80 7.99 -4.16 5.57
C ARG A 80 8.31 -3.38 6.86
N SER A 81 9.56 -2.95 6.95
CA SER A 81 9.99 -2.19 8.11
C SER A 81 9.85 -0.69 7.85
N PHE A 82 9.00 -0.07 8.67
CA PHE A 82 8.76 1.36 8.53
C PHE A 82 8.03 1.91 9.76
N GLU A 83 8.03 3.23 9.87
CA GLU A 83 7.38 3.88 10.98
C GLU A 83 5.92 4.21 10.64
N GLY A 84 5.05 3.26 10.95
CA GLY A 84 3.63 3.44 10.68
C GLY A 84 3.11 4.74 11.29
N PHE A 85 1.95 5.16 10.80
CA PHE A 85 1.34 6.39 11.28
C PHE A 85 -0.18 6.24 11.36
N LEU A 86 -0.71 6.63 12.51
CA LEU A 86 -2.14 6.55 12.73
C LEU A 86 -2.86 7.53 11.79
N PHE A 87 -4.01 7.08 11.29
CA PHE A 87 -4.80 7.91 10.39
C PHE A 87 -5.32 9.15 11.10
N ASP A 88 -5.40 9.06 12.42
CA ASP A 88 -5.88 10.17 13.22
C ASP A 88 -5.02 11.40 12.94
N GLY A 89 -3.72 11.23 13.13
CA GLY A 89 -2.78 12.32 12.90
C GLY A 89 -1.41 12.01 13.54
N THR A 90 -1.47 11.22 14.60
CA THR A 90 -0.25 10.84 15.32
C THR A 90 0.43 9.67 14.61
N ARG A 91 1.70 9.50 14.92
CA ARG A 91 2.48 8.43 14.34
C ARG A 91 2.69 7.29 15.34
N TRP A 92 2.70 6.07 14.82
CA TRP A 92 2.88 4.90 15.67
C TRP A 92 4.29 4.36 15.42
N GLY A 93 4.40 3.53 14.41
CA GLY A 93 5.69 2.94 14.05
C GLY A 93 5.53 1.47 13.65
N THR A 94 5.80 0.59 14.61
CA THR A 94 5.69 -0.83 14.36
C THR A 94 6.98 -1.37 13.73
N VAL A 95 7.41 -0.68 12.68
CA VAL A 95 8.63 -1.07 11.98
C VAL A 95 8.36 -2.35 11.19
N ASP A 96 8.86 -3.45 11.73
CA ASP A 96 8.69 -4.75 11.09
C ASP A 96 7.20 -5.07 11.01
N CYS A 97 6.66 -4.94 9.80
CA CYS A 97 5.25 -5.23 9.59
C CYS A 97 5.10 -6.71 9.24
N THR A 98 5.14 -7.52 10.28
CA THR A 98 5.01 -8.96 10.11
C THR A 98 3.64 -9.44 10.59
N THR A 99 3.14 -8.75 11.61
CA THR A 99 1.83 -9.09 12.17
C THR A 99 0.73 -8.34 11.44
N ALA A 100 0.83 -7.02 11.46
CA ALA A 100 -0.15 -6.17 10.81
C ALA A 100 -0.01 -6.30 9.29
N ALA A 101 -0.91 -7.06 8.69
CA ALA A 101 -0.89 -7.27 7.26
C ALA A 101 -1.05 -5.92 6.55
N CYS A 102 0.07 -5.41 6.06
CA CYS A 102 0.07 -4.14 5.36
C CYS A 102 -0.32 -4.39 3.90
N GLN A 103 -1.33 -3.66 3.46
CA GLN A 103 -1.80 -3.79 2.09
C GLN A 103 -1.35 -2.59 1.25
N VAL A 104 -0.53 -2.89 0.24
CA VAL A 104 -0.02 -1.85 -0.64
C VAL A 104 -1.03 -1.61 -1.77
N GLY A 105 -1.52 -0.39 -1.84
CA GLY A 105 -2.48 -0.03 -2.87
C GLY A 105 -2.61 1.49 -3.00
N LEU A 106 -3.38 1.91 -3.99
CA LEU A 106 -3.59 3.33 -4.22
C LEU A 106 -4.90 3.77 -3.57
N SER A 107 -4.79 4.74 -2.67
CA SER A 107 -5.95 5.25 -1.97
C SER A 107 -6.40 6.57 -2.59
N ASP A 108 -7.60 6.99 -2.21
CA ASP A 108 -8.15 8.23 -2.72
C ASP A 108 -7.48 9.41 -2.02
N ALA A 109 -7.58 10.57 -2.66
CA ALA A 109 -6.98 11.78 -2.11
C ALA A 109 -7.98 12.46 -1.18
N ALA A 110 -9.13 11.82 -1.02
CA ALA A 110 -10.17 12.34 -0.17
C ALA A 110 -9.91 11.91 1.28
N GLY A 111 -10.16 10.63 1.53
CA GLY A 111 -9.95 10.08 2.87
C GLY A 111 -10.55 8.68 2.97
N ASN A 112 -10.37 7.91 1.91
CA ASN A 112 -10.87 6.54 1.88
C ASN A 112 -9.76 5.59 1.49
N GLY A 113 -9.84 4.38 2.01
CA GLY A 113 -8.84 3.37 1.74
C GLY A 113 -9.47 2.15 1.04
N PRO A 114 -9.16 2.00 -0.27
CA PRO A 114 -9.68 0.89 -1.05
C PRO A 114 -8.96 -0.41 -0.70
N GLU A 115 -9.09 -1.37 -1.60
CA GLU A 115 -8.46 -2.67 -1.40
C GLU A 115 -6.97 -2.59 -1.75
N GLY A 116 -6.18 -3.32 -0.99
CA GLY A 116 -4.74 -3.34 -1.20
C GLY A 116 -4.20 -4.77 -1.14
N VAL A 117 -2.93 -4.91 -1.50
CA VAL A 117 -2.29 -6.21 -1.50
C VAL A 117 -1.54 -6.40 -0.17
N ALA A 118 -2.13 -7.22 0.69
CA ALA A 118 -1.55 -7.49 1.99
C ALA A 118 -0.17 -8.14 1.80
N ILE A 119 0.81 -7.29 1.54
CA ILE A 119 2.17 -7.77 1.34
C ILE A 119 2.78 -8.14 2.69
N SER A 120 3.61 -9.17 2.66
CA SER A 120 4.27 -9.64 3.87
C SER A 120 4.59 -11.13 3.74
N PHE A 121 3.54 -11.95 3.88
CA PHE A 121 3.69 -13.38 3.79
C PHE A 121 2.36 -14.06 3.45
N ASN A 122 2.45 -15.33 3.11
CA ASN A 122 1.26 -16.09 2.77
C ASN A 122 0.53 -16.49 4.05
C1 NCZ B . -5.56 2.61 3.55
C6 NCZ B . -4.65 3.50 2.98
C5 NCZ B . -3.98 3.14 1.80
C7 NCZ B . -3.05 3.98 1.21
C8 NCZ B . -2.75 5.18 1.81
C9 NCZ B . -3.40 5.57 3.00
C10 NCZ B . -4.40 4.76 3.60
C11 NCZ B . -5.35 5.35 4.50
O3 NCZ B . -5.04 6.35 5.16
O4 NCZ B . -6.69 4.82 4.76
C12 NCZ B . -7.60 5.60 5.60
C13 NCZ B . -8.29 4.73 6.67
C14 NCZ B . -9.48 4.34 6.22
C15 NCZ B . -9.91 5.04 4.98
C16 NCZ B . -8.79 6.08 4.74
O6 NCZ B . -9.28 7.38 5.18
O5 NCZ B . -8.45 5.50 7.86
O2 NCZ B . -3.03 6.82 3.54
C4 NCZ B . -4.28 1.92 1.22
C3 NCZ B . -5.20 1.07 1.81
C2 NCZ B . -5.85 1.41 2.97
O1 NCZ B . -6.76 0.50 3.53
C17 NCZ B . -7.79 0.84 4.47
C18 NCZ B . -3.65 1.47 -0.05
H1 NCZ B . -6.06 2.89 4.48
H7 NCZ B . -2.56 3.69 0.28
H8 NCZ B . -2.00 5.83 1.37
H12 NCZ B . -7.24 6.24 6.20
H13 NCZ B . -7.68 3.85 6.87
H14 NCZ B . -10.10 3.58 6.72
H15 NCZ B . -10.79 4.87 4.38
H16 NCZ B . -8.57 6.09 3.68
H6 NCZ B . -9.92 7.26 5.98
H5 NCZ B . -7.59 5.77 8.19
H2 NCZ B . -3.81 7.48 3.45
H3 NCZ B . -5.43 0.12 1.33
H171 NCZ B . -8.35 -0.05 4.73
H172 NCZ B . -7.35 1.27 5.36
H173 NCZ B . -8.46 1.57 4.01
H181 NCZ B . -4.27 1.78 -0.90
H182 NCZ B . -2.67 1.92 -0.15
H183 NCZ B . -3.56 0.38 -0.04
N ALA A 10 -5.33 -11.93 -12.26
CA ALA A 10 -6.08 -11.52 -13.42
C ALA A 10 -6.10 -9.98 -13.48
N ALA A 11 -7.02 -9.40 -12.73
CA ALA A 11 -7.15 -7.95 -12.69
C ALA A 11 -7.42 -7.51 -11.25
N PRO A 12 -6.52 -7.94 -10.32
CA PRO A 12 -6.66 -7.59 -8.92
C PRO A 12 -6.28 -6.13 -8.68
N THR A 13 -6.93 -5.25 -9.42
CA THR A 13 -6.67 -3.82 -9.30
C THR A 13 -5.18 -3.56 -9.16
N ALA A 14 -4.83 -2.88 -8.07
CA ALA A 14 -3.44 -2.55 -7.81
C ALA A 14 -2.80 -3.68 -6.98
N THR A 15 -1.78 -4.29 -7.54
CA THR A 15 -1.09 -5.38 -6.87
C THR A 15 0.40 -5.35 -7.21
N VAL A 16 1.21 -5.71 -6.23
CA VAL A 16 2.65 -5.74 -6.42
C VAL A 16 3.03 -6.99 -7.22
N THR A 17 4.01 -6.81 -8.09
CA THR A 17 4.48 -7.92 -8.92
C THR A 17 4.42 -9.23 -8.15
N PRO A 18 5.07 -9.22 -6.95
CA PRO A 18 5.10 -10.41 -6.11
C PRO A 18 3.74 -10.61 -5.42
N SER A 19 3.76 -11.46 -4.39
CA SER A 19 2.56 -11.74 -3.64
C SER A 19 2.92 -12.11 -2.19
N SER A 20 3.69 -13.18 -2.06
CA SER A 20 4.11 -13.65 -0.75
C SER A 20 5.60 -13.96 -0.76
N GLY A 21 6.16 -14.04 0.43
CA GLY A 21 7.59 -14.33 0.57
C GLY A 21 8.44 -13.09 0.30
N LEU A 22 7.82 -11.94 0.52
CA LEU A 22 8.51 -10.67 0.31
C LEU A 22 9.45 -10.40 1.47
N SER A 23 10.21 -9.32 1.35
CA SER A 23 11.15 -8.93 2.38
C SER A 23 11.00 -7.46 2.71
N ASP A 24 11.47 -7.08 3.89
CA ASP A 24 11.40 -5.70 4.33
C ASP A 24 12.28 -4.84 3.43
N GLY A 25 11.96 -4.85 2.15
CA GLY A 25 12.72 -4.07 1.18
C GLY A 25 12.52 -4.62 -0.23
N THR A 26 11.33 -5.14 -0.47
CA THR A 26 11.00 -5.70 -1.77
C THR A 26 10.37 -4.62 -2.67
N VAL A 27 11.19 -4.11 -3.59
CA VAL A 27 10.73 -3.09 -4.50
C VAL A 27 10.46 -3.71 -5.87
N VAL A 28 9.28 -3.44 -6.39
CA VAL A 28 8.90 -3.97 -7.69
C VAL A 28 7.90 -3.01 -8.36
N LYS A 29 7.11 -3.56 -9.27
CA LYS A 29 6.13 -2.78 -9.98
C LYS A 29 4.73 -3.26 -9.61
N VAL A 30 3.86 -2.31 -9.32
CA VAL A 30 2.48 -2.63 -8.94
C VAL A 30 1.55 -2.27 -10.10
N ALA A 31 0.95 -3.28 -10.69
CA ALA A 31 0.03 -3.08 -11.79
C ALA A 31 -1.37 -2.84 -11.25
N GLY A 32 -2.04 -1.85 -11.83
CA GLY A 32 -3.39 -1.50 -11.41
C GLY A 32 -4.41 -1.92 -12.47
N ALA A 33 -4.74 -3.21 -12.45
CA ALA A 33 -5.69 -3.74 -13.40
C ALA A 33 -7.11 -3.34 -12.98
N GLY A 34 -7.56 -2.23 -13.51
CA GLY A 34 -8.89 -1.73 -13.20
C GLY A 34 -8.85 -0.77 -12.01
N LEU A 35 -7.75 -0.02 -11.93
CA LEU A 35 -7.57 0.93 -10.85
C LEU A 35 -8.24 2.25 -11.22
N GLN A 36 -7.61 3.34 -10.81
CA GLN A 36 -8.13 4.67 -11.10
C GLN A 36 -8.09 4.95 -12.60
N ALA A 37 -9.07 4.38 -13.30
CA ALA A 37 -9.15 4.57 -14.74
C ALA A 37 -9.27 6.06 -15.05
N GLY A 38 -8.12 6.68 -15.27
CA GLY A 38 -8.08 8.10 -15.58
C GLY A 38 -7.77 8.93 -14.34
N THR A 39 -7.99 8.30 -13.18
CA THR A 39 -7.75 8.97 -11.91
C THR A 39 -6.31 8.72 -11.45
N ALA A 40 -5.99 9.27 -10.29
CA ALA A 40 -4.66 9.12 -9.72
C ALA A 40 -4.70 9.47 -8.23
N TYR A 41 -4.33 8.51 -7.41
CA TYR A 41 -4.33 8.71 -5.97
C TYR A 41 -2.92 8.53 -5.41
N ASP A 42 -2.86 8.01 -4.19
CA ASP A 42 -1.58 7.79 -3.53
C ASP A 42 -1.45 6.31 -3.18
N VAL A 43 -0.40 5.69 -3.72
CA VAL A 43 -0.15 4.29 -3.47
C VAL A 43 0.74 4.15 -2.23
N GLY A 44 0.51 3.07 -1.49
CA GLY A 44 1.27 2.81 -0.29
C GLY A 44 0.71 1.61 0.47
N GLN A 45 1.55 1.05 1.35
CA GLN A 45 1.15 -0.10 2.13
C GLN A 45 0.59 0.36 3.49
N CYS A 46 -0.72 0.38 3.58
CA CYS A 46 -1.39 0.80 4.80
C CYS A 46 -1.97 -0.45 5.48
N ALA A 47 -2.01 -0.39 6.80
CA ALA A 47 -2.55 -1.51 7.58
C ALA A 47 -2.54 -1.13 9.06
N TRP A 48 -3.28 -1.90 9.83
CA TRP A 48 -3.38 -1.68 11.27
C TRP A 48 -2.02 -1.99 11.89
N VAL A 49 -1.42 -0.96 12.49
CA VAL A 49 -0.13 -1.12 13.12
C VAL A 49 -0.31 -1.14 14.64
N ASP A 50 -1.15 -0.24 15.11
CA ASP A 50 -1.42 -0.13 16.54
C ASP A 50 -2.42 -1.22 16.94
N THR A 51 -3.12 -0.97 18.04
CA THR A 51 -4.10 -1.91 18.54
C THR A 51 -5.48 -1.60 17.96
N GLY A 52 -5.62 -1.89 16.68
CA GLY A 52 -6.88 -1.66 15.99
C GLY A 52 -6.86 -0.30 15.28
N VAL A 53 -5.71 0.35 15.32
CA VAL A 53 -5.55 1.64 14.68
C VAL A 53 -4.82 1.46 13.35
N LEU A 54 -5.47 1.96 12.29
CA LEU A 54 -4.92 1.85 10.96
C LEU A 54 -3.74 2.82 10.83
N ALA A 55 -2.57 2.26 10.56
CA ALA A 55 -1.36 3.06 10.41
C ALA A 55 -0.73 2.76 9.04
N CYS A 56 -0.39 3.84 8.35
CA CYS A 56 0.22 3.71 7.04
C CYS A 56 1.74 3.80 7.21
N ASN A 57 2.45 3.24 6.24
CA ASN A 57 3.91 3.26 6.27
C ASN A 57 4.41 4.59 5.69
N PRO A 58 5.71 4.88 5.99
CA PRO A 58 6.32 6.11 5.51
C PRO A 58 6.65 6.00 4.03
N ALA A 59 6.61 4.78 3.52
CA ALA A 59 6.91 4.53 2.12
C ALA A 59 5.60 4.25 1.37
N ASP A 60 4.50 4.55 2.04
CA ASP A 60 3.18 4.34 1.45
C ASP A 60 2.77 5.58 0.66
N PHE A 61 3.75 6.46 0.44
CA PHE A 61 3.49 7.69 -0.28
C PHE A 61 4.10 7.62 -1.70
N SER A 62 3.27 7.20 -2.64
CA SER A 62 3.70 7.09 -4.01
C SER A 62 2.52 7.32 -4.96
N SER A 63 2.31 8.58 -5.30
CA SER A 63 1.22 8.94 -6.18
C SER A 63 1.03 7.86 -7.27
N VAL A 64 -0.17 7.34 -7.34
CA VAL A 64 -0.50 6.31 -8.30
C VAL A 64 -1.46 6.88 -9.35
N THR A 65 -1.23 6.50 -10.59
CA THR A 65 -2.07 6.95 -11.68
C THR A 65 -2.47 5.78 -12.58
N ALA A 66 -3.78 5.64 -12.77
CA ALA A 66 -4.29 4.57 -13.60
C ALA A 66 -4.79 5.14 -14.93
N ASP A 67 -4.23 4.62 -16.01
CA ASP A 67 -4.61 5.08 -17.34
C ASP A 67 -6.12 4.92 -17.52
N ALA A 68 -6.66 5.70 -18.44
CA ALA A 68 -8.08 5.66 -18.73
C ALA A 68 -8.53 4.20 -18.79
N ASN A 69 -7.59 3.33 -19.12
CA ASN A 69 -7.89 1.91 -19.22
C ASN A 69 -7.70 1.26 -17.85
N GLY A 70 -7.97 2.03 -16.82
CA GLY A 70 -7.83 1.55 -15.45
C GLY A 70 -6.53 0.76 -15.29
N SER A 71 -5.47 1.31 -15.85
CA SER A 71 -4.17 0.68 -15.77
C SER A 71 -3.21 1.55 -14.95
N ALA A 72 -3.06 1.18 -13.69
CA ALA A 72 -2.18 1.91 -12.79
C ALA A 72 -0.93 1.09 -12.52
N SER A 73 0.04 1.23 -13.42
CA SER A 73 1.29 0.50 -13.29
C SER A 73 2.32 1.35 -12.55
N THR A 74 2.15 1.42 -11.23
CA THR A 74 3.07 2.20 -10.41
C THR A 74 3.96 1.27 -9.60
N SER A 75 5.25 1.57 -9.63
CA SER A 75 6.24 0.77 -8.91
C SER A 75 6.63 1.48 -7.61
N LEU A 76 6.95 0.69 -6.61
CA LEU A 76 7.35 1.23 -5.32
C LEU A 76 8.10 0.16 -4.53
N THR A 77 8.58 0.55 -3.36
CA THR A 77 9.31 -0.36 -2.51
C THR A 77 8.39 -0.93 -1.43
N VAL A 78 8.35 -2.25 -1.37
CA VAL A 78 7.51 -2.94 -0.39
C VAL A 78 8.32 -3.14 0.90
N ARG A 79 8.23 -2.14 1.76
CA ARG A 79 8.95 -2.19 3.03
C ARG A 79 7.98 -2.53 4.17
N ARG A 80 8.39 -3.50 4.97
CA ARG A 80 7.56 -3.93 6.09
C ARG A 80 7.94 -3.16 7.36
N SER A 81 9.25 -2.99 7.54
CA SER A 81 9.76 -2.27 8.69
C SER A 81 9.65 -0.75 8.46
N PHE A 82 9.10 -0.08 9.46
CA PHE A 82 8.95 1.37 9.38
C PHE A 82 7.91 1.86 10.39
N GLU A 83 7.84 3.17 10.53
CA GLU A 83 6.91 3.79 11.46
C GLU A 83 5.53 3.92 10.82
N GLY A 84 4.53 3.49 11.56
CA GLY A 84 3.15 3.56 11.08
C GLY A 84 2.57 4.95 11.27
N PHE A 85 1.56 5.25 10.47
CA PHE A 85 0.90 6.55 10.54
C PHE A 85 -0.60 6.39 10.81
N LEU A 86 -0.96 6.53 12.07
CA LEU A 86 -2.35 6.40 12.48
C LEU A 86 -3.09 7.71 12.15
N PHE A 87 -4.40 7.67 12.34
CA PHE A 87 -5.22 8.83 12.07
C PHE A 87 -5.33 9.73 13.31
N ASP A 88 -5.32 9.08 14.47
CA ASP A 88 -5.43 9.79 15.73
C ASP A 88 -4.02 10.02 16.29
N GLY A 89 -3.09 9.19 15.84
CA GLY A 89 -1.72 9.29 16.28
C GLY A 89 -0.75 8.88 15.18
N THR A 90 -0.83 9.59 14.06
CA THR A 90 0.02 9.31 12.92
C THR A 90 1.30 8.61 13.38
N ARG A 91 2.32 9.41 13.63
CA ARG A 91 3.60 8.88 14.08
C ARG A 91 3.40 7.95 15.28
N TRP A 92 3.02 6.72 14.98
CA TRP A 92 2.79 5.73 16.03
C TRP A 92 4.14 5.11 16.39
N GLY A 93 4.50 4.06 15.65
CA GLY A 93 5.75 3.38 15.88
C GLY A 93 5.79 2.05 15.12
N THR A 94 6.15 1.01 15.86
CA THR A 94 6.22 -0.33 15.28
C THR A 94 7.62 -0.56 14.68
N VAL A 95 7.83 0.04 13.52
CA VAL A 95 9.12 -0.09 12.83
C VAL A 95 9.22 -1.50 12.23
N ASP A 96 8.24 -2.33 12.57
CA ASP A 96 8.22 -3.69 12.07
C ASP A 96 6.76 -4.13 11.85
N CYS A 97 6.38 -4.17 10.58
CA CYS A 97 5.02 -4.56 10.23
C CYS A 97 5.01 -6.07 10.01
N THR A 98 5.71 -6.77 10.88
CA THR A 98 5.77 -8.22 10.80
C THR A 98 4.59 -8.86 11.53
N THR A 99 3.96 -8.06 12.37
CA THR A 99 2.82 -8.53 13.13
C THR A 99 1.53 -8.33 12.33
N ALA A 100 1.33 -7.10 11.89
CA ALA A 100 0.15 -6.75 11.12
C ALA A 100 0.44 -6.92 9.63
N ALA A 101 -0.60 -7.26 8.89
CA ALA A 101 -0.46 -7.45 7.46
C ALA A 101 -0.54 -6.11 6.75
N CYS A 102 0.55 -5.76 6.08
CA CYS A 102 0.63 -4.49 5.37
C CYS A 102 0.00 -4.70 3.99
N GLN A 103 -1.01 -3.88 3.70
CA GLN A 103 -1.70 -3.96 2.44
C GLN A 103 -1.21 -2.85 1.50
N VAL A 104 -0.63 -3.27 0.38
CA VAL A 104 -0.11 -2.34 -0.59
C VAL A 104 -1.23 -1.95 -1.57
N GLY A 105 -1.67 -0.71 -1.45
CA GLY A 105 -2.74 -0.21 -2.31
C GLY A 105 -2.76 1.32 -2.32
N LEU A 106 -3.73 1.86 -3.05
CA LEU A 106 -3.88 3.30 -3.14
C LEU A 106 -5.08 3.75 -2.31
N SER A 107 -4.99 4.95 -1.78
CA SER A 107 -6.06 5.50 -0.97
C SER A 107 -6.83 6.56 -1.76
N ASP A 108 -8.14 6.43 -1.75
CA ASP A 108 -9.00 7.36 -2.46
C ASP A 108 -8.89 8.75 -1.81
N ALA A 109 -9.29 9.75 -2.57
CA ALA A 109 -9.25 11.12 -2.08
C ALA A 109 -10.54 11.44 -1.33
N ALA A 110 -11.40 10.44 -1.26
CA ALA A 110 -12.68 10.60 -0.58
C ALA A 110 -12.61 9.88 0.78
N GLY A 111 -11.59 9.05 0.92
CA GLY A 111 -11.40 8.31 2.16
C GLY A 111 -12.37 7.13 2.25
N ASN A 112 -12.30 6.27 1.24
CA ASN A 112 -13.16 5.11 1.18
C ASN A 112 -12.30 3.84 1.20
N GLY A 113 -12.83 2.82 1.86
CA GLY A 113 -12.12 1.55 1.97
C GLY A 113 -11.36 1.25 0.67
N PRO A 114 -10.04 1.60 0.69
CA PRO A 114 -9.20 1.37 -0.47
C PRO A 114 -8.84 -0.12 -0.60
N GLU A 115 -8.56 -0.53 -1.83
CA GLU A 115 -8.21 -1.91 -2.09
C GLU A 115 -6.69 -2.10 -1.99
N GLY A 116 -6.29 -2.78 -0.93
CA GLY A 116 -4.88 -3.04 -0.70
C GLY A 116 -4.55 -4.52 -0.87
N VAL A 117 -3.29 -4.78 -1.20
CA VAL A 117 -2.85 -6.15 -1.40
C VAL A 117 -2.05 -6.62 -0.17
N ALA A 118 -2.56 -7.66 0.46
CA ALA A 118 -1.93 -8.20 1.64
C ALA A 118 -0.55 -8.78 1.26
N ILE A 119 0.45 -7.92 1.35
CA ILE A 119 1.80 -8.32 1.01
C ILE A 119 2.34 -9.26 2.10
N SER A 120 2.62 -10.49 1.68
CA SER A 120 3.12 -11.50 2.60
C SER A 120 4.61 -11.26 2.86
N PHE A 121 4.90 -10.13 3.50
CA PHE A 121 6.27 -9.78 3.81
C PHE A 121 7.00 -10.95 4.45
N ASN A 122 8.27 -10.72 4.77
CA ASN A 122 9.09 -11.74 5.38
C ASN A 122 8.49 -12.13 6.73
C1 NCZ B . -5.47 2.72 4.00
C6 NCZ B . -4.53 3.55 3.38
C5 NCZ B . -3.86 3.08 2.24
C7 NCZ B . -2.89 3.84 1.60
C8 NCZ B . -2.56 5.08 2.12
C9 NCZ B . -3.20 5.58 3.26
C10 NCZ B . -4.24 4.83 3.91
C11 NCZ B . -5.18 5.51 4.76
O3 NCZ B . -4.84 6.55 5.34
O4 NCZ B . -6.54 5.04 5.04
C12 NCZ B . -7.50 5.97 5.65
C13 NCZ B . -8.62 5.23 6.39
C14 NCZ B . -9.68 5.13 5.59
C15 NCZ B . -9.57 5.95 4.36
C16 NCZ B . -8.25 6.73 4.54
O6 NCZ B . -8.59 8.09 4.95
O5 NCZ B . -8.99 5.97 7.56
O2 NCZ B . -2.80 6.84 3.72
C4 NCZ B . -4.19 1.83 1.75
C3 NCZ B . -5.14 1.06 2.38
C2 NCZ B . -5.79 1.48 3.52
O1 NCZ B . -6.73 0.66 4.11
C17 NCZ B . -7.76 1.09 5.01
C18 NCZ B . -3.56 1.27 0.51
H1 NCZ B . -5.98 3.08 4.90
H7 NCZ B . -2.40 3.47 0.70
H8 NCZ B . -1.78 5.68 1.64
H12 NCZ B . -7.06 6.58 6.37
H13 NCZ B . -8.28 4.24 6.67
H14 NCZ B . -10.55 4.50 5.81
H15 NCZ B . -10.25 5.99 3.50
H16 NCZ B . -7.72 6.73 3.60
H6 NCZ B . -9.44 8.08 5.52
H5 NCZ B . -8.23 6.04 8.15
H2 NCZ B . -3.57 7.52 3.57
H3 NCZ B . -5.39 0.08 1.97
H171 NCZ B . -8.36 0.24 5.33
H172 NCZ B . -7.31 1.57 5.89
H173 NCZ B . -8.41 1.81 4.50
H181 NCZ B . -4.16 1.54 -0.36
H182 NCZ B . -2.56 1.68 0.39
H183 NCZ B . -3.50 0.18 0.60
N ALA A 10 -6.86 -9.36 -15.32
CA ALA A 10 -5.92 -10.38 -14.90
C ALA A 10 -5.16 -9.92 -13.67
N ALA A 11 -5.56 -8.75 -13.18
CA ALA A 11 -4.92 -8.17 -12.01
C ALA A 11 -5.98 -7.47 -11.16
N PRO A 12 -6.19 -8.01 -9.93
CA PRO A 12 -7.17 -7.43 -9.02
C PRO A 12 -6.64 -6.14 -8.39
N THR A 13 -6.96 -5.04 -9.04
CA THR A 13 -6.52 -3.74 -8.56
C THR A 13 -5.01 -3.73 -8.33
N ALA A 14 -4.53 -2.63 -7.76
CA ALA A 14 -3.11 -2.49 -7.49
C ALA A 14 -2.63 -3.70 -6.67
N THR A 15 -1.75 -4.47 -7.29
CA THR A 15 -1.21 -5.65 -6.63
C THR A 15 0.32 -5.68 -6.78
N VAL A 16 0.97 -6.21 -5.75
CA VAL A 16 2.42 -6.31 -5.76
C VAL A 16 2.83 -7.73 -6.17
N THR A 17 3.46 -7.82 -7.33
CA THR A 17 3.90 -9.09 -7.85
C THR A 17 4.72 -9.85 -6.79
N PRO A 18 5.93 -9.31 -6.52
CA PRO A 18 6.81 -9.91 -5.53
C PRO A 18 6.33 -9.62 -4.11
N SER A 19 5.09 -10.00 -3.86
CA SER A 19 4.49 -9.79 -2.55
C SER A 19 4.79 -10.99 -1.65
N SER A 20 5.76 -11.77 -2.06
CA SER A 20 6.17 -12.94 -1.29
C SER A 20 7.58 -12.76 -0.76
N GLY A 21 7.76 -13.16 0.49
CA GLY A 21 9.06 -13.04 1.15
C GLY A 21 9.66 -11.65 0.92
N LEU A 22 8.82 -10.64 1.10
CA LEU A 22 9.26 -9.26 0.92
C LEU A 22 10.63 -9.08 1.58
N SER A 23 11.23 -7.94 1.30
CA SER A 23 12.54 -7.63 1.86
C SER A 23 12.60 -6.14 2.22
N ASP A 24 13.32 -5.87 3.30
CA ASP A 24 13.47 -4.49 3.77
C ASP A 24 13.74 -3.58 2.57
N GLY A 25 12.66 -3.01 2.05
CA GLY A 25 12.76 -2.12 0.91
C GLY A 25 12.90 -2.91 -0.40
N THR A 26 11.93 -3.78 -0.63
CA THR A 26 11.94 -4.60 -1.83
C THR A 26 11.19 -3.89 -2.96
N VAL A 27 11.91 -3.65 -4.04
CA VAL A 27 11.33 -2.99 -5.20
C VAL A 27 10.40 -3.95 -5.93
N VAL A 28 9.11 -3.78 -5.68
CA VAL A 28 8.11 -4.63 -6.30
C VAL A 28 7.37 -3.83 -7.39
N LYS A 29 6.46 -4.52 -8.06
CA LYS A 29 5.68 -3.89 -9.11
C LYS A 29 4.20 -3.90 -8.72
N VAL A 30 3.66 -2.71 -8.54
CA VAL A 30 2.27 -2.57 -8.16
C VAL A 30 1.40 -2.48 -9.44
N ALA A 31 0.95 -3.64 -9.88
CA ALA A 31 0.12 -3.72 -11.07
C ALA A 31 -1.35 -3.56 -10.68
N GLY A 32 -1.90 -2.41 -11.06
CA GLY A 32 -3.30 -2.13 -10.75
C GLY A 32 -4.14 -2.14 -12.02
N ALA A 33 -5.28 -2.83 -11.92
CA ALA A 33 -6.19 -2.93 -13.05
C ALA A 33 -7.62 -2.75 -12.56
N GLY A 34 -8.16 -1.56 -12.84
CA GLY A 34 -9.52 -1.25 -12.44
C GLY A 34 -9.54 -0.57 -11.07
N LEU A 35 -8.50 0.21 -10.82
CA LEU A 35 -8.38 0.91 -9.55
C LEU A 35 -8.80 2.38 -9.75
N GLN A 36 -7.80 3.24 -9.80
CA GLN A 36 -8.06 4.66 -9.98
C GLN A 36 -9.14 4.88 -11.05
N ALA A 37 -9.27 3.88 -11.92
CA ALA A 37 -10.27 3.94 -12.98
C ALA A 37 -9.86 5.04 -13.97
N GLY A 38 -8.58 5.38 -13.95
CA GLY A 38 -8.07 6.40 -14.85
C GLY A 38 -7.77 7.69 -14.07
N THR A 39 -8.03 7.64 -12.77
CA THR A 39 -7.79 8.80 -11.93
C THR A 39 -6.38 8.75 -11.35
N ALA A 40 -6.18 9.54 -10.29
CA ALA A 40 -4.88 9.60 -9.64
C ALA A 40 -5.08 9.53 -8.13
N TYR A 41 -4.13 8.89 -7.46
CA TYR A 41 -4.19 8.75 -6.02
C TYR A 41 -2.79 8.60 -5.42
N ASP A 42 -2.76 8.19 -4.16
CA ASP A 42 -1.49 8.01 -3.47
C ASP A 42 -1.34 6.54 -3.07
N VAL A 43 -0.27 5.93 -3.55
CA VAL A 43 0.00 4.54 -3.25
C VAL A 43 0.74 4.44 -1.91
N GLY A 44 0.39 3.43 -1.14
CA GLY A 44 1.02 3.22 0.15
C GLY A 44 0.54 1.91 0.79
N GLN A 45 1.41 1.35 1.62
CA GLN A 45 1.09 0.10 2.31
C GLN A 45 0.42 0.38 3.65
N CYS A 46 -0.81 0.85 3.59
CA CYS A 46 -1.56 1.15 4.78
C CYS A 46 -2.16 -0.14 5.33
N ALA A 47 -2.36 -0.17 6.63
CA ALA A 47 -2.92 -1.33 7.29
C ALA A 47 -3.07 -1.05 8.79
N TRP A 48 -3.91 -1.85 9.43
CA TRP A 48 -4.15 -1.71 10.86
C TRP A 48 -2.88 -2.13 11.60
N VAL A 49 -2.23 -1.14 12.19
CA VAL A 49 -1.01 -1.39 12.94
C VAL A 49 -1.33 -1.43 14.44
N ASP A 50 -2.07 -0.42 14.88
CA ASP A 50 -2.46 -0.33 16.27
C ASP A 50 -3.65 -1.24 16.53
N THR A 51 -4.27 -1.05 17.69
CA THR A 51 -5.42 -1.85 18.07
C THR A 51 -6.57 -1.64 17.08
N GLY A 52 -6.43 -2.28 15.93
CA GLY A 52 -7.44 -2.17 14.89
C GLY A 52 -7.50 -0.75 14.32
N VAL A 53 -6.36 -0.06 14.43
CA VAL A 53 -6.27 1.30 13.93
C VAL A 53 -5.52 1.28 12.59
N LEU A 54 -6.25 1.65 11.54
CA LEU A 54 -5.67 1.69 10.21
C LEU A 54 -4.55 2.74 10.17
N ALA A 55 -3.33 2.24 10.34
CA ALA A 55 -2.16 3.12 10.33
C ALA A 55 -1.39 2.93 9.02
N CYS A 56 -1.02 4.04 8.42
CA CYS A 56 -0.28 4.01 7.17
C CYS A 56 1.16 4.43 7.45
N ASN A 57 2.08 3.86 6.68
CA ASN A 57 3.49 4.16 6.84
C ASN A 57 3.80 5.49 6.15
N PRO A 58 4.98 6.06 6.51
CA PRO A 58 5.40 7.33 5.93
C PRO A 58 5.90 7.13 4.49
N ALA A 59 6.14 5.87 4.15
CA ALA A 59 6.61 5.54 2.82
C ALA A 59 5.44 5.08 1.96
N ASP A 60 4.25 5.24 2.52
CA ASP A 60 3.03 4.85 1.82
C ASP A 60 2.53 6.03 0.98
N PHE A 61 3.41 7.00 0.80
CA PHE A 61 3.08 8.18 0.02
C PHE A 61 3.81 8.17 -1.33
N SER A 62 3.14 7.59 -2.32
CA SER A 62 3.70 7.51 -3.66
C SER A 62 2.63 7.79 -4.70
N SER A 63 2.40 9.09 -4.92
CA SER A 63 1.40 9.50 -5.89
C SER A 63 1.51 8.66 -7.16
N VAL A 64 0.39 8.07 -7.55
CA VAL A 64 0.35 7.24 -8.75
C VAL A 64 -0.99 7.45 -9.45
N THR A 65 -1.02 7.03 -10.72
CA THR A 65 -2.23 7.16 -11.51
C THR A 65 -2.42 5.92 -12.39
N ALA A 66 -3.68 5.63 -12.69
CA ALA A 66 -4.02 4.49 -13.50
C ALA A 66 -4.45 4.96 -14.89
N ASP A 67 -4.14 4.13 -15.89
CA ASP A 67 -4.49 4.46 -17.26
C ASP A 67 -6.02 4.55 -17.39
N ALA A 68 -6.45 5.24 -18.44
CA ALA A 68 -7.87 5.39 -18.68
C ALA A 68 -8.61 4.11 -18.31
N ASN A 69 -7.91 3.00 -18.50
CA ASN A 69 -8.49 1.69 -18.19
C ASN A 69 -8.18 1.35 -16.73
N GLY A 70 -8.18 2.37 -15.90
CA GLY A 70 -7.90 2.19 -14.48
C GLY A 70 -6.74 1.21 -14.28
N SER A 71 -5.77 1.30 -15.17
CA SER A 71 -4.61 0.43 -15.10
C SER A 71 -3.41 1.21 -14.55
N ALA A 72 -3.18 1.04 -13.26
CA ALA A 72 -2.08 1.71 -12.60
C ALA A 72 -0.98 0.69 -12.29
N SER A 73 -0.08 0.53 -13.25
CA SER A 73 1.02 -0.41 -13.09
C SER A 73 2.29 0.34 -12.68
N THR A 74 2.32 0.72 -11.41
CA THR A 74 3.47 1.44 -10.88
C THR A 74 4.24 0.56 -9.89
N SER A 75 5.56 0.74 -9.88
CA SER A 75 6.42 -0.02 -8.99
C SER A 75 6.71 0.79 -7.73
N LEU A 76 6.88 0.06 -6.63
CA LEU A 76 7.17 0.69 -5.36
C LEU A 76 8.06 -0.23 -4.52
N THR A 77 8.72 0.36 -3.54
CA THR A 77 9.61 -0.39 -2.66
C THR A 77 8.86 -0.79 -1.39
N VAL A 78 8.94 -2.08 -1.07
CA VAL A 78 8.30 -2.60 0.11
C VAL A 78 9.24 -2.45 1.32
N ARG A 79 9.12 -1.30 1.96
CA ARG A 79 9.95 -1.01 3.12
C ARG A 79 9.28 -1.53 4.39
N ARG A 80 9.12 -2.84 4.45
CA ARG A 80 8.49 -3.47 5.61
C ARG A 80 8.79 -2.67 6.87
N SER A 81 10.03 -2.21 6.96
CA SER A 81 10.45 -1.43 8.11
C SER A 81 10.11 0.05 7.91
N PHE A 82 9.13 0.50 8.66
CA PHE A 82 8.70 1.89 8.58
C PHE A 82 8.00 2.33 9.87
N GLU A 83 7.85 3.64 10.00
CA GLU A 83 7.19 4.20 11.17
C GLU A 83 5.71 4.45 10.89
N GLY A 84 4.93 3.38 11.04
CA GLY A 84 3.50 3.47 10.79
C GLY A 84 2.91 4.71 11.48
N PHE A 85 1.75 5.12 10.98
CA PHE A 85 1.07 6.29 11.53
C PHE A 85 -0.43 6.02 11.67
N LEU A 86 -0.92 6.18 12.90
CA LEU A 86 -2.32 5.97 13.18
C LEU A 86 -3.16 6.89 12.28
N PHE A 87 -4.37 6.43 11.99
CA PHE A 87 -5.28 7.20 11.15
C PHE A 87 -5.80 8.43 11.89
N ASP A 88 -5.84 8.31 13.22
CA ASP A 88 -6.32 9.39 14.05
C ASP A 88 -5.52 10.67 13.74
N GLY A 89 -4.20 10.52 13.76
CA GLY A 89 -3.31 11.64 13.49
C GLY A 89 -1.94 11.42 14.11
N THR A 90 -1.94 10.66 15.21
CA THR A 90 -0.70 10.37 15.91
C THR A 90 0.05 9.23 15.22
N ARG A 91 1.37 9.29 15.29
CA ARG A 91 2.20 8.27 14.68
C ARG A 91 2.40 7.09 15.64
N TRP A 92 2.47 5.91 15.06
CA TRP A 92 2.65 4.70 15.85
C TRP A 92 4.10 4.24 15.68
N GLY A 93 4.31 3.45 14.63
CA GLY A 93 5.63 2.93 14.33
C GLY A 93 5.55 1.52 13.77
N THR A 94 5.94 0.55 14.60
CA THR A 94 5.93 -0.84 14.20
C THR A 94 7.26 -1.24 13.58
N VAL A 95 7.68 -0.43 12.60
CA VAL A 95 8.93 -0.70 11.91
C VAL A 95 8.81 -1.98 11.08
N ASP A 96 9.41 -3.03 11.59
CA ASP A 96 9.36 -4.32 10.91
C ASP A 96 7.92 -4.79 10.81
N CYS A 97 7.32 -4.54 9.66
CA CYS A 97 5.93 -4.94 9.43
C CYS A 97 5.91 -6.43 9.07
N THR A 98 6.32 -7.24 10.03
CA THR A 98 6.36 -8.67 9.84
C THR A 98 5.17 -9.34 10.55
N THR A 99 4.64 -8.64 11.54
CA THR A 99 3.51 -9.14 12.30
C THR A 99 2.20 -8.73 11.64
N ALA A 100 2.09 -7.44 11.36
CA ALA A 100 0.89 -6.91 10.73
C ALA A 100 1.05 -6.95 9.21
N ALA A 101 -0.08 -7.08 8.55
CA ALA A 101 -0.08 -7.15 7.09
C ALA A 101 -0.22 -5.74 6.52
N CYS A 102 0.77 -5.35 5.74
CA CYS A 102 0.78 -4.04 5.13
C CYS A 102 0.10 -4.14 3.76
N GLN A 103 -0.95 -3.35 3.59
CA GLN A 103 -1.70 -3.34 2.35
C GLN A 103 -1.24 -2.17 1.47
N VAL A 104 -0.53 -2.51 0.40
CA VAL A 104 -0.03 -1.51 -0.53
C VAL A 104 -1.08 -1.28 -1.62
N GLY A 105 -1.40 0.00 -1.81
CA GLY A 105 -2.38 0.37 -2.82
C GLY A 105 -2.62 1.89 -2.82
N LEU A 106 -3.37 2.33 -3.82
CA LEU A 106 -3.68 3.75 -3.94
C LEU A 106 -5.02 4.02 -3.27
N SER A 107 -5.03 5.02 -2.39
CA SER A 107 -6.23 5.39 -1.68
C SER A 107 -6.92 6.57 -2.39
N ASP A 108 -8.20 6.72 -2.10
CA ASP A 108 -8.97 7.80 -2.71
C ASP A 108 -8.86 9.05 -1.84
N ALA A 109 -9.10 10.19 -2.47
CA ALA A 109 -9.03 11.46 -1.77
C ALA A 109 -10.41 11.81 -1.22
N ALA A 110 -11.33 10.86 -1.37
CA ALA A 110 -12.69 11.07 -0.89
C ALA A 110 -12.87 10.35 0.45
N GLY A 111 -11.94 9.43 0.72
CA GLY A 111 -11.98 8.68 1.95
C GLY A 111 -12.86 7.44 1.80
N ASN A 112 -12.58 6.67 0.77
CA ASN A 112 -13.33 5.46 0.50
C ASN A 112 -12.44 4.25 0.75
N GLY A 113 -13.05 3.19 1.27
CA GLY A 113 -12.33 1.97 1.56
C GLY A 113 -11.21 1.74 0.54
N PRO A 114 -9.98 2.20 0.92
CA PRO A 114 -8.83 2.05 0.04
C PRO A 114 -8.32 0.62 0.06
N GLU A 115 -8.48 -0.04 -1.08
CA GLU A 115 -8.05 -1.42 -1.23
C GLU A 115 -6.54 -1.47 -1.45
N GLY A 116 -5.92 -2.48 -0.86
CA GLY A 116 -4.48 -2.66 -0.99
C GLY A 116 -4.13 -4.15 -1.13
N VAL A 117 -2.85 -4.39 -1.38
CA VAL A 117 -2.37 -5.75 -1.53
C VAL A 117 -1.59 -6.15 -0.28
N ALA A 118 -1.92 -7.34 0.23
CA ALA A 118 -1.26 -7.85 1.42
C ALA A 118 0.16 -8.30 1.06
N ILE A 119 1.09 -7.37 1.21
CA ILE A 119 2.48 -7.65 0.90
C ILE A 119 3.14 -8.32 2.11
N SER A 120 3.93 -9.35 1.82
CA SER A 120 4.63 -10.08 2.87
C SER A 120 4.98 -11.48 2.38
N PHE A 121 3.95 -12.30 2.21
CA PHE A 121 4.14 -13.65 1.75
C PHE A 121 3.08 -14.05 0.72
N ASN A 122 3.45 -14.95 -0.16
CA ASN A 122 2.54 -15.41 -1.20
C ASN A 122 1.42 -16.22 -0.56
C1 NCZ B . -5.58 2.56 3.80
C6 NCZ B . -4.76 3.60 3.35
C5 NCZ B . -3.99 3.40 2.18
C7 NCZ B . -3.14 4.38 1.70
C8 NCZ B . -3.01 5.56 2.40
C9 NCZ B . -3.75 5.79 3.58
C10 NCZ B . -4.68 4.83 4.05
C11 NCZ B . -5.74 5.23 4.95
O3 NCZ B . -5.58 6.21 5.69
O4 NCZ B . -7.01 4.53 5.10
C12 NCZ B . -8.16 5.27 5.62
C13 NCZ B . -9.40 4.37 5.80
C14 NCZ B . -10.18 4.47 4.72
C15 NCZ B . -9.79 5.59 3.82
C16 NCZ B . -8.64 6.29 4.58
O6 NCZ B . -9.17 7.50 5.19
O5 NCZ B . -10.13 4.77 6.96
O2 NCZ B . -3.56 7.03 4.22
C4 NCZ B . -4.11 2.20 1.51
C3 NCZ B . -4.96 1.21 1.98
C2 NCZ B . -5.70 1.37 3.13
O1 NCZ B . -6.51 0.34 3.56
C17 NCZ B . -7.63 0.49 4.46
C18 NCZ B . -3.38 1.93 0.24
H1 NCZ B . -6.16 2.71 4.72
H7 NCZ B . -2.57 4.23 0.78
H8 NCZ B . -2.32 6.33 2.04
H12 NCZ B . -7.79 5.77 6.60
H13 NCZ B . -9.07 3.33 5.90
H14 NCZ B . -11.02 3.82 4.52
H15 NCZ B . -10.21 5.86 2.85
H16 NCZ B . -7.86 6.54 3.85
H6 NCZ B . -10.15 7.34 5.47
H5 NCZ B . -9.57 4.69 7.73
H2 NCZ B . -4.41 7.59 4.13
H3 NCZ B . -5.05 0.28 1.42
H171 NCZ B . -8.10 -0.48 4.63
H172 NCZ B . -7.29 0.89 5.42
H173 NCZ B . -8.37 1.17 4.03
H181 NCZ B . -3.99 2.23 -0.61
H182 NCZ B . -2.44 2.49 0.23
H183 NCZ B . -3.16 0.85 0.17
N ALA A 10 -5.57 -12.83 -14.09
CA ALA A 10 -4.95 -12.55 -12.80
C ALA A 10 -4.43 -11.11 -12.78
N ALA A 11 -5.12 -10.28 -12.00
CA ALA A 11 -4.75 -8.89 -11.88
C ALA A 11 -5.79 -8.15 -11.03
N PRO A 12 -5.86 -8.56 -9.74
CA PRO A 12 -6.80 -7.96 -8.81
C PRO A 12 -6.33 -6.57 -8.38
N THR A 13 -6.79 -5.57 -9.10
CA THR A 13 -6.43 -4.19 -8.81
C THR A 13 -4.91 -4.07 -8.59
N ALA A 14 -4.53 -3.01 -7.92
CA ALA A 14 -3.12 -2.76 -7.64
C ALA A 14 -2.55 -3.94 -6.84
N THR A 15 -1.62 -4.65 -7.46
CA THR A 15 -1.00 -5.79 -6.82
C THR A 15 0.50 -5.83 -7.14
N VAL A 16 1.26 -6.28 -6.16
CA VAL A 16 2.70 -6.37 -6.32
C VAL A 16 3.05 -7.64 -7.11
N THR A 17 3.87 -7.45 -8.12
CA THR A 17 4.29 -8.57 -8.97
C THR A 17 4.53 -9.81 -8.12
N PRO A 18 5.51 -9.69 -7.18
CA PRO A 18 5.84 -10.80 -6.30
C PRO A 18 4.78 -10.98 -5.22
N SER A 19 5.21 -11.58 -4.11
CA SER A 19 4.30 -11.81 -2.99
C SER A 19 5.10 -11.83 -1.68
N SER A 20 6.31 -12.34 -1.77
CA SER A 20 7.18 -12.42 -0.61
C SER A 20 7.89 -11.09 -0.38
N GLY A 21 7.15 -10.01 -0.63
CA GLY A 21 7.70 -8.68 -0.45
C GLY A 21 7.39 -8.14 0.94
N LEU A 22 7.10 -9.06 1.84
CA LEU A 22 6.78 -8.69 3.22
C LEU A 22 7.65 -7.49 3.62
N SER A 23 8.93 -7.61 3.34
CA SER A 23 9.87 -6.55 3.66
C SER A 23 11.08 -6.60 2.73
N ASP A 24 12.26 -6.69 3.34
CA ASP A 24 13.49 -6.76 2.58
C ASP A 24 13.43 -5.75 1.42
N GLY A 25 12.77 -4.63 1.69
CA GLY A 25 12.64 -3.58 0.70
C GLY A 25 12.43 -4.18 -0.70
N THR A 26 11.41 -5.01 -0.80
CA THR A 26 11.09 -5.66 -2.07
C THR A 26 10.56 -4.63 -3.06
N VAL A 27 11.42 -4.28 -4.01
CA VAL A 27 11.05 -3.32 -5.04
C VAL A 27 10.54 -4.06 -6.28
N VAL A 28 9.32 -3.74 -6.66
CA VAL A 28 8.71 -4.37 -7.82
C VAL A 28 7.70 -3.39 -8.44
N LYS A 29 6.90 -3.94 -9.35
CA LYS A 29 5.88 -3.14 -10.03
C LYS A 29 4.50 -3.52 -9.50
N VAL A 30 3.67 -2.51 -9.34
CA VAL A 30 2.32 -2.72 -8.84
C VAL A 30 1.31 -2.37 -9.94
N ALA A 31 0.76 -3.41 -10.55
CA ALA A 31 -0.21 -3.22 -11.61
C ALA A 31 -1.62 -3.14 -11.02
N GLY A 32 -2.32 -2.07 -11.37
CA GLY A 32 -3.67 -1.87 -10.87
C GLY A 32 -4.70 -2.06 -11.98
N ALA A 33 -5.22 -3.29 -12.05
CA ALA A 33 -6.21 -3.62 -13.07
C ALA A 33 -7.61 -3.36 -12.50
N GLY A 34 -8.25 -2.34 -13.04
CA GLY A 34 -9.59 -1.98 -12.61
C GLY A 34 -9.54 -1.13 -11.33
N LEU A 35 -8.49 -0.34 -11.22
CA LEU A 35 -8.31 0.52 -10.07
C LEU A 35 -8.76 1.94 -10.42
N GLN A 36 -7.97 2.90 -9.97
CA GLN A 36 -8.27 4.30 -10.23
C GLN A 36 -8.50 4.53 -11.73
N ALA A 37 -9.75 4.40 -12.13
CA ALA A 37 -10.12 4.58 -13.53
C ALA A 37 -9.75 6.00 -13.96
N GLY A 38 -8.50 6.17 -14.34
CA GLY A 38 -8.01 7.46 -14.77
C GLY A 38 -7.85 8.42 -13.60
N THR A 39 -7.86 7.83 -12.40
CA THR A 39 -7.71 8.62 -11.18
C THR A 39 -6.24 8.71 -10.78
N ALA A 40 -6.00 9.38 -9.66
CA ALA A 40 -4.65 9.54 -9.16
C ALA A 40 -4.67 9.50 -7.63
N TYR A 41 -4.27 8.36 -7.09
CA TYR A 41 -4.23 8.18 -5.64
C TYR A 41 -2.79 8.03 -5.15
N ASP A 42 -2.65 8.07 -3.83
CA ASP A 42 -1.34 7.93 -3.21
C ASP A 42 -1.08 6.46 -2.92
N VAL A 43 -0.11 5.91 -3.64
CA VAL A 43 0.26 4.50 -3.46
C VAL A 43 1.04 4.35 -2.16
N GLY A 44 0.80 3.22 -1.51
CA GLY A 44 1.48 2.93 -0.25
C GLY A 44 0.86 1.71 0.43
N GLN A 45 1.61 1.14 1.36
CA GLN A 45 1.16 -0.02 2.10
C GLN A 45 0.59 0.39 3.45
N CYS A 46 -0.73 0.31 3.56
CA CYS A 46 -1.40 0.67 4.79
C CYS A 46 -1.91 -0.61 5.45
N ALA A 47 -2.04 -0.56 6.77
CA ALA A 47 -2.50 -1.70 7.54
C ALA A 47 -2.72 -1.28 9.00
N TRP A 48 -3.43 -2.14 9.72
CA TRP A 48 -3.70 -1.87 11.12
C TRP A 48 -2.45 -2.21 11.93
N VAL A 49 -1.91 -1.21 12.58
CA VAL A 49 -0.70 -1.39 13.38
C VAL A 49 -1.08 -1.32 14.86
N ASP A 50 -1.86 -0.31 15.20
CA ASP A 50 -2.29 -0.12 16.57
C ASP A 50 -3.60 -0.90 16.80
N THR A 51 -4.14 -0.72 18.00
CA THR A 51 -5.37 -1.40 18.36
C THR A 51 -6.44 -1.19 17.27
N GLY A 52 -6.47 -2.13 16.34
CA GLY A 52 -7.43 -2.06 15.25
C GLY A 52 -7.40 -0.68 14.58
N VAL A 53 -6.27 -0.01 14.74
CA VAL A 53 -6.10 1.31 14.16
C VAL A 53 -5.33 1.20 12.84
N LEU A 54 -5.99 1.58 11.77
CA LEU A 54 -5.38 1.54 10.45
C LEU A 54 -4.28 2.58 10.36
N ALA A 55 -3.04 2.12 10.42
CA ALA A 55 -1.90 3.00 10.34
C ALA A 55 -1.13 2.74 9.04
N CYS A 56 -0.76 3.82 8.37
CA CYS A 56 -0.04 3.72 7.11
C CYS A 56 1.44 3.90 7.41
N ASN A 57 2.27 3.36 6.52
CA ASN A 57 3.71 3.46 6.68
C ASN A 57 4.19 4.78 6.08
N PRO A 58 5.47 5.13 6.39
CA PRO A 58 6.05 6.36 5.89
C PRO A 58 6.42 6.22 4.41
N ALA A 59 6.38 4.98 3.93
CA ALA A 59 6.70 4.71 2.55
C ALA A 59 5.41 4.43 1.76
N ASP A 60 4.29 4.73 2.41
CA ASP A 60 2.99 4.52 1.80
C ASP A 60 2.60 5.77 1.01
N PHE A 61 3.53 6.71 0.93
CA PHE A 61 3.29 7.95 0.22
C PHE A 61 4.03 7.97 -1.12
N SER A 62 3.33 7.54 -2.16
CA SER A 62 3.92 7.50 -3.50
C SER A 62 2.82 7.71 -4.54
N SER A 63 2.54 8.98 -4.81
CA SER A 63 1.53 9.33 -5.79
C SER A 63 1.54 8.33 -6.94
N VAL A 64 0.34 7.98 -7.40
CA VAL A 64 0.20 7.03 -8.48
C VAL A 64 -1.14 7.28 -9.20
N THR A 65 -1.11 7.08 -10.51
CA THR A 65 -2.30 7.28 -11.31
C THR A 65 -2.51 6.09 -12.25
N ALA A 66 -3.78 5.78 -12.49
CA ALA A 66 -4.13 4.67 -13.37
C ALA A 66 -4.63 5.22 -14.70
N ASP A 67 -4.30 4.50 -15.76
CA ASP A 67 -4.71 4.91 -17.10
C ASP A 67 -6.24 4.87 -17.18
N ALA A 68 -6.76 5.61 -18.15
CA ALA A 68 -8.20 5.67 -18.35
C ALA A 68 -8.79 4.27 -18.17
N ASN A 69 -7.98 3.27 -18.48
CA ASN A 69 -8.40 1.89 -18.36
C ASN A 69 -8.11 1.39 -16.95
N GLY A 70 -8.24 2.30 -16.00
CA GLY A 70 -7.99 1.97 -14.61
C GLY A 70 -6.75 1.09 -14.47
N SER A 71 -5.74 1.42 -15.25
CA SER A 71 -4.49 0.68 -15.23
C SER A 71 -3.40 1.48 -14.50
N ALA A 72 -3.19 1.12 -13.25
CA ALA A 72 -2.19 1.80 -12.44
C ALA A 72 -0.96 0.90 -12.30
N SER A 73 -0.08 0.99 -13.29
CA SER A 73 1.13 0.20 -13.29
C SER A 73 2.29 1.01 -12.71
N THR A 74 2.27 1.17 -11.40
CA THR A 74 3.30 1.92 -10.72
C THR A 74 4.20 0.99 -9.88
N SER A 75 5.49 1.22 -9.97
CA SER A 75 6.45 0.42 -9.24
C SER A 75 7.00 1.21 -8.05
N LEU A 76 7.23 0.48 -6.95
CA LEU A 76 7.75 1.10 -5.75
C LEU A 76 8.36 0.02 -4.86
N THR A 77 8.78 0.45 -3.68
CA THR A 77 9.38 -0.47 -2.72
C THR A 77 8.42 -0.74 -1.55
N VAL A 78 8.17 -2.02 -1.31
CA VAL A 78 7.29 -2.42 -0.24
C VAL A 78 8.09 -2.58 1.05
N ARG A 79 8.15 -1.49 1.82
CA ARG A 79 8.88 -1.51 3.07
C ARG A 79 7.93 -1.79 4.24
N ARG A 80 8.28 -2.81 5.01
CA ARG A 80 7.47 -3.20 6.15
C ARG A 80 7.95 -2.47 7.41
N SER A 81 9.27 -2.37 7.52
CA SER A 81 9.88 -1.70 8.67
C SER A 81 9.94 -0.19 8.43
N PHE A 82 9.50 0.56 9.42
CA PHE A 82 9.50 2.00 9.33
C PHE A 82 8.56 2.62 10.36
N GLU A 83 8.46 3.94 10.32
CA GLU A 83 7.61 4.66 11.24
C GLU A 83 6.22 4.85 10.64
N GLY A 84 5.27 4.10 11.17
CA GLY A 84 3.90 4.16 10.69
C GLY A 84 3.11 5.24 11.45
N PHE A 85 1.94 5.56 10.91
CA PHE A 85 1.08 6.56 11.52
C PHE A 85 -0.37 6.09 11.57
N LEU A 86 -0.98 6.26 12.74
CA LEU A 86 -2.36 5.86 12.93
C LEU A 86 -3.23 6.49 11.83
N PHE A 87 -4.50 6.13 11.86
CA PHE A 87 -5.44 6.65 10.89
C PHE A 87 -5.96 8.03 11.30
N ASP A 88 -5.95 8.27 12.60
CA ASP A 88 -6.41 9.52 13.14
C ASP A 88 -5.53 10.65 12.60
N GLY A 89 -4.24 10.53 12.87
CA GLY A 89 -3.29 11.54 12.42
C GLY A 89 -1.97 11.42 13.19
N THR A 90 -2.08 10.93 14.41
CA THR A 90 -0.91 10.76 15.25
C THR A 90 -0.05 9.60 14.76
N ARG A 91 1.25 9.75 14.93
CA ARG A 91 2.19 8.72 14.52
C ARG A 91 2.27 7.61 15.57
N TRP A 92 2.32 6.38 15.09
CA TRP A 92 2.42 5.24 15.98
C TRP A 92 3.89 4.83 16.08
N GLY A 93 4.30 3.97 15.17
CA GLY A 93 5.66 3.49 15.15
C GLY A 93 5.85 2.38 14.11
N THR A 94 5.06 1.33 14.28
CA THR A 94 5.12 0.21 13.37
C THR A 94 6.43 -0.57 13.55
N VAL A 95 7.53 0.12 13.30
CA VAL A 95 8.85 -0.48 13.44
C VAL A 95 9.01 -1.59 12.40
N ASP A 96 8.23 -2.65 12.58
CA ASP A 96 8.28 -3.78 11.66
C ASP A 96 6.87 -4.35 11.49
N CYS A 97 6.21 -3.91 10.43
CA CYS A 97 4.86 -4.37 10.14
C CYS A 97 4.94 -5.86 9.76
N THR A 98 5.29 -6.67 10.74
CA THR A 98 5.40 -8.10 10.52
C THR A 98 4.22 -8.83 11.18
N THR A 99 3.50 -8.10 12.01
CA THR A 99 2.36 -8.67 12.71
C THR A 99 1.09 -8.48 11.88
N ALA A 100 0.83 -7.23 11.51
CA ALA A 100 -0.34 -6.91 10.72
C ALA A 100 0.02 -6.97 9.23
N ALA A 101 -0.81 -7.66 8.48
CA ALA A 101 -0.59 -7.80 7.05
C ALA A 101 -0.68 -6.43 6.39
N CYS A 102 0.45 -5.99 5.85
CA CYS A 102 0.52 -4.70 5.18
C CYS A 102 -0.02 -4.86 3.77
N GLN A 103 -1.03 -4.05 3.45
CA GLN A 103 -1.64 -4.10 2.14
C GLN A 103 -1.13 -2.94 1.28
N VAL A 104 -0.57 -3.30 0.13
CA VAL A 104 -0.04 -2.29 -0.78
C VAL A 104 -1.16 -1.82 -1.72
N GLY A 105 -1.50 -0.55 -1.58
CA GLY A 105 -2.55 0.03 -2.40
C GLY A 105 -2.48 1.56 -2.37
N LEU A 106 -3.26 2.18 -3.24
CA LEU A 106 -3.30 3.63 -3.32
C LEU A 106 -4.62 4.13 -2.75
N SER A 107 -4.52 5.15 -1.89
CA SER A 107 -5.69 5.73 -1.27
C SER A 107 -6.05 7.05 -1.95
N ASP A 108 -7.32 7.41 -1.85
CA ASP A 108 -7.80 8.64 -2.46
C ASP A 108 -7.13 9.83 -1.77
N ALA A 109 -7.16 10.96 -2.45
CA ALA A 109 -6.55 12.17 -1.92
C ALA A 109 -7.48 12.78 -0.86
N ALA A 110 -8.63 12.15 -0.69
CA ALA A 110 -9.61 12.60 0.28
C ALA A 110 -9.22 12.09 1.66
N GLY A 111 -9.68 10.89 1.96
CA GLY A 111 -9.39 10.28 3.24
C GLY A 111 -9.90 8.83 3.29
N ASN A 112 -9.76 8.16 2.16
CA ASN A 112 -10.20 6.78 2.05
C ASN A 112 -9.29 6.04 1.06
N GLY A 113 -9.16 4.74 1.29
CA GLY A 113 -8.32 3.91 0.44
C GLY A 113 -8.30 2.46 0.94
N PRO A 114 -9.48 1.81 0.86
CA PRO A 114 -9.60 0.42 1.30
C PRO A 114 -8.96 -0.53 0.29
N GLU A 115 -8.40 0.05 -0.75
CA GLU A 115 -7.77 -0.73 -1.80
C GLU A 115 -6.34 -1.10 -1.39
N GLY A 116 -5.89 -2.24 -1.88
CA GLY A 116 -4.56 -2.72 -1.57
C GLY A 116 -4.55 -4.23 -1.35
N VAL A 117 -3.43 -4.85 -1.71
CA VAL A 117 -3.28 -6.28 -1.56
C VAL A 117 -2.38 -6.58 -0.36
N ALA A 118 -2.87 -7.44 0.51
CA ALA A 118 -2.12 -7.82 1.70
C ALA A 118 -0.88 -8.60 1.28
N ILE A 119 0.20 -7.87 1.07
CA ILE A 119 1.46 -8.48 0.67
C ILE A 119 2.17 -9.04 1.91
N SER A 120 3.07 -9.97 1.66
CA SER A 120 3.82 -10.59 2.75
C SER A 120 4.57 -11.83 2.23
N PHE A 121 3.79 -12.86 1.95
CA PHE A 121 4.36 -14.11 1.45
C PHE A 121 3.31 -14.92 0.70
N ASN A 122 3.58 -15.15 -0.58
CA ASN A 122 2.68 -15.91 -1.41
C ASN A 122 2.15 -17.11 -0.63
C1 NCZ B . -5.59 2.84 3.88
C6 NCZ B . -4.65 3.75 3.37
C5 NCZ B . -3.81 3.34 2.32
C7 NCZ B . -2.85 4.18 1.79
C8 NCZ B . -2.69 5.45 2.31
C9 NCZ B . -3.52 5.90 3.37
C10 NCZ B . -4.55 5.06 3.89
C11 NCZ B . -5.65 5.66 4.62
O3 NCZ B . -5.49 6.73 5.21
O4 NCZ B . -6.98 5.07 4.74
C12 NCZ B . -7.94 5.68 5.67
C13 NCZ B . -7.79 5.13 7.10
C14 NCZ B . -8.67 4.15 7.29
C15 NCZ B . -9.68 4.04 6.20
C16 NCZ B . -9.37 5.25 5.28
O6 NCZ B . -10.34 6.29 5.56
O5 NCZ B . -8.03 6.17 8.03
O2 NCZ B . -3.30 7.19 3.85
C4 NCZ B . -3.96 2.06 1.81
C3 NCZ B . -4.91 1.20 2.34
C2 NCZ B . -5.73 1.58 3.38
O1 NCZ B . -6.65 0.67 3.88
C17 NCZ B . -7.82 1.02 4.64
C18 NCZ B . -3.13 1.55 0.68
H1 NCZ B . -6.23 3.16 4.71
H7 NCZ B . -2.22 3.85 0.95
H8 NCZ B . -1.93 6.11 1.92
H12 NCZ B . -7.80 6.56 5.97
H13 NCZ B . -6.79 4.74 7.23
H14 NCZ B . -8.66 3.49 8.15
H15 NCZ B . -10.47 3.30 6.08
H16 NCZ B . -9.45 4.91 4.25
H6 NCZ B . -10.61 6.26 6.55
H5 NCZ B . -7.40 6.89 7.89
H2 NCZ B . -4.10 7.79 3.60
H3 NCZ B . -5.01 0.20 1.92
H171 NCZ B . -8.38 0.11 4.90
H172 NCZ B . -7.53 1.54 5.55
H173 NCZ B . -8.47 1.66 4.04
H181 NCZ B . -3.65 1.75 -0.26
H182 NCZ B . -2.17 2.05 0.68
H183 NCZ B . -2.99 0.48 0.79
N ALA A 10 -2.91 -7.12 -13.09
CA ALA A 10 -3.53 -8.37 -13.49
C ALA A 10 -5.03 -8.15 -13.69
N ALA A 11 -5.54 -7.10 -13.04
CA ALA A 11 -6.95 -6.78 -13.14
C ALA A 11 -7.49 -6.47 -11.74
N PRO A 12 -7.03 -7.28 -10.75
CA PRO A 12 -7.45 -7.10 -9.37
C PRO A 12 -6.77 -5.89 -8.74
N THR A 13 -7.02 -4.74 -9.34
CA THR A 13 -6.43 -3.50 -8.84
C THR A 13 -4.91 -3.61 -8.81
N ALA A 14 -4.30 -2.68 -8.08
CA ALA A 14 -2.85 -2.65 -7.96
C ALA A 14 -2.41 -3.78 -7.03
N THR A 15 -1.47 -4.58 -7.52
CA THR A 15 -0.95 -5.70 -6.75
C THR A 15 0.57 -5.78 -6.90
N VAL A 16 1.21 -6.16 -5.80
CA VAL A 16 2.66 -6.29 -5.78
C VAL A 16 3.05 -7.70 -6.23
N THR A 17 3.68 -7.76 -7.39
CA THR A 17 4.12 -9.04 -7.95
C THR A 17 4.91 -9.83 -6.90
N PRO A 18 6.12 -9.30 -6.58
CA PRO A 18 6.99 -9.94 -5.61
C PRO A 18 6.48 -9.71 -4.19
N SER A 19 5.21 -10.01 -3.99
CA SER A 19 4.59 -9.85 -2.68
C SER A 19 4.81 -11.10 -1.83
N SER A 20 5.48 -12.07 -2.43
CA SER A 20 5.76 -13.32 -1.74
C SER A 20 7.13 -13.24 -1.06
N GLY A 21 7.13 -13.56 0.23
CA GLY A 21 8.37 -13.54 1.00
C GLY A 21 9.21 -12.31 0.65
N LEU A 22 8.55 -11.16 0.62
CA LEU A 22 9.23 -9.92 0.30
C LEU A 22 10.11 -9.50 1.48
N SER A 23 10.88 -8.45 1.26
CA SER A 23 11.78 -7.94 2.28
C SER A 23 11.69 -6.42 2.34
N ASP A 24 11.98 -5.88 3.52
CA ASP A 24 11.94 -4.44 3.71
C ASP A 24 12.96 -3.78 2.79
N GLY A 25 12.45 -3.26 1.68
CA GLY A 25 13.30 -2.60 0.70
C GLY A 25 13.36 -3.40 -0.60
N THR A 26 12.32 -4.20 -0.83
CA THR A 26 12.25 -5.01 -2.02
C THR A 26 11.46 -4.30 -3.11
N VAL A 27 12.09 -4.18 -4.27
CA VAL A 27 11.47 -3.51 -5.40
C VAL A 27 10.36 -4.40 -5.97
N VAL A 28 9.13 -3.93 -5.87
CA VAL A 28 7.99 -4.67 -6.36
C VAL A 28 7.26 -3.83 -7.42
N LYS A 29 6.43 -4.52 -8.21
CA LYS A 29 5.68 -3.86 -9.26
C LYS A 29 4.19 -3.89 -8.91
N VAL A 30 3.65 -2.70 -8.71
CA VAL A 30 2.24 -2.57 -8.37
C VAL A 30 1.42 -2.40 -9.65
N ALA A 31 0.98 -3.53 -10.19
CA ALA A 31 0.18 -3.52 -11.40
C ALA A 31 -1.29 -3.38 -11.04
N GLY A 32 -1.84 -2.23 -11.41
CA GLY A 32 -3.24 -1.95 -11.13
C GLY A 32 -4.07 -1.93 -12.43
N ALA A 33 -5.26 -2.49 -12.35
CA ALA A 33 -6.15 -2.53 -13.50
C ALA A 33 -7.59 -2.40 -13.03
N GLY A 34 -8.24 -1.34 -13.49
CA GLY A 34 -9.62 -1.08 -13.13
C GLY A 34 -9.70 -0.30 -11.82
N LEU A 35 -8.55 0.16 -11.37
CA LEU A 35 -8.47 0.91 -10.12
C LEU A 35 -9.09 2.30 -10.34
N GLN A 36 -8.21 3.30 -10.38
CA GLN A 36 -8.66 4.67 -10.58
C GLN A 36 -9.61 4.75 -11.78
N ALA A 37 -9.50 3.75 -12.65
CA ALA A 37 -10.33 3.70 -13.83
C ALA A 37 -10.00 4.89 -14.74
N GLY A 38 -8.86 5.49 -14.47
CA GLY A 38 -8.41 6.64 -15.25
C GLY A 38 -8.11 7.83 -14.35
N THR A 39 -8.47 7.67 -13.08
CA THR A 39 -8.23 8.73 -12.10
C THR A 39 -6.78 8.71 -11.61
N ALA A 40 -6.56 9.35 -10.48
CA ALA A 40 -5.24 9.41 -9.90
C ALA A 40 -5.34 9.33 -8.38
N TYR A 41 -4.67 8.33 -7.82
CA TYR A 41 -4.68 8.13 -6.38
C TYR A 41 -3.26 8.12 -5.82
N ASP A 42 -3.19 8.02 -4.49
CA ASP A 42 -1.90 8.00 -3.82
C ASP A 42 -1.55 6.55 -3.45
N VAL A 43 -0.37 6.14 -3.88
CA VAL A 43 0.09 4.78 -3.60
C VAL A 43 0.78 4.75 -2.23
N GLY A 44 0.52 3.68 -1.50
CA GLY A 44 1.10 3.52 -0.18
C GLY A 44 0.52 2.30 0.53
N GLN A 45 1.36 1.69 1.36
CA GLN A 45 0.94 0.51 2.10
C GLN A 45 0.36 0.92 3.46
N CYS A 46 -0.95 0.77 3.58
CA CYS A 46 -1.63 1.11 4.82
C CYS A 46 -2.07 -0.18 5.50
N ALA A 47 -2.10 -0.13 6.83
CA ALA A 47 -2.49 -1.29 7.61
C ALA A 47 -2.59 -0.89 9.09
N TRP A 48 -3.41 -1.65 9.82
CA TRP A 48 -3.60 -1.38 11.24
C TRP A 48 -2.25 -1.57 11.93
N VAL A 49 -1.75 -0.47 12.48
CA VAL A 49 -0.47 -0.50 13.17
C VAL A 49 -0.72 -0.61 14.69
N ASP A 50 -1.70 0.15 15.14
CA ASP A 50 -2.05 0.15 16.55
C ASP A 50 -3.00 -1.02 16.84
N THR A 51 -3.81 -0.85 17.88
CA THR A 51 -4.77 -1.87 18.27
C THR A 51 -5.96 -1.86 17.32
N GLY A 52 -5.66 -2.03 16.04
CA GLY A 52 -6.70 -2.04 15.02
C GLY A 52 -6.83 -0.67 14.35
N VAL A 53 -5.98 0.25 14.78
CA VAL A 53 -5.99 1.59 14.23
C VAL A 53 -5.26 1.59 12.88
N LEU A 54 -6.04 1.85 11.84
CA LEU A 54 -5.48 1.89 10.49
C LEU A 54 -4.38 2.95 10.41
N ALA A 55 -3.15 2.47 10.41
CA ALA A 55 -2.01 3.38 10.35
C ALA A 55 -1.26 3.15 9.04
N CYS A 56 -0.91 4.26 8.40
CA CYS A 56 -0.19 4.19 7.13
C CYS A 56 1.28 4.48 7.40
N ASN A 57 2.12 3.99 6.50
CA ASN A 57 3.56 4.18 6.63
C ASN A 57 3.94 5.53 6.02
N PRO A 58 5.18 5.97 6.33
CA PRO A 58 5.69 7.23 5.81
C PRO A 58 6.07 7.12 4.34
N ALA A 59 6.07 5.88 3.86
CA ALA A 59 6.42 5.61 2.48
C ALA A 59 5.16 5.26 1.70
N ASP A 60 4.02 5.55 2.32
CA ASP A 60 2.73 5.27 1.70
C ASP A 60 2.32 6.47 0.84
N PHE A 61 3.25 7.41 0.71
CA PHE A 61 2.98 8.61 -0.08
C PHE A 61 3.74 8.56 -1.41
N SER A 62 3.07 8.01 -2.41
CA SER A 62 3.66 7.89 -3.73
C SER A 62 2.57 8.05 -4.80
N SER A 63 2.28 9.31 -5.12
CA SER A 63 1.28 9.61 -6.12
C SER A 63 1.28 8.53 -7.21
N VAL A 64 0.08 8.23 -7.69
CA VAL A 64 -0.07 7.21 -8.72
C VAL A 64 -1.32 7.53 -9.56
N THR A 65 -1.27 7.13 -10.81
CA THR A 65 -2.37 7.37 -11.72
C THR A 65 -2.63 6.13 -12.59
N ALA A 66 -3.91 5.83 -12.76
CA ALA A 66 -4.30 4.68 -13.56
C ALA A 66 -4.83 5.15 -14.91
N ASP A 67 -4.42 4.45 -15.97
CA ASP A 67 -4.85 4.80 -17.31
C ASP A 67 -6.37 4.73 -17.39
N ALA A 68 -6.91 5.36 -18.43
CA ALA A 68 -8.35 5.37 -18.62
C ALA A 68 -8.93 4.01 -18.21
N ASN A 69 -8.17 2.97 -18.51
CA ASN A 69 -8.60 1.62 -18.17
C ASN A 69 -8.14 1.27 -16.76
N GLY A 70 -8.22 2.27 -15.89
CA GLY A 70 -7.82 2.10 -14.50
C GLY A 70 -6.53 1.25 -14.41
N SER A 71 -5.63 1.50 -15.35
CA SER A 71 -4.37 0.78 -15.38
C SER A 71 -3.29 1.57 -14.64
N ALA A 72 -3.14 1.24 -13.36
CA ALA A 72 -2.16 1.91 -12.53
C ALA A 72 -0.98 0.97 -12.28
N SER A 73 -0.11 0.88 -13.27
CA SER A 73 1.05 0.03 -13.17
C SER A 73 2.23 0.81 -12.60
N THR A 74 2.21 1.00 -11.29
CA THR A 74 3.26 1.73 -10.61
C THR A 74 4.11 0.78 -9.77
N SER A 75 5.40 1.09 -9.70
CA SER A 75 6.32 0.27 -8.93
C SER A 75 6.70 0.99 -7.63
N LEU A 76 6.97 0.20 -6.61
CA LEU A 76 7.35 0.74 -5.31
C LEU A 76 8.23 -0.27 -4.58
N THR A 77 8.73 0.15 -3.42
CA THR A 77 9.59 -0.70 -2.62
C THR A 77 8.83 -1.19 -1.38
N VAL A 78 8.98 -2.48 -1.11
CA VAL A 78 8.32 -3.09 0.02
C VAL A 78 9.22 -2.96 1.26
N ARG A 79 9.02 -1.87 1.99
CA ARG A 79 9.81 -1.62 3.19
C ARG A 79 8.99 -1.98 4.43
N ARG A 80 8.78 -3.28 4.61
CA ARG A 80 8.03 -3.77 5.74
C ARG A 80 8.33 -2.92 6.98
N SER A 81 9.59 -2.53 7.10
CA SER A 81 10.02 -1.72 8.22
C SER A 81 9.64 -0.25 7.99
N PHE A 82 8.67 0.22 8.77
CA PHE A 82 8.21 1.59 8.66
C PHE A 82 7.54 2.05 9.96
N GLU A 83 7.68 3.34 10.24
CA GLU A 83 7.10 3.91 11.43
C GLU A 83 5.62 4.20 11.21
N GLY A 84 4.82 3.14 11.31
CA GLY A 84 3.38 3.27 11.13
C GLY A 84 2.87 4.56 11.73
N PHE A 85 1.79 5.07 11.13
CA PHE A 85 1.18 6.31 11.60
C PHE A 85 -0.34 6.20 11.63
N LEU A 86 -0.88 6.31 12.84
CA LEU A 86 -2.32 6.24 13.02
C LEU A 86 -3.00 7.28 12.14
N PHE A 87 -3.92 6.81 11.31
CA PHE A 87 -4.66 7.69 10.42
C PHE A 87 -5.35 8.80 11.20
N ASP A 88 -5.64 8.51 12.46
CA ASP A 88 -6.30 9.47 13.32
C ASP A 88 -5.53 10.80 13.29
N GLY A 89 -4.23 10.69 13.46
CA GLY A 89 -3.38 11.87 13.46
C GLY A 89 -2.07 11.62 14.22
N THR A 90 -2.14 10.66 15.13
CA THR A 90 -0.98 10.31 15.94
C THR A 90 -0.17 9.21 15.24
N ARG A 91 1.15 9.30 15.41
CA ARG A 91 2.04 8.33 14.81
C ARG A 91 2.36 7.21 15.81
N TRP A 92 2.45 6.00 15.28
CA TRP A 92 2.75 4.84 16.10
C TRP A 92 4.21 4.45 15.86
N GLY A 93 4.40 3.59 14.86
CA GLY A 93 5.74 3.13 14.53
C GLY A 93 5.73 1.65 14.14
N THR A 94 6.23 0.84 15.05
CA THR A 94 6.29 -0.60 14.82
C THR A 94 7.51 -0.96 13.98
N VAL A 95 7.65 -0.25 12.87
CA VAL A 95 8.76 -0.48 11.97
C VAL A 95 8.59 -1.85 11.30
N ASP A 96 9.36 -2.82 11.78
CA ASP A 96 9.30 -4.17 11.24
C ASP A 96 7.84 -4.61 11.16
N CYS A 97 7.26 -4.44 9.98
CA CYS A 97 5.88 -4.82 9.76
C CYS A 97 5.84 -6.33 9.48
N THR A 98 6.45 -7.09 10.38
CA THR A 98 6.49 -8.53 10.25
C THR A 98 5.32 -9.17 11.01
N THR A 99 4.81 -8.42 11.98
CA THR A 99 3.70 -8.90 12.79
C THR A 99 2.37 -8.53 12.14
N ALA A 100 2.26 -7.26 11.80
CA ALA A 100 1.04 -6.76 11.18
C ALA A 100 1.16 -6.89 9.66
N ALA A 101 0.02 -7.08 9.02
CA ALA A 101 -0.01 -7.21 7.57
C ALA A 101 -0.15 -5.84 6.93
N CYS A 102 0.85 -5.48 6.15
CA CYS A 102 0.85 -4.19 5.47
C CYS A 102 0.19 -4.36 4.11
N GLN A 103 -0.87 -3.60 3.89
CA GLN A 103 -1.60 -3.66 2.64
C GLN A 103 -1.09 -2.59 1.68
N VAL A 104 -0.45 -3.05 0.60
CA VAL A 104 0.09 -2.15 -0.39
C VAL A 104 -0.99 -1.84 -1.43
N GLY A 105 -1.39 -0.58 -1.47
CA GLY A 105 -2.42 -0.15 -2.40
C GLY A 105 -2.45 1.38 -2.50
N LEU A 106 -3.30 1.86 -3.40
CA LEU A 106 -3.44 3.30 -3.60
C LEU A 106 -4.78 3.76 -3.01
N SER A 107 -4.68 4.73 -2.11
CA SER A 107 -5.87 5.26 -1.47
C SER A 107 -6.31 6.54 -2.17
N ASP A 108 -7.52 6.97 -1.84
CA ASP A 108 -8.08 8.18 -2.43
C ASP A 108 -7.42 9.40 -1.79
N ALA A 109 -7.53 10.52 -2.49
CA ALA A 109 -6.96 11.76 -2.00
C ALA A 109 -7.80 12.28 -0.82
N ALA A 110 -8.89 11.57 -0.57
CA ALA A 110 -9.78 11.94 0.53
C ALA A 110 -9.35 11.23 1.80
N GLY A 111 -8.75 10.06 1.63
CA GLY A 111 -8.27 9.28 2.76
C GLY A 111 -9.28 8.18 3.12
N ASN A 112 -9.75 7.48 2.10
CA ASN A 112 -10.71 6.42 2.30
C ASN A 112 -10.49 5.33 1.24
N GLY A 113 -11.02 4.15 1.53
CA GLY A 113 -10.90 3.03 0.61
C GLY A 113 -9.83 2.05 1.10
N PRO A 114 -10.30 0.94 1.72
CA PRO A 114 -9.41 -0.08 2.23
C PRO A 114 -8.84 -0.92 1.09
N GLU A 115 -8.31 -0.23 0.09
CA GLU A 115 -7.73 -0.90 -1.06
C GLU A 115 -6.24 -1.13 -0.85
N GLY A 116 -5.85 -2.40 -0.86
CA GLY A 116 -4.46 -2.76 -0.66
C GLY A 116 -4.27 -4.28 -0.70
N VAL A 117 -3.11 -4.69 -1.17
CA VAL A 117 -2.80 -6.11 -1.27
C VAL A 117 -1.97 -6.52 -0.04
N ALA A 118 -2.31 -7.68 0.50
CA ALA A 118 -1.61 -8.21 1.66
C ALA A 118 -0.18 -8.56 1.27
N ILE A 119 0.72 -7.62 1.48
CA ILE A 119 2.12 -7.83 1.16
C ILE A 119 2.77 -8.67 2.26
N SER A 120 3.63 -9.58 1.83
CA SER A 120 4.33 -10.45 2.75
C SER A 120 4.60 -11.81 2.10
N PHE A 121 3.59 -12.66 2.14
CA PHE A 121 3.70 -13.99 1.55
C PHE A 121 2.39 -14.42 0.89
N ASN A 122 2.50 -14.83 -0.36
CA ASN A 122 1.34 -15.27 -1.11
C ASN A 122 0.50 -16.21 -0.24
C1 NCZ B . -5.67 2.60 3.88
C6 NCZ B . -4.83 3.54 3.29
C5 NCZ B . -4.15 3.19 2.10
C7 NCZ B . -3.28 4.08 1.48
C8 NCZ B . -3.05 5.31 2.06
C9 NCZ B . -3.70 5.69 3.25
C10 NCZ B . -4.64 4.82 3.88
C11 NCZ B . -5.61 5.36 4.79
O3 NCZ B . -5.35 6.39 5.42
O4 NCZ B . -6.92 4.74 5.08
C12 NCZ B . -7.68 5.22 6.23
C13 NCZ B . -7.93 4.10 7.25
C14 NCZ B . -9.15 3.58 7.05
C15 NCZ B . -9.96 4.38 6.09
C16 NCZ B . -9.10 5.62 5.80
O6 NCZ B . -9.62 6.73 6.57
O5 NCZ B . -7.87 4.64 8.58
O2 NCZ B . -3.41 6.96 3.78
C4 NCZ B . -4.38 1.96 1.54
C3 NCZ B . -5.24 1.05 2.15
C2 NCZ B . -5.89 1.36 3.33
O1 NCZ B . -6.72 0.42 3.90
C17 NCZ B . -7.77 0.71 4.86
C18 NCZ B . -3.74 1.53 0.27
H1 NCZ B . -6.17 2.85 4.81
H7 NCZ B . -2.79 3.81 0.54
H8 NCZ B . -2.35 6.01 1.60
H12 NCZ B . -7.53 6.14 6.50
H13 NCZ B . -7.18 3.33 7.14
H14 NCZ B . -9.50 2.67 7.52
H15 NCZ B . -10.95 4.14 5.70
H16 NCZ B . -9.16 5.83 4.73
H6 NCZ B . -10.00 6.39 7.46
H5 NCZ B . -7.01 5.02 8.74
H2 NCZ B . -4.23 7.56 3.68
H3 NCZ B . -5.41 0.08 1.69
H171 NCZ B . -8.28 -0.22 5.14
H172 NCZ B . -7.34 1.17 5.74
H173 NCZ B . -8.50 1.38 4.40
H181 NCZ B . -4.39 1.79 -0.57
H182 NCZ B . -2.78 2.04 0.15
H183 NCZ B . -3.58 0.45 0.29
N ALA A 10 -11.38 -11.68 -9.56
CA ALA A 10 -11.33 -10.61 -10.54
C ALA A 10 -11.01 -9.29 -9.84
N ALA A 11 -10.74 -8.27 -10.64
CA ALA A 11 -10.42 -6.97 -10.11
C ALA A 11 -9.34 -7.10 -9.03
N PRO A 12 -8.10 -7.42 -9.48
CA PRO A 12 -6.98 -7.59 -8.57
C PRO A 12 -6.49 -6.24 -8.06
N THR A 13 -6.89 -5.19 -8.77
CA THR A 13 -6.49 -3.84 -8.40
C THR A 13 -4.97 -3.74 -8.30
N ALA A 14 -4.51 -2.91 -7.37
CA ALA A 14 -3.08 -2.72 -7.16
C ALA A 14 -2.52 -3.92 -6.40
N THR A 15 -1.54 -4.56 -7.02
CA THR A 15 -0.90 -5.72 -6.41
C THR A 15 0.59 -5.73 -6.72
N VAL A 16 1.38 -6.20 -5.76
CA VAL A 16 2.81 -6.27 -5.93
C VAL A 16 3.16 -7.47 -6.81
N THR A 17 4.04 -7.22 -7.76
CA THR A 17 4.47 -8.27 -8.68
C THR A 17 4.68 -9.58 -7.93
N PRO A 18 5.61 -9.54 -6.94
CA PRO A 18 5.93 -10.71 -6.14
C PRO A 18 4.82 -10.99 -5.12
N SER A 19 5.18 -11.76 -4.11
CA SER A 19 4.22 -12.10 -3.07
C SER A 19 4.89 -11.98 -1.69
N SER A 20 6.10 -12.49 -1.61
CA SER A 20 6.85 -12.44 -0.36
C SER A 20 7.50 -11.06 -0.21
N GLY A 21 6.66 -10.06 -0.01
CA GLY A 21 7.14 -8.70 0.16
C GLY A 21 8.04 -8.58 1.39
N LEU A 22 8.06 -9.65 2.18
CA LEU A 22 8.87 -9.67 3.37
C LEU A 22 10.35 -9.68 2.99
N SER A 23 10.76 -8.61 2.31
CA SER A 23 12.13 -8.48 1.87
C SER A 23 12.63 -7.05 2.13
N ASP A 24 13.76 -6.97 2.81
CA ASP A 24 14.34 -5.68 3.13
C ASP A 24 14.07 -4.70 1.98
N GLY A 25 12.99 -3.94 2.14
CA GLY A 25 12.60 -2.97 1.13
C GLY A 25 12.53 -3.62 -0.25
N THR A 26 11.55 -4.49 -0.41
CA THR A 26 11.36 -5.19 -1.68
C THR A 26 10.87 -4.21 -2.76
N VAL A 27 11.76 -3.93 -3.70
CA VAL A 27 11.43 -3.01 -4.78
C VAL A 27 10.82 -3.81 -5.94
N VAL A 28 9.58 -3.47 -6.25
CA VAL A 28 8.87 -4.13 -7.33
C VAL A 28 7.87 -3.16 -7.95
N LYS A 29 7.04 -3.70 -8.83
CA LYS A 29 6.03 -2.88 -9.50
C LYS A 29 4.64 -3.33 -9.04
N VAL A 30 3.80 -2.33 -8.78
CA VAL A 30 2.44 -2.59 -8.33
C VAL A 30 1.46 -2.20 -9.44
N ALA A 31 0.93 -3.23 -10.09
CA ALA A 31 -0.03 -3.02 -11.17
C ALA A 31 -1.44 -2.95 -10.59
N GLY A 32 -2.16 -1.91 -10.98
CA GLY A 32 -3.52 -1.73 -10.51
C GLY A 32 -4.54 -2.06 -11.61
N ALA A 33 -5.22 -3.16 -11.42
CA ALA A 33 -6.23 -3.59 -12.39
C ALA A 33 -7.59 -3.06 -11.98
N GLY A 34 -8.09 -2.12 -12.76
CA GLY A 34 -9.39 -1.52 -12.50
C GLY A 34 -9.38 -0.76 -11.17
N LEU A 35 -8.28 -0.05 -10.94
CA LEU A 35 -8.12 0.73 -9.72
C LEU A 35 -8.75 2.10 -9.92
N GLN A 36 -7.93 3.13 -9.73
CA GLN A 36 -8.39 4.49 -9.89
C GLN A 36 -9.30 4.61 -11.10
N ALA A 37 -9.11 3.70 -12.05
CA ALA A 37 -9.90 3.69 -13.26
C ALA A 37 -9.75 5.04 -13.97
N GLY A 38 -8.50 5.39 -14.25
CA GLY A 38 -8.22 6.64 -14.92
C GLY A 38 -7.92 7.75 -13.90
N THR A 39 -8.50 7.60 -12.72
CA THR A 39 -8.29 8.57 -11.66
C THR A 39 -6.83 8.58 -11.21
N ALA A 40 -6.61 9.09 -10.01
CA ALA A 40 -5.28 9.16 -9.45
C ALA A 40 -5.37 9.13 -7.92
N TYR A 41 -4.58 8.23 -7.33
CA TYR A 41 -4.56 8.10 -5.89
C TYR A 41 -3.12 8.06 -5.36
N ASP A 42 -3.00 7.67 -4.11
CA ASP A 42 -1.69 7.58 -3.48
C ASP A 42 -1.43 6.14 -3.06
N VAL A 43 -0.39 5.57 -3.64
CA VAL A 43 -0.02 4.20 -3.35
C VAL A 43 0.70 4.16 -2.00
N GLY A 44 0.56 3.02 -1.32
CA GLY A 44 1.19 2.84 -0.02
C GLY A 44 0.68 1.58 0.66
N GLN A 45 1.55 0.96 1.45
CA GLN A 45 1.20 -0.25 2.16
C GLN A 45 0.68 0.08 3.56
N CYS A 46 -0.60 0.43 3.61
CA CYS A 46 -1.23 0.77 4.87
C CYS A 46 -1.85 -0.49 5.47
N ALA A 47 -1.94 -0.51 6.79
CA ALA A 47 -2.51 -1.65 7.49
C ALA A 47 -2.66 -1.30 8.97
N TRP A 48 -3.33 -2.20 9.69
CA TRP A 48 -3.56 -2.01 11.11
C TRP A 48 -2.25 -2.34 11.84
N VAL A 49 -1.77 -1.37 12.59
CA VAL A 49 -0.54 -1.55 13.35
C VAL A 49 -0.88 -1.81 14.81
N ASP A 50 -1.75 -0.96 15.35
CA ASP A 50 -2.16 -1.09 16.73
C ASP A 50 -3.39 -1.99 16.80
N THR A 51 -4.11 -1.87 17.91
CA THR A 51 -5.31 -2.67 18.12
C THR A 51 -6.50 -2.05 17.39
N GLY A 52 -6.69 -2.50 16.15
CA GLY A 52 -7.79 -2.00 15.34
C GLY A 52 -7.49 -0.58 14.85
N VAL A 53 -6.27 -0.15 15.09
CA VAL A 53 -5.85 1.19 14.67
C VAL A 53 -5.12 1.09 13.33
N LEU A 54 -5.77 1.64 12.31
CA LEU A 54 -5.19 1.64 10.97
C LEU A 54 -4.07 2.67 10.90
N ALA A 55 -2.88 2.17 10.59
CA ALA A 55 -1.72 3.04 10.48
C ALA A 55 -0.99 2.76 9.17
N CYS A 56 -0.48 3.83 8.56
CA CYS A 56 0.24 3.71 7.31
C CYS A 56 1.72 3.99 7.57
N ASN A 57 2.56 3.36 6.76
CA ASN A 57 3.99 3.54 6.89
C ASN A 57 4.41 4.80 6.15
N PRO A 58 5.71 5.18 6.35
CA PRO A 58 6.25 6.37 5.71
C PRO A 58 6.50 6.13 4.22
N ALA A 59 6.38 4.87 3.83
CA ALA A 59 6.60 4.50 2.45
C ALA A 59 5.24 4.22 1.78
N ASP A 60 4.19 4.64 2.46
CA ASP A 60 2.84 4.45 1.96
C ASP A 60 2.45 5.65 1.09
N PHE A 61 3.44 6.49 0.83
CA PHE A 61 3.22 7.68 0.02
C PHE A 61 3.82 7.51 -1.38
N SER A 62 2.97 7.16 -2.33
CA SER A 62 3.40 6.95 -3.70
C SER A 62 2.31 7.42 -4.66
N SER A 63 2.23 8.72 -4.86
CA SER A 63 1.24 9.29 -5.74
C SER A 63 1.37 8.70 -7.14
N VAL A 64 0.26 8.18 -7.64
CA VAL A 64 0.24 7.57 -8.96
C VAL A 64 -1.17 7.63 -9.52
N THR A 65 -1.26 7.47 -10.85
CA THR A 65 -2.55 7.52 -11.51
C THR A 65 -2.76 6.24 -12.34
N ALA A 66 -4.02 5.85 -12.46
CA ALA A 66 -4.36 4.66 -13.21
C ALA A 66 -4.69 5.06 -14.65
N ASP A 67 -4.20 4.25 -15.57
CA ASP A 67 -4.42 4.50 -16.99
C ASP A 67 -5.92 4.36 -17.29
N ALA A 68 -6.31 4.94 -18.41
CA ALA A 68 -7.70 4.89 -18.84
C ALA A 68 -8.29 3.52 -18.47
N ASN A 69 -7.47 2.49 -18.62
CA ASN A 69 -7.89 1.14 -18.32
C ASN A 69 -7.62 0.84 -16.84
N GLY A 70 -7.84 1.86 -16.02
CA GLY A 70 -7.63 1.72 -14.59
C GLY A 70 -6.36 0.94 -14.30
N SER A 71 -5.35 1.17 -15.13
CA SER A 71 -4.07 0.48 -14.97
C SER A 71 -3.10 1.38 -14.20
N ALA A 72 -2.97 1.08 -12.91
CA ALA A 72 -2.08 1.84 -12.05
C ALA A 72 -0.81 1.03 -11.81
N SER A 73 0.15 1.20 -12.72
CA SER A 73 1.41 0.50 -12.61
C SER A 73 2.45 1.39 -11.94
N THR A 74 2.38 1.41 -10.61
CA THR A 74 3.31 2.22 -9.83
C THR A 74 4.31 1.33 -9.11
N SER A 75 5.57 1.71 -9.20
CA SER A 75 6.64 0.95 -8.56
C SER A 75 6.91 1.52 -7.17
N LEU A 76 7.10 0.61 -6.22
CA LEU A 76 7.38 1.00 -4.84
C LEU A 76 8.18 -0.10 -4.16
N THR A 77 8.71 0.23 -2.99
CA THR A 77 9.51 -0.71 -2.22
C THR A 77 8.72 -1.20 -1.01
N VAL A 78 8.88 -2.49 -0.72
CA VAL A 78 8.19 -3.09 0.42
C VAL A 78 9.04 -2.92 1.67
N ARG A 79 8.85 -1.78 2.33
CA ARG A 79 9.59 -1.49 3.55
C ARG A 79 8.86 -2.07 4.76
N ARG A 80 8.93 -3.39 4.88
CA ARG A 80 8.29 -4.08 5.98
C ARG A 80 8.59 -3.36 7.30
N SER A 81 9.80 -2.84 7.39
CA SER A 81 10.23 -2.12 8.58
C SER A 81 10.21 -0.62 8.33
N PHE A 82 9.54 0.09 9.23
CA PHE A 82 9.45 1.54 9.10
C PHE A 82 8.28 2.08 9.93
N GLU A 83 8.60 3.04 10.78
CA GLU A 83 7.59 3.65 11.63
C GLU A 83 6.80 4.70 10.85
N GLY A 84 5.49 4.50 10.81
CA GLY A 84 4.62 5.43 10.10
C GLY A 84 3.73 6.20 11.07
N PHE A 85 2.48 6.38 10.67
CA PHE A 85 1.52 7.09 11.49
C PHE A 85 0.22 6.30 11.62
N LEU A 86 -0.45 6.51 12.75
CA LEU A 86 -1.70 5.83 13.01
C LEU A 86 -2.86 6.66 12.45
N PHE A 87 -4.06 6.09 12.55
CA PHE A 87 -5.24 6.76 12.05
C PHE A 87 -5.45 8.09 12.76
N ASP A 88 -4.97 8.15 13.99
CA ASP A 88 -5.10 9.36 14.79
C ASP A 88 -4.05 10.38 14.33
N GLY A 89 -2.80 9.98 14.44
CA GLY A 89 -1.70 10.85 14.04
C GLY A 89 -0.36 10.34 14.60
N THR A 90 -0.46 9.64 15.72
CA THR A 90 0.72 9.10 16.37
C THR A 90 1.69 8.53 15.32
N ARG A 91 2.95 8.94 15.44
CA ARG A 91 3.97 8.49 14.52
C ARG A 91 4.37 7.04 14.83
N TRP A 92 3.48 6.13 14.48
CA TRP A 92 3.72 4.72 14.71
C TRP A 92 3.88 4.03 13.35
N GLY A 93 2.76 3.76 12.73
CA GLY A 93 2.75 3.10 11.42
C GLY A 93 3.52 1.78 11.48
N THR A 94 2.90 0.76 10.91
CA THR A 94 3.51 -0.57 10.89
C THR A 94 4.73 -0.61 11.81
N VAL A 95 5.84 -0.12 11.30
CA VAL A 95 7.07 -0.10 12.07
C VAL A 95 7.80 -1.45 11.90
N ASP A 96 7.01 -2.51 11.96
CA ASP A 96 7.56 -3.84 11.83
C ASP A 96 6.48 -4.79 11.28
N CYS A 97 6.44 -4.90 9.96
CA CYS A 97 5.47 -5.76 9.31
C CYS A 97 5.97 -7.19 9.38
N THR A 98 6.29 -7.62 10.59
CA THR A 98 6.78 -8.98 10.81
C THR A 98 5.62 -9.92 11.12
N THR A 99 4.44 -9.33 11.28
CA THR A 99 3.26 -10.10 11.58
C THR A 99 2.03 -9.51 10.89
N ALA A 100 1.91 -8.19 11.00
CA ALA A 100 0.80 -7.48 10.38
C ALA A 100 1.01 -7.43 8.86
N ALA A 101 -0.06 -7.71 8.14
CA ALA A 101 -0.02 -7.70 6.70
C ALA A 101 -0.15 -6.25 6.19
N CYS A 102 0.81 -5.86 5.37
CA CYS A 102 0.82 -4.51 4.82
C CYS A 102 0.06 -4.54 3.49
N GLN A 103 -0.97 -3.69 3.42
CA GLN A 103 -1.78 -3.60 2.22
C GLN A 103 -1.26 -2.50 1.30
N VAL A 104 -0.56 -2.91 0.26
CA VAL A 104 -0.01 -1.97 -0.70
C VAL A 104 -1.05 -1.66 -1.77
N GLY A 105 -1.49 -0.41 -1.79
CA GLY A 105 -2.48 0.02 -2.77
C GLY A 105 -2.56 1.55 -2.82
N LEU A 106 -3.32 2.03 -3.80
CA LEU A 106 -3.48 3.46 -3.97
C LEU A 106 -4.81 3.89 -3.35
N SER A 107 -4.71 4.80 -2.38
CA SER A 107 -5.90 5.29 -1.70
C SER A 107 -6.21 6.73 -2.15
N ASP A 108 -7.37 7.21 -1.73
CA ASP A 108 -7.78 8.56 -2.10
C ASP A 108 -6.67 9.54 -1.74
N ALA A 109 -6.79 10.74 -2.29
CA ALA A 109 -5.80 11.78 -2.03
C ALA A 109 -5.64 11.97 -0.52
N ALA A 110 -6.72 11.71 0.20
CA ALA A 110 -6.71 11.85 1.64
C ALA A 110 -6.24 10.54 2.26
N GLY A 111 -5.73 9.66 1.41
CA GLY A 111 -5.23 8.37 1.87
C GLY A 111 -6.38 7.50 2.40
N ASN A 112 -7.54 7.68 1.79
CA ASN A 112 -8.72 6.92 2.19
C ASN A 112 -8.96 5.80 1.18
N GLY A 113 -9.67 4.77 1.64
CA GLY A 113 -9.97 3.63 0.79
C GLY A 113 -9.06 2.46 1.09
N PRO A 114 -9.69 1.31 1.48
CA PRO A 114 -8.94 0.11 1.80
C PRO A 114 -8.41 -0.56 0.53
N GLU A 115 -7.78 0.24 -0.31
CA GLU A 115 -7.23 -0.27 -1.56
C GLU A 115 -5.78 -0.70 -1.36
N GLY A 116 -5.53 -1.97 -1.64
CA GLY A 116 -4.18 -2.52 -1.50
C GLY A 116 -4.24 -4.01 -1.18
N VAL A 117 -3.16 -4.70 -1.53
CA VAL A 117 -3.08 -6.13 -1.29
C VAL A 117 -2.11 -6.38 -0.13
N ALA A 118 -2.48 -7.32 0.72
CA ALA A 118 -1.66 -7.68 1.87
C ALA A 118 -0.46 -8.48 1.40
N ILE A 119 0.61 -7.76 1.10
CA ILE A 119 1.84 -8.39 0.63
C ILE A 119 2.72 -8.71 1.84
N SER A 120 3.55 -9.73 1.67
CA SER A 120 4.45 -10.15 2.72
C SER A 120 4.92 -11.59 2.48
N PHE A 121 3.95 -12.47 2.35
CA PHE A 121 4.24 -13.88 2.11
C PHE A 121 3.15 -14.54 1.26
N ASN A 122 3.57 -15.01 0.10
CA ASN A 122 2.65 -15.65 -0.83
C ASN A 122 1.78 -16.66 -0.05
C1 NCZ B . -5.29 2.22 4.03
C6 NCZ B . -4.49 3.27 3.56
C5 NCZ B . -3.80 3.09 2.34
C7 NCZ B . -2.97 4.10 1.83
C8 NCZ B . -2.80 5.26 2.57
C9 NCZ B . -3.47 5.45 3.79
C10 NCZ B . -4.38 4.47 4.29
C11 NCZ B . -5.37 4.86 5.26
O3 NCZ B . -5.17 5.81 6.01
O4 NCZ B . -6.65 4.14 5.46
C12 NCZ B . -7.65 4.74 6.36
C13 NCZ B . -8.86 3.83 6.53
C14 NCZ B . -9.83 4.21 5.68
C15 NCZ B . -9.54 5.52 5.04
C16 NCZ B . -8.24 6.00 5.71
O6 NCZ B . -8.59 7.00 6.70
O5 NCZ B . -9.35 3.91 7.87
O2 NCZ B . -3.25 6.67 4.45
C4 NCZ B . -3.96 1.92 1.65
C3 NCZ B . -4.77 0.91 2.14
C2 NCZ B . -5.44 1.05 3.33
O1 NCZ B . -6.23 0.00 3.79
C17 NCZ B . -7.29 0.12 4.76
C18 NCZ B . -3.30 1.67 0.33
H1 NCZ B . -5.81 2.34 4.98
H7 NCZ B . -2.47 3.96 0.89
H8 NCZ B . -2.14 6.04 2.19
H12 NCZ B . -7.33 5.34 7.04
H13 NCZ B . -8.60 2.80 6.31
H14 NCZ B . -10.73 3.64 5.48
H15 NCZ B . -10.11 6.03 4.26
H16 NCZ B . -7.59 6.42 4.95
H6 NCZ B . -9.50 6.79 7.11
H5 NCZ B . -8.67 3.64 8.48
H2 NCZ B . -4.11 7.23 4.42
H3 NCZ B . -4.89 -0.01 1.57
H171 NCZ B . -7.74 -0.86 4.93
H172 NCZ B . -6.89 0.51 5.70
H173 NCZ B . -8.06 0.81 4.38
H181 NCZ B . -3.96 1.99 -0.47
H182 NCZ B . -2.36 2.24 0.28
H183 NCZ B . -3.08 0.62 0.22
N ALA A 10 -5.24 -13.58 -12.18
CA ALA A 10 -4.97 -12.72 -11.04
C ALA A 10 -4.88 -11.26 -11.51
N ALA A 11 -5.81 -10.46 -11.02
CA ALA A 11 -5.85 -9.06 -11.38
C ALA A 11 -6.53 -8.26 -10.26
N PRO A 12 -6.05 -8.50 -9.01
CA PRO A 12 -6.60 -7.82 -7.86
C PRO A 12 -6.13 -6.36 -7.80
N THR A 13 -6.75 -5.54 -8.65
CA THR A 13 -6.41 -4.13 -8.70
C THR A 13 -4.89 -3.94 -8.60
N ALA A 14 -4.50 -3.18 -7.59
CA ALA A 14 -3.09 -2.91 -7.37
C ALA A 14 -2.48 -4.05 -6.53
N THR A 15 -1.39 -4.60 -7.04
CA THR A 15 -0.72 -5.69 -6.34
C THR A 15 0.78 -5.66 -6.65
N VAL A 16 1.57 -5.99 -5.63
CA VAL A 16 3.01 -6.01 -5.78
C VAL A 16 3.42 -7.24 -6.59
N THR A 17 4.26 -7.00 -7.59
CA THR A 17 4.73 -8.06 -8.45
C THR A 17 4.94 -9.35 -7.64
N PRO A 18 5.78 -9.22 -6.58
CA PRO A 18 6.07 -10.35 -5.72
C PRO A 18 4.88 -10.66 -4.80
N SER A 19 5.18 -11.40 -3.74
CA SER A 19 4.15 -11.77 -2.78
C SER A 19 4.70 -11.64 -1.35
N SER A 20 5.83 -12.28 -1.12
CA SER A 20 6.47 -12.23 0.19
C SER A 20 7.18 -10.90 0.38
N GLY A 21 6.44 -9.93 0.92
CA GLY A 21 6.99 -8.61 1.17
C GLY A 21 8.10 -8.66 2.22
N LEU A 22 8.29 -9.85 2.77
CA LEU A 22 9.32 -10.04 3.79
C LEU A 22 10.69 -10.00 3.13
N SER A 23 10.93 -8.93 2.41
CA SER A 23 12.21 -8.76 1.72
C SER A 23 12.79 -7.38 2.02
N ASP A 24 13.98 -7.37 2.59
CA ASP A 24 14.65 -6.13 2.93
C ASP A 24 14.31 -5.06 1.88
N GLY A 25 13.28 -4.29 2.17
CA GLY A 25 12.85 -3.24 1.27
C GLY A 25 12.91 -3.72 -0.19
N THR A 26 12.02 -4.64 -0.52
CA THR A 26 11.96 -5.18 -1.86
C THR A 26 11.33 -4.17 -2.83
N VAL A 27 12.09 -3.82 -3.85
CA VAL A 27 11.63 -2.87 -4.84
C VAL A 27 10.99 -3.62 -6.02
N VAL A 28 9.74 -3.31 -6.27
CA VAL A 28 9.01 -3.96 -7.35
C VAL A 28 7.99 -2.97 -7.94
N LYS A 29 7.14 -3.49 -8.81
CA LYS A 29 6.12 -2.66 -9.44
C LYS A 29 4.75 -3.22 -9.08
N VAL A 30 3.84 -2.29 -8.74
CA VAL A 30 2.49 -2.68 -8.38
C VAL A 30 1.56 -2.46 -9.58
N ALA A 31 1.04 -3.57 -10.09
CA ALA A 31 0.14 -3.50 -11.24
C ALA A 31 -1.29 -3.31 -10.75
N GLY A 32 -1.93 -2.29 -11.29
CA GLY A 32 -3.31 -2.00 -10.92
C GLY A 32 -4.28 -2.45 -12.01
N ALA A 33 -5.03 -3.50 -11.69
CA ALA A 33 -5.99 -4.04 -12.63
C ALA A 33 -7.41 -3.69 -12.15
N GLY A 34 -7.89 -2.54 -12.60
CA GLY A 34 -9.21 -2.09 -12.23
C GLY A 34 -9.15 -1.11 -11.06
N LEU A 35 -8.07 -0.34 -11.03
CA LEU A 35 -7.87 0.64 -9.98
C LEU A 35 -8.50 1.97 -10.40
N GLN A 36 -7.76 3.04 -10.14
CA GLN A 36 -8.23 4.37 -10.48
C GLN A 36 -8.44 4.48 -11.99
N ALA A 37 -9.66 4.18 -12.42
CA ALA A 37 -10.00 4.25 -13.84
C ALA A 37 -9.79 5.68 -14.33
N GLY A 38 -8.53 5.99 -14.63
CA GLY A 38 -8.19 7.31 -15.13
C GLY A 38 -8.04 8.30 -13.96
N THR A 39 -8.13 7.77 -12.76
CA THR A 39 -8.01 8.60 -11.57
C THR A 39 -6.55 8.66 -11.11
N ALA A 40 -6.33 9.36 -10.01
CA ALA A 40 -4.99 9.51 -9.47
C ALA A 40 -5.05 9.44 -7.94
N TYR A 41 -4.48 8.38 -7.40
CA TYR A 41 -4.46 8.19 -5.96
C TYR A 41 -3.04 8.19 -5.42
N ASP A 42 -2.90 7.81 -4.16
CA ASP A 42 -1.60 7.77 -3.52
C ASP A 42 -1.30 6.34 -3.09
N VAL A 43 -0.28 5.77 -3.70
CA VAL A 43 0.13 4.41 -3.39
C VAL A 43 0.83 4.39 -2.03
N GLY A 44 0.65 3.29 -1.32
CA GLY A 44 1.26 3.14 -0.01
C GLY A 44 0.71 1.90 0.71
N GLN A 45 1.56 1.32 1.54
CA GLN A 45 1.17 0.13 2.30
C GLN A 45 0.60 0.53 3.66
N CYS A 46 -0.72 0.54 3.74
CA CYS A 46 -1.40 0.90 4.97
C CYS A 46 -1.96 -0.38 5.60
N ALA A 47 -2.40 -0.25 6.85
CA ALA A 47 -2.96 -1.37 7.57
C ALA A 47 -3.11 -1.01 9.05
N TRP A 48 -3.93 -1.78 9.74
CA TRP A 48 -4.17 -1.55 11.15
C TRP A 48 -2.93 -2.05 11.92
N VAL A 49 -2.18 -1.09 12.46
CA VAL A 49 -0.99 -1.41 13.22
C VAL A 49 -1.37 -1.68 14.67
N ASP A 50 -2.09 -0.72 15.25
CA ASP A 50 -2.53 -0.83 16.63
C ASP A 50 -3.88 -1.54 16.67
N THR A 51 -4.49 -1.52 17.86
CA THR A 51 -5.78 -2.14 18.05
C THR A 51 -6.82 -1.52 17.12
N GLY A 52 -7.00 -2.16 15.98
CA GLY A 52 -7.97 -1.68 15.00
C GLY A 52 -7.65 -0.24 14.58
N VAL A 53 -6.42 0.16 14.84
CA VAL A 53 -5.97 1.50 14.51
C VAL A 53 -5.32 1.47 13.12
N LEU A 54 -6.07 2.01 12.15
CA LEU A 54 -5.58 2.05 10.79
C LEU A 54 -4.40 3.02 10.70
N ALA A 55 -3.21 2.45 10.55
CA ALA A 55 -1.99 3.24 10.46
C ALA A 55 -1.30 2.94 9.14
N CYS A 56 -0.63 3.96 8.62
CA CYS A 56 0.09 3.82 7.36
C CYS A 56 1.58 4.01 7.63
N ASN A 57 2.40 3.40 6.77
CA ASN A 57 3.83 3.50 6.91
C ASN A 57 4.32 4.81 6.30
N PRO A 58 5.64 5.09 6.50
CA PRO A 58 6.24 6.30 5.96
C PRO A 58 6.45 6.19 4.45
N ALA A 59 6.30 4.97 3.95
CA ALA A 59 6.48 4.72 2.54
C ALA A 59 5.12 4.48 1.89
N ASP A 60 4.08 4.92 2.59
CA ASP A 60 2.72 4.76 2.09
C ASP A 60 2.37 5.95 1.20
N PHE A 61 3.37 6.77 0.94
CA PHE A 61 3.18 7.94 0.10
C PHE A 61 3.85 7.76 -1.26
N SER A 62 3.03 7.45 -2.25
CA SER A 62 3.53 7.25 -3.60
C SER A 62 2.45 7.60 -4.62
N SER A 63 2.33 8.90 -4.87
CA SER A 63 1.33 9.38 -5.81
C SER A 63 1.43 8.60 -7.13
N VAL A 64 0.28 8.10 -7.57
CA VAL A 64 0.22 7.33 -8.79
C VAL A 64 -1.16 7.51 -9.43
N THR A 65 -1.22 7.21 -10.73
CA THR A 65 -2.46 7.34 -11.47
C THR A 65 -2.67 6.11 -12.37
N ALA A 66 -3.93 5.75 -12.54
CA ALA A 66 -4.28 4.62 -13.38
C ALA A 66 -4.90 5.12 -14.68
N ASP A 67 -4.62 4.37 -15.75
CA ASP A 67 -5.14 4.73 -17.06
C ASP A 67 -6.66 4.46 -17.09
N ALA A 68 -7.32 5.14 -18.00
CA ALA A 68 -8.77 5.00 -18.14
C ALA A 68 -9.13 3.51 -18.05
N ASN A 69 -8.16 2.68 -18.41
CA ASN A 69 -8.36 1.24 -18.36
C ASN A 69 -8.03 0.72 -16.97
N GLY A 70 -8.33 1.54 -15.98
CA GLY A 70 -8.06 1.17 -14.59
C GLY A 70 -6.69 0.51 -14.46
N SER A 71 -5.75 0.98 -15.25
CA SER A 71 -4.41 0.44 -15.24
C SER A 71 -3.51 1.32 -14.37
N ALA A 72 -3.35 0.90 -13.12
CA ALA A 72 -2.51 1.64 -12.18
C ALA A 72 -1.11 1.01 -12.15
N SER A 73 -0.26 1.51 -13.03
CA SER A 73 1.10 1.01 -13.11
C SER A 73 2.01 1.80 -12.17
N THR A 74 1.96 1.40 -10.90
CA THR A 74 2.77 2.05 -9.89
C THR A 74 3.95 1.16 -9.48
N SER A 75 4.86 1.75 -8.72
CA SER A 75 6.03 1.03 -8.26
C SER A 75 6.51 1.59 -6.92
N LEU A 76 6.98 0.69 -6.08
CA LEU A 76 7.46 1.09 -4.76
C LEU A 76 8.26 -0.07 -4.15
N THR A 77 8.82 0.19 -2.97
CA THR A 77 9.60 -0.81 -2.27
C THR A 77 8.84 -1.33 -1.05
N VAL A 78 8.99 -2.62 -0.79
CA VAL A 78 8.33 -3.24 0.34
C VAL A 78 9.22 -3.13 1.57
N ARG A 79 9.08 -2.00 2.26
CA ARG A 79 9.87 -1.75 3.45
C ARG A 79 9.16 -2.33 4.68
N ARG A 80 9.17 -3.66 4.75
CA ARG A 80 8.54 -4.36 5.87
C ARG A 80 8.72 -3.57 7.16
N SER A 81 9.89 -2.96 7.29
CA SER A 81 10.21 -2.16 8.46
C SER A 81 10.11 -0.67 8.14
N PHE A 82 9.46 0.06 9.03
CA PHE A 82 9.30 1.49 8.84
C PHE A 82 8.19 2.04 9.76
N GLU A 83 8.59 2.96 10.62
CA GLU A 83 7.65 3.57 11.54
C GLU A 83 6.80 4.62 10.82
N GLY A 84 5.51 4.35 10.77
CA GLY A 84 4.59 5.27 10.11
C GLY A 84 3.76 6.05 11.14
N PHE A 85 2.52 6.34 10.76
CA PHE A 85 1.63 7.07 11.64
C PHE A 85 0.28 6.37 11.76
N LEU A 86 -0.37 6.58 12.90
CA LEU A 86 -1.66 5.97 13.14
C LEU A 86 -2.76 6.91 12.64
N PHE A 87 -3.99 6.42 12.70
CA PHE A 87 -5.13 7.20 12.26
C PHE A 87 -5.30 8.46 13.12
N ASP A 88 -4.75 8.39 14.32
CA ASP A 88 -4.84 9.52 15.25
C ASP A 88 -3.79 10.57 14.85
N GLY A 89 -2.54 10.13 14.83
CA GLY A 89 -1.44 11.01 14.47
C GLY A 89 -0.10 10.45 14.96
N THR A 90 -0.19 9.63 16.00
CA THR A 90 1.00 9.02 16.57
C THR A 90 1.89 8.43 15.46
N ARG A 91 3.18 8.72 15.57
CA ARG A 91 4.13 8.23 14.59
C ARG A 91 4.49 6.78 14.89
N TRP A 92 3.57 5.89 14.55
CA TRP A 92 3.78 4.47 14.77
C TRP A 92 3.93 3.79 13.40
N GLY A 93 2.80 3.47 12.81
CA GLY A 93 2.80 2.82 11.51
C GLY A 93 3.61 1.52 11.54
N THR A 94 2.93 0.43 11.20
CA THR A 94 3.57 -0.87 11.19
C THR A 94 4.88 -0.82 11.97
N VAL A 95 5.93 -0.35 11.31
CA VAL A 95 7.23 -0.25 11.93
C VAL A 95 7.98 -1.56 11.73
N ASP A 96 7.23 -2.65 11.74
CA ASP A 96 7.82 -3.97 11.56
C ASP A 96 6.72 -4.95 11.13
N CYS A 97 6.61 -5.11 9.81
CA CYS A 97 5.62 -6.00 9.25
C CYS A 97 6.03 -7.44 9.57
N THR A 98 6.10 -7.73 10.86
CA THR A 98 6.49 -9.06 11.31
C THR A 98 5.26 -9.83 11.82
N THR A 99 4.14 -9.12 11.87
CA THR A 99 2.90 -9.72 12.34
C THR A 99 1.70 -9.06 11.66
N ALA A 100 1.75 -7.74 11.61
CA ALA A 100 0.67 -6.97 10.99
C ALA A 100 0.77 -7.11 9.47
N ALA A 101 -0.38 -7.34 8.85
CA ALA A 101 -0.44 -7.48 7.41
C ALA A 101 -0.59 -6.11 6.77
N CYS A 102 0.48 -5.66 6.14
CA CYS A 102 0.47 -4.36 5.48
C CYS A 102 -0.04 -4.55 4.05
N GLN A 103 -1.06 -3.79 3.72
CA GLN A 103 -1.65 -3.87 2.39
C GLN A 103 -1.14 -2.70 1.51
N VAL A 104 -0.49 -3.08 0.43
CA VAL A 104 0.05 -2.08 -0.49
C VAL A 104 -1.01 -1.74 -1.54
N GLY A 105 -1.37 -0.47 -1.58
CA GLY A 105 -2.37 0.00 -2.53
C GLY A 105 -2.45 1.52 -2.54
N LEU A 106 -3.24 2.04 -3.47
CA LEU A 106 -3.42 3.48 -3.59
C LEU A 106 -4.78 3.88 -3.03
N SER A 107 -4.75 4.86 -2.14
CA SER A 107 -5.98 5.35 -1.52
C SER A 107 -6.47 6.60 -2.26
N ASP A 108 -7.73 6.92 -2.02
CA ASP A 108 -8.34 8.09 -2.64
C ASP A 108 -8.05 9.32 -1.80
N ALA A 109 -8.15 10.48 -2.44
CA ALA A 109 -7.90 11.74 -1.76
C ALA A 109 -9.20 12.23 -1.10
N ALA A 110 -10.18 11.33 -1.07
CA ALA A 110 -11.46 11.66 -0.48
C ALA A 110 -11.57 10.99 0.89
N GLY A 111 -10.79 9.94 1.07
CA GLY A 111 -10.77 9.21 2.33
C GLY A 111 -11.85 8.12 2.33
N ASN A 112 -11.81 7.29 1.30
CA ASN A 112 -12.76 6.21 1.16
C ASN A 112 -12.03 4.87 1.23
N GLY A 113 -12.74 3.85 1.69
CA GLY A 113 -12.16 2.53 1.82
C GLY A 113 -11.16 2.26 0.70
N PRO A 114 -9.86 2.51 1.02
CA PRO A 114 -8.79 2.31 0.07
C PRO A 114 -8.49 0.81 -0.12
N GLU A 115 -8.26 0.43 -1.37
CA GLU A 115 -7.96 -0.96 -1.68
C GLU A 115 -6.46 -1.20 -1.63
N GLY A 116 -6.10 -2.38 -1.13
CA GLY A 116 -4.69 -2.74 -1.02
C GLY A 116 -4.55 -4.26 -0.87
N VAL A 117 -3.37 -4.74 -1.25
CA VAL A 117 -3.08 -6.16 -1.16
C VAL A 117 -2.12 -6.41 0.00
N ALA A 118 -2.55 -7.29 0.90
CA ALA A 118 -1.74 -7.62 2.06
C ALA A 118 -0.48 -8.35 1.61
N ILE A 119 0.58 -7.56 1.43
CA ILE A 119 1.85 -8.11 0.99
C ILE A 119 2.71 -8.44 2.21
N SER A 120 3.43 -9.54 2.12
CA SER A 120 4.29 -9.97 3.20
C SER A 120 4.79 -11.39 2.95
N PHE A 121 3.84 -12.30 2.82
CA PHE A 121 4.15 -13.69 2.58
C PHE A 121 3.23 -14.29 1.52
N ASN A 122 3.78 -15.25 0.78
CA ASN A 122 3.02 -15.91 -0.27
C ASN A 122 1.88 -16.72 0.35
C1 NCZ B . -5.43 2.41 4.06
C6 NCZ B . -4.58 3.41 3.55
C5 NCZ B . -3.89 3.15 2.34
C7 NCZ B . -3.03 4.08 1.79
C8 NCZ B . -2.81 5.28 2.46
C9 NCZ B . -3.49 5.56 3.66
C10 NCZ B . -4.43 4.65 4.21
C11 NCZ B . -5.41 5.12 5.14
O3 NCZ B . -5.18 6.10 5.85
O4 NCZ B . -6.71 4.47 5.38
C12 NCZ B . -7.78 5.24 6.01
C13 NCZ B . -9.06 4.42 6.18
C14 NCZ B . -9.89 4.66 5.17
C15 NCZ B . -9.46 5.81 4.32
C16 NCZ B . -8.23 6.37 5.07
O6 NCZ B . -8.65 7.56 5.80
O5 NCZ B . -9.71 4.78 7.41
O2 NCZ B . -3.21 6.81 4.26
C4 NCZ B . -4.10 1.94 1.71
C3 NCZ B . -4.96 0.99 2.24
C2 NCZ B . -5.62 1.22 3.43
O1 NCZ B . -6.45 0.22 3.93
C17 NCZ B . -7.51 0.45 4.89
C18 NCZ B . -3.44 1.60 0.41
H1 NCZ B . -5.95 2.61 5.00
H7 NCZ B . -2.52 3.89 0.85
H8 NCZ B . -2.12 6.01 2.03
H12 NCZ B . -7.37 5.77 6.88
H13 NCZ B . -8.82 3.36 6.20
H14 NCZ B . -10.79 4.08 4.96
H15 NCZ B . -9.91 6.17 3.41
H16 NCZ B . -7.47 6.61 4.33
H6 NCZ B . -9.62 7.45 6.11
H5 NCZ B . -9.12 4.61 8.15
H2 NCZ B . -4.05 7.40 4.20
H3 NCZ B . -5.11 0.05 1.72
H171 NCZ B . -8.00 -0.50 5.11
H172 NCZ B . -7.10 0.86 5.81
H173 NCZ B . -8.24 1.14 4.47
H181 NCZ B . -4.08 1.90 -0.41
H182 NCZ B . -2.49 2.13 0.34
H183 NCZ B . -3.26 0.52 0.36
N ALA A 10 -4.23 -12.74 -13.15
CA ALA A 10 -4.56 -12.61 -11.74
C ALA A 10 -4.09 -11.25 -11.23
N ALA A 11 -4.01 -11.14 -9.91
CA ALA A 11 -3.59 -9.90 -9.29
C ALA A 11 -4.50 -8.76 -9.75
N PRO A 12 -5.75 -8.77 -9.22
CA PRO A 12 -6.73 -7.76 -9.57
C PRO A 12 -6.41 -6.44 -8.87
N THR A 13 -6.87 -5.35 -9.50
CA THR A 13 -6.63 -4.03 -8.95
C THR A 13 -5.15 -3.83 -8.64
N ALA A 14 -4.89 -2.94 -7.69
CA ALA A 14 -3.52 -2.65 -7.29
C ALA A 14 -2.98 -3.80 -6.44
N THR A 15 -1.82 -4.30 -6.84
CA THR A 15 -1.19 -5.40 -6.13
C THR A 15 0.33 -5.30 -6.25
N VAL A 16 1.01 -6.25 -5.61
CA VAL A 16 2.46 -6.28 -5.63
C VAL A 16 2.92 -7.53 -6.39
N THR A 17 3.78 -7.31 -7.36
CA THR A 17 4.32 -8.41 -8.17
C THR A 17 4.51 -9.65 -7.30
N PRO A 18 5.52 -9.56 -6.39
CA PRO A 18 5.82 -10.66 -5.51
C PRO A 18 4.78 -10.78 -4.39
N SER A 19 5.17 -11.47 -3.32
CA SER A 19 4.28 -11.66 -2.19
C SER A 19 5.06 -11.53 -0.88
N SER A 20 6.21 -12.18 -0.86
CA SER A 20 7.07 -12.15 0.31
C SER A 20 7.53 -10.71 0.58
N GLY A 21 6.60 -9.91 1.09
CA GLY A 21 6.90 -8.52 1.40
C GLY A 21 7.99 -8.42 2.47
N LEU A 22 8.33 -9.57 3.04
CA LEU A 22 9.36 -9.62 4.06
C LEU A 22 10.74 -9.56 3.39
N SER A 23 10.91 -8.56 2.54
CA SER A 23 12.16 -8.38 1.84
C SER A 23 12.69 -6.96 2.05
N ASP A 24 13.88 -6.89 2.62
CA ASP A 24 14.50 -5.60 2.89
C ASP A 24 14.16 -4.63 1.76
N GLY A 25 13.11 -3.86 1.99
CA GLY A 25 12.67 -2.89 0.99
C GLY A 25 12.78 -3.45 -0.42
N THR A 26 11.92 -4.42 -0.71
CA THR A 26 11.91 -5.05 -2.01
C THR A 26 11.23 -4.14 -3.05
N VAL A 27 12.01 -3.74 -4.03
CA VAL A 27 11.49 -2.88 -5.09
C VAL A 27 10.83 -3.74 -6.17
N VAL A 28 9.53 -3.57 -6.29
CA VAL A 28 8.77 -4.32 -7.27
C VAL A 28 7.81 -3.37 -8.00
N LYS A 29 6.93 -3.96 -8.80
CA LYS A 29 5.97 -3.19 -9.56
C LYS A 29 4.55 -3.50 -9.04
N VAL A 30 3.79 -2.43 -8.85
CA VAL A 30 2.43 -2.57 -8.36
C VAL A 30 1.44 -2.23 -9.48
N ALA A 31 0.89 -3.28 -10.07
CA ALA A 31 -0.06 -3.11 -11.16
C ALA A 31 -1.46 -2.95 -10.59
N GLY A 32 -2.18 -1.95 -11.09
CA GLY A 32 -3.52 -1.68 -10.64
C GLY A 32 -4.51 -1.72 -11.80
N ALA A 33 -4.84 -2.93 -12.22
CA ALA A 33 -5.78 -3.11 -13.33
C ALA A 33 -7.20 -3.18 -12.78
N GLY A 34 -8.04 -2.31 -13.31
CA GLY A 34 -9.43 -2.26 -12.89
C GLY A 34 -9.61 -1.29 -11.72
N LEU A 35 -8.59 -0.47 -11.50
CA LEU A 35 -8.62 0.50 -10.42
C LEU A 35 -9.36 1.76 -10.89
N GLN A 36 -8.90 2.90 -10.37
CA GLN A 36 -9.51 4.16 -10.73
C GLN A 36 -9.06 4.60 -12.13
N ALA A 37 -9.77 4.08 -13.12
CA ALA A 37 -9.45 4.40 -14.51
C ALA A 37 -9.73 5.88 -14.76
N GLY A 38 -8.66 6.61 -15.05
CA GLY A 38 -8.78 8.04 -15.32
C GLY A 38 -8.51 8.85 -14.05
N THR A 39 -8.70 8.20 -12.92
CA THR A 39 -8.48 8.85 -11.63
C THR A 39 -7.04 8.64 -11.17
N ALA A 40 -6.75 9.16 -9.98
CA ALA A 40 -5.43 9.04 -9.40
C ALA A 40 -5.53 8.98 -7.88
N TYR A 41 -4.53 8.37 -7.27
CA TYR A 41 -4.50 8.24 -5.83
C TYR A 41 -3.05 8.21 -5.31
N ASP A 42 -2.92 7.86 -4.04
CA ASP A 42 -1.61 7.78 -3.42
C ASP A 42 -1.25 6.33 -3.16
N VAL A 43 -0.20 5.88 -3.82
CA VAL A 43 0.25 4.51 -3.67
C VAL A 43 1.04 4.37 -2.37
N GLY A 44 0.68 3.36 -1.59
CA GLY A 44 1.35 3.12 -0.32
C GLY A 44 0.74 1.91 0.39
N GLN A 45 1.48 1.39 1.36
CA GLN A 45 1.04 0.24 2.12
C GLN A 45 0.37 0.68 3.42
N CYS A 46 -0.95 0.67 3.41
CA CYS A 46 -1.72 1.07 4.58
C CYS A 46 -2.34 -0.19 5.20
N ALA A 47 -2.60 -0.10 6.49
CA ALA A 47 -3.19 -1.21 7.22
C ALA A 47 -3.26 -0.87 8.71
N TRP A 48 -3.96 -1.72 9.44
CA TRP A 48 -4.12 -1.52 10.87
C TRP A 48 -2.80 -1.89 11.55
N VAL A 49 -2.15 -0.89 12.11
CA VAL A 49 -0.89 -1.10 12.79
C VAL A 49 -1.11 -1.09 14.30
N ASP A 50 -1.79 -0.05 14.75
CA ASP A 50 -2.08 0.10 16.17
C ASP A 50 -3.44 -0.55 16.48
N THR A 51 -3.73 -0.66 17.77
CA THR A 51 -4.97 -1.25 18.20
C THR A 51 -6.09 -0.96 17.19
N GLY A 52 -6.32 -1.93 16.31
CA GLY A 52 -7.34 -1.79 15.30
C GLY A 52 -7.35 -0.38 14.72
N VAL A 53 -6.18 0.26 14.77
CA VAL A 53 -6.05 1.61 14.25
C VAL A 53 -5.41 1.55 12.86
N LEU A 54 -6.16 2.04 11.88
CA LEU A 54 -5.68 2.05 10.51
C LEU A 54 -4.53 3.06 10.39
N ALA A 55 -3.34 2.52 10.23
CA ALA A 55 -2.15 3.35 10.10
C ALA A 55 -1.46 3.04 8.77
N CYS A 56 -1.03 4.11 8.11
CA CYS A 56 -0.35 3.97 6.83
C CYS A 56 1.15 4.11 7.06
N ASN A 57 1.92 3.51 6.16
CA ASN A 57 3.37 3.57 6.26
C ASN A 57 3.85 4.95 5.83
N PRO A 58 5.11 5.27 6.23
CA PRO A 58 5.71 6.54 5.89
C PRO A 58 6.13 6.58 4.43
N ALA A 59 6.20 5.41 3.83
CA ALA A 59 6.58 5.29 2.43
C ALA A 59 5.35 4.95 1.59
N ASP A 60 4.18 5.18 2.18
CA ASP A 60 2.94 4.89 1.50
C ASP A 60 2.52 6.10 0.67
N PHE A 61 3.40 7.09 0.64
CA PHE A 61 3.14 8.31 -0.11
C PHE A 61 3.80 8.26 -1.49
N SER A 62 3.08 7.68 -2.44
CA SER A 62 3.57 7.55 -3.80
C SER A 62 2.47 7.89 -4.79
N SER A 63 2.18 9.18 -4.90
CA SER A 63 1.15 9.65 -5.81
C SER A 63 1.26 8.92 -7.15
N VAL A 64 0.16 8.32 -7.56
CA VAL A 64 0.12 7.59 -8.82
C VAL A 64 -1.28 7.70 -9.43
N THR A 65 -1.37 7.35 -10.70
CA THR A 65 -2.62 7.41 -11.41
C THR A 65 -2.85 6.13 -12.21
N ALA A 66 -4.11 5.89 -12.56
CA ALA A 66 -4.46 4.71 -13.33
C ALA A 66 -4.77 5.11 -14.77
N ASP A 67 -4.28 4.29 -15.69
CA ASP A 67 -4.49 4.55 -17.10
C ASP A 67 -5.99 4.37 -17.43
N ALA A 68 -6.40 5.04 -18.49
CA ALA A 68 -7.79 4.96 -18.93
C ALA A 68 -8.30 3.53 -18.74
N ASN A 69 -7.38 2.58 -18.90
CA ASN A 69 -7.73 1.18 -18.74
C ASN A 69 -7.56 0.78 -17.28
N GLY A 70 -7.89 1.71 -16.39
CA GLY A 70 -7.79 1.47 -14.96
C GLY A 70 -6.56 0.63 -14.64
N SER A 71 -5.46 0.98 -15.29
CA SER A 71 -4.21 0.26 -15.08
C SER A 71 -3.19 1.18 -14.41
N ALA A 72 -2.95 0.92 -13.13
CA ALA A 72 -2.01 1.71 -12.37
C ALA A 72 -0.75 0.88 -12.12
N SER A 73 0.19 0.98 -13.05
CA SER A 73 1.44 0.26 -12.94
C SER A 73 2.51 1.15 -12.30
N THR A 74 2.43 1.24 -10.99
CA THR A 74 3.38 2.05 -10.23
C THR A 74 4.34 1.15 -9.44
N SER A 75 5.60 1.53 -9.47
CA SER A 75 6.63 0.76 -8.76
C SER A 75 6.77 1.30 -7.33
N LEU A 76 6.91 0.37 -6.40
CA LEU A 76 7.07 0.73 -5.00
C LEU A 76 8.06 -0.22 -4.33
N THR A 77 8.51 0.18 -3.16
CA THR A 77 9.46 -0.63 -2.41
C THR A 77 8.77 -1.32 -1.23
N VAL A 78 9.05 -2.60 -1.07
CA VAL A 78 8.47 -3.38 0.00
C VAL A 78 9.36 -3.29 1.24
N ARG A 79 9.17 -2.21 1.99
CA ARG A 79 9.96 -1.99 3.19
C ARG A 79 9.12 -2.29 4.43
N ARG A 80 8.79 -3.57 4.59
CA ARG A 80 8.00 -4.00 5.73
C ARG A 80 8.39 -3.22 6.98
N SER A 81 9.65 -2.81 7.03
CA SER A 81 10.16 -2.06 8.15
C SER A 81 9.98 -0.56 7.90
N PHE A 82 9.23 0.08 8.79
CA PHE A 82 8.98 1.50 8.67
C PHE A 82 8.15 2.02 9.84
N GLU A 83 8.04 3.33 9.92
CA GLU A 83 7.29 3.95 11.00
C GLU A 83 5.85 4.23 10.54
N GLY A 84 4.94 3.41 11.03
CA GLY A 84 3.53 3.55 10.67
C GLY A 84 2.97 4.87 11.22
N PHE A 85 1.84 5.28 10.65
CA PHE A 85 1.19 6.50 11.07
C PHE A 85 -0.32 6.29 11.23
N LEU A 86 -0.79 6.50 12.46
CA LEU A 86 -2.20 6.34 12.76
C LEU A 86 -3.02 7.22 11.82
N PHE A 87 -4.10 6.65 11.31
CA PHE A 87 -4.97 7.38 10.40
C PHE A 87 -5.56 8.62 11.08
N ASP A 88 -5.64 8.56 12.40
CA ASP A 88 -6.17 9.66 13.18
C ASP A 88 -5.38 10.92 12.86
N GLY A 89 -4.07 10.80 12.94
CA GLY A 89 -3.19 11.93 12.66
C GLY A 89 -1.83 11.75 13.35
N THR A 90 -1.85 10.96 14.42
CA THR A 90 -0.64 10.70 15.17
C THR A 90 0.17 9.58 14.51
N ARG A 91 1.45 9.52 14.87
CA ARG A 91 2.34 8.52 14.32
C ARG A 91 2.52 7.37 15.31
N TRP A 92 2.59 6.16 14.77
CA TRP A 92 2.76 4.98 15.59
C TRP A 92 4.20 4.49 15.42
N GLY A 93 4.40 3.65 14.43
CA GLY A 93 5.73 3.10 14.17
C GLY A 93 5.64 1.63 13.76
N THR A 94 5.90 0.78 14.74
CA THR A 94 5.85 -0.66 14.51
C THR A 94 7.18 -1.15 13.90
N VAL A 95 7.59 -0.45 12.84
CA VAL A 95 8.83 -0.80 12.17
C VAL A 95 8.63 -2.09 11.38
N ASP A 96 9.18 -3.17 11.92
CA ASP A 96 9.07 -4.47 11.27
C ASP A 96 7.60 -4.87 11.20
N CYS A 97 7.05 -4.74 10.00
CA CYS A 97 5.66 -5.09 9.77
C CYS A 97 5.56 -6.59 9.47
N THR A 98 5.95 -7.38 10.47
CA THR A 98 5.93 -8.83 10.34
C THR A 98 4.70 -9.42 11.06
N THR A 99 4.20 -8.65 12.01
CA THR A 99 3.04 -9.07 12.78
C THR A 99 1.76 -8.63 12.09
N ALA A 100 1.73 -7.36 11.69
CA ALA A 100 0.57 -6.81 11.02
C ALA A 100 0.71 -7.01 9.51
N ALA A 101 -0.41 -7.27 8.87
CA ALA A 101 -0.42 -7.48 7.43
C ALA A 101 -0.66 -6.14 6.72
N CYS A 102 0.44 -5.54 6.27
CA CYS A 102 0.36 -4.27 5.58
C CYS A 102 -0.16 -4.52 4.17
N GLN A 103 -1.12 -3.70 3.77
CA GLN A 103 -1.71 -3.82 2.44
C GLN A 103 -1.16 -2.74 1.52
N VAL A 104 -0.50 -3.18 0.47
CA VAL A 104 0.08 -2.25 -0.49
C VAL A 104 -0.96 -1.92 -1.57
N GLY A 105 -1.40 -0.67 -1.55
CA GLY A 105 -2.39 -0.21 -2.51
C GLY A 105 -2.39 1.30 -2.61
N LEU A 106 -3.23 1.81 -3.51
CA LEU A 106 -3.34 3.24 -3.71
C LEU A 106 -4.65 3.74 -3.10
N SER A 107 -4.53 4.81 -2.33
CA SER A 107 -5.69 5.40 -1.67
C SER A 107 -6.10 6.69 -2.39
N ASP A 108 -7.40 6.90 -2.49
CA ASP A 108 -7.91 8.10 -3.14
C ASP A 108 -7.74 9.30 -2.21
N ALA A 109 -7.76 10.48 -2.81
CA ALA A 109 -7.61 11.71 -2.06
C ALA A 109 -8.97 12.18 -1.57
N ALA A 110 -9.99 11.38 -1.88
CA ALA A 110 -11.34 11.71 -1.46
C ALA A 110 -11.67 10.98 -0.16
N GLY A 111 -10.88 9.96 0.12
CA GLY A 111 -11.07 9.17 1.32
C GLY A 111 -12.09 8.06 1.10
N ASN A 112 -11.85 7.29 0.04
CA ASN A 112 -12.74 6.20 -0.29
C ASN A 112 -12.04 4.86 0.02
N GLY A 113 -12.85 3.88 0.39
CA GLY A 113 -12.33 2.57 0.72
C GLY A 113 -11.14 2.20 -0.18
N PRO A 114 -9.91 2.45 0.37
CA PRO A 114 -8.70 2.16 -0.36
C PRO A 114 -8.43 0.65 -0.41
N GLU A 115 -8.25 0.15 -1.62
CA GLU A 115 -7.98 -1.27 -1.81
C GLU A 115 -6.47 -1.54 -1.78
N GLY A 116 -6.07 -2.40 -0.86
CA GLY A 116 -4.67 -2.75 -0.71
C GLY A 116 -4.49 -4.27 -0.63
N VAL A 117 -3.32 -4.71 -1.06
CA VAL A 117 -3.00 -6.13 -1.04
C VAL A 117 -2.06 -6.43 0.13
N ALA A 118 -2.55 -7.22 1.07
CA ALA A 118 -1.76 -7.59 2.23
C ALA A 118 -0.50 -8.32 1.77
N ILE A 119 0.56 -7.55 1.55
CA ILE A 119 1.82 -8.11 1.12
C ILE A 119 2.71 -8.38 2.34
N SER A 120 3.38 -9.52 2.31
CA SER A 120 4.26 -9.90 3.39
C SER A 120 4.82 -11.30 3.14
N PHE A 121 3.92 -12.25 2.97
CA PHE A 121 4.31 -13.63 2.72
C PHE A 121 3.40 -14.28 1.67
N ASN A 122 4.00 -15.16 0.89
CA ASN A 122 3.27 -15.86 -0.15
C ASN A 122 2.19 -16.72 0.49
C1 NCZ B . -5.76 2.53 3.63
C6 NCZ B . -4.88 3.45 3.04
C5 NCZ B . -4.09 3.03 1.95
C7 NCZ B . -3.17 3.89 1.35
C8 NCZ B . -3.01 5.16 1.86
C9 NCZ B . -3.77 5.60 2.95
C10 NCZ B . -4.76 4.76 3.54
C11 NCZ B . -5.82 5.36 4.33
O3 NCZ B . -5.64 6.43 4.90
O4 NCZ B . -7.13 4.74 4.54
C12 NCZ B . -8.20 5.54 5.16
C13 NCZ B . -9.44 4.69 5.48
C14 NCZ B . -10.32 4.82 4.48
C15 NCZ B . -9.98 5.89 3.53
C16 NCZ B . -8.73 6.56 4.14
O6 NCZ B . -9.15 7.80 4.78
O5 NCZ B . -10.03 5.14 6.70
O2 NCZ B . -3.55 6.92 3.40
C4 NCZ B . -4.25 1.75 1.47
C3 NCZ B . -5.15 0.88 2.07
C2 NCZ B . -5.91 1.26 3.15
O1 NCZ B . -6.79 0.35 3.71
C17 NCZ B . -7.92 0.68 4.54
C18 NCZ B . -3.49 1.24 0.30
H1 NCZ B . -6.35 2.85 4.48
H7 NCZ B . -2.60 3.57 0.48
H8 NCZ B . -2.28 5.84 1.40
H12 NCZ B . -7.90 6.24 5.79
H13 NCZ B . -9.16 3.64 5.58
H14 NCZ B . -11.21 4.19 4.39
H15 NCZ B . -10.49 6.16 2.60
H16 NCZ B . -8.03 6.77 3.34
H6 NCZ B . -10.10 7.69 5.16
H5 NCZ B . -9.39 5.06 7.41
H2 NCZ B . -4.37 7.50 3.18
H3 NCZ B . -5.26 -0.12 1.67
H171 NCZ B . -8.43 -0.24 4.84
H172 NCZ B . -7.58 1.21 5.42
H173 NCZ B . -8.61 1.31 3.97
H181 NCZ B . -4.06 1.43 -0.62
H182 NCZ B . -2.53 1.76 0.23
H183 NCZ B . -3.32 0.17 0.40
N ALA A 10 -10.02 -12.32 -10.12
CA ALA A 10 -9.39 -13.25 -9.20
C ALA A 10 -8.55 -12.47 -8.18
N ALA A 11 -7.84 -11.48 -8.69
CA ALA A 11 -7.00 -10.65 -7.84
C ALA A 11 -6.49 -9.45 -8.64
N PRO A 12 -7.47 -8.65 -9.15
CA PRO A 12 -7.14 -7.47 -9.93
C PRO A 12 -6.62 -6.35 -9.03
N THR A 13 -6.78 -5.12 -9.51
CA THR A 13 -6.34 -3.96 -8.77
C THR A 13 -4.81 -3.93 -8.67
N ALA A 14 -4.33 -3.10 -7.75
CA ALA A 14 -2.90 -2.97 -7.56
C ALA A 14 -2.39 -4.17 -6.73
N THR A 15 -1.39 -4.85 -7.29
CA THR A 15 -0.82 -6.00 -6.63
C THR A 15 0.71 -5.94 -6.68
N VAL A 16 1.32 -6.40 -5.59
CA VAL A 16 2.78 -6.40 -5.50
C VAL A 16 3.32 -7.65 -6.19
N THR A 17 4.23 -7.41 -7.13
CA THR A 17 4.85 -8.51 -7.87
C THR A 17 4.90 -9.77 -7.01
N PRO A 18 5.77 -9.72 -5.96
CA PRO A 18 5.91 -10.85 -5.06
C PRO A 18 4.72 -10.95 -4.11
N SER A 19 4.94 -11.67 -3.02
CA SER A 19 3.90 -11.86 -2.03
C SER A 19 4.52 -12.01 -0.63
N SER A 20 5.16 -13.14 -0.43
CA SER A 20 5.80 -13.41 0.85
C SER A 20 7.33 -13.42 0.68
N GLY A 21 8.00 -13.06 1.76
CA GLY A 21 9.46 -13.02 1.74
C GLY A 21 9.97 -11.63 1.34
N LEU A 22 9.26 -10.62 1.80
CA LEU A 22 9.62 -9.25 1.49
C LEU A 22 10.58 -8.73 2.56
N SER A 23 11.41 -7.76 2.16
CA SER A 23 12.37 -7.17 3.07
C SER A 23 12.13 -5.68 3.19
N ASP A 24 12.55 -5.13 4.32
CA ASP A 24 12.39 -3.70 4.57
C ASP A 24 13.08 -2.91 3.46
N GLY A 25 12.39 -2.81 2.33
CA GLY A 25 12.93 -2.07 1.20
C GLY A 25 12.96 -2.95 -0.05
N THR A 26 11.93 -3.77 -0.20
CA THR A 26 11.83 -4.67 -1.33
C THR A 26 11.12 -3.97 -2.50
N VAL A 27 11.90 -3.65 -3.52
CA VAL A 27 11.36 -3.00 -4.70
C VAL A 27 10.53 -4.00 -5.51
N VAL A 28 9.28 -3.65 -5.73
CA VAL A 28 8.39 -4.51 -6.48
C VAL A 28 7.50 -3.64 -7.38
N LYS A 29 6.95 -4.28 -8.41
CA LYS A 29 6.08 -3.58 -9.35
C LYS A 29 4.62 -3.77 -8.92
N VAL A 30 3.94 -2.65 -8.75
CA VAL A 30 2.54 -2.68 -8.36
C VAL A 30 1.66 -2.49 -9.59
N ALA A 31 1.14 -3.60 -10.09
CA ALA A 31 0.28 -3.57 -11.26
C ALA A 31 -1.16 -3.38 -10.82
N GLY A 32 -1.74 -2.26 -11.26
CA GLY A 32 -3.12 -1.96 -10.92
C GLY A 32 -4.02 -2.04 -12.15
N ALA A 33 -5.18 -2.67 -11.96
CA ALA A 33 -6.13 -2.82 -13.04
C ALA A 33 -7.55 -2.58 -12.50
N GLY A 34 -8.22 -1.61 -13.12
CA GLY A 34 -9.57 -1.27 -12.72
C GLY A 34 -9.60 -0.74 -11.28
N LEU A 35 -8.44 -0.25 -10.85
CA LEU A 35 -8.33 0.30 -9.50
C LEU A 35 -8.74 1.76 -9.51
N GLN A 36 -7.74 2.63 -9.58
CA GLN A 36 -7.99 4.06 -9.60
C GLN A 36 -9.09 4.40 -10.62
N ALA A 37 -9.28 3.48 -11.55
CA ALA A 37 -10.29 3.66 -12.58
C ALA A 37 -9.82 4.74 -13.56
N GLY A 38 -8.60 5.20 -13.34
CA GLY A 38 -8.02 6.23 -14.19
C GLY A 38 -7.81 7.53 -13.41
N THR A 39 -8.10 7.46 -12.12
CA THR A 39 -7.95 8.63 -11.26
C THR A 39 -6.51 8.71 -10.73
N ALA A 40 -6.35 9.47 -9.66
CA ALA A 40 -5.05 9.63 -9.05
C ALA A 40 -5.16 9.38 -7.54
N TYR A 41 -4.48 8.33 -7.10
CA TYR A 41 -4.50 7.97 -5.69
C TYR A 41 -3.08 7.91 -5.12
N ASP A 42 -3.00 7.93 -3.80
CA ASP A 42 -1.72 7.87 -3.12
C ASP A 42 -1.35 6.41 -2.86
N VAL A 43 -0.24 6.00 -3.45
CA VAL A 43 0.25 4.63 -3.29
C VAL A 43 0.98 4.52 -1.95
N GLY A 44 0.65 3.45 -1.23
CA GLY A 44 1.27 3.21 0.06
C GLY A 44 0.66 1.97 0.73
N GLN A 45 1.45 1.35 1.60
CA GLN A 45 1.01 0.17 2.31
C GLN A 45 0.39 0.56 3.65
N CYS A 46 -0.93 0.59 3.67
CA CYS A 46 -1.66 0.94 4.88
C CYS A 46 -2.26 -0.33 5.47
N ALA A 47 -2.47 -0.30 6.79
CA ALA A 47 -3.04 -1.44 7.47
C ALA A 47 -3.11 -1.15 8.97
N TRP A 48 -3.80 -2.03 9.68
CA TRP A 48 -3.96 -1.86 11.13
C TRP A 48 -2.65 -2.30 11.79
N VAL A 49 -1.99 -1.34 12.41
CA VAL A 49 -0.73 -1.62 13.09
C VAL A 49 -1.01 -1.87 14.57
N ASP A 50 -1.75 -0.95 15.17
CA ASP A 50 -2.09 -1.07 16.57
C ASP A 50 -3.27 -2.01 16.74
N THR A 51 -3.95 -1.89 17.86
CA THR A 51 -5.11 -2.73 18.16
C THR A 51 -6.36 -2.16 17.49
N GLY A 52 -6.53 -2.52 16.22
CA GLY A 52 -7.68 -2.05 15.47
C GLY A 52 -7.49 -0.61 15.00
N VAL A 53 -6.23 -0.18 15.00
CA VAL A 53 -5.90 1.17 14.59
C VAL A 53 -5.27 1.12 13.20
N LEU A 54 -6.00 1.69 12.25
CA LEU A 54 -5.52 1.73 10.87
C LEU A 54 -4.37 2.73 10.75
N ALA A 55 -3.17 2.19 10.61
CA ALA A 55 -1.99 3.02 10.48
C ALA A 55 -1.33 2.77 9.12
N CYS A 56 -0.77 3.84 8.57
CA CYS A 56 -0.12 3.76 7.28
C CYS A 56 1.39 3.86 7.50
N ASN A 57 2.14 3.31 6.54
CA ASN A 57 3.58 3.34 6.61
C ASN A 57 4.09 4.72 6.19
N PRO A 58 5.38 4.98 6.54
CA PRO A 58 5.99 6.26 6.20
C PRO A 58 6.35 6.32 4.72
N ALA A 59 6.38 5.15 4.10
CA ALA A 59 6.70 5.05 2.68
C ALA A 59 5.43 4.76 1.90
N ASP A 60 4.30 5.01 2.55
CA ASP A 60 3.01 4.78 1.91
C ASP A 60 2.59 6.03 1.15
N PHE A 61 3.54 6.94 1.01
CA PHE A 61 3.29 8.19 0.30
C PHE A 61 3.91 8.17 -1.08
N SER A 62 3.12 7.73 -2.05
CA SER A 62 3.58 7.65 -3.42
C SER A 62 2.43 7.98 -4.39
N SER A 63 2.19 9.27 -4.53
CA SER A 63 1.12 9.74 -5.42
C SER A 63 1.31 9.13 -6.81
N VAL A 64 0.33 8.33 -7.20
CA VAL A 64 0.36 7.68 -8.50
C VAL A 64 -1.02 7.76 -9.14
N THR A 65 -1.04 7.56 -10.45
CA THR A 65 -2.30 7.60 -11.19
C THR A 65 -2.41 6.39 -12.11
N ALA A 66 -3.65 6.00 -12.38
CA ALA A 66 -3.90 4.86 -13.25
C ALA A 66 -4.47 5.36 -14.58
N ASP A 67 -4.28 4.54 -15.61
CA ASP A 67 -4.75 4.88 -16.94
C ASP A 67 -6.28 4.87 -16.94
N ALA A 68 -6.85 5.59 -17.91
CA ALA A 68 -8.29 5.68 -18.04
C ALA A 68 -8.91 4.30 -17.77
N ASN A 69 -8.13 3.28 -18.07
CA ASN A 69 -8.58 1.91 -17.87
C ASN A 69 -8.21 1.45 -16.46
N GLY A 70 -8.30 2.40 -15.53
CA GLY A 70 -7.97 2.11 -14.15
C GLY A 70 -6.73 1.22 -14.04
N SER A 71 -5.78 1.48 -14.93
CA SER A 71 -4.55 0.71 -14.95
C SER A 71 -3.44 1.50 -14.25
N ALA A 72 -3.19 1.12 -13.00
CA ALA A 72 -2.17 1.78 -12.20
C ALA A 72 -0.96 0.84 -12.08
N SER A 73 -0.19 0.79 -13.16
CA SER A 73 1.00 -0.04 -13.19
C SER A 73 2.21 0.74 -12.68
N THR A 74 2.22 0.98 -11.37
CA THR A 74 3.31 1.72 -10.75
C THR A 74 4.16 0.78 -9.89
N SER A 75 5.39 1.19 -9.66
CA SER A 75 6.30 0.41 -8.85
C SER A 75 6.72 1.20 -7.61
N LEU A 76 6.90 0.46 -6.52
CA LEU A 76 7.29 1.08 -5.26
C LEU A 76 8.16 0.10 -4.46
N THR A 77 8.66 0.58 -3.34
CA THR A 77 9.50 -0.23 -2.48
C THR A 77 8.72 -0.69 -1.24
N VAL A 78 8.78 -1.98 -0.99
CA VAL A 78 8.09 -2.55 0.16
C VAL A 78 8.99 -2.48 1.39
N ARG A 79 8.83 -1.40 2.14
CA ARG A 79 9.63 -1.20 3.34
C ARG A 79 8.97 -1.87 4.54
N ARG A 80 9.06 -3.19 4.56
CA ARG A 80 8.47 -3.97 5.64
C ARG A 80 8.69 -3.26 6.98
N SER A 81 9.88 -2.68 7.12
CA SER A 81 10.22 -1.98 8.34
C SER A 81 10.15 -0.46 8.11
N PHE A 82 9.51 0.22 9.04
CA PHE A 82 9.37 1.66 8.95
C PHE A 82 8.21 2.16 9.83
N GLU A 83 8.53 3.14 10.66
CA GLU A 83 7.54 3.71 11.56
C GLU A 83 6.69 4.75 10.83
N GLY A 84 5.46 4.36 10.55
CA GLY A 84 4.54 5.25 9.84
C GLY A 84 3.68 6.05 10.84
N PHE A 85 2.43 6.23 10.47
CA PHE A 85 1.50 6.98 11.31
C PHE A 85 0.21 6.19 11.52
N LEU A 86 -0.42 6.44 12.65
CA LEU A 86 -1.67 5.77 12.99
C LEU A 86 -2.84 6.59 12.47
N PHE A 87 -4.03 6.05 12.66
CA PHE A 87 -5.24 6.73 12.22
C PHE A 87 -5.44 8.06 12.97
N ASP A 88 -4.91 8.09 14.19
CA ASP A 88 -5.01 9.28 15.02
C ASP A 88 -4.07 10.35 14.47
N GLY A 89 -2.79 10.03 14.48
CA GLY A 89 -1.77 10.95 13.99
C GLY A 89 -0.38 10.51 14.44
N THR A 90 -0.34 9.80 15.55
CA THR A 90 0.92 9.32 16.09
C THR A 90 1.80 8.78 14.97
N ARG A 91 3.10 8.75 15.24
CA ARG A 91 4.06 8.25 14.26
C ARG A 91 4.43 6.80 14.58
N TRP A 92 3.53 5.90 14.22
CA TRP A 92 3.75 4.49 14.46
C TRP A 92 3.91 3.80 13.11
N GLY A 93 2.77 3.47 12.52
CA GLY A 93 2.77 2.81 11.22
C GLY A 93 3.61 1.52 11.25
N THR A 94 3.02 0.46 10.75
CA THR A 94 3.70 -0.83 10.72
C THR A 94 4.92 -0.81 11.65
N VAL A 95 6.01 -0.29 11.14
CA VAL A 95 7.24 -0.20 11.90
C VAL A 95 8.05 -1.49 11.71
N ASP A 96 7.33 -2.60 11.69
CA ASP A 96 7.96 -3.90 11.52
C ASP A 96 6.92 -4.90 11.04
N CYS A 97 6.78 -4.98 9.72
CA CYS A 97 5.82 -5.90 9.13
C CYS A 97 6.31 -7.33 9.36
N THR A 98 6.42 -7.69 10.62
CA THR A 98 6.87 -9.02 10.99
C THR A 98 5.70 -9.89 11.44
N THR A 99 4.56 -9.24 11.65
CA THR A 99 3.36 -9.94 12.07
C THR A 99 2.13 -9.31 11.42
N ALA A 100 2.09 -7.99 11.43
CA ALA A 100 0.98 -7.27 10.84
C ALA A 100 1.08 -7.31 9.32
N ALA A 101 -0.06 -7.53 8.68
CA ALA A 101 -0.12 -7.60 7.23
C ALA A 101 -0.34 -6.20 6.66
N CYS A 102 0.70 -5.67 6.05
CA CYS A 102 0.63 -4.34 5.46
C CYS A 102 0.00 -4.47 4.06
N GLN A 103 -1.08 -3.74 3.86
CA GLN A 103 -1.77 -3.75 2.60
C GLN A 103 -1.23 -2.67 1.67
N VAL A 104 -0.56 -3.12 0.61
CA VAL A 104 0.03 -2.20 -0.36
C VAL A 104 -1.02 -1.85 -1.42
N GLY A 105 -1.45 -0.61 -1.39
CA GLY A 105 -2.45 -0.14 -2.35
C GLY A 105 -2.44 1.39 -2.44
N LEU A 106 -3.18 1.90 -3.41
CA LEU A 106 -3.27 3.32 -3.61
C LEU A 106 -4.64 3.82 -3.13
N SER A 107 -4.61 4.68 -2.13
CA SER A 107 -5.84 5.23 -1.58
C SER A 107 -6.02 6.67 -2.04
N ASP A 108 -7.28 7.06 -2.20
CA ASP A 108 -7.60 8.41 -2.64
C ASP A 108 -6.74 9.40 -1.88
N ALA A 109 -6.68 10.62 -2.40
CA ALA A 109 -5.90 11.68 -1.78
C ALA A 109 -6.70 12.29 -0.63
N ALA A 110 -7.87 11.70 -0.38
CA ALA A 110 -8.74 12.18 0.69
C ALA A 110 -8.46 11.37 1.95
N GLY A 111 -7.84 10.20 1.75
CA GLY A 111 -7.53 9.32 2.87
C GLY A 111 -8.67 8.34 3.14
N ASN A 112 -9.07 7.65 2.08
CA ASN A 112 -10.15 6.68 2.19
C ASN A 112 -9.93 5.57 1.16
N GLY A 113 -10.64 4.47 1.36
CA GLY A 113 -10.54 3.34 0.45
C GLY A 113 -9.54 2.30 0.99
N PRO A 114 -10.10 1.20 1.53
CA PRO A 114 -9.27 0.14 2.08
C PRO A 114 -8.64 -0.70 0.95
N GLU A 115 -8.01 0.01 0.03
CA GLU A 115 -7.36 -0.65 -1.09
C GLU A 115 -5.90 -0.95 -0.75
N GLY A 116 -5.54 -2.22 -0.92
CA GLY A 116 -4.18 -2.66 -0.63
C GLY A 116 -4.14 -4.17 -0.38
N VAL A 117 -3.04 -4.77 -0.80
CA VAL A 117 -2.85 -6.20 -0.63
C VAL A 117 -1.84 -6.45 0.50
N ALA A 118 -2.25 -7.30 1.43
CA ALA A 118 -1.39 -7.64 2.55
C ALA A 118 -0.14 -8.35 2.05
N ILE A 119 0.81 -7.55 1.58
CA ILE A 119 2.06 -8.10 1.06
C ILE A 119 3.17 -7.87 2.09
N SER A 120 4.03 -8.86 2.21
CA SER A 120 5.14 -8.79 3.14
C SER A 120 5.51 -10.19 3.65
N PHE A 121 4.51 -10.86 4.21
CA PHE A 121 4.71 -12.20 4.73
C PHE A 121 6.20 -12.53 4.84
N ASN A 122 6.81 -12.06 5.92
CA ASN A 122 8.22 -12.30 6.15
C ASN A 122 8.39 -13.59 6.94
C1 NCZ B . -5.60 3.01 4.00
C6 NCZ B . -4.67 3.92 3.50
C5 NCZ B . -3.94 3.57 2.35
C7 NCZ B . -2.99 4.44 1.81
C8 NCZ B . -2.74 5.64 2.44
C9 NCZ B . -3.44 6.01 3.60
C10 NCZ B . -4.47 5.17 4.13
C11 NCZ B . -5.47 5.73 5.01
O3 NCZ B . -5.21 6.73 5.68
O4 NCZ B . -6.81 5.18 5.19
C12 NCZ B . -7.67 5.75 6.23
C13 NCZ B . -7.55 4.96 7.55
C14 NCZ B . -8.56 4.08 7.62
C15 NCZ B . -9.59 4.28 6.57
C16 NCZ B . -9.15 5.56 5.85
O6 NCZ B . -9.98 6.66 6.32
O5 NCZ B . -7.65 5.87 8.65
O2 NCZ B . -3.13 7.25 4.17
C4 NCZ B . -4.19 2.37 1.74
C3 NCZ B . -5.13 1.49 2.27
C2 NCZ B . -5.83 1.80 3.41
O1 NCZ B . -6.76 0.88 3.90
C17 NCZ B . -7.84 1.20 4.78
C18 NCZ B . -3.49 1.93 0.49
H1 NCZ B . -6.15 3.26 4.90
H7 NCZ B . -2.45 4.17 0.90
H8 NCZ B . -1.97 6.31 2.05
H12 NCZ B . -7.45 6.57 6.61
H13 NCZ B . -6.61 4.44 7.58
H14 NCZ B . -8.61 3.29 8.37
H15 NCZ B . -10.47 3.65 6.37
H16 NCZ B . -9.28 5.41 4.78
H6 NCZ B . -10.23 6.50 7.31
H5 NCZ B . -6.94 6.51 8.60
H2 NCZ B . -3.92 7.90 4.05
H3 NCZ B . -5.31 0.54 1.77
H171 NCZ B . -8.41 0.29 5.00
H172 NCZ B . -7.45 1.62 5.71
H173 NCZ B . -8.50 1.92 4.31
H181 NCZ B . -4.07 2.25 -0.38
H182 NCZ B . -2.50 2.40 0.45
H183 NCZ B . -3.38 0.85 0.49
N ALA A 10 -6.12 -6.64 -3.74
CA ALA A 10 -7.37 -5.90 -3.73
C ALA A 10 -7.88 -5.76 -5.17
N ALA A 11 -8.55 -6.80 -5.64
CA ALA A 11 -9.09 -6.80 -6.98
C ALA A 11 -7.95 -6.91 -7.99
N PRO A 12 -8.30 -6.73 -9.29
CA PRO A 12 -7.32 -6.80 -10.35
C PRO A 12 -6.44 -5.55 -10.38
N THR A 13 -6.76 -4.63 -9.50
CA THR A 13 -6.01 -3.39 -9.40
C THR A 13 -4.51 -3.68 -9.30
N ALA A 14 -3.74 -2.61 -9.11
CA ALA A 14 -2.30 -2.74 -9.01
C ALA A 14 -1.97 -3.79 -7.94
N THR A 15 -1.22 -4.80 -8.37
CA THR A 15 -0.83 -5.88 -7.48
C THR A 15 0.69 -6.00 -7.44
N VAL A 16 1.20 -6.32 -6.25
CA VAL A 16 2.63 -6.47 -6.06
C VAL A 16 3.05 -7.89 -6.47
N THR A 17 3.92 -7.95 -7.47
CA THR A 17 4.40 -9.23 -7.95
C THR A 17 5.14 -9.98 -6.85
N PRO A 18 6.32 -9.42 -6.46
CA PRO A 18 7.13 -10.03 -5.42
C PRO A 18 6.52 -9.78 -4.03
N SER A 19 5.25 -10.14 -3.92
CA SER A 19 4.54 -9.96 -2.67
C SER A 19 4.73 -11.20 -1.78
N SER A 20 5.44 -12.17 -2.32
CA SER A 20 5.70 -13.40 -1.60
C SER A 20 6.93 -13.23 -0.70
N GLY A 21 6.73 -13.50 0.58
CA GLY A 21 7.81 -13.39 1.54
C GLY A 21 8.77 -12.26 1.16
N LEU A 22 8.19 -11.12 0.82
CA LEU A 22 8.97 -9.95 0.44
C LEU A 22 9.91 -9.57 1.59
N SER A 23 10.52 -8.41 1.44
CA SER A 23 11.43 -7.91 2.47
C SER A 23 11.18 -6.43 2.72
N ASP A 24 11.51 -6.00 3.92
CA ASP A 24 11.32 -4.61 4.30
C ASP A 24 12.22 -3.72 3.43
N GLY A 25 11.72 -3.42 2.24
CA GLY A 25 12.46 -2.59 1.31
C GLY A 25 12.71 -3.32 -0.01
N THR A 26 11.75 -4.17 -0.36
CA THR A 26 11.84 -4.95 -1.59
C THR A 26 11.09 -4.23 -2.72
N VAL A 27 11.77 -4.10 -3.85
CA VAL A 27 11.18 -3.44 -5.01
C VAL A 27 10.14 -4.38 -5.64
N VAL A 28 8.90 -3.94 -5.60
CA VAL A 28 7.80 -4.72 -6.17
C VAL A 28 7.14 -3.91 -7.28
N LYS A 29 6.42 -4.63 -8.14
CA LYS A 29 5.73 -4.00 -9.24
C LYS A 29 4.21 -4.05 -8.98
N VAL A 30 3.62 -2.87 -8.88
CA VAL A 30 2.20 -2.76 -8.63
C VAL A 30 1.48 -2.48 -9.96
N ALA A 31 1.16 -3.55 -10.66
CA ALA A 31 0.48 -3.44 -11.94
C ALA A 31 -0.86 -4.19 -11.87
N GLY A 32 -1.90 -3.52 -12.33
CA GLY A 32 -3.23 -4.12 -12.32
C GLY A 32 -4.28 -3.13 -12.84
N ALA A 33 -5.53 -3.51 -12.67
CA ALA A 33 -6.63 -2.67 -13.11
C ALA A 33 -7.81 -2.81 -12.16
N GLY A 34 -8.58 -1.74 -12.04
CA GLY A 34 -9.73 -1.73 -11.15
C GLY A 34 -9.57 -0.70 -10.05
N LEU A 35 -8.60 0.19 -10.26
CA LEU A 35 -8.34 1.24 -9.29
C LEU A 35 -8.87 2.57 -9.82
N GLN A 36 -8.09 3.62 -9.58
CA GLN A 36 -8.46 4.95 -10.03
C GLN A 36 -8.74 4.93 -11.54
N ALA A 37 -10.01 4.73 -11.88
CA ALA A 37 -10.42 4.69 -13.27
C ALA A 37 -10.07 6.02 -13.94
N GLY A 38 -8.80 6.16 -14.29
CA GLY A 38 -8.32 7.38 -14.93
C GLY A 38 -8.02 8.46 -13.89
N THR A 39 -8.18 8.09 -12.64
CA THR A 39 -7.92 9.02 -11.54
C THR A 39 -6.47 8.91 -11.07
N ALA A 40 -6.17 9.64 -10.02
CA ALA A 40 -4.84 9.63 -9.46
C ALA A 40 -4.92 9.69 -7.93
N TYR A 41 -4.47 8.61 -7.30
CA TYR A 41 -4.50 8.52 -5.85
C TYR A 41 -3.08 8.42 -5.29
N ASP A 42 -3.01 8.35 -3.97
CA ASP A 42 -1.72 8.25 -3.29
C ASP A 42 -1.43 6.78 -2.98
N VAL A 43 -0.40 6.26 -3.63
CA VAL A 43 -0.02 4.87 -3.44
C VAL A 43 0.82 4.75 -2.15
N GLY A 44 0.53 3.71 -1.39
CA GLY A 44 1.24 3.48 -0.15
C GLY A 44 0.70 2.23 0.56
N GLN A 45 1.54 1.67 1.42
CA GLN A 45 1.17 0.49 2.17
C GLN A 45 0.56 0.88 3.52
N CYS A 46 -0.77 0.85 3.56
CA CYS A 46 -1.48 1.21 4.77
C CYS A 46 -2.05 -0.08 5.39
N ALA A 47 -2.19 -0.06 6.70
CA ALA A 47 -2.71 -1.21 7.42
C ALA A 47 -2.73 -0.90 8.92
N TRP A 48 -3.61 -1.60 9.62
CA TRP A 48 -3.75 -1.42 11.05
C TRP A 48 -2.40 -1.70 11.70
N VAL A 49 -1.78 -0.65 12.20
CA VAL A 49 -0.48 -0.77 12.85
C VAL A 49 -0.67 -0.86 14.36
N ASP A 50 -1.57 -0.02 14.86
CA ASP A 50 -1.85 -0.01 16.29
C ASP A 50 -2.99 -0.98 16.59
N THR A 51 -3.61 -0.78 17.74
CA THR A 51 -4.71 -1.63 18.17
C THR A 51 -5.91 -1.44 17.23
N GLY A 52 -5.81 -2.05 16.05
CA GLY A 52 -6.88 -1.96 15.07
C GLY A 52 -6.95 -0.55 14.48
N VAL A 53 -5.89 0.21 14.70
CA VAL A 53 -5.82 1.57 14.19
C VAL A 53 -5.14 1.56 12.81
N LEU A 54 -5.90 1.95 11.81
CA LEU A 54 -5.39 1.99 10.45
C LEU A 54 -4.23 2.99 10.38
N ALA A 55 -3.02 2.45 10.36
CA ALA A 55 -1.84 3.28 10.30
C ALA A 55 -1.11 3.03 8.97
N CYS A 56 -0.68 4.12 8.35
CA CYS A 56 0.02 4.03 7.09
C CYS A 56 1.52 4.17 7.36
N ASN A 57 2.32 3.65 6.43
CA ASN A 57 3.76 3.71 6.55
C ASN A 57 4.26 5.04 6.01
N PRO A 58 5.54 5.36 6.34
CA PRO A 58 6.15 6.60 5.89
C PRO A 58 6.52 6.52 4.41
N ALA A 59 6.47 5.31 3.88
CA ALA A 59 6.79 5.09 2.48
C ALA A 59 5.50 4.80 1.71
N ASP A 60 4.38 5.11 2.34
CA ASP A 60 3.09 4.89 1.73
C ASP A 60 2.69 6.14 0.94
N PHE A 61 3.65 7.02 0.76
CA PHE A 61 3.41 8.25 0.03
C PHE A 61 4.08 8.22 -1.35
N SER A 62 3.31 7.75 -2.33
CA SER A 62 3.80 7.66 -3.68
C SER A 62 2.65 7.79 -4.67
N SER A 63 2.33 9.04 -5.00
CA SER A 63 1.25 9.32 -5.94
C SER A 63 1.24 8.26 -7.05
N VAL A 64 0.03 8.01 -7.55
CA VAL A 64 -0.13 7.02 -8.62
C VAL A 64 -1.39 7.35 -9.41
N THR A 65 -1.34 7.04 -10.70
CA THR A 65 -2.46 7.30 -11.57
C THR A 65 -2.80 6.05 -12.40
N ALA A 66 -4.08 5.73 -12.44
CA ALA A 66 -4.54 4.57 -13.20
C ALA A 66 -5.17 5.04 -14.50
N ASP A 67 -4.93 4.26 -15.55
CA ASP A 67 -5.47 4.59 -16.86
C ASP A 67 -6.99 4.59 -16.78
N ALA A 68 -7.59 5.28 -17.76
CA ALA A 68 -9.05 5.37 -17.81
C ALA A 68 -9.66 4.03 -17.40
N ASN A 69 -8.96 2.97 -17.74
CA ASN A 69 -9.42 1.62 -17.41
C ASN A 69 -8.91 1.25 -16.02
N GLY A 70 -8.86 2.24 -15.15
CA GLY A 70 -8.39 2.02 -13.80
C GLY A 70 -7.16 1.11 -13.77
N SER A 71 -6.32 1.29 -14.77
CA SER A 71 -5.10 0.49 -14.86
C SER A 71 -3.94 1.22 -14.19
N ALA A 72 -3.54 0.69 -13.04
CA ALA A 72 -2.44 1.27 -12.28
C ALA A 72 -1.20 0.40 -12.45
N SER A 73 -0.26 0.90 -13.23
CA SER A 73 0.98 0.18 -13.48
C SER A 73 2.14 0.91 -12.81
N THR A 74 2.08 1.01 -11.50
CA THR A 74 3.12 1.67 -10.74
C THR A 74 3.91 0.66 -9.92
N SER A 75 5.18 0.98 -9.69
CA SER A 75 6.06 0.11 -8.94
C SER A 75 6.72 0.89 -7.80
N LEU A 76 6.96 0.19 -6.70
CA LEU A 76 7.59 0.81 -5.55
C LEU A 76 8.20 -0.28 -4.66
N THR A 77 8.82 0.17 -3.57
CA THR A 77 9.45 -0.75 -2.65
C THR A 77 8.60 -0.90 -1.38
N VAL A 78 8.33 -2.16 -1.03
CA VAL A 78 7.54 -2.45 0.15
C VAL A 78 8.46 -2.50 1.38
N ARG A 79 8.63 -1.34 1.99
CA ARG A 79 9.47 -1.24 3.17
C ARG A 79 8.66 -1.55 4.44
N ARG A 80 8.24 -2.80 4.53
CA ARG A 80 7.46 -3.24 5.67
C ARG A 80 7.99 -2.60 6.95
N SER A 81 9.31 -2.48 7.02
CA SER A 81 9.95 -1.89 8.17
C SER A 81 9.89 -0.36 8.09
N PHE A 82 9.33 0.23 9.14
CA PHE A 82 9.20 1.68 9.20
C PHE A 82 8.28 2.10 10.34
N GLU A 83 8.24 3.40 10.59
CA GLU A 83 7.40 3.93 11.65
C GLU A 83 5.95 4.07 11.16
N GLY A 84 5.06 3.42 11.88
CA GLY A 84 3.65 3.45 11.53
C GLY A 84 3.02 4.79 11.93
N PHE A 85 2.00 5.17 11.18
CA PHE A 85 1.31 6.43 11.45
C PHE A 85 -0.22 6.24 11.36
N LEU A 86 -0.86 6.39 12.51
CA LEU A 86 -2.31 6.25 12.57
C LEU A 86 -2.95 7.19 11.57
N PHE A 87 -4.14 6.80 11.12
CA PHE A 87 -4.88 7.59 10.15
C PHE A 87 -5.60 8.75 10.84
N ASP A 88 -5.96 8.53 12.09
CA ASP A 88 -6.66 9.54 12.86
C ASP A 88 -5.80 10.82 12.91
N GLY A 89 -4.54 10.63 13.23
CA GLY A 89 -3.61 11.74 13.31
C GLY A 89 -2.38 11.37 14.13
N THR A 90 -2.58 10.44 15.05
CA THR A 90 -1.49 9.99 15.91
C THR A 90 -0.59 9.02 15.16
N ARG A 91 0.60 8.81 15.71
CA ARG A 91 1.57 7.91 15.10
C ARG A 91 1.87 6.75 16.05
N TRP A 92 2.13 5.60 15.45
CA TRP A 92 2.44 4.40 16.22
C TRP A 92 3.95 4.18 16.17
N GLY A 93 4.39 3.48 15.14
CA GLY A 93 5.80 3.21 14.96
C GLY A 93 6.02 1.75 14.56
N THR A 94 6.65 1.01 15.47
CA THR A 94 6.93 -0.40 15.23
C THR A 94 8.29 -0.55 14.53
N VAL A 95 8.36 -0.02 13.32
CA VAL A 95 9.59 -0.09 12.54
C VAL A 95 9.62 -1.41 11.78
N ASP A 96 8.74 -2.32 12.19
CA ASP A 96 8.65 -3.62 11.56
C ASP A 96 7.19 -4.05 11.46
N CYS A 97 6.62 -3.80 10.28
CA CYS A 97 5.23 -4.15 10.04
C CYS A 97 5.16 -5.63 9.69
N THR A 98 5.72 -6.45 10.55
CA THR A 98 5.74 -7.89 10.34
C THR A 98 4.58 -8.55 11.10
N THR A 99 3.98 -7.78 11.99
CA THR A 99 2.87 -8.27 12.78
C THR A 99 1.54 -8.04 12.05
N ALA A 100 1.33 -6.78 11.68
CA ALA A 100 0.11 -6.42 10.98
C ALA A 100 0.35 -6.49 9.46
N ALA A 101 -0.61 -7.08 8.77
CA ALA A 101 -0.52 -7.23 7.33
C ALA A 101 -0.61 -5.84 6.67
N CYS A 102 0.48 -5.48 6.01
CA CYS A 102 0.54 -4.19 5.34
C CYS A 102 -0.01 -4.36 3.92
N GLN A 103 -0.98 -3.53 3.59
CA GLN A 103 -1.60 -3.58 2.28
C GLN A 103 -1.14 -2.40 1.42
N VAL A 104 -0.52 -2.73 0.30
CA VAL A 104 -0.03 -1.71 -0.61
C VAL A 104 -1.13 -1.34 -1.62
N GLY A 105 -1.63 -0.12 -1.47
CA GLY A 105 -2.69 0.36 -2.35
C GLY A 105 -2.70 1.89 -2.39
N LEU A 106 -3.53 2.42 -3.27
CA LEU A 106 -3.65 3.86 -3.42
C LEU A 106 -4.99 4.32 -2.82
N SER A 107 -4.87 5.22 -1.86
CA SER A 107 -6.05 5.75 -1.19
C SER A 107 -6.59 6.96 -1.96
N ASP A 108 -7.86 7.25 -1.71
CA ASP A 108 -8.51 8.37 -2.38
C ASP A 108 -8.14 9.67 -1.66
N ALA A 109 -8.42 10.78 -2.32
CA ALA A 109 -8.12 12.09 -1.75
C ALA A 109 -9.26 12.50 -0.81
N ALA A 110 -10.16 11.56 -0.57
CA ALA A 110 -11.29 11.81 0.30
C ALA A 110 -11.01 11.24 1.69
N GLY A 111 -10.87 9.92 1.73
CA GLY A 111 -10.59 9.23 2.98
C GLY A 111 -11.34 7.89 3.04
N ASN A 112 -11.36 7.20 1.91
CA ASN A 112 -12.02 5.91 1.82
C ASN A 112 -11.34 5.06 0.76
N GLY A 113 -11.07 3.82 1.13
CA GLY A 113 -10.41 2.89 0.23
C GLY A 113 -9.49 1.94 0.99
N PRO A 114 -10.12 0.97 1.71
CA PRO A 114 -9.37 -0.01 2.48
C PRO A 114 -8.74 -1.06 1.56
N GLU A 115 -8.98 -0.89 0.26
CA GLU A 115 -8.44 -1.81 -0.71
C GLU A 115 -6.92 -1.68 -0.80
N GLY A 116 -6.25 -2.83 -0.89
CA GLY A 116 -4.80 -2.85 -0.97
C GLY A 116 -4.28 -4.28 -1.10
N VAL A 117 -3.23 -4.42 -1.89
CA VAL A 117 -2.63 -5.72 -2.11
C VAL A 117 -1.97 -6.20 -0.81
N ALA A 118 -2.31 -7.41 -0.42
CA ALA A 118 -1.75 -7.99 0.79
C ALA A 118 -0.26 -8.27 0.58
N ILE A 119 0.55 -7.34 1.08
CA ILE A 119 2.00 -7.47 0.95
C ILE A 119 2.54 -8.34 2.09
N SER A 120 3.33 -9.33 1.72
CA SER A 120 3.91 -10.24 2.68
C SER A 120 4.15 -11.61 2.05
N PHE A 121 3.07 -12.38 1.93
CA PHE A 121 3.15 -13.70 1.34
C PHE A 121 1.86 -14.04 0.58
N ASN A 122 2.05 -14.57 -0.61
CA ASN A 122 0.93 -14.95 -1.44
C ASN A 122 -0.10 -15.70 -0.60
C1 NCZ B . -5.54 2.82 4.01
C6 NCZ B . -4.63 3.67 3.38
C5 NCZ B . -3.99 3.22 2.20
C7 NCZ B . -3.07 4.03 1.54
C8 NCZ B . -2.76 5.27 2.06
C9 NCZ B . -3.38 5.74 3.24
C10 NCZ B . -4.37 4.96 3.89
C11 NCZ B . -5.31 5.61 4.78
O3 NCZ B . -5.00 6.66 5.36
O4 NCZ B . -6.66 5.09 5.09
C12 NCZ B . -7.81 5.71 4.44
C13 NCZ B . -9.08 5.58 5.30
C14 NCZ B . -9.78 4.52 4.89
C15 NCZ B . -9.29 3.95 3.61
C16 NCZ B . -8.17 4.92 3.17
O6 NCZ B . -8.71 5.79 2.13
O5 NCZ B . -9.88 6.76 5.15
O2 NCZ B . -3.01 7.01 3.69
C4 NCZ B . -4.29 1.98 1.72
C3 NCZ B . -5.21 1.17 2.37
C2 NCZ B . -5.83 1.57 3.52
O1 NCZ B . -6.73 0.71 4.14
C17 NCZ B . -7.76 1.11 5.07
C18 NCZ B . -3.68 1.44 0.45
H1 NCZ B . -6.03 3.15 4.93
H7 NCZ B . -2.58 3.68 0.63
H8 NCZ B . -2.01 5.89 1.56
H12 NCZ B . -7.18 6.60 6.44
H13 NCZ B . -8.80 5.45 6.35
H14 NCZ B . -10.63 4.11 5.43
H15 NCZ B . -9.63 3.05 3.10
H16 NCZ B . -7.34 4.34 2.80
H6 NCZ B . -9.71 5.95 2.30
H5 NCZ B . -9.38 7.52 5.45
H2 NCZ B . -3.80 7.67 3.56
H3 NCZ B . -5.44 0.18 1.96
H171 NCZ B . -8.31 0.23 5.40
H172 NCZ B . -7.30 1.60 5.93
H173 NCZ B . -8.44 1.81 4.59
H181 NCZ B . -2.69 1.88 0.33
H182 NCZ B . -3.59 0.36 0.53
H183 NCZ B . -4.31 1.69 -0.39
N ALA A 10 -2.04 -8.88 -5.60
CA ALA A 10 -2.11 -10.34 -5.62
C ALA A 10 -2.69 -10.80 -6.96
N ALA A 11 -3.64 -10.02 -7.45
CA ALA A 11 -4.28 -10.33 -8.72
C ALA A 11 -5.26 -9.21 -9.08
N PRO A 12 -6.26 -9.01 -8.18
CA PRO A 12 -7.26 -7.98 -8.40
C PRO A 12 -6.69 -6.59 -8.12
N THR A 13 -7.19 -5.61 -8.87
CA THR A 13 -6.74 -4.24 -8.72
C THR A 13 -5.23 -4.20 -8.50
N ALA A 14 -4.78 -3.13 -7.86
CA ALA A 14 -3.36 -2.96 -7.59
C ALA A 14 -2.79 -4.27 -7.05
N THR A 15 -1.65 -4.66 -7.61
CA THR A 15 -0.99 -5.89 -7.20
C THR A 15 0.52 -5.69 -7.13
N VAL A 16 1.19 -6.64 -6.50
CA VAL A 16 2.63 -6.58 -6.37
C VAL A 16 3.26 -7.81 -7.03
N THR A 17 4.12 -7.53 -8.00
CA THR A 17 4.79 -8.59 -8.73
C THR A 17 5.04 -9.80 -7.81
N PRO A 18 5.93 -9.58 -6.81
CA PRO A 18 6.26 -10.64 -5.86
C PRO A 18 5.13 -10.83 -4.85
N SER A 19 5.47 -11.48 -3.76
CA SER A 19 4.50 -11.75 -2.71
C SER A 19 5.14 -11.54 -1.34
N SER A 20 6.35 -12.05 -1.20
CA SER A 20 7.08 -11.92 0.05
C SER A 20 7.37 -10.45 0.34
N GLY A 21 6.32 -9.73 0.73
CA GLY A 21 6.45 -8.33 1.04
C GLY A 21 7.61 -8.08 2.01
N LEU A 22 7.84 -9.05 2.86
CA LEU A 22 8.91 -8.96 3.84
C LEU A 22 10.24 -9.21 3.15
N SER A 23 10.63 -8.26 2.31
CA SER A 23 11.89 -8.37 1.58
C SER A 23 12.67 -7.06 1.68
N ASP A 24 13.32 -6.89 2.83
CA ASP A 24 14.10 -5.68 3.07
C ASP A 24 13.71 -4.61 2.04
N GLY A 25 12.46 -4.19 2.12
CA GLY A 25 11.95 -3.17 1.21
C GLY A 25 12.21 -3.56 -0.25
N THR A 26 11.51 -4.59 -0.69
CA THR A 26 11.66 -5.06 -2.05
C THR A 26 11.05 -4.08 -3.03
N VAL A 27 11.77 -3.84 -4.12
CA VAL A 27 11.30 -2.91 -5.15
C VAL A 27 10.78 -3.71 -6.34
N VAL A 28 9.51 -3.50 -6.64
CA VAL A 28 8.89 -4.19 -7.76
C VAL A 28 7.87 -3.27 -8.43
N LYS A 29 7.04 -3.85 -9.27
CA LYS A 29 6.02 -3.10 -9.97
C LYS A 29 4.65 -3.36 -9.32
N VAL A 30 3.86 -2.31 -9.24
CA VAL A 30 2.54 -2.41 -8.64
C VAL A 30 1.48 -2.18 -9.73
N ALA A 31 1.15 -3.26 -10.42
CA ALA A 31 0.16 -3.20 -11.48
C ALA A 31 -1.22 -3.46 -10.89
N GLY A 32 -2.15 -2.58 -11.22
CA GLY A 32 -3.52 -2.70 -10.73
C GLY A 32 -4.51 -2.80 -11.90
N ALA A 33 -5.26 -3.89 -11.90
CA ALA A 33 -6.25 -4.11 -12.94
C ALA A 33 -7.63 -3.73 -12.42
N GLY A 34 -8.07 -2.55 -12.83
CA GLY A 34 -9.38 -2.06 -12.41
C GLY A 34 -9.24 -1.12 -11.21
N LEU A 35 -8.19 -0.32 -11.23
CA LEU A 35 -7.94 0.63 -10.16
C LEU A 35 -9.16 1.54 -10.00
N GLN A 36 -8.87 2.81 -9.75
CA GLN A 36 -9.92 3.80 -9.59
C GLN A 36 -10.42 4.28 -10.94
N ALA A 37 -10.53 3.34 -11.87
CA ALA A 37 -11.00 3.66 -13.20
C ALA A 37 -9.88 4.36 -13.97
N GLY A 38 -8.84 4.70 -13.24
CA GLY A 38 -7.69 5.38 -13.85
C GLY A 38 -7.46 6.74 -13.21
N THR A 39 -8.20 6.99 -12.14
CA THR A 39 -8.08 8.25 -11.41
C THR A 39 -6.66 8.43 -10.88
N ALA A 40 -6.55 9.18 -9.80
CA ALA A 40 -5.27 9.43 -9.18
C ALA A 40 -5.39 9.31 -7.66
N TYR A 41 -4.42 8.66 -7.06
CA TYR A 41 -4.41 8.47 -5.62
C TYR A 41 -2.97 8.38 -5.09
N ASP A 42 -2.88 8.18 -3.79
CA ASP A 42 -1.58 8.07 -3.13
C ASP A 42 -1.28 6.59 -2.86
N VAL A 43 -0.29 6.08 -3.58
CA VAL A 43 0.10 4.69 -3.43
C VAL A 43 0.92 4.55 -2.14
N GLY A 44 0.72 3.42 -1.47
CA GLY A 44 1.43 3.14 -0.23
C GLY A 44 0.82 1.93 0.48
N GLN A 45 1.62 1.37 1.39
CA GLN A 45 1.17 0.21 2.15
C GLN A 45 0.60 0.65 3.49
N CYS A 46 -0.74 0.62 3.56
CA CYS A 46 -1.42 1.00 4.77
C CYS A 46 -1.98 -0.26 5.44
N ALA A 47 -2.16 -0.17 6.75
CA ALA A 47 -2.68 -1.30 7.50
C ALA A 47 -2.69 -0.95 8.99
N TRP A 48 -3.51 -1.68 9.74
CA TRP A 48 -3.62 -1.46 11.17
C TRP A 48 -2.23 -1.65 11.78
N VAL A 49 -1.55 -0.53 12.00
CA VAL A 49 -0.22 -0.57 12.58
C VAL A 49 -0.34 -0.67 14.11
N ASP A 50 -1.19 0.19 14.66
CA ASP A 50 -1.40 0.19 16.09
C ASP A 50 -2.55 -0.74 16.45
N THR A 51 -3.25 -0.40 17.53
CA THR A 51 -4.37 -1.21 17.98
C THR A 51 -5.60 -0.94 17.10
N GLY A 52 -5.70 -1.71 16.03
CA GLY A 52 -6.81 -1.58 15.11
C GLY A 52 -6.84 -0.19 14.47
N VAL A 53 -5.67 0.43 14.44
CA VAL A 53 -5.54 1.76 13.88
C VAL A 53 -4.89 1.66 12.49
N LEU A 54 -5.74 1.75 11.47
CA LEU A 54 -5.26 1.66 10.10
C LEU A 54 -4.21 2.75 9.86
N ALA A 55 -2.97 2.40 10.16
CA ALA A 55 -1.87 3.33 9.98
C ALA A 55 -1.14 3.01 8.68
N CYS A 56 -0.52 4.03 8.12
CA CYS A 56 0.21 3.88 6.87
C CYS A 56 1.70 4.10 7.16
N ASN A 57 2.53 3.45 6.36
CA ASN A 57 3.97 3.57 6.52
C ASN A 57 4.43 4.92 5.96
N PRO A 58 5.72 5.24 6.24
CA PRO A 58 6.29 6.50 5.77
C PRO A 58 6.59 6.44 4.27
N ALA A 59 6.50 5.24 3.73
CA ALA A 59 6.77 5.04 2.32
C ALA A 59 5.44 4.74 1.60
N ASP A 60 4.35 5.01 2.30
CA ASP A 60 3.03 4.78 1.75
C ASP A 60 2.56 6.03 1.01
N PHE A 61 3.49 6.97 0.86
CA PHE A 61 3.19 8.21 0.17
C PHE A 61 3.85 8.26 -1.20
N SER A 62 3.09 7.87 -2.21
CA SER A 62 3.61 7.85 -3.57
C SER A 62 2.46 8.08 -4.56
N SER A 63 2.15 9.35 -4.80
CA SER A 63 1.09 9.70 -5.71
C SER A 63 1.25 8.92 -7.02
N VAL A 64 0.11 8.53 -7.58
CA VAL A 64 0.10 7.78 -8.83
C VAL A 64 -1.31 7.79 -9.41
N THR A 65 -1.41 7.26 -10.62
CA THR A 65 -2.69 7.20 -11.31
C THR A 65 -2.80 5.92 -12.14
N ALA A 66 -4.02 5.53 -12.43
CA ALA A 66 -4.27 4.34 -13.21
C ALA A 66 -4.68 4.74 -14.63
N ASP A 67 -4.34 3.88 -15.58
CA ASP A 67 -4.67 4.13 -16.97
C ASP A 67 -6.18 4.04 -17.16
N ALA A 68 -6.66 4.64 -18.24
CA ALA A 68 -8.08 4.64 -18.53
C ALA A 68 -8.65 3.25 -18.24
N ASN A 69 -7.86 2.24 -18.54
CA ASN A 69 -8.27 0.87 -18.30
C ASN A 69 -7.91 0.47 -16.88
N GLY A 70 -8.09 1.42 -15.97
CA GLY A 70 -7.79 1.17 -14.56
C GLY A 70 -6.49 0.38 -14.42
N SER A 71 -5.51 0.72 -15.23
CA SER A 71 -4.23 0.05 -15.19
C SER A 71 -3.19 0.94 -14.49
N ALA A 72 -2.98 0.64 -13.21
CA ALA A 72 -2.03 1.39 -12.42
C ALA A 72 -0.75 0.56 -12.23
N SER A 73 0.22 0.83 -13.08
CA SER A 73 1.48 0.12 -13.03
C SER A 73 2.57 1.03 -12.44
N THR A 74 2.53 1.17 -11.12
CA THR A 74 3.51 2.01 -10.44
C THR A 74 4.49 1.14 -9.66
N SER A 75 5.77 1.43 -9.85
CA SER A 75 6.82 0.68 -9.16
C SER A 75 7.18 1.37 -7.85
N LEU A 76 7.24 0.58 -6.79
CA LEU A 76 7.56 1.10 -5.48
C LEU A 76 8.29 0.02 -4.67
N THR A 77 8.65 0.38 -3.45
CA THR A 77 9.34 -0.55 -2.57
C THR A 77 8.40 -1.05 -1.48
N VAL A 78 8.41 -2.36 -1.29
CA VAL A 78 7.56 -2.98 -0.29
C VAL A 78 8.31 -3.05 1.03
N ARG A 79 8.23 -1.96 1.78
CA ARG A 79 8.91 -1.89 3.08
C ARG A 79 7.96 -2.32 4.19
N ARG A 80 8.35 -3.38 4.88
CA ARG A 80 7.54 -3.90 5.96
C ARG A 80 7.94 -3.25 7.29
N SER A 81 9.23 -2.96 7.39
CA SER A 81 9.77 -2.34 8.59
C SER A 81 9.86 -0.82 8.40
N PHE A 82 9.07 -0.11 9.20
CA PHE A 82 9.05 1.34 9.12
C PHE A 82 8.11 1.93 10.17
N GLU A 83 8.23 3.23 10.37
CA GLU A 83 7.40 3.92 11.34
C GLU A 83 6.03 4.24 10.72
N GLY A 84 5.01 3.55 11.22
CA GLY A 84 3.66 3.75 10.74
C GLY A 84 3.03 4.99 11.36
N PHE A 85 1.98 5.47 10.73
CA PHE A 85 1.28 6.65 11.21
C PHE A 85 -0.23 6.40 11.28
N LEU A 86 -0.81 6.79 12.41
CA LEU A 86 -2.24 6.61 12.63
C LEU A 86 -3.00 7.59 11.74
N PHE A 87 -4.08 7.09 11.15
CA PHE A 87 -4.91 7.91 10.28
C PHE A 87 -5.46 9.13 11.03
N ASP A 88 -5.58 8.97 12.33
CA ASP A 88 -6.10 10.04 13.17
C ASP A 88 -5.29 11.32 12.90
N GLY A 89 -3.99 11.19 13.03
CA GLY A 89 -3.11 12.33 12.79
C GLY A 89 -1.74 12.11 13.46
N THR A 90 -1.76 11.31 14.52
CA THR A 90 -0.54 11.00 15.24
C THR A 90 0.22 9.86 14.57
N ARG A 91 1.47 9.70 14.99
CA ARG A 91 2.31 8.65 14.44
C ARG A 91 2.56 7.56 15.48
N TRP A 92 2.56 6.32 15.01
CA TRP A 92 2.77 5.18 15.89
C TRP A 92 4.21 4.70 15.67
N GLY A 93 4.36 3.78 14.74
CA GLY A 93 5.67 3.23 14.43
C GLY A 93 5.56 1.77 13.97
N THR A 94 5.37 0.89 14.94
CA THR A 94 5.23 -0.53 14.64
C THR A 94 6.57 -1.09 14.13
N VAL A 95 7.08 -0.46 13.08
CA VAL A 95 8.33 -0.88 12.48
C VAL A 95 8.12 -2.21 11.75
N ASP A 96 8.60 -3.28 12.39
CA ASP A 96 8.47 -4.60 11.81
C ASP A 96 6.99 -4.93 11.61
N CYS A 97 6.51 -4.61 10.42
CA CYS A 97 5.11 -4.85 10.08
C CYS A 97 4.96 -6.34 9.80
N THR A 98 5.26 -7.14 10.81
CA THR A 98 5.15 -8.59 10.70
C THR A 98 3.89 -9.08 11.41
N THR A 99 3.34 -8.21 12.24
CA THR A 99 2.14 -8.55 12.99
C THR A 99 0.89 -8.18 12.18
N ALA A 100 0.84 -6.91 11.79
CA ALA A 100 -0.28 -6.41 11.02
C ALA A 100 0.02 -6.56 9.52
N ALA A 101 -0.97 -7.05 8.79
CA ALA A 101 -0.82 -7.23 7.36
C ALA A 101 -0.82 -5.87 6.67
N CYS A 102 0.29 -5.58 6.01
CA CYS A 102 0.42 -4.31 5.29
C CYS A 102 -0.07 -4.51 3.86
N GLN A 103 -1.06 -3.71 3.49
CA GLN A 103 -1.63 -3.78 2.16
C GLN A 103 -1.12 -2.62 1.29
N VAL A 104 -0.49 -2.99 0.19
CA VAL A 104 0.05 -2.00 -0.73
C VAL A 104 -1.04 -1.59 -1.73
N GLY A 105 -1.44 -0.33 -1.63
CA GLY A 105 -2.47 0.19 -2.51
C GLY A 105 -2.49 1.72 -2.48
N LEU A 106 -3.39 2.29 -3.28
CA LEU A 106 -3.52 3.73 -3.35
C LEU A 106 -4.80 4.16 -2.62
N SER A 107 -4.64 5.07 -1.68
CA SER A 107 -5.76 5.56 -0.91
C SER A 107 -6.45 6.70 -1.66
N ASP A 108 -7.74 6.87 -1.37
CA ASP A 108 -8.52 7.91 -2.01
C ASP A 108 -8.40 9.21 -1.20
N ALA A 109 -8.75 10.31 -1.84
CA ALA A 109 -8.69 11.61 -1.18
C ALA A 109 -10.00 11.87 -0.44
N ALA A 110 -10.78 10.80 -0.28
CA ALA A 110 -12.05 10.89 0.40
C ALA A 110 -11.91 10.33 1.82
N GLY A 111 -12.05 9.02 1.91
CA GLY A 111 -11.94 8.35 3.20
C GLY A 111 -12.28 6.86 3.07
N ASN A 112 -11.69 6.23 2.07
CA ASN A 112 -11.92 4.82 1.83
C ASN A 112 -10.58 4.14 1.49
N GLY A 113 -10.56 2.83 1.71
CA GLY A 113 -9.36 2.06 1.43
C GLY A 113 -9.70 0.74 0.73
N PRO A 114 -10.30 0.88 -0.48
CA PRO A 114 -10.69 -0.30 -1.26
C PRO A 114 -9.46 -0.96 -1.89
N GLU A 115 -8.54 -0.12 -2.33
CA GLU A 115 -7.32 -0.61 -2.96
C GLU A 115 -6.27 -0.94 -1.90
N GLY A 116 -5.47 -1.95 -2.20
CA GLY A 116 -4.42 -2.37 -1.28
C GLY A 116 -4.44 -3.89 -1.09
N VAL A 117 -3.32 -4.51 -1.45
CA VAL A 117 -3.20 -5.96 -1.32
C VAL A 117 -2.29 -6.28 -0.14
N ALA A 118 -2.84 -7.05 0.79
CA ALA A 118 -2.08 -7.44 1.97
C ALA A 118 -0.85 -8.26 1.54
N ILE A 119 0.23 -7.55 1.28
CA ILE A 119 1.46 -8.21 0.86
C ILE A 119 2.32 -8.50 2.10
N SER A 120 3.24 -9.44 1.93
CA SER A 120 4.13 -9.82 3.01
C SER A 120 4.70 -11.21 2.75
N PHE A 121 3.79 -12.18 2.65
CA PHE A 121 4.19 -13.55 2.41
C PHE A 121 3.17 -14.26 1.51
N ASN A 122 3.64 -14.68 0.35
CA ASN A 122 2.79 -15.37 -0.61
C ASN A 122 1.88 -16.35 0.14
C1 NCZ B . -5.35 2.75 3.76
C6 NCZ B . -4.41 3.57 3.15
C5 NCZ B . -3.74 3.09 1.99
C7 NCZ B . -2.78 3.86 1.35
C8 NCZ B . -2.44 5.09 1.88
C9 NCZ B . -3.09 5.59 3.02
C10 NCZ B . -4.11 4.85 3.66
C11 NCZ B . -5.05 5.54 4.52
O3 NCZ B . -4.72 6.57 5.09
O4 NCZ B . -6.41 5.06 4.81
C12 NCZ B . -6.97 5.28 6.14
C13 NCZ B . -7.04 3.99 6.96
C14 NCZ B . -8.27 3.47 6.86
C15 NCZ B . -9.25 4.41 6.22
C16 NCZ B . -8.45 5.71 6.03
O6 NCZ B . -8.84 6.63 7.08
O5 NCZ B . -6.76 4.26 8.33
O2 NCZ B . -2.69 6.86 3.47
C4 NCZ B . -4.08 1.85 1.51
C3 NCZ B . -5.03 1.07 2.14
C2 NCZ B . -5.67 1.50 3.28
O1 NCZ B . -6.61 0.68 3.88
C17 NCZ B . -7.65 1.12 4.78
C18 NCZ B . -3.45 1.28 0.28
H1 NCZ B . -5.86 3.10 4.66
H7 NCZ B . -2.29 3.48 0.46
H8 NCZ B . -1.67 5.69 1.38
H12 NCZ B . -6.93 6.60 6.13
H13 NCZ B . -6.32 3.27 6.57
H14 NCZ B . -8.54 2.48 7.19
H15 NCZ B . -10.28 4.21 5.96
H16 NCZ B . -8.69 6.11 5.04
H6 NCZ B . -9.06 6.11 7.94
H5 NCZ B . -5.88 4.63 8.41
H2 NCZ B . -3.45 7.54 3.33
H3 NCZ B . -5.28 0.09 1.74
H171 NCZ B . -8.23 0.26 5.11
H172 NCZ B . -7.20 1.60 5.66
H173 NCZ B . -8.30 1.83 4.27
H181 NCZ B . -4.05 1.55 -0.60
H182 NCZ B . -2.45 1.69 0.16
H183 NCZ B . -3.40 0.20 0.36
N ALA A 10 0.35 -8.02 -9.97
CA ALA A 10 0.05 -9.35 -10.47
C ALA A 10 -0.76 -9.24 -11.76
N ALA A 11 -1.84 -8.47 -11.68
CA ALA A 11 -2.70 -8.27 -12.82
C ALA A 11 -4.06 -7.73 -12.35
N PRO A 12 -4.65 -8.45 -11.35
CA PRO A 12 -5.93 -8.06 -10.80
C PRO A 12 -5.79 -6.84 -9.88
N THR A 13 -6.43 -5.75 -10.29
CA THR A 13 -6.38 -4.52 -9.51
C THR A 13 -4.95 -4.23 -9.07
N ALA A 14 -4.82 -3.25 -8.20
CA ALA A 14 -3.52 -2.85 -7.69
C ALA A 14 -2.93 -3.99 -6.86
N THR A 15 -1.89 -4.60 -7.40
CA THR A 15 -1.23 -5.71 -6.73
C THR A 15 0.26 -5.73 -7.06
N VAL A 16 1.06 -6.17 -6.10
CA VAL A 16 2.50 -6.24 -6.28
C VAL A 16 2.83 -7.43 -7.18
N THR A 17 3.73 -7.18 -8.12
CA THR A 17 4.15 -8.21 -9.05
C THR A 17 4.33 -9.54 -8.32
N PRO A 18 5.26 -9.53 -7.32
CA PRO A 18 5.54 -10.71 -6.54
C PRO A 18 4.42 -11.00 -5.54
N SER A 19 4.75 -11.79 -4.53
CA SER A 19 3.78 -12.14 -3.51
C SER A 19 4.44 -12.09 -2.13
N SER A 20 5.64 -12.65 -2.05
CA SER A 20 6.38 -12.68 -0.80
C SER A 20 6.90 -11.27 -0.47
N GLY A 21 5.96 -10.35 -0.33
CA GLY A 21 6.31 -8.97 -0.03
C GLY A 21 7.34 -8.91 1.11
N LEU A 22 7.27 -9.92 1.97
CA LEU A 22 8.19 -9.99 3.10
C LEU A 22 9.63 -10.03 2.58
N SER A 23 10.12 -8.87 2.17
CA SER A 23 11.48 -8.77 1.65
C SER A 23 12.03 -7.38 1.94
N ASP A 24 13.24 -7.37 2.50
CA ASP A 24 13.90 -6.12 2.82
C ASP A 24 13.56 -5.08 1.75
N GLY A 25 12.51 -4.33 2.01
CA GLY A 25 12.08 -3.30 1.09
C GLY A 25 12.22 -3.76 -0.36
N THR A 26 11.42 -4.74 -0.72
CA THR A 26 11.44 -5.29 -2.07
C THR A 26 10.86 -4.29 -3.06
N VAL A 27 11.68 -3.95 -4.05
CA VAL A 27 11.26 -3.01 -5.07
C VAL A 27 10.65 -3.77 -6.25
N VAL A 28 9.36 -3.53 -6.47
CA VAL A 28 8.65 -4.18 -7.55
C VAL A 28 7.66 -3.19 -8.18
N LYS A 29 6.83 -3.72 -9.07
CA LYS A 29 5.84 -2.90 -9.74
C LYS A 29 4.43 -3.36 -9.34
N VAL A 30 3.61 -2.39 -8.98
CA VAL A 30 2.24 -2.68 -8.58
C VAL A 30 1.29 -2.26 -9.69
N ALA A 31 0.78 -3.26 -10.40
CA ALA A 31 -0.15 -3.00 -11.48
C ALA A 31 -1.57 -2.94 -10.94
N GLY A 32 -2.28 -1.89 -11.33
CA GLY A 32 -3.65 -1.70 -10.87
C GLY A 32 -4.63 -1.71 -12.06
N ALA A 33 -4.87 -2.90 -12.59
CA ALA A 33 -5.78 -3.04 -13.72
C ALA A 33 -7.22 -3.00 -13.22
N GLY A 34 -8.01 -2.16 -13.88
CA GLY A 34 -9.41 -2.02 -13.52
C GLY A 34 -9.55 -1.63 -12.04
N LEU A 35 -8.60 -0.83 -11.57
CA LEU A 35 -8.62 -0.40 -10.19
C LEU A 35 -9.03 1.07 -10.12
N GLN A 36 -8.03 1.94 -10.05
CA GLN A 36 -8.28 3.36 -9.99
C GLN A 36 -9.27 3.79 -11.06
N ALA A 37 -9.38 2.95 -12.09
CA ALA A 37 -10.29 3.21 -13.18
C ALA A 37 -9.72 4.34 -14.06
N GLY A 38 -8.58 4.85 -13.63
CA GLY A 38 -7.92 5.92 -14.36
C GLY A 38 -7.76 7.17 -13.49
N THR A 39 -8.28 7.06 -12.28
CA THR A 39 -8.19 8.17 -11.33
C THR A 39 -6.75 8.40 -10.91
N ALA A 40 -6.60 8.99 -9.73
CA ALA A 40 -5.28 9.27 -9.20
C ALA A 40 -5.27 8.96 -7.70
N TYR A 41 -4.47 7.96 -7.34
CA TYR A 41 -4.35 7.56 -5.94
C TYR A 41 -2.89 7.43 -5.53
N ASP A 42 -2.66 7.63 -4.25
CA ASP A 42 -1.31 7.54 -3.71
C ASP A 42 -1.09 6.14 -3.12
N VAL A 43 0.00 5.51 -3.55
CA VAL A 43 0.33 4.19 -3.06
C VAL A 43 0.91 4.28 -1.66
N GLY A 44 0.53 3.31 -0.82
CA GLY A 44 1.00 3.28 0.55
C GLY A 44 0.41 2.08 1.29
N GLN A 45 1.29 1.13 1.59
CA GLN A 45 0.87 -0.07 2.30
C GLN A 45 0.31 0.29 3.68
N CYS A 46 -1.02 0.27 3.77
CA CYS A 46 -1.68 0.61 5.02
C CYS A 46 -2.17 -0.69 5.66
N ALA A 47 -2.27 -0.67 6.98
CA ALA A 47 -2.73 -1.84 7.72
C ALA A 47 -2.68 -1.53 9.22
N TRP A 48 -3.49 -2.28 9.96
CA TRP A 48 -3.54 -2.10 11.41
C TRP A 48 -2.16 -2.41 11.98
N VAL A 49 -1.31 -1.39 11.97
CA VAL A 49 0.04 -1.54 12.49
C VAL A 49 0.00 -1.51 14.01
N ASP A 50 -0.70 -0.52 14.55
CA ASP A 50 -0.82 -0.37 15.98
C ASP A 50 -1.77 -1.44 16.53
N THR A 51 -2.42 -1.11 17.63
CA THR A 51 -3.36 -2.01 18.25
C THR A 51 -4.74 -1.90 17.61
N GLY A 52 -4.78 -2.18 16.31
CA GLY A 52 -6.03 -2.10 15.57
C GLY A 52 -6.14 -0.76 14.83
N VAL A 53 -5.04 -0.04 14.81
CA VAL A 53 -5.00 1.26 14.15
C VAL A 53 -4.40 1.09 12.75
N LEU A 54 -5.23 1.33 11.76
CA LEU A 54 -4.79 1.21 10.37
C LEU A 54 -3.76 2.30 10.07
N ALA A 55 -2.50 1.97 10.33
CA ALA A 55 -1.42 2.92 10.09
C ALA A 55 -0.80 2.64 8.71
N CYS A 56 -0.47 3.72 8.02
CA CYS A 56 0.12 3.61 6.70
C CYS A 56 1.63 3.76 6.84
N ASN A 57 2.35 3.15 5.91
CA ASN A 57 3.80 3.20 5.91
C ASN A 57 4.27 4.36 5.03
N PRO A 58 5.05 5.28 5.67
CA PRO A 58 5.58 6.44 4.96
C PRO A 58 6.73 6.04 4.04
N ALA A 59 6.95 4.74 3.95
CA ALA A 59 8.02 4.21 3.11
C ALA A 59 7.41 3.59 1.85
N ASP A 60 6.09 3.72 1.74
CA ASP A 60 5.38 3.17 0.59
C ASP A 60 4.53 4.28 -0.04
N PHE A 61 4.83 5.51 0.34
CA PHE A 61 4.10 6.66 -0.19
C PHE A 61 4.64 7.07 -1.55
N SER A 62 3.82 6.87 -2.57
CA SER A 62 4.21 7.21 -3.92
C SER A 62 2.97 7.51 -4.76
N SER A 63 2.68 8.80 -4.90
CA SER A 63 1.53 9.24 -5.68
C SER A 63 1.63 8.71 -7.11
N VAL A 64 0.53 8.14 -7.58
CA VAL A 64 0.49 7.60 -8.92
C VAL A 64 -0.96 7.64 -9.44
N THR A 65 -1.09 7.47 -10.75
CA THR A 65 -2.41 7.49 -11.37
C THR A 65 -2.57 6.27 -12.28
N ALA A 66 -3.82 5.99 -12.61
CA ALA A 66 -4.13 4.86 -13.48
C ALA A 66 -4.56 5.39 -14.86
N ASP A 67 -4.35 4.54 -15.86
CA ASP A 67 -4.69 4.90 -17.23
C ASP A 67 -6.21 4.78 -17.41
N ALA A 68 -6.71 5.46 -18.42
CA ALA A 68 -8.13 5.43 -18.72
C ALA A 68 -8.65 3.99 -18.57
N ASN A 69 -7.73 3.05 -18.79
CA ASN A 69 -8.08 1.65 -18.69
C ASN A 69 -7.90 1.18 -17.24
N GLY A 70 -8.15 2.10 -16.32
CA GLY A 70 -8.02 1.80 -14.91
C GLY A 70 -6.75 0.99 -14.64
N SER A 71 -5.67 1.41 -15.26
CA SER A 71 -4.40 0.74 -15.09
C SER A 71 -3.43 1.62 -14.30
N ALA A 72 -3.29 1.30 -13.02
CA ALA A 72 -2.42 2.06 -12.16
C ALA A 72 -1.15 1.24 -11.88
N SER A 73 -0.13 1.49 -12.70
CA SER A 73 1.13 0.79 -12.55
C SER A 73 2.10 1.61 -11.70
N THR A 74 2.00 1.41 -10.40
CA THR A 74 2.86 2.13 -9.47
C THR A 74 3.94 1.19 -8.91
N SER A 75 5.19 1.57 -9.18
CA SER A 75 6.33 0.78 -8.73
C SER A 75 6.97 1.44 -7.50
N LEU A 76 7.28 0.62 -6.52
CA LEU A 76 7.90 1.12 -5.30
C LEU A 76 8.42 -0.07 -4.48
N THR A 77 9.01 0.27 -3.34
CA THR A 77 9.55 -0.76 -2.45
C THR A 77 8.60 -1.01 -1.28
N VAL A 78 8.46 -2.27 -0.93
CA VAL A 78 7.59 -2.66 0.17
C VAL A 78 8.37 -2.62 1.48
N ARG A 79 8.38 -1.45 2.09
CA ARG A 79 9.10 -1.26 3.35
C ARG A 79 8.18 -1.60 4.53
N ARG A 80 8.39 -2.79 5.07
CA ARG A 80 7.60 -3.25 6.19
C ARG A 80 8.15 -2.67 7.50
N SER A 81 9.42 -2.32 7.46
CA SER A 81 10.08 -1.75 8.62
C SER A 81 10.05 -0.23 8.55
N PHE A 82 9.20 0.37 9.37
CA PHE A 82 9.07 1.81 9.39
C PHE A 82 7.95 2.24 10.34
N GLU A 83 7.88 3.54 10.58
CA GLU A 83 6.86 4.09 11.47
C GLU A 83 5.53 4.22 10.71
N GLY A 84 4.50 3.67 11.33
CA GLY A 84 3.17 3.72 10.74
C GLY A 84 2.49 5.06 10.99
N PHE A 85 1.49 5.35 10.19
CA PHE A 85 0.75 6.60 10.33
C PHE A 85 -0.72 6.33 10.64
N LEU A 86 -1.06 6.53 11.90
CA LEU A 86 -2.43 6.32 12.35
C LEU A 86 -3.25 7.57 12.07
N PHE A 87 -4.54 7.48 12.35
CA PHE A 87 -5.45 8.59 12.13
C PHE A 87 -5.54 9.47 13.37
N ASP A 88 -5.43 8.84 14.53
CA ASP A 88 -5.49 9.55 15.79
C ASP A 88 -4.07 9.83 16.29
N GLY A 89 -3.14 9.00 15.83
CA GLY A 89 -1.75 9.14 16.22
C GLY A 89 -0.82 8.82 15.05
N THR A 90 -1.00 9.57 13.97
CA THR A 90 -0.18 9.37 12.78
C THR A 90 1.17 8.76 13.16
N ARG A 91 2.14 9.62 13.35
CA ARG A 91 3.47 9.18 13.72
C ARG A 91 3.42 8.26 14.94
N TRP A 92 3.17 6.99 14.67
CA TRP A 92 3.08 6.01 15.74
C TRP A 92 4.45 5.32 15.86
N GLY A 93 4.61 4.26 15.06
CA GLY A 93 5.86 3.52 15.06
C GLY A 93 5.67 2.13 14.45
N THR A 94 5.82 1.11 15.29
CA THR A 94 5.66 -0.26 14.84
C THR A 94 6.96 -0.76 14.20
N VAL A 95 7.41 -0.04 13.19
CA VAL A 95 8.63 -0.40 12.48
C VAL A 95 8.38 -1.67 11.68
N ASP A 96 8.89 -2.78 12.20
CA ASP A 96 8.73 -4.05 11.54
C ASP A 96 7.26 -4.45 11.52
N CYS A 97 6.66 -4.32 10.34
CA CYS A 97 5.25 -4.66 10.18
C CYS A 97 5.14 -6.14 9.80
N THR A 98 5.57 -6.98 10.75
CA THR A 98 5.53 -8.42 10.52
C THR A 98 4.37 -9.04 11.29
N THR A 99 3.73 -8.22 12.12
CA THR A 99 2.61 -8.68 12.92
C THR A 99 1.30 -8.48 12.15
N ALA A 100 1.06 -7.24 11.76
CA ALA A 100 -0.14 -6.91 11.00
C ALA A 100 0.14 -7.02 9.50
N ALA A 101 -0.83 -7.58 8.79
CA ALA A 101 -0.70 -7.74 7.36
C ALA A 101 -0.78 -6.37 6.68
N CYS A 102 0.33 -5.98 6.07
CA CYS A 102 0.40 -4.71 5.38
C CYS A 102 -0.16 -4.90 3.96
N GLN A 103 -1.15 -4.08 3.64
CA GLN A 103 -1.77 -4.14 2.33
C GLN A 103 -1.31 -2.97 1.46
N VAL A 104 -0.67 -3.31 0.35
CA VAL A 104 -0.16 -2.30 -0.57
C VAL A 104 -1.25 -1.96 -1.58
N GLY A 105 -1.50 -0.67 -1.74
CA GLY A 105 -2.51 -0.21 -2.67
C GLY A 105 -2.46 1.32 -2.81
N LEU A 106 -3.26 1.82 -3.74
CA LEU A 106 -3.31 3.25 -3.99
C LEU A 106 -4.59 3.83 -3.36
N SER A 107 -4.40 4.82 -2.51
CA SER A 107 -5.52 5.45 -1.84
C SER A 107 -5.79 6.83 -2.47
N ASP A 108 -6.99 7.34 -2.20
CA ASP A 108 -7.38 8.63 -2.72
C ASP A 108 -7.09 9.71 -1.67
N ALA A 109 -7.04 10.94 -2.15
CA ALA A 109 -6.77 12.08 -1.27
C ALA A 109 -8.09 12.62 -0.73
N ALA A 110 -9.13 11.80 -0.86
CA ALA A 110 -10.45 12.19 -0.40
C ALA A 110 -10.77 11.42 0.89
N GLY A 111 -10.14 10.27 1.03
CA GLY A 111 -10.35 9.43 2.21
C GLY A 111 -11.47 8.42 1.96
N ASN A 112 -11.32 7.67 0.88
CA ASN A 112 -12.31 6.66 0.53
C ASN A 112 -11.66 5.28 0.59
N GLY A 113 -12.48 4.29 0.94
CA GLY A 113 -12.01 2.93 1.04
C GLY A 113 -10.97 2.62 -0.04
N PRO A 114 -9.68 2.71 0.36
CA PRO A 114 -8.59 2.45 -0.56
C PRO A 114 -8.44 0.95 -0.83
N GLU A 115 -8.17 0.62 -2.09
CA GLU A 115 -8.01 -0.77 -2.48
C GLU A 115 -6.54 -1.18 -2.37
N GLY A 116 -6.28 -2.11 -1.46
CA GLY A 116 -4.93 -2.60 -1.24
C GLY A 116 -4.91 -4.12 -1.08
N VAL A 117 -3.80 -4.70 -1.49
CA VAL A 117 -3.64 -6.15 -1.38
C VAL A 117 -2.72 -6.49 -0.22
N ALA A 118 -3.15 -7.42 0.61
CA ALA A 118 -2.38 -7.84 1.75
C ALA A 118 -1.18 -8.67 1.28
N ILE A 119 -0.04 -7.99 1.17
CA ILE A 119 1.18 -8.66 0.73
C ILE A 119 1.64 -9.64 1.81
N SER A 120 2.42 -10.61 1.39
CA SER A 120 2.95 -11.60 2.30
C SER A 120 3.87 -10.95 3.33
N PHE A 121 3.25 -10.15 4.20
CA PHE A 121 4.00 -9.46 5.24
C PHE A 121 4.85 -10.43 6.04
N ASN A 122 6.04 -9.95 6.41
CA ASN A 122 6.97 -10.77 7.18
C ASN A 122 6.18 -11.60 8.20
C1 NCZ B . -5.36 2.29 3.52
C6 NCZ B . -4.46 3.23 2.97
C5 NCZ B . -3.71 2.86 1.83
C7 NCZ B . -2.80 3.74 1.26
C8 NCZ B . -2.60 4.98 1.85
C9 NCZ B . -3.32 5.36 2.98
C10 NCZ B . -4.30 4.50 3.56
C11 NCZ B . -5.34 5.06 4.40
O3 NCZ B . -5.13 6.09 5.03
O4 NCZ B . -6.66 4.46 4.61
C12 NCZ B . -7.67 5.20 5.37
C13 NCZ B . -8.78 4.29 5.91
C14 NCZ B . -9.81 4.33 5.06
C15 NCZ B . -9.71 5.40 4.04
C16 NCZ B . -8.42 6.16 4.44
O6 NCZ B . -8.81 7.39 5.11
O5 NCZ B . -9.20 4.74 7.20
O2 NCZ B . -3.06 6.64 3.51
C4 NCZ B . -3.91 1.61 1.29
C3 NCZ B . -4.81 0.73 1.85
C2 NCZ B . -5.54 1.05 2.97
O1 NCZ B . -6.42 0.12 3.50
C17 NCZ B . -7.52 0.42 4.38
C18 NCZ B . -3.19 1.16 0.06
H1 NCZ B . -5.91 2.56 4.41
H7 NCZ B . -2.25 3.45 0.37
H8 NCZ B . -1.87 5.66 1.42
H12 NCZ B . -7.36 5.88 5.98
H13 NCZ B . -8.41 3.26 5.97
H14 NCZ B . -10.67 3.65 5.12
H15 NCZ B . -10.36 5.60 3.20
H16 NCZ B . -7.86 6.38 3.53
H6 NCZ B . -9.68 7.22 5.64
H5 NCZ B . -8.46 4.71 7.80
H2 NCZ B . -3.88 7.25 3.36
H3 NCZ B . -4.96 -0.25 1.40
H171 NCZ B . -8.04 -0.50 4.64
H172 NCZ B . -7.15 0.89 5.28
H173 NCZ B . -8.21 1.10 3.88
H181 NCZ B . -3.78 1.41 -0.83
H182 NCZ B . -2.23 1.66 -0.01
H183 NCZ B . -3.04 0.08 0.10
N ALA A 10 -6.60 -12.68 -11.07
CA ALA A 10 -5.30 -12.72 -11.71
C ALA A 10 -4.52 -11.45 -11.36
N ALA A 11 -5.22 -10.33 -11.46
CA ALA A 11 -4.61 -9.04 -11.16
C ALA A 11 -5.71 -8.03 -10.81
N PRO A 12 -6.37 -8.28 -9.65
CA PRO A 12 -7.44 -7.40 -9.20
C PRO A 12 -6.87 -6.09 -8.63
N THR A 13 -7.20 -5.00 -9.31
CA THR A 13 -6.73 -3.70 -8.90
C THR A 13 -5.21 -3.69 -8.75
N ALA A 14 -4.73 -2.73 -7.97
CA ALA A 14 -3.30 -2.60 -7.74
C ALA A 14 -2.82 -3.77 -6.87
N THR A 15 -1.82 -4.47 -7.37
CA THR A 15 -1.27 -5.60 -6.64
C THR A 15 0.20 -5.78 -6.98
N VAL A 16 0.95 -6.24 -5.99
CA VAL A 16 2.38 -6.46 -6.17
C VAL A 16 2.60 -7.75 -6.98
N THR A 17 3.43 -7.62 -8.01
CA THR A 17 3.73 -8.75 -8.86
C THR A 17 3.81 -10.04 -8.05
N PRO A 18 4.92 -10.15 -7.28
CA PRO A 18 5.13 -11.32 -6.44
C PRO A 18 4.23 -11.29 -5.20
N SER A 19 4.82 -10.85 -4.10
CA SER A 19 4.08 -10.76 -2.85
C SER A 19 4.71 -9.71 -1.95
N SER A 20 6.01 -9.49 -2.16
CA SER A 20 6.74 -8.51 -1.37
C SER A 20 6.46 -8.72 0.12
N GLY A 21 7.00 -7.82 0.92
CA GLY A 21 6.83 -7.90 2.36
C GLY A 21 7.88 -8.80 3.01
N LEU A 22 8.12 -9.93 2.35
CA LEU A 22 9.09 -10.88 2.84
C LEU A 22 10.36 -10.13 3.27
N SER A 23 10.64 -9.05 2.56
CA SER A 23 11.80 -8.24 2.86
C SER A 23 11.42 -6.76 2.92
N ASP A 24 11.71 -6.16 4.07
CA ASP A 24 11.40 -4.75 4.28
C ASP A 24 12.23 -3.90 3.32
N GLY A 25 11.98 -4.10 2.04
CA GLY A 25 12.70 -3.36 1.01
C GLY A 25 12.62 -4.08 -0.34
N THR A 26 11.51 -4.75 -0.55
CA THR A 26 11.29 -5.48 -1.79
C THR A 26 10.63 -4.57 -2.84
N VAL A 27 11.42 -4.23 -3.85
CA VAL A 27 10.93 -3.37 -4.92
C VAL A 27 10.32 -4.24 -6.02
N VAL A 28 9.03 -4.01 -6.25
CA VAL A 28 8.31 -4.77 -7.28
C VAL A 28 7.40 -3.82 -8.05
N LYS A 29 6.66 -4.39 -8.99
CA LYS A 29 5.75 -3.61 -9.81
C LYS A 29 4.32 -3.82 -9.32
N VAL A 30 3.62 -2.72 -9.12
CA VAL A 30 2.24 -2.77 -8.66
C VAL A 30 1.31 -2.41 -9.81
N ALA A 31 0.76 -3.45 -10.44
CA ALA A 31 -0.15 -3.25 -11.54
C ALA A 31 -1.58 -3.17 -11.02
N GLY A 32 -2.30 -2.14 -11.48
CA GLY A 32 -3.67 -1.94 -11.06
C GLY A 32 -4.63 -2.06 -12.26
N ALA A 33 -5.23 -3.23 -12.37
CA ALA A 33 -6.16 -3.49 -13.46
C ALA A 33 -7.56 -3.06 -13.02
N GLY A 34 -8.03 -1.96 -13.61
CA GLY A 34 -9.35 -1.45 -13.29
C GLY A 34 -9.35 -0.73 -11.94
N LEU A 35 -8.22 -0.08 -11.65
CA LEU A 35 -8.08 0.64 -10.40
C LEU A 35 -9.13 1.75 -10.34
N GLN A 36 -8.63 2.98 -10.23
CA GLN A 36 -9.51 4.13 -10.15
C GLN A 36 -10.00 4.52 -11.55
N ALA A 37 -9.99 3.54 -12.44
CA ALA A 37 -10.42 3.76 -13.81
C ALA A 37 -9.32 4.50 -14.58
N GLY A 38 -8.35 4.98 -13.82
CA GLY A 38 -7.23 5.70 -14.41
C GLY A 38 -7.00 7.04 -13.69
N THR A 39 -7.86 7.30 -12.71
CA THR A 39 -7.77 8.53 -11.94
C THR A 39 -6.40 8.62 -11.25
N ALA A 40 -6.37 9.39 -10.18
CA ALA A 40 -5.15 9.56 -9.41
C ALA A 40 -5.43 9.35 -7.93
N TYR A 41 -4.46 8.76 -7.24
CA TYR A 41 -4.60 8.50 -5.82
C TYR A 41 -3.23 8.49 -5.13
N ASP A 42 -3.25 8.11 -3.86
CA ASP A 42 -2.03 8.06 -3.08
C ASP A 42 -1.63 6.60 -2.87
N VAL A 43 -0.56 6.21 -3.54
CA VAL A 43 -0.07 4.85 -3.44
C VAL A 43 0.75 4.70 -2.15
N GLY A 44 0.60 3.55 -1.51
CA GLY A 44 1.32 3.28 -0.28
C GLY A 44 0.76 2.03 0.42
N GLN A 45 1.56 1.49 1.31
CA GLN A 45 1.15 0.30 2.05
C GLN A 45 0.56 0.69 3.40
N CYS A 46 -0.77 0.66 3.46
CA CYS A 46 -1.48 1.01 4.68
C CYS A 46 -2.02 -0.27 5.31
N ALA A 47 -2.21 -0.23 6.61
CA ALA A 47 -2.73 -1.37 7.35
C ALA A 47 -2.82 -1.03 8.83
N TRP A 48 -3.56 -1.86 9.55
CA TRP A 48 -3.73 -1.65 10.98
C TRP A 48 -2.41 -2.01 11.67
N VAL A 49 -1.80 -1.00 12.27
CA VAL A 49 -0.55 -1.20 12.97
C VAL A 49 -0.81 -1.31 14.47
N ASP A 50 -1.61 -0.37 14.97
CA ASP A 50 -1.95 -0.35 16.38
C ASP A 50 -3.18 -1.23 16.62
N THR A 51 -3.78 -1.06 17.79
CA THR A 51 -4.95 -1.84 18.15
C THR A 51 -6.08 -1.59 17.15
N GLY A 52 -6.07 -2.38 16.08
CA GLY A 52 -7.07 -2.26 15.05
C GLY A 52 -7.12 -0.84 14.49
N VAL A 53 -6.02 -0.12 14.69
CA VAL A 53 -5.92 1.25 14.21
C VAL A 53 -5.22 1.25 12.86
N LEU A 54 -5.96 1.69 11.84
CA LEU A 54 -5.42 1.75 10.49
C LEU A 54 -4.29 2.79 10.45
N ALA A 55 -3.08 2.28 10.32
CA ALA A 55 -1.91 3.14 10.26
C ALA A 55 -1.16 2.91 8.94
N CYS A 56 -0.78 4.01 8.31
CA CYS A 56 -0.08 3.93 7.04
C CYS A 56 1.42 4.12 7.32
N ASN A 57 2.23 3.61 6.41
CA ASN A 57 3.67 3.71 6.54
C ASN A 57 4.13 5.05 6.01
N PRO A 58 5.42 5.39 6.31
CA PRO A 58 5.99 6.65 5.86
C PRO A 58 6.33 6.59 4.37
N ALA A 59 6.28 5.39 3.82
CA ALA A 59 6.58 5.19 2.41
C ALA A 59 5.27 4.88 1.66
N ASP A 60 4.16 5.14 2.35
CA ASP A 60 2.86 4.91 1.76
C ASP A 60 2.39 6.17 1.03
N PHE A 61 3.30 7.13 0.94
CA PHE A 61 2.99 8.38 0.27
C PHE A 61 3.70 8.47 -1.08
N SER A 62 2.99 8.01 -2.11
CA SER A 62 3.53 8.02 -3.46
C SER A 62 2.40 8.19 -4.48
N SER A 63 2.13 9.45 -4.80
CA SER A 63 1.07 9.76 -5.76
C SER A 63 1.23 8.89 -7.01
N VAL A 64 0.19 8.13 -7.30
CA VAL A 64 0.20 7.26 -8.46
C VAL A 64 -1.15 7.36 -9.18
N THR A 65 -1.09 7.17 -10.50
CA THR A 65 -2.30 7.24 -11.31
C THR A 65 -2.40 6.02 -12.22
N ALA A 66 -3.61 5.73 -12.66
CA ALA A 66 -3.85 4.59 -13.53
C ALA A 66 -4.10 5.10 -14.95
N ASP A 67 -3.70 4.28 -15.92
CA ASP A 67 -3.88 4.64 -17.31
C ASP A 67 -5.37 4.72 -17.62
N ALA A 68 -5.68 5.38 -18.73
CA ALA A 68 -7.06 5.54 -19.16
C ALA A 68 -7.81 4.24 -18.88
N ASN A 69 -7.13 3.14 -19.11
CA ASN A 69 -7.73 1.83 -18.89
C ASN A 69 -7.52 1.41 -17.44
N GLY A 70 -7.61 2.39 -16.56
CA GLY A 70 -7.44 2.13 -15.14
C GLY A 70 -6.28 1.15 -14.89
N SER A 71 -5.19 1.38 -15.62
CA SER A 71 -4.02 0.54 -15.50
C SER A 71 -2.89 1.30 -14.80
N ALA A 72 -2.72 0.99 -13.52
CA ALA A 72 -1.68 1.64 -12.73
C ALA A 72 -0.52 0.66 -12.52
N SER A 73 0.47 0.75 -13.40
CA SER A 73 1.63 -0.11 -13.32
C SER A 73 2.81 0.66 -12.73
N THR A 74 2.71 0.92 -11.43
CA THR A 74 3.76 1.64 -10.73
C THR A 74 4.52 0.70 -9.79
N SER A 75 5.84 0.83 -9.81
CA SER A 75 6.69 0.01 -8.98
C SER A 75 7.09 0.78 -7.71
N LEU A 76 7.01 0.09 -6.59
CA LEU A 76 7.36 0.69 -5.31
C LEU A 76 8.12 -0.33 -4.46
N THR A 77 8.67 0.16 -3.36
CA THR A 77 9.42 -0.69 -2.46
C THR A 77 8.58 -1.04 -1.22
N VAL A 78 8.42 -2.33 -1.00
CA VAL A 78 7.65 -2.81 0.13
C VAL A 78 8.57 -2.95 1.35
N ARG A 79 8.69 -1.87 2.09
CA ARG A 79 9.52 -1.86 3.29
C ARG A 79 8.67 -2.09 4.53
N ARG A 80 8.26 -3.33 4.71
CA ARG A 80 7.44 -3.70 5.85
C ARG A 80 7.91 -2.94 7.10
N SER A 81 9.21 -2.65 7.13
CA SER A 81 9.79 -1.92 8.24
C SER A 81 9.71 -0.42 7.99
N PHE A 82 9.33 0.30 9.04
CA PHE A 82 9.22 1.75 8.95
C PHE A 82 8.38 2.30 10.10
N GLU A 83 8.25 3.62 10.11
CA GLU A 83 7.47 4.29 11.15
C GLU A 83 6.03 4.50 10.68
N GLY A 84 5.14 3.70 11.23
CA GLY A 84 3.73 3.78 10.90
C GLY A 84 3.07 4.94 11.62
N PHE A 85 1.91 5.35 11.10
CA PHE A 85 1.16 6.45 11.68
C PHE A 85 -0.34 6.18 11.63
N LEU A 86 -0.99 6.38 12.77
CA LEU A 86 -2.42 6.16 12.86
C LEU A 86 -3.15 7.25 12.05
N PHE A 87 -4.29 6.85 11.50
CA PHE A 87 -5.09 7.78 10.71
C PHE A 87 -5.84 8.76 11.61
N ASP A 88 -6.06 8.34 12.85
CA ASP A 88 -6.76 9.17 13.81
C ASP A 88 -6.06 10.53 13.91
N GLY A 89 -4.75 10.47 14.10
CA GLY A 89 -3.96 11.69 14.21
C GLY A 89 -2.62 11.40 14.90
N THR A 90 -2.62 10.35 15.70
CA THR A 90 -1.42 9.96 16.43
C THR A 90 -0.56 9.04 15.57
N ARG A 91 0.73 9.04 15.87
CA ARG A 91 1.67 8.20 15.14
C ARG A 91 2.08 7.00 15.99
N TRP A 92 2.35 5.90 15.30
CA TRP A 92 2.74 4.67 15.96
C TRP A 92 4.24 4.47 15.73
N GLY A 93 4.55 3.84 14.60
CA GLY A 93 5.93 3.58 14.24
C GLY A 93 6.14 2.11 13.91
N THR A 94 6.16 1.30 14.96
CA THR A 94 6.35 -0.14 14.79
C THR A 94 7.77 -0.44 14.31
N VAL A 95 8.11 0.13 13.17
CA VAL A 95 9.43 -0.07 12.60
C VAL A 95 9.47 -1.39 11.84
N ASP A 96 8.57 -2.29 12.24
CA ASP A 96 8.49 -3.60 11.61
C ASP A 96 7.02 -4.04 11.56
N CYS A 97 6.46 -3.97 10.36
CA CYS A 97 5.07 -4.37 10.16
C CYS A 97 5.05 -5.85 9.80
N THR A 98 5.72 -6.65 10.60
CA THR A 98 5.78 -8.07 10.38
C THR A 98 4.62 -8.78 11.10
N THR A 99 4.02 -8.05 12.02
CA THR A 99 2.89 -8.58 12.77
C THR A 99 1.58 -8.35 12.03
N ALA A 100 1.38 -7.09 11.65
CA ALA A 100 0.17 -6.72 10.93
C ALA A 100 0.41 -6.84 9.43
N ALA A 101 -0.62 -7.27 8.72
CA ALA A 101 -0.53 -7.43 7.28
C ALA A 101 -0.63 -6.06 6.60
N CYS A 102 0.49 -5.65 6.03
CA CYS A 102 0.55 -4.36 5.35
C CYS A 102 0.04 -4.55 3.92
N GLN A 103 -0.98 -3.77 3.58
CA GLN A 103 -1.57 -3.84 2.26
C GLN A 103 -1.04 -2.71 1.38
N VAL A 104 -0.41 -3.09 0.28
CA VAL A 104 0.15 -2.12 -0.65
C VAL A 104 -0.92 -1.75 -1.68
N GLY A 105 -1.40 -0.52 -1.56
CA GLY A 105 -2.42 -0.02 -2.47
C GLY A 105 -2.50 1.51 -2.44
N LEU A 106 -3.38 2.05 -3.26
CA LEU A 106 -3.56 3.49 -3.33
C LEU A 106 -4.86 3.88 -2.65
N SER A 107 -4.87 5.06 -2.05
CA SER A 107 -6.05 5.55 -1.37
C SER A 107 -6.75 6.61 -2.23
N ASP A 108 -8.06 6.67 -2.09
CA ASP A 108 -8.86 7.62 -2.83
C ASP A 108 -8.87 8.96 -2.10
N ALA A 109 -9.28 9.99 -2.83
CA ALA A 109 -9.33 11.33 -2.27
C ALA A 109 -10.69 11.55 -1.61
N ALA A 110 -11.31 10.44 -1.24
CA ALA A 110 -12.62 10.49 -0.60
C ALA A 110 -12.45 10.20 0.90
N GLY A 111 -11.60 9.24 1.19
CA GLY A 111 -11.35 8.84 2.57
C GLY A 111 -11.61 7.35 2.78
N ASN A 112 -11.08 6.56 1.86
CA ASN A 112 -11.26 5.11 1.93
C ASN A 112 -9.98 4.44 1.44
N GLY A 113 -9.78 3.22 1.93
CA GLY A 113 -8.59 2.45 1.55
C GLY A 113 -8.94 0.98 1.36
N PRO A 114 -9.88 0.73 0.39
CA PRO A 114 -10.31 -0.62 0.08
C PRO A 114 -9.23 -1.37 -0.71
N GLU A 115 -8.38 -0.60 -1.37
CA GLU A 115 -7.31 -1.17 -2.16
C GLU A 115 -6.09 -1.44 -1.28
N GLY A 116 -5.31 -2.43 -1.69
CA GLY A 116 -4.10 -2.79 -0.96
C GLY A 116 -3.87 -4.30 -1.00
N VAL A 117 -2.77 -4.68 -1.63
CA VAL A 117 -2.42 -6.09 -1.75
C VAL A 117 -1.72 -6.54 -0.47
N ALA A 118 -2.15 -7.67 0.04
CA ALA A 118 -1.58 -8.23 1.26
C ALA A 118 -0.11 -8.58 1.00
N ILE A 119 0.76 -7.63 1.31
CA ILE A 119 2.19 -7.83 1.12
C ILE A 119 2.72 -8.72 2.25
N SER A 120 3.71 -9.53 1.90
CA SER A 120 4.33 -10.42 2.87
C SER A 120 4.91 -11.64 2.15
N PHE A 121 4.01 -12.55 1.78
CA PHE A 121 4.41 -13.76 1.09
C PHE A 121 5.48 -13.46 0.04
N ASN A 122 6.00 -14.53 -0.55
CA ASN A 122 7.02 -14.40 -1.58
C ASN A 122 6.36 -14.32 -2.95
C1 NCZ B . -5.59 2.41 3.83
C6 NCZ B . -4.71 3.32 3.25
C5 NCZ B . -3.99 2.92 2.09
C7 NCZ B . -3.08 3.77 1.48
C8 NCZ B . -2.85 5.03 2.02
C9 NCZ B . -3.56 5.45 3.17
C10 NCZ B . -4.53 4.62 3.78
C11 NCZ B . -5.53 5.21 4.64
O3 NCZ B . -5.29 6.26 5.24
O4 NCZ B . -6.85 4.62 4.90
C12 NCZ B . -7.66 5.17 5.98
C13 NCZ B . -7.91 4.15 7.09
C14 NCZ B . -9.10 3.57 6.90
C15 NCZ B . -9.92 4.23 5.86
C16 NCZ B . -9.08 5.47 5.46
O6 NCZ B . -9.67 6.64 6.12
O5 NCZ B . -7.92 4.80 8.36
O2 NCZ B . -3.27 6.74 3.64
C4 NCZ B . -4.21 1.66 1.59
C3 NCZ B . -5.11 0.80 2.20
C2 NCZ B . -5.80 1.16 3.33
O1 NCZ B . -6.66 0.25 3.92
C17 NCZ B . -7.75 0.58 4.80
C18 NCZ B . -3.52 1.18 0.35
H1 NCZ B . -6.12 2.71 4.74
H7 NCZ B . -2.55 3.47 0.58
H8 NCZ B . -2.13 5.70 1.55
H12 NCZ B . -7.51 6.10 6.24
H13 NCZ B . -7.14 3.39 7.08
H14 NCZ B . -9.44 2.69 7.45
H15 NCZ B . -10.88 3.93 5.45
H16 NCZ B . -9.11 5.58 4.38
H6 NCZ B . -10.08 6.36 7.02
H5 NCZ B . -7.06 5.22 8.51
H2 NCZ B . -4.08 7.35 3.50
H3 NCZ B . -5.26 -0.19 1.77
H171 NCZ B . -8.26 -0.32 5.10
H172 NCZ B . -7.34 1.08 5.69
H173 NCZ B . -8.44 1.25 4.30
H181 NCZ B . -4.14 1.40 -0.52
H182 NCZ B . -2.55 1.67 0.25
H183 NCZ B . -3.37 0.10 0.42
N ALA A 10 -8.67 -12.03 -12.82
CA ALA A 10 -9.49 -12.40 -11.68
C ALA A 10 -9.43 -11.29 -10.63
N ALA A 11 -10.01 -10.16 -10.99
CA ALA A 11 -10.03 -9.01 -10.09
C ALA A 11 -8.62 -8.76 -9.56
N PRO A 12 -7.72 -8.38 -10.50
CA PRO A 12 -6.33 -8.10 -10.14
C PRO A 12 -6.21 -6.76 -9.43
N THR A 13 -6.47 -5.70 -10.18
CA THR A 13 -6.39 -4.36 -9.63
C THR A 13 -4.99 -4.09 -9.07
N ALA A 14 -4.87 -2.98 -8.36
CA ALA A 14 -3.60 -2.60 -7.77
C ALA A 14 -3.08 -3.73 -6.89
N THR A 15 -2.10 -4.44 -7.42
CA THR A 15 -1.51 -5.56 -6.69
C THR A 15 0.01 -5.58 -6.88
N VAL A 16 0.70 -6.06 -5.84
CA VAL A 16 2.15 -6.14 -5.89
C VAL A 16 2.56 -7.38 -6.67
N THR A 17 3.41 -7.16 -7.67
CA THR A 17 3.89 -8.24 -8.50
C THR A 17 3.97 -9.54 -7.70
N PRO A 18 4.96 -9.58 -6.76
CA PRO A 18 5.15 -10.75 -5.93
C PRO A 18 4.08 -10.83 -4.84
N SER A 19 4.37 -11.63 -3.83
CA SER A 19 3.44 -11.80 -2.72
C SER A 19 4.18 -11.68 -1.39
N SER A 20 5.32 -12.36 -1.32
CA SER A 20 6.14 -12.34 -0.12
C SER A 20 6.77 -10.95 0.06
N GLY A 21 5.90 -9.97 0.22
CA GLY A 21 6.37 -8.60 0.40
C GLY A 21 7.29 -8.48 1.63
N LEU A 22 7.30 -9.54 2.41
CA LEU A 22 8.11 -9.58 3.61
C LEU A 22 9.59 -9.65 3.20
N SER A 23 10.01 -8.64 2.45
CA SER A 23 11.39 -8.57 1.99
C SER A 23 11.97 -7.18 2.27
N ASP A 24 13.07 -7.17 3.02
CA ASP A 24 13.72 -5.92 3.36
C ASP A 24 13.55 -4.92 2.22
N GLY A 25 12.51 -4.11 2.34
CA GLY A 25 12.22 -3.11 1.33
C GLY A 25 12.33 -3.70 -0.08
N THR A 26 11.38 -4.58 -0.39
CA THR A 26 11.37 -5.22 -1.70
C THR A 26 10.79 -4.27 -2.75
N VAL A 27 11.58 -4.07 -3.80
CA VAL A 27 11.16 -3.19 -4.89
C VAL A 27 10.41 -4.01 -5.94
N VAL A 28 9.15 -3.66 -6.12
CA VAL A 28 8.32 -4.36 -7.10
C VAL A 28 7.43 -3.34 -7.82
N LYS A 29 6.57 -3.86 -8.69
CA LYS A 29 5.67 -3.01 -9.45
C LYS A 29 4.23 -3.35 -9.08
N VAL A 30 3.47 -2.32 -8.78
CA VAL A 30 2.07 -2.49 -8.41
C VAL A 30 1.19 -2.17 -9.63
N ALA A 31 0.70 -3.22 -10.25
CA ALA A 31 -0.16 -3.07 -11.42
C ALA A 31 -1.62 -2.95 -10.97
N GLY A 32 -2.24 -1.86 -11.39
CA GLY A 32 -3.63 -1.61 -11.04
C GLY A 32 -4.54 -1.75 -12.26
N ALA A 33 -4.65 -2.98 -12.74
CA ALA A 33 -5.48 -3.25 -13.90
C ALA A 33 -6.95 -3.22 -13.48
N GLY A 34 -7.74 -2.49 -14.27
CA GLY A 34 -9.16 -2.36 -14.00
C GLY A 34 -9.40 -1.49 -12.76
N LEU A 35 -8.38 -0.73 -12.40
CA LEU A 35 -8.47 0.15 -11.25
C LEU A 35 -9.34 1.36 -11.59
N GLN A 36 -8.98 2.49 -11.02
CA GLN A 36 -9.72 3.72 -11.26
C GLN A 36 -9.14 4.46 -12.48
N ALA A 37 -9.50 3.97 -13.65
CA ALA A 37 -9.02 4.56 -14.89
C ALA A 37 -9.47 6.03 -14.95
N GLY A 38 -8.53 6.90 -15.30
CA GLY A 38 -8.81 8.32 -15.40
C GLY A 38 -8.55 9.01 -14.06
N THR A 39 -8.68 8.24 -12.99
CA THR A 39 -8.46 8.78 -11.65
C THR A 39 -7.00 8.62 -11.25
N ALA A 40 -6.71 9.07 -10.04
CA ALA A 40 -5.35 8.99 -9.53
C ALA A 40 -5.39 8.93 -7.99
N TYR A 41 -4.44 8.21 -7.43
CA TYR A 41 -4.35 8.07 -5.99
C TYR A 41 -2.90 7.89 -5.53
N ASP A 42 -2.73 7.78 -4.23
CA ASP A 42 -1.41 7.61 -3.66
C ASP A 42 -1.25 6.15 -3.19
N VAL A 43 -0.28 5.48 -3.80
CA VAL A 43 0.00 4.09 -3.46
C VAL A 43 0.85 4.04 -2.20
N GLY A 44 0.61 3.00 -1.40
CA GLY A 44 1.35 2.81 -0.17
C GLY A 44 0.86 1.58 0.59
N GLN A 45 1.69 1.13 1.51
CA GLN A 45 1.35 -0.04 2.31
C GLN A 45 0.69 0.38 3.62
N CYS A 46 -0.63 0.50 3.58
CA CYS A 46 -1.39 0.90 4.75
C CYS A 46 -2.12 -0.34 5.28
N ALA A 47 -2.37 -0.31 6.58
CA ALA A 47 -3.06 -1.42 7.23
C ALA A 47 -3.25 -1.10 8.71
N TRP A 48 -4.04 -1.93 9.37
CA TRP A 48 -4.31 -1.75 10.79
C TRP A 48 -3.21 -2.45 11.57
N VAL A 49 -2.43 -1.65 12.29
CA VAL A 49 -1.34 -2.18 13.09
C VAL A 49 -1.76 -2.21 14.56
N ASP A 50 -2.28 -1.08 15.02
CA ASP A 50 -2.73 -0.97 16.40
C ASP A 50 -4.16 -1.50 16.52
N THR A 51 -4.70 -1.39 17.72
CA THR A 51 -6.06 -1.85 17.98
C THR A 51 -7.00 -1.31 16.91
N GLY A 52 -7.20 -2.12 15.88
CA GLY A 52 -8.08 -1.74 14.78
C GLY A 52 -7.74 -0.35 14.27
N VAL A 53 -6.53 0.08 14.56
CA VAL A 53 -6.07 1.39 14.13
C VAL A 53 -5.37 1.26 12.78
N LEU A 54 -5.99 1.83 11.76
CA LEU A 54 -5.44 1.79 10.42
C LEU A 54 -4.32 2.82 10.30
N ALA A 55 -3.09 2.30 10.33
CA ALA A 55 -1.92 3.15 10.24
C ALA A 55 -1.17 2.84 8.93
N CYS A 56 -0.63 3.89 8.33
CA CYS A 56 0.10 3.73 7.08
C CYS A 56 1.59 3.95 7.38
N ASN A 57 2.41 3.23 6.63
CA ASN A 57 3.86 3.34 6.80
C ASN A 57 4.36 4.60 6.10
N PRO A 58 5.67 4.90 6.32
CA PRO A 58 6.28 6.07 5.72
C PRO A 58 6.54 5.85 4.23
N ALA A 59 6.49 4.58 3.83
CA ALA A 59 6.72 4.23 2.44
C ALA A 59 5.37 3.99 1.75
N ASP A 60 4.33 4.45 2.41
CA ASP A 60 2.98 4.29 1.87
C ASP A 60 2.64 5.51 1.01
N PHE A 61 3.68 6.26 0.65
CA PHE A 61 3.50 7.45 -0.16
C PHE A 61 4.07 7.23 -1.56
N SER A 62 3.17 6.99 -2.51
CA SER A 62 3.56 6.76 -3.89
C SER A 62 2.47 7.26 -4.83
N SER A 63 2.46 8.57 -5.03
CA SER A 63 1.48 9.19 -5.90
C SER A 63 1.54 8.56 -7.29
N VAL A 64 0.39 8.09 -7.75
CA VAL A 64 0.31 7.46 -9.07
C VAL A 64 -1.12 7.61 -9.60
N THR A 65 -1.29 7.20 -10.85
CA THR A 65 -2.59 7.28 -11.49
C THR A 65 -2.85 6.03 -12.33
N ALA A 66 -4.09 5.90 -12.76
CA ALA A 66 -4.48 4.76 -13.57
C ALA A 66 -4.66 5.20 -15.03
N ASP A 67 -4.01 4.47 -15.92
CA ASP A 67 -4.10 4.78 -17.34
C ASP A 67 -5.53 4.55 -17.83
N ALA A 68 -5.87 5.26 -18.89
CA ALA A 68 -7.20 5.14 -19.46
C ALA A 68 -7.63 3.67 -19.46
N ASN A 69 -6.64 2.80 -19.55
CA ASN A 69 -6.89 1.37 -19.56
C ASN A 69 -6.93 0.86 -18.12
N GLY A 70 -7.40 1.72 -17.23
CA GLY A 70 -7.51 1.37 -15.83
C GLY A 70 -6.29 0.57 -15.38
N SER A 71 -5.12 1.01 -15.82
CA SER A 71 -3.87 0.35 -15.47
C SER A 71 -3.00 1.27 -14.64
N ALA A 72 -2.94 0.98 -13.35
CA ALA A 72 -2.15 1.78 -12.43
C ALA A 72 -0.88 1.00 -12.05
N SER A 73 0.10 1.08 -12.93
CA SER A 73 1.37 0.39 -12.70
C SER A 73 2.35 1.31 -11.98
N THR A 74 2.26 1.30 -10.66
CA THR A 74 3.14 2.13 -9.84
C THR A 74 4.18 1.28 -9.13
N SER A 75 5.44 1.64 -9.34
CA SER A 75 6.53 0.91 -8.72
C SER A 75 6.85 1.50 -7.34
N LEU A 76 7.01 0.60 -6.38
CA LEU A 76 7.31 1.02 -5.02
C LEU A 76 8.06 -0.10 -4.30
N THR A 77 8.60 0.24 -3.13
CA THR A 77 9.34 -0.73 -2.35
C THR A 77 8.52 -1.16 -1.13
N VAL A 78 8.60 -2.44 -0.82
CA VAL A 78 7.89 -3.00 0.31
C VAL A 78 8.75 -2.88 1.57
N ARG A 79 8.75 -1.68 2.14
CA ARG A 79 9.52 -1.43 3.35
C ARG A 79 8.69 -1.76 4.59
N ARG A 80 8.35 -3.03 4.71
CA ARG A 80 7.57 -3.50 5.85
C ARG A 80 8.10 -2.87 7.13
N SER A 81 9.40 -2.59 7.14
CA SER A 81 10.02 -1.99 8.30
C SER A 81 10.11 -0.47 8.13
N PHE A 82 9.63 0.22 9.15
CA PHE A 82 9.64 1.67 9.13
C PHE A 82 8.67 2.25 10.16
N GLU A 83 8.73 3.57 10.33
CA GLU A 83 7.86 4.24 11.28
C GLU A 83 6.52 4.58 10.62
N GLY A 84 5.48 3.96 11.16
CA GLY A 84 4.14 4.18 10.63
C GLY A 84 3.45 5.35 11.36
N PHE A 85 2.25 5.65 10.90
CA PHE A 85 1.48 6.73 11.50
C PHE A 85 -0.02 6.42 11.47
N LEU A 86 -0.72 6.94 12.46
CA LEU A 86 -2.15 6.74 12.56
C LEU A 86 -2.88 7.86 11.82
N PHE A 87 -4.11 7.57 11.42
CA PHE A 87 -4.92 8.53 10.69
C PHE A 87 -5.76 9.38 11.67
N ASP A 88 -6.00 8.82 12.83
CA ASP A 88 -6.77 9.50 13.85
C ASP A 88 -6.03 10.77 14.29
N GLY A 89 -4.76 10.59 14.60
CA GLY A 89 -3.93 11.70 15.03
C GLY A 89 -2.65 11.20 15.71
N THR A 90 -2.75 10.02 16.29
CA THR A 90 -1.62 9.42 16.98
C THR A 90 -0.62 8.87 15.97
N ARG A 91 0.53 8.44 16.48
CA ARG A 91 1.57 7.89 15.64
C ARG A 91 1.65 6.37 15.81
N TRP A 92 2.20 5.73 14.80
CA TRP A 92 2.34 4.28 14.82
C TRP A 92 3.81 3.94 15.13
N GLY A 93 4.59 3.84 14.06
CA GLY A 93 6.00 3.53 14.20
C GLY A 93 6.26 2.05 14.00
N THR A 94 6.66 1.40 15.08
CA THR A 94 6.94 -0.03 15.05
C THR A 94 8.30 -0.29 14.40
N VAL A 95 8.42 0.14 13.16
CA VAL A 95 9.66 -0.03 12.41
C VAL A 95 9.68 -1.42 11.78
N ASP A 96 8.76 -2.26 12.23
CA ASP A 96 8.65 -3.60 11.71
C ASP A 96 7.18 -4.00 11.61
N CYS A 97 6.63 -3.85 10.41
CA CYS A 97 5.24 -4.19 10.17
C CYS A 97 5.16 -5.68 9.81
N THR A 98 5.72 -6.50 10.69
CA THR A 98 5.71 -7.94 10.46
C THR A 98 4.58 -8.59 11.26
N THR A 99 3.98 -7.80 12.13
CA THR A 99 2.88 -8.29 12.96
C THR A 99 1.55 -8.08 12.24
N ALA A 100 1.31 -6.85 11.85
CA ALA A 100 0.08 -6.51 11.15
C ALA A 100 0.30 -6.64 9.64
N ALA A 101 -0.71 -7.20 8.97
CA ALA A 101 -0.64 -7.38 7.54
C ALA A 101 -0.74 -6.03 6.84
N CYS A 102 0.36 -5.65 6.19
CA CYS A 102 0.41 -4.38 5.49
C CYS A 102 -0.08 -4.61 4.06
N GLN A 103 -1.05 -3.80 3.66
CA GLN A 103 -1.61 -3.89 2.32
C GLN A 103 -1.11 -2.74 1.44
N VAL A 104 -0.48 -3.11 0.34
CA VAL A 104 0.05 -2.13 -0.59
C VAL A 104 -1.02 -1.79 -1.62
N GLY A 105 -1.38 -0.52 -1.66
CA GLY A 105 -2.39 -0.06 -2.60
C GLY A 105 -2.48 1.47 -2.58
N LEU A 106 -3.39 1.99 -3.41
CA LEU A 106 -3.60 3.42 -3.50
C LEU A 106 -4.89 3.79 -2.78
N SER A 107 -4.85 4.91 -2.08
CA SER A 107 -6.00 5.38 -1.34
C SER A 107 -6.62 6.59 -2.05
N ASP A 108 -7.90 6.80 -1.79
CA ASP A 108 -8.61 7.91 -2.40
C ASP A 108 -8.09 9.23 -1.82
N ALA A 109 -8.38 10.30 -2.53
CA ALA A 109 -7.94 11.62 -2.10
C ALA A 109 -9.01 12.23 -1.18
N ALA A 110 -10.08 11.48 -0.99
CA ALA A 110 -11.17 11.93 -0.15
C ALA A 110 -10.85 11.61 1.32
N GLY A 111 -10.21 10.47 1.52
CA GLY A 111 -9.83 10.04 2.86
C GLY A 111 -10.28 8.61 3.11
N ASN A 112 -10.05 7.76 2.12
CA ASN A 112 -10.43 6.35 2.24
C ASN A 112 -9.45 5.51 1.42
N GLY A 113 -9.18 4.31 1.94
CA GLY A 113 -8.27 3.40 1.27
C GLY A 113 -8.79 1.96 1.33
N PRO A 114 -9.97 1.75 0.68
CA PRO A 114 -10.59 0.44 0.66
C PRO A 114 -9.85 -0.48 -0.31
N GLU A 115 -9.18 0.12 -1.28
CA GLU A 115 -8.44 -0.63 -2.27
C GLU A 115 -7.00 -0.88 -1.78
N GLY A 116 -6.51 -2.08 -2.07
CA GLY A 116 -5.16 -2.44 -1.67
C GLY A 116 -5.05 -3.96 -1.48
N VAL A 117 -3.86 -4.47 -1.77
CA VAL A 117 -3.59 -5.89 -1.63
C VAL A 117 -2.75 -6.14 -0.38
N ALA A 118 -3.04 -7.25 0.27
CA ALA A 118 -2.32 -7.62 1.48
C ALA A 118 -0.96 -8.20 1.11
N ILE A 119 0.06 -7.35 1.16
CA ILE A 119 1.40 -7.78 0.83
C ILE A 119 2.12 -8.23 2.10
N SER A 120 2.93 -9.28 1.94
CA SER A 120 3.67 -9.82 3.06
C SER A 120 4.05 -11.28 2.78
N PHE A 121 3.03 -12.12 2.70
CA PHE A 121 3.25 -13.53 2.43
C PHE A 121 2.10 -14.12 1.62
N ASN A 122 2.46 -14.85 0.57
CA ASN A 122 1.48 -15.46 -0.29
C ASN A 122 0.41 -16.15 0.56
C1 NCZ B . -5.37 2.64 3.78
C6 NCZ B . -4.45 3.55 3.27
C5 NCZ B . -3.69 3.18 2.13
C7 NCZ B . -2.74 4.03 1.59
C8 NCZ B . -2.51 5.25 2.19
C9 NCZ B . -3.25 5.64 3.32
C10 NCZ B . -4.27 4.81 3.86
C11 NCZ B . -5.29 5.40 4.70
O3 NCZ B . -5.04 6.42 5.35
O4 NCZ B . -6.63 4.83 4.87
C12 NCZ B . -7.53 5.46 5.86
C13 NCZ B . -7.49 4.74 7.21
C14 NCZ B . -8.49 3.87 7.28
C15 NCZ B . -9.49 4.02 6.17
C16 NCZ B . -8.99 5.27 5.41
O6 NCZ B . -9.83 6.39 5.79
O5 NCZ B . -7.62 5.70 8.26
O2 NCZ B . -2.94 6.91 3.86
C4 NCZ B . -3.92 1.95 1.56
C3 NCZ B . -4.86 1.08 2.10
C2 NCZ B . -5.59 1.41 3.22
O1 NCZ B . -6.51 0.50 3.72
C17 NCZ B . -7.62 0.84 4.58
C18 NCZ B . -3.20 1.49 0.34
H1 NCZ B . -5.95 2.92 4.67
H7 NCZ B . -2.19 3.74 0.70
H8 NCZ B . -1.75 5.91 1.79
H12 NCZ B . -7.31 6.27 6.25
H13 NCZ B . -6.54 4.21 7.31
H14 NCZ B . -8.59 3.12 8.06
H15 NCZ B . -10.34 3.40 5.95
H16 NCZ B . -9.08 5.07 4.34
H6 NCZ B . -10.12 6.29 6.77
H5 NCZ B . -6.90 6.33 8.22
H2 NCZ B . -3.73 7.55 3.71
H3 NCZ B . -5.04 0.11 1.62
H171 NCZ B . -8.17 -0.07 4.82
H172 NCZ B . -7.25 1.29 5.49
H173 NCZ B . -8.28 1.54 4.07
H181 NCZ B . -3.76 1.76 -0.55
H182 NCZ B . -2.21 1.95 0.30
H183 NCZ B . -3.08 0.40 0.37
N ALA A 10 -2.81 -11.27 -11.49
CA ALA A 10 -2.71 -9.95 -10.92
C ALA A 10 -3.38 -8.93 -11.85
N ALA A 11 -4.49 -9.36 -12.43
CA ALA A 11 -5.24 -8.51 -13.34
C ALA A 11 -6.12 -7.55 -12.52
N PRO A 12 -6.73 -8.11 -11.45
CA PRO A 12 -7.60 -7.32 -10.59
C PRO A 12 -6.78 -6.40 -9.69
N THR A 13 -7.10 -5.12 -9.77
CA THR A 13 -6.41 -4.13 -8.97
C THR A 13 -4.89 -4.28 -9.12
N ALA A 14 -4.17 -3.37 -8.48
CA ALA A 14 -2.71 -3.38 -8.55
C ALA A 14 -2.18 -4.32 -7.46
N THR A 15 -1.23 -5.15 -7.86
CA THR A 15 -0.62 -6.10 -6.92
C THR A 15 0.90 -6.09 -7.07
N VAL A 16 1.58 -6.30 -5.95
CA VAL A 16 3.02 -6.33 -5.95
C VAL A 16 3.52 -7.59 -6.64
N THR A 17 4.32 -7.39 -7.69
CA THR A 17 4.86 -8.49 -8.45
C THR A 17 5.14 -9.69 -7.53
N PRO A 18 6.15 -9.52 -6.65
CA PRO A 18 6.53 -10.56 -5.71
C PRO A 18 5.52 -10.67 -4.58
N SER A 19 6.00 -11.12 -3.44
CA SER A 19 5.16 -11.28 -2.26
C SER A 19 5.33 -10.08 -1.33
N SER A 20 6.50 -9.48 -1.41
CA SER A 20 6.81 -8.33 -0.58
C SER A 20 6.58 -8.67 0.90
N GLY A 21 7.14 -7.83 1.76
CA GLY A 21 7.01 -8.03 3.19
C GLY A 21 8.08 -8.97 3.72
N LEU A 22 8.36 -10.00 2.93
CA LEU A 22 9.37 -10.98 3.31
C LEU A 22 10.73 -10.29 3.41
N SER A 23 10.83 -9.14 2.75
CA SER A 23 12.07 -8.38 2.75
C SER A 23 11.76 -6.89 2.70
N ASP A 24 12.04 -6.21 3.81
CA ASP A 24 11.79 -4.78 3.90
C ASP A 24 12.78 -4.04 2.99
N GLY A 25 12.80 -4.46 1.72
CA GLY A 25 13.68 -3.85 0.75
C GLY A 25 13.43 -4.42 -0.64
N THR A 26 12.21 -4.92 -0.84
CA THR A 26 11.84 -5.49 -2.12
C THR A 26 11.20 -4.42 -3.01
N VAL A 27 11.96 -3.99 -4.00
CA VAL A 27 11.48 -2.98 -4.93
C VAL A 27 10.96 -3.67 -6.20
N VAL A 28 9.67 -3.46 -6.45
CA VAL A 28 9.04 -4.05 -7.62
C VAL A 28 7.99 -3.08 -8.16
N LYS A 29 7.09 -3.62 -8.97
CA LYS A 29 6.03 -2.82 -9.57
C LYS A 29 4.68 -3.43 -9.20
N VAL A 30 3.72 -2.54 -8.95
CA VAL A 30 2.38 -2.97 -8.59
C VAL A 30 1.41 -2.60 -9.72
N ALA A 31 1.31 -3.51 -10.69
CA ALA A 31 0.43 -3.29 -11.82
C ALA A 31 -0.97 -3.80 -11.48
N GLY A 32 -1.96 -3.04 -11.89
CA GLY A 32 -3.35 -3.40 -11.64
C GLY A 32 -4.26 -2.92 -12.76
N ALA A 33 -5.25 -3.75 -13.07
CA ALA A 33 -6.20 -3.42 -14.12
C ALA A 33 -7.62 -3.44 -13.56
N GLY A 34 -8.15 -2.25 -13.33
CA GLY A 34 -9.49 -2.12 -12.79
C GLY A 34 -9.49 -1.24 -11.54
N LEU A 35 -8.32 -0.74 -11.20
CA LEU A 35 -8.17 0.11 -10.03
C LEU A 35 -8.67 1.52 -10.37
N GLN A 36 -7.95 2.51 -9.84
CA GLN A 36 -8.31 3.89 -10.08
C GLN A 36 -8.54 4.13 -11.58
N ALA A 37 -9.79 3.94 -11.98
CA ALA A 37 -10.17 4.13 -13.38
C ALA A 37 -9.86 5.57 -13.79
N GLY A 38 -8.61 5.78 -14.17
CA GLY A 38 -8.17 7.10 -14.59
C GLY A 38 -8.11 8.06 -13.41
N THR A 39 -8.07 7.50 -12.22
CA THR A 39 -8.01 8.29 -11.01
C THR A 39 -6.56 8.54 -10.59
N ALA A 40 -6.41 9.23 -9.47
CA ALA A 40 -5.09 9.54 -8.95
C ALA A 40 -5.11 9.53 -7.43
N TYR A 41 -4.64 8.42 -6.87
CA TYR A 41 -4.61 8.27 -5.42
C TYR A 41 -3.17 8.16 -4.92
N ASP A 42 -3.04 8.20 -3.60
CA ASP A 42 -1.73 8.10 -2.97
C ASP A 42 -1.41 6.64 -2.68
N VAL A 43 -0.34 6.17 -3.29
CA VAL A 43 0.09 4.79 -3.10
C VAL A 43 0.85 4.67 -1.79
N GLY A 44 0.64 3.53 -1.12
CA GLY A 44 1.29 3.27 0.14
C GLY A 44 0.72 2.02 0.82
N GLN A 45 1.52 1.44 1.70
CA GLN A 45 1.11 0.25 2.41
C GLN A 45 0.47 0.62 3.75
N CYS A 46 -0.84 0.79 3.72
CA CYS A 46 -1.58 1.14 4.92
C CYS A 46 -2.34 -0.09 5.39
N ALA A 47 -2.73 -0.05 6.66
CA ALA A 47 -3.48 -1.16 7.25
C ALA A 47 -3.45 -1.03 8.78
N TRP A 48 -4.25 -1.87 9.42
CA TRP A 48 -4.33 -1.85 10.87
C TRP A 48 -2.98 -2.30 11.43
N VAL A 49 -2.21 -1.32 11.89
CA VAL A 49 -0.89 -1.60 12.44
C VAL A 49 -1.02 -1.89 13.94
N ASP A 50 -1.67 -0.95 14.64
CA ASP A 50 -1.87 -1.09 16.07
C ASP A 50 -3.17 -1.85 16.32
N THR A 51 -3.62 -1.78 17.57
CA THR A 51 -4.86 -2.46 17.96
C THR A 51 -6.06 -1.78 17.29
N GLY A 52 -6.42 -2.30 16.13
CA GLY A 52 -7.54 -1.77 15.38
C GLY A 52 -7.27 -0.33 14.93
N VAL A 53 -5.99 0.04 14.98
CA VAL A 53 -5.59 1.38 14.58
C VAL A 53 -5.08 1.34 13.15
N LEU A 54 -5.87 1.90 12.25
CA LEU A 54 -5.51 1.93 10.84
C LEU A 54 -4.43 2.99 10.62
N ALA A 55 -3.20 2.51 10.49
CA ALA A 55 -2.07 3.39 10.28
C ALA A 55 -1.41 3.06 8.94
N CYS A 56 -0.54 3.96 8.51
CA CYS A 56 0.16 3.78 7.25
C CYS A 56 1.66 4.01 7.49
N ASN A 57 2.46 3.24 6.79
CA ASN A 57 3.92 3.35 6.92
C ASN A 57 4.36 4.71 6.39
N PRO A 58 5.66 5.02 6.66
CA PRO A 58 6.23 6.29 6.22
C PRO A 58 6.51 6.28 4.72
N ALA A 59 6.42 5.08 4.15
CA ALA A 59 6.66 4.92 2.72
C ALA A 59 5.33 4.67 2.01
N ASP A 60 4.25 4.99 2.71
CA ASP A 60 2.92 4.81 2.16
C ASP A 60 2.51 6.07 1.41
N PHE A 61 3.46 6.97 1.26
CA PHE A 61 3.21 8.23 0.56
C PHE A 61 3.91 8.25 -0.79
N SER A 62 3.20 7.79 -1.81
CA SER A 62 3.75 7.75 -3.15
C SER A 62 2.61 7.90 -4.18
N SER A 63 2.26 9.15 -4.45
CA SER A 63 1.20 9.42 -5.41
C SER A 63 1.30 8.46 -6.59
N VAL A 64 0.16 8.22 -7.21
CA VAL A 64 0.10 7.32 -8.35
C VAL A 64 -1.28 7.44 -9.02
N THR A 65 -1.27 7.29 -10.34
CA THR A 65 -2.51 7.38 -11.10
C THR A 65 -2.64 6.18 -12.04
N ALA A 66 -3.88 5.82 -12.31
CA ALA A 66 -4.17 4.69 -13.19
C ALA A 66 -4.73 5.21 -14.52
N ASP A 67 -4.55 4.40 -15.55
CA ASP A 67 -5.04 4.77 -16.87
C ASP A 67 -6.55 4.54 -16.94
N ALA A 68 -7.18 5.26 -17.85
CA ALA A 68 -8.62 5.14 -18.03
C ALA A 68 -9.02 3.67 -17.96
N ASN A 69 -8.08 2.82 -18.33
CA ASN A 69 -8.32 1.38 -18.32
C ASN A 69 -8.02 0.83 -16.92
N GLY A 70 -8.28 1.65 -15.91
CA GLY A 70 -8.04 1.26 -14.54
C GLY A 70 -6.67 0.58 -14.40
N SER A 71 -5.72 1.07 -15.18
CA SER A 71 -4.38 0.51 -15.15
C SER A 71 -3.53 1.25 -14.11
N ALA A 72 -3.48 0.67 -12.91
CA ALA A 72 -2.72 1.27 -11.83
C ALA A 72 -1.35 0.59 -11.75
N SER A 73 -0.35 1.28 -12.30
CA SER A 73 1.01 0.76 -12.31
C SER A 73 1.87 1.54 -11.31
N THR A 74 1.75 1.18 -10.06
CA THR A 74 2.51 1.85 -9.01
C THR A 74 3.67 0.96 -8.54
N SER A 75 4.87 1.46 -8.72
CA SER A 75 6.06 0.73 -8.32
C SER A 75 6.73 1.41 -7.12
N LEU A 76 7.22 0.58 -6.21
CA LEU A 76 7.87 1.10 -5.02
C LEU A 76 8.58 -0.05 -4.30
N THR A 77 9.14 0.26 -3.14
CA THR A 77 9.83 -0.73 -2.34
C THR A 77 9.01 -1.10 -1.11
N VAL A 78 8.97 -2.39 -0.84
CA VAL A 78 8.21 -2.89 0.30
C VAL A 78 9.14 -2.93 1.53
N ARG A 79 9.05 -1.87 2.31
CA ARG A 79 9.87 -1.76 3.52
C ARG A 79 9.08 -2.23 4.73
N ARG A 80 8.78 -3.52 4.74
CA ARG A 80 8.04 -4.11 5.85
C ARG A 80 8.31 -3.35 7.15
N SER A 81 9.57 -2.95 7.31
CA SER A 81 9.98 -2.23 8.48
C SER A 81 9.97 -0.72 8.21
N PHE A 82 9.41 0.03 9.14
CA PHE A 82 9.33 1.46 9.01
C PHE A 82 8.26 2.05 9.94
N GLU A 83 8.66 3.08 10.67
CA GLU A 83 7.76 3.73 11.61
C GLU A 83 6.97 4.82 10.89
N GLY A 84 5.70 4.53 10.65
CA GLY A 84 4.82 5.46 9.98
C GLY A 84 3.99 6.26 10.98
N PHE A 85 2.77 6.57 10.59
CA PHE A 85 1.86 7.32 11.44
C PHE A 85 0.48 6.65 11.50
N LEU A 86 -0.16 6.81 12.65
CA LEU A 86 -1.48 6.23 12.85
C LEU A 86 -2.55 7.27 12.47
N PHE A 87 -3.79 6.82 12.51
CA PHE A 87 -4.90 7.70 12.18
C PHE A 87 -5.02 8.84 13.18
N ASP A 88 -4.60 8.56 14.41
CA ASP A 88 -4.65 9.54 15.46
C ASP A 88 -3.70 10.70 15.13
N GLY A 89 -2.53 10.33 14.66
CA GLY A 89 -1.52 11.32 14.29
C GLY A 89 -0.14 10.93 14.83
N THR A 90 -0.13 9.85 15.60
CA THR A 90 1.10 9.36 16.18
C THR A 90 2.06 8.88 15.09
N ARG A 91 3.31 8.74 15.46
CA ARG A 91 4.34 8.29 14.52
C ARG A 91 4.68 6.83 14.78
N TRP A 92 3.76 5.95 14.40
CA TRP A 92 3.96 4.52 14.58
C TRP A 92 4.10 3.89 13.20
N GLY A 93 2.96 3.63 12.58
CA GLY A 93 2.95 3.03 11.25
C GLY A 93 3.71 1.70 11.26
N THR A 94 3.00 0.64 11.59
CA THR A 94 3.59 -0.68 11.63
C THR A 94 4.91 -0.65 12.41
N VAL A 95 5.93 -0.13 11.76
CA VAL A 95 7.24 -0.04 12.38
C VAL A 95 8.01 -1.34 12.13
N ASP A 96 7.29 -2.45 12.23
CA ASP A 96 7.89 -3.75 12.02
C ASP A 96 6.80 -4.75 11.63
N CYS A 97 6.46 -4.72 10.34
CA CYS A 97 5.44 -5.62 9.82
C CYS A 97 5.98 -7.05 9.87
N THR A 98 6.29 -7.49 11.07
CA THR A 98 6.82 -8.83 11.27
C THR A 98 5.68 -9.83 11.45
N THR A 99 4.48 -9.28 11.58
CA THR A 99 3.30 -10.12 11.77
C THR A 99 2.06 -9.43 11.18
N ALA A 100 1.96 -8.14 11.45
CA ALA A 100 0.84 -7.36 10.96
C ALA A 100 0.82 -7.41 9.43
N ALA A 101 -0.38 -7.46 8.89
CA ALA A 101 -0.56 -7.51 7.44
C ALA A 101 -0.70 -6.10 6.89
N CYS A 102 0.33 -5.68 6.15
CA CYS A 102 0.33 -4.35 5.56
C CYS A 102 -0.28 -4.44 4.16
N GLN A 103 -1.25 -3.58 3.91
CA GLN A 103 -1.92 -3.55 2.62
C GLN A 103 -1.29 -2.49 1.72
N VAL A 104 -0.63 -2.98 0.68
CA VAL A 104 0.03 -2.08 -0.27
C VAL A 104 -0.96 -1.70 -1.37
N GLY A 105 -1.48 -0.49 -1.26
CA GLY A 105 -2.44 0.01 -2.24
C GLY A 105 -2.47 1.53 -2.25
N LEU A 106 -3.27 2.07 -3.16
CA LEU A 106 -3.39 3.52 -3.29
C LEU A 106 -4.78 3.95 -2.79
N SER A 107 -4.76 4.85 -1.82
CA SER A 107 -6.01 5.34 -1.24
C SER A 107 -6.30 6.74 -1.78
N ASP A 108 -7.59 7.04 -1.89
CA ASP A 108 -8.01 8.34 -2.38
C ASP A 108 -7.14 9.43 -1.77
N ALA A 109 -7.15 10.59 -2.39
CA ALA A 109 -6.37 11.71 -1.92
C ALA A 109 -6.93 12.20 -0.58
N ALA A 110 -8.11 11.70 -0.26
CA ALA A 110 -8.77 12.07 0.98
C ALA A 110 -8.30 11.13 2.10
N GLY A 111 -7.75 10.00 1.69
CA GLY A 111 -7.27 9.02 2.65
C GLY A 111 -8.37 8.06 3.08
N ASN A 112 -9.11 7.58 2.09
CA ASN A 112 -10.21 6.67 2.35
C ASN A 112 -10.19 5.56 1.29
N GLY A 113 -10.55 4.36 1.73
CA GLY A 113 -10.58 3.20 0.85
C GLY A 113 -9.50 2.19 1.22
N PRO A 114 -9.98 1.01 1.71
CA PRO A 114 -9.07 -0.05 2.11
C PRO A 114 -8.48 -0.76 0.90
N GLU A 115 -7.80 0.03 0.07
CA GLU A 115 -7.17 -0.50 -1.13
C GLU A 115 -5.75 -0.97 -0.83
N GLY A 116 -5.35 -2.03 -1.50
CA GLY A 116 -4.03 -2.59 -1.32
C GLY A 116 -4.08 -4.10 -1.12
N VAL A 117 -2.97 -4.75 -1.42
CA VAL A 117 -2.88 -6.20 -1.29
C VAL A 117 -2.10 -6.53 -0.02
N ALA A 118 -2.53 -7.59 0.65
CA ALA A 118 -1.90 -8.04 1.87
C ALA A 118 -0.51 -8.59 1.54
N ILE A 119 0.50 -7.73 1.68
CA ILE A 119 1.86 -8.12 1.40
C ILE A 119 2.41 -8.92 2.59
N SER A 120 3.45 -9.69 2.31
CA SER A 120 4.07 -10.51 3.34
C SER A 120 4.96 -11.57 2.70
N PHE A 121 4.31 -12.62 2.20
CA PHE A 121 5.04 -13.71 1.56
C PHE A 121 4.09 -14.58 0.73
N ASN A 122 4.57 -15.00 -0.43
CA ASN A 122 3.79 -15.83 -1.32
C ASN A 122 3.48 -17.16 -0.63
C1 NCZ B . -5.44 3.13 4.16
C6 NCZ B . -4.47 4.00 3.64
C5 NCZ B . -3.76 3.62 2.48
C7 NCZ B . -2.77 4.44 1.94
C8 NCZ B . -2.46 5.62 2.57
C9 NCZ B . -3.13 6.02 3.74
C10 NCZ B . -4.19 5.23 4.28
C11 NCZ B . -5.15 5.84 5.16
O3 NCZ B . -4.83 6.81 5.85
O4 NCZ B . -6.52 5.35 5.36
C12 NCZ B . -7.33 5.96 6.42
C13 NCZ B . -7.27 5.16 7.72
C14 NCZ B . -8.33 4.33 7.79
C15 NCZ B . -9.35 4.61 6.75
C16 NCZ B . -8.82 5.88 6.04
O6 NCZ B . -9.58 7.03 6.53
O5 NCZ B . -7.29 6.04 8.85
O2 NCZ B . -2.74 7.24 4.32
C4 NCZ B . -4.08 2.43 1.87
C3 NCZ B . -5.06 1.60 2.41
C2 NCZ B . -5.74 1.94 3.55
O1 NCZ B . -6.70 1.07 4.05
C17 NCZ B . -7.76 1.43 4.96
C18 NCZ B . -3.42 1.97 0.60
H1 NCZ B . -5.96 3.41 5.07
H7 NCZ B . -2.27 4.15 1.01
H8 NCZ B . -1.66 6.25 2.17
H12 NCZ B . -7.07 6.78 6.80
H13 NCZ B . -6.36 4.56 7.75
H14 NCZ B . -8.42 3.54 8.53
H15 NCZ B . -10.26 4.06 6.53
H16 NCZ B . -8.97 5.76 4.97
H6 NCZ B . -9.83 6.87 7.52
H5 NCZ B . -6.54 6.63 8.81
H2 NCZ B . -3.50 7.93 4.21
H3 NCZ B . -5.30 0.66 1.90
H171 NCZ B . -8.36 0.56 5.18
H172 NCZ B . -7.34 1.83 5.88
H173 NCZ B . -8.39 2.20 4.49
H181 NCZ B . -4.00 2.32 -0.25
H182 NCZ B . -2.42 2.38 0.56
H183 NCZ B . -3.37 0.89 0.60
#